data_9E10
#
_entry.id   9E10
#
loop_
_entity.id
_entity.type
_entity.pdbx_description
1 polymer 'Cytoplasmic dynein 1 heavy chain 1'
2 non-polymer "ADENOSINE-5'-DIPHOSPHATE"
3 non-polymer "ADENOSINE-5'-TRIPHOSPHATE"
4 non-polymer 'MAGNESIUM ION'
#
_entity_poly.entity_id   1
_entity_poly.type   'polypeptide(L)'
_entity_poly.pdbx_seq_one_letter_code
;MSEPGGGGGEDGSAGLEVSAVQNVADVSVLQKHLRKLVPLLLEDGGEAPAALEAALEEKSALEQMRKFLSDPQVHTVLVE
RSTLKEDVGDEGEEEKEFISYNINIDIHYGVKSNSLAFIKRTPVIDADKPVSSQLRVLTLSEDSPYETLHSFISNAVAPF
FKSYIRESGKADRDGDKMAPSVEKKIAELEMGLLHLQQNIEIPEISLPIHPMITNVAKQCYERGEKPKVTDFGDKVEDPT
FLNQLQSGVNRWIREIQKVTKLDRDPASGTALQEISFWLNLERALYRIQEKRESPEVLLTLDILKHGKRFHATVSFDTDT
GLKQALETVNDYNPLMKDFPLNDLLSATELDKIRQALVAIFTHLRKIRNTKYPIQRALRLVEAISRDLSSQLLKVLGTRK
LMHVAYEEFEKVMVACFEVFQTWDDEYEKLQVLLRDIVKRKREENLKMVWRINPAHRKLQARLDQMRKFRRQHEQLRAVI
VRVLRPQVTAVAQQNQGEVPEPQDMKVAEVLFDAADANAIEEVNLAYENVKEVDGLDVSKEGTEAWEAAMKRYDERIDRV
ETRITARLRDQLGTAKNANEMFRIFSRFNALFVRPHIRGAIREYQTQLIQRVKDDIESLHDKFKVQYPQSQACKMSHVRD
LPPVSGSIIWAKQIDRQLTAYMKRVEDVLGKGWENHVEGQKLKQDGDSFRMKLNTQEIFDDWARKVQQRNLGVSGRIFTI
ESTRVRGRTGNVLKLKVNFLPEIITLSKEVRNLKWLGFRVPLAIVNKAHQANQLYPFAISLIESVRTYERTCEKVEERNT
ISLLVAGLKKEVQALIAEGIALVWESYKLDPYVQRLAETVFNFQEKVDDLLIIEEKIDLEVRSLETCMYDHKTFSEILNR
VQKAVDDLNLHSYSNLPIWVNKLDMEIERILGVRLQAGLRAWTQVLLGQAEDKAEVDMDTDAPQVSHKPGGEPKIKNVVH
ELRITNQVIYLNPPIEECRYKLYQEMFAWKMVVLSLPRIQSQRYQVGVHYELTEEEKFYRNALTRMPDGPVALEESYSAV
MGIVSEVEQYVKVWLQYQCLWDMQAENIYNRLGEDLNKWQALLVQIRKARGTFDNAETKKEFGPVVIDYGKVQSKVNLKY
DSWHKEVLSKFGQMLGSNMTEFHSQISKSRQELEQHSVDTASTSDAVTFITYVQSLKRKIKQFEKQVELYRNGQRLLEKQ
RFQFPPSWLYIDNIEGEWGAFNDIMRRKDSAIQQQVANLQMKIVQEDRAVESRTTDLLTDWEKTKPVTGNLRPEEALQAL
TIYEGKFGRLKDDREKCAKAKEALELTDTGLLSGSEERVQVALEELQDLKGVWSELSKVWEQIDQMKEQPWVSVQPRKLR
QNLDALLNQLKSFPARLRQYASYEFVQRLLKGYMKINMLVIELKSEALKDRHWKQLMKRLHVNWVVSELTLGQIWDVDLQ
KNEAIVKDVLLVAQGEMALEEFLKQIREVWNTYELDLVNYQNKCRLIRGWDDLFNKVKEHINSVSAMKLSPYYKVFEEDA
LSWEDKLNRIMALFDVWIDVQRRWVYLEGIFTGSADIKHLLPVETQRFQSISTEFLALMKKVSKSPLVMDVLNIQGVQRS
LERLADLLGKIQKALGEYLERERSSFPRFYFVGDEDLLEIIGNSKNVAKLQKHFKKMFAGVSSIILNEDNSVVLGISSRE
GEEVMFKTPVSITEHPKINEWLTLVEKEMRVTLAKLLAESVTEVEIFGKATSIDPNTYITWIDKYQAQLVVLSAQIAWSE
NVETALSSMGGGGDAAPLHSVLSNVEVTLNVLADSVLMEQPPLRRRKLEHLITELVHQRDVTRSLIKSKIDNAKSFEWLS
QMRFYFDPKQTDVLQQLSIQMANAKFNYGFEYLGVQDKLVQTPLTDRCYLTMTQALEARLGGSPFGPAGTGKTESVKALG
HQLGRFVLVFNCDETFDFQAMGRIFVGLCQVGAWGCFDEFNRLEERMLSAVSQQVQCIQEALREHSNPNYDKTSAPITCE
LLNKQVKVSPDMAIFITMNPGYAGRSNLPDNLKKLFRSLAMTKPDRQLIAQVMLYSQGFRTAEVLANKIVPFFKLCDEQL
SSQSHYDFGLRALKSVLVSAGNVKRERIQKIKREKEERGEAVDEGEIAENLPEQEILIQSVCETMVPKLVAEDIPLLFSL
LSDVFPGVQYHRGEMTALREELKKVCQEMYLTYGDGEEVGGMWVEKVLQLYQITQINHGLMMVGPSGSGKSMAWRVLLKA
LERLEGVEGVAHIIDPKAISKDHLYGTLDPNTREWTDGLFTHVLRKIIDSVRGELQKRQWIVFDGDVDPEWVENLNSVLD
DNKLLTLPNGERLSLPPNVRIMFEVQDLKYATLATVSRCGMVWFSEDVLSTDMIFNNFLARLRSIPLDEGEDEAQRRRKG
KEDEGEEAASPMLQIQRDAATIMQPYFTSNGLVTKALEHAFQLEHIMDLTRLRCLGSLFSMLHQACRNVAQYNANHPDFP
MQIEQLERYIQRYLVYAILWSLSGDSRLKMRAELGEYIRRITTVPLPTAPNIPIIDYEVSISGEWSPWQAKVPQIEVETH
KVAAPDVVVPTLDTVRHEALLYTWLAEHKPLVLCGPPGSGKTMTLFSALRALPDMEVVGLNFSSATTPELLLKTFDHYCE
YRRTPNGVVLAPVQLGKWLVLFCDEINLPDMDKYGTQRVISFIRQMVEHGGFYRTSDQTWVKLERIQFVGACNPPTDPGR
KPLSHRFLRHVPVVYVDYPGPASLTQIYGTFNRAMLRLIPSLRTYAEPLTAAMVEFYTMSQERFTQDTQPHYIYSPREMT
RWVRGIFEALRPLETLPVEGLIRIWAHEALRLFQDRLVEDEERRWTDENIDTVALKHFPNIDREKAMSRPILYSNWLSKD
YIPVDQEELRDYVKARLKVFYEEELDVPLVLFNEVLDHVLRIDRIFRQPQGHLLLIGVSGAGKTTLSRFVAWMNGLSVYQ
IKVHRKYTGEDFDEDLRTVLRRSGCKNEKIAFIMDESNVLDSGFLERMNTLLANGEVPGLFEGDEYATLMTQCKEGAQKE
GLMLDSHEELYKWFTSQVIRNLHVVFTMNPSSEGLKDRAATSPALFNRCVLNWFGDWSTEALYQVGKEFTSKMDLEKPNY
IVPDYMPVVYDKLPQPPSHREAIVNSCVFVHQTLHQANARLAKRGGRTMAITPRHYLDFINHYANLFHEKRSELEEQQMH
LNVGLRKIKETVDQVEELRRDLRIKSQELEVKNAAANDKLKKMVKDQQEAEKKKVMSQEIQEQLHKQQEVIADKQMSVKE
DLDKVEPAVIEAQNAVKSIKKQHLVEVRSMANPPAAVKLALESICLLLGESTTDWKQIRSIIMRENFIPTIVNFSAEEIS
DAIREKMKKNYMSNPSYNYEIVNRASLACGPMVKWAIAQLNYADMLKRVEPLRNELQKLEDDAKDNQQKANEVEQMIRDL
EASIARYKEEYAVLISEAQAIKADLAAVEAKVNRSTALLKSLSAERERWEKTSETFKNQMSTIAGDCLLSAAFIAYAGYF
DQQMRQNLFTTWSHHLQQANIQFRTDIARTEYLSNADERLRWQASSLPADDLCTENAIMLKRFNRYPLIIDPSGQATEFI
MNEYKDRKITRTSFLDDAFRKNLESALRFGNPLLVQDVESYDPVLNPVLNREVRRTGGRVLITLGDQDIDLSPSFVIFLS
TRDPTVEFPPDLCSRVTFVNFTVTRSSLQSQCLNEVLKAERPDVDEKRSDLLKLQGEFQLRLRQLEKSLLQALNEVKGRI
LDDDTIITTLENLKREAAEVTRKVEETDIVMQEVETVSQQYLPLSTACSSIYFTMESLKQIHFLYQYSLQFFLDIYHNVL
YENPNLKGVTDHTQRLSIITKDLFQVAFNRVARGMLHQDHITFAMLLARIKLKGTVGEPTYDAEFQHFLRGNEIVLSAGS
TPRIQGLTVEQAEAVVRLSCLPAFKDLIAKVQADEQFGIWLDSSSPEQTVPYLWSEETPATPIGQAIHRLLLIQAFRPDR
LLAMAHMFVSTNLGESFMSIMEQPLDLTHIVGTEVKPNTPVLMCSVPGYDASGHVEDLAAEQNTQITSIAIGSAEGFNQA
DKAINTAVKSGRWVMLKNVHLAPGWLMQLEKKLHSLQPHACFRLFLTMEINPKVPVNLLRAGRIFVFEPPPGVKANMLRT
FSSIPVSRICKSPNERARLYFLLAWFHAIIQERLRYAPLGWSKKYEFGESDLRSACDTVDTWLDDTAKGRQNISPDKIPW
SALKTLMAQSIYGGRVDNEFDQRLLNTFLERLFTTRSFDSEFKLACKVDGHKDIQMPDGIRREEFVQWVELLPDTQTPSW
LGLPNNAERVLLTTQGVDMISKMLKMQMLEDEDDLAYAETEKKTRTDSTSDGRPAWMRTLHTTASNWLHLIPQTLSHLKR
TVENIKDPLFRFFEREVKMGAKLLQDVRQDLADVVQVCEGKKKQTNYLRTLINELVKGILPRSWSHYTVPAGMTVIQWVS
DFSERIKQLQNISLAAASGGAKELKNIHVCLGGLFVPEAYITATRQYVAQANSWSLEELCLEVNVTTSQGATLDACSFGV
TGLKLQGATCNNNKLSLSNAISTALPLTQLRWVKQTNTEKKASVVTLPVYLNFTRADLIFTVDFEIATKEDPRSFYERGV
AVLCTE
;
_entity_poly.pdbx_strand_id   A,B
#
loop_
_chem_comp.id
_chem_comp.type
_chem_comp.name
_chem_comp.formula
ADP non-polymer ADENOSINE-5'-DIPHOSPHATE 'C10 H15 N5 O10 P2'
ATP non-polymer ADENOSINE-5'-TRIPHOSPHATE 'C10 H16 N5 O13 P3'
MG non-polymer 'MAGNESIUM ION' 'Mg 2'
#
# COMPACT_ATOMS: atom_id res chain seq x y z
N MET A 1457 -21.59 -17.85 -60.74
CA MET A 1457 -21.06 -18.81 -59.78
C MET A 1457 -19.54 -18.92 -59.87
N ALA A 1458 -18.90 -17.84 -60.31
CA ALA A 1458 -17.43 -17.77 -60.29
C ALA A 1458 -16.89 -17.64 -58.87
N LEU A 1459 -17.74 -17.29 -57.91
CA LEU A 1459 -17.31 -17.20 -56.53
C LEU A 1459 -16.83 -18.54 -56.01
N GLU A 1460 -17.53 -19.62 -56.37
CA GLU A 1460 -17.07 -20.96 -56.01
C GLU A 1460 -15.71 -21.25 -56.63
N GLU A 1461 -15.50 -20.82 -57.87
CA GLU A 1461 -14.21 -20.99 -58.51
C GLU A 1461 -13.12 -20.26 -57.75
N PHE A 1462 -13.44 -19.05 -57.27
CA PHE A 1462 -12.47 -18.30 -56.47
C PHE A 1462 -12.13 -19.04 -55.18
N LEU A 1463 -13.14 -19.57 -54.50
CA LEU A 1463 -12.87 -20.36 -53.29
C LEU A 1463 -12.00 -21.56 -53.59
N LYS A 1464 -12.31 -22.29 -54.66
CA LYS A 1464 -11.54 -23.49 -54.97
C LYS A 1464 -10.10 -23.15 -55.34
N GLN A 1465 -9.89 -22.07 -56.09
CA GLN A 1465 -8.53 -21.69 -56.44
C GLN A 1465 -7.74 -21.24 -55.22
N ILE A 1466 -8.37 -20.48 -54.32
CA ILE A 1466 -7.68 -20.07 -53.11
C ILE A 1466 -7.33 -21.28 -52.25
N ARG A 1467 -8.27 -22.22 -52.11
CA ARG A 1467 -8.04 -23.42 -51.32
C ARG A 1467 -6.92 -24.27 -51.91
N GLU A 1468 -6.90 -24.40 -53.24
CA GLU A 1468 -5.85 -25.17 -53.91
C GLU A 1468 -4.49 -24.51 -53.68
N VAL A 1469 -4.42 -23.19 -53.83
CA VAL A 1469 -3.17 -22.48 -53.60
C VAL A 1469 -2.69 -22.70 -52.16
N TRP A 1470 -3.59 -22.56 -51.20
CA TRP A 1470 -3.16 -22.62 -49.80
C TRP A 1470 -2.97 -24.04 -49.27
N ASN A 1471 -3.50 -25.05 -49.95
CA ASN A 1471 -3.17 -26.43 -49.59
C ASN A 1471 -2.03 -27.00 -50.42
N THR A 1472 -1.54 -26.26 -51.42
CA THR A 1472 -0.30 -26.61 -52.10
C THR A 1472 0.84 -25.65 -51.80
N TYR A 1473 0.60 -24.60 -51.03
CA TYR A 1473 1.65 -23.62 -50.71
C TYR A 1473 2.44 -24.09 -49.51
N GLU A 1474 3.77 -24.03 -49.62
CA GLU A 1474 4.66 -24.43 -48.55
C GLU A 1474 5.75 -23.38 -48.35
N LEU A 1475 6.30 -23.34 -47.15
CA LEU A 1475 7.36 -22.38 -46.84
C LEU A 1475 8.64 -22.73 -47.59
N ASP A 1476 9.44 -21.72 -47.87
CA ASP A 1476 10.66 -21.86 -48.66
C ASP A 1476 11.85 -21.86 -47.71
N LEU A 1477 12.42 -23.04 -47.48
CA LEU A 1477 13.42 -23.25 -46.45
C LEU A 1477 14.79 -23.51 -47.05
N VAL A 1478 15.81 -22.93 -46.42
CA VAL A 1478 17.20 -23.04 -46.86
C VAL A 1478 18.09 -23.22 -45.63
N ASN A 1479 19.06 -24.13 -45.76
CA ASN A 1479 20.04 -24.34 -44.70
C ASN A 1479 20.82 -23.06 -44.41
N TYR A 1480 21.04 -22.79 -43.13
CA TYR A 1480 21.73 -21.58 -42.67
C TYR A 1480 22.95 -22.01 -41.85
N GLN A 1481 24.09 -22.15 -42.53
CA GLN A 1481 25.37 -22.48 -41.89
C GLN A 1481 25.28 -23.77 -41.08
N ASN A 1482 24.54 -24.75 -41.62
CA ASN A 1482 24.38 -26.07 -40.98
C ASN A 1482 23.87 -25.97 -39.55
N LYS A 1483 22.95 -25.05 -39.30
CA LYS A 1483 22.35 -24.88 -37.97
C LYS A 1483 20.83 -24.96 -37.98
N CYS A 1484 20.17 -24.56 -39.05
CA CYS A 1484 18.71 -24.55 -39.13
C CYS A 1484 18.32 -24.33 -40.58
N ARG A 1485 17.01 -24.23 -40.82
CA ARG A 1485 16.46 -24.02 -42.16
C ARG A 1485 15.60 -22.76 -42.14
N LEU A 1486 16.20 -21.64 -42.49
CA LEU A 1486 15.50 -20.36 -42.50
C LEU A 1486 14.60 -20.24 -43.73
N ILE A 1487 13.88 -19.13 -43.80
CA ILE A 1487 12.85 -18.92 -44.81
C ILE A 1487 13.27 -17.81 -45.77
N ARG A 1488 13.08 -18.03 -47.06
CA ARG A 1488 13.12 -16.93 -48.02
C ARG A 1488 11.70 -16.67 -48.51
N GLY A 1489 11.60 -15.83 -49.55
CA GLY A 1489 10.32 -15.60 -50.20
C GLY A 1489 9.28 -14.95 -49.32
N TRP A 1490 9.72 -14.03 -48.45
CA TRP A 1490 8.76 -13.30 -47.63
C TRP A 1490 7.86 -12.44 -48.50
N ASP A 1491 8.44 -11.79 -49.52
CA ASP A 1491 7.66 -10.92 -50.39
C ASP A 1491 6.62 -11.70 -51.17
N ASP A 1492 6.99 -12.89 -51.68
CA ASP A 1492 6.03 -13.69 -52.43
C ASP A 1492 4.85 -14.11 -51.56
N LEU A 1493 5.14 -14.60 -50.35
CA LEU A 1493 4.07 -15.00 -49.44
C LEU A 1493 3.18 -13.83 -49.07
N PHE A 1494 3.79 -12.67 -48.78
CA PHE A 1494 3.01 -11.50 -48.41
C PHE A 1494 2.13 -11.03 -49.56
N ASN A 1495 2.66 -11.03 -50.79
CA ASN A 1495 1.86 -10.64 -51.94
C ASN A 1495 0.71 -11.62 -52.17
N LYS A 1496 0.97 -12.91 -51.99
CA LYS A 1496 -0.10 -13.91 -52.11
C LYS A 1496 -1.22 -13.64 -51.12
N VAL A 1497 -0.85 -13.39 -49.85
CA VAL A 1497 -1.86 -13.14 -48.83
C VAL A 1497 -2.62 -11.86 -49.15
N LYS A 1498 -1.93 -10.80 -49.56
CA LYS A 1498 -2.59 -9.54 -49.86
C LYS A 1498 -3.58 -9.68 -51.01
N GLU A 1499 -3.17 -10.35 -52.09
CA GLU A 1499 -4.07 -10.49 -53.22
C GLU A 1499 -5.26 -11.37 -52.88
N HIS A 1500 -5.05 -12.40 -52.05
CA HIS A 1500 -6.18 -13.25 -51.67
C HIS A 1500 -7.16 -12.50 -50.78
N ILE A 1501 -6.66 -11.67 -49.85
CA ILE A 1501 -7.55 -10.86 -49.04
C ILE A 1501 -8.32 -9.86 -49.90
N ASN A 1502 -7.64 -9.25 -50.87
CA ASN A 1502 -8.31 -8.30 -51.76
C ASN A 1502 -9.40 -9.00 -52.58
N SER A 1503 -9.12 -10.21 -53.08
CA SER A 1503 -10.13 -10.95 -53.82
C SER A 1503 -11.31 -11.32 -52.93
N VAL A 1504 -11.04 -11.68 -51.67
CA VAL A 1504 -12.12 -11.99 -50.74
C VAL A 1504 -13.00 -10.76 -50.52
N SER A 1505 -12.38 -9.59 -50.35
CA SER A 1505 -13.17 -8.37 -50.19
C SER A 1505 -14.00 -8.07 -51.43
N ALA A 1506 -13.39 -8.19 -52.62
CA ALA A 1506 -14.13 -7.97 -53.86
C ALA A 1506 -15.30 -8.91 -53.97
N MET A 1507 -15.13 -10.16 -53.52
CA MET A 1507 -16.25 -11.09 -53.44
C MET A 1507 -17.31 -10.59 -52.47
N LYS A 1508 -16.88 -10.05 -51.33
CA LYS A 1508 -17.84 -9.54 -50.35
C LYS A 1508 -18.67 -8.41 -50.94
N LEU A 1509 -18.13 -7.69 -51.93
CA LEU A 1509 -18.95 -6.70 -52.64
C LEU A 1509 -19.92 -7.34 -53.64
N SER A 1510 -19.73 -8.61 -54.00
CA SER A 1510 -20.56 -9.23 -55.01
C SER A 1510 -21.97 -9.49 -54.48
N PRO A 1511 -22.98 -9.49 -55.36
CA PRO A 1511 -24.36 -9.75 -54.92
C PRO A 1511 -24.71 -11.22 -54.71
N TYR A 1512 -23.85 -12.15 -55.10
CA TYR A 1512 -24.02 -13.56 -54.79
C TYR A 1512 -23.19 -13.99 -53.58
N TYR A 1513 -22.70 -13.02 -52.80
CA TYR A 1513 -21.78 -13.33 -51.72
C TYR A 1513 -22.48 -14.04 -50.56
N LYS A 1514 -23.79 -13.82 -50.38
CA LYS A 1514 -24.47 -14.35 -49.20
C LYS A 1514 -24.37 -15.87 -49.12
N VAL A 1515 -24.68 -16.57 -50.21
CA VAL A 1515 -24.65 -18.02 -50.19
C VAL A 1515 -23.23 -18.56 -49.98
N PHE A 1516 -22.20 -17.80 -50.36
CA PHE A 1516 -20.82 -18.15 -50.05
C PHE A 1516 -20.23 -17.27 -48.95
N GLU A 1517 -21.07 -16.67 -48.12
CA GLU A 1517 -20.54 -15.79 -47.07
C GLU A 1517 -19.70 -16.56 -46.07
N GLU A 1518 -20.30 -17.54 -45.39
CA GLU A 1518 -19.63 -18.26 -44.31
C GLU A 1518 -18.23 -18.69 -44.71
N ASP A 1519 -18.13 -19.53 -45.75
CA ASP A 1519 -16.83 -20.02 -46.20
C ASP A 1519 -15.87 -18.85 -46.46
N ALA A 1520 -16.33 -17.84 -47.20
CA ALA A 1520 -15.47 -16.69 -47.48
C ALA A 1520 -14.98 -16.07 -46.19
N LEU A 1521 -15.90 -15.84 -45.24
CA LEU A 1521 -15.49 -15.31 -43.95
C LEU A 1521 -14.38 -16.15 -43.36
N SER A 1522 -14.58 -17.47 -43.29
CA SER A 1522 -13.55 -18.34 -42.74
C SER A 1522 -12.21 -18.06 -43.39
N TRP A 1523 -12.18 -18.01 -44.73
CA TRP A 1523 -10.91 -17.82 -45.41
C TRP A 1523 -10.24 -16.53 -45.01
N GLU A 1524 -10.99 -15.42 -44.94
CA GLU A 1524 -10.33 -14.17 -44.59
C GLU A 1524 -9.70 -14.28 -43.21
N ASP A 1525 -10.41 -14.90 -42.27
CA ASP A 1525 -9.84 -15.13 -40.96
C ASP A 1525 -8.52 -15.86 -41.08
N LYS A 1526 -8.52 -17.00 -41.80
CA LYS A 1526 -7.29 -17.72 -42.01
C LYS A 1526 -6.23 -16.82 -42.62
N LEU A 1527 -6.60 -16.08 -43.67
CA LEU A 1527 -5.63 -15.19 -44.30
C LEU A 1527 -5.09 -14.19 -43.29
N ASN A 1528 -5.98 -13.59 -42.50
CA ASN A 1528 -5.53 -12.65 -41.48
C ASN A 1528 -4.58 -13.35 -40.51
N ARG A 1529 -4.96 -14.56 -40.07
CA ARG A 1529 -4.11 -15.28 -39.13
C ARG A 1529 -2.77 -15.63 -39.76
N ILE A 1530 -2.73 -15.77 -41.08
CA ILE A 1530 -1.44 -15.94 -41.75
C ILE A 1530 -0.65 -14.64 -41.68
N MET A 1531 -1.28 -13.53 -42.05
CA MET A 1531 -0.57 -12.27 -42.17
C MET A 1531 -0.04 -11.80 -40.82
N ALA A 1532 -0.86 -11.96 -39.78
CA ALA A 1532 -0.41 -11.58 -38.44
C ALA A 1532 0.74 -12.48 -37.98
N LEU A 1533 0.77 -13.73 -38.45
CA LEU A 1533 1.79 -14.65 -37.97
C LEU A 1533 3.15 -14.34 -38.58
N PHE A 1534 3.19 -14.03 -39.88
CA PHE A 1534 4.45 -13.86 -40.58
C PHE A 1534 4.95 -12.42 -40.60
N ASP A 1535 4.16 -11.45 -40.15
CA ASP A 1535 4.69 -10.11 -39.94
C ASP A 1535 5.67 -10.09 -38.77
N VAL A 1536 5.32 -10.75 -37.67
CA VAL A 1536 6.25 -10.89 -36.56
C VAL A 1536 7.41 -11.80 -36.96
N TRP A 1537 7.09 -12.95 -37.56
CA TRP A 1537 8.10 -13.99 -37.77
C TRP A 1537 9.34 -13.45 -38.46
N ILE A 1538 9.16 -12.74 -39.58
CA ILE A 1538 10.31 -12.24 -40.32
C ILE A 1538 11.21 -11.42 -39.41
N ASP A 1539 10.61 -10.47 -38.68
CA ASP A 1539 11.40 -9.67 -37.74
C ASP A 1539 12.16 -10.58 -36.79
N VAL A 1540 11.45 -11.51 -36.14
CA VAL A 1540 12.09 -12.46 -35.25
C VAL A 1540 13.31 -13.07 -35.92
N GLN A 1541 13.11 -13.65 -37.10
CA GLN A 1541 14.20 -14.35 -37.75
C GLN A 1541 15.37 -13.41 -37.98
N ARG A 1542 15.10 -12.20 -38.47
CA ARG A 1542 16.18 -11.25 -38.71
C ARG A 1542 16.92 -10.96 -37.41
N ARG A 1543 16.17 -10.67 -36.33
CA ARG A 1543 16.83 -10.34 -35.08
C ARG A 1543 17.61 -11.52 -34.54
N TRP A 1544 17.23 -12.74 -34.92
CA TRP A 1544 18.01 -13.88 -34.51
C TRP A 1544 19.30 -13.98 -35.33
N VAL A 1545 19.20 -13.74 -36.64
CA VAL A 1545 20.31 -14.04 -37.54
C VAL A 1545 21.52 -13.19 -37.18
N TYR A 1546 21.31 -11.90 -36.93
CA TYR A 1546 22.43 -11.04 -36.57
C TYR A 1546 22.72 -11.04 -35.08
N LEU A 1547 21.96 -11.77 -34.27
CA LEU A 1547 22.34 -11.95 -32.88
C LEU A 1547 23.09 -13.25 -32.65
N GLU A 1548 22.69 -14.33 -33.33
CA GLU A 1548 23.43 -15.57 -33.26
C GLU A 1548 24.87 -15.39 -33.74
N GLY A 1549 25.09 -14.49 -34.70
CA GLY A 1549 26.44 -14.20 -35.14
C GLY A 1549 27.25 -13.34 -34.20
N ILE A 1550 26.61 -12.76 -33.18
CA ILE A 1550 27.32 -11.95 -32.20
C ILE A 1550 27.67 -12.74 -30.96
N PHE A 1551 26.74 -13.55 -30.47
CA PHE A 1551 26.96 -14.35 -29.26
C PHE A 1551 27.73 -15.64 -29.54
N THR A 1552 28.01 -15.96 -30.81
CA THR A 1552 28.83 -17.10 -31.16
C THR A 1552 30.14 -16.73 -31.83
N GLY A 1553 30.17 -15.64 -32.60
CA GLY A 1553 31.39 -15.19 -33.23
C GLY A 1553 32.29 -14.35 -32.36
N SER A 1554 31.85 -14.04 -31.15
CA SER A 1554 32.63 -13.23 -30.21
C SER A 1554 32.87 -14.03 -28.93
N ALA A 1555 34.08 -13.89 -28.38
CA ALA A 1555 34.47 -14.62 -27.18
C ALA A 1555 34.40 -13.77 -25.92
N ASP A 1556 34.68 -12.47 -26.00
CA ASP A 1556 34.67 -11.62 -24.82
C ASP A 1556 33.24 -11.31 -24.36
N ILE A 1557 32.26 -11.40 -25.25
CA ILE A 1557 30.89 -11.08 -24.87
C ILE A 1557 30.34 -12.11 -23.89
N LYS A 1558 30.81 -13.36 -23.98
CA LYS A 1558 30.40 -14.37 -23.02
C LYS A 1558 30.85 -14.01 -21.60
N HIS A 1559 32.08 -13.52 -21.46
CA HIS A 1559 32.59 -13.16 -20.15
C HIS A 1559 32.02 -11.83 -19.67
N LEU A 1560 31.78 -10.88 -20.57
CA LEU A 1560 31.29 -9.56 -20.18
C LEU A 1560 29.80 -9.53 -19.93
N LEU A 1561 29.01 -10.29 -20.69
CA LEU A 1561 27.56 -10.28 -20.60
C LEU A 1561 27.05 -11.70 -20.40
N PRO A 1562 27.13 -12.23 -19.19
CA PRO A 1562 26.68 -13.62 -18.97
C PRO A 1562 25.16 -13.76 -18.97
N VAL A 1563 24.44 -12.80 -18.37
CA VAL A 1563 22.98 -12.89 -18.33
C VAL A 1563 22.41 -12.82 -19.73
N GLU A 1564 22.90 -11.89 -20.55
CA GLU A 1564 22.43 -11.79 -21.92
C GLU A 1564 22.76 -13.04 -22.72
N THR A 1565 23.95 -13.61 -22.49
CA THR A 1565 24.33 -14.83 -23.19
C THR A 1565 23.40 -15.99 -22.84
N GLN A 1566 23.09 -16.14 -21.54
CA GLN A 1566 22.19 -17.21 -21.13
C GLN A 1566 20.79 -17.01 -21.69
N ARG A 1567 20.27 -15.77 -21.62
CA ARG A 1567 18.95 -15.50 -22.15
C ARG A 1567 18.90 -15.78 -23.65
N PHE A 1568 19.92 -15.33 -24.39
CA PHE A 1568 19.91 -15.58 -25.82
C PHE A 1568 20.07 -17.06 -26.14
N GLN A 1569 20.81 -17.80 -25.32
CA GLN A 1569 20.88 -19.25 -25.54
C GLN A 1569 19.52 -19.90 -25.36
N SER A 1570 18.76 -19.47 -24.34
CA SER A 1570 17.41 -19.99 -24.16
C SER A 1570 16.53 -19.68 -25.37
N ILE A 1571 16.56 -18.41 -25.82
CA ILE A 1571 15.76 -18.01 -26.97
C ILE A 1571 16.18 -18.76 -28.22
N SER A 1572 17.49 -18.98 -28.39
CA SER A 1572 17.98 -19.73 -29.53
C SER A 1572 17.47 -21.16 -29.50
N THR A 1573 17.47 -21.79 -28.32
CA THR A 1573 16.94 -23.14 -28.22
C THR A 1573 15.46 -23.20 -28.61
N GLU A 1574 14.65 -22.26 -28.09
CA GLU A 1574 13.24 -22.26 -28.43
C GLU A 1574 13.03 -22.01 -29.93
N PHE A 1575 13.78 -21.05 -30.48
CA PHE A 1575 13.65 -20.73 -31.91
C PHE A 1575 14.04 -21.91 -32.78
N LEU A 1576 15.13 -22.60 -32.43
CA LEU A 1576 15.55 -23.75 -33.22
C LEU A 1576 14.56 -24.90 -33.11
N ALA A 1577 13.99 -25.11 -31.92
CA ALA A 1577 12.96 -26.14 -31.79
C ALA A 1577 11.76 -25.83 -32.67
N LEU A 1578 11.27 -24.59 -32.60
CA LEU A 1578 10.14 -24.19 -33.45
C LEU A 1578 10.49 -24.32 -34.92
N MET A 1579 11.73 -24.02 -35.29
CA MET A 1579 12.11 -24.04 -36.69
C MET A 1579 12.25 -25.47 -37.20
N LYS A 1580 12.68 -26.39 -36.34
CA LYS A 1580 12.64 -27.82 -36.70
C LYS A 1580 11.20 -28.28 -36.89
N LYS A 1581 10.29 -27.88 -35.99
CA LYS A 1581 8.88 -28.20 -36.20
C LYS A 1581 8.38 -27.67 -37.54
N VAL A 1582 8.83 -26.47 -37.91
CA VAL A 1582 8.45 -25.91 -39.20
C VAL A 1582 9.03 -26.75 -40.34
N SER A 1583 10.29 -27.16 -40.21
CA SER A 1583 10.94 -27.92 -41.27
C SER A 1583 10.30 -29.29 -41.46
N LYS A 1584 9.76 -29.89 -40.40
CA LYS A 1584 9.09 -31.17 -40.56
C LYS A 1584 7.87 -31.06 -41.47
N SER A 1585 7.07 -30.02 -41.31
CA SER A 1585 5.90 -29.78 -42.14
C SER A 1585 5.92 -28.35 -42.62
N PRO A 1586 6.52 -28.09 -43.79
CA PRO A 1586 6.66 -26.71 -44.29
C PRO A 1586 5.39 -26.12 -44.88
N LEU A 1587 4.26 -26.81 -44.81
CA LEU A 1587 3.01 -26.24 -45.30
C LEU A 1587 2.62 -25.03 -44.46
N VAL A 1588 2.27 -23.93 -45.14
CA VAL A 1588 1.92 -22.70 -44.43
C VAL A 1588 0.68 -22.91 -43.56
N MET A 1589 -0.32 -23.62 -44.10
CA MET A 1589 -1.49 -23.94 -43.30
C MET A 1589 -1.15 -24.80 -42.10
N ASP A 1590 -0.23 -25.75 -42.27
CA ASP A 1590 0.19 -26.60 -41.16
C ASP A 1590 0.92 -25.78 -40.09
N VAL A 1591 1.79 -24.86 -40.50
CA VAL A 1591 2.51 -24.03 -39.55
C VAL A 1591 1.53 -23.10 -38.82
N LEU A 1592 0.51 -22.61 -39.54
CA LEU A 1592 -0.48 -21.75 -38.89
C LEU A 1592 -1.27 -22.52 -37.83
N ASN A 1593 -1.47 -23.82 -38.03
CA ASN A 1593 -2.29 -24.62 -37.13
C ASN A 1593 -1.53 -25.12 -35.90
N ILE A 1594 -0.25 -24.78 -35.78
CA ILE A 1594 0.48 -25.12 -34.56
C ILE A 1594 -0.15 -24.37 -33.40
N GLN A 1595 -0.45 -25.09 -32.32
CA GLN A 1595 -1.14 -24.48 -31.19
C GLN A 1595 -0.19 -23.55 -30.43
N GLY A 1596 -0.66 -22.35 -30.15
CA GLY A 1596 0.14 -21.37 -29.42
C GLY A 1596 1.42 -20.96 -30.13
N VAL A 1597 1.34 -20.74 -31.44
CA VAL A 1597 2.53 -20.35 -32.19
C VAL A 1597 2.63 -18.84 -32.34
N GLN A 1598 1.51 -18.15 -32.54
CA GLN A 1598 1.54 -16.70 -32.66
C GLN A 1598 2.04 -16.05 -31.38
N ARG A 1599 1.53 -16.52 -30.24
CA ARG A 1599 2.01 -16.01 -28.95
C ARG A 1599 3.48 -16.33 -28.75
N SER A 1600 3.91 -17.50 -29.22
CA SER A 1600 5.33 -17.87 -29.11
C SER A 1600 6.19 -16.90 -29.92
N LEU A 1601 5.79 -16.57 -31.14
CA LEU A 1601 6.56 -15.62 -31.94
C LEU A 1601 6.56 -14.23 -31.33
N GLU A 1602 5.42 -13.79 -30.78
CA GLU A 1602 5.39 -12.48 -30.15
C GLU A 1602 6.32 -12.42 -28.94
N ARG A 1603 6.30 -13.46 -28.11
CA ARG A 1603 7.22 -13.51 -26.98
C ARG A 1603 8.67 -13.55 -27.43
N LEU A 1604 8.94 -14.32 -28.50
CA LEU A 1604 10.29 -14.41 -29.03
C LEU A 1604 10.78 -13.04 -29.49
N ALA A 1605 9.94 -12.31 -30.21
CA ALA A 1605 10.30 -10.98 -30.68
C ALA A 1605 10.52 -10.02 -29.52
N ASP A 1606 9.65 -10.06 -28.52
CA ASP A 1606 9.80 -9.18 -27.37
C ASP A 1606 11.13 -9.45 -26.66
N LEU A 1607 11.44 -10.72 -26.43
CA LEU A 1607 12.68 -11.07 -25.73
C LEU A 1607 13.91 -10.72 -26.54
N LEU A 1608 13.88 -10.95 -27.86
CA LEU A 1608 15.01 -10.57 -28.70
C LEU A 1608 15.22 -9.06 -28.70
N GLY A 1609 14.14 -8.29 -28.77
CA GLY A 1609 14.26 -6.85 -28.66
C GLY A 1609 14.82 -6.41 -27.32
N LYS A 1610 14.43 -7.10 -26.26
CA LYS A 1610 14.98 -6.78 -24.94
C LYS A 1610 16.47 -7.06 -24.88
N ILE A 1611 16.93 -8.16 -25.49
CA ILE A 1611 18.36 -8.42 -25.53
C ILE A 1611 19.09 -7.37 -26.36
N GLN A 1612 18.48 -6.90 -27.45
CA GLN A 1612 19.13 -5.90 -28.30
C GLN A 1612 19.50 -4.65 -27.51
N LYS A 1613 18.63 -4.20 -26.62
CA LYS A 1613 18.90 -3.01 -25.82
C LYS A 1613 19.99 -3.22 -24.78
N ALA A 1614 20.40 -4.46 -24.54
CA ALA A 1614 21.41 -4.76 -23.53
C ALA A 1614 22.83 -4.82 -24.09
N LEU A 1615 23.02 -4.50 -25.37
CA LEU A 1615 24.32 -4.59 -26.01
C LEU A 1615 24.96 -3.23 -26.26
N GLY A 1616 24.55 -2.20 -25.49
CA GLY A 1616 25.05 -0.86 -25.74
C GLY A 1616 26.54 -0.73 -25.50
N GLU A 1617 27.04 -1.27 -24.38
CA GLU A 1617 28.46 -1.16 -24.06
C GLU A 1617 29.31 -1.96 -25.05
N TYR A 1618 28.83 -3.15 -25.44
CA TYR A 1618 29.56 -3.94 -26.42
C TYR A 1618 29.64 -3.20 -27.76
N LEU A 1619 28.55 -2.56 -28.16
CA LEU A 1619 28.56 -1.78 -29.39
C LEU A 1619 29.48 -0.57 -29.28
N GLU A 1620 29.56 0.07 -28.11
CA GLU A 1620 30.49 1.18 -27.94
C GLU A 1620 31.92 0.70 -28.06
N ARG A 1621 32.24 -0.45 -27.48
CA ARG A 1621 33.58 -1.01 -27.63
C ARG A 1621 33.88 -1.34 -29.09
N GLU A 1622 32.90 -1.90 -29.80
CA GLU A 1622 33.09 -2.20 -31.22
C GLU A 1622 33.33 -0.94 -32.03
N ARG A 1623 32.61 0.14 -31.69
CA ARG A 1623 32.86 1.44 -32.33
C ARG A 1623 34.27 1.91 -32.05
N SER A 1624 34.74 1.73 -30.82
CA SER A 1624 36.12 2.07 -30.50
C SER A 1624 37.10 1.27 -31.34
N SER A 1625 36.75 0.02 -31.67
CA SER A 1625 37.63 -0.81 -32.49
C SER A 1625 37.80 -0.23 -33.90
N PHE A 1626 36.69 0.07 -34.57
CA PHE A 1626 36.71 0.64 -35.92
C PHE A 1626 36.04 2.00 -35.88
N PRO A 1627 36.78 3.10 -36.06
CA PRO A 1627 36.24 4.43 -35.76
C PRO A 1627 35.00 4.81 -36.56
N ARG A 1628 34.93 4.42 -37.84
CA ARG A 1628 33.80 4.81 -38.67
C ARG A 1628 32.48 4.27 -38.16
N PHE A 1629 32.50 3.19 -37.38
CA PHE A 1629 31.29 2.69 -36.74
C PHE A 1629 30.63 3.72 -35.84
N TYR A 1630 31.31 4.83 -35.54
CA TYR A 1630 30.69 5.90 -34.76
C TYR A 1630 29.57 6.59 -35.52
N PHE A 1631 29.53 6.46 -36.85
CA PHE A 1631 28.47 7.05 -37.65
C PHE A 1631 27.37 6.06 -37.98
N VAL A 1632 27.32 4.93 -37.29
CA VAL A 1632 26.35 3.87 -37.53
C VAL A 1632 25.52 3.67 -36.27
N GLY A 1633 24.22 3.51 -36.42
CA GLY A 1633 23.34 3.33 -35.29
C GLY A 1633 23.54 1.99 -34.62
N ASP A 1634 22.82 1.80 -33.51
CA ASP A 1634 22.97 0.58 -32.71
C ASP A 1634 22.48 -0.64 -33.48
N GLU A 1635 21.27 -0.58 -34.03
CA GLU A 1635 20.71 -1.73 -34.73
C GLU A 1635 21.49 -2.05 -36.00
N ASP A 1636 21.90 -1.01 -36.74
CA ASP A 1636 22.69 -1.24 -37.94
C ASP A 1636 24.05 -1.82 -37.62
N LEU A 1637 24.67 -1.36 -36.52
CA LEU A 1637 25.95 -1.94 -36.10
C LEU A 1637 25.77 -3.39 -35.68
N LEU A 1638 24.67 -3.70 -34.97
CA LEU A 1638 24.38 -5.08 -34.63
C LEU A 1638 24.24 -5.93 -35.88
N GLU A 1639 23.54 -5.41 -36.88
CA GLU A 1639 23.38 -6.16 -38.13
C GLU A 1639 24.73 -6.38 -38.82
N ILE A 1640 25.59 -5.36 -38.83
CA ILE A 1640 26.91 -5.50 -39.45
C ILE A 1640 27.72 -6.59 -38.75
N ILE A 1641 27.77 -6.52 -37.41
CA ILE A 1641 28.55 -7.50 -36.65
C ILE A 1641 27.98 -8.90 -36.84
N GLY A 1642 26.66 -9.04 -36.81
CA GLY A 1642 26.06 -10.35 -36.96
C GLY A 1642 26.26 -10.95 -38.33
N ASN A 1643 26.07 -10.15 -39.39
CA ASN A 1643 26.21 -10.62 -40.76
C ASN A 1643 27.59 -10.34 -41.34
N SER A 1644 28.61 -10.18 -40.49
CA SER A 1644 29.97 -10.14 -41.00
C SER A 1644 30.31 -11.37 -41.82
N LYS A 1645 29.72 -12.52 -41.50
CA LYS A 1645 29.94 -13.72 -42.28
C LYS A 1645 29.33 -13.60 -43.68
N ASN A 1646 28.09 -13.14 -43.75
CA ASN A 1646 27.38 -12.97 -45.03
C ASN A 1646 27.46 -11.50 -45.40
N VAL A 1647 28.49 -11.14 -46.17
CA VAL A 1647 28.78 -9.74 -46.49
C VAL A 1647 27.74 -9.18 -47.45
N ALA A 1648 26.91 -10.05 -48.02
CA ALA A 1648 25.92 -9.60 -48.99
C ALA A 1648 24.95 -8.59 -48.40
N LYS A 1649 24.70 -8.65 -47.09
CA LYS A 1649 23.83 -7.69 -46.44
C LYS A 1649 24.55 -6.44 -45.95
N LEU A 1650 25.88 -6.40 -46.03
CA LEU A 1650 26.63 -5.24 -45.61
C LEU A 1650 26.57 -4.09 -46.61
N GLN A 1651 26.18 -4.37 -47.86
CA GLN A 1651 26.31 -3.38 -48.92
C GLN A 1651 25.51 -2.12 -48.65
N LYS A 1652 24.39 -2.23 -47.95
CA LYS A 1652 23.55 -1.07 -47.68
C LYS A 1652 24.06 -0.23 -46.53
N HIS A 1653 25.09 -0.67 -45.81
CA HIS A 1653 25.60 0.06 -44.66
C HIS A 1653 26.90 0.80 -44.95
N PHE A 1654 27.41 0.72 -46.18
CA PHE A 1654 28.66 1.40 -46.50
C PHE A 1654 28.48 2.90 -46.69
N LYS A 1655 27.33 3.34 -47.22
CA LYS A 1655 27.08 4.76 -47.43
C LYS A 1655 27.12 5.55 -46.13
N LYS A 1656 26.88 4.91 -45.00
CA LYS A 1656 26.94 5.57 -43.71
C LYS A 1656 28.36 5.71 -43.17
N MET A 1657 29.30 4.94 -43.72
CA MET A 1657 30.66 4.92 -43.20
C MET A 1657 31.68 5.61 -44.09
N PHE A 1658 31.36 5.81 -45.37
CA PHE A 1658 32.31 6.38 -46.32
C PHE A 1658 31.66 7.53 -47.06
N ALA A 1659 32.50 8.37 -47.66
CA ALA A 1659 32.01 9.55 -48.36
C ALA A 1659 31.31 9.18 -49.67
N GLY A 1660 31.92 8.29 -50.45
CA GLY A 1660 31.36 7.95 -51.74
C GLY A 1660 31.21 6.46 -51.98
N VAL A 1661 31.71 5.64 -51.06
CA VAL A 1661 31.61 4.19 -51.22
C VAL A 1661 30.18 3.76 -50.90
N SER A 1662 29.52 3.14 -51.87
CA SER A 1662 28.18 2.62 -51.68
C SER A 1662 28.12 1.10 -51.62
N SER A 1663 29.11 0.41 -52.19
CA SER A 1663 29.16 -1.04 -52.13
C SER A 1663 30.61 -1.47 -52.39
N ILE A 1664 30.90 -2.71 -51.99
CA ILE A 1664 32.21 -3.29 -52.24
C ILE A 1664 32.08 -4.32 -53.36
N ILE A 1665 33.15 -4.52 -54.10
CA ILE A 1665 33.21 -5.49 -55.18
C ILE A 1665 33.82 -6.77 -54.62
N LEU A 1666 33.13 -7.89 -54.83
CA LEU A 1666 33.56 -9.18 -54.30
C LEU A 1666 33.59 -10.21 -55.42
N ASN A 1667 34.38 -11.26 -55.21
CA ASN A 1667 34.48 -12.34 -56.18
C ASN A 1667 33.27 -13.27 -56.03
N GLU A 1668 33.33 -14.43 -56.69
CA GLU A 1668 32.19 -15.34 -56.70
C GLU A 1668 31.91 -15.91 -55.31
N ASP A 1669 32.97 -16.25 -54.56
CA ASP A 1669 32.79 -16.88 -53.26
C ASP A 1669 32.72 -15.88 -52.11
N ASN A 1670 32.72 -14.58 -52.41
CA ASN A 1670 32.57 -13.52 -51.41
C ASN A 1670 33.64 -13.62 -50.32
N SER A 1671 34.89 -13.89 -50.74
CA SER A 1671 36.00 -14.04 -49.83
C SER A 1671 37.09 -13.00 -49.99
N VAL A 1672 37.14 -12.29 -51.11
CA VAL A 1672 38.19 -11.32 -51.37
C VAL A 1672 37.53 -10.03 -51.85
N VAL A 1673 37.96 -8.90 -51.28
CA VAL A 1673 37.45 -7.59 -51.65
C VAL A 1673 38.28 -7.10 -52.84
N LEU A 1674 37.73 -7.24 -54.04
CA LEU A 1674 38.43 -6.80 -55.23
C LEU A 1674 38.48 -5.28 -55.34
N GLY A 1675 37.43 -4.60 -54.90
CA GLY A 1675 37.40 -3.16 -55.00
C GLY A 1675 36.14 -2.60 -54.39
N ILE A 1676 35.88 -1.33 -54.71
CA ILE A 1676 34.75 -0.58 -54.19
C ILE A 1676 34.00 0.05 -55.34
N SER A 1677 32.77 0.47 -55.07
CA SER A 1677 31.93 1.10 -56.07
C SER A 1677 31.12 2.22 -55.43
N SER A 1678 30.80 3.23 -56.22
CA SER A 1678 30.00 4.35 -55.76
C SER A 1678 28.53 4.08 -56.06
N ARG A 1679 27.66 5.05 -55.73
CA ARG A 1679 26.24 4.91 -55.99
C ARG A 1679 25.91 5.04 -57.48
N GLU A 1680 26.74 5.74 -58.24
CA GLU A 1680 26.53 5.92 -59.67
C GLU A 1680 27.07 4.76 -60.49
N GLY A 1681 27.64 3.74 -59.85
CA GLY A 1681 28.21 2.61 -60.54
C GLY A 1681 29.68 2.70 -60.83
N GLU A 1682 30.32 3.83 -60.53
CA GLU A 1682 31.75 3.97 -60.74
C GLU A 1682 32.51 3.03 -59.82
N GLU A 1683 33.53 2.38 -60.36
CA GLU A 1683 34.26 1.34 -59.64
C GLU A 1683 35.73 1.70 -59.51
N VAL A 1684 36.30 1.38 -58.35
CA VAL A 1684 37.74 1.50 -58.10
C VAL A 1684 38.23 0.10 -57.72
N MET A 1685 39.16 -0.43 -58.51
CA MET A 1685 39.69 -1.77 -58.32
C MET A 1685 41.02 -1.69 -57.58
N PHE A 1686 41.13 -2.41 -56.47
CA PHE A 1686 42.33 -2.36 -55.66
C PHE A 1686 43.53 -2.96 -56.38
N LYS A 1687 44.70 -2.37 -56.15
CA LYS A 1687 45.93 -2.97 -56.67
C LYS A 1687 46.26 -4.26 -55.92
N THR A 1688 46.08 -4.27 -54.61
CA THR A 1688 46.26 -5.48 -53.79
C THR A 1688 44.92 -5.81 -53.15
N PRO A 1689 44.19 -6.80 -53.65
CA PRO A 1689 42.87 -7.11 -53.09
C PRO A 1689 42.96 -7.55 -51.64
N VAL A 1690 41.92 -7.24 -50.88
CA VAL A 1690 41.86 -7.55 -49.46
C VAL A 1690 41.18 -8.90 -49.28
N SER A 1691 41.80 -9.77 -48.50
CA SER A 1691 41.29 -11.11 -48.26
C SER A 1691 40.47 -11.11 -46.96
N ILE A 1692 39.27 -11.67 -47.02
CA ILE A 1692 38.43 -11.74 -45.83
C ILE A 1692 38.75 -12.98 -45.01
N THR A 1693 39.17 -14.08 -45.66
CA THR A 1693 39.53 -15.29 -44.93
C THR A 1693 40.73 -15.07 -44.02
N GLU A 1694 41.73 -14.31 -44.50
CA GLU A 1694 42.90 -14.04 -43.68
C GLU A 1694 42.56 -13.12 -42.51
N HIS A 1695 41.60 -12.23 -42.67
CA HIS A 1695 41.17 -11.31 -41.62
C HIS A 1695 39.66 -11.44 -41.46
N PRO A 1696 39.20 -12.49 -40.77
CA PRO A 1696 37.74 -12.71 -40.69
C PRO A 1696 37.02 -11.71 -39.82
N LYS A 1697 37.72 -10.98 -38.95
CA LYS A 1697 37.06 -9.96 -38.14
C LYS A 1697 36.60 -8.80 -39.01
N ILE A 1698 35.39 -8.33 -38.75
CA ILE A 1698 34.78 -7.30 -39.59
C ILE A 1698 35.62 -6.02 -39.57
N ASN A 1699 36.06 -5.61 -38.38
CA ASN A 1699 36.81 -4.36 -38.27
C ASN A 1699 38.18 -4.46 -38.94
N GLU A 1700 38.83 -5.62 -38.83
CA GLU A 1700 40.17 -5.77 -39.42
C GLU A 1700 40.12 -5.62 -40.94
N TRP A 1701 39.24 -6.38 -41.61
CA TRP A 1701 39.22 -6.27 -43.06
C TRP A 1701 38.54 -5.01 -43.54
N LEU A 1702 37.67 -4.39 -42.73
CA LEU A 1702 37.16 -3.07 -43.10
C LEU A 1702 38.27 -2.02 -43.07
N THR A 1703 39.12 -2.07 -42.04
CA THR A 1703 40.27 -1.17 -41.99
C THR A 1703 41.22 -1.42 -43.16
N LEU A 1704 41.45 -2.70 -43.48
CA LEU A 1704 42.28 -3.01 -44.64
C LEU A 1704 41.67 -2.47 -45.92
N VAL A 1705 40.35 -2.58 -46.08
CA VAL A 1705 39.68 -2.06 -47.26
C VAL A 1705 39.84 -0.54 -47.36
N GLU A 1706 39.69 0.16 -46.24
CA GLU A 1706 39.84 1.61 -46.25
C GLU A 1706 41.27 2.01 -46.62
N LYS A 1707 42.26 1.37 -46.00
CA LYS A 1707 43.65 1.69 -46.31
C LYS A 1707 43.99 1.39 -47.76
N GLU A 1708 43.52 0.24 -48.27
CA GLU A 1708 43.78 -0.10 -49.66
C GLU A 1708 43.05 0.84 -50.61
N MET A 1709 41.87 1.32 -50.23
CA MET A 1709 41.19 2.35 -51.02
C MET A 1709 42.06 3.60 -51.14
N ARG A 1710 42.60 4.06 -50.02
CA ARG A 1710 43.47 5.25 -50.05
C ARG A 1710 44.69 5.02 -50.94
N VAL A 1711 45.36 3.88 -50.75
CA VAL A 1711 46.59 3.62 -51.49
C VAL A 1711 46.31 3.45 -52.99
N THR A 1712 45.22 2.74 -53.32
CA THR A 1712 44.85 2.54 -54.72
C THR A 1712 44.51 3.87 -55.38
N LEU A 1713 43.79 4.74 -54.67
CA LEU A 1713 43.49 6.05 -55.23
C LEU A 1713 44.76 6.85 -55.46
N ALA A 1714 45.72 6.75 -54.54
CA ALA A 1714 46.99 7.47 -54.72
C ALA A 1714 47.74 6.97 -55.95
N LYS A 1715 47.83 5.64 -56.11
CA LYS A 1715 48.53 5.09 -57.26
C LYS A 1715 47.81 5.42 -58.57
N LEU A 1716 46.48 5.35 -58.56
CA LEU A 1716 45.72 5.70 -59.75
C LEU A 1716 45.89 7.18 -60.10
N LEU A 1717 45.98 8.03 -59.08
CA LEU A 1717 46.26 9.44 -59.34
C LEU A 1717 47.65 9.63 -59.95
N ALA A 1718 48.63 8.86 -59.47
CA ALA A 1718 49.97 8.95 -60.05
C ALA A 1718 49.95 8.57 -61.54
N GLU A 1719 49.27 7.46 -61.86
CA GLU A 1719 49.14 7.06 -63.25
C GLU A 1719 48.38 8.09 -64.07
N SER A 1720 47.32 8.66 -63.50
CA SER A 1720 46.54 9.66 -64.21
C SER A 1720 47.37 10.90 -64.50
N VAL A 1721 48.20 11.33 -63.55
CA VAL A 1721 49.05 12.50 -63.77
C VAL A 1721 50.09 12.21 -64.84
N THR A 1722 50.75 11.04 -64.77
CA THR A 1722 51.75 10.74 -65.78
C THR A 1722 51.13 10.49 -67.15
N GLU A 1723 49.81 10.24 -67.21
CA GLU A 1723 49.15 10.15 -68.51
C GLU A 1723 48.69 11.52 -69.01
N VAL A 1724 48.19 12.38 -68.12
CA VAL A 1724 47.66 13.67 -68.52
C VAL A 1724 48.75 14.68 -68.80
N GLU A 1725 49.97 14.45 -68.31
CA GLU A 1725 51.06 15.36 -68.64
C GLU A 1725 51.39 15.37 -70.13
N ILE A 1726 50.90 14.39 -70.89
CA ILE A 1726 50.98 14.47 -72.36
C ILE A 1726 49.98 15.49 -72.89
N PHE A 1727 48.74 15.45 -72.42
CA PHE A 1727 47.74 16.42 -72.87
C PHE A 1727 48.14 17.83 -72.48
N GLY A 1728 48.61 18.01 -71.25
CA GLY A 1728 49.22 19.26 -70.87
C GLY A 1728 50.57 19.44 -71.54
N LYS A 1729 51.08 20.67 -71.47
CA LYS A 1729 52.36 21.03 -72.07
C LYS A 1729 52.35 20.79 -73.59
N ALA A 1730 51.18 20.83 -74.21
CA ALA A 1730 51.03 20.56 -75.64
C ALA A 1730 50.14 21.63 -76.25
N THR A 1731 50.13 21.65 -77.59
CA THR A 1731 49.38 22.65 -78.35
C THR A 1731 48.04 22.12 -78.85
N SER A 1732 48.00 20.90 -79.37
CA SER A 1732 46.78 20.31 -79.91
C SER A 1732 46.45 19.04 -79.15
N ILE A 1733 45.16 18.85 -78.85
CA ILE A 1733 44.69 17.69 -78.10
C ILE A 1733 43.73 16.92 -79.00
N ASP A 1734 44.01 15.64 -79.19
CA ASP A 1734 43.11 14.76 -79.92
C ASP A 1734 41.90 14.45 -79.04
N PRO A 1735 40.68 14.76 -79.49
CA PRO A 1735 39.52 14.49 -78.62
C PRO A 1735 39.36 13.03 -78.23
N ASN A 1736 39.72 12.10 -79.12
CA ASN A 1736 39.51 10.68 -78.83
C ASN A 1736 40.35 10.22 -77.66
N THR A 1737 41.65 10.54 -77.67
CA THR A 1737 42.51 10.12 -76.57
C THR A 1737 42.18 10.86 -75.27
N TYR A 1738 41.72 12.12 -75.37
CA TYR A 1738 41.30 12.84 -74.18
C TYR A 1738 40.08 12.17 -73.55
N ILE A 1739 39.09 11.80 -74.38
CA ILE A 1739 37.91 11.11 -73.85
C ILE A 1739 38.29 9.74 -73.30
N THR A 1740 39.25 9.07 -73.93
CA THR A 1740 39.73 7.80 -73.40
C THR A 1740 40.33 7.97 -72.01
N TRP A 1741 41.16 9.01 -71.83
CA TRP A 1741 41.74 9.28 -70.52
C TRP A 1741 40.66 9.63 -69.50
N ILE A 1742 39.65 10.40 -69.92
CA ILE A 1742 38.56 10.77 -69.02
C ILE A 1742 37.80 9.52 -68.57
N ASP A 1743 37.51 8.62 -69.51
CA ASP A 1743 36.78 7.41 -69.17
C ASP A 1743 37.60 6.45 -68.32
N LYS A 1744 38.93 6.44 -68.50
CA LYS A 1744 39.76 5.48 -67.79
C LYS A 1744 39.79 5.75 -66.30
N TYR A 1745 39.87 7.00 -65.89
CA TYR A 1745 40.17 7.36 -64.52
C TYR A 1745 38.94 7.93 -63.81
N GLN A 1746 39.02 7.96 -62.49
CA GLN A 1746 37.91 8.41 -61.67
C GLN A 1746 37.69 9.90 -61.81
N ALA A 1747 36.43 10.32 -61.59
CA ALA A 1747 36.07 11.73 -61.79
C ALA A 1747 36.87 12.64 -60.89
N GLN A 1748 36.96 12.32 -59.60
CA GLN A 1748 37.76 13.13 -58.69
C GLN A 1748 39.22 13.08 -59.10
N LEU A 1749 39.71 11.92 -59.53
CA LEU A 1749 41.09 11.80 -60.00
C LEU A 1749 41.30 12.57 -61.30
N VAL A 1750 40.30 12.58 -62.18
CA VAL A 1750 40.43 13.33 -63.43
C VAL A 1750 40.56 14.82 -63.14
N VAL A 1751 39.67 15.36 -62.31
CA VAL A 1751 39.74 16.78 -61.98
C VAL A 1751 41.03 17.10 -61.24
N LEU A 1752 41.44 16.23 -60.32
CA LEU A 1752 42.67 16.44 -59.58
C LEU A 1752 43.88 16.46 -60.51
N SER A 1753 43.92 15.54 -61.48
CA SER A 1753 45.02 15.51 -62.43
C SER A 1753 45.04 16.75 -63.30
N ALA A 1754 43.87 17.23 -63.72
CA ALA A 1754 43.82 18.48 -64.48
C ALA A 1754 44.37 19.64 -63.66
N GLN A 1755 43.97 19.72 -62.38
CA GLN A 1755 44.48 20.79 -61.51
C GLN A 1755 45.98 20.68 -61.33
N ILE A 1756 46.49 19.46 -61.13
CA ILE A 1756 47.93 19.27 -60.95
C ILE A 1756 48.69 19.71 -62.20
N ALA A 1757 48.20 19.29 -63.38
CA ALA A 1757 48.88 19.64 -64.62
C ALA A 1757 48.89 21.15 -64.82
N TRP A 1758 47.75 21.81 -64.60
CA TRP A 1758 47.71 23.25 -64.79
C TRP A 1758 48.61 23.97 -63.79
N SER A 1759 48.60 23.53 -62.53
CA SER A 1759 49.43 24.17 -61.52
C SER A 1759 50.91 24.03 -61.85
N GLU A 1760 51.34 22.84 -62.27
CA GLU A 1760 52.74 22.65 -62.65
C GLU A 1760 53.09 23.48 -63.87
N ASN A 1761 52.19 23.56 -64.86
CA ASN A 1761 52.47 24.37 -66.04
C ASN A 1761 52.66 25.83 -65.66
N VAL A 1762 51.76 26.37 -64.83
CA VAL A 1762 51.88 27.77 -64.44
C VAL A 1762 53.13 27.99 -63.59
N GLU A 1763 53.46 27.03 -62.72
CA GLU A 1763 54.66 27.15 -61.89
C GLU A 1763 55.92 27.20 -62.74
N THR A 1764 56.03 26.31 -63.73
CA THR A 1764 57.21 26.33 -64.59
C THR A 1764 57.25 27.57 -65.47
N ALA A 1765 56.09 28.03 -65.94
CA ALA A 1765 56.07 29.25 -66.74
C ALA A 1765 56.52 30.45 -65.91
N LEU A 1766 56.07 30.54 -64.65
CA LEU A 1766 56.49 31.63 -63.79
C LEU A 1766 57.97 31.53 -63.46
N SER A 1767 58.47 30.32 -63.25
CA SER A 1767 59.89 30.13 -62.98
C SER A 1767 60.74 30.55 -64.17
N SER A 1768 60.24 30.31 -65.39
CA SER A 1768 60.98 30.68 -66.59
C SER A 1768 61.07 32.19 -66.76
N MET A 1769 60.19 32.95 -66.10
CA MET A 1769 60.23 34.40 -66.15
C MET A 1769 60.82 35.02 -64.90
N GLY A 1770 61.63 34.28 -64.13
CA GLY A 1770 62.21 34.82 -62.91
C GLY A 1770 63.08 36.04 -63.13
N GLY A 1771 63.58 36.23 -64.35
CA GLY A 1771 64.42 37.38 -64.65
C GLY A 1771 63.66 38.69 -64.80
N GLY A 1772 62.33 38.63 -64.88
CA GLY A 1772 61.53 39.84 -65.00
C GLY A 1772 61.37 40.32 -66.42
N GLY A 1773 62.49 40.49 -67.13
CA GLY A 1773 62.47 40.97 -68.49
C GLY A 1773 62.26 39.92 -69.56
N ASP A 1774 62.02 38.67 -69.17
CA ASP A 1774 61.82 37.61 -70.13
C ASP A 1774 60.42 37.71 -70.75
N ALA A 1775 60.19 36.94 -71.81
CA ALA A 1775 58.90 36.91 -72.48
C ALA A 1775 57.86 36.24 -71.59
N ALA A 1776 56.65 36.10 -72.12
CA ALA A 1776 55.52 35.58 -71.36
C ALA A 1776 55.04 34.26 -71.94
N PRO A 1777 55.47 33.12 -71.39
CA PRO A 1777 54.90 31.83 -71.80
C PRO A 1777 53.55 31.51 -71.18
N LEU A 1778 53.07 32.33 -70.23
CA LEU A 1778 51.75 32.10 -69.65
C LEU A 1778 50.67 32.02 -70.71
N HIS A 1779 50.76 32.86 -71.75
CA HIS A 1779 49.81 32.77 -72.85
C HIS A 1779 49.71 31.35 -73.38
N SER A 1780 50.86 30.71 -73.62
CA SER A 1780 50.84 29.31 -74.04
C SER A 1780 50.04 28.46 -73.08
N VAL A 1781 50.33 28.59 -71.77
CA VAL A 1781 49.54 27.87 -70.78
C VAL A 1781 48.07 28.23 -70.93
N LEU A 1782 47.77 29.53 -71.01
CA LEU A 1782 46.39 29.94 -71.27
C LEU A 1782 45.88 29.29 -72.54
N SER A 1783 46.67 29.36 -73.61
CA SER A 1783 46.27 28.71 -74.86
C SER A 1783 45.93 27.25 -74.62
N ASN A 1784 46.80 26.53 -73.88
CA ASN A 1784 46.52 25.14 -73.57
C ASN A 1784 45.14 25.01 -72.94
N VAL A 1785 44.88 25.78 -71.88
CA VAL A 1785 43.58 25.71 -71.24
C VAL A 1785 42.50 25.97 -72.27
N GLU A 1786 42.67 27.02 -73.07
CA GLU A 1786 41.66 27.35 -74.07
C GLU A 1786 41.35 26.13 -74.93
N VAL A 1787 42.37 25.51 -75.52
CA VAL A 1787 42.08 24.42 -76.44
C VAL A 1787 41.41 23.28 -75.69
N THR A 1788 41.89 22.98 -74.48
CA THR A 1788 41.26 21.93 -73.69
C THR A 1788 39.80 22.26 -73.47
N LEU A 1789 39.51 23.50 -73.06
CA LEU A 1789 38.13 23.88 -72.82
C LEU A 1789 37.31 23.71 -74.10
N ASN A 1790 37.89 24.12 -75.24
CA ASN A 1790 37.18 23.98 -76.49
C ASN A 1790 36.81 22.53 -76.74
N VAL A 1791 37.78 21.61 -76.54
CA VAL A 1791 37.49 20.20 -76.70
C VAL A 1791 36.35 19.81 -75.77
N LEU A 1792 36.43 20.22 -74.51
CA LEU A 1792 35.37 19.94 -73.56
C LEU A 1792 34.07 20.57 -74.04
N ALA A 1793 34.13 21.81 -74.52
CA ALA A 1793 32.93 22.47 -75.00
C ALA A 1793 32.34 21.73 -76.20
N ASP A 1794 33.19 21.04 -76.97
CA ASP A 1794 32.67 20.25 -78.08
C ASP A 1794 32.10 18.92 -77.60
N SER A 1795 32.63 18.41 -76.49
CA SER A 1795 32.24 17.07 -76.05
C SER A 1795 30.84 17.07 -75.45
N VAL A 1796 30.49 18.12 -74.68
CA VAL A 1796 29.16 18.19 -74.07
C VAL A 1796 28.09 18.64 -75.05
N LEU A 1797 28.47 19.14 -76.23
CA LEU A 1797 27.50 19.54 -77.23
C LEU A 1797 26.82 18.34 -77.89
N MET A 1798 27.36 17.15 -77.72
CA MET A 1798 26.78 15.93 -78.27
C MET A 1798 26.43 14.97 -77.14
N GLU A 1799 25.76 13.88 -77.50
CA GLU A 1799 25.30 12.93 -76.49
C GLU A 1799 26.49 12.17 -75.89
N GLN A 1800 26.50 12.08 -74.57
CA GLN A 1800 27.54 11.39 -73.82
C GLN A 1800 26.91 10.47 -72.81
N PRO A 1801 27.61 9.43 -72.38
CA PRO A 1801 27.12 8.63 -71.26
C PRO A 1801 27.04 9.46 -70.01
N PRO A 1802 26.08 9.16 -69.12
CA PRO A 1802 25.86 10.03 -67.95
C PRO A 1802 27.10 10.22 -67.08
N LEU A 1803 27.85 9.15 -66.79
CA LEU A 1803 29.04 9.28 -65.97
C LEU A 1803 30.09 10.14 -66.65
N ARG A 1804 30.33 9.88 -67.94
CA ARG A 1804 31.29 10.69 -68.69
C ARG A 1804 30.79 12.11 -68.86
N ARG A 1805 29.46 12.30 -68.96
CA ARG A 1805 28.92 13.65 -69.03
C ARG A 1805 29.19 14.42 -67.74
N ARG A 1806 29.00 13.77 -66.59
CA ARG A 1806 29.29 14.44 -65.33
C ARG A 1806 30.78 14.75 -65.19
N LYS A 1807 31.64 13.82 -65.63
CA LYS A 1807 33.07 14.10 -65.64
C LYS A 1807 33.39 15.30 -66.53
N LEU A 1808 32.75 15.38 -67.69
CA LEU A 1808 32.97 16.50 -68.60
C LEU A 1808 32.52 17.81 -67.97
N GLU A 1809 31.39 17.81 -67.27
CA GLU A 1809 30.93 19.03 -66.62
C GLU A 1809 31.89 19.46 -65.53
N HIS A 1810 32.40 18.52 -64.73
CA HIS A 1810 33.38 18.84 -63.71
C HIS A 1810 34.63 19.44 -64.33
N LEU A 1811 35.11 18.83 -65.41
CA LEU A 1811 36.29 19.34 -66.10
C LEU A 1811 36.05 20.72 -66.68
N ILE A 1812 34.86 20.96 -67.23
CA ILE A 1812 34.54 22.27 -67.79
C ILE A 1812 34.59 23.32 -66.70
N THR A 1813 33.98 23.03 -65.55
CA THR A 1813 33.99 23.98 -64.45
C THR A 1813 35.42 24.28 -63.99
N GLU A 1814 36.23 23.22 -63.80
CA GLU A 1814 37.59 23.43 -63.32
C GLU A 1814 38.43 24.20 -64.33
N LEU A 1815 38.31 23.87 -65.62
CA LEU A 1815 39.09 24.57 -66.63
C LEU A 1815 38.61 26.00 -66.81
N VAL A 1816 37.32 26.28 -66.61
CA VAL A 1816 36.86 27.67 -66.62
C VAL A 1816 37.51 28.45 -65.49
N HIS A 1817 37.56 27.86 -64.29
CA HIS A 1817 38.23 28.54 -63.19
C HIS A 1817 39.71 28.76 -63.48
N GLN A 1818 40.38 27.74 -64.02
CA GLN A 1818 41.80 27.87 -64.35
C GLN A 1818 42.03 28.93 -65.41
N ARG A 1819 41.13 29.00 -66.40
CA ARG A 1819 41.22 30.02 -67.43
C ARG A 1819 41.09 31.42 -66.84
N ASP A 1820 40.13 31.59 -65.93
CA ASP A 1820 39.96 32.90 -65.28
C ASP A 1820 41.19 33.27 -64.47
N VAL A 1821 41.75 32.30 -63.73
CA VAL A 1821 42.93 32.59 -62.92
C VAL A 1821 44.13 32.94 -63.81
N THR A 1822 44.30 32.23 -64.92
CA THR A 1822 45.40 32.52 -65.84
C THR A 1822 45.24 33.90 -66.47
N ARG A 1823 44.01 34.26 -66.85
CA ARG A 1823 43.77 35.60 -67.36
C ARG A 1823 44.11 36.67 -66.32
N SER A 1824 43.73 36.43 -65.07
CA SER A 1824 44.05 37.39 -64.01
C SER A 1824 45.55 37.51 -63.83
N LEU A 1825 46.26 36.39 -63.87
CA LEU A 1825 47.72 36.42 -63.74
C LEU A 1825 48.37 37.19 -64.88
N ILE A 1826 47.89 36.96 -66.12
CA ILE A 1826 48.45 37.65 -67.27
C ILE A 1826 48.17 39.15 -67.19
N LYS A 1827 46.95 39.53 -66.80
CA LYS A 1827 46.60 40.94 -66.76
C LYS A 1827 47.42 41.69 -65.71
N SER A 1828 47.73 41.05 -64.59
CA SER A 1828 48.47 41.70 -63.52
C SER A 1828 49.98 41.66 -63.74
N LYS A 1829 50.44 41.05 -64.83
CA LYS A 1829 51.87 40.98 -65.16
C LYS A 1829 52.67 40.29 -64.05
N ILE A 1830 52.23 39.10 -63.67
CA ILE A 1830 52.93 38.32 -62.66
C ILE A 1830 54.10 37.60 -63.33
N ASP A 1831 55.30 37.80 -62.79
CA ASP A 1831 56.51 37.22 -63.35
C ASP A 1831 57.37 36.52 -62.30
N ASN A 1832 56.85 36.30 -61.10
CA ASN A 1832 57.58 35.61 -60.05
C ASN A 1832 56.70 34.52 -59.45
N ALA A 1833 57.31 33.37 -59.18
CA ALA A 1833 56.57 32.27 -58.57
C ALA A 1833 56.30 32.51 -57.09
N LYS A 1834 57.01 33.45 -56.46
CA LYS A 1834 56.79 33.80 -55.08
C LYS A 1834 55.86 34.99 -54.91
N SER A 1835 55.34 35.53 -56.00
CA SER A 1835 54.38 36.63 -55.91
C SER A 1835 53.08 36.15 -55.27
N PHE A 1836 52.43 37.06 -54.54
CA PHE A 1836 51.22 36.66 -53.81
C PHE A 1836 50.04 36.44 -54.75
N GLU A 1837 50.02 37.10 -55.91
CA GLU A 1837 48.92 36.88 -56.84
C GLU A 1837 48.87 35.44 -57.31
N TRP A 1838 50.02 34.79 -57.44
CA TRP A 1838 50.07 33.35 -57.72
C TRP A 1838 49.99 32.52 -56.45
N LEU A 1839 50.61 32.99 -55.36
CA LEU A 1839 50.57 32.25 -54.11
C LEU A 1839 49.14 32.16 -53.58
N SER A 1840 48.37 33.24 -53.70
CA SER A 1840 47.01 33.25 -53.17
C SER A 1840 46.14 32.17 -53.80
N GLN A 1841 46.45 31.76 -55.02
CA GLN A 1841 45.68 30.72 -55.68
C GLN A 1841 45.95 29.35 -55.04
N MET A 1842 45.01 28.44 -55.21
CA MET A 1842 45.16 27.08 -54.72
C MET A 1842 45.98 26.30 -55.73
N ARG A 1843 47.12 25.77 -55.29
CA ARG A 1843 48.10 25.15 -56.18
C ARG A 1843 48.37 23.71 -55.74
N PHE A 1844 48.52 22.83 -56.73
CA PHE A 1844 48.73 21.41 -56.50
C PHE A 1844 50.12 21.02 -56.99
N TYR A 1845 50.84 20.25 -56.17
CA TYR A 1845 52.19 19.81 -56.50
C TYR A 1845 52.27 18.31 -56.34
N PHE A 1846 52.73 17.63 -57.40
CA PHE A 1846 52.90 16.19 -57.39
C PHE A 1846 54.39 15.86 -57.39
N ASP A 1847 54.80 14.97 -56.49
CA ASP A 1847 56.20 14.55 -56.34
C ASP A 1847 56.26 13.06 -56.60
N PRO A 1848 56.54 12.64 -57.84
CA PRO A 1848 56.57 11.20 -58.14
C PRO A 1848 57.65 10.43 -57.42
N LYS A 1849 58.69 11.11 -56.93
CA LYS A 1849 59.81 10.46 -56.25
C LYS A 1849 59.64 10.40 -54.74
N GLN A 1850 58.41 10.35 -54.25
CA GLN A 1850 58.14 10.21 -52.83
C GLN A 1850 57.85 8.75 -52.51
N THR A 1851 58.52 8.22 -51.48
CA THR A 1851 58.36 6.81 -51.14
C THR A 1851 56.96 6.49 -50.66
N ASP A 1852 56.22 7.48 -50.15
CA ASP A 1852 54.86 7.28 -49.67
C ASP A 1852 53.89 7.82 -50.71
N VAL A 1853 53.00 6.96 -51.20
CA VAL A 1853 52.05 7.37 -52.23
C VAL A 1853 51.07 8.40 -51.68
N LEU A 1854 50.70 8.27 -50.40
CA LEU A 1854 49.74 9.20 -49.81
C LEU A 1854 50.31 10.60 -49.62
N GLN A 1855 51.64 10.73 -49.55
CA GLN A 1855 52.29 12.01 -49.36
C GLN A 1855 52.80 12.61 -50.66
N GLN A 1856 52.45 12.02 -51.80
CA GLN A 1856 52.98 12.50 -53.07
C GLN A 1856 52.39 13.84 -53.47
N LEU A 1857 51.09 14.03 -53.22
CA LEU A 1857 50.39 15.25 -53.62
C LEU A 1857 50.29 16.21 -52.45
N SER A 1858 50.63 17.48 -52.70
CA SER A 1858 50.51 18.53 -51.70
C SER A 1858 49.72 19.69 -52.29
N ILE A 1859 48.76 20.18 -51.51
CA ILE A 1859 47.93 21.31 -51.91
C ILE A 1859 48.29 22.50 -51.02
N GLN A 1860 48.64 23.62 -51.65
CA GLN A 1860 49.07 24.80 -50.93
C GLN A 1860 48.29 26.01 -51.42
N MET A 1861 47.75 26.80 -50.47
CA MET A 1861 47.05 28.03 -50.84
C MET A 1861 47.64 29.16 -49.99
N ALA A 1862 48.81 29.64 -50.42
CA ALA A 1862 49.50 30.85 -49.99
C ALA A 1862 50.09 30.80 -48.58
N ASN A 1863 49.65 29.87 -47.73
CA ASN A 1863 50.35 29.70 -46.46
C ASN A 1863 50.33 28.25 -45.98
N ALA A 1864 49.42 27.45 -46.51
CA ALA A 1864 49.00 26.23 -45.86
C ALA A 1864 49.40 25.00 -46.67
N LYS A 1865 49.87 23.98 -45.97
CA LYS A 1865 50.33 22.74 -46.59
C LYS A 1865 49.32 21.65 -46.20
N PHE A 1866 48.54 21.18 -47.18
CA PHE A 1866 47.62 20.08 -46.97
C PHE A 1866 48.04 18.88 -47.80
N ASN A 1867 47.77 17.70 -47.26
CA ASN A 1867 47.93 16.46 -48.01
C ASN A 1867 46.55 15.96 -48.41
N TYR A 1868 46.46 15.44 -49.63
CA TYR A 1868 45.19 14.87 -50.09
C TYR A 1868 44.81 13.69 -49.22
N GLY A 1869 43.57 13.69 -48.74
CA GLY A 1869 43.10 12.60 -47.90
C GLY A 1869 42.85 11.32 -48.64
N PHE A 1870 42.66 11.40 -49.96
CA PHE A 1870 42.40 10.23 -50.81
C PHE A 1870 41.17 9.45 -50.35
N GLU A 1871 40.21 10.17 -49.78
CA GLU A 1871 38.90 9.59 -49.54
C GLU A 1871 38.16 9.44 -50.87
N TYR A 1872 37.54 8.28 -51.09
CA TYR A 1872 36.80 8.08 -52.32
C TYR A 1872 35.49 8.85 -52.25
N LEU A 1873 35.42 9.96 -52.97
CA LEU A 1873 34.26 10.85 -52.96
C LEU A 1873 33.22 10.48 -54.00
N GLY A 1874 33.49 9.48 -54.83
CA GLY A 1874 32.54 9.15 -55.89
C GLY A 1874 32.43 10.28 -56.89
N VAL A 1875 31.21 10.53 -57.35
CA VAL A 1875 30.95 11.62 -58.27
C VAL A 1875 30.16 12.71 -57.56
N GLN A 1876 30.86 13.68 -56.99
CA GLN A 1876 30.22 14.78 -56.30
C GLN A 1876 29.77 15.85 -57.30
N ASP A 1877 28.90 16.74 -56.84
CA ASP A 1877 28.41 17.84 -57.65
C ASP A 1877 29.33 19.04 -57.39
N LYS A 1878 30.22 19.30 -58.34
CA LYS A 1878 31.19 20.37 -58.18
C LYS A 1878 30.52 21.73 -58.20
N LEU A 1879 31.11 22.66 -57.47
CA LEU A 1879 30.62 24.04 -57.38
C LEU A 1879 31.37 24.93 -58.35
N VAL A 1880 30.72 25.99 -58.79
CA VAL A 1880 31.37 27.00 -59.59
C VAL A 1880 32.26 27.85 -58.70
N GLN A 1881 33.53 28.00 -59.07
CA GLN A 1881 34.51 28.68 -58.24
C GLN A 1881 34.38 30.19 -58.45
N THR A 1882 33.39 30.76 -57.76
CA THR A 1882 33.18 32.19 -57.77
C THR A 1882 34.23 32.91 -56.92
N PRO A 1883 34.39 34.22 -57.09
CA PRO A 1883 35.29 34.96 -56.20
C PRO A 1883 34.95 34.79 -54.73
N LEU A 1884 33.66 34.70 -54.39
CA LEU A 1884 33.28 34.41 -53.02
C LEU A 1884 33.79 33.03 -52.58
N THR A 1885 33.72 32.04 -53.49
CA THR A 1885 34.25 30.73 -53.17
C THR A 1885 35.75 30.78 -52.94
N ASP A 1886 36.47 31.57 -53.74
CA ASP A 1886 37.92 31.71 -53.54
C ASP A 1886 38.23 32.38 -52.21
N ARG A 1887 37.46 33.41 -51.85
CA ARG A 1887 37.66 34.07 -50.56
C ARG A 1887 37.37 33.11 -49.41
N CYS A 1888 36.33 32.30 -49.55
CA CYS A 1888 36.02 31.29 -48.53
C CYS A 1888 37.16 30.28 -48.42
N TYR A 1889 37.70 29.84 -49.55
CA TYR A 1889 38.82 28.92 -49.52
C TYR A 1889 40.02 29.54 -48.81
N LEU A 1890 40.32 30.81 -49.13
CA LEU A 1890 41.45 31.47 -48.49
C LEU A 1890 41.27 31.54 -46.98
N THR A 1891 40.11 32.03 -46.53
CA THR A 1891 39.88 32.18 -45.10
C THR A 1891 39.88 30.83 -44.39
N MET A 1892 39.28 29.81 -45.00
CA MET A 1892 39.18 28.52 -44.33
C MET A 1892 40.52 27.81 -44.30
N THR A 1893 41.33 27.94 -45.35
CA THR A 1893 42.67 27.37 -45.31
C THR A 1893 43.56 28.10 -44.32
N GLN A 1894 43.38 29.42 -44.18
CA GLN A 1894 44.10 30.15 -43.14
C GLN A 1894 43.71 29.66 -41.76
N ALA A 1895 42.41 29.41 -41.55
CA ALA A 1895 41.96 28.85 -40.27
C ALA A 1895 42.54 27.46 -40.04
N LEU A 1896 42.57 26.63 -41.09
CA LEU A 1896 43.08 25.27 -40.94
C LEU A 1896 44.56 25.25 -40.62
N GLU A 1897 45.35 26.11 -41.27
CA GLU A 1897 46.78 26.15 -40.99
C GLU A 1897 47.04 26.61 -39.56
N ALA A 1898 46.25 27.57 -39.07
CA ALA A 1898 46.34 27.99 -37.68
C ALA A 1898 45.72 27.00 -36.71
N ARG A 1899 45.29 25.83 -37.19
CA ARG A 1899 44.62 24.81 -36.38
C ARG A 1899 43.35 25.32 -35.73
N LEU A 1900 42.75 26.35 -36.29
CA LEU A 1900 41.46 26.86 -35.84
C LEU A 1900 40.34 26.22 -36.65
N GLY A 1901 39.10 26.54 -36.32
CA GLY A 1901 37.95 26.14 -37.10
C GLY A 1901 37.52 27.26 -38.04
N GLY A 1902 36.62 26.93 -38.95
CA GLY A 1902 36.07 27.87 -39.90
C GLY A 1902 34.61 28.15 -39.59
N SER A 1903 34.23 29.42 -39.71
CA SER A 1903 32.88 29.88 -39.42
C SER A 1903 32.38 30.78 -40.54
N PRO A 1904 31.86 30.20 -41.62
CA PRO A 1904 31.13 31.03 -42.59
C PRO A 1904 29.76 31.38 -42.05
N PHE A 1905 29.40 32.67 -42.18
CA PHE A 1905 28.13 33.15 -41.68
C PHE A 1905 27.49 34.06 -42.72
N GLY A 1906 26.17 34.18 -42.61
CA GLY A 1906 25.41 34.98 -43.54
C GLY A 1906 23.98 34.48 -43.66
N PRO A 1907 23.18 35.13 -44.49
CA PRO A 1907 21.79 34.69 -44.69
C PRO A 1907 21.75 33.34 -45.41
N ALA A 1908 20.55 32.77 -45.43
CA ALA A 1908 20.37 31.47 -46.05
C ALA A 1908 20.53 31.54 -47.56
N GLY A 1909 20.95 30.43 -48.16
CA GLY A 1909 21.08 30.35 -49.59
C GLY A 1909 22.29 31.04 -50.17
N THR A 1910 23.32 31.30 -49.37
CA THR A 1910 24.53 31.94 -49.87
C THR A 1910 25.65 30.95 -50.17
N GLY A 1911 25.42 29.66 -49.97
CA GLY A 1911 26.41 28.66 -50.32
C GLY A 1911 27.52 28.48 -49.31
N LYS A 1912 27.16 28.39 -48.02
CA LYS A 1912 28.15 28.20 -46.97
C LYS A 1912 28.45 26.73 -46.75
N THR A 1913 27.41 25.93 -46.55
CA THR A 1913 27.59 24.48 -46.37
C THR A 1913 28.21 23.85 -47.61
N GLU A 1914 27.76 24.24 -48.79
CA GLU A 1914 28.33 23.68 -50.01
C GLU A 1914 29.76 24.14 -50.23
N SER A 1915 30.08 25.39 -49.85
CA SER A 1915 31.46 25.83 -49.96
C SER A 1915 32.38 25.04 -49.03
N VAL A 1916 31.93 24.79 -47.80
CA VAL A 1916 32.73 23.98 -46.88
C VAL A 1916 32.90 22.57 -47.42
N LYS A 1917 31.81 21.97 -47.93
CA LYS A 1917 31.90 20.63 -48.48
C LYS A 1917 32.81 20.59 -49.71
N ALA A 1918 32.75 21.62 -50.55
CA ALA A 1918 33.60 21.67 -51.74
C ALA A 1918 35.07 21.80 -51.36
N LEU A 1919 35.39 22.62 -50.36
CA LEU A 1919 36.77 22.69 -49.90
C LEU A 1919 37.23 21.37 -49.30
N GLY A 1920 36.34 20.68 -48.57
CA GLY A 1920 36.70 19.39 -48.02
C GLY A 1920 36.94 18.35 -49.11
N HIS A 1921 36.12 18.37 -50.15
CA HIS A 1921 36.30 17.43 -51.26
C HIS A 1921 37.52 17.79 -52.10
N GLN A 1922 37.89 19.06 -52.13
CA GLN A 1922 39.09 19.47 -52.85
C GLN A 1922 40.35 18.90 -52.21
N LEU A 1923 40.34 18.74 -50.90
CA LEU A 1923 41.43 18.11 -50.17
C LEU A 1923 41.21 16.62 -49.95
N GLY A 1924 40.18 16.05 -50.57
CA GLY A 1924 39.90 14.63 -50.41
C GLY A 1924 39.53 14.24 -49.00
N ARG A 1925 38.72 15.05 -48.34
CA ARG A 1925 38.35 14.82 -46.95
C ARG A 1925 36.93 14.26 -46.87
N PHE A 1926 36.69 13.45 -45.84
CA PHE A 1926 35.36 12.95 -45.54
C PHE A 1926 34.65 14.02 -44.73
N VAL A 1927 33.74 14.75 -45.36
CA VAL A 1927 33.03 15.85 -44.73
C VAL A 1927 31.66 15.35 -44.30
N LEU A 1928 31.40 15.42 -42.99
CA LEU A 1928 30.10 15.04 -42.44
C LEU A 1928 29.33 16.28 -42.05
N VAL A 1929 28.12 16.40 -42.58
CA VAL A 1929 27.25 17.55 -42.35
C VAL A 1929 26.27 17.20 -41.24
N PHE A 1930 26.22 18.03 -40.20
CA PHE A 1930 25.31 17.85 -39.08
C PHE A 1930 24.36 19.02 -39.02
N ASN A 1931 23.06 18.73 -38.91
CA ASN A 1931 22.04 19.76 -38.76
C ASN A 1931 21.79 19.91 -37.26
N CYS A 1932 22.51 20.84 -36.65
CA CYS A 1932 22.49 20.98 -35.19
C CYS A 1932 21.17 21.58 -34.73
N ASP A 1933 20.82 21.26 -33.48
CA ASP A 1933 19.64 21.83 -32.83
C ASP A 1933 19.88 21.82 -31.33
N GLU A 1934 18.87 22.21 -30.56
CA GLU A 1934 19.03 22.37 -29.13
C GLU A 1934 19.32 21.07 -28.40
N THR A 1935 19.06 19.93 -29.04
CA THR A 1935 19.31 18.63 -28.42
C THR A 1935 20.75 18.15 -28.61
N PHE A 1936 21.57 18.88 -29.37
CA PHE A 1936 22.98 18.55 -29.52
C PHE A 1936 23.71 19.04 -28.27
N ASP A 1937 23.60 18.26 -27.20
CA ASP A 1937 24.10 18.66 -25.89
C ASP A 1937 25.60 18.40 -25.82
N PHE A 1938 26.16 18.53 -24.60
CA PHE A 1938 27.60 18.37 -24.42
C PHE A 1938 28.06 16.95 -24.72
N GLN A 1939 27.31 15.95 -24.26
CA GLN A 1939 27.73 14.57 -24.44
C GLN A 1939 27.60 14.13 -25.89
N ALA A 1940 26.51 14.52 -26.57
CA ALA A 1940 26.34 14.16 -27.97
C ALA A 1940 27.43 14.77 -28.83
N MET A 1941 27.74 16.05 -28.60
CA MET A 1941 28.80 16.70 -29.35
C MET A 1941 30.16 16.09 -29.01
N GLY A 1942 30.36 15.70 -27.76
CA GLY A 1942 31.61 15.03 -27.40
C GLY A 1942 31.80 13.72 -28.14
N ARG A 1943 30.73 12.92 -28.22
CA ARG A 1943 30.80 11.67 -28.95
C ARG A 1943 31.03 11.90 -30.45
N ILE A 1944 30.36 12.91 -31.02
CA ILE A 1944 30.57 13.23 -32.43
C ILE A 1944 32.03 13.65 -32.66
N PHE A 1945 32.57 14.47 -31.76
CA PHE A 1945 33.96 14.88 -31.86
C PHE A 1945 34.91 13.70 -31.74
N VAL A 1946 34.59 12.75 -30.86
CA VAL A 1946 35.41 11.54 -30.73
C VAL A 1946 35.43 10.78 -32.05
N GLY A 1947 34.26 10.60 -32.65
CA GLY A 1947 34.18 9.92 -33.94
C GLY A 1947 34.97 10.64 -35.02
N LEU A 1948 34.84 11.96 -35.09
CA LEU A 1948 35.56 12.74 -36.09
C LEU A 1948 37.06 12.66 -35.89
N CYS A 1949 37.52 12.74 -34.64
CA CYS A 1949 38.95 12.70 -34.37
C CYS A 1949 39.54 11.33 -34.70
N GLN A 1950 38.85 10.25 -34.29
CA GLN A 1950 39.37 8.92 -34.60
C GLN A 1950 39.33 8.64 -36.08
N VAL A 1951 38.25 9.00 -36.77
CA VAL A 1951 38.16 8.77 -38.20
C VAL A 1951 39.12 9.68 -38.95
N GLY A 1952 39.18 10.95 -38.58
CA GLY A 1952 39.95 11.93 -39.32
C GLY A 1952 39.10 12.61 -40.37
N ALA A 1953 37.86 12.89 -40.02
CA ALA A 1953 36.88 13.46 -40.92
C ALA A 1953 36.60 14.91 -40.55
N TRP A 1954 36.02 15.64 -41.50
CA TRP A 1954 35.63 17.03 -41.31
C TRP A 1954 34.21 17.09 -40.78
N GLY A 1955 34.00 17.92 -39.77
CA GLY A 1955 32.67 18.10 -39.23
C GLY A 1955 32.10 19.48 -39.52
N CYS A 1956 31.13 19.55 -40.42
CA CYS A 1956 30.46 20.80 -40.76
C CYS A 1956 29.17 20.86 -39.97
N PHE A 1957 29.15 21.65 -38.91
CA PHE A 1957 28.00 21.75 -38.02
C PHE A 1957 27.14 22.93 -38.47
N ASP A 1958 26.14 22.65 -39.29
CA ASP A 1958 25.22 23.67 -39.77
C ASP A 1958 24.26 24.08 -38.67
N GLU A 1959 23.81 25.33 -38.73
CA GLU A 1959 22.88 25.90 -37.77
C GLU A 1959 23.42 25.74 -36.34
N PHE A 1960 24.70 26.08 -36.18
CA PHE A 1960 25.38 25.89 -34.91
C PHE A 1960 24.77 26.74 -33.80
N ASN A 1961 24.34 27.95 -34.11
CA ASN A 1961 23.76 28.80 -33.09
C ASN A 1961 22.37 28.34 -32.61
N ARG A 1962 21.89 27.17 -33.06
CA ARG A 1962 20.67 26.60 -32.52
C ARG A 1962 20.90 25.86 -31.21
N LEU A 1963 22.15 25.58 -30.85
CA LEU A 1963 22.44 24.99 -29.54
C LEU A 1963 22.18 25.98 -28.44
N GLU A 1964 21.91 25.47 -27.24
CA GLU A 1964 21.78 26.33 -26.08
C GLU A 1964 23.11 26.97 -25.74
N GLU A 1965 23.05 28.18 -25.17
CA GLU A 1965 24.27 28.92 -24.88
C GLU A 1965 25.15 28.20 -23.87
N ARG A 1966 24.53 27.58 -22.86
CA ARG A 1966 25.30 26.79 -21.91
C ARG A 1966 25.97 25.61 -22.60
N MET A 1967 25.28 24.97 -23.54
CA MET A 1967 25.88 23.87 -24.27
C MET A 1967 27.00 24.34 -25.20
N LEU A 1968 26.84 25.52 -25.81
CA LEU A 1968 27.93 26.08 -26.61
C LEU A 1968 29.16 26.34 -25.76
N SER A 1969 28.95 26.93 -24.58
CA SER A 1969 30.06 27.18 -23.66
C SER A 1969 30.74 25.88 -23.25
N ALA A 1970 29.95 24.84 -22.96
CA ALA A 1970 30.53 23.56 -22.58
C ALA A 1970 31.31 22.93 -23.74
N VAL A 1971 30.78 22.99 -24.95
CA VAL A 1971 31.45 22.43 -26.13
C VAL A 1971 32.72 23.19 -26.47
N SER A 1972 32.81 24.46 -26.07
CA SER A 1972 34.04 25.22 -26.29
C SER A 1972 35.26 24.51 -25.69
N GLN A 1973 35.07 23.84 -24.55
CA GLN A 1973 36.17 23.12 -23.91
C GLN A 1973 36.69 22.00 -24.81
N GLN A 1974 35.78 21.18 -25.35
CA GLN A 1974 36.18 20.09 -26.22
C GLN A 1974 36.83 20.62 -27.50
N VAL A 1975 36.28 21.70 -28.04
CA VAL A 1975 36.87 22.30 -29.25
C VAL A 1975 38.29 22.76 -28.97
N GLN A 1976 38.50 23.41 -27.82
CA GLN A 1976 39.84 23.87 -27.45
C GLN A 1976 40.80 22.71 -27.28
N CYS A 1977 40.37 21.63 -26.63
CA CYS A 1977 41.24 20.48 -26.45
C CYS A 1977 41.61 19.85 -27.80
N ILE A 1978 40.64 19.72 -28.70
CA ILE A 1978 40.91 19.15 -30.01
C ILE A 1978 41.89 20.03 -30.77
N GLN A 1979 41.70 21.35 -30.72
CA GLN A 1979 42.61 22.25 -31.42
C GLN A 1979 44.01 22.21 -30.82
N GLU A 1980 44.12 22.05 -29.50
CA GLU A 1980 45.43 21.91 -28.88
C GLU A 1980 46.12 20.63 -29.34
N ALA A 1981 45.38 19.53 -29.43
CA ALA A 1981 45.97 18.30 -29.93
C ALA A 1981 46.42 18.44 -31.38
N LEU A 1982 45.60 19.08 -32.22
CA LEU A 1982 45.98 19.31 -33.60
C LEU A 1982 47.22 20.19 -33.69
N ARG A 1983 47.30 21.22 -32.84
CA ARG A 1983 48.45 22.11 -32.84
C ARG A 1983 49.72 21.37 -32.43
N GLU A 1984 49.64 20.52 -31.40
CA GLU A 1984 50.81 19.75 -31.01
C GLU A 1984 51.11 18.63 -32.00
N HIS A 1985 50.19 18.34 -32.92
CA HIS A 1985 50.51 17.39 -33.99
C HIS A 1985 51.44 18.01 -35.02
N SER A 1986 51.43 19.34 -35.15
CA SER A 1986 52.21 20.02 -36.17
C SER A 1986 53.62 20.36 -35.72
N ASN A 1987 54.00 20.04 -34.48
CA ASN A 1987 55.34 20.35 -34.00
C ASN A 1987 56.37 19.47 -34.72
N PRO A 1988 57.59 19.98 -34.89
CA PRO A 1988 58.59 19.21 -35.65
C PRO A 1988 59.24 18.09 -34.86
N ASN A 1989 59.41 18.29 -33.54
CA ASN A 1989 60.11 17.30 -32.73
C ASN A 1989 59.37 15.97 -32.70
N TYR A 1990 58.05 16.01 -32.59
CA TYR A 1990 57.26 14.77 -32.59
C TYR A 1990 57.24 14.17 -33.99
N ASP A 1991 57.38 12.85 -34.05
CA ASP A 1991 57.30 12.11 -35.31
C ASP A 1991 56.38 10.91 -35.13
N LYS A 1992 55.95 10.35 -36.26
CA LYS A 1992 54.99 9.25 -36.26
C LYS A 1992 55.55 7.97 -35.64
N THR A 1993 56.83 7.94 -35.28
CA THR A 1993 57.40 6.80 -34.58
C THR A 1993 57.25 6.90 -33.06
N SER A 1994 56.66 7.98 -32.57
CA SER A 1994 56.45 8.17 -31.14
C SER A 1994 55.07 7.65 -30.75
N ALA A 1995 54.64 7.94 -29.53
CA ALA A 1995 53.31 7.55 -29.09
C ALA A 1995 52.26 8.36 -29.83
N PRO A 1996 51.09 7.78 -30.12
CA PRO A 1996 50.04 8.54 -30.81
C PRO A 1996 49.54 9.69 -29.95
N ILE A 1997 49.11 10.75 -30.63
CA ILE A 1997 48.63 11.96 -29.97
C ILE A 1997 47.15 11.79 -29.65
N THR A 1998 46.79 12.05 -28.39
CA THR A 1998 45.42 11.92 -27.92
C THR A 1998 44.99 13.20 -27.23
N CYS A 1999 43.69 13.40 -27.16
CA CYS A 1999 43.09 14.51 -26.43
C CYS A 1999 42.09 13.97 -25.42
N GLU A 2000 41.70 14.84 -24.49
CA GLU A 2000 40.79 14.47 -23.41
C GLU A 2000 39.36 14.75 -23.84
N LEU A 2001 38.62 13.71 -24.23
CA LEU A 2001 37.23 13.84 -24.63
C LEU A 2001 36.39 12.86 -23.83
N LEU A 2002 35.32 13.38 -23.20
CA LEU A 2002 34.37 12.56 -22.44
C LEU A 2002 35.07 11.66 -21.43
N ASN A 2003 36.02 12.25 -20.70
CA ASN A 2003 36.79 11.58 -19.66
C ASN A 2003 37.58 10.39 -20.20
N LYS A 2004 38.02 10.47 -21.46
CA LYS A 2004 38.82 9.41 -22.05
C LYS A 2004 39.85 10.02 -22.99
N GLN A 2005 40.88 9.22 -23.28
CA GLN A 2005 41.92 9.63 -24.21
C GLN A 2005 41.55 9.16 -25.62
N VAL A 2006 41.34 10.10 -26.52
CA VAL A 2006 40.90 9.81 -27.88
C VAL A 2006 41.97 10.27 -28.85
N LYS A 2007 42.42 9.35 -29.71
CA LYS A 2007 43.43 9.69 -30.70
C LYS A 2007 42.87 10.69 -31.70
N VAL A 2008 43.68 11.70 -32.04
CA VAL A 2008 43.27 12.77 -32.95
C VAL A 2008 44.03 12.59 -34.25
N SER A 2009 43.31 12.30 -35.33
CA SER A 2009 43.93 12.25 -36.64
C SER A 2009 44.17 13.67 -37.15
N PRO A 2010 45.28 13.91 -37.85
CA PRO A 2010 45.59 15.26 -38.32
C PRO A 2010 44.65 15.76 -39.42
N ASP A 2011 43.89 14.88 -40.06
CA ASP A 2011 43.03 15.27 -41.16
C ASP A 2011 41.70 15.87 -40.70
N MET A 2012 41.38 15.82 -39.41
CA MET A 2012 40.08 16.26 -38.95
C MET A 2012 40.02 17.78 -38.85
N ALA A 2013 38.80 18.31 -38.93
CA ALA A 2013 38.56 19.74 -38.81
C ALA A 2013 37.14 19.96 -38.34
N ILE A 2014 36.89 21.13 -37.77
CA ILE A 2014 35.57 21.51 -37.29
C ILE A 2014 35.17 22.81 -37.98
N PHE A 2015 34.02 22.79 -38.65
CA PHE A 2015 33.44 23.97 -39.28
C PHE A 2015 32.03 24.17 -38.76
N ILE A 2016 31.68 25.42 -38.49
CA ILE A 2016 30.35 25.78 -38.01
C ILE A 2016 29.75 26.78 -39.00
N THR A 2017 28.50 26.54 -39.39
CA THR A 2017 27.78 27.39 -40.32
C THR A 2017 26.54 27.92 -39.62
N MET A 2018 26.36 29.24 -39.64
CA MET A 2018 25.28 29.85 -38.90
C MET A 2018 24.78 31.08 -39.62
N ASN A 2019 23.53 31.43 -39.33
CA ASN A 2019 22.95 32.70 -39.77
C ASN A 2019 22.72 33.57 -38.55
N PRO A 2020 23.55 34.58 -38.30
CA PRO A 2020 23.39 35.40 -37.10
C PRO A 2020 22.25 36.42 -37.17
N GLY A 2021 21.48 36.41 -38.26
CA GLY A 2021 20.37 37.33 -38.40
C GLY A 2021 19.03 36.83 -37.89
N TYR A 2022 18.90 35.53 -37.65
CA TYR A 2022 17.65 35.00 -37.14
C TYR A 2022 17.44 35.41 -35.68
N ALA A 2023 16.21 35.81 -35.37
CA ALA A 2023 15.86 36.17 -34.00
C ALA A 2023 15.64 34.91 -33.17
N GLY A 2024 16.04 34.97 -31.91
CA GLY A 2024 15.91 33.85 -31.01
C GLY A 2024 17.05 32.85 -31.05
N ARG A 2025 18.02 33.04 -31.94
CA ARG A 2025 19.17 32.15 -31.99
C ARG A 2025 20.13 32.47 -30.86
N SER A 2026 20.86 31.45 -30.41
CA SER A 2026 21.81 31.63 -29.32
C SER A 2026 22.99 32.47 -29.76
N ASN A 2027 23.57 33.18 -28.80
CA ASN A 2027 24.78 33.96 -29.02
C ASN A 2027 25.98 33.16 -28.54
N LEU A 2028 26.95 32.97 -29.42
CA LEU A 2028 28.12 32.18 -29.08
C LEU A 2028 28.96 32.90 -28.04
N PRO A 2029 29.41 32.21 -26.99
CA PRO A 2029 30.31 32.84 -26.04
C PRO A 2029 31.63 33.23 -26.70
N ASP A 2030 32.25 34.27 -26.16
CA ASP A 2030 33.47 34.80 -26.78
C ASP A 2030 34.60 33.78 -26.78
N ASN A 2031 34.71 32.97 -25.72
CA ASN A 2031 35.74 31.96 -25.66
C ASN A 2031 35.57 30.90 -26.76
N LEU A 2032 34.34 30.67 -27.21
CA LEU A 2032 34.11 29.78 -28.35
C LEU A 2032 34.23 30.50 -29.68
N LYS A 2033 33.83 31.77 -29.75
CA LYS A 2033 33.99 32.54 -30.97
C LYS A 2033 35.45 32.77 -31.32
N LYS A 2034 36.34 32.79 -30.32
CA LYS A 2034 37.76 32.99 -30.58
C LYS A 2034 38.46 31.75 -31.13
N LEU A 2035 37.79 30.60 -31.11
CA LEU A 2035 38.36 29.37 -31.66
C LEU A 2035 38.02 29.15 -33.12
N PHE A 2036 37.27 30.06 -33.74
CA PHE A 2036 36.89 29.96 -35.14
C PHE A 2036 37.23 31.26 -35.85
N ARG A 2037 37.65 31.14 -37.10
CA ARG A 2037 37.89 32.27 -37.98
C ARG A 2037 36.65 32.44 -38.84
N SER A 2038 36.02 33.62 -38.75
CA SER A 2038 34.74 33.82 -39.39
C SER A 2038 34.90 34.49 -40.76
N LEU A 2039 33.89 34.29 -41.59
CA LEU A 2039 33.84 34.90 -42.91
C LEU A 2039 32.40 35.19 -43.29
N ALA A 2040 32.14 36.40 -43.74
CA ALA A 2040 30.80 36.82 -44.15
C ALA A 2040 30.56 36.35 -45.58
N MET A 2041 29.62 35.42 -45.74
CA MET A 2041 29.20 34.91 -47.05
C MET A 2041 27.76 35.37 -47.24
N THR A 2042 27.59 36.56 -47.83
CA THR A 2042 26.29 37.19 -47.91
C THR A 2042 25.75 37.35 -49.33
N LYS A 2043 26.61 37.54 -50.32
CA LYS A 2043 26.16 37.81 -51.69
C LYS A 2043 26.89 36.90 -52.68
N PRO A 2044 26.34 35.71 -52.97
CA PRO A 2044 26.95 34.86 -53.99
C PRO A 2044 26.86 35.48 -55.37
N ASP A 2045 27.84 35.15 -56.21
CA ASP A 2045 27.90 35.67 -57.58
C ASP A 2045 27.03 34.81 -58.47
N ARG A 2046 25.74 35.15 -58.50
CA ARG A 2046 24.77 34.33 -59.23
C ARG A 2046 25.04 34.35 -60.73
N GLN A 2047 25.50 35.48 -61.26
CA GLN A 2047 25.72 35.59 -62.69
C GLN A 2047 26.78 34.60 -63.17
N LEU A 2048 27.93 34.56 -62.49
CA LEU A 2048 28.99 33.64 -62.87
C LEU A 2048 28.55 32.20 -62.70
N ILE A 2049 27.84 31.89 -61.62
CA ILE A 2049 27.36 30.53 -61.39
C ILE A 2049 26.45 30.09 -62.54
N ALA A 2050 25.48 30.94 -62.89
CA ALA A 2050 24.57 30.60 -63.98
C ALA A 2050 25.30 30.44 -65.29
N GLN A 2051 26.24 31.35 -65.58
CA GLN A 2051 26.97 31.28 -66.84
C GLN A 2051 27.77 29.98 -66.94
N VAL A 2052 28.48 29.62 -65.87
CA VAL A 2052 29.31 28.43 -65.93
C VAL A 2052 28.46 27.16 -65.96
N MET A 2053 27.37 27.11 -65.18
CA MET A 2053 26.53 25.92 -65.22
C MET A 2053 25.89 25.74 -66.59
N LEU A 2054 25.41 26.82 -67.21
CA LEU A 2054 24.82 26.70 -68.53
C LEU A 2054 25.86 26.35 -69.57
N TYR A 2055 27.08 26.87 -69.43
CA TYR A 2055 28.16 26.54 -70.36
C TYR A 2055 28.53 25.06 -70.27
N SER A 2056 28.61 24.52 -69.05
CA SER A 2056 28.99 23.13 -68.85
C SER A 2056 27.87 22.15 -69.21
N GLN A 2057 26.63 22.61 -69.29
CA GLN A 2057 25.52 21.74 -69.63
C GLN A 2057 25.26 21.65 -71.13
N GLY A 2058 26.03 22.35 -71.94
CA GLY A 2058 25.91 22.27 -73.38
C GLY A 2058 25.13 23.38 -74.04
N PHE A 2059 24.78 24.44 -73.33
CA PHE A 2059 24.07 25.57 -73.92
C PHE A 2059 25.06 26.43 -74.69
N ARG A 2060 24.81 26.60 -76.00
CA ARG A 2060 25.75 27.36 -76.83
C ARG A 2060 25.67 28.85 -76.55
N THR A 2061 24.52 29.34 -76.10
CA THR A 2061 24.32 30.76 -75.78
C THR A 2061 24.33 31.01 -74.29
N ALA A 2062 25.23 30.32 -73.56
CA ALA A 2062 25.16 30.31 -72.10
C ALA A 2062 25.32 31.70 -71.51
N GLU A 2063 26.21 32.51 -72.07
CA GLU A 2063 26.46 33.83 -71.50
C GLU A 2063 25.22 34.72 -71.60
N VAL A 2064 24.61 34.78 -72.78
CA VAL A 2064 23.40 35.57 -72.96
C VAL A 2064 22.27 35.02 -72.10
N LEU A 2065 22.16 33.69 -72.03
CA LEU A 2065 21.09 33.08 -71.26
C LEU A 2065 21.23 33.42 -69.78
N ALA A 2066 22.46 33.39 -69.24
CA ALA A 2066 22.66 33.76 -67.85
C ALA A 2066 22.38 35.24 -67.62
N ASN A 2067 22.87 36.10 -68.53
CA ASN A 2067 22.64 37.53 -68.41
C ASN A 2067 21.17 37.88 -68.54
N LYS A 2068 20.36 36.98 -69.11
CA LYS A 2068 18.91 37.16 -69.13
C LYS A 2068 18.21 36.56 -67.92
N ILE A 2069 18.73 35.46 -67.38
CA ILE A 2069 18.00 34.72 -66.35
C ILE A 2069 18.27 35.27 -64.95
N VAL A 2070 19.46 35.80 -64.69
CA VAL A 2070 19.74 36.30 -63.34
C VAL A 2070 19.01 37.62 -63.11
N PRO A 2071 19.12 38.62 -64.00
CA PRO A 2071 18.29 39.81 -63.83
C PRO A 2071 16.80 39.51 -63.84
N PHE A 2072 16.37 38.46 -64.54
CA PHE A 2072 14.96 38.08 -64.50
C PHE A 2072 14.54 37.65 -63.10
N PHE A 2073 15.40 36.89 -62.41
CA PHE A 2073 15.09 36.51 -61.03
C PHE A 2073 15.08 37.73 -60.12
N LYS A 2074 16.02 38.66 -60.33
CA LYS A 2074 16.00 39.88 -59.54
C LYS A 2074 14.70 40.67 -59.76
N LEU A 2075 14.25 40.74 -61.02
CA LEU A 2075 13.01 41.44 -61.34
C LEU A 2075 11.81 40.74 -60.73
N CYS A 2076 11.80 39.41 -60.73
CA CYS A 2076 10.71 38.68 -60.08
C CYS A 2076 10.69 38.96 -58.58
N ASP A 2077 11.87 39.04 -57.96
CA ASP A 2077 11.93 39.36 -56.54
C ASP A 2077 11.40 40.76 -56.27
N GLU A 2078 11.76 41.73 -57.11
CA GLU A 2078 11.47 43.13 -56.84
C GLU A 2078 10.27 43.68 -57.58
N GLN A 2079 9.47 42.84 -58.25
CA GLN A 2079 8.36 43.34 -59.05
C GLN A 2079 7.05 42.63 -58.75
N LEU A 2080 7.11 41.36 -58.37
CA LEU A 2080 5.91 40.62 -58.04
C LEU A 2080 5.43 40.98 -56.63
N SER A 2081 4.25 40.49 -56.27
CA SER A 2081 3.69 40.75 -54.95
C SER A 2081 4.56 40.10 -53.88
N SER A 2082 4.54 40.69 -52.69
CA SER A 2082 5.31 40.18 -51.56
C SER A 2082 4.49 39.11 -50.85
N GLN A 2083 4.87 37.85 -51.01
CA GLN A 2083 4.19 36.73 -50.38
C GLN A 2083 5.15 35.96 -49.51
N SER A 2084 4.61 35.31 -48.48
CA SER A 2084 5.45 34.59 -47.52
C SER A 2084 6.10 33.34 -48.13
N HIS A 2085 5.52 32.78 -49.17
CA HIS A 2085 6.05 31.56 -49.78
C HIS A 2085 6.86 31.83 -51.05
N TYR A 2086 7.15 33.09 -51.35
CA TYR A 2086 7.95 33.44 -52.50
C TYR A 2086 9.44 33.39 -52.16
N ASP A 2087 10.22 32.81 -53.06
CA ASP A 2087 11.67 32.78 -52.92
C ASP A 2087 12.30 32.81 -54.30
N PHE A 2088 13.24 33.72 -54.51
CA PHE A 2088 13.95 33.86 -55.76
C PHE A 2088 15.44 34.00 -55.51
N GLY A 2089 15.98 33.20 -54.60
CA GLY A 2089 17.38 33.24 -54.25
C GLY A 2089 18.21 32.32 -55.11
N LEU A 2090 19.36 31.91 -54.56
CA LEU A 2090 20.27 31.06 -55.31
C LEU A 2090 19.74 29.64 -55.46
N ARG A 2091 18.97 29.16 -54.47
CA ARG A 2091 18.43 27.80 -54.56
C ARG A 2091 17.45 27.68 -55.71
N ALA A 2092 16.53 28.64 -55.83
CA ALA A 2092 15.58 28.61 -56.93
C ALA A 2092 16.28 28.74 -58.28
N LEU A 2093 17.29 29.62 -58.36
CA LEU A 2093 18.03 29.78 -59.61
C LEU A 2093 18.74 28.50 -60.00
N LYS A 2094 19.40 27.84 -59.05
CA LYS A 2094 20.11 26.61 -59.37
C LYS A 2094 19.15 25.49 -59.73
N SER A 2095 18.00 25.42 -59.06
CA SER A 2095 16.99 24.44 -59.44
C SER A 2095 16.50 24.69 -60.85
N VAL A 2096 16.29 25.96 -61.22
CA VAL A 2096 15.88 26.29 -62.57
C VAL A 2096 16.95 25.88 -63.58
N LEU A 2097 18.22 26.11 -63.25
CA LEU A 2097 19.29 25.74 -64.18
C LEU A 2097 19.39 24.23 -64.37
N VAL A 2098 19.29 23.46 -63.28
CA VAL A 2098 19.34 22.01 -63.40
C VAL A 2098 18.14 21.50 -64.19
N SER A 2099 16.95 22.06 -63.92
CA SER A 2099 15.78 21.70 -64.69
C SER A 2099 15.93 22.06 -66.16
N ALA A 2100 16.60 23.18 -66.45
CA ALA A 2100 16.86 23.56 -67.84
C ALA A 2100 17.77 22.55 -68.52
N GLY A 2101 18.81 22.10 -67.84
CA GLY A 2101 19.65 21.06 -68.39
C GLY A 2101 18.88 19.78 -68.67
N ASN A 2102 18.05 19.36 -67.72
CA ASN A 2102 17.26 18.15 -67.91
C ASN A 2102 16.26 18.30 -69.06
N VAL A 2103 15.62 19.46 -69.17
CA VAL A 2103 14.68 19.70 -70.25
C VAL A 2103 15.39 19.70 -71.58
N LYS A 2104 16.59 20.29 -71.65
CA LYS A 2104 17.35 20.24 -72.89
C LYS A 2104 17.69 18.82 -73.28
N ARG A 2105 18.09 18.00 -72.30
CA ARG A 2105 18.40 16.60 -72.59
C ARG A 2105 17.18 15.86 -73.10
N GLU A 2106 16.02 16.05 -72.47
CA GLU A 2106 14.83 15.33 -72.90
C GLU A 2106 14.35 15.82 -74.27
N ARG A 2107 14.50 17.12 -74.55
CA ARG A 2107 14.16 17.61 -75.88
C ARG A 2107 15.09 17.03 -76.94
N ILE A 2108 16.38 16.91 -76.62
CA ILE A 2108 17.32 16.29 -77.55
C ILE A 2108 16.91 14.85 -77.82
N GLN A 2109 16.56 14.11 -76.76
CA GLN A 2109 16.15 12.73 -76.93
C GLN A 2109 14.87 12.62 -77.78
N LYS A 2110 13.90 13.49 -77.52
CA LYS A 2110 12.65 13.44 -78.26
C LYS A 2110 12.87 13.76 -79.73
N ILE A 2111 13.67 14.80 -80.02
CA ILE A 2111 13.96 15.15 -81.41
C ILE A 2111 14.72 14.02 -82.09
N LYS A 2112 15.66 13.40 -81.38
CA LYS A 2112 16.41 12.28 -81.95
C LYS A 2112 15.49 11.12 -82.30
N ARG A 2113 14.58 10.78 -81.38
CA ARG A 2113 13.65 9.68 -81.65
C ARG A 2113 12.73 10.01 -82.82
N GLU A 2114 12.24 11.24 -82.88
CA GLU A 2114 11.38 11.64 -84.00
C GLU A 2114 12.12 11.54 -85.31
N LYS A 2115 13.40 11.95 -85.33
CA LYS A 2115 14.16 11.90 -86.57
C LYS A 2115 14.54 10.47 -86.96
N GLU A 2116 14.75 9.60 -85.97
CA GLU A 2116 14.98 8.19 -86.30
C GLU A 2116 13.73 7.56 -86.89
N GLU A 2117 12.57 7.83 -86.29
CA GLU A 2117 11.33 7.22 -86.76
C GLU A 2117 10.83 7.83 -88.07
N ARG A 2118 11.08 9.11 -88.31
CA ARG A 2118 10.68 9.80 -89.54
C ARG A 2118 11.95 9.92 -90.39
N GLY A 2119 12.05 9.08 -91.41
CA GLY A 2119 13.23 9.11 -92.27
C GLY A 2119 14.47 8.61 -91.55
N GLU A 2120 15.63 9.00 -92.07
CA GLU A 2120 16.91 8.63 -91.46
C GLU A 2120 17.90 9.76 -91.71
N ALA A 2121 17.99 10.69 -90.77
CA ALA A 2121 18.97 11.76 -90.84
C ALA A 2121 19.10 12.39 -89.45
N VAL A 2122 20.27 12.23 -88.83
CA VAL A 2122 20.55 12.84 -87.53
C VAL A 2122 21.99 13.35 -87.53
N ASP A 2123 22.19 14.53 -86.95
CA ASP A 2123 23.52 15.12 -86.82
C ASP A 2123 23.54 15.96 -85.56
N GLU A 2124 24.56 15.74 -84.71
CA GLU A 2124 24.63 16.44 -83.43
C GLU A 2124 24.74 17.95 -83.63
N GLY A 2125 25.58 18.38 -84.57
CA GLY A 2125 25.74 19.81 -84.80
C GLY A 2125 24.48 20.47 -85.32
N GLU A 2126 23.77 19.80 -86.24
CA GLU A 2126 22.53 20.36 -86.77
C GLU A 2126 21.47 20.48 -85.69
N ILE A 2127 21.37 19.46 -84.82
CA ILE A 2127 20.40 19.52 -83.73
C ILE A 2127 20.76 20.63 -82.75
N ALA A 2128 22.05 20.75 -82.42
CA ALA A 2128 22.47 21.79 -81.49
C ALA A 2128 22.20 23.18 -82.04
N GLU A 2129 22.47 23.39 -83.34
CA GLU A 2129 22.22 24.70 -83.94
C GLU A 2129 20.73 25.03 -83.93
N ASN A 2130 19.88 24.05 -84.25
CA ASN A 2130 18.43 24.26 -84.28
C ASN A 2130 17.81 23.78 -82.96
N LEU A 2131 18.20 24.45 -81.88
CA LEU A 2131 17.76 24.09 -80.55
C LEU A 2131 17.25 25.37 -79.86
N PRO A 2132 15.97 25.43 -79.47
CA PRO A 2132 15.42 26.63 -78.81
C PRO A 2132 15.73 26.68 -77.32
N GLU A 2133 16.93 27.17 -77.01
CA GLU A 2133 17.40 27.20 -75.62
C GLU A 2133 16.57 28.15 -74.78
N GLN A 2134 16.14 29.28 -75.36
CA GLN A 2134 15.30 30.21 -74.62
C GLN A 2134 13.97 29.58 -74.24
N GLU A 2135 13.39 28.79 -75.16
CA GLU A 2135 12.18 28.04 -74.82
C GLU A 2135 12.42 27.08 -73.67
N ILE A 2136 13.62 26.47 -73.64
CA ILE A 2136 13.95 25.53 -72.57
C ILE A 2136 13.99 26.24 -71.22
N LEU A 2137 14.67 27.40 -71.17
CA LEU A 2137 14.70 28.16 -69.92
C LEU A 2137 13.32 28.62 -69.51
N ILE A 2138 12.52 29.09 -70.48
CA ILE A 2138 11.17 29.55 -70.14
C ILE A 2138 10.34 28.41 -69.59
N GLN A 2139 10.45 27.22 -70.19
CA GLN A 2139 9.71 26.06 -69.71
C GLN A 2139 10.14 25.70 -68.30
N SER A 2140 11.45 25.73 -68.01
CA SER A 2140 11.90 25.41 -66.66
C SER A 2140 11.39 26.44 -65.64
N VAL A 2141 11.48 27.72 -65.99
CA VAL A 2141 11.01 28.76 -65.08
C VAL A 2141 9.53 28.61 -64.80
N CYS A 2142 8.72 28.36 -65.83
CA CYS A 2142 7.29 28.21 -65.62
C CYS A 2142 6.93 26.89 -64.94
N GLU A 2143 7.79 25.88 -65.05
CA GLU A 2143 7.54 24.64 -64.33
C GLU A 2143 7.84 24.78 -62.85
N THR A 2144 8.82 25.61 -62.49
CA THR A 2144 9.19 25.78 -61.09
C THR A 2144 8.54 26.99 -60.43
N MET A 2145 8.51 28.15 -61.10
CA MET A 2145 8.06 29.38 -60.47
C MET A 2145 6.55 29.60 -60.54
N VAL A 2146 5.92 29.21 -61.65
CA VAL A 2146 4.48 29.48 -61.82
C VAL A 2146 3.62 28.84 -60.74
N PRO A 2147 3.82 27.57 -60.33
CA PRO A 2147 2.92 26.98 -59.33
C PRO A 2147 2.85 27.76 -58.03
N LYS A 2148 3.93 28.43 -57.62
CA LYS A 2148 3.92 29.16 -56.37
C LYS A 2148 3.21 30.51 -56.46
N LEU A 2149 2.99 31.01 -57.67
CA LEU A 2149 2.46 32.36 -57.83
C LEU A 2149 0.98 32.43 -57.46
N VAL A 2150 0.58 33.56 -56.89
CA VAL A 2150 -0.82 33.87 -56.66
C VAL A 2150 -1.44 34.31 -57.98
N ALA A 2151 -2.77 34.45 -58.01
CA ALA A 2151 -3.48 34.62 -59.27
C ALA A 2151 -3.02 35.87 -60.03
N GLU A 2152 -2.86 36.99 -59.32
CA GLU A 2152 -2.56 38.24 -60.02
C GLU A 2152 -1.11 38.32 -60.47
N ASP A 2153 -0.21 37.55 -59.85
CA ASP A 2153 1.20 37.60 -60.23
C ASP A 2153 1.52 36.81 -61.49
N ILE A 2154 0.64 35.90 -61.92
CA ILE A 2154 0.90 35.15 -63.14
C ILE A 2154 0.99 36.05 -64.37
N PRO A 2155 0.03 36.95 -64.62
CA PRO A 2155 0.23 37.90 -65.74
C PRO A 2155 1.49 38.74 -65.59
N LEU A 2156 1.83 39.15 -64.36
CA LEU A 2156 3.03 39.93 -64.15
C LEU A 2156 4.27 39.13 -64.52
N LEU A 2157 4.34 37.86 -64.10
CA LEU A 2157 5.51 37.06 -64.40
C LEU A 2157 5.61 36.77 -65.89
N PHE A 2158 4.48 36.54 -66.56
CA PHE A 2158 4.53 36.32 -68.00
C PHE A 2158 4.93 37.59 -68.75
N SER A 2159 4.52 38.76 -68.23
CA SER A 2159 4.97 40.01 -68.82
C SER A 2159 6.47 40.21 -68.64
N LEU A 2160 7.00 39.87 -67.47
CA LEU A 2160 8.46 39.91 -67.29
C LEU A 2160 9.15 38.94 -68.22
N LEU A 2161 8.56 37.76 -68.43
CA LEU A 2161 9.12 36.79 -69.37
C LEU A 2161 9.17 37.37 -70.78
N SER A 2162 8.10 38.05 -71.19
CA SER A 2162 8.08 38.68 -72.50
C SER A 2162 9.11 39.79 -72.60
N ASP A 2163 9.29 40.56 -71.51
CA ASP A 2163 10.22 41.68 -71.54
C ASP A 2163 11.67 41.21 -71.61
N VAL A 2164 12.04 40.24 -70.77
CA VAL A 2164 13.42 39.81 -70.71
C VAL A 2164 13.73 38.78 -71.80
N PHE A 2165 12.71 38.02 -72.22
CA PHE A 2165 12.84 37.01 -73.26
C PHE A 2165 11.79 37.32 -74.34
N PRO A 2166 12.07 38.27 -75.22
CA PRO A 2166 11.06 38.66 -76.21
C PRO A 2166 10.78 37.55 -77.21
N GLY A 2167 9.53 37.48 -77.65
CA GLY A 2167 9.12 36.52 -78.67
C GLY A 2167 8.83 35.11 -78.21
N VAL A 2168 9.67 34.57 -77.33
CA VAL A 2168 9.51 33.20 -76.88
C VAL A 2168 8.23 33.05 -76.07
N GLN A 2169 7.59 31.90 -76.21
CA GLN A 2169 6.35 31.60 -75.50
C GLN A 2169 6.41 30.18 -74.96
N TYR A 2170 5.66 29.94 -73.88
CA TYR A 2170 5.68 28.68 -73.16
C TYR A 2170 4.38 27.93 -73.43
N HIS A 2171 4.47 26.80 -74.12
CA HIS A 2171 3.35 25.90 -74.32
C HIS A 2171 3.44 24.79 -73.28
N ARG A 2172 2.53 24.84 -72.30
CA ARG A 2172 2.55 23.85 -71.23
C ARG A 2172 2.20 22.46 -71.77
N GLY A 2173 2.94 21.46 -71.28
CA GLY A 2173 2.72 20.10 -71.73
C GLY A 2173 1.34 19.59 -71.34
N GLU A 2174 0.82 18.67 -72.15
CA GLU A 2174 -0.51 18.09 -71.96
C GLU A 2174 -0.33 16.64 -71.53
N MET A 2175 -0.57 16.38 -70.25
CA MET A 2175 -0.45 15.02 -69.70
C MET A 2175 -1.78 14.30 -69.90
N THR A 2176 -2.00 13.83 -71.13
CA THR A 2176 -3.28 13.23 -71.48
C THR A 2176 -3.58 12.00 -70.64
N ALA A 2177 -2.62 11.08 -70.55
CA ALA A 2177 -2.85 9.86 -69.78
C ALA A 2177 -3.06 10.17 -68.30
N LEU A 2178 -2.27 11.10 -67.76
CA LEU A 2178 -2.46 11.51 -66.37
C LEU A 2178 -3.83 12.17 -66.19
N ARG A 2179 -4.28 12.95 -67.18
CA ARG A 2179 -5.61 13.54 -67.08
C ARG A 2179 -6.70 12.48 -67.08
N GLU A 2180 -6.56 11.44 -67.90
CA GLU A 2180 -7.54 10.36 -67.88
C GLU A 2180 -7.56 9.65 -66.53
N GLU A 2181 -6.38 9.38 -65.97
CA GLU A 2181 -6.33 8.74 -64.66
C GLU A 2181 -6.95 9.63 -63.59
N LEU A 2182 -6.65 10.93 -63.64
CA LEU A 2182 -7.23 11.87 -62.69
C LEU A 2182 -8.75 11.90 -62.82
N LYS A 2183 -9.25 11.89 -64.06
CA LYS A 2183 -10.69 11.90 -64.27
C LYS A 2183 -11.34 10.67 -63.67
N LYS A 2184 -10.74 9.50 -63.88
CA LYS A 2184 -11.30 8.28 -63.30
C LYS A 2184 -11.29 8.33 -61.78
N VAL A 2185 -10.17 8.77 -61.19
CA VAL A 2185 -10.06 8.81 -59.74
C VAL A 2185 -11.06 9.80 -59.14
N CYS A 2186 -11.19 10.98 -59.75
CA CYS A 2186 -12.17 11.95 -59.27
C CYS A 2186 -13.59 11.45 -59.43
N GLN A 2187 -13.86 10.70 -60.50
CA GLN A 2187 -15.18 10.09 -60.65
C GLN A 2187 -15.47 9.12 -59.51
N GLU A 2188 -14.48 8.30 -59.14
CA GLU A 2188 -14.69 7.35 -58.07
C GLU A 2188 -14.65 7.98 -56.68
N MET A 2189 -14.11 9.19 -56.55
CA MET A 2189 -14.01 9.87 -55.27
C MET A 2189 -15.05 10.97 -55.11
N TYR A 2190 -16.06 11.03 -55.98
CA TYR A 2190 -17.13 12.02 -55.93
C TYR A 2190 -16.59 13.44 -56.05
N LEU A 2191 -15.48 13.61 -56.74
CA LEU A 2191 -14.90 14.93 -56.97
C LEU A 2191 -15.13 15.38 -58.40
N THR A 2192 -15.11 16.71 -58.58
CA THR A 2192 -15.42 17.31 -59.87
C THR A 2192 -14.13 17.51 -60.66
N TYR A 2193 -14.15 17.04 -61.91
CA TYR A 2193 -13.01 17.16 -62.81
C TYR A 2193 -13.38 18.12 -63.94
N GLY A 2194 -12.40 18.91 -64.38
CA GLY A 2194 -12.62 19.82 -65.48
C GLY A 2194 -11.31 20.17 -66.15
N ASP A 2195 -11.43 20.66 -67.39
CA ASP A 2195 -10.28 21.04 -68.19
C ASP A 2195 -10.40 22.51 -68.57
N GLY A 2196 -9.36 23.29 -68.28
CA GLY A 2196 -9.34 24.69 -68.64
C GLY A 2196 -10.33 25.53 -67.86
N GLU A 2197 -11.30 26.11 -68.56
CA GLU A 2197 -12.25 27.04 -67.96
C GLU A 2197 -13.47 26.35 -67.37
N GLU A 2198 -13.57 25.02 -67.47
CA GLU A 2198 -14.66 24.31 -66.85
C GLU A 2198 -14.48 24.31 -65.32
N VAL A 2199 -15.57 23.96 -64.62
CA VAL A 2199 -15.50 23.85 -63.17
C VAL A 2199 -14.57 22.71 -62.79
N GLY A 2200 -13.61 23.00 -61.91
CA GLY A 2200 -12.57 22.05 -61.59
C GLY A 2200 -11.33 22.15 -62.43
N GLY A 2201 -11.34 23.00 -63.46
CA GLY A 2201 -10.16 23.14 -64.30
C GLY A 2201 -8.95 23.67 -63.55
N MET A 2202 -9.16 24.69 -62.71
CA MET A 2202 -8.06 25.24 -61.93
C MET A 2202 -7.53 24.23 -60.93
N TRP A 2203 -8.41 23.45 -60.29
CA TRP A 2203 -7.97 22.43 -59.36
C TRP A 2203 -7.18 21.34 -60.06
N VAL A 2204 -7.61 20.94 -61.25
CA VAL A 2204 -6.87 19.92 -62.01
C VAL A 2204 -5.52 20.46 -62.45
N GLU A 2205 -5.47 21.74 -62.85
CA GLU A 2205 -4.19 22.36 -63.15
C GLU A 2205 -3.29 22.38 -61.93
N LYS A 2206 -3.85 22.63 -60.75
CA LYS A 2206 -3.06 22.60 -59.52
C LYS A 2206 -2.53 21.21 -59.24
N VAL A 2207 -3.33 20.17 -59.51
CA VAL A 2207 -2.87 18.79 -59.35
C VAL A 2207 -1.71 18.51 -60.30
N LEU A 2208 -1.84 18.95 -61.55
CA LEU A 2208 -0.77 18.72 -62.53
C LEU A 2208 0.50 19.46 -62.13
N GLN A 2209 0.37 20.70 -61.64
CA GLN A 2209 1.53 21.44 -61.16
C GLN A 2209 2.17 20.75 -59.96
N LEU A 2210 1.33 20.20 -59.07
CA LEU A 2210 1.85 19.44 -57.94
C LEU A 2210 2.65 18.23 -58.40
N TYR A 2211 2.15 17.52 -59.41
CA TYR A 2211 2.90 16.38 -59.96
C TYR A 2211 4.22 16.83 -60.57
N GLN A 2212 4.20 17.93 -61.31
CA GLN A 2212 5.44 18.45 -61.89
C GLN A 2212 6.44 18.81 -60.81
N ILE A 2213 5.96 19.40 -59.71
CA ILE A 2213 6.86 19.77 -58.62
C ILE A 2213 7.41 18.53 -57.92
N THR A 2214 6.58 17.50 -57.75
CA THR A 2214 7.08 16.23 -57.23
C THR A 2214 8.19 15.65 -58.10
N GLN A 2215 8.06 15.77 -59.41
CA GLN A 2215 9.11 15.25 -60.30
C GLN A 2215 10.43 16.01 -60.19
N ILE A 2216 10.43 17.22 -59.67
CA ILE A 2216 11.66 18.01 -59.57
C ILE A 2216 12.22 18.02 -58.16
N ASN A 2217 11.36 18.19 -57.15
CA ASN A 2217 11.80 18.33 -55.76
C ASN A 2217 11.42 17.10 -54.96
N HIS A 2218 12.28 16.76 -53.99
CA HIS A 2218 11.93 15.78 -52.98
C HIS A 2218 11.23 16.41 -51.79
N GLY A 2219 11.19 17.74 -51.70
CA GLY A 2219 10.48 18.43 -50.65
C GLY A 2219 9.47 19.42 -51.23
N LEU A 2220 8.23 19.35 -50.78
CA LEU A 2220 7.15 20.15 -51.33
C LEU A 2220 6.38 20.84 -50.21
N MET A 2221 5.76 21.96 -50.57
CA MET A 2221 4.85 22.66 -49.67
C MET A 2221 3.60 23.05 -50.44
N MET A 2222 2.46 22.50 -50.04
CA MET A 2222 1.16 22.85 -50.60
C MET A 2222 0.57 23.93 -49.70
N VAL A 2223 0.73 25.19 -50.11
CA VAL A 2223 0.37 26.33 -49.29
C VAL A 2223 -0.92 26.93 -49.83
N GLY A 2224 -1.89 27.14 -48.95
CA GLY A 2224 -3.14 27.75 -49.35
C GLY A 2224 -4.16 27.79 -48.23
N PRO A 2225 -5.13 28.69 -48.33
CA PRO A 2225 -6.13 28.83 -47.27
C PRO A 2225 -6.85 27.52 -46.99
N SER A 2226 -7.44 27.45 -45.80
CA SER A 2226 -8.13 26.23 -45.39
C SER A 2226 -9.26 25.91 -46.35
N GLY A 2227 -9.38 24.63 -46.70
CA GLY A 2227 -10.39 24.20 -47.64
C GLY A 2227 -10.19 24.72 -49.05
N SER A 2228 -8.95 24.67 -49.53
CA SER A 2228 -8.63 25.07 -50.89
C SER A 2228 -8.34 23.89 -51.81
N GLY A 2229 -8.52 22.66 -51.32
CA GLY A 2229 -8.38 21.48 -52.15
C GLY A 2229 -7.02 20.81 -52.13
N LYS A 2230 -6.16 21.15 -51.17
CA LYS A 2230 -4.79 20.60 -51.16
C LYS A 2230 -4.80 19.11 -50.86
N SER A 2231 -5.51 18.71 -49.81
CA SER A 2231 -5.53 17.31 -49.41
C SER A 2231 -6.09 16.43 -50.51
N MET A 2232 -7.24 16.81 -51.07
CA MET A 2232 -7.81 16.05 -52.17
C MET A 2232 -6.89 16.06 -53.38
N ALA A 2233 -6.22 17.18 -53.64
CA ALA A 2233 -5.30 17.24 -54.76
C ALA A 2233 -4.21 16.19 -54.65
N TRP A 2234 -3.53 16.14 -53.50
CA TRP A 2234 -2.43 15.18 -53.43
C TRP A 2234 -2.92 13.75 -53.26
N ARG A 2235 -4.09 13.52 -52.64
CA ARG A 2235 -4.63 12.17 -52.57
C ARG A 2235 -5.00 11.64 -53.95
N VAL A 2236 -5.68 12.46 -54.75
CA VAL A 2236 -6.04 12.06 -56.11
C VAL A 2236 -4.79 11.87 -56.95
N LEU A 2237 -3.78 12.72 -56.76
CA LEU A 2237 -2.53 12.53 -57.49
C LEU A 2237 -1.87 11.22 -57.13
N LEU A 2238 -1.86 10.86 -55.84
CA LEU A 2238 -1.28 9.59 -55.42
C LEU A 2238 -2.01 8.42 -56.05
N LYS A 2239 -3.34 8.41 -55.98
CA LYS A 2239 -4.10 7.31 -56.56
C LYS A 2239 -3.91 7.23 -58.07
N ALA A 2240 -3.94 8.38 -58.74
CA ALA A 2240 -3.79 8.40 -60.20
C ALA A 2240 -2.41 7.93 -60.62
N LEU A 2241 -1.37 8.33 -59.88
CA LEU A 2241 -0.03 7.85 -60.20
C LEU A 2241 0.09 6.35 -59.98
N GLU A 2242 -0.52 5.84 -58.91
CA GLU A 2242 -0.48 4.39 -58.69
C GLU A 2242 -1.16 3.65 -59.83
N ARG A 2243 -2.30 4.17 -60.30
CA ARG A 2243 -2.99 3.52 -61.41
C ARG A 2243 -2.20 3.64 -62.71
N LEU A 2244 -1.59 4.80 -62.96
CA LEU A 2244 -0.95 5.05 -64.24
C LEU A 2244 0.37 4.29 -64.37
N GLU A 2245 1.18 4.30 -63.32
CA GLU A 2245 2.53 3.72 -63.39
C GLU A 2245 2.61 2.32 -62.79
N GLY A 2246 1.59 1.88 -62.08
CA GLY A 2246 1.63 0.58 -61.43
C GLY A 2246 2.45 0.54 -60.16
N VAL A 2247 2.96 1.68 -59.70
CA VAL A 2247 3.75 1.75 -58.47
C VAL A 2247 2.81 2.13 -57.33
N GLU A 2248 2.72 1.26 -56.32
CA GLU A 2248 1.84 1.51 -55.20
C GLU A 2248 2.31 2.73 -54.42
N GLY A 2249 1.35 3.58 -54.02
CA GLY A 2249 1.64 4.79 -53.29
C GLY A 2249 1.14 4.69 -51.86
N VAL A 2250 2.03 4.98 -50.92
CA VAL A 2250 1.73 4.97 -49.49
C VAL A 2250 2.01 6.37 -48.95
N ALA A 2251 1.05 6.92 -48.21
CA ALA A 2251 1.17 8.24 -47.61
C ALA A 2251 1.15 8.10 -46.10
N HIS A 2252 2.14 8.71 -45.45
CA HIS A 2252 2.20 8.81 -44.00
C HIS A 2252 1.92 10.26 -43.62
N ILE A 2253 0.77 10.50 -43.01
CA ILE A 2253 0.33 11.84 -42.66
C ILE A 2253 0.66 12.08 -41.20
N ILE A 2254 1.47 13.10 -40.93
CA ILE A 2254 1.95 13.42 -39.59
C ILE A 2254 1.52 14.84 -39.27
N ASP A 2255 0.95 15.03 -38.08
CA ASP A 2255 0.72 16.38 -37.58
C ASP A 2255 1.90 16.76 -36.69
N PRO A 2256 2.87 17.51 -37.22
CA PRO A 2256 4.10 17.78 -36.46
C PRO A 2256 3.89 18.59 -35.20
N LYS A 2257 2.82 19.39 -35.12
CA LYS A 2257 2.58 20.24 -33.97
C LYS A 2257 1.52 19.69 -33.02
N ALA A 2258 0.96 18.53 -33.32
CA ALA A 2258 0.06 17.84 -32.40
C ALA A 2258 0.82 16.98 -31.39
N ILE A 2259 2.14 16.86 -31.54
CA ILE A 2259 2.98 16.12 -30.63
C ILE A 2259 4.21 16.98 -30.33
N SER A 2260 4.90 16.63 -29.24
CA SER A 2260 6.13 17.32 -28.89
C SER A 2260 7.22 17.00 -29.90
N LYS A 2261 8.18 17.93 -30.04
CA LYS A 2261 9.27 17.74 -30.99
C LYS A 2261 10.11 16.53 -30.64
N ASP A 2262 10.24 16.22 -29.35
CA ASP A 2262 10.92 15.00 -28.93
C ASP A 2262 10.17 13.77 -29.43
N HIS A 2263 8.84 13.80 -29.39
CA HIS A 2263 8.04 12.70 -29.90
C HIS A 2263 8.03 12.65 -31.43
N LEU A 2264 8.44 13.73 -32.08
CA LEU A 2264 8.45 13.78 -33.54
C LEU A 2264 9.79 13.36 -34.14
N TYR A 2265 10.90 13.73 -33.52
CA TYR A 2265 12.22 13.40 -34.03
C TYR A 2265 12.96 12.35 -33.23
N GLY A 2266 12.73 12.28 -31.93
CA GLY A 2266 13.42 11.30 -31.11
C GLY A 2266 14.09 11.89 -29.89
N THR A 2267 14.36 11.04 -28.90
CA THR A 2267 14.94 11.47 -27.64
C THR A 2267 16.20 10.68 -27.33
N LEU A 2268 17.24 11.40 -26.94
CA LEU A 2268 18.49 10.81 -26.45
C LEU A 2268 18.45 10.87 -24.93
N ASP A 2269 18.36 9.72 -24.29
CA ASP A 2269 18.23 9.65 -22.84
C ASP A 2269 19.49 10.19 -22.18
N PRO A 2270 19.39 11.20 -21.32
CA PRO A 2270 20.61 11.77 -20.71
C PRO A 2270 21.38 10.78 -19.85
N ASN A 2271 20.70 9.80 -19.24
CA ASN A 2271 21.37 8.89 -18.33
C ASN A 2271 22.12 7.79 -19.08
N THR A 2272 21.38 6.95 -19.82
CA THR A 2272 21.97 5.81 -20.49
C THR A 2272 22.41 6.10 -21.92
N ARG A 2273 22.15 7.30 -22.43
CA ARG A 2273 22.55 7.70 -23.78
C ARG A 2273 21.99 6.74 -24.84
N GLU A 2274 20.76 6.28 -24.63
CA GLU A 2274 20.09 5.39 -25.55
C GLU A 2274 19.08 6.19 -26.37
N TRP A 2275 19.13 6.00 -27.69
CA TRP A 2275 18.29 6.76 -28.61
C TRP A 2275 16.96 6.07 -28.81
N THR A 2276 15.87 6.83 -28.65
CA THR A 2276 14.52 6.36 -28.94
C THR A 2276 13.98 7.17 -30.11
N ASP A 2277 13.52 6.49 -31.16
CA ASP A 2277 13.06 7.17 -32.35
C ASP A 2277 11.79 7.96 -32.08
N GLY A 2278 11.62 9.04 -32.84
CA GLY A 2278 10.38 9.78 -32.85
C GLY A 2278 9.41 9.20 -33.85
N LEU A 2279 8.47 10.04 -34.30
CA LEU A 2279 7.49 9.60 -35.28
C LEU A 2279 8.06 9.65 -36.69
N PHE A 2280 8.53 10.83 -37.10
CA PHE A 2280 9.13 10.97 -38.42
C PHE A 2280 10.38 10.11 -38.56
N THR A 2281 11.21 10.07 -37.51
CA THR A 2281 12.41 9.25 -37.57
C THR A 2281 12.06 7.76 -37.72
N HIS A 2282 11.07 7.29 -36.98
CA HIS A 2282 10.64 5.91 -37.10
C HIS A 2282 10.10 5.60 -38.49
N VAL A 2283 9.28 6.50 -39.03
CA VAL A 2283 8.71 6.27 -40.37
C VAL A 2283 9.82 6.22 -41.40
N LEU A 2284 10.75 7.18 -41.35
CA LEU A 2284 11.83 7.23 -42.33
C LEU A 2284 12.73 6.01 -42.21
N ARG A 2285 13.04 5.59 -40.98
CA ARG A 2285 13.89 4.42 -40.79
C ARG A 2285 13.21 3.15 -41.27
N LYS A 2286 11.90 3.03 -41.05
CA LYS A 2286 11.17 1.88 -41.55
C LYS A 2286 11.17 1.84 -43.07
N ILE A 2287 11.03 3.01 -43.71
CA ILE A 2287 11.12 3.06 -45.17
C ILE A 2287 12.52 2.68 -45.64
N ILE A 2288 13.55 3.18 -44.96
CA ILE A 2288 14.92 2.91 -45.36
C ILE A 2288 15.24 1.42 -45.25
N ASP A 2289 14.83 0.79 -44.15
CA ASP A 2289 15.14 -0.62 -43.96
C ASP A 2289 14.47 -1.48 -45.02
N SER A 2290 13.24 -1.14 -45.41
CA SER A 2290 12.53 -1.82 -46.49
C SER A 2290 12.40 -3.32 -46.22
N VAL A 2291 12.06 -3.67 -44.98
CA VAL A 2291 11.85 -5.07 -44.64
C VAL A 2291 10.68 -5.65 -45.43
N ARG A 2292 9.65 -4.84 -45.63
CA ARG A 2292 8.44 -5.26 -46.35
C ARG A 2292 8.32 -4.54 -47.69
N GLY A 2293 9.45 -4.33 -48.36
CA GLY A 2293 9.44 -3.72 -49.68
C GLY A 2293 8.98 -2.29 -49.72
N GLU A 2294 9.42 -1.46 -48.77
CA GLU A 2294 9.02 -0.07 -48.75
C GLU A 2294 9.77 0.78 -49.77
N LEU A 2295 10.88 0.27 -50.32
CA LEU A 2295 11.63 1.03 -51.31
C LEU A 2295 11.09 0.86 -52.73
N GLN A 2296 10.21 -0.11 -52.96
CA GLN A 2296 9.58 -0.30 -54.25
C GLN A 2296 8.28 0.47 -54.40
N LYS A 2297 7.82 1.13 -53.34
CA LYS A 2297 6.61 1.93 -53.37
C LYS A 2297 6.97 3.41 -53.43
N ARG A 2298 5.96 4.22 -53.73
CA ARG A 2298 6.08 5.67 -53.72
C ARG A 2298 5.63 6.17 -52.36
N GLN A 2299 6.57 6.64 -51.56
CA GLN A 2299 6.32 7.01 -50.17
C GLN A 2299 6.22 8.52 -50.07
N TRP A 2300 5.10 9.01 -49.53
CA TRP A 2300 4.88 10.44 -49.35
C TRP A 2300 4.64 10.73 -47.87
N ILE A 2301 5.58 11.43 -47.25
CA ILE A 2301 5.46 11.82 -45.85
C ILE A 2301 4.91 13.24 -45.84
N VAL A 2302 3.62 13.36 -45.53
CA VAL A 2302 2.91 14.64 -45.58
C VAL A 2302 2.82 15.21 -44.18
N PHE A 2303 3.43 16.38 -43.98
CA PHE A 2303 3.38 17.10 -42.71
C PHE A 2303 2.16 18.03 -42.76
N ASP A 2304 1.03 17.53 -42.25
CA ASP A 2304 -0.23 18.26 -42.29
C ASP A 2304 -0.39 19.01 -40.97
N GLY A 2305 0.12 20.23 -40.92
CA GLY A 2305 0.06 21.03 -39.72
C GLY A 2305 0.85 22.30 -39.87
N ASP A 2306 0.92 23.04 -38.77
CA ASP A 2306 1.63 24.32 -38.77
C ASP A 2306 3.13 24.11 -38.87
N VAL A 2307 3.80 25.10 -39.46
CA VAL A 2307 5.26 25.08 -39.63
C VAL A 2307 5.84 26.24 -38.84
N ASP A 2308 6.78 25.94 -37.95
CA ASP A 2308 7.52 26.94 -37.21
C ASP A 2308 8.99 26.57 -37.24
N PRO A 2309 9.89 27.54 -37.03
CA PRO A 2309 11.32 27.27 -37.18
C PRO A 2309 11.92 26.38 -36.09
N GLU A 2310 11.08 25.78 -35.26
CA GLU A 2310 11.58 24.88 -34.22
C GLU A 2310 11.68 23.45 -34.70
N TRP A 2311 10.63 22.93 -35.36
CA TRP A 2311 10.65 21.55 -35.81
C TRP A 2311 11.08 21.40 -37.27
N VAL A 2312 10.80 22.40 -38.12
CA VAL A 2312 11.06 22.22 -39.54
C VAL A 2312 12.53 22.42 -39.88
N GLU A 2313 13.26 23.21 -39.10
CA GLU A 2313 14.69 23.40 -39.34
C GLU A 2313 15.50 22.13 -39.14
N ASN A 2314 15.03 21.19 -38.31
CA ASN A 2314 15.66 19.89 -38.23
C ASN A 2314 15.61 19.14 -39.56
N LEU A 2315 14.70 19.53 -40.45
CA LEU A 2315 14.61 18.97 -41.78
C LEU A 2315 15.46 19.72 -42.78
N ASN A 2316 16.26 20.69 -42.33
CA ASN A 2316 17.03 21.52 -43.26
C ASN A 2316 17.95 20.68 -44.13
N SER A 2317 18.63 19.69 -43.53
CA SER A 2317 19.47 18.80 -44.32
C SER A 2317 18.63 17.87 -45.19
N VAL A 2318 17.43 17.50 -44.74
CA VAL A 2318 16.57 16.62 -45.52
C VAL A 2318 16.13 17.31 -46.80
N LEU A 2319 15.72 18.57 -46.70
CA LEU A 2319 15.27 19.34 -47.86
C LEU A 2319 16.42 19.90 -48.69
N ASP A 2320 17.63 19.94 -48.14
CA ASP A 2320 18.81 20.39 -48.83
C ASP A 2320 19.31 19.25 -49.73
N ASP A 2321 20.30 19.55 -50.58
CA ASP A 2321 20.85 18.54 -51.48
C ASP A 2321 21.53 17.41 -50.72
N ASN A 2322 21.82 17.60 -49.43
CA ASN A 2322 22.39 16.51 -48.64
C ASN A 2322 21.44 15.34 -48.53
N LYS A 2323 20.14 15.63 -48.38
CA LYS A 2323 19.11 14.59 -48.24
C LYS A 2323 19.43 13.65 -47.09
N LEU A 2324 19.78 14.22 -45.95
CA LEU A 2324 20.12 13.47 -44.76
C LEU A 2324 19.32 13.97 -43.57
N LEU A 2325 18.96 13.05 -42.69
CA LEU A 2325 18.41 13.37 -41.38
C LEU A 2325 19.51 13.05 -40.38
N THR A 2326 20.07 14.08 -39.76
CA THR A 2326 21.17 13.92 -38.82
C THR A 2326 20.64 14.00 -37.41
N LEU A 2327 20.74 12.93 -36.69
CA LEU A 2327 20.25 12.84 -35.33
C LEU A 2327 21.38 13.15 -34.35
N PRO A 2328 21.05 13.62 -33.15
CA PRO A 2328 22.11 13.98 -32.19
C PRO A 2328 22.98 12.80 -31.76
N ASN A 2329 22.51 11.57 -31.93
CA ASN A 2329 23.31 10.41 -31.55
C ASN A 2329 24.35 10.04 -32.60
N GLY A 2330 24.60 10.91 -33.57
CA GLY A 2330 25.58 10.66 -34.61
C GLY A 2330 25.07 9.88 -35.81
N GLU A 2331 23.82 9.45 -35.79
CA GLU A 2331 23.28 8.66 -36.89
C GLU A 2331 22.80 9.56 -38.02
N ARG A 2332 22.98 9.09 -39.25
CA ARG A 2332 22.62 9.83 -40.44
C ARG A 2332 21.75 8.95 -41.33
N LEU A 2333 20.53 9.39 -41.59
CA LEU A 2333 19.57 8.63 -42.39
C LEU A 2333 19.41 9.28 -43.76
N SER A 2334 19.79 8.57 -44.81
CA SER A 2334 19.69 9.10 -46.16
C SER A 2334 18.25 8.98 -46.67
N LEU A 2335 17.79 10.02 -47.34
CA LEU A 2335 16.45 10.00 -47.91
C LEU A 2335 16.43 9.12 -49.16
N PRO A 2336 15.61 8.08 -49.21
CA PRO A 2336 15.55 7.25 -50.41
C PRO A 2336 15.01 8.05 -51.58
N PRO A 2337 15.38 7.69 -52.80
CA PRO A 2337 14.91 8.45 -53.97
C PRO A 2337 13.42 8.37 -54.21
N ASN A 2338 12.71 7.42 -53.60
CA ASN A 2338 11.28 7.26 -53.80
C ASN A 2338 10.44 7.98 -52.76
N VAL A 2339 11.07 8.69 -51.82
CA VAL A 2339 10.38 9.34 -50.73
C VAL A 2339 10.26 10.83 -51.01
N ARG A 2340 9.07 11.39 -50.79
CA ARG A 2340 8.82 12.81 -50.89
C ARG A 2340 8.38 13.34 -49.53
N ILE A 2341 8.97 14.45 -49.10
CA ILE A 2341 8.58 15.12 -47.86
C ILE A 2341 7.67 16.28 -48.26
N MET A 2342 6.41 16.21 -47.86
CA MET A 2342 5.42 17.20 -48.24
C MET A 2342 4.88 17.91 -47.01
N PHE A 2343 4.62 19.21 -47.16
CA PHE A 2343 4.00 20.02 -46.13
C PHE A 2343 2.71 20.59 -46.68
N GLU A 2344 1.60 20.29 -46.02
CA GLU A 2344 0.30 20.83 -46.40
C GLU A 2344 -0.09 21.85 -45.32
N VAL A 2345 0.07 23.13 -45.65
CA VAL A 2345 -0.08 24.20 -44.67
C VAL A 2345 -1.05 25.25 -45.21
N GLN A 2346 -1.60 26.04 -44.29
CA GLN A 2346 -2.49 27.12 -44.65
C GLN A 2346 -1.81 28.48 -44.70
N ASP A 2347 -0.66 28.62 -44.05
CA ASP A 2347 0.10 29.86 -44.09
C ASP A 2347 1.55 29.55 -43.77
N LEU A 2348 2.43 30.49 -44.14
CA LEU A 2348 3.85 30.40 -43.86
C LEU A 2348 4.35 31.68 -43.23
N LYS A 2349 3.56 32.26 -42.34
CA LYS A 2349 3.92 33.53 -41.71
C LYS A 2349 4.94 33.35 -40.60
N TYR A 2350 5.26 32.13 -40.20
CA TYR A 2350 6.28 31.88 -39.18
C TYR A 2350 7.48 31.10 -39.70
N ALA A 2351 7.37 30.44 -40.85
CA ALA A 2351 8.50 29.73 -41.42
C ALA A 2351 9.56 30.72 -41.88
N THR A 2352 10.82 30.40 -41.60
CA THR A 2352 11.93 31.24 -42.02
C THR A 2352 12.25 31.01 -43.48
N LEU A 2353 13.10 31.88 -44.03
CA LEU A 2353 13.47 31.79 -45.43
C LEU A 2353 14.26 30.51 -45.72
N ALA A 2354 14.99 30.00 -44.73
CA ALA A 2354 15.77 28.79 -44.94
C ALA A 2354 14.89 27.60 -45.28
N THR A 2355 13.66 27.58 -44.77
CA THR A 2355 12.71 26.51 -45.06
C THR A 2355 11.95 26.77 -46.36
N VAL A 2356 11.55 28.01 -46.60
CA VAL A 2356 10.81 28.33 -47.82
C VAL A 2356 11.69 28.10 -49.06
N SER A 2357 12.97 28.45 -48.97
CA SER A 2357 13.86 28.32 -50.11
C SER A 2357 14.19 26.88 -50.46
N ARG A 2358 14.03 25.95 -49.50
CA ARG A 2358 14.41 24.56 -49.72
C ARG A 2358 13.30 23.71 -50.30
N CYS A 2359 12.08 24.23 -50.40
CA CYS A 2359 10.93 23.44 -50.81
C CYS A 2359 10.37 23.93 -52.14
N GLY A 2360 9.69 23.04 -52.84
CA GLY A 2360 8.93 23.41 -54.02
C GLY A 2360 7.52 23.81 -53.63
N MET A 2361 7.16 25.06 -53.94
CA MET A 2361 5.89 25.62 -53.50
C MET A 2361 4.81 25.39 -54.55
N VAL A 2362 3.63 24.97 -54.09
CA VAL A 2362 2.42 24.94 -54.90
C VAL A 2362 1.36 25.71 -54.12
N TRP A 2363 0.88 26.79 -54.70
CA TRP A 2363 -0.04 27.69 -54.00
C TRP A 2363 -1.46 27.42 -54.46
N PHE A 2364 -2.28 26.89 -53.55
CA PHE A 2364 -3.69 26.62 -53.80
C PHE A 2364 -4.48 27.83 -53.32
N SER A 2365 -4.97 28.64 -54.25
CA SER A 2365 -5.83 29.74 -53.88
C SER A 2365 -7.19 29.22 -53.40
N GLU A 2366 -7.89 30.06 -52.64
CA GLU A 2366 -9.23 29.67 -52.20
C GLU A 2366 -10.21 29.63 -53.36
N ASP A 2367 -9.97 30.42 -54.42
CA ASP A 2367 -10.79 30.36 -55.61
C ASP A 2367 -10.58 29.08 -56.41
N VAL A 2368 -9.51 28.33 -56.13
CA VAL A 2368 -9.28 27.07 -56.82
C VAL A 2368 -10.43 26.10 -56.55
N LEU A 2369 -10.88 26.02 -55.30
CA LEU A 2369 -12.01 25.18 -54.93
C LEU A 2369 -13.25 26.07 -54.91
N SER A 2370 -14.00 26.06 -56.01
CA SER A 2370 -15.25 26.80 -56.09
C SER A 2370 -16.34 26.12 -55.28
N THR A 2371 -17.34 26.91 -54.88
CA THR A 2371 -18.44 26.37 -54.10
C THR A 2371 -19.25 25.37 -54.92
N ASP A 2372 -19.23 25.52 -56.26
CA ASP A 2372 -19.96 24.60 -57.11
C ASP A 2372 -19.47 23.17 -56.95
N MET A 2373 -18.14 22.98 -56.88
CA MET A 2373 -17.61 21.64 -56.71
C MET A 2373 -17.97 21.06 -55.36
N ILE A 2374 -18.01 21.89 -54.32
CA ILE A 2374 -18.41 21.41 -53.00
C ILE A 2374 -19.86 20.95 -53.03
N PHE A 2375 -20.73 21.73 -53.67
CA PHE A 2375 -22.13 21.31 -53.81
C PHE A 2375 -22.24 20.02 -54.61
N ASN A 2376 -21.49 19.91 -55.70
CA ASN A 2376 -21.54 18.72 -56.53
C ASN A 2376 -21.07 17.48 -55.77
N ASN A 2377 -19.99 17.62 -54.99
CA ASN A 2377 -19.50 16.52 -54.18
C ASN A 2377 -20.54 16.10 -53.14
N PHE A 2378 -21.16 17.08 -52.48
CA PHE A 2378 -22.20 16.76 -51.50
C PHE A 2378 -23.35 16.01 -52.15
N LEU A 2379 -23.83 16.49 -53.29
CA LEU A 2379 -24.96 15.84 -53.96
C LEU A 2379 -24.59 14.45 -54.46
N ALA A 2380 -23.38 14.28 -54.99
CA ALA A 2380 -22.95 12.97 -55.46
C ALA A 2380 -22.86 11.98 -54.32
N ARG A 2381 -22.29 12.39 -53.19
CA ARG A 2381 -22.22 11.50 -52.04
C ARG A 2381 -23.61 11.19 -51.49
N LEU A 2382 -24.52 12.17 -51.53
CA LEU A 2382 -25.88 11.93 -51.07
C LEU A 2382 -26.58 10.91 -51.97
N ARG A 2383 -26.41 11.02 -53.28
CA ARG A 2383 -27.08 10.10 -54.20
C ARG A 2383 -26.42 8.73 -54.22
N SER A 2384 -25.14 8.62 -53.87
CA SER A 2384 -24.42 7.36 -53.99
C SER A 2384 -24.24 6.63 -52.66
N ILE A 2385 -24.00 7.34 -51.57
CA ILE A 2385 -23.71 6.74 -50.27
C ILE A 2385 -24.96 6.77 -49.42
N PRO A 2386 -25.41 5.63 -48.88
CA PRO A 2386 -26.59 5.63 -48.00
C PRO A 2386 -26.23 6.14 -46.61
N LEU A 2387 -27.10 7.02 -46.07
CA LEU A 2387 -26.86 7.56 -44.73
C LEU A 2387 -27.06 6.50 -43.66
N ASP A 2388 -27.84 5.46 -43.95
CA ASP A 2388 -28.07 4.40 -42.98
C ASP A 2388 -26.76 3.70 -42.63
N GLU A 2389 -26.02 3.25 -43.63
CA GLU A 2389 -24.76 2.56 -43.42
C GLU A 2389 -23.95 2.52 -44.71
N SER A 2410 -32.75 0.67 -52.58
CA SER A 2410 -32.80 0.87 -51.14
C SER A 2410 -33.72 2.03 -50.78
N PRO A 2411 -34.46 1.90 -49.68
CA PRO A 2411 -35.34 3.00 -49.27
C PRO A 2411 -34.58 4.26 -48.88
N MET A 2412 -33.53 4.11 -48.05
CA MET A 2412 -32.72 5.27 -47.68
C MET A 2412 -32.10 5.93 -48.91
N LEU A 2413 -31.53 5.12 -49.81
CA LEU A 2413 -30.93 5.67 -51.02
C LEU A 2413 -31.97 6.37 -51.87
N GLN A 2414 -33.16 5.80 -51.98
CA GLN A 2414 -34.22 6.45 -52.77
C GLN A 2414 -34.60 7.79 -52.17
N ILE A 2415 -34.77 7.85 -50.85
CA ILE A 2415 -35.09 9.11 -50.20
C ILE A 2415 -33.99 10.14 -50.45
N GLN A 2416 -32.73 9.71 -50.36
CA GLN A 2416 -31.62 10.61 -50.62
C GLN A 2416 -31.66 11.13 -52.06
N ARG A 2417 -31.99 10.25 -53.01
CA ARG A 2417 -32.04 10.68 -54.41
C ARG A 2417 -33.16 11.69 -54.66
N ASP A 2418 -34.34 11.45 -54.11
CA ASP A 2418 -35.40 12.46 -54.27
C ASP A 2418 -35.05 13.76 -53.57
N ALA A 2419 -34.43 13.68 -52.39
CA ALA A 2419 -34.02 14.90 -51.69
C ALA A 2419 -33.01 15.68 -52.51
N ALA A 2420 -32.03 14.98 -53.11
CA ALA A 2420 -31.05 15.64 -53.96
C ALA A 2420 -31.69 16.25 -55.19
N THR A 2421 -32.67 15.56 -55.79
CA THR A 2421 -33.39 16.13 -56.92
C THR A 2421 -34.13 17.41 -56.53
N ILE A 2422 -34.73 17.42 -55.33
CA ILE A 2422 -35.44 18.61 -54.88
C ILE A 2422 -34.46 19.75 -54.61
N MET A 2423 -33.31 19.46 -54.02
CA MET A 2423 -32.37 20.51 -53.65
C MET A 2423 -31.42 20.91 -54.77
N GLN A 2424 -31.45 20.22 -55.90
CA GLN A 2424 -30.57 20.58 -57.01
C GLN A 2424 -30.74 22.01 -57.51
N PRO A 2425 -31.95 22.56 -57.68
CA PRO A 2425 -32.05 23.95 -58.15
C PRO A 2425 -31.39 24.97 -57.23
N TYR A 2426 -31.39 24.73 -55.92
CA TYR A 2426 -30.81 25.68 -54.98
C TYR A 2426 -29.30 25.60 -54.89
N PHE A 2427 -28.72 24.45 -55.23
CA PHE A 2427 -27.27 24.27 -55.17
C PHE A 2427 -26.63 24.53 -56.52
N THR A 2428 -26.85 25.75 -57.02
CA THR A 2428 -26.30 26.19 -58.30
C THR A 2428 -25.57 27.49 -58.13
N SER A 2429 -24.78 27.85 -59.15
CA SER A 2429 -24.09 29.13 -59.15
C SER A 2429 -25.09 30.27 -59.08
N ASN A 2430 -24.81 31.25 -58.22
CA ASN A 2430 -25.71 32.37 -57.97
C ASN A 2430 -27.10 31.89 -57.54
N GLY A 2431 -27.15 30.78 -56.82
CA GLY A 2431 -28.40 30.23 -56.32
C GLY A 2431 -28.73 30.75 -54.94
N LEU A 2432 -29.61 30.03 -54.25
CA LEU A 2432 -30.03 30.43 -52.91
C LEU A 2432 -28.87 30.31 -51.92
N VAL A 2433 -28.18 29.17 -51.94
CA VAL A 2433 -27.15 28.92 -50.93
C VAL A 2433 -25.94 29.82 -51.14
N THR A 2434 -25.53 30.01 -52.39
CA THR A 2434 -24.37 30.86 -52.65
C THR A 2434 -24.65 32.32 -52.26
N LYS A 2435 -25.84 32.81 -52.60
CA LYS A 2435 -26.21 34.18 -52.21
C LYS A 2435 -26.31 34.31 -50.70
N ALA A 2436 -26.87 33.30 -50.04
CA ALA A 2436 -26.95 33.32 -48.58
C ALA A 2436 -25.57 33.34 -47.94
N LEU A 2437 -24.63 32.56 -48.49
CA LEU A 2437 -23.26 32.59 -47.99
C LEU A 2437 -22.61 33.95 -48.21
N GLU A 2438 -22.83 34.53 -49.39
CA GLU A 2438 -22.25 35.84 -49.68
C GLU A 2438 -22.76 36.90 -48.71
N HIS A 2439 -24.06 36.85 -48.39
CA HIS A 2439 -24.61 37.81 -47.44
C HIS A 2439 -24.13 37.52 -46.02
N ALA A 2440 -24.08 36.25 -45.62
CA ALA A 2440 -23.66 35.89 -44.27
C ALA A 2440 -22.20 36.26 -44.03
N PHE A 2441 -21.39 36.33 -45.08
CA PHE A 2441 -20.02 36.82 -44.90
C PHE A 2441 -20.01 38.29 -44.49
N GLN A 2442 -21.05 39.05 -44.85
CA GLN A 2442 -21.11 40.45 -44.46
C GLN A 2442 -21.51 40.61 -43.00
N LEU A 2443 -22.26 39.66 -42.44
CA LEU A 2443 -22.64 39.71 -41.05
C LEU A 2443 -21.43 39.48 -40.15
N GLU A 2444 -21.63 39.68 -38.85
CA GLU A 2444 -20.60 39.43 -37.85
C GLU A 2444 -21.01 38.25 -36.99
N HIS A 2445 -20.04 37.38 -36.70
CA HIS A 2445 -20.27 36.15 -35.97
C HIS A 2445 -19.37 36.10 -34.75
N ILE A 2446 -19.71 35.22 -33.82
CA ILE A 2446 -18.92 35.11 -32.60
C ILE A 2446 -17.54 34.51 -32.90
N MET A 2447 -17.41 33.81 -34.02
CA MET A 2447 -16.14 33.29 -34.49
C MET A 2447 -15.99 33.61 -35.98
N ASP A 2448 -14.75 33.65 -36.44
CA ASP A 2448 -14.49 33.94 -37.84
C ASP A 2448 -15.17 32.91 -38.73
N LEU A 2449 -15.88 33.38 -39.74
CA LEU A 2449 -16.70 32.52 -40.59
C LEU A 2449 -15.86 31.97 -41.74
N THR A 2450 -15.93 30.67 -41.93
CA THR A 2450 -15.30 30.00 -43.06
C THR A 2450 -16.37 29.30 -43.87
N ARG A 2451 -16.11 29.17 -45.18
CA ARG A 2451 -17.11 28.62 -46.08
C ARG A 2451 -17.44 27.17 -45.72
N LEU A 2452 -16.42 26.36 -45.46
CA LEU A 2452 -16.66 24.93 -45.25
C LEU A 2452 -17.29 24.65 -43.89
N ARG A 2453 -17.11 25.51 -42.91
CA ARG A 2453 -17.82 25.31 -41.64
C ARG A 2453 -19.32 25.39 -41.86
N CYS A 2454 -19.77 26.46 -42.53
CA CYS A 2454 -21.18 26.61 -42.85
C CYS A 2454 -21.67 25.49 -43.75
N LEU A 2455 -20.87 25.13 -44.76
CA LEU A 2455 -21.30 24.09 -45.69
C LEU A 2455 -21.41 22.73 -45.01
N GLY A 2456 -20.47 22.39 -44.13
CA GLY A 2456 -20.55 21.13 -43.41
C GLY A 2456 -21.72 21.09 -42.46
N SER A 2457 -21.98 22.19 -41.75
CA SER A 2457 -23.15 22.26 -40.90
C SER A 2457 -24.43 22.05 -41.71
N LEU A 2458 -24.53 22.73 -42.87
CA LEU A 2458 -25.70 22.58 -43.72
C LEU A 2458 -25.86 21.16 -44.23
N PHE A 2459 -24.76 20.53 -44.63
CA PHE A 2459 -24.83 19.16 -45.13
C PHE A 2459 -25.27 18.19 -44.04
N SER A 2460 -24.78 18.40 -42.81
CA SER A 2460 -25.24 17.57 -41.70
C SER A 2460 -26.73 17.76 -41.45
N MET A 2461 -27.21 19.00 -41.52
CA MET A 2461 -28.65 19.24 -41.37
C MET A 2461 -29.45 18.54 -42.45
N LEU A 2462 -28.97 18.58 -43.69
CA LEU A 2462 -29.70 17.93 -44.78
C LEU A 2462 -29.71 16.42 -44.62
N HIS A 2463 -28.61 15.84 -44.16
CA HIS A 2463 -28.58 14.42 -43.85
C HIS A 2463 -29.60 14.08 -42.76
N GLN A 2464 -29.70 14.94 -41.74
CA GLN A 2464 -30.69 14.72 -40.70
C GLN A 2464 -32.11 14.83 -41.27
N ALA A 2465 -32.32 15.72 -42.24
CA ALA A 2465 -33.63 15.82 -42.86
C ALA A 2465 -34.00 14.54 -43.60
N CYS A 2466 -33.04 13.97 -44.33
CA CYS A 2466 -33.30 12.69 -44.99
C CYS A 2466 -33.60 11.60 -43.97
N ARG A 2467 -32.87 11.58 -42.85
CA ARG A 2467 -33.15 10.61 -41.81
C ARG A 2467 -34.55 10.81 -41.21
N ASN A 2468 -34.96 12.08 -41.06
CA ASN A 2468 -36.30 12.36 -40.56
C ASN A 2468 -37.37 11.85 -41.52
N VAL A 2469 -37.15 12.03 -42.82
CA VAL A 2469 -38.10 11.51 -43.81
C VAL A 2469 -38.16 9.98 -43.72
N ALA A 2470 -37.01 9.34 -43.57
CA ALA A 2470 -37.00 7.89 -43.43
C ALA A 2470 -37.75 7.44 -42.18
N GLN A 2471 -37.57 8.16 -41.07
CA GLN A 2471 -38.29 7.82 -39.84
C GLN A 2471 -39.78 8.00 -40.01
N TYR A 2472 -40.21 9.07 -40.70
CA TYR A 2472 -41.62 9.26 -40.98
C TYR A 2472 -42.18 8.12 -41.83
N ASN A 2473 -41.42 7.68 -42.83
CA ASN A 2473 -41.86 6.55 -43.65
C ASN A 2473 -41.95 5.27 -42.82
N ALA A 2474 -41.00 5.06 -41.92
CA ALA A 2474 -41.04 3.89 -41.06
C ALA A 2474 -42.25 3.91 -40.12
N ASN A 2475 -42.59 5.08 -39.58
CA ASN A 2475 -43.74 5.19 -38.69
C ASN A 2475 -45.07 5.19 -39.42
N HIS A 2476 -45.07 5.34 -40.75
CA HIS A 2476 -46.28 5.32 -41.55
C HIS A 2476 -46.11 4.34 -42.71
N PRO A 2477 -46.13 3.03 -42.42
CA PRO A 2477 -45.95 2.04 -43.50
C PRO A 2477 -47.03 2.11 -44.57
N ASP A 2478 -48.26 2.46 -44.21
CA ASP A 2478 -49.35 2.45 -45.18
C ASP A 2478 -49.17 3.56 -46.21
N PHE A 2479 -48.85 4.78 -45.77
CA PHE A 2479 -48.72 5.95 -46.63
C PHE A 2479 -47.30 6.48 -46.55
N PRO A 2480 -46.43 6.15 -47.50
CA PRO A 2480 -45.10 6.76 -47.52
C PRO A 2480 -45.20 8.21 -47.96
N MET A 2481 -44.16 8.97 -47.63
CA MET A 2481 -44.18 10.39 -47.98
C MET A 2481 -44.16 10.57 -49.48
N GLN A 2482 -45.05 11.41 -49.99
CA GLN A 2482 -45.23 11.61 -51.42
C GLN A 2482 -44.36 12.77 -51.91
N ILE A 2483 -44.39 12.97 -53.23
CA ILE A 2483 -43.48 13.92 -53.85
C ILE A 2483 -43.83 15.36 -53.45
N GLU A 2484 -45.13 15.67 -53.37
CA GLU A 2484 -45.52 17.03 -52.98
C GLU A 2484 -45.11 17.32 -51.54
N GLN A 2485 -45.45 16.42 -50.61
CA GLN A 2485 -45.08 16.61 -49.22
C GLN A 2485 -43.56 16.62 -49.03
N LEU A 2486 -42.87 15.70 -49.70
CA LEU A 2486 -41.41 15.66 -49.60
C LEU A 2486 -40.79 16.94 -50.14
N GLU A 2487 -41.31 17.45 -51.26
CA GLU A 2487 -40.77 18.68 -51.84
C GLU A 2487 -40.96 19.85 -50.90
N ARG A 2488 -42.17 20.01 -50.35
CA ARG A 2488 -42.42 21.10 -49.42
C ARG A 2488 -41.53 20.99 -48.18
N TYR A 2489 -41.45 19.78 -47.61
CA TYR A 2489 -40.63 19.55 -46.43
C TYR A 2489 -39.16 19.85 -46.70
N ILE A 2490 -38.66 19.41 -47.85
CA ILE A 2490 -37.24 19.58 -48.16
C ILE A 2490 -36.91 21.06 -48.41
N GLN A 2491 -37.78 21.79 -49.11
CA GLN A 2491 -37.52 23.21 -49.31
C GLN A 2491 -37.52 23.96 -47.99
N ARG A 2492 -38.53 23.70 -47.15
CA ARG A 2492 -38.60 24.39 -45.86
C ARG A 2492 -37.42 24.03 -44.98
N TYR A 2493 -37.05 22.75 -44.93
CA TYR A 2493 -35.91 22.34 -44.12
C TYR A 2493 -34.61 22.89 -44.67
N LEU A 2494 -34.50 23.05 -45.99
CA LEU A 2494 -33.29 23.61 -46.57
C LEU A 2494 -33.10 25.06 -46.14
N VAL A 2495 -34.17 25.85 -46.23
CA VAL A 2495 -34.03 27.25 -45.82
C VAL A 2495 -33.82 27.36 -44.31
N TYR A 2496 -34.49 26.49 -43.54
CA TYR A 2496 -34.26 26.46 -42.09
C TYR A 2496 -32.82 26.11 -41.75
N ALA A 2497 -32.25 25.13 -42.45
CA ALA A 2497 -30.86 24.73 -42.21
C ALA A 2497 -29.89 25.81 -42.65
N ILE A 2498 -30.20 26.52 -43.74
CA ILE A 2498 -29.35 27.64 -44.14
C ILE A 2498 -29.33 28.69 -43.05
N LEU A 2499 -30.50 29.00 -42.49
CA LEU A 2499 -30.56 29.99 -41.42
C LEU A 2499 -29.79 29.52 -40.19
N TRP A 2500 -29.92 28.26 -39.82
CA TRP A 2500 -29.27 27.78 -38.60
C TRP A 2500 -27.81 27.42 -38.79
N SER A 2501 -27.32 27.36 -40.02
CA SER A 2501 -25.91 27.08 -40.28
C SER A 2501 -25.10 28.34 -40.57
N LEU A 2502 -25.65 29.27 -41.35
CA LEU A 2502 -24.91 30.46 -41.72
C LEU A 2502 -25.06 31.58 -40.70
N SER A 2503 -25.96 31.45 -39.72
CA SER A 2503 -26.12 32.48 -38.70
C SER A 2503 -26.37 31.89 -37.32
N GLY A 2504 -26.07 30.60 -37.12
CA GLY A 2504 -26.24 30.00 -35.81
C GLY A 2504 -25.19 30.39 -34.80
N ASP A 2505 -24.13 31.07 -35.23
CA ASP A 2505 -23.05 31.50 -34.35
C ASP A 2505 -23.01 33.02 -34.20
N SER A 2506 -24.15 33.68 -34.41
CA SER A 2506 -24.23 35.13 -34.30
C SER A 2506 -25.38 35.51 -33.39
N ARG A 2507 -25.51 36.81 -33.15
CA ARG A 2507 -26.54 37.33 -32.28
C ARG A 2507 -27.91 37.21 -32.95
N LEU A 2508 -28.96 37.48 -32.16
CA LEU A 2508 -30.32 37.44 -32.70
C LEU A 2508 -30.52 38.48 -33.79
N LYS A 2509 -29.85 39.62 -33.68
CA LYS A 2509 -29.96 40.64 -34.72
C LYS A 2509 -29.44 40.14 -36.06
N MET A 2510 -28.31 39.45 -36.05
CA MET A 2510 -27.75 38.95 -37.30
C MET A 2510 -28.58 37.80 -37.86
N ARG A 2511 -29.14 36.96 -36.98
CA ARG A 2511 -30.07 35.93 -37.44
C ARG A 2511 -31.28 36.55 -38.11
N ALA A 2512 -31.83 37.62 -37.51
CA ALA A 2512 -32.96 38.31 -38.11
C ALA A 2512 -32.58 38.94 -39.45
N GLU A 2513 -31.38 39.52 -39.55
CA GLU A 2513 -30.95 40.11 -40.81
C GLU A 2513 -30.83 39.05 -41.90
N LEU A 2514 -30.24 37.89 -41.57
CA LEU A 2514 -30.13 36.82 -42.55
C LEU A 2514 -31.51 36.32 -42.95
N GLY A 2515 -32.43 36.20 -42.00
CA GLY A 2515 -33.78 35.79 -42.34
C GLY A 2515 -34.48 36.76 -43.27
N GLU A 2516 -34.33 38.06 -42.99
CA GLU A 2516 -34.93 39.08 -43.85
C GLU A 2516 -34.34 39.03 -45.25
N TYR A 2517 -33.02 38.89 -45.37
CA TYR A 2517 -32.40 38.83 -46.69
C TYR A 2517 -32.86 37.58 -47.44
N ILE A 2518 -32.94 36.44 -46.75
CA ILE A 2518 -33.38 35.21 -47.40
C ILE A 2518 -34.82 35.38 -47.90
N ARG A 2519 -35.70 35.90 -47.05
CA ARG A 2519 -37.08 36.15 -47.46
C ARG A 2519 -37.13 37.09 -48.64
N ARG A 2520 -36.22 38.07 -48.69
CA ARG A 2520 -36.16 38.99 -49.81
C ARG A 2520 -35.75 38.30 -51.10
N ILE A 2521 -34.83 37.33 -51.03
CA ILE A 2521 -34.26 36.77 -52.25
C ILE A 2521 -34.92 35.44 -52.64
N THR A 2522 -35.43 34.68 -51.67
CA THR A 2522 -35.84 33.33 -51.98
C THR A 2522 -37.23 33.30 -52.61
N THR A 2523 -37.55 32.17 -53.24
CA THR A 2523 -38.89 31.89 -53.74
C THR A 2523 -39.58 30.77 -52.98
N VAL A 2524 -38.91 30.19 -52.00
CA VAL A 2524 -39.52 29.16 -51.14
C VAL A 2524 -40.63 29.80 -50.32
N PRO A 2525 -41.81 29.18 -50.21
CA PRO A 2525 -42.86 29.75 -49.36
C PRO A 2525 -42.41 29.84 -47.90
N LEU A 2526 -42.81 30.92 -47.25
CA LEU A 2526 -42.33 31.28 -45.92
C LEU A 2526 -43.50 31.68 -45.05
N PRO A 2527 -43.34 31.64 -43.73
CA PRO A 2527 -44.42 32.08 -42.84
C PRO A 2527 -44.82 33.52 -43.10
N THR A 2528 -46.11 33.78 -42.94
CA THR A 2528 -46.69 35.08 -43.26
C THR A 2528 -46.78 36.01 -42.06
N ALA A 2529 -46.06 35.71 -40.98
CA ALA A 2529 -46.10 36.58 -39.81
C ALA A 2529 -45.52 37.95 -40.17
N PRO A 2530 -46.12 39.04 -39.68
CA PRO A 2530 -45.67 40.38 -40.07
C PRO A 2530 -44.26 40.71 -39.59
N ASN A 2531 -44.00 40.54 -38.29
CA ASN A 2531 -42.74 40.95 -37.69
C ASN A 2531 -41.92 39.81 -37.12
N ILE A 2532 -42.46 38.61 -37.01
CA ILE A 2532 -41.73 37.47 -36.44
C ILE A 2532 -40.65 37.04 -37.43
N PRO A 2533 -39.39 36.98 -37.02
CA PRO A 2533 -38.35 36.47 -37.92
C PRO A 2533 -38.43 34.95 -38.04
N ILE A 2534 -37.87 34.45 -39.15
CA ILE A 2534 -38.06 33.05 -39.52
C ILE A 2534 -37.38 32.12 -38.53
N ILE A 2535 -36.32 32.58 -37.88
CA ILE A 2535 -35.52 31.72 -37.01
C ILE A 2535 -36.33 31.13 -35.86
N ASP A 2536 -37.51 31.69 -35.58
CA ASP A 2536 -38.40 31.15 -34.56
C ASP A 2536 -39.35 30.09 -35.10
N TYR A 2537 -39.25 29.76 -36.38
CA TYR A 2537 -40.12 28.79 -37.02
C TYR A 2537 -39.32 27.56 -37.40
N GLU A 2538 -39.77 26.39 -36.95
CA GLU A 2538 -39.21 25.13 -37.36
C GLU A 2538 -40.02 24.56 -38.52
N VAL A 2539 -39.59 23.42 -39.02
CA VAL A 2539 -40.23 22.76 -40.16
C VAL A 2539 -40.81 21.44 -39.67
N SER A 2540 -42.13 21.35 -39.67
CA SER A 2540 -42.79 20.11 -39.26
C SER A 2540 -42.60 19.03 -40.31
N ILE A 2541 -42.65 17.78 -39.86
CA ILE A 2541 -42.48 16.65 -40.78
C ILE A 2541 -43.60 16.60 -41.82
N SER A 2542 -44.75 17.21 -41.52
CA SER A 2542 -45.83 17.29 -42.49
C SER A 2542 -45.54 18.22 -43.64
N GLY A 2543 -44.45 19.00 -43.57
CA GLY A 2543 -44.11 19.91 -44.64
C GLY A 2543 -44.66 21.31 -44.48
N GLU A 2544 -44.88 21.77 -43.25
CA GLU A 2544 -45.40 23.11 -43.00
C GLU A 2544 -44.61 23.77 -41.88
N TRP A 2545 -44.48 25.09 -41.98
CA TRP A 2545 -43.81 25.87 -40.96
C TRP A 2545 -44.59 25.82 -39.66
N SER A 2546 -43.88 25.58 -38.55
CA SER A 2546 -44.51 25.47 -37.24
C SER A 2546 -43.77 26.34 -36.25
N PRO A 2547 -44.46 27.18 -35.48
CA PRO A 2547 -43.76 28.04 -34.52
C PRO A 2547 -43.08 27.22 -33.43
N TRP A 2548 -41.90 27.71 -33.02
CA TRP A 2548 -41.20 27.08 -31.90
C TRP A 2548 -41.93 27.29 -30.59
N GLN A 2549 -42.65 28.41 -30.46
CA GLN A 2549 -43.34 28.73 -29.22
C GLN A 2549 -44.38 27.68 -28.85
N ALA A 2550 -44.87 26.92 -29.84
CA ALA A 2550 -45.82 25.85 -29.54
C ALA A 2550 -45.21 24.72 -28.73
N LYS A 2551 -43.88 24.57 -28.78
CA LYS A 2551 -43.18 23.55 -28.02
C LYS A 2551 -42.56 24.08 -26.74
N VAL A 2552 -42.95 25.28 -26.31
CA VAL A 2552 -42.48 25.85 -25.05
C VAL A 2552 -43.67 25.94 -24.10
N PRO A 2553 -44.03 24.84 -23.43
CA PRO A 2553 -45.18 24.87 -22.53
C PRO A 2553 -44.87 25.60 -21.23
N GLN A 2554 -45.92 26.20 -20.67
CA GLN A 2554 -45.81 26.89 -19.39
C GLN A 2554 -45.91 25.85 -18.27
N ILE A 2555 -44.78 25.19 -18.02
CA ILE A 2555 -44.73 24.05 -17.10
C ILE A 2555 -44.76 24.54 -15.66
N GLU A 2556 -44.99 23.60 -14.74
CA GLU A 2556 -44.94 23.86 -13.30
C GLU A 2556 -43.97 22.85 -12.69
N VAL A 2557 -42.80 23.34 -12.27
CA VAL A 2557 -41.79 22.45 -11.72
C VAL A 2557 -42.23 21.94 -10.34
N GLU A 2558 -41.77 20.75 -10.00
CA GLU A 2558 -42.03 20.21 -8.67
C GLU A 2558 -41.36 21.07 -7.61
N THR A 2559 -42.00 21.14 -6.44
CA THR A 2559 -41.50 22.03 -5.39
C THR A 2559 -40.15 21.58 -4.85
N HIS A 2560 -39.86 20.27 -4.90
CA HIS A 2560 -38.60 19.76 -4.38
C HIS A 2560 -37.48 19.74 -5.42
N LYS A 2561 -37.77 20.15 -6.66
CA LYS A 2561 -36.80 20.13 -7.74
C LYS A 2561 -36.50 21.52 -8.28
N VAL A 2562 -36.71 22.55 -7.45
CA VAL A 2562 -36.48 23.92 -7.89
C VAL A 2562 -34.98 24.21 -7.90
N ALA A 2563 -34.53 24.94 -8.92
CA ALA A 2563 -33.13 25.32 -9.08
C ALA A 2563 -32.22 24.10 -9.12
N ALA A 2564 -32.76 22.95 -9.51
CA ALA A 2564 -31.96 21.75 -9.62
C ALA A 2564 -31.10 21.80 -10.88
N PRO A 2565 -29.91 21.18 -10.85
CA PRO A 2565 -29.05 21.19 -12.05
C PRO A 2565 -29.70 20.55 -13.27
N ASP A 2566 -30.48 19.49 -13.08
CA ASP A 2566 -31.12 18.80 -14.19
C ASP A 2566 -32.31 19.57 -14.74
N VAL A 2567 -33.10 20.22 -13.87
CA VAL A 2567 -34.34 20.86 -14.28
C VAL A 2567 -34.03 21.98 -15.26
N VAL A 2568 -34.65 21.92 -16.43
CA VAL A 2568 -34.52 22.94 -17.47
C VAL A 2568 -35.91 23.47 -17.76
N VAL A 2569 -36.11 24.77 -17.52
CA VAL A 2569 -37.38 25.41 -17.86
C VAL A 2569 -37.37 25.66 -19.36
N PRO A 2570 -38.31 25.08 -20.12
CA PRO A 2570 -38.27 25.23 -21.57
C PRO A 2570 -38.40 26.69 -21.99
N THR A 2571 -37.64 27.05 -23.03
CA THR A 2571 -37.60 28.41 -23.53
C THR A 2571 -37.41 28.33 -25.04
N LEU A 2572 -37.81 29.40 -25.74
CA LEU A 2572 -37.66 29.45 -27.19
C LEU A 2572 -36.23 29.16 -27.60
N ASP A 2573 -35.27 29.90 -27.03
CA ASP A 2573 -33.87 29.65 -27.33
C ASP A 2573 -33.46 28.26 -26.89
N THR A 2574 -33.97 27.82 -25.74
CA THR A 2574 -33.62 26.48 -25.24
C THR A 2574 -34.06 25.40 -26.22
N VAL A 2575 -35.30 25.46 -26.70
CA VAL A 2575 -35.80 24.40 -27.58
C VAL A 2575 -35.11 24.47 -28.95
N ARG A 2576 -34.88 25.68 -29.47
CA ARG A 2576 -34.16 25.81 -30.73
C ARG A 2576 -32.77 25.21 -30.64
N HIS A 2577 -32.04 25.54 -29.56
CA HIS A 2577 -30.69 25.05 -29.40
C HIS A 2577 -30.67 23.55 -29.16
N GLU A 2578 -31.64 23.03 -28.42
CA GLU A 2578 -31.72 21.58 -28.22
C GLU A 2578 -31.96 20.85 -29.55
N ALA A 2579 -32.84 21.39 -30.39
CA ALA A 2579 -33.05 20.77 -31.69
C ALA A 2579 -31.80 20.81 -32.55
N LEU A 2580 -31.11 21.95 -32.57
CA LEU A 2580 -29.88 22.06 -33.35
C LEU A 2580 -28.82 21.10 -32.85
N LEU A 2581 -28.64 21.01 -31.53
CA LEU A 2581 -27.66 20.10 -30.96
C LEU A 2581 -28.04 18.65 -31.24
N TYR A 2582 -29.33 18.31 -31.19
CA TYR A 2582 -29.74 16.97 -31.55
C TYR A 2582 -29.38 16.65 -33.00
N THR A 2583 -29.64 17.59 -33.91
CA THR A 2583 -29.29 17.38 -35.30
C THR A 2583 -27.79 17.16 -35.48
N TRP A 2584 -26.97 17.96 -34.80
CA TRP A 2584 -25.53 17.83 -34.99
C TRP A 2584 -24.97 16.60 -34.31
N LEU A 2585 -25.40 16.31 -33.07
CA LEU A 2585 -24.90 15.16 -32.34
C LEU A 2585 -25.32 13.85 -33.00
N ALA A 2586 -26.56 13.78 -33.49
CA ALA A 2586 -27.04 12.55 -34.09
C ALA A 2586 -26.20 12.12 -35.28
N GLU A 2587 -25.60 13.08 -35.99
CA GLU A 2587 -24.68 12.78 -37.08
C GLU A 2587 -23.27 12.50 -36.61
N HIS A 2588 -23.03 12.52 -35.29
CA HIS A 2588 -21.71 12.32 -34.70
C HIS A 2588 -20.72 13.40 -35.13
N LYS A 2589 -21.22 14.53 -35.58
CA LYS A 2589 -20.37 15.65 -35.97
C LYS A 2589 -19.88 16.37 -34.73
N PRO A 2590 -18.57 16.63 -34.61
CA PRO A 2590 -18.09 17.44 -33.49
C PRO A 2590 -18.66 18.84 -33.56
N LEU A 2591 -18.91 19.44 -32.39
CA LEU A 2591 -19.58 20.72 -32.40
C LEU A 2591 -19.01 21.59 -31.27
N VAL A 2592 -19.29 22.89 -31.37
CA VAL A 2592 -18.77 23.88 -30.41
C VAL A 2592 -19.93 24.75 -29.92
N LEU A 2593 -20.00 24.93 -28.61
CA LEU A 2593 -20.96 25.81 -27.95
C LEU A 2593 -20.22 27.06 -27.48
N CYS A 2594 -20.47 28.19 -28.12
CA CYS A 2594 -19.81 29.43 -27.78
C CYS A 2594 -20.81 30.38 -27.12
N GLY A 2595 -20.37 31.06 -26.08
CA GLY A 2595 -21.21 32.01 -25.40
C GLY A 2595 -20.61 32.49 -24.10
N PRO A 2596 -21.25 33.47 -23.47
CA PRO A 2596 -20.75 33.97 -22.19
C PRO A 2596 -20.87 32.90 -21.13
N PRO A 2597 -20.03 32.95 -20.10
CA PRO A 2597 -20.11 31.93 -19.03
C PRO A 2597 -21.46 31.97 -18.33
N GLY A 2598 -21.96 30.79 -18.00
CA GLY A 2598 -23.25 30.68 -17.34
C GLY A 2598 -24.45 30.90 -18.24
N SER A 2599 -24.26 30.95 -19.56
CA SER A 2599 -25.38 31.16 -20.46
C SER A 2599 -26.25 29.92 -20.62
N GLY A 2600 -25.70 28.74 -20.38
CA GLY A 2600 -26.48 27.52 -20.47
C GLY A 2600 -25.97 26.56 -21.52
N LYS A 2601 -24.69 26.65 -21.86
CA LYS A 2601 -24.12 25.75 -22.86
C LYS A 2601 -24.10 24.32 -22.36
N THR A 2602 -23.58 24.09 -21.15
CA THR A 2602 -23.58 22.75 -20.58
C THR A 2602 -25.00 22.26 -20.35
N MET A 2603 -25.87 23.14 -19.84
CA MET A 2603 -27.26 22.75 -19.60
C MET A 2603 -27.95 22.35 -20.89
N THR A 2604 -27.79 23.15 -21.95
CA THR A 2604 -28.40 22.82 -23.23
C THR A 2604 -27.83 21.53 -23.80
N LEU A 2605 -26.51 21.35 -23.69
CA LEU A 2605 -25.89 20.15 -24.24
C LEU A 2605 -26.39 18.90 -23.53
N PHE A 2606 -26.48 18.94 -22.20
CA PHE A 2606 -26.94 17.77 -21.46
C PHE A 2606 -28.43 17.52 -21.68
N SER A 2607 -29.23 18.58 -21.81
CA SER A 2607 -30.64 18.41 -22.14
C SER A 2607 -30.82 17.76 -23.50
N ALA A 2608 -30.01 18.17 -24.48
CA ALA A 2608 -30.07 17.52 -25.79
C ALA A 2608 -29.58 16.08 -25.72
N LEU A 2609 -28.54 15.81 -24.94
CA LEU A 2609 -28.01 14.46 -24.80
C LEU A 2609 -28.97 13.53 -24.07
N ARG A 2610 -29.87 14.06 -23.24
CA ARG A 2610 -30.89 13.22 -22.63
C ARG A 2610 -31.76 12.55 -23.68
N ALA A 2611 -32.01 13.24 -24.80
CA ALA A 2611 -32.78 12.68 -25.90
C ALA A 2611 -32.00 11.62 -26.69
N LEU A 2612 -30.70 11.48 -26.44
CA LEU A 2612 -29.86 10.50 -27.12
C LEU A 2612 -29.35 9.49 -26.12
N PRO A 2613 -30.04 8.35 -25.95
CA PRO A 2613 -29.64 7.41 -24.88
C PRO A 2613 -28.41 6.58 -25.20
N ASP A 2614 -27.97 6.52 -26.44
CA ASP A 2614 -26.84 5.69 -26.82
C ASP A 2614 -25.50 6.39 -26.70
N MET A 2615 -25.46 7.60 -26.17
CA MET A 2615 -24.22 8.33 -25.98
C MET A 2615 -23.98 8.61 -24.51
N GLU A 2616 -22.78 8.29 -24.04
CA GLU A 2616 -22.35 8.61 -22.68
C GLU A 2616 -21.31 9.72 -22.75
N VAL A 2617 -21.48 10.74 -21.91
CA VAL A 2617 -20.65 11.93 -21.97
C VAL A 2617 -19.60 11.89 -20.86
N VAL A 2618 -18.39 12.33 -21.19
CA VAL A 2618 -17.29 12.47 -20.24
C VAL A 2618 -16.82 13.92 -20.28
N GLY A 2619 -16.78 14.55 -19.11
CA GLY A 2619 -16.41 15.95 -19.02
C GLY A 2619 -14.93 16.20 -18.86
N LEU A 2620 -14.39 17.09 -19.68
CA LEU A 2620 -13.01 17.52 -19.63
C LEU A 2620 -12.97 19.03 -19.46
N ASN A 2621 -12.07 19.51 -18.62
CA ASN A 2621 -11.97 20.93 -18.31
C ASN A 2621 -10.59 21.42 -18.76
N PHE A 2622 -10.55 22.04 -19.94
CA PHE A 2622 -9.31 22.56 -20.46
C PHE A 2622 -8.87 23.78 -19.66
N SER A 2623 -7.56 23.94 -19.53
CA SER A 2623 -6.97 25.12 -18.93
C SER A 2623 -5.85 25.60 -19.84
N SER A 2624 -5.15 26.66 -19.41
CA SER A 2624 -4.04 27.17 -20.21
C SER A 2624 -2.90 26.16 -20.32
N ALA A 2625 -2.79 25.23 -19.39
CA ALA A 2625 -1.74 24.23 -19.37
C ALA A 2625 -2.18 22.89 -19.96
N THR A 2626 -3.33 22.85 -20.63
CA THR A 2626 -3.86 21.60 -21.15
C THR A 2626 -3.07 21.14 -22.37
N THR A 2627 -2.64 19.89 -22.35
CA THR A 2627 -1.95 19.26 -23.46
C THR A 2627 -2.78 18.06 -23.92
N PRO A 2628 -2.45 17.41 -25.04
CA PRO A 2628 -3.16 16.18 -25.41
C PRO A 2628 -3.07 15.07 -24.36
N GLU A 2629 -2.22 15.22 -23.34
CA GLU A 2629 -2.10 14.21 -22.31
C GLU A 2629 -3.41 14.02 -21.55
N LEU A 2630 -4.19 15.09 -21.36
CA LEU A 2630 -5.48 14.96 -20.70
C LEU A 2630 -6.42 14.07 -21.50
N LEU A 2631 -6.47 14.29 -22.82
CA LEU A 2631 -7.26 13.43 -23.70
C LEU A 2631 -6.75 12.01 -23.67
N LEU A 2632 -5.44 11.82 -23.64
CA LEU A 2632 -4.88 10.47 -23.60
C LEU A 2632 -5.22 9.75 -22.31
N LYS A 2633 -5.20 10.47 -21.18
CA LYS A 2633 -5.62 9.87 -19.91
C LYS A 2633 -7.09 9.49 -19.93
N THR A 2634 -7.94 10.35 -20.50
CA THR A 2634 -9.35 10.01 -20.62
C THR A 2634 -9.55 8.79 -21.52
N PHE A 2635 -8.78 8.69 -22.60
CA PHE A 2635 -8.85 7.52 -23.46
C PHE A 2635 -8.40 6.27 -22.72
N ASP A 2636 -7.35 6.38 -21.91
CA ASP A 2636 -6.87 5.23 -21.14
C ASP A 2636 -7.94 4.78 -20.14
N HIS A 2637 -8.67 5.73 -19.56
CA HIS A 2637 -9.68 5.36 -18.57
C HIS A 2637 -10.93 4.78 -19.23
N TYR A 2638 -11.58 5.55 -20.10
CA TYR A 2638 -12.89 5.19 -20.61
C TYR A 2638 -12.85 4.34 -21.88
N CYS A 2639 -11.70 4.17 -22.51
CA CYS A 2639 -11.62 3.47 -23.79
C CYS A 2639 -10.62 2.32 -23.70
N GLU A 2640 -10.46 1.62 -24.82
CA GLU A 2640 -9.59 0.46 -24.91
C GLU A 2640 -8.99 0.39 -26.31
N TYR A 2641 -7.70 0.06 -26.38
CA TYR A 2641 -7.01 -0.17 -27.63
C TYR A 2641 -7.09 -1.65 -27.98
N ARG A 2642 -7.51 -1.96 -29.20
CA ARG A 2642 -7.60 -3.34 -29.66
C ARG A 2642 -6.92 -3.47 -31.02
N ARG A 2643 -6.28 -4.61 -31.25
CA ARG A 2643 -5.59 -4.88 -32.50
C ARG A 2643 -6.55 -5.59 -33.45
N THR A 2644 -6.72 -5.04 -34.63
CA THR A 2644 -7.53 -5.58 -35.70
C THR A 2644 -6.65 -5.75 -36.93
N PRO A 2645 -7.06 -6.56 -37.90
CA PRO A 2645 -6.22 -6.73 -39.10
C PRO A 2645 -5.94 -5.43 -39.84
N ASN A 2646 -6.76 -4.39 -39.62
CA ASN A 2646 -6.53 -3.10 -40.27
C ASN A 2646 -5.67 -2.16 -39.44
N GLY A 2647 -5.39 -2.47 -38.17
CA GLY A 2647 -4.55 -1.65 -37.34
C GLY A 2647 -5.07 -1.59 -35.92
N VAL A 2648 -4.63 -0.59 -35.17
CA VAL A 2648 -5.07 -0.42 -33.80
C VAL A 2648 -6.30 0.49 -33.78
N VAL A 2649 -7.34 0.06 -33.06
CA VAL A 2649 -8.58 0.81 -32.95
C VAL A 2649 -8.83 1.12 -31.48
N LEU A 2650 -9.09 2.38 -31.17
CA LEU A 2650 -9.44 2.82 -29.82
C LEU A 2650 -10.94 3.01 -29.76
N ALA A 2651 -11.61 2.23 -28.91
CA ALA A 2651 -13.05 2.26 -28.82
C ALA A 2651 -13.49 2.25 -27.37
N PRO A 2652 -14.68 2.80 -27.07
CA PRO A 2652 -15.17 2.78 -25.69
C PRO A 2652 -15.37 1.36 -25.19
N VAL A 2653 -15.18 1.17 -23.89
CA VAL A 2653 -15.35 -0.14 -23.28
C VAL A 2653 -16.79 -0.62 -23.40
N GLN A 2654 -17.74 0.28 -23.16
CA GLN A 2654 -19.16 -0.07 -23.26
C GLN A 2654 -19.54 -0.24 -24.72
N LEU A 2655 -19.94 -1.46 -25.09
CA LEU A 2655 -20.30 -1.75 -26.48
C LEU A 2655 -21.62 -1.08 -26.85
N GLY A 2656 -21.70 -0.63 -28.10
CA GLY A 2656 -22.92 -0.06 -28.63
C GLY A 2656 -23.20 1.36 -28.23
N LYS A 2657 -22.32 2.00 -27.46
CA LYS A 2657 -22.51 3.37 -27.02
C LYS A 2657 -21.41 4.27 -27.58
N TRP A 2658 -21.76 5.51 -27.84
CA TRP A 2658 -20.82 6.51 -28.33
C TRP A 2658 -20.32 7.35 -27.17
N LEU A 2659 -19.00 7.49 -27.07
CA LEU A 2659 -18.38 8.29 -26.02
C LEU A 2659 -18.27 9.73 -26.51
N VAL A 2660 -18.86 10.66 -25.77
CA VAL A 2660 -18.88 12.07 -26.14
C VAL A 2660 -17.94 12.81 -25.20
N LEU A 2661 -16.84 13.32 -25.74
CA LEU A 2661 -15.85 14.06 -24.95
C LEU A 2661 -16.25 15.53 -24.94
N PHE A 2662 -16.76 16.00 -23.80
CA PHE A 2662 -17.18 17.40 -23.66
C PHE A 2662 -16.04 18.20 -23.04
N CYS A 2663 -15.27 18.88 -23.88
CA CYS A 2663 -14.18 19.73 -23.43
C CYS A 2663 -14.72 21.14 -23.22
N ASP A 2664 -14.54 21.67 -22.01
CA ASP A 2664 -15.33 22.83 -21.58
C ASP A 2664 -14.65 24.17 -21.85
N GLU A 2665 -13.35 24.21 -22.08
CA GLU A 2665 -12.64 25.48 -22.26
C GLU A 2665 -11.66 25.38 -23.43
N ILE A 2666 -12.15 24.91 -24.59
CA ILE A 2666 -11.29 24.48 -25.68
C ILE A 2666 -10.38 25.59 -26.19
N ASN A 2667 -10.72 26.86 -25.95
CA ASN A 2667 -9.90 27.96 -26.43
C ASN A 2667 -9.01 28.59 -25.35
N LEU A 2668 -8.93 27.98 -24.17
CA LEU A 2668 -8.00 28.44 -23.15
C LEU A 2668 -6.55 28.00 -23.33
N PRO A 2669 -6.27 26.71 -23.74
CA PRO A 2669 -4.88 26.25 -23.78
C PRO A 2669 -3.89 27.21 -24.41
N ASP A 2670 -2.69 27.27 -23.84
CA ASP A 2670 -1.69 28.23 -24.28
C ASP A 2670 -1.38 28.08 -25.76
N MET A 2671 -1.36 29.19 -26.46
CA MET A 2671 -0.96 29.23 -27.86
C MET A 2671 0.52 29.57 -27.95
N ASP A 2672 1.23 28.83 -28.80
CA ASP A 2672 2.67 29.02 -28.93
C ASP A 2672 2.98 30.43 -29.42
N LYS A 2673 4.27 30.77 -29.36
CA LYS A 2673 4.72 32.01 -29.99
C LYS A 2673 4.61 31.96 -31.50
N TYR A 2674 4.36 30.77 -32.07
CA TYR A 2674 4.10 30.59 -33.49
C TYR A 2674 2.63 30.29 -33.77
N GLY A 2675 1.73 30.70 -32.88
CA GLY A 2675 0.30 30.61 -33.13
C GLY A 2675 -0.30 29.22 -33.26
N THR A 2676 0.04 28.31 -32.34
CA THR A 2676 -0.52 26.97 -32.37
C THR A 2676 -0.84 26.50 -30.97
N GLN A 2677 -2.03 25.90 -30.80
CA GLN A 2677 -2.41 25.18 -29.59
C GLN A 2677 -2.28 23.69 -29.87
N ARG A 2678 -1.42 23.01 -29.10
CA ARG A 2678 -1.11 21.62 -29.39
C ARG A 2678 -2.33 20.72 -29.24
N VAL A 2679 -3.15 20.95 -28.21
CA VAL A 2679 -4.32 20.11 -28.01
C VAL A 2679 -5.35 20.36 -29.10
N ILE A 2680 -5.44 21.59 -29.62
CA ILE A 2680 -6.36 21.86 -30.72
C ILE A 2680 -5.90 21.15 -31.98
N SER A 2681 -4.58 21.11 -32.22
CA SER A 2681 -4.06 20.34 -33.33
C SER A 2681 -4.34 18.85 -33.16
N PHE A 2682 -4.22 18.35 -31.93
CA PHE A 2682 -4.52 16.95 -31.67
C PHE A 2682 -5.98 16.63 -31.95
N ILE A 2683 -6.89 17.51 -31.52
CA ILE A 2683 -8.31 17.30 -31.77
C ILE A 2683 -8.61 17.39 -33.27
N ARG A 2684 -7.97 18.31 -33.97
CA ARG A 2684 -8.16 18.40 -35.42
C ARG A 2684 -7.67 17.15 -36.11
N GLN A 2685 -6.54 16.60 -35.66
CA GLN A 2685 -6.05 15.35 -36.22
C GLN A 2685 -7.05 14.22 -35.97
N MET A 2686 -7.60 14.14 -34.77
CA MET A 2686 -8.56 13.08 -34.47
C MET A 2686 -9.85 13.24 -35.27
N VAL A 2687 -10.27 14.48 -35.55
CA VAL A 2687 -11.53 14.70 -36.23
C VAL A 2687 -11.38 14.50 -37.74
N GLU A 2688 -10.36 15.11 -38.35
CA GLU A 2688 -10.19 15.05 -39.79
C GLU A 2688 -9.73 13.67 -40.25
N HIS A 2689 -8.68 13.14 -39.62
CA HIS A 2689 -8.09 11.87 -40.03
C HIS A 2689 -8.63 10.68 -39.27
N GLY A 2690 -9.56 10.90 -38.34
CA GLY A 2690 -10.18 9.81 -37.61
C GLY A 2690 -9.24 9.02 -36.73
N GLY A 2691 -8.26 9.67 -36.13
CA GLY A 2691 -7.34 8.97 -35.26
C GLY A 2691 -6.15 9.83 -34.92
N PHE A 2692 -5.18 9.22 -34.25
CA PHE A 2692 -3.95 9.88 -33.85
C PHE A 2692 -2.80 8.90 -33.91
N TYR A 2693 -1.65 9.30 -33.39
CA TYR A 2693 -0.47 8.46 -33.33
C TYR A 2693 -0.12 8.15 -31.88
N ARG A 2694 -0.11 6.87 -31.53
CA ARG A 2694 0.40 6.43 -30.25
C ARG A 2694 1.92 6.55 -30.28
N THR A 2695 2.46 7.41 -29.44
CA THR A 2695 3.90 7.69 -29.42
C THR A 2695 4.69 6.64 -28.67
N SER A 2696 4.02 5.71 -27.98
CA SER A 2696 4.73 4.63 -27.31
C SER A 2696 5.47 3.77 -28.32
N ASP A 2697 4.82 3.45 -29.45
CA ASP A 2697 5.43 2.67 -30.51
C ASP A 2697 5.19 3.29 -31.88
N GLN A 2698 4.79 4.57 -31.92
CA GLN A 2698 4.58 5.31 -33.17
C GLN A 2698 3.59 4.60 -34.09
N THR A 2699 2.45 4.20 -33.53
CA THR A 2699 1.47 3.41 -34.27
C THR A 2699 0.20 4.23 -34.49
N TRP A 2700 -0.32 4.20 -35.71
CA TRP A 2700 -1.56 4.91 -35.99
C TRP A 2700 -2.73 4.21 -35.32
N VAL A 2701 -3.45 4.96 -34.49
CA VAL A 2701 -4.62 4.47 -33.77
C VAL A 2701 -5.84 5.16 -34.35
N LYS A 2702 -6.85 4.38 -34.71
CA LYS A 2702 -8.07 4.88 -35.31
C LYS A 2702 -9.18 4.95 -34.26
N LEU A 2703 -9.81 6.11 -34.15
CA LEU A 2703 -10.91 6.27 -33.21
C LEU A 2703 -12.15 5.55 -33.72
N GLU A 2704 -12.90 4.96 -32.80
CA GLU A 2704 -14.19 4.35 -33.14
C GLU A 2704 -15.19 4.72 -32.06
N ARG A 2705 -16.35 5.23 -32.49
CA ARG A 2705 -17.45 5.58 -31.57
C ARG A 2705 -17.01 6.61 -30.54
N ILE A 2706 -16.20 7.59 -30.97
CA ILE A 2706 -15.74 8.68 -30.12
C ILE A 2706 -16.08 9.99 -30.81
N GLN A 2707 -16.69 10.91 -30.06
CA GLN A 2707 -17.25 12.14 -30.63
C GLN A 2707 -16.83 13.32 -29.77
N PHE A 2708 -16.76 14.49 -30.38
CA PHE A 2708 -16.18 15.67 -29.74
C PHE A 2708 -17.18 16.82 -29.67
N VAL A 2709 -17.45 17.27 -28.45
CA VAL A 2709 -18.22 18.48 -28.17
C VAL A 2709 -17.35 19.40 -27.33
N GLY A 2710 -17.25 20.65 -27.73
CA GLY A 2710 -16.48 21.64 -27.01
C GLY A 2710 -17.37 22.79 -26.57
N ALA A 2711 -16.98 23.44 -25.48
CA ALA A 2711 -17.62 24.66 -25.01
C ALA A 2711 -16.55 25.72 -24.82
N CYS A 2712 -16.94 26.97 -25.02
CA CYS A 2712 -15.96 28.04 -24.91
C CYS A 2712 -16.67 29.38 -24.80
N ASN A 2713 -15.96 30.35 -24.21
CA ASN A 2713 -16.37 31.74 -24.22
C ASN A 2713 -15.89 32.40 -25.52
N PRO A 2714 -16.49 33.53 -25.89
CA PRO A 2714 -16.09 34.20 -27.13
C PRO A 2714 -14.60 34.51 -27.14
N PRO A 2715 -13.95 34.39 -28.30
CA PRO A 2715 -12.48 34.55 -28.34
C PRO A 2715 -12.00 35.95 -27.98
N THR A 2716 -12.89 36.94 -27.89
CA THR A 2716 -12.51 38.28 -27.47
C THR A 2716 -12.40 38.40 -25.95
N ASP A 2717 -12.82 37.39 -25.20
CA ASP A 2717 -12.69 37.44 -23.75
C ASP A 2717 -11.22 37.30 -23.34
N PRO A 2718 -10.84 37.86 -22.20
CA PRO A 2718 -9.45 37.73 -21.75
C PRO A 2718 -9.09 36.28 -21.48
N GLY A 2719 -7.93 35.86 -21.97
CA GLY A 2719 -7.47 34.51 -21.81
C GLY A 2719 -7.94 33.53 -22.87
N ARG A 2720 -8.82 33.97 -23.78
CA ARG A 2720 -9.36 33.11 -24.82
C ARG A 2720 -8.68 33.42 -26.14
N LYS A 2721 -8.26 32.38 -26.85
CA LYS A 2721 -7.57 32.51 -28.13
C LYS A 2721 -8.48 32.07 -29.26
N PRO A 2722 -8.38 32.71 -30.43
CA PRO A 2722 -9.18 32.28 -31.57
C PRO A 2722 -8.73 30.92 -32.08
N LEU A 2723 -9.70 30.05 -32.33
CA LEU A 2723 -9.38 28.69 -32.78
C LEU A 2723 -8.89 28.70 -34.22
N SER A 2724 -8.11 27.67 -34.56
CA SER A 2724 -7.58 27.56 -35.91
C SER A 2724 -8.70 27.34 -36.92
N HIS A 2725 -8.55 27.95 -38.09
CA HIS A 2725 -9.57 27.82 -39.13
C HIS A 2725 -9.68 26.39 -39.62
N ARG A 2726 -8.54 25.70 -39.75
CA ARG A 2726 -8.54 24.31 -40.17
C ARG A 2726 -9.23 23.41 -39.15
N PHE A 2727 -9.22 23.78 -37.88
CA PHE A 2727 -10.03 23.13 -36.87
C PHE A 2727 -11.50 23.52 -36.98
N LEU A 2728 -11.78 24.80 -37.23
CA LEU A 2728 -13.15 25.28 -37.24
C LEU A 2728 -13.95 24.74 -38.43
N ARG A 2729 -13.30 24.40 -39.54
CA ARG A 2729 -14.05 23.90 -40.69
C ARG A 2729 -14.75 22.58 -40.40
N HIS A 2730 -14.28 21.82 -39.40
CA HIS A 2730 -14.88 20.55 -39.05
C HIS A 2730 -15.94 20.67 -37.95
N VAL A 2731 -15.97 21.77 -37.22
CA VAL A 2731 -16.88 21.90 -36.09
C VAL A 2731 -17.85 23.06 -36.31
N PRO A 2732 -19.14 22.81 -36.45
CA PRO A 2732 -20.12 23.89 -36.41
C PRO A 2732 -20.17 24.52 -35.02
N VAL A 2733 -20.33 25.83 -35.01
CA VAL A 2733 -20.35 26.62 -33.78
C VAL A 2733 -21.74 27.20 -33.59
N VAL A 2734 -22.32 27.01 -32.42
CA VAL A 2734 -23.62 27.59 -32.09
C VAL A 2734 -23.43 28.54 -30.91
N TYR A 2735 -23.98 29.75 -31.06
CA TYR A 2735 -23.79 30.80 -30.07
C TYR A 2735 -24.96 30.76 -29.08
N VAL A 2736 -24.64 30.48 -27.81
CA VAL A 2736 -25.62 30.44 -26.75
C VAL A 2736 -25.44 31.71 -25.92
N ASP A 2737 -26.33 32.67 -26.10
CA ASP A 2737 -26.24 33.95 -25.43
C ASP A 2737 -27.00 33.93 -24.11
N TYR A 2738 -26.83 34.99 -23.33
CA TYR A 2738 -27.51 35.12 -22.06
C TYR A 2738 -29.01 35.21 -22.29
N PRO A 2739 -29.83 34.55 -21.47
CA PRO A 2739 -31.28 34.75 -21.56
C PRO A 2739 -31.64 36.20 -21.30
N GLY A 2740 -32.62 36.70 -22.06
CA GLY A 2740 -33.04 38.06 -21.95
C GLY A 2740 -33.84 38.30 -20.68
N PRO A 2741 -34.20 39.56 -20.41
CA PRO A 2741 -35.03 39.84 -19.23
C PRO A 2741 -36.34 39.09 -19.23
N ALA A 2742 -36.98 38.94 -20.39
CA ALA A 2742 -38.22 38.17 -20.47
C ALA A 2742 -37.96 36.69 -20.21
N SER A 2743 -36.90 36.13 -20.79
CA SER A 2743 -36.59 34.72 -20.57
C SER A 2743 -36.21 34.47 -19.12
N LEU A 2744 -35.39 35.35 -18.53
CA LEU A 2744 -35.03 35.20 -17.13
C LEU A 2744 -36.26 35.30 -16.24
N THR A 2745 -37.14 36.25 -16.55
CA THR A 2745 -38.38 36.38 -15.80
C THR A 2745 -39.22 35.12 -15.89
N GLN A 2746 -39.34 34.54 -17.08
CA GLN A 2746 -40.10 33.30 -17.23
C GLN A 2746 -39.51 32.17 -16.39
N ILE A 2747 -38.21 31.91 -16.56
CA ILE A 2747 -37.57 30.78 -15.89
C ILE A 2747 -37.67 30.93 -14.39
N TYR A 2748 -37.26 32.08 -13.87
CA TYR A 2748 -37.17 32.22 -12.43
C TYR A 2748 -38.51 32.59 -11.78
N GLY A 2749 -39.48 33.08 -12.55
CA GLY A 2749 -40.84 33.14 -12.03
C GLY A 2749 -41.44 31.76 -11.87
N THR A 2750 -41.18 30.86 -12.83
CA THR A 2750 -41.60 29.47 -12.65
C THR A 2750 -40.94 28.86 -11.42
N PHE A 2751 -39.63 29.08 -11.26
CA PHE A 2751 -38.92 28.55 -10.10
C PHE A 2751 -39.46 29.13 -8.80
N ASN A 2752 -39.71 30.44 -8.76
CA ASN A 2752 -40.18 31.07 -7.53
C ASN A 2752 -41.61 30.65 -7.21
N ARG A 2753 -42.44 30.43 -8.22
CA ARG A 2753 -43.78 29.90 -7.98
C ARG A 2753 -43.69 28.51 -7.36
N ALA A 2754 -42.90 27.62 -7.97
CA ALA A 2754 -42.75 26.28 -7.41
C ALA A 2754 -42.12 26.29 -6.02
N MET A 2755 -41.31 27.30 -5.72
CA MET A 2755 -40.73 27.46 -4.39
C MET A 2755 -41.75 27.95 -3.36
N LEU A 2756 -42.40 29.08 -3.66
CA LEU A 2756 -43.34 29.72 -2.75
C LEU A 2756 -44.63 28.93 -2.60
N ARG A 2757 -44.86 27.90 -3.42
CA ARG A 2757 -45.97 27.00 -3.11
C ARG A 2757 -45.79 26.30 -1.77
N LEU A 2758 -44.57 26.28 -1.22
CA LEU A 2758 -44.37 25.75 0.13
C LEU A 2758 -45.15 26.56 1.16
N ILE A 2759 -45.12 27.88 1.04
CA ILE A 2759 -45.81 28.76 1.98
C ILE A 2759 -46.95 29.45 1.23
N PRO A 2760 -48.19 28.97 1.36
CA PRO A 2760 -49.29 29.55 0.59
C PRO A 2760 -49.47 31.05 0.79
N SER A 2761 -49.29 31.54 2.02
CA SER A 2761 -49.50 32.95 2.30
C SER A 2761 -48.56 33.86 1.52
N LEU A 2762 -47.46 33.32 1.00
CA LEU A 2762 -46.49 34.09 0.24
C LEU A 2762 -46.69 33.97 -1.27
N ARG A 2763 -47.67 33.18 -1.72
CA ARG A 2763 -47.83 32.93 -3.16
C ARG A 2763 -48.05 34.23 -3.93
N THR A 2764 -48.83 35.15 -3.38
CA THR A 2764 -49.14 36.41 -4.05
C THR A 2764 -47.90 37.27 -4.29
N TYR A 2765 -46.75 36.92 -3.69
CA TYR A 2765 -45.51 37.65 -3.90
C TYR A 2765 -44.59 36.97 -4.91
N ALA A 2766 -45.07 35.95 -5.62
CA ALA A 2766 -44.23 35.28 -6.60
C ALA A 2766 -43.84 36.23 -7.75
N GLU A 2767 -44.81 37.00 -8.25
CA GLU A 2767 -44.51 37.90 -9.36
C GLU A 2767 -43.54 39.02 -8.98
N PRO A 2768 -43.71 39.76 -7.88
CA PRO A 2768 -42.73 40.81 -7.57
C PRO A 2768 -41.36 40.25 -7.21
N LEU A 2769 -41.31 39.23 -6.34
CA LEU A 2769 -40.04 38.65 -5.92
C LEU A 2769 -39.12 38.40 -7.12
N THR A 2770 -39.57 37.54 -8.04
CA THR A 2770 -38.77 37.26 -9.23
C THR A 2770 -38.35 38.55 -9.92
N ALA A 2771 -39.30 39.45 -10.16
CA ALA A 2771 -38.97 40.72 -10.80
C ALA A 2771 -37.84 41.41 -10.06
N ALA A 2772 -37.99 41.56 -8.73
CA ALA A 2772 -36.93 42.17 -7.95
C ALA A 2772 -35.60 41.46 -8.21
N MET A 2773 -35.59 40.13 -8.05
CA MET A 2773 -34.42 39.34 -8.39
C MET A 2773 -33.84 39.80 -9.71
N VAL A 2774 -34.63 39.67 -10.79
CA VAL A 2774 -34.12 39.98 -12.11
C VAL A 2774 -33.56 41.39 -12.12
N GLU A 2775 -34.33 42.35 -11.62
CA GLU A 2775 -33.89 43.73 -11.64
C GLU A 2775 -32.52 43.86 -10.99
N PHE A 2776 -32.40 43.37 -9.75
CA PHE A 2776 -31.13 43.51 -9.06
C PHE A 2776 -30.02 42.86 -9.85
N TYR A 2777 -30.27 41.63 -10.34
CA TYR A 2777 -29.24 40.94 -11.09
C TYR A 2777 -28.78 41.79 -12.26
N THR A 2778 -29.74 42.30 -13.04
CA THR A 2778 -29.38 43.12 -14.19
C THR A 2778 -28.50 44.28 -13.76
N MET A 2779 -28.91 44.99 -12.70
CA MET A 2779 -28.13 46.13 -12.25
C MET A 2779 -26.72 45.70 -11.89
N SER A 2780 -26.59 44.58 -11.16
CA SER A 2780 -25.26 44.10 -10.83
C SER A 2780 -24.47 43.81 -12.09
N GLN A 2781 -25.09 43.12 -13.05
CA GLN A 2781 -24.38 42.77 -14.27
C GLN A 2781 -24.05 44.01 -15.09
N GLU A 2782 -24.75 45.12 -14.85
CA GLU A 2782 -24.45 46.35 -15.55
C GLU A 2782 -23.45 47.20 -14.76
N ARG A 2783 -23.31 46.93 -13.47
CA ARG A 2783 -22.46 47.78 -12.64
C ARG A 2783 -21.04 47.25 -12.55
N PHE A 2784 -20.89 46.01 -12.07
CA PHE A 2784 -19.59 45.38 -11.91
C PHE A 2784 -19.29 44.53 -13.14
N THR A 2785 -18.41 45.02 -14.00
CA THR A 2785 -18.01 44.33 -15.22
C THR A 2785 -16.61 43.77 -15.06
N GLN A 2786 -16.22 42.91 -16.00
CA GLN A 2786 -14.91 42.27 -15.96
C GLN A 2786 -13.78 43.25 -16.24
N ASP A 2787 -14.08 44.46 -16.71
CA ASP A 2787 -13.03 45.45 -16.93
C ASP A 2787 -12.41 45.92 -15.62
N THR A 2788 -13.20 45.95 -14.54
CA THR A 2788 -12.67 46.36 -13.24
C THR A 2788 -11.88 45.22 -12.59
N GLN A 2789 -12.53 44.09 -12.35
CA GLN A 2789 -11.89 42.94 -11.75
C GLN A 2789 -12.21 41.69 -12.56
N PRO A 2790 -11.26 40.75 -12.66
CA PRO A 2790 -11.49 39.56 -13.49
C PRO A 2790 -12.65 38.69 -13.01
N HIS A 2791 -12.91 38.63 -11.71
CA HIS A 2791 -13.91 37.73 -11.16
C HIS A 2791 -15.29 38.34 -11.11
N TYR A 2792 -15.47 39.55 -11.64
CA TYR A 2792 -16.78 40.22 -11.65
C TYR A 2792 -17.59 39.71 -12.84
N ILE A 2793 -18.03 38.45 -12.72
CA ILE A 2793 -18.82 37.79 -13.75
C ILE A 2793 -20.13 37.36 -13.13
N TYR A 2794 -21.23 37.93 -13.61
CA TYR A 2794 -22.57 37.61 -13.12
C TYR A 2794 -23.37 36.97 -14.24
N SER A 2795 -23.94 35.80 -13.95
CA SER A 2795 -24.62 34.99 -14.95
C SER A 2795 -25.90 34.42 -14.36
N PRO A 2796 -26.75 33.78 -15.15
CA PRO A 2796 -27.91 33.08 -14.57
C PRO A 2796 -27.54 32.04 -13.52
N ARG A 2797 -26.26 31.65 -13.43
CA ARG A 2797 -25.84 30.79 -12.32
C ARG A 2797 -26.06 31.48 -10.99
N GLU A 2798 -25.81 32.79 -10.93
CA GLU A 2798 -26.04 33.54 -9.71
C GLU A 2798 -27.51 33.53 -9.31
N MET A 2799 -28.42 33.69 -10.27
CA MET A 2799 -29.83 33.71 -9.94
C MET A 2799 -30.34 32.30 -9.61
N THR A 2800 -29.77 31.28 -10.23
CA THR A 2800 -30.10 29.91 -9.87
C THR A 2800 -29.68 29.62 -8.43
N ARG A 2801 -28.48 30.06 -8.04
CA ARG A 2801 -28.04 29.90 -6.65
C ARG A 2801 -28.90 30.72 -5.71
N TRP A 2802 -29.36 31.90 -6.17
CA TRP A 2802 -30.29 32.70 -5.39
C TRP A 2802 -31.57 31.94 -5.08
N VAL A 2803 -32.20 31.38 -6.11
CA VAL A 2803 -33.43 30.63 -5.93
C VAL A 2803 -33.19 29.42 -5.04
N ARG A 2804 -32.08 28.71 -5.26
CA ARG A 2804 -31.80 27.53 -4.46
C ARG A 2804 -31.57 27.87 -3.00
N GLY A 2805 -30.86 28.97 -2.71
CA GLY A 2805 -30.65 29.37 -1.33
C GLY A 2805 -31.93 29.80 -0.65
N ILE A 2806 -32.77 30.57 -1.35
CA ILE A 2806 -34.04 30.96 -0.77
C ILE A 2806 -34.90 29.74 -0.48
N PHE A 2807 -34.92 28.78 -1.41
CA PHE A 2807 -35.67 27.55 -1.19
C PHE A 2807 -35.14 26.76 0.00
N GLU A 2808 -33.82 26.64 0.12
CA GLU A 2808 -33.24 25.92 1.24
C GLU A 2808 -33.54 26.61 2.56
N ALA A 2809 -33.66 27.93 2.54
CA ALA A 2809 -34.06 28.64 3.76
C ALA A 2809 -35.53 28.43 4.08
N LEU A 2810 -36.39 28.41 3.06
CA LEU A 2810 -37.83 28.28 3.26
C LEU A 2810 -38.29 26.85 3.48
N ARG A 2811 -37.44 25.86 3.21
CA ARG A 2811 -37.89 24.47 3.25
C ARG A 2811 -38.42 24.02 4.62
N PRO A 2812 -37.71 24.22 5.74
CA PRO A 2812 -38.24 23.71 7.01
C PRO A 2812 -39.25 24.61 7.67
N LEU A 2813 -39.36 25.87 7.27
CA LEU A 2813 -40.27 26.79 7.94
C LEU A 2813 -41.72 26.52 7.55
N GLU A 2814 -42.60 26.57 8.54
CA GLU A 2814 -44.02 26.33 8.33
C GLU A 2814 -44.77 27.58 7.91
N THR A 2815 -44.35 28.75 8.41
CA THR A 2815 -44.99 30.01 8.05
C THR A 2815 -43.96 31.13 8.10
N LEU A 2816 -44.23 32.18 7.35
CA LEU A 2816 -43.37 33.36 7.32
C LEU A 2816 -44.16 34.58 6.85
N PRO A 2817 -43.93 35.74 7.44
CA PRO A 2817 -44.45 36.99 6.85
C PRO A 2817 -43.68 37.33 5.60
N VAL A 2818 -44.18 38.35 4.89
CA VAL A 2818 -43.44 38.88 3.75
C VAL A 2818 -42.11 39.46 4.21
N GLU A 2819 -42.05 39.93 5.47
CA GLU A 2819 -40.81 40.47 6.01
C GLU A 2819 -39.70 39.42 6.03
N GLY A 2820 -40.02 38.20 6.47
CA GLY A 2820 -39.02 37.15 6.50
C GLY A 2820 -38.55 36.76 5.12
N LEU A 2821 -39.47 36.69 4.16
CA LEU A 2821 -39.09 36.39 2.79
C LEU A 2821 -38.17 37.46 2.21
N ILE A 2822 -38.47 38.73 2.47
CA ILE A 2822 -37.61 39.81 2.00
C ILE A 2822 -36.26 39.74 2.68
N ARG A 2823 -36.23 39.38 3.96
CA ARG A 2823 -34.95 39.25 4.66
C ARG A 2823 -34.09 38.15 4.06
N ILE A 2824 -34.71 37.00 3.75
CA ILE A 2824 -33.96 35.92 3.12
C ILE A 2824 -33.48 36.33 1.74
N TRP A 2825 -34.32 37.03 0.98
CA TRP A 2825 -33.93 37.54 -0.33
C TRP A 2825 -32.72 38.44 -0.23
N ALA A 2826 -32.74 39.38 0.72
CA ALA A 2826 -31.63 40.31 0.89
C ALA A 2826 -30.37 39.58 1.36
N HIS A 2827 -30.52 38.60 2.25
CA HIS A 2827 -29.37 37.84 2.72
C HIS A 2827 -28.71 37.08 1.58
N GLU A 2828 -29.51 36.42 0.74
CA GLU A 2828 -28.95 35.70 -0.40
C GLU A 2828 -28.31 36.66 -1.40
N ALA A 2829 -28.92 37.82 -1.61
CA ALA A 2829 -28.31 38.82 -2.49
C ALA A 2829 -26.97 39.28 -1.95
N LEU A 2830 -26.88 39.50 -0.64
CA LEU A 2830 -25.61 39.89 -0.03
C LEU A 2830 -24.56 38.78 -0.19
N ARG A 2831 -24.96 37.53 0.02
CA ARG A 2831 -24.00 36.44 -0.05
C ARG A 2831 -23.56 36.17 -1.48
N LEU A 2832 -24.37 36.50 -2.47
CA LEU A 2832 -24.05 36.18 -3.86
C LEU A 2832 -23.40 37.32 -4.61
N PHE A 2833 -23.73 38.57 -4.29
CA PHE A 2833 -23.27 39.71 -5.08
C PHE A 2833 -22.28 40.60 -4.35
N GLN A 2834 -22.11 40.45 -3.04
CA GLN A 2834 -21.24 41.32 -2.28
C GLN A 2834 -20.02 40.62 -1.70
N ASP A 2835 -20.03 39.28 -1.63
CA ASP A 2835 -18.91 38.57 -1.03
C ASP A 2835 -17.65 38.68 -1.88
N ARG A 2836 -17.81 38.75 -3.20
CA ARG A 2836 -16.67 38.82 -4.11
C ARG A 2836 -16.16 40.24 -4.33
N LEU A 2837 -16.89 41.25 -3.86
CA LEU A 2837 -16.50 42.63 -4.13
C LEU A 2837 -15.21 42.98 -3.41
N VAL A 2838 -14.42 43.86 -4.05
CA VAL A 2838 -13.09 44.21 -3.55
C VAL A 2838 -13.14 45.49 -2.74
N GLU A 2839 -13.61 46.57 -3.36
CA GLU A 2839 -13.59 47.88 -2.74
C GLU A 2839 -14.84 48.08 -1.88
N ASP A 2840 -14.76 49.10 -1.01
CA ASP A 2840 -15.87 49.41 -0.10
C ASP A 2840 -17.02 50.11 -0.80
N GLU A 2841 -16.74 50.94 -1.81
CA GLU A 2841 -17.81 51.63 -2.51
C GLU A 2841 -18.71 50.65 -3.25
N GLU A 2842 -18.15 49.56 -3.75
CA GLU A 2842 -18.98 48.54 -4.41
C GLU A 2842 -19.94 47.90 -3.43
N ARG A 2843 -19.48 47.59 -2.22
CA ARG A 2843 -20.36 46.99 -1.22
C ARG A 2843 -21.41 48.00 -0.75
N ARG A 2844 -21.03 49.27 -0.61
CA ARG A 2844 -22.02 50.30 -0.26
C ARG A 2844 -23.08 50.41 -1.34
N TRP A 2845 -22.66 50.40 -2.61
CA TRP A 2845 -23.61 50.42 -3.71
C TRP A 2845 -24.54 49.22 -3.66
N THR A 2846 -23.98 48.03 -3.40
CA THR A 2846 -24.79 46.83 -3.33
C THR A 2846 -25.83 46.94 -2.22
N ASP A 2847 -25.42 47.44 -1.06
CA ASP A 2847 -26.35 47.59 0.06
C ASP A 2847 -27.48 48.55 -0.28
N GLU A 2848 -27.12 49.76 -0.73
CA GLU A 2848 -28.16 50.76 -0.97
C GLU A 2848 -29.07 50.34 -2.12
N ASN A 2849 -28.53 49.64 -3.11
CA ASN A 2849 -29.35 49.25 -4.24
C ASN A 2849 -30.22 48.03 -3.93
N ILE A 2850 -29.78 47.15 -3.03
CA ILE A 2850 -30.68 46.15 -2.48
C ILE A 2850 -31.84 46.84 -1.76
N ASP A 2851 -31.53 47.88 -0.99
CA ASP A 2851 -32.58 48.66 -0.35
C ASP A 2851 -33.57 49.19 -1.38
N THR A 2852 -33.06 49.87 -2.41
CA THR A 2852 -33.95 50.47 -3.40
C THR A 2852 -34.79 49.42 -4.12
N VAL A 2853 -34.18 48.31 -4.53
CA VAL A 2853 -34.91 47.28 -5.27
C VAL A 2853 -35.99 46.67 -4.40
N ALA A 2854 -35.66 46.34 -3.14
CA ALA A 2854 -36.65 45.70 -2.27
C ALA A 2854 -37.80 46.65 -1.95
N LEU A 2855 -37.50 47.92 -1.70
CA LEU A 2855 -38.59 48.87 -1.44
C LEU A 2855 -39.42 49.12 -2.68
N LYS A 2856 -38.80 49.10 -3.87
CA LYS A 2856 -39.55 49.37 -5.09
C LYS A 2856 -40.47 48.21 -5.46
N HIS A 2857 -39.97 46.98 -5.40
CA HIS A 2857 -40.79 45.83 -5.78
C HIS A 2857 -41.62 45.27 -4.65
N PHE A 2858 -41.40 45.71 -3.41
CA PHE A 2858 -42.19 45.28 -2.26
C PHE A 2858 -42.59 46.51 -1.44
N PRO A 2859 -43.59 47.26 -1.90
CA PRO A 2859 -44.06 48.40 -1.11
C PRO A 2859 -44.88 47.96 0.09
N ASN A 2860 -45.43 48.93 0.82
CA ASN A 2860 -46.26 48.72 2.00
C ASN A 2860 -45.71 47.64 2.94
N ILE A 2861 -44.38 47.60 3.10
CA ILE A 2861 -43.73 46.66 4.00
C ILE A 2861 -42.92 47.47 5.00
N ASP A 2862 -42.70 46.89 6.19
CA ASP A 2862 -41.92 47.53 7.22
C ASP A 2862 -40.44 47.39 6.88
N ARG A 2863 -39.76 48.52 6.67
CA ARG A 2863 -38.38 48.50 6.22
C ARG A 2863 -37.46 47.88 7.27
N GLU A 2864 -37.58 48.32 8.52
CA GLU A 2864 -36.63 47.92 9.55
C GLU A 2864 -36.79 46.46 9.95
N LYS A 2865 -38.01 45.97 10.06
CA LYS A 2865 -38.22 44.58 10.47
C LYS A 2865 -37.66 43.60 9.45
N ALA A 2866 -37.83 43.89 8.16
CA ALA A 2866 -37.39 43.01 7.10
C ALA A 2866 -35.94 43.17 6.70
N MET A 2867 -35.38 44.38 6.78
CA MET A 2867 -34.05 44.64 6.26
C MET A 2867 -33.22 45.49 7.21
N SER A 2868 -33.22 45.16 8.49
CA SER A 2868 -32.24 45.76 9.40
C SER A 2868 -30.84 45.37 8.94
N ARG A 2869 -29.90 46.31 9.03
CA ARG A 2869 -28.67 46.20 8.27
C ARG A 2869 -27.86 44.94 8.58
N PRO A 2870 -27.62 44.56 9.85
CA PRO A 2870 -26.85 43.33 10.09
C PRO A 2870 -27.65 42.07 9.78
N ILE A 2871 -27.72 41.69 8.50
CA ILE A 2871 -28.49 40.53 8.08
C ILE A 2871 -27.61 39.30 8.25
N LEU A 2872 -27.87 38.51 9.28
CA LEU A 2872 -27.12 37.29 9.56
C LEU A 2872 -28.08 36.11 9.71
N TYR A 2873 -27.70 34.97 9.17
CA TYR A 2873 -28.45 33.73 9.30
C TYR A 2873 -27.49 32.62 9.75
N SER A 2874 -28.02 31.69 10.54
CA SER A 2874 -27.22 30.58 11.01
C SER A 2874 -28.14 29.48 11.53
N ASN A 2875 -27.69 28.24 11.39
CA ASN A 2875 -28.35 27.08 11.97
C ASN A 2875 -27.57 26.50 13.14
N TRP A 2876 -26.65 27.30 13.71
CA TRP A 2876 -25.82 26.83 14.80
C TRP A 2876 -26.56 26.82 16.13
N LEU A 2877 -27.48 27.77 16.33
CA LEU A 2877 -28.23 27.90 17.57
C LEU A 2877 -29.61 27.25 17.51
N SER A 2878 -29.96 26.60 16.40
CA SER A 2878 -31.26 25.98 16.22
C SER A 2878 -31.12 24.87 15.19
N LYS A 2879 -32.25 24.36 14.72
CA LYS A 2879 -32.25 23.34 13.70
C LYS A 2879 -32.46 23.88 12.30
N ASP A 2880 -32.96 25.11 12.17
CA ASP A 2880 -33.28 25.70 10.89
C ASP A 2880 -32.32 26.84 10.58
N TYR A 2881 -32.26 27.20 9.29
CA TYR A 2881 -31.45 28.32 8.82
C TYR A 2881 -32.26 29.60 9.03
N ILE A 2882 -32.21 30.11 10.25
CA ILE A 2882 -33.03 31.24 10.67
C ILE A 2882 -32.10 32.39 11.04
N PRO A 2883 -32.60 33.62 11.03
CA PRO A 2883 -31.75 34.76 11.38
C PRO A 2883 -31.23 34.65 12.81
N VAL A 2884 -30.02 35.15 13.02
CA VAL A 2884 -29.32 35.06 14.29
C VAL A 2884 -28.88 36.45 14.72
N ASP A 2885 -29.00 36.72 16.02
CA ASP A 2885 -28.53 37.99 16.58
C ASP A 2885 -27.01 38.00 16.63
N GLN A 2886 -26.43 39.19 16.44
CA GLN A 2886 -24.98 39.31 16.38
C GLN A 2886 -24.33 38.98 17.72
N GLU A 2887 -24.92 39.45 18.82
CA GLU A 2887 -24.30 39.25 20.13
C GLU A 2887 -24.42 37.81 20.61
N GLU A 2888 -25.59 37.20 20.41
CA GLU A 2888 -25.75 35.79 20.78
C GLU A 2888 -24.84 34.91 19.94
N LEU A 2889 -24.72 35.21 18.65
CA LEU A 2889 -23.78 34.50 17.80
C LEU A 2889 -22.35 34.69 18.27
N ARG A 2890 -22.01 35.91 18.70
CA ARG A 2890 -20.67 36.17 19.22
C ARG A 2890 -20.39 35.32 20.45
N ASP A 2891 -21.35 35.24 21.36
CA ASP A 2891 -21.16 34.44 22.57
C ASP A 2891 -21.00 32.95 22.23
N TYR A 2892 -21.84 32.45 21.33
CA TYR A 2892 -21.74 31.05 20.93
C TYR A 2892 -20.40 30.75 20.28
N VAL A 2893 -19.95 31.62 19.38
CA VAL A 2893 -18.66 31.42 18.73
C VAL A 2893 -17.52 31.53 19.73
N LYS A 2894 -17.65 32.40 20.73
CA LYS A 2894 -16.62 32.48 21.77
C LYS A 2894 -16.52 31.18 22.55
N ALA A 2895 -17.67 30.60 22.92
CA ALA A 2895 -17.64 29.31 23.61
C ALA A 2895 -17.06 28.22 22.73
N ARG A 2896 -17.44 28.18 21.45
CA ARG A 2896 -16.91 27.16 20.55
C ARG A 2896 -15.42 27.34 20.34
N LEU A 2897 -14.93 28.58 20.30
CA LEU A 2897 -13.50 28.83 20.19
C LEU A 2897 -12.77 28.39 21.45
N LYS A 2898 -13.40 28.58 22.62
CA LYS A 2898 -12.79 28.10 23.86
C LYS A 2898 -12.63 26.59 23.83
N VAL A 2899 -13.63 25.88 23.31
CA VAL A 2899 -13.49 24.43 23.13
C VAL A 2899 -12.41 24.12 22.09
N PHE A 2900 -12.39 24.88 20.99
CA PHE A 2900 -11.49 24.63 19.88
C PHE A 2900 -10.03 24.76 20.29
N TYR A 2901 -9.72 25.76 21.12
CA TYR A 2901 -8.35 25.96 21.58
C TYR A 2901 -7.84 24.73 22.32
N GLU A 2902 -8.69 24.13 23.15
CA GLU A 2902 -8.28 22.96 23.92
C GLU A 2902 -8.25 21.69 23.07
N GLU A 2903 -9.14 21.57 22.09
CA GLU A 2903 -9.24 20.30 21.37
C GLU A 2903 -8.33 20.21 20.16
N GLU A 2904 -8.37 21.21 19.27
CA GLU A 2904 -7.71 21.09 17.96
C GLU A 2904 -6.51 22.02 17.80
N LEU A 2905 -6.68 23.32 17.98
CA LEU A 2905 -5.60 24.26 17.70
C LEU A 2905 -5.59 25.33 18.78
N ASP A 2906 -4.50 25.38 19.55
CA ASP A 2906 -4.37 26.32 20.67
C ASP A 2906 -3.76 27.64 20.17
N VAL A 2907 -4.55 28.35 19.37
CA VAL A 2907 -4.18 29.67 18.89
C VAL A 2907 -5.30 30.63 19.27
N PRO A 2908 -5.11 31.48 20.28
CA PRO A 2908 -6.17 32.40 20.69
C PRO A 2908 -6.51 33.39 19.58
N LEU A 2909 -7.80 33.70 19.46
CA LEU A 2909 -8.30 34.59 18.43
C LEU A 2909 -9.09 35.73 19.06
N VAL A 2910 -9.06 36.88 18.40
CA VAL A 2910 -9.83 38.05 18.82
C VAL A 2910 -11.04 38.16 17.90
N LEU A 2911 -12.24 38.06 18.47
CA LEU A 2911 -13.46 38.11 17.68
C LEU A 2911 -13.84 39.53 17.32
N PHE A 2912 -14.38 39.69 16.12
CA PHE A 2912 -15.01 40.93 15.71
C PHE A 2912 -16.03 40.61 14.62
N ASN A 2913 -16.86 41.60 14.29
CA ASN A 2913 -18.03 41.36 13.44
C ASN A 2913 -17.65 40.71 12.11
N GLU A 2914 -16.51 41.13 11.54
CA GLU A 2914 -16.07 40.54 10.29
C GLU A 2914 -15.75 39.06 10.45
N VAL A 2915 -15.20 38.66 11.60
CA VAL A 2915 -14.91 37.25 11.82
C VAL A 2915 -16.20 36.43 11.87
N LEU A 2916 -17.23 36.95 12.55
CA LEU A 2916 -18.51 36.25 12.60
C LEU A 2916 -19.12 36.12 11.21
N ASP A 2917 -19.10 37.20 10.44
CA ASP A 2917 -19.62 37.14 9.07
C ASP A 2917 -18.84 36.13 8.24
N HIS A 2918 -17.51 36.12 8.37
CA HIS A 2918 -16.69 35.23 7.57
C HIS A 2918 -16.90 33.77 7.94
N VAL A 2919 -17.02 33.47 9.23
CA VAL A 2919 -17.25 32.09 9.63
C VAL A 2919 -18.63 31.62 9.18
N LEU A 2920 -19.61 32.52 9.18
CA LEU A 2920 -20.92 32.17 8.62
C LEU A 2920 -20.83 31.89 7.13
N ARG A 2921 -20.07 32.71 6.39
CA ARG A 2921 -19.90 32.50 4.96
C ARG A 2921 -19.22 31.15 4.69
N ILE A 2922 -18.21 30.82 5.47
CA ILE A 2922 -17.51 29.54 5.28
C ILE A 2922 -18.43 28.37 5.62
N ASP A 2923 -19.22 28.49 6.70
CA ASP A 2923 -20.14 27.44 7.07
C ASP A 2923 -21.20 27.23 6.00
N ARG A 2924 -21.61 28.29 5.30
CA ARG A 2924 -22.57 28.13 4.22
C ARG A 2924 -22.04 27.21 3.14
N ILE A 2925 -20.76 27.34 2.80
CA ILE A 2925 -20.18 26.55 1.70
C ILE A 2925 -19.78 25.15 2.16
N PHE A 2926 -19.35 24.99 3.42
CA PHE A 2926 -19.01 23.66 3.90
C PHE A 2926 -20.23 22.73 4.00
N ARG A 2927 -21.44 23.26 3.90
CA ARG A 2927 -22.66 22.47 3.96
C ARG A 2927 -23.23 22.15 2.58
N GLN A 2928 -22.55 22.55 1.50
CA GLN A 2928 -23.06 22.35 0.15
C GLN A 2928 -22.32 21.21 -0.54
N PRO A 2929 -22.99 20.47 -1.40
CA PRO A 2929 -22.29 19.41 -2.16
C PRO A 2929 -21.34 20.00 -3.18
N GLN A 2930 -20.13 19.44 -3.23
CA GLN A 2930 -19.06 19.95 -4.08
C GLN A 2930 -18.81 21.44 -3.82
N GLY A 2931 -18.87 21.82 -2.55
CA GLY A 2931 -18.68 23.20 -2.17
C GLY A 2931 -17.25 23.54 -1.88
N HIS A 2932 -16.61 24.27 -2.79
CA HIS A 2932 -15.22 24.69 -2.63
C HIS A 2932 -15.16 26.19 -2.41
N LEU A 2933 -14.18 26.60 -1.61
CA LEU A 2933 -13.97 28.01 -1.26
C LEU A 2933 -12.73 28.54 -1.93
N LEU A 2934 -12.72 29.85 -2.15
CA LEU A 2934 -11.55 30.58 -2.65
C LEU A 2934 -11.46 31.85 -1.82
N LEU A 2935 -10.66 31.82 -0.76
CA LEU A 2935 -10.53 32.95 0.15
C LEU A 2935 -9.34 33.81 -0.29
N ILE A 2936 -9.62 35.05 -0.68
CA ILE A 2936 -8.59 35.97 -1.17
C ILE A 2936 -8.44 37.07 -0.14
N GLY A 2937 -7.24 37.18 0.43
CA GLY A 2937 -7.00 38.20 1.44
C GLY A 2937 -5.53 38.24 1.80
N VAL A 2938 -5.18 39.25 2.57
CA VAL A 2938 -3.79 39.44 2.98
C VAL A 2938 -3.37 38.28 3.89
N SER A 2939 -2.09 37.95 3.84
CA SER A 2939 -1.56 36.92 4.73
C SER A 2939 -1.64 37.36 6.19
N GLY A 2940 -1.88 36.39 7.05
CA GLY A 2940 -2.07 36.69 8.46
C GLY A 2940 -3.43 37.22 8.83
N ALA A 2941 -4.39 37.18 7.91
CA ALA A 2941 -5.74 37.65 8.18
C ALA A 2941 -6.63 36.58 8.80
N GLY A 2942 -6.12 35.37 9.00
CA GLY A 2942 -6.89 34.32 9.64
C GLY A 2942 -7.70 33.45 8.71
N LYS A 2943 -7.42 33.46 7.41
CA LYS A 2943 -8.20 32.65 6.48
C LYS A 2943 -8.08 31.17 6.79
N THR A 2944 -6.84 30.68 6.93
CA THR A 2944 -6.63 29.28 7.23
C THR A 2944 -7.17 28.91 8.60
N THR A 2945 -6.96 29.75 9.61
CA THR A 2945 -7.43 29.45 10.95
C THR A 2945 -8.95 29.40 11.01
N LEU A 2946 -9.62 30.37 10.39
CA LEU A 2946 -11.08 30.35 10.36
C LEU A 2946 -11.59 29.15 9.58
N SER A 2947 -10.91 28.80 8.49
CA SER A 2947 -11.33 27.63 7.71
C SER A 2947 -11.24 26.36 8.54
N ARG A 2948 -10.13 26.19 9.25
CA ARG A 2948 -9.97 25.02 10.12
C ARG A 2948 -11.00 25.02 11.24
N PHE A 2949 -11.30 26.19 11.81
CA PHE A 2949 -12.26 26.27 12.90
C PHE A 2949 -13.66 25.90 12.45
N VAL A 2950 -14.08 26.44 11.29
CA VAL A 2950 -15.40 26.11 10.77
C VAL A 2950 -15.47 24.65 10.36
N ALA A 2951 -14.38 24.12 9.79
CA ALA A 2951 -14.34 22.70 9.48
C ALA A 2951 -14.47 21.85 10.74
N TRP A 2952 -13.86 22.30 11.83
CA TRP A 2952 -14.00 21.59 13.09
C TRP A 2952 -15.44 21.60 13.58
N MET A 2953 -16.12 22.74 13.46
CA MET A 2953 -17.55 22.74 13.75
C MET A 2953 -18.30 21.74 12.88
N ASN A 2954 -18.10 21.80 11.57
CA ASN A 2954 -18.87 20.97 10.66
C ASN A 2954 -18.42 19.52 10.62
N GLY A 2955 -17.45 19.14 11.45
CA GLY A 2955 -16.98 17.78 11.46
C GLY A 2955 -16.04 17.43 10.35
N LEU A 2956 -15.66 18.39 9.51
CA LEU A 2956 -14.71 18.15 8.43
C LEU A 2956 -13.33 17.87 9.00
N SER A 2957 -12.61 16.93 8.37
CA SER A 2957 -11.23 16.65 8.72
C SER A 2957 -10.34 17.54 7.86
N VAL A 2958 -9.49 18.34 8.51
CA VAL A 2958 -8.66 19.29 7.79
C VAL A 2958 -7.43 18.58 7.26
N TYR A 2959 -7.20 18.72 5.95
CA TYR A 2959 -6.02 18.14 5.30
C TYR A 2959 -5.24 19.24 4.61
N GLN A 2960 -3.95 19.31 4.91
CA GLN A 2960 -3.04 20.24 4.27
C GLN A 2960 -1.82 19.47 3.77
N ILE A 2961 -1.38 19.76 2.55
CA ILE A 2961 -0.18 19.14 2.03
C ILE A 2961 1.04 19.75 2.72
N LYS A 2962 1.94 18.89 3.20
CA LYS A 2962 3.12 19.33 3.92
C LYS A 2962 4.25 19.53 2.92
N VAL A 2963 4.33 20.74 2.39
CA VAL A 2963 5.31 21.05 1.36
C VAL A 2963 6.67 21.33 2.01
N HIS A 2964 7.73 20.99 1.29
CA HIS A 2964 9.08 21.32 1.70
C HIS A 2964 9.88 21.70 0.45
N ARG A 2965 11.20 21.79 0.60
CA ARG A 2965 12.02 22.24 -0.52
C ARG A 2965 12.06 21.22 -1.66
N LYS A 2966 11.95 19.94 -1.35
CA LYS A 2966 12.05 18.88 -2.36
C LYS A 2966 10.68 18.28 -2.69
N TYR A 2967 9.63 19.07 -2.56
CA TYR A 2967 8.30 18.61 -2.97
C TYR A 2967 8.18 18.64 -4.49
N THR A 2968 7.76 17.53 -5.07
CA THR A 2968 7.64 17.39 -6.51
C THR A 2968 6.20 17.04 -6.89
N GLY A 2969 5.96 16.86 -8.19
CA GLY A 2969 4.63 16.50 -8.65
C GLY A 2969 4.18 15.15 -8.17
N GLU A 2970 5.11 14.20 -8.03
CA GLU A 2970 4.75 12.87 -7.54
C GLU A 2970 4.24 12.92 -6.10
N ASP A 2971 4.87 13.76 -5.27
CA ASP A 2971 4.40 13.90 -3.89
C ASP A 2971 2.99 14.49 -3.85
N PHE A 2972 2.71 15.48 -4.70
CA PHE A 2972 1.36 16.03 -4.75
C PHE A 2972 0.36 15.01 -5.25
N ASP A 2973 0.75 14.20 -6.23
CA ASP A 2973 -0.13 13.14 -6.70
C ASP A 2973 -0.42 12.14 -5.59
N GLU A 2974 0.60 11.79 -4.81
CA GLU A 2974 0.38 10.87 -3.69
C GLU A 2974 -0.54 11.47 -2.64
N ASP A 2975 -0.37 12.76 -2.34
CA ASP A 2975 -1.26 13.42 -1.38
C ASP A 2975 -2.69 13.47 -1.91
N LEU A 2976 -2.85 13.73 -3.21
CA LEU A 2976 -4.18 13.73 -3.82
C LEU A 2976 -4.82 12.35 -3.74
N ARG A 2977 -4.03 11.31 -4.00
CA ARG A 2977 -4.55 9.95 -3.88
C ARG A 2977 -4.97 9.66 -2.44
N THR A 2978 -4.16 10.10 -1.47
CA THR A 2978 -4.51 9.88 -0.07
C THR A 2978 -5.83 10.56 0.29
N VAL A 2979 -5.97 11.84 -0.06
CA VAL A 2979 -7.18 12.56 0.33
C VAL A 2979 -8.39 12.02 -0.43
N LEU A 2980 -8.22 11.63 -1.69
CA LEU A 2980 -9.33 11.10 -2.46
C LEU A 2980 -9.75 9.73 -1.94
N ARG A 2981 -8.79 8.90 -1.52
CA ARG A 2981 -9.12 7.62 -0.92
C ARG A 2981 -9.86 7.82 0.39
N ARG A 2982 -9.41 8.78 1.21
CA ARG A 2982 -10.08 9.02 2.48
C ARG A 2982 -11.50 9.53 2.28
N SER A 2983 -11.70 10.46 1.34
CA SER A 2983 -13.00 11.09 1.18
C SER A 2983 -13.94 10.33 0.24
N GLY A 2984 -13.44 9.37 -0.53
CA GLY A 2984 -14.27 8.68 -1.49
C GLY A 2984 -14.48 7.22 -1.18
N CYS A 2985 -13.48 6.57 -0.59
CA CYS A 2985 -13.58 5.17 -0.24
C CYS A 2985 -14.02 4.94 1.20
N LYS A 2986 -13.81 5.92 2.08
CA LYS A 2986 -14.14 5.78 3.49
C LYS A 2986 -15.23 6.75 3.95
N ASN A 2987 -15.87 7.47 3.02
CA ASN A 2987 -17.00 8.34 3.32
C ASN A 2987 -16.63 9.36 4.40
N GLU A 2988 -15.43 9.91 4.31
CA GLU A 2988 -14.92 10.86 5.29
C GLU A 2988 -15.01 12.26 4.71
N LYS A 2989 -15.74 13.14 5.39
CA LYS A 2989 -15.83 14.53 4.97
C LYS A 2989 -14.51 15.24 5.26
N ILE A 2990 -13.91 15.83 4.24
CA ILE A 2990 -12.57 16.39 4.32
C ILE A 2990 -12.58 17.81 3.78
N ALA A 2991 -11.95 18.72 4.52
CA ALA A 2991 -11.66 20.07 4.06
C ALA A 2991 -10.17 20.12 3.67
N PHE A 2992 -9.92 20.11 2.37
CA PHE A 2992 -8.58 20.18 1.80
C PHE A 2992 -8.20 21.65 1.69
N ILE A 2993 -7.34 22.12 2.59
CA ILE A 2993 -6.96 23.53 2.63
C ILE A 2993 -5.61 23.70 1.94
N MET A 2994 -5.55 24.61 0.98
CA MET A 2994 -4.37 24.81 0.16
C MET A 2994 -4.14 26.30 -0.06
N ASP A 2995 -2.88 26.71 0.02
CA ASP A 2995 -2.47 28.08 -0.23
C ASP A 2995 -1.81 28.19 -1.59
N GLU A 2996 -1.77 29.41 -2.12
CA GLU A 2996 -1.07 29.65 -3.38
C GLU A 2996 0.42 29.38 -3.24
N SER A 2997 0.95 29.45 -2.02
CA SER A 2997 2.35 29.09 -1.79
C SER A 2997 2.62 27.61 -2.01
N ASN A 2998 1.62 26.76 -1.83
CA ASN A 2998 1.77 25.32 -2.02
C ASN A 2998 1.84 24.93 -3.49
N VAL A 2999 1.47 25.82 -4.41
CA VAL A 2999 1.49 25.52 -5.84
C VAL A 2999 2.91 25.78 -6.33
N LEU A 3000 3.68 24.70 -6.52
CA LEU A 3000 5.06 24.80 -6.99
C LEU A 3000 5.18 24.56 -8.49
N ASP A 3001 4.08 24.26 -9.17
CA ASP A 3001 4.13 23.96 -10.60
C ASP A 3001 2.73 24.14 -11.18
N SER A 3002 2.68 24.32 -12.50
CA SER A 3002 1.40 24.40 -13.19
C SER A 3002 0.68 23.06 -13.23
N GLY A 3003 1.42 21.95 -13.10
CA GLY A 3003 0.77 20.66 -13.01
C GLY A 3003 -0.12 20.54 -11.79
N PHE A 3004 0.28 21.17 -10.69
CA PHE A 3004 -0.57 21.18 -9.50
C PHE A 3004 -1.88 21.86 -9.80
N LEU A 3005 -1.84 23.00 -10.49
CA LEU A 3005 -3.05 23.72 -10.85
C LEU A 3005 -3.91 22.92 -11.82
N GLU A 3006 -3.29 22.21 -12.76
CA GLU A 3006 -4.07 21.39 -13.69
C GLU A 3006 -4.79 20.27 -12.95
N ARG A 3007 -4.08 19.56 -12.07
CA ARG A 3007 -4.71 18.51 -11.27
C ARG A 3007 -5.84 19.06 -10.43
N MET A 3008 -5.62 20.20 -9.78
CA MET A 3008 -6.65 20.78 -8.93
C MET A 3008 -7.83 21.27 -9.74
N ASN A 3009 -7.58 21.81 -10.94
CA ASN A 3009 -8.67 22.24 -11.81
C ASN A 3009 -9.56 21.05 -12.16
N THR A 3010 -8.95 19.94 -12.59
CA THR A 3010 -9.73 18.76 -12.90
C THR A 3010 -10.48 18.25 -11.69
N LEU A 3011 -9.84 18.23 -10.53
CA LEU A 3011 -10.49 17.71 -9.32
C LEU A 3011 -11.67 18.58 -8.90
N LEU A 3012 -11.50 19.91 -8.94
CA LEU A 3012 -12.59 20.80 -8.58
C LEU A 3012 -13.76 20.69 -9.55
N ALA A 3013 -13.47 20.64 -10.85
CA ALA A 3013 -14.55 20.68 -11.83
C ALA A 3013 -15.30 19.36 -11.89
N ASN A 3014 -14.57 18.23 -11.87
CA ASN A 3014 -15.20 16.94 -12.08
C ASN A 3014 -15.35 16.11 -10.80
N GLY A 3015 -14.62 16.44 -9.74
CA GLY A 3015 -14.57 15.56 -8.60
C GLY A 3015 -13.74 14.32 -8.83
N GLU A 3016 -12.93 14.29 -9.87
CA GLU A 3016 -12.14 13.12 -10.23
C GLU A 3016 -11.01 13.55 -11.15
N VAL A 3017 -9.87 12.88 -11.02
CA VAL A 3017 -8.73 13.09 -11.90
C VAL A 3017 -8.56 11.83 -12.75
N PRO A 3018 -8.76 11.89 -14.07
CA PRO A 3018 -8.77 10.66 -14.87
C PRO A 3018 -7.49 9.86 -14.82
N GLY A 3019 -6.34 10.52 -14.75
CA GLY A 3019 -5.06 9.85 -14.76
C GLY A 3019 -4.36 9.70 -13.42
N LEU A 3020 -5.06 9.95 -12.31
CA LEU A 3020 -4.40 9.92 -11.01
C LEU A 3020 -4.18 8.49 -10.53
N PHE A 3021 -5.26 7.71 -10.44
CA PHE A 3021 -5.17 6.31 -10.03
C PHE A 3021 -4.96 5.44 -11.27
N GLU A 3022 -3.83 4.75 -11.33
CA GLU A 3022 -3.54 3.86 -12.44
C GLU A 3022 -2.50 2.84 -12.00
N GLY A 3023 -2.53 1.68 -12.65
CA GLY A 3023 -1.61 0.61 -12.29
C GLY A 3023 -2.10 -0.12 -11.06
N ASP A 3024 -1.21 -0.33 -10.10
CA ASP A 3024 -1.60 -0.96 -8.85
C ASP A 3024 -2.49 -0.04 -8.01
N GLU A 3025 -2.30 1.28 -8.16
CA GLU A 3025 -3.14 2.23 -7.44
C GLU A 3025 -4.60 2.07 -7.81
N TYR A 3026 -4.88 1.87 -9.10
CA TYR A 3026 -6.26 1.69 -9.54
C TYR A 3026 -6.86 0.41 -8.98
N ALA A 3027 -6.07 -0.67 -8.94
CA ALA A 3027 -6.58 -1.93 -8.40
C ALA A 3027 -6.89 -1.80 -6.91
N THR A 3028 -5.99 -1.17 -6.15
CA THR A 3028 -6.24 -0.94 -4.73
C THR A 3028 -7.45 -0.03 -4.53
N LEU A 3029 -7.59 1.00 -5.38
CA LEU A 3029 -8.73 1.89 -5.30
C LEU A 3029 -10.03 1.13 -5.56
N MET A 3030 -10.03 0.25 -6.55
CA MET A 3030 -11.23 -0.54 -6.84
C MET A 3030 -11.57 -1.46 -5.69
N THR A 3031 -10.56 -2.07 -5.07
CA THR A 3031 -10.81 -2.91 -3.89
C THR A 3031 -11.47 -2.11 -2.77
N GLN A 3032 -10.87 -0.97 -2.42
CA GLN A 3032 -11.43 -0.16 -1.33
C GLN A 3032 -12.81 0.38 -1.69
N CYS A 3033 -13.02 0.73 -2.96
CA CYS A 3033 -14.33 1.19 -3.40
C CYS A 3033 -15.38 0.09 -3.28
N LYS A 3034 -15.00 -1.15 -3.61
CA LYS A 3034 -15.93 -2.26 -3.44
C LYS A 3034 -16.30 -2.47 -1.98
N GLU A 3035 -15.30 -2.41 -1.09
CA GLU A 3035 -15.60 -2.55 0.33
C GLU A 3035 -16.50 -1.41 0.82
N GLY A 3036 -16.21 -0.18 0.40
CA GLY A 3036 -17.03 0.94 0.81
C GLY A 3036 -18.44 0.88 0.26
N ALA A 3037 -18.59 0.37 -0.97
CA ALA A 3037 -19.91 0.27 -1.57
C ALA A 3037 -20.75 -0.80 -0.90
N GLN A 3038 -20.15 -1.96 -0.61
CA GLN A 3038 -20.89 -3.00 0.08
C GLN A 3038 -21.17 -2.59 1.53
N LYS A 3039 -20.33 -1.74 2.10
CA LYS A 3039 -20.59 -1.23 3.44
C LYS A 3039 -21.81 -0.31 3.45
N GLU A 3040 -21.97 0.51 2.41
CA GLU A 3040 -23.10 1.42 2.30
C GLU A 3040 -24.35 0.75 1.75
N GLY A 3041 -24.37 -0.58 1.65
CA GLY A 3041 -25.53 -1.29 1.14
C GLY A 3041 -25.85 -1.03 -0.31
N LEU A 3042 -24.83 -1.06 -1.17
CA LEU A 3042 -25.02 -0.89 -2.61
C LEU A 3042 -24.50 -2.13 -3.35
N MET A 3043 -25.25 -2.56 -4.36
CA MET A 3043 -24.87 -3.70 -5.17
C MET A 3043 -24.03 -3.20 -6.34
N LEU A 3044 -22.73 -3.04 -6.09
CA LEU A 3044 -21.80 -2.53 -7.10
C LEU A 3044 -20.59 -3.43 -7.14
N ASP A 3045 -20.30 -3.99 -8.33
CA ASP A 3045 -19.11 -4.81 -8.52
C ASP A 3045 -18.31 -4.44 -9.76
N SER A 3046 -18.93 -3.89 -10.81
CA SER A 3046 -18.20 -3.51 -12.01
C SER A 3046 -17.30 -2.31 -11.72
N HIS A 3047 -16.16 -2.27 -12.42
CA HIS A 3047 -15.20 -1.18 -12.21
C HIS A 3047 -15.78 0.17 -12.63
N GLU A 3048 -16.57 0.20 -13.71
CA GLU A 3048 -17.15 1.47 -14.15
C GLU A 3048 -18.08 2.05 -13.10
N GLU A 3049 -19.00 1.22 -12.58
CA GLU A 3049 -19.94 1.70 -11.58
C GLU A 3049 -19.25 1.96 -10.24
N LEU A 3050 -18.22 1.17 -9.91
CA LEU A 3050 -17.44 1.46 -8.71
C LEU A 3050 -16.75 2.82 -8.81
N TYR A 3051 -16.18 3.13 -9.98
CA TYR A 3051 -15.52 4.42 -10.15
C TYR A 3051 -16.54 5.56 -10.15
N LYS A 3052 -17.72 5.34 -10.73
CA LYS A 3052 -18.75 6.37 -10.67
C LYS A 3052 -19.20 6.64 -9.24
N TRP A 3053 -19.36 5.58 -8.44
CA TRP A 3053 -19.72 5.76 -7.04
C TRP A 3053 -18.62 6.46 -6.28
N PHE A 3054 -17.36 6.13 -6.57
CA PHE A 3054 -16.23 6.80 -5.93
C PHE A 3054 -16.20 8.29 -6.29
N THR A 3055 -16.47 8.62 -7.55
CA THR A 3055 -16.54 10.02 -7.97
C THR A 3055 -17.66 10.74 -7.25
N SER A 3056 -18.82 10.11 -7.12
CA SER A 3056 -19.93 10.74 -6.40
C SER A 3056 -19.59 10.96 -4.93
N GLN A 3057 -18.92 9.99 -4.30
CA GLN A 3057 -18.51 10.14 -2.92
C GLN A 3057 -17.53 11.29 -2.76
N VAL A 3058 -16.56 11.41 -3.68
CA VAL A 3058 -15.61 12.51 -3.64
C VAL A 3058 -16.33 13.84 -3.81
N ILE A 3059 -17.28 13.90 -4.75
CA ILE A 3059 -18.02 15.12 -4.99
C ILE A 3059 -18.79 15.54 -3.74
N ARG A 3060 -19.41 14.57 -3.06
CA ARG A 3060 -20.22 14.90 -1.89
C ARG A 3060 -19.40 15.18 -0.64
N ASN A 3061 -18.17 14.64 -0.54
CA ASN A 3061 -17.42 14.69 0.70
C ASN A 3061 -16.26 15.67 0.72
N LEU A 3062 -15.66 15.96 -0.42
CA LEU A 3062 -14.45 16.78 -0.47
C LEU A 3062 -14.82 18.25 -0.64
N HIS A 3063 -14.26 19.11 0.21
CA HIS A 3063 -14.42 20.55 0.09
C HIS A 3063 -13.02 21.17 0.07
N VAL A 3064 -12.70 21.88 -1.01
CA VAL A 3064 -11.37 22.44 -1.20
C VAL A 3064 -11.43 23.93 -0.90
N VAL A 3065 -10.64 24.36 0.07
CA VAL A 3065 -10.46 25.77 0.42
C VAL A 3065 -9.14 26.21 -0.19
N PHE A 3066 -9.17 27.28 -0.98
CA PHE A 3066 -7.99 27.82 -1.63
C PHE A 3066 -7.77 29.24 -1.14
N THR A 3067 -6.57 29.53 -0.66
CA THR A 3067 -6.24 30.85 -0.13
C THR A 3067 -5.11 31.47 -0.95
N MET A 3068 -5.26 32.76 -1.26
CA MET A 3068 -4.20 33.51 -1.93
C MET A 3068 -4.27 34.96 -1.51
N ASN A 3069 -3.20 35.69 -1.81
CA ASN A 3069 -3.12 37.12 -1.55
C ASN A 3069 -3.85 37.91 -2.64
N PRO A 3070 -4.35 39.10 -2.30
CA PRO A 3070 -5.13 39.90 -3.28
C PRO A 3070 -4.24 40.63 -4.28
N SER A 3071 -3.63 39.86 -5.18
CA SER A 3071 -2.84 40.43 -6.27
C SER A 3071 -3.72 40.63 -7.50
N SER A 3072 -3.32 41.57 -8.35
CA SER A 3072 -4.06 41.87 -9.57
C SER A 3072 -3.60 41.01 -10.74
N GLU A 3073 -2.30 41.08 -11.05
CA GLU A 3073 -1.76 40.26 -12.13
C GLU A 3073 -1.90 38.77 -11.82
N GLY A 3074 -1.68 38.39 -10.56
CA GLY A 3074 -1.84 37.00 -10.17
C GLY A 3074 -3.27 36.51 -10.34
N LEU A 3075 -4.24 37.34 -9.92
CA LEU A 3075 -5.64 36.97 -10.09
C LEU A 3075 -6.01 36.86 -11.57
N LYS A 3076 -5.54 37.80 -12.39
CA LYS A 3076 -5.81 37.74 -13.81
C LYS A 3076 -5.21 36.50 -14.44
N ASP A 3077 -4.00 36.12 -14.01
CA ASP A 3077 -3.37 34.91 -14.53
C ASP A 3077 -4.13 33.67 -14.11
N ARG A 3078 -4.53 33.58 -12.84
CA ARG A 3078 -5.28 32.43 -12.36
C ARG A 3078 -6.66 32.35 -12.99
N ALA A 3079 -7.21 33.47 -13.46
CA ALA A 3079 -8.50 33.42 -14.14
C ALA A 3079 -8.46 32.56 -15.39
N ALA A 3080 -7.27 32.32 -15.96
CA ALA A 3080 -7.11 31.47 -17.14
C ALA A 3080 -6.34 30.20 -16.85
N THR A 3081 -5.36 30.24 -15.94
CA THR A 3081 -4.58 29.05 -15.64
C THR A 3081 -5.42 27.96 -14.98
N SER A 3082 -6.37 28.36 -14.12
CA SER A 3082 -7.28 27.41 -13.48
C SER A 3082 -8.68 28.00 -13.52
N PRO A 3083 -9.39 27.83 -14.65
CA PRO A 3083 -10.73 28.44 -14.77
C PRO A 3083 -11.72 27.96 -13.74
N ALA A 3084 -11.66 26.67 -13.34
CA ALA A 3084 -12.61 26.16 -12.36
C ALA A 3084 -12.51 26.90 -11.03
N LEU A 3085 -11.33 27.42 -10.69
CA LEU A 3085 -11.16 28.19 -9.47
C LEU A 3085 -12.08 29.40 -9.42
N PHE A 3086 -12.57 29.86 -10.58
CA PHE A 3086 -13.52 30.94 -10.63
C PHE A 3086 -14.89 30.51 -11.13
N ASN A 3087 -15.10 29.23 -11.44
CA ASN A 3087 -16.40 28.72 -11.84
C ASN A 3087 -16.99 27.73 -10.86
N ARG A 3088 -16.16 26.95 -10.17
CA ARG A 3088 -16.63 25.96 -9.21
C ARG A 3088 -16.31 26.31 -7.77
N CYS A 3089 -15.59 27.40 -7.54
CA CYS A 3089 -15.20 27.83 -6.20
C CYS A 3089 -15.92 29.13 -5.88
N VAL A 3090 -16.56 29.18 -4.71
CA VAL A 3090 -17.19 30.41 -4.24
C VAL A 3090 -16.09 31.33 -3.74
N LEU A 3091 -16.03 32.54 -4.31
CA LEU A 3091 -14.95 33.47 -4.02
C LEU A 3091 -15.36 34.38 -2.88
N ASN A 3092 -14.53 34.43 -1.84
CA ASN A 3092 -14.76 35.28 -0.68
C ASN A 3092 -13.56 36.21 -0.53
N TRP A 3093 -13.81 37.51 -0.63
CA TRP A 3093 -12.74 38.50 -0.56
C TRP A 3093 -12.61 38.98 0.88
N PHE A 3094 -11.77 38.30 1.65
CA PHE A 3094 -11.47 38.75 3.02
C PHE A 3094 -10.77 40.10 2.99
N GLY A 3095 -9.77 40.24 2.12
CA GLY A 3095 -8.99 41.46 2.04
C GLY A 3095 -8.17 41.67 3.29
N ASP A 3096 -7.81 42.93 3.52
CA ASP A 3096 -7.14 43.34 4.74
C ASP A 3096 -8.16 43.71 5.80
N TRP A 3097 -7.72 43.71 7.05
CA TRP A 3097 -8.59 44.16 8.13
C TRP A 3097 -8.89 45.64 7.96
N SER A 3098 -10.17 45.98 7.95
CA SER A 3098 -10.56 47.37 7.80
C SER A 3098 -10.19 48.16 9.05
N THR A 3099 -10.38 49.49 8.97
CA THR A 3099 -10.15 50.32 10.14
C THR A 3099 -11.07 49.92 11.29
N GLU A 3100 -12.32 49.58 10.97
CA GLU A 3100 -13.23 49.10 12.00
C GLU A 3100 -12.74 47.81 12.63
N ALA A 3101 -12.23 46.88 11.82
CA ALA A 3101 -11.73 45.61 12.35
C ALA A 3101 -10.51 45.84 13.24
N LEU A 3102 -9.58 46.69 12.80
CA LEU A 3102 -8.42 47.01 13.63
C LEU A 3102 -8.84 47.65 14.94
N TYR A 3103 -9.81 48.57 14.88
CA TYR A 3103 -10.28 49.23 16.09
C TYR A 3103 -10.92 48.23 17.05
N GLN A 3104 -11.74 47.31 16.53
CA GLN A 3104 -12.37 46.33 17.40
C GLN A 3104 -11.33 45.40 18.02
N VAL A 3105 -10.34 44.95 17.23
CA VAL A 3105 -9.30 44.09 17.76
C VAL A 3105 -8.54 44.80 18.88
N GLY A 3106 -8.15 46.05 18.63
CA GLY A 3106 -7.42 46.79 19.64
C GLY A 3106 -8.25 47.05 20.89
N LYS A 3107 -9.52 47.42 20.71
CA LYS A 3107 -10.38 47.70 21.86
C LYS A 3107 -10.61 46.45 22.70
N GLU A 3108 -10.77 45.30 22.05
CA GLU A 3108 -10.98 44.07 22.81
C GLU A 3108 -9.68 43.62 23.49
N PHE A 3109 -8.54 43.76 22.81
CA PHE A 3109 -7.28 43.30 23.37
C PHE A 3109 -6.83 44.17 24.54
N THR A 3110 -7.02 45.49 24.42
CA THR A 3110 -6.55 46.43 25.44
C THR A 3110 -7.57 46.65 26.54
N SER A 3111 -8.57 45.77 26.67
CA SER A 3111 -9.53 45.88 27.76
C SER A 3111 -8.94 45.50 29.10
N LYS A 3112 -7.84 44.73 29.10
CA LYS A 3112 -7.20 44.35 30.35
C LYS A 3112 -6.38 45.49 30.95
N MET A 3113 -5.79 46.34 30.12
CA MET A 3113 -5.02 47.46 30.62
C MET A 3113 -5.94 48.54 31.18
N ASP A 3114 -5.39 49.38 32.05
CA ASP A 3114 -6.15 50.44 32.68
C ASP A 3114 -6.66 51.44 31.64
N LEU A 3115 -5.74 52.19 31.02
CA LEU A 3115 -6.08 53.17 29.99
C LEU A 3115 -7.21 54.11 30.42
N GLU A 3116 -7.36 54.32 31.73
CA GLU A 3116 -8.43 55.15 32.27
C GLU A 3116 -7.80 56.43 32.83
N LYS A 3117 -8.08 57.55 32.16
CA LYS A 3117 -7.60 58.87 32.59
C LYS A 3117 -8.83 59.76 32.70
N PRO A 3118 -9.40 59.88 33.91
CA PRO A 3118 -10.66 60.64 34.06
C PRO A 3118 -10.55 62.10 33.65
N ASN A 3119 -9.40 62.73 33.85
CA ASN A 3119 -9.20 64.13 33.49
C ASN A 3119 -8.67 64.29 32.07
N TYR A 3120 -8.92 63.32 31.19
CA TYR A 3120 -8.52 63.44 29.80
C TYR A 3120 -9.25 64.61 29.13
N ILE A 3121 -8.50 65.43 28.40
CA ILE A 3121 -9.04 66.62 27.74
C ILE A 3121 -9.08 66.32 26.25
N VAL A 3122 -10.28 66.27 25.68
CA VAL A 3122 -10.43 66.01 24.25
C VAL A 3122 -9.90 67.21 23.46
N PRO A 3123 -9.03 67.00 22.49
CA PRO A 3123 -8.51 68.11 21.70
C PRO A 3123 -9.58 68.73 20.82
N ASP A 3124 -9.37 69.99 20.47
CA ASP A 3124 -10.33 70.70 19.63
C ASP A 3124 -10.44 70.05 18.26
N TYR A 3125 -9.31 69.65 17.67
CA TYR A 3125 -9.27 68.97 16.39
C TYR A 3125 -8.75 67.55 16.65
N MET A 3126 -9.65 66.64 17.00
CA MET A 3126 -9.27 65.27 17.27
C MET A 3126 -8.86 64.58 15.98
N PRO A 3127 -7.69 63.94 15.93
CA PRO A 3127 -7.28 63.25 14.70
C PRO A 3127 -8.04 61.96 14.51
N VAL A 3128 -9.26 62.04 13.95
CA VAL A 3128 -10.10 60.86 13.84
C VAL A 3128 -9.56 59.96 12.74
N VAL A 3129 -9.43 58.68 13.05
CA VAL A 3129 -9.03 57.64 12.11
C VAL A 3129 -10.15 56.65 11.86
N TYR A 3130 -10.78 56.18 12.93
CA TYR A 3130 -11.98 55.35 12.83
C TYR A 3130 -13.17 56.29 12.77
N ASP A 3131 -13.81 56.37 11.59
CA ASP A 3131 -14.85 57.38 11.37
C ASP A 3131 -16.07 57.15 12.26
N LYS A 3132 -16.21 55.97 12.85
CA LYS A 3132 -17.31 55.69 13.78
C LYS A 3132 -16.90 55.86 15.24
N LEU A 3133 -15.72 56.42 15.49
CA LEU A 3133 -15.31 56.70 16.87
C LEU A 3133 -16.22 57.75 17.47
N PRO A 3134 -16.65 57.59 18.73
CA PRO A 3134 -17.49 58.62 19.35
C PRO A 3134 -16.79 59.96 19.39
N GLN A 3135 -17.56 61.01 19.11
CA GLN A 3135 -17.03 62.38 19.00
C GLN A 3135 -16.43 62.88 20.31
N PRO A 3136 -17.05 62.66 21.47
CA PRO A 3136 -16.35 62.87 22.75
C PRO A 3136 -15.66 61.60 23.21
N PRO A 3137 -14.49 61.26 22.68
CA PRO A 3137 -13.90 59.95 22.97
C PRO A 3137 -13.36 59.85 24.38
N SER A 3138 -13.28 58.62 24.86
CA SER A 3138 -12.63 58.33 26.13
C SER A 3138 -11.12 58.28 25.93
N HIS A 3139 -10.39 57.98 27.00
CA HIS A 3139 -8.95 57.80 26.88
C HIS A 3139 -8.63 56.48 26.16
N ARG A 3140 -9.35 55.41 26.51
CA ARG A 3140 -9.14 54.12 25.87
C ARG A 3140 -9.44 54.19 24.38
N GLU A 3141 -10.53 54.89 24.02
CA GLU A 3141 -10.89 55.03 22.61
C GLU A 3141 -9.81 55.79 21.85
N ALA A 3142 -9.26 56.84 22.46
CA ALA A 3142 -8.16 57.57 21.83
C ALA A 3142 -6.93 56.69 21.67
N ILE A 3143 -6.65 55.84 22.66
CA ILE A 3143 -5.51 54.93 22.56
C ILE A 3143 -5.68 53.97 21.38
N VAL A 3144 -6.87 53.39 21.25
CA VAL A 3144 -7.11 52.44 20.17
C VAL A 3144 -7.08 53.15 18.82
N ASN A 3145 -7.60 54.38 18.76
CA ASN A 3145 -7.52 55.16 17.54
C ASN A 3145 -6.05 55.42 17.16
N SER A 3146 -5.21 55.70 18.14
CA SER A 3146 -3.79 55.90 17.87
C SER A 3146 -3.14 54.63 17.36
N CYS A 3147 -3.54 53.47 17.90
CA CYS A 3147 -3.01 52.20 17.42
C CYS A 3147 -3.37 51.97 15.95
N VAL A 3148 -4.63 52.21 15.60
CA VAL A 3148 -5.06 52.07 14.21
C VAL A 3148 -4.30 53.05 13.33
N PHE A 3149 -4.07 54.26 13.83
CA PHE A 3149 -3.30 55.25 13.08
C PHE A 3149 -1.88 54.77 12.84
N VAL A 3150 -1.27 54.11 13.83
CA VAL A 3150 0.08 53.58 13.66
C VAL A 3150 0.11 52.54 12.55
N HIS A 3151 -0.86 51.64 12.54
CA HIS A 3151 -0.92 50.65 11.47
C HIS A 3151 -1.06 51.32 10.10
N GLN A 3152 -1.95 52.31 10.01
CA GLN A 3152 -2.14 53.00 8.74
C GLN A 3152 -0.89 53.78 8.33
N THR A 3153 -0.13 54.31 9.28
CA THR A 3153 1.11 55.00 8.94
C THR A 3153 2.15 54.04 8.40
N LEU A 3154 2.20 52.81 8.92
CA LEU A 3154 3.06 51.82 8.30
C LEU A 3154 2.63 51.53 6.87
N HIS A 3155 1.33 51.44 6.63
CA HIS A 3155 0.84 51.29 5.26
C HIS A 3155 1.32 52.43 4.36
N GLN A 3156 1.17 53.66 4.84
CA GLN A 3156 1.56 54.82 4.04
C GLN A 3156 3.07 54.88 3.83
N ALA A 3157 3.86 54.48 4.83
CA ALA A 3157 5.31 54.45 4.67
C ALA A 3157 5.73 53.43 3.63
N ASN A 3158 5.10 52.25 3.64
CA ASN A 3158 5.38 51.27 2.61
C ASN A 3158 5.01 51.80 1.24
N ALA A 3159 3.87 52.50 1.13
CA ALA A 3159 3.48 53.08 -0.15
C ALA A 3159 4.51 54.10 -0.63
N ARG A 3160 4.98 54.96 0.28
CA ARG A 3160 5.97 55.97 -0.09
C ARG A 3160 7.27 55.33 -0.53
N LEU A 3161 7.73 54.30 0.19
CA LEU A 3161 8.96 53.61 -0.22
C LEU A 3161 8.79 52.93 -1.57
N ALA A 3162 7.63 52.32 -1.82
CA ALA A 3162 7.40 51.70 -3.11
C ALA A 3162 7.40 52.72 -4.23
N LYS A 3163 6.82 53.90 -4.00
CA LYS A 3163 6.81 54.94 -5.01
C LYS A 3163 8.22 55.41 -5.36
N ARG A 3164 9.11 55.46 -4.37
CA ARG A 3164 10.47 55.95 -4.56
C ARG A 3164 11.41 54.88 -5.14
N GLY A 3165 10.88 53.72 -5.50
CA GLY A 3165 11.69 52.65 -6.04
C GLY A 3165 12.36 51.77 -5.02
N GLY A 3166 12.09 51.98 -3.73
CA GLY A 3166 12.67 51.15 -2.70
C GLY A 3166 11.96 49.81 -2.56
N ARG A 3167 12.49 49.00 -1.65
CA ARG A 3167 11.95 47.66 -1.40
C ARG A 3167 11.11 47.68 -0.13
N THR A 3168 9.94 47.06 -0.19
CA THR A 3168 8.98 47.07 0.91
C THR A 3168 8.58 45.65 1.26
N MET A 3169 8.28 45.44 2.53
CA MET A 3169 7.70 44.19 3.02
C MET A 3169 6.28 44.43 3.48
N ALA A 3170 5.40 43.47 3.22
CA ALA A 3170 3.99 43.64 3.46
C ALA A 3170 3.70 43.85 4.94
N ILE A 3171 2.76 44.75 5.23
CA ILE A 3171 2.28 44.99 6.59
C ILE A 3171 0.96 44.25 6.74
N THR A 3172 0.95 43.26 7.61
CA THR A 3172 -0.15 42.33 7.79
C THR A 3172 -0.87 42.58 9.11
N PRO A 3173 -2.06 42.00 9.30
CA PRO A 3173 -2.69 42.07 10.63
C PRO A 3173 -1.87 41.45 11.73
N ARG A 3174 -0.97 40.52 11.41
CA ARG A 3174 -0.07 39.97 12.43
C ARG A 3174 0.86 41.04 12.97
N HIS A 3175 1.21 42.03 12.16
CA HIS A 3175 1.96 43.17 12.67
C HIS A 3175 1.16 43.92 13.74
N TYR A 3176 -0.13 44.13 13.48
CA TYR A 3176 -0.98 44.80 14.45
C TYR A 3176 -1.13 43.98 15.72
N LEU A 3177 -1.25 42.66 15.58
CA LEU A 3177 -1.34 41.77 16.74
C LEU A 3177 -0.07 41.85 17.57
N ASP A 3178 1.09 41.83 16.92
CA ASP A 3178 2.35 42.00 17.62
C ASP A 3178 2.41 43.35 18.33
N PHE A 3179 1.92 44.40 17.66
CA PHE A 3179 1.94 45.73 18.26
C PHE A 3179 1.11 45.78 19.52
N ILE A 3180 -0.11 45.24 19.48
CA ILE A 3180 -0.97 45.31 20.67
C ILE A 3180 -0.44 44.40 21.77
N ASN A 3181 0.13 43.24 21.42
CA ASN A 3181 0.73 42.37 22.42
C ASN A 3181 1.90 43.06 23.11
N HIS A 3182 2.76 43.70 22.32
CA HIS A 3182 3.88 44.44 22.89
C HIS A 3182 3.39 45.58 23.76
N TYR A 3183 2.31 46.26 23.33
CA TYR A 3183 1.74 47.34 24.13
C TYR A 3183 1.29 46.83 25.49
N ALA A 3184 0.55 45.73 25.51
CA ALA A 3184 0.08 45.17 26.77
C ALA A 3184 1.24 44.77 27.66
N ASN A 3185 2.21 44.06 27.11
CA ASN A 3185 3.34 43.58 27.91
C ASN A 3185 4.15 44.75 28.46
N LEU A 3186 4.47 45.72 27.61
CA LEU A 3186 5.25 46.87 28.05
C LEU A 3186 4.51 47.70 29.09
N PHE A 3187 3.21 47.90 28.90
CA PHE A 3187 2.43 48.65 29.88
C PHE A 3187 2.45 47.97 31.23
N HIS A 3188 2.19 46.65 31.25
CA HIS A 3188 2.20 45.94 32.53
C HIS A 3188 3.57 45.97 33.17
N GLU A 3189 4.63 45.75 32.38
CA GLU A 3189 5.99 45.74 32.92
C GLU A 3189 6.35 47.09 33.51
N LYS A 3190 6.11 48.17 32.77
CA LYS A 3190 6.50 49.49 33.23
C LYS A 3190 5.70 49.90 34.46
N ARG A 3191 4.40 49.61 34.47
CA ARG A 3191 3.58 49.95 35.64
C ARG A 3191 4.05 49.19 36.87
N SER A 3192 4.33 47.89 36.73
CA SER A 3192 4.78 47.10 37.86
C SER A 3192 6.12 47.61 38.38
N GLU A 3193 7.06 47.90 37.47
CA GLU A 3193 8.37 48.39 37.89
C GLU A 3193 8.25 49.73 38.61
N LEU A 3194 7.43 50.64 38.08
CA LEU A 3194 7.27 51.95 38.71
C LEU A 3194 6.65 51.81 40.09
N GLU A 3195 5.62 50.96 40.23
CA GLU A 3195 5.00 50.78 41.53
C GLU A 3195 5.98 50.19 42.54
N GLU A 3196 6.76 49.18 42.12
CA GLU A 3196 7.72 48.58 43.04
C GLU A 3196 8.80 49.58 43.45
N GLN A 3197 9.29 50.38 42.50
CA GLN A 3197 10.31 51.37 42.83
C GLN A 3197 9.76 52.42 43.78
N GLN A 3198 8.51 52.86 43.55
CA GLN A 3198 7.91 53.83 44.46
C GLN A 3198 7.75 53.25 45.86
N MET A 3199 7.33 51.99 45.96
CA MET A 3199 7.19 51.36 47.28
C MET A 3199 8.55 51.29 47.98
N HIS A 3200 9.60 50.91 47.26
CA HIS A 3200 10.93 50.83 47.85
C HIS A 3200 11.40 52.20 48.33
N LEU A 3201 11.18 53.24 47.52
CA LEU A 3201 11.61 54.58 47.92
C LEU A 3201 10.83 55.07 49.13
N ASN A 3202 9.52 54.80 49.18
CA ASN A 3202 8.73 55.19 50.34
C ASN A 3202 9.23 54.49 51.60
N VAL A 3203 9.54 53.19 51.49
CA VAL A 3203 10.07 52.46 52.64
C VAL A 3203 11.39 53.07 53.10
N GLY A 3204 12.28 53.39 52.17
CA GLY A 3204 13.55 53.98 52.54
C GLY A 3204 13.41 55.33 53.21
N LEU A 3205 12.54 56.20 52.66
CA LEU A 3205 12.34 57.51 53.27
C LEU A 3205 11.73 57.38 54.65
N ARG A 3206 10.77 56.47 54.83
CA ARG A 3206 10.18 56.26 56.14
C ARG A 3206 11.22 55.75 57.13
N LYS A 3207 12.11 54.86 56.68
CA LYS A 3207 13.17 54.37 57.55
C LYS A 3207 14.11 55.50 57.98
N ILE A 3208 14.46 56.38 57.05
CA ILE A 3208 15.35 57.50 57.39
C ILE A 3208 14.67 58.43 58.39
N LYS A 3209 13.38 58.73 58.19
CA LYS A 3209 12.67 59.59 59.14
C LYS A 3209 12.57 58.93 60.51
N GLU A 3210 12.31 57.63 60.54
CA GLU A 3210 12.29 56.90 61.81
C GLU A 3210 13.64 56.98 62.49
N THR A 3211 14.73 56.87 61.72
CA THR A 3211 16.06 56.91 62.30
C THR A 3211 16.38 58.29 62.87
N VAL A 3212 15.96 59.35 62.19
CA VAL A 3212 16.24 60.69 62.73
C VAL A 3212 15.42 60.93 64.00
N ASP A 3213 14.16 60.45 64.03
CA ASP A 3213 13.39 60.54 65.26
C ASP A 3213 14.05 59.74 66.38
N GLN A 3214 14.59 58.57 66.04
CA GLN A 3214 15.26 57.73 67.04
C GLN A 3214 16.51 58.42 67.57
N VAL A 3215 17.28 59.08 66.71
CA VAL A 3215 18.48 59.75 67.20
C VAL A 3215 18.10 60.95 68.07
N GLU A 3216 17.00 61.64 67.75
CA GLU A 3216 16.55 62.71 68.63
C GLU A 3216 16.16 62.20 70.01
N GLU A 3217 15.33 61.15 70.05
CA GLU A 3217 14.94 60.59 71.34
C GLU A 3217 16.13 59.98 72.06
N LEU A 3218 17.15 59.53 71.32
CA LEU A 3218 18.35 58.99 71.95
C LEU A 3218 19.21 60.09 72.55
N ARG A 3219 19.24 61.27 71.93
CA ARG A 3219 19.87 62.42 72.57
C ARG A 3219 19.15 62.79 73.86
N ARG A 3220 17.81 62.75 73.83
CA ARG A 3220 17.04 63.02 75.04
C ARG A 3220 17.36 62.00 76.14
N ASP A 3221 17.43 60.72 75.76
CA ASP A 3221 17.79 59.68 76.71
C ASP A 3221 19.21 59.88 77.23
N LEU A 3222 20.11 60.36 76.37
CA LEU A 3222 21.47 60.64 76.80
C LEU A 3222 21.51 61.73 77.87
N ARG A 3223 20.69 62.77 77.70
CA ARG A 3223 20.70 63.85 78.69
C ARG A 3223 20.05 63.41 79.99
N ILE A 3224 18.98 62.60 79.91
CA ILE A 3224 18.43 61.95 81.11
C ILE A 3224 19.51 61.14 81.81
N LYS A 3225 20.26 60.36 81.04
CA LYS A 3225 21.30 59.50 81.59
C LYS A 3225 22.36 60.32 82.28
N SER A 3226 22.77 61.43 81.67
CA SER A 3226 23.79 62.29 82.26
C SER A 3226 23.30 62.88 83.58
N GLN A 3227 22.05 63.35 83.62
CA GLN A 3227 21.52 63.93 84.86
C GLN A 3227 21.48 62.89 85.97
N GLU A 3228 20.99 61.68 85.67
CA GLU A 3228 20.90 60.65 86.69
C GLU A 3228 22.27 60.20 87.15
N LEU A 3229 23.23 60.09 86.23
CA LEU A 3229 24.60 59.75 86.58
C LEU A 3229 25.20 60.80 87.49
N GLU A 3230 24.98 62.08 87.18
CA GLU A 3230 25.53 63.14 88.00
C GLU A 3230 24.95 63.13 89.41
N VAL A 3231 23.63 62.92 89.52
CA VAL A 3231 23.04 62.91 90.85
C VAL A 3231 23.52 61.69 91.64
N LYS A 3232 23.67 60.54 90.98
CA LYS A 3232 24.17 59.36 91.67
C LYS A 3232 25.60 59.57 92.16
N ASN A 3233 26.46 60.15 91.31
CA ASN A 3233 27.84 60.40 91.69
C ASN A 3233 27.90 61.39 92.85
N ALA A 3234 27.09 62.44 92.79
CA ALA A 3234 27.07 63.43 93.87
C ALA A 3234 26.62 62.81 95.18
N ALA A 3235 25.57 61.98 95.15
CA ALA A 3235 25.12 61.33 96.37
C ALA A 3235 26.19 60.39 96.92
N ALA A 3236 26.84 59.63 96.04
CA ALA A 3236 27.89 58.71 96.48
C ALA A 3236 29.03 59.46 97.16
N ASN A 3237 29.49 60.55 96.54
CA ASN A 3237 30.58 61.32 97.13
C ASN A 3237 30.16 61.95 98.45
N ASP A 3238 28.94 62.50 98.50
CA ASP A 3238 28.47 63.16 99.71
C ASP A 3238 28.39 62.20 100.88
N LYS A 3239 27.88 60.98 100.64
CA LYS A 3239 27.80 60.02 101.73
C LYS A 3239 29.15 59.39 102.05
N LEU A 3240 30.04 59.21 101.06
CA LEU A 3240 31.38 58.73 101.35
C LEU A 3240 32.18 59.76 102.16
N LYS A 3241 31.81 61.04 102.08
CA LYS A 3241 32.44 62.03 102.94
C LYS A 3241 32.25 61.71 104.42
N LYS A 3242 31.07 61.20 104.79
CA LYS A 3242 30.83 60.78 106.16
C LYS A 3242 31.52 59.46 106.46
N GLU A 3449 31.49 49.49 101.63
CA GLU A 3449 31.18 48.14 101.17
C GLU A 3449 29.87 48.10 100.41
N GLU A 3450 29.02 49.09 100.63
CA GLU A 3450 27.78 49.24 99.89
C GLU A 3450 27.81 50.40 98.90
N TYR A 3451 28.56 51.46 99.22
CA TYR A 3451 28.71 52.57 98.28
C TYR A 3451 29.76 52.28 97.21
N ALA A 3452 30.67 51.35 97.48
CA ALA A 3452 31.53 50.84 96.41
C ALA A 3452 30.71 50.14 95.33
N VAL A 3453 29.67 49.39 95.75
CA VAL A 3453 28.82 48.70 94.78
C VAL A 3453 28.12 49.70 93.89
N LEU A 3454 27.53 50.74 94.48
CA LEU A 3454 26.81 51.71 93.67
C LEU A 3454 27.73 52.64 92.88
N ILE A 3455 28.97 52.87 93.34
CA ILE A 3455 29.87 53.65 92.49
C ILE A 3455 30.38 52.79 91.33
N SER A 3456 30.49 51.48 91.52
CA SER A 3456 30.75 50.59 90.39
C SER A 3456 29.58 50.59 89.43
N GLU A 3457 28.36 50.62 89.96
CA GLU A 3457 27.18 50.77 89.11
C GLU A 3457 27.21 52.09 88.35
N ALA A 3458 27.69 53.16 89.01
CA ALA A 3458 27.83 54.45 88.33
C ALA A 3458 28.86 54.38 87.23
N GLN A 3459 29.97 53.67 87.44
CA GLN A 3459 30.96 53.50 86.39
C GLN A 3459 30.39 52.70 85.22
N ALA A 3460 29.61 51.65 85.52
CA ALA A 3460 28.99 50.87 84.46
C ALA A 3460 28.01 51.72 83.65
N ILE A 3461 27.19 52.53 84.34
CA ILE A 3461 26.24 53.37 83.63
C ILE A 3461 26.96 54.49 82.90
N LYS A 3462 28.14 54.89 83.36
CA LYS A 3462 28.96 55.84 82.61
C LYS A 3462 29.47 55.22 81.32
N ALA A 3463 29.89 53.96 81.38
CA ALA A 3463 30.26 53.25 80.16
C ALA A 3463 29.07 53.15 79.21
N ASP A 3464 27.88 52.88 79.77
CA ASP A 3464 26.67 52.86 78.95
C ASP A 3464 26.40 54.22 78.32
N LEU A 3465 26.60 55.30 79.08
CA LEU A 3465 26.41 56.65 78.55
C LEU A 3465 27.39 56.94 77.42
N ALA A 3466 28.66 56.52 77.59
CA ALA A 3466 29.65 56.71 76.54
C ALA A 3466 29.26 55.93 75.29
N ALA A 3467 28.78 54.70 75.46
CA ALA A 3467 28.32 53.92 74.31
C ALA A 3467 27.15 54.58 73.62
N VAL A 3468 26.21 55.13 74.39
CA VAL A 3468 25.05 55.82 73.80
C VAL A 3468 25.50 57.05 73.03
N GLU A 3469 26.45 57.81 73.58
CA GLU A 3469 26.95 58.99 72.89
C GLU A 3469 27.68 58.60 71.60
N ALA A 3470 28.45 57.52 71.64
CA ALA A 3470 29.12 57.04 70.43
C ALA A 3470 28.12 56.63 69.37
N LYS A 3471 27.05 55.93 69.78
CA LYS A 3471 26.00 55.57 68.84
C LYS A 3471 25.34 56.81 68.26
N VAL A 3472 25.09 57.82 69.10
CA VAL A 3472 24.48 59.06 68.62
C VAL A 3472 25.36 59.72 67.56
N ASN A 3473 26.66 59.81 67.84
CA ASN A 3473 27.57 60.46 66.89
C ASN A 3473 27.65 59.68 65.59
N ARG A 3474 27.79 58.35 65.68
CA ARG A 3474 27.87 57.53 64.47
C ARG A 3474 26.60 57.64 63.65
N SER A 3475 25.44 57.57 64.30
CA SER A 3475 24.18 57.64 63.59
C SER A 3475 23.97 59.01 62.95
N THR A 3476 24.31 60.09 63.66
CA THR A 3476 24.09 61.41 63.06
C THR A 3476 25.05 61.65 61.90
N ALA A 3477 26.28 61.13 61.99
CA ALA A 3477 27.19 61.20 60.85
C ALA A 3477 26.63 60.44 59.66
N LEU A 3478 26.07 59.24 59.91
CA LEU A 3478 25.49 58.46 58.83
C LEU A 3478 24.33 59.19 58.17
N LEU A 3479 23.43 59.75 58.99
CA LEU A 3479 22.28 60.46 58.43
C LEU A 3479 22.70 61.71 57.66
N LYS A 3480 23.71 62.43 58.17
CA LYS A 3480 24.21 63.57 57.41
C LYS A 3480 24.86 63.14 56.10
N SER A 3481 25.43 61.93 56.06
CA SER A 3481 25.93 61.39 54.80
C SER A 3481 24.82 60.88 53.90
N LEU A 3482 23.65 60.58 54.43
CA LEU A 3482 22.53 60.03 53.67
C LEU A 3482 21.58 61.10 53.15
N SER A 3483 21.92 62.38 53.31
CA SER A 3483 21.01 63.45 52.91
C SER A 3483 20.79 63.45 51.40
N ALA A 3484 21.85 63.20 50.62
CA ALA A 3484 21.71 63.22 49.16
C ALA A 3484 20.76 62.14 48.68
N GLU A 3485 20.89 60.91 49.22
CA GLU A 3485 19.95 59.85 48.87
C GLU A 3485 18.54 60.21 49.28
N ARG A 3486 18.38 60.81 50.46
CA ARG A 3486 17.04 61.16 50.93
C ARG A 3486 16.38 62.17 50.00
N GLU A 3487 17.12 63.20 49.59
CA GLU A 3487 16.53 64.21 48.70
C GLU A 3487 16.28 63.65 47.32
N ARG A 3488 17.18 62.81 46.81
CA ARG A 3488 16.95 62.19 45.50
C ARG A 3488 15.70 61.32 45.52
N TRP A 3489 15.54 60.52 46.57
CA TRP A 3489 14.37 59.66 46.67
C TRP A 3489 13.10 60.48 46.84
N GLU A 3490 13.18 61.59 47.59
CA GLU A 3490 12.04 62.47 47.73
C GLU A 3490 11.61 63.04 46.38
N LYS A 3491 12.59 63.51 45.59
CA LYS A 3491 12.27 64.05 44.27
C LYS A 3491 11.67 62.99 43.37
N THR A 3492 12.22 61.77 43.40
CA THR A 3492 11.70 60.71 42.54
C THR A 3492 10.29 60.31 42.96
N SER A 3493 10.03 60.25 44.27
CA SER A 3493 8.68 59.94 44.73
C SER A 3493 7.69 61.05 44.36
N GLU A 3494 8.16 62.30 44.31
CA GLU A 3494 7.28 63.37 43.88
C GLU A 3494 6.99 63.30 42.38
N THR A 3495 7.99 62.93 41.58
CA THR A 3495 7.78 62.82 40.14
C THR A 3495 7.16 61.49 39.73
N PHE A 3496 6.92 60.59 40.70
CA PHE A 3496 6.24 59.33 40.40
C PHE A 3496 4.89 59.55 39.72
N LYS A 3497 4.12 60.54 40.18
CA LYS A 3497 2.81 60.79 39.58
C LYS A 3497 2.94 61.21 38.12
N ASN A 3498 3.90 62.09 37.82
CA ASN A 3498 4.13 62.50 36.44
C ASN A 3498 4.57 61.32 35.59
N GLN A 3499 5.44 60.46 36.14
CA GLN A 3499 5.89 59.29 35.41
C GLN A 3499 4.73 58.35 35.12
N MET A 3500 3.82 58.18 36.08
CA MET A 3500 2.62 57.36 35.87
C MET A 3500 1.71 57.99 34.81
N SER A 3501 1.65 59.31 34.75
CA SER A 3501 0.77 59.97 33.79
C SER A 3501 1.15 59.67 32.35
N THR A 3502 2.44 59.70 32.03
CA THR A 3502 2.92 59.56 30.66
C THR A 3502 3.37 58.14 30.33
N ILE A 3503 2.78 57.12 30.97
CA ILE A 3503 3.25 55.76 30.73
C ILE A 3503 2.53 55.12 29.53
N ALA A 3504 1.26 55.48 29.31
CA ALA A 3504 0.50 54.85 28.23
C ALA A 3504 1.07 55.24 26.87
N GLY A 3505 1.31 56.53 26.65
CA GLY A 3505 1.86 56.96 25.38
C GLY A 3505 3.26 56.43 25.14
N ASP A 3506 4.09 56.41 26.18
CA ASP A 3506 5.45 55.88 26.05
C ASP A 3506 5.43 54.41 25.68
N CYS A 3507 4.58 53.62 26.35
CA CYS A 3507 4.49 52.21 26.03
C CYS A 3507 3.92 51.99 24.63
N LEU A 3508 2.96 52.82 24.22
CA LEU A 3508 2.41 52.72 22.86
C LEU A 3508 3.51 52.97 21.83
N LEU A 3509 4.29 54.03 22.02
CA LEU A 3509 5.36 54.35 21.07
C LEU A 3509 6.40 53.25 21.04
N SER A 3510 6.81 52.74 22.21
CA SER A 3510 7.81 51.69 22.25
C SER A 3510 7.32 50.41 21.58
N ALA A 3511 6.07 50.04 21.84
CA ALA A 3511 5.50 48.84 21.22
C ALA A 3511 5.41 48.99 19.72
N ALA A 3512 4.99 50.17 19.24
CA ALA A 3512 4.92 50.39 17.81
C ALA A 3512 6.31 50.31 17.18
N PHE A 3513 7.31 50.87 17.84
CA PHE A 3513 8.67 50.81 17.31
C PHE A 3513 9.17 49.37 17.24
N ILE A 3514 8.92 48.59 18.29
CA ILE A 3514 9.36 47.20 18.28
C ILE A 3514 8.66 46.39 17.20
N ALA A 3515 7.34 46.57 17.06
CA ALA A 3515 6.57 45.73 16.16
C ALA A 3515 6.74 46.13 14.70
N TYR A 3516 7.00 47.40 14.41
CA TYR A 3516 6.92 47.89 13.04
C TYR A 3516 8.25 48.34 12.46
N ALA A 3517 9.06 49.09 13.21
CA ALA A 3517 10.21 49.77 12.66
C ALA A 3517 11.43 48.88 12.47
N GLY A 3518 11.27 47.56 12.55
CA GLY A 3518 12.43 46.68 12.48
C GLY A 3518 13.11 46.70 11.13
N TYR A 3519 12.33 46.63 10.04
CA TYR A 3519 12.91 46.47 8.71
C TYR A 3519 13.51 47.76 8.18
N PHE A 3520 12.98 48.92 8.58
CA PHE A 3520 13.37 50.18 7.99
C PHE A 3520 14.73 50.63 8.54
N ASP A 3521 15.34 51.59 7.84
CA ASP A 3521 16.63 52.13 8.22
C ASP A 3521 16.44 53.28 9.22
N GLN A 3522 17.53 53.97 9.55
CA GLN A 3522 17.49 54.99 10.59
C GLN A 3522 16.53 56.11 10.24
N GLN A 3523 16.61 56.60 9.00
CA GLN A 3523 15.79 57.75 8.60
C GLN A 3523 14.30 57.42 8.66
N MET A 3524 13.91 56.25 8.15
CA MET A 3524 12.50 55.91 8.14
C MET A 3524 11.99 55.54 9.53
N ARG A 3525 12.83 54.91 10.36
CA ARG A 3525 12.44 54.68 11.75
C ARG A 3525 12.18 55.99 12.46
N GLN A 3526 13.07 56.98 12.26
CA GLN A 3526 12.87 58.29 12.89
C GLN A 3526 11.62 58.96 12.36
N ASN A 3527 11.37 58.86 11.06
CA ASN A 3527 10.16 59.47 10.48
C ASN A 3527 8.91 58.83 11.06
N LEU A 3528 8.88 57.50 11.18
CA LEU A 3528 7.72 56.82 11.75
C LEU A 3528 7.50 57.23 13.20
N PHE A 3529 8.57 57.27 13.99
CA PHE A 3529 8.43 57.65 15.39
C PHE A 3529 7.96 59.10 15.52
N THR A 3530 8.48 59.98 14.66
CA THR A 3530 8.04 61.38 14.68
C THR A 3530 6.57 61.50 14.32
N THR A 3531 6.11 60.73 13.33
CA THR A 3531 4.70 60.77 12.95
C THR A 3531 3.82 60.29 14.11
N TRP A 3532 4.22 59.20 14.76
CA TRP A 3532 3.44 58.69 15.89
C TRP A 3532 3.41 59.69 17.04
N SER A 3533 4.56 60.32 17.31
CA SER A 3533 4.62 61.31 18.39
C SER A 3533 3.74 62.52 18.09
N HIS A 3534 3.76 62.98 16.83
CA HIS A 3534 2.89 64.09 16.44
C HIS A 3534 1.42 63.72 16.59
N HIS A 3535 1.05 62.50 16.21
CA HIS A 3535 -0.33 62.08 16.38
C HIS A 3535 -0.74 62.02 17.84
N LEU A 3536 0.15 61.51 18.70
CA LEU A 3536 -0.18 61.45 20.12
C LEU A 3536 -0.28 62.85 20.73
N GLN A 3537 0.58 63.78 20.27
CA GLN A 3537 0.46 65.16 20.70
C GLN A 3537 -0.87 65.76 20.26
N GLN A 3538 -1.29 65.46 19.03
CA GLN A 3538 -2.55 65.98 18.51
C GLN A 3538 -3.75 65.38 19.25
N ALA A 3539 -3.60 64.18 19.79
CA ALA A 3539 -4.67 63.50 20.49
C ALA A 3539 -4.66 63.75 21.99
N ASN A 3540 -3.81 64.65 22.46
CA ASN A 3540 -3.71 64.99 23.88
C ASN A 3540 -3.39 63.77 24.73
N ILE A 3541 -2.47 62.95 24.25
CA ILE A 3541 -2.00 61.77 24.98
C ILE A 3541 -0.58 62.06 25.44
N GLN A 3542 -0.34 61.92 26.73
CA GLN A 3542 0.92 62.33 27.33
C GLN A 3542 1.98 61.26 27.17
N PHE A 3543 3.17 61.67 26.73
CA PHE A 3543 4.31 60.78 26.61
C PHE A 3543 5.57 61.59 26.85
N ARG A 3544 6.64 60.90 27.28
CA ARG A 3544 7.90 61.56 27.58
C ARG A 3544 8.70 61.75 26.29
N THR A 3545 9.04 63.01 26.00
CA THR A 3545 9.85 63.33 24.83
C THR A 3545 11.34 63.31 25.12
N ASP A 3546 11.74 63.34 26.39
CA ASP A 3546 13.15 63.45 26.76
C ASP A 3546 13.89 62.12 26.71
N ILE A 3547 13.25 61.04 27.13
CA ILE A 3547 13.95 59.76 27.25
C ILE A 3547 14.13 59.14 25.87
N ALA A 3548 15.28 58.50 25.67
CA ALA A 3548 15.58 57.84 24.41
C ALA A 3548 14.86 56.49 24.33
N ARG A 3549 14.68 56.02 23.10
CA ARG A 3549 14.00 54.74 22.88
C ARG A 3549 14.81 53.59 23.47
N THR A 3550 16.12 53.56 23.19
CA THR A 3550 16.96 52.47 23.68
C THR A 3550 17.04 52.47 25.20
N GLU A 3551 17.19 53.65 25.81
CA GLU A 3551 17.28 53.72 27.27
C GLU A 3551 15.96 53.36 27.93
N TYR A 3552 14.83 53.65 27.26
CA TYR A 3552 13.54 53.29 27.82
C TYR A 3552 13.25 51.80 27.68
N LEU A 3553 13.70 51.18 26.59
CA LEU A 3553 13.39 49.78 26.33
C LEU A 3553 14.46 48.81 26.82
N SER A 3554 15.52 49.31 27.45
CA SER A 3554 16.56 48.43 27.98
C SER A 3554 17.22 49.09 29.17
N ASN A 3555 17.85 48.27 30.00
CA ASN A 3555 18.61 48.76 31.14
C ASN A 3555 20.10 48.70 30.84
N ALA A 3556 20.88 49.37 31.68
CA ALA A 3556 22.32 49.47 31.45
C ALA A 3556 23.00 48.11 31.53
N ASP A 3557 22.49 47.21 32.36
CA ASP A 3557 23.08 45.87 32.46
C ASP A 3557 22.93 45.10 31.15
N GLU A 3558 21.74 45.17 30.53
CA GLU A 3558 21.54 44.51 29.25
C GLU A 3558 22.44 45.09 28.18
N ARG A 3559 22.57 46.42 28.14
CA ARG A 3559 23.44 47.04 27.14
C ARG A 3559 24.90 46.65 27.36
N LEU A 3560 25.34 46.61 28.62
CA LEU A 3560 26.71 46.21 28.90
C LEU A 3560 26.96 44.76 28.48
N ARG A 3561 26.02 43.87 28.77
CA ARG A 3561 26.17 42.48 28.33
C ARG A 3561 26.19 42.38 26.81
N TRP A 3562 25.37 43.19 26.14
CA TRP A 3562 25.36 43.19 24.67
C TRP A 3562 26.70 43.65 24.12
N GLN A 3563 27.28 44.69 24.71
CA GLN A 3563 28.63 45.10 24.31
C GLN A 3563 29.63 43.98 24.56
N ALA A 3564 29.48 43.25 25.66
CA ALA A 3564 30.34 42.08 25.88
C ALA A 3564 30.09 40.99 24.84
N SER A 3565 28.92 41.00 24.21
CA SER A 3565 28.57 40.02 23.17
C SER A 3565 28.86 40.51 21.77
N SER A 3566 29.83 41.41 21.61
CA SER A 3566 30.28 41.92 20.31
C SER A 3566 29.13 42.58 19.54
N LEU A 3567 28.25 43.27 20.26
CA LEU A 3567 27.26 44.09 19.59
C LEU A 3567 27.86 45.45 19.25
N PRO A 3568 27.78 45.90 18.00
CA PRO A 3568 28.37 47.19 17.62
C PRO A 3568 27.77 48.33 18.44
N ALA A 3569 28.61 49.30 18.77
CA ALA A 3569 28.20 50.46 19.56
C ALA A 3569 27.47 51.43 18.65
N ASP A 3570 26.16 51.24 18.54
CA ASP A 3570 25.33 52.08 17.69
C ASP A 3570 23.91 52.07 18.23
N ASP A 3571 23.18 53.17 18.01
CA ASP A 3571 21.80 53.24 18.46
C ASP A 3571 20.92 52.29 17.68
N LEU A 3572 21.12 52.20 16.36
CA LEU A 3572 20.34 51.27 15.55
C LEU A 3572 20.62 49.83 15.95
N CYS A 3573 21.88 49.50 16.23
CA CYS A 3573 22.22 48.15 16.68
C CYS A 3573 21.59 47.86 18.04
N THR A 3574 21.56 48.86 18.93
CA THR A 3574 20.92 48.67 20.23
C THR A 3574 19.42 48.43 20.08
N GLU A 3575 18.77 49.19 19.19
CA GLU A 3575 17.35 48.95 18.93
C GLU A 3575 17.13 47.56 18.35
N ASN A 3576 18.01 47.14 17.45
CA ASN A 3576 17.90 45.79 16.88
C ASN A 3576 18.05 44.72 17.95
N ALA A 3577 18.97 44.93 18.90
CA ALA A 3577 19.11 44.01 20.02
C ALA A 3577 17.84 43.99 20.87
N ILE A 3578 17.24 45.15 21.09
CA ILE A 3578 15.98 45.22 21.84
C ILE A 3578 14.91 44.40 21.14
N MET A 3579 14.82 44.54 19.81
CA MET A 3579 13.85 43.75 19.05
C MET A 3579 14.16 42.26 19.14
N LEU A 3580 15.43 41.90 19.07
CA LEU A 3580 15.84 40.50 19.20
C LEU A 3580 15.56 39.95 20.59
N LYS A 3581 15.39 40.81 21.59
CA LYS A 3581 15.05 40.36 22.92
C LYS A 3581 13.53 40.31 23.16
N ARG A 3582 12.81 41.33 22.72
CA ARG A 3582 11.39 41.49 23.03
C ARG A 3582 10.49 41.07 21.89
N PHE A 3583 10.96 40.20 21.00
CA PHE A 3583 10.18 39.83 19.83
C PHE A 3583 8.96 39.02 20.21
N ASN A 3584 7.89 39.21 19.44
CA ASN A 3584 6.66 38.41 19.54
C ASN A 3584 6.63 37.29 18.52
N ARG A 3585 7.00 37.59 17.28
CA ARG A 3585 7.24 36.59 16.25
C ARG A 3585 8.74 36.36 16.11
N TYR A 3586 9.10 35.19 15.60
CA TYR A 3586 10.51 34.84 15.53
C TYR A 3586 11.25 35.78 14.59
N PRO A 3587 12.45 36.22 14.97
CA PRO A 3587 13.12 37.25 14.17
C PRO A 3587 13.73 36.71 12.89
N LEU A 3588 13.73 37.56 11.87
CA LEU A 3588 14.48 37.35 10.63
C LEU A 3588 15.52 38.45 10.59
N ILE A 3589 16.78 38.08 10.70
CA ILE A 3589 17.88 39.04 10.80
C ILE A 3589 18.48 39.27 9.42
N ILE A 3590 18.66 40.53 9.06
CA ILE A 3590 19.29 40.90 7.80
C ILE A 3590 20.57 41.65 8.16
N ASP A 3591 21.69 40.92 8.22
CA ASP A 3591 22.99 41.50 8.56
C ASP A 3591 24.02 41.09 7.51
N PRO A 3592 24.22 41.91 6.48
CA PRO A 3592 25.24 41.58 5.48
C PRO A 3592 26.64 41.49 6.06
N SER A 3593 26.95 42.29 7.08
CA SER A 3593 28.28 42.27 7.67
C SER A 3593 28.56 40.99 8.45
N GLY A 3594 27.52 40.32 8.93
CA GLY A 3594 27.69 39.10 9.70
C GLY A 3594 27.95 39.29 11.18
N GLN A 3595 27.84 40.53 11.68
CA GLN A 3595 28.04 40.77 13.10
C GLN A 3595 26.86 40.31 13.94
N ALA A 3596 25.64 40.38 13.40
CA ALA A 3596 24.47 40.00 14.17
C ALA A 3596 24.43 38.50 14.45
N THR A 3597 24.91 37.69 13.50
CA THR A 3597 24.97 36.26 13.74
C THR A 3597 25.95 35.93 14.87
N GLU A 3598 27.09 36.62 14.91
CA GLU A 3598 28.03 36.44 16.01
C GLU A 3598 27.42 36.92 17.33
N PHE A 3599 26.68 38.02 17.29
CA PHE A 3599 26.03 38.52 18.50
C PHE A 3599 25.01 37.51 19.02
N ILE A 3600 24.25 36.90 18.13
CA ILE A 3600 23.28 35.89 18.54
C ILE A 3600 23.99 34.65 19.08
N MET A 3601 25.07 34.24 18.43
CA MET A 3601 25.82 33.08 18.91
C MET A 3601 26.40 33.31 20.30
N ASN A 3602 26.95 34.51 20.54
CA ASN A 3602 27.52 34.80 21.86
C ASN A 3602 26.43 34.97 22.90
N GLU A 3603 25.30 35.58 22.53
CA GLU A 3603 24.24 35.84 23.50
C GLU A 3603 23.61 34.56 24.01
N TYR A 3604 23.39 33.59 23.13
CA TYR A 3604 22.76 32.32 23.49
C TYR A 3604 23.76 31.18 23.60
N LYS A 3605 25.04 31.50 23.78
CA LYS A 3605 26.06 30.47 23.89
C LYS A 3605 25.86 29.60 25.11
N ASP A 3606 25.49 30.22 26.25
CA ASP A 3606 25.29 29.46 27.48
C ASP A 3606 24.06 28.57 27.41
N ARG A 3607 23.14 28.83 26.49
CA ARG A 3607 21.95 28.01 26.32
C ARG A 3607 22.10 26.98 25.21
N LYS A 3608 23.34 26.73 24.76
CA LYS A 3608 23.64 25.71 23.76
C LYS A 3608 22.92 25.99 22.44
N ILE A 3609 23.23 27.14 21.86
CA ILE A 3609 22.70 27.49 20.55
C ILE A 3609 23.55 26.81 19.47
N THR A 3610 22.89 26.32 18.44
CA THR A 3610 23.56 25.67 17.32
C THR A 3610 23.19 26.37 16.03
N ARG A 3611 24.12 26.36 15.07
CA ARG A 3611 23.94 27.03 13.80
C ARG A 3611 23.72 26.02 12.69
N THR A 3612 22.68 26.24 11.89
CA THR A 3612 22.39 25.38 10.75
C THR A 3612 21.96 26.28 9.60
N SER A 3613 21.61 25.66 8.47
CA SER A 3613 21.19 26.39 7.29
C SER A 3613 20.03 25.66 6.63
N PHE A 3614 19.24 26.40 5.87
CA PHE A 3614 18.12 25.80 5.14
C PHE A 3614 18.60 24.83 4.08
N LEU A 3615 19.78 25.08 3.51
CA LEU A 3615 20.34 24.21 2.48
C LEU A 3615 20.92 22.93 3.05
N ASP A 3616 21.22 22.90 4.35
CA ASP A 3616 21.81 21.71 4.95
C ASP A 3616 20.81 20.56 4.95
N ASP A 3617 21.31 19.36 4.65
CA ASP A 3617 20.49 18.16 4.76
C ASP A 3617 20.24 17.75 6.20
N ALA A 3618 21.02 18.29 7.14
CA ALA A 3618 20.79 18.07 8.56
C ALA A 3618 19.89 19.13 9.18
N PHE A 3619 19.31 20.01 8.36
CA PHE A 3619 18.44 21.06 8.89
C PHE A 3619 17.21 20.47 9.57
N ARG A 3620 16.62 19.45 8.98
CA ARG A 3620 15.41 18.87 9.54
C ARG A 3620 15.69 18.22 10.90
N LYS A 3621 16.77 17.45 10.99
CA LYS A 3621 17.08 16.77 12.24
C LYS A 3621 17.54 17.75 13.30
N ASN A 3622 18.32 18.76 12.92
CA ASN A 3622 18.70 19.79 13.88
C ASN A 3622 17.50 20.56 14.37
N LEU A 3623 16.56 20.88 13.47
CA LEU A 3623 15.36 21.59 13.86
C LEU A 3623 14.51 20.79 14.82
N GLU A 3624 14.32 19.49 14.55
CA GLU A 3624 13.50 18.69 15.45
C GLU A 3624 14.21 18.45 16.77
N SER A 3625 15.54 18.33 16.77
CA SER A 3625 16.27 18.22 18.02
C SER A 3625 16.12 19.48 18.87
N ALA A 3626 16.21 20.65 18.22
CA ALA A 3626 16.02 21.90 18.95
C ALA A 3626 14.60 22.02 19.48
N LEU A 3627 13.61 21.62 18.68
CA LEU A 3627 12.22 21.67 19.14
C LEU A 3627 11.99 20.76 20.33
N ARG A 3628 12.58 19.55 20.29
CA ARG A 3628 12.34 18.57 21.34
C ARG A 3628 13.07 18.92 22.62
N PHE A 3629 14.34 19.35 22.51
CA PHE A 3629 15.15 19.65 23.68
C PHE A 3629 15.10 21.11 24.10
N GLY A 3630 14.35 21.94 23.39
CA GLY A 3630 14.25 23.35 23.75
C GLY A 3630 15.53 24.12 23.62
N ASN A 3631 16.28 23.91 22.57
CA ASN A 3631 17.52 24.63 22.41
C ASN A 3631 17.36 25.75 21.39
N PRO A 3632 18.06 26.87 21.58
CA PRO A 3632 18.05 27.93 20.57
C PRO A 3632 18.68 27.44 19.26
N LEU A 3633 18.14 27.95 18.16
CA LEU A 3633 18.58 27.56 16.83
C LEU A 3633 18.72 28.80 15.97
N LEU A 3634 19.75 28.82 15.12
CA LEU A 3634 20.00 29.91 14.19
C LEU A 3634 20.10 29.31 12.80
N VAL A 3635 19.16 29.64 11.93
CA VAL A 3635 19.09 29.09 10.58
C VAL A 3635 19.41 30.18 9.59
N GLN A 3636 20.45 29.97 8.79
CA GLN A 3636 20.89 30.93 7.80
C GLN A 3636 20.27 30.63 6.44
N ASP A 3637 20.55 31.49 5.47
CA ASP A 3637 20.06 31.33 4.10
C ASP A 3637 18.54 31.27 4.07
N VAL A 3638 17.89 32.26 4.70
CA VAL A 3638 16.44 32.28 4.78
C VAL A 3638 15.80 32.54 3.43
N GLU A 3639 16.55 33.05 2.46
CA GLU A 3639 16.04 33.17 1.10
C GLU A 3639 15.76 31.80 0.47
N SER A 3640 16.29 30.73 1.07
CA SER A 3640 15.95 29.36 0.71
C SER A 3640 14.99 28.74 1.73
N TYR A 3641 14.05 29.54 2.21
CA TYR A 3641 13.19 29.16 3.33
C TYR A 3641 12.46 27.86 3.06
N ASP A 3642 12.51 26.95 4.04
CA ASP A 3642 11.82 25.68 3.94
C ASP A 3642 10.45 25.80 4.58
N PRO A 3643 9.36 25.57 3.83
CA PRO A 3643 8.01 25.74 4.41
C PRO A 3643 7.71 24.80 5.56
N VAL A 3644 8.58 23.82 5.86
CA VAL A 3644 8.36 22.93 6.99
C VAL A 3644 8.32 23.70 8.30
N LEU A 3645 8.84 24.92 8.34
CA LEU A 3645 8.82 25.76 9.52
C LEU A 3645 7.53 26.53 9.68
N ASN A 3646 6.58 26.41 8.75
CA ASN A 3646 5.35 27.19 8.83
C ASN A 3646 4.57 26.93 10.12
N PRO A 3647 4.30 25.68 10.54
CA PRO A 3647 3.64 25.49 11.83
C PRO A 3647 4.46 26.01 13.01
N VAL A 3648 5.78 25.96 12.91
CA VAL A 3648 6.62 26.45 14.00
C VAL A 3648 6.53 27.97 14.10
N LEU A 3649 6.59 28.67 12.95
CA LEU A 3649 6.53 30.12 12.97
C LEU A 3649 5.16 30.63 13.39
N ASN A 3650 4.08 29.93 13.01
CA ASN A 3650 2.75 30.31 13.42
C ASN A 3650 2.40 29.87 14.83
N ARG A 3651 3.26 29.07 15.46
CA ARG A 3651 3.03 28.54 16.81
C ARG A 3651 1.71 27.76 16.87
N GLU A 3652 1.53 26.86 15.90
CA GLU A 3652 0.34 26.01 15.85
C GLU A 3652 0.59 24.79 16.71
N VAL A 3653 0.40 24.98 18.02
CA VAL A 3653 0.62 23.93 19.01
C VAL A 3653 -0.72 23.36 19.44
N ARG A 3654 -0.73 22.05 19.67
CA ARG A 3654 -1.93 21.33 20.12
C ARG A 3654 -1.67 20.80 21.52
N ARG A 3655 -2.49 21.22 22.48
CA ARG A 3655 -2.32 20.82 23.87
C ARG A 3655 -3.36 19.75 24.20
N THR A 3656 -2.93 18.50 24.11
CA THR A 3656 -3.81 17.35 24.35
C THR A 3656 -3.12 16.36 25.27
N GLY A 3657 -3.85 15.87 26.26
CA GLY A 3657 -3.33 14.84 27.16
C GLY A 3657 -2.08 15.26 27.91
N GLY A 3658 -1.97 16.53 28.27
CA GLY A 3658 -0.78 17.02 28.93
C GLY A 3658 0.41 17.20 28.02
N ARG A 3659 0.23 17.07 26.71
CA ARG A 3659 1.31 17.19 25.75
C ARG A 3659 1.09 18.41 24.86
N VAL A 3660 2.16 19.17 24.65
CA VAL A 3660 2.18 20.27 23.70
C VAL A 3660 2.85 19.75 22.43
N LEU A 3661 2.06 19.54 21.39
CA LEU A 3661 2.53 18.91 20.16
C LEU A 3661 2.64 19.94 19.05
N ILE A 3662 3.77 19.91 18.34
CA ILE A 3662 3.98 20.68 17.12
C ILE A 3662 4.14 19.68 15.98
N THR A 3663 3.41 19.91 14.90
CA THR A 3663 3.42 18.98 13.76
C THR A 3663 4.51 19.44 12.80
N LEU A 3664 5.66 18.76 12.85
CA LEU A 3664 6.79 19.09 11.99
C LEU A 3664 6.75 18.14 10.80
N GLY A 3665 6.08 18.56 9.75
CA GLY A 3665 5.86 17.70 8.58
C GLY A 3665 4.71 16.72 8.82
N ASP A 3666 5.05 15.45 8.99
CA ASP A 3666 4.05 14.42 9.23
C ASP A 3666 4.13 13.81 10.63
N GLN A 3667 5.02 14.33 11.49
CA GLN A 3667 5.22 13.77 12.83
C GLN A 3667 4.97 14.84 13.89
N ASP A 3668 4.31 14.43 14.96
CA ASP A 3668 4.07 15.31 16.10
C ASP A 3668 5.23 15.20 17.07
N ILE A 3669 5.74 16.34 17.53
CA ILE A 3669 6.90 16.44 18.40
C ILE A 3669 6.51 17.21 19.64
N ASP A 3670 6.95 16.73 20.81
CA ASP A 3670 6.70 17.43 22.06
C ASP A 3670 7.49 18.74 22.06
N LEU A 3671 6.79 19.85 21.87
CA LEU A 3671 7.45 21.14 21.85
C LEU A 3671 7.92 21.53 23.24
N SER A 3672 9.15 22.05 23.32
CA SER A 3672 9.64 22.52 24.59
C SER A 3672 9.46 24.03 24.71
N PRO A 3673 9.05 24.53 25.88
CA PRO A 3673 8.78 25.96 26.01
C PRO A 3673 9.99 26.86 25.84
N SER A 3674 11.20 26.31 25.97
CA SER A 3674 12.42 27.11 25.86
C SER A 3674 12.96 27.18 24.44
N PHE A 3675 12.28 26.59 23.46
CA PHE A 3675 12.74 26.63 22.08
C PHE A 3675 12.64 28.05 21.53
N VAL A 3676 13.67 28.46 20.78
CA VAL A 3676 13.67 29.73 20.07
C VAL A 3676 14.47 29.55 18.80
N ILE A 3677 14.06 30.26 17.75
CA ILE A 3677 14.70 30.17 16.44
C ILE A 3677 14.90 31.57 15.88
N PHE A 3678 16.05 31.77 15.23
CA PHE A 3678 16.38 33.02 14.55
C PHE A 3678 16.72 32.70 13.11
N LEU A 3679 16.00 33.32 12.18
CA LEU A 3679 16.31 33.21 10.76
C LEU A 3679 17.22 34.36 10.36
N SER A 3680 18.19 34.08 9.52
CA SER A 3680 19.21 35.04 9.17
C SER A 3680 19.46 35.05 7.67
N THR A 3681 19.97 36.18 7.18
CA THR A 3681 20.40 36.31 5.80
C THR A 3681 21.48 37.38 5.72
N ARG A 3682 22.36 37.23 4.74
CA ARG A 3682 23.40 38.21 4.47
C ARG A 3682 23.11 39.10 3.27
N ASP A 3683 21.96 38.91 2.63
CA ASP A 3683 21.61 39.67 1.43
C ASP A 3683 20.53 40.68 1.77
N PRO A 3684 20.83 41.98 1.80
CA PRO A 3684 19.77 42.97 2.07
C PRO A 3684 18.79 43.14 0.93
N THR A 3685 19.08 42.62 -0.25
CA THR A 3685 18.25 42.84 -1.43
C THR A 3685 17.23 41.74 -1.67
N VAL A 3686 17.13 40.74 -0.78
CA VAL A 3686 16.18 39.67 -0.98
C VAL A 3686 14.76 40.20 -0.80
N GLU A 3687 13.82 39.63 -1.55
CA GLU A 3687 12.41 39.94 -1.43
C GLU A 3687 11.68 38.72 -0.90
N PHE A 3688 10.96 38.89 0.18
CA PHE A 3688 10.29 37.73 0.74
C PHE A 3688 8.82 37.72 0.37
N PRO A 3689 8.22 36.53 0.23
CA PRO A 3689 6.79 36.46 -0.01
C PRO A 3689 6.03 36.99 1.19
N PRO A 3690 4.82 37.51 0.98
CA PRO A 3690 4.07 38.11 2.10
C PRO A 3690 3.81 37.13 3.25
N ASP A 3691 3.71 35.83 2.96
CA ASP A 3691 3.55 34.85 4.03
C ASP A 3691 4.72 34.89 5.00
N LEU A 3692 5.95 34.82 4.47
CA LEU A 3692 7.12 34.82 5.33
C LEU A 3692 7.27 36.16 6.05
N CYS A 3693 6.96 37.27 5.36
CA CYS A 3693 6.99 38.57 6.03
C CYS A 3693 6.00 38.64 7.18
N SER A 3694 4.86 37.96 7.04
CA SER A 3694 3.87 37.94 8.12
C SER A 3694 4.29 37.03 9.26
N ARG A 3695 4.99 35.93 8.97
CA ARG A 3695 5.32 34.96 10.00
C ARG A 3695 6.52 35.36 10.87
N VAL A 3696 7.27 36.39 10.49
CA VAL A 3696 8.47 36.76 11.22
C VAL A 3696 8.48 38.27 11.44
N THR A 3697 9.31 38.71 12.39
CA THR A 3697 9.57 40.12 12.60
C THR A 3697 10.96 40.45 12.06
N PHE A 3698 11.04 41.48 11.25
CA PHE A 3698 12.28 41.81 10.55
C PHE A 3698 13.19 42.64 11.45
N VAL A 3699 14.48 42.27 11.46
CA VAL A 3699 15.50 43.00 12.19
C VAL A 3699 16.60 43.31 11.19
N ASN A 3700 16.63 44.56 10.70
CA ASN A 3700 17.55 44.95 9.64
C ASN A 3700 18.78 45.61 10.26
N PHE A 3701 19.94 45.01 10.02
CA PHE A 3701 21.21 45.53 10.54
C PHE A 3701 21.90 46.34 9.45
N THR A 3702 21.40 47.54 9.24
CA THR A 3702 21.97 48.45 8.25
C THR A 3702 23.16 49.20 8.84
N VAL A 3703 23.97 49.77 7.94
CA VAL A 3703 25.13 50.57 8.32
C VAL A 3703 24.70 52.03 8.35
N THR A 3704 24.92 52.69 9.48
CA THR A 3704 24.57 54.09 9.64
C THR A 3704 25.82 54.96 9.54
N ARG A 3705 25.59 56.25 9.26
CA ARG A 3705 26.71 57.18 9.13
C ARG A 3705 27.46 57.34 10.44
N SER A 3706 26.74 57.44 11.55
CA SER A 3706 27.39 57.61 12.84
C SER A 3706 28.25 56.40 13.19
N SER A 3707 27.71 55.19 12.96
CA SER A 3707 28.47 53.98 13.27
C SER A 3707 29.72 53.87 12.41
N LEU A 3708 29.60 54.20 11.12
CA LEU A 3708 30.76 54.14 10.24
C LEU A 3708 31.81 55.18 10.64
N GLN A 3709 31.37 56.39 10.98
CA GLN A 3709 32.32 57.42 11.42
C GLN A 3709 33.05 56.98 12.68
N SER A 3710 32.33 56.42 13.64
CA SER A 3710 32.96 55.93 14.86
C SER A 3710 33.94 54.81 14.56
N GLN A 3711 33.56 53.88 13.69
CA GLN A 3711 34.44 52.75 13.36
C GLN A 3711 35.72 53.24 12.68
N CYS A 3712 35.58 54.15 11.72
CA CYS A 3712 36.75 54.67 11.02
C CYS A 3712 37.64 55.50 11.96
N LEU A 3713 37.03 56.26 12.86
CA LEU A 3713 37.81 57.02 13.83
C LEU A 3713 38.61 56.08 14.74
N ASN A 3714 37.97 55.02 15.22
CA ASN A 3714 38.69 54.05 16.05
C ASN A 3714 39.81 53.38 15.27
N GLU A 3715 39.56 53.04 14.00
CA GLU A 3715 40.56 52.36 13.19
C GLU A 3715 41.78 53.26 12.96
N VAL A 3716 41.54 54.52 12.59
CA VAL A 3716 42.65 55.43 12.33
C VAL A 3716 43.39 55.75 13.63
N LEU A 3717 42.66 55.88 14.74
CA LEU A 3717 43.30 56.15 16.01
C LEU A 3717 44.20 54.99 16.42
N LYS A 3718 43.72 53.75 16.24
CA LYS A 3718 44.54 52.59 16.56
C LYS A 3718 45.75 52.49 15.63
N ALA A 3719 45.57 52.79 14.34
CA ALA A 3719 46.66 52.65 13.40
C ALA A 3719 47.75 53.71 13.62
N GLU A 3720 47.35 54.95 13.88
CA GLU A 3720 48.31 56.05 13.93
C GLU A 3720 48.70 56.46 15.34
N ARG A 3721 47.81 56.31 16.31
CA ARG A 3721 48.08 56.66 17.71
C ARG A 3721 47.75 55.46 18.59
N PRO A 3722 48.54 54.38 18.49
CA PRO A 3722 48.18 53.14 19.20
C PRO A 3722 48.06 53.31 20.71
N ASP A 3723 48.94 54.12 21.31
CA ASP A 3723 48.86 54.35 22.75
C ASP A 3723 47.56 55.05 23.13
N VAL A 3724 47.15 56.04 22.35
CA VAL A 3724 45.90 56.76 22.65
C VAL A 3724 44.72 55.82 22.51
N ASP A 3725 44.72 54.95 21.49
CA ASP A 3725 43.61 54.02 21.31
C ASP A 3725 43.56 52.98 22.43
N GLU A 3726 44.72 52.48 22.87
CA GLU A 3726 44.74 51.54 23.98
C GLU A 3726 44.23 52.21 25.26
N LYS A 3727 44.65 53.46 25.49
CA LYS A 3727 44.15 54.20 26.65
C LYS A 3727 42.64 54.40 26.54
N ARG A 3728 42.14 54.69 25.34
CA ARG A 3728 40.71 54.88 25.15
C ARG A 3728 39.93 53.62 25.47
N SER A 3729 40.41 52.47 25.00
CA SER A 3729 39.75 51.21 25.29
C SER A 3729 39.75 50.92 26.79
N ASP A 3730 40.90 51.13 27.44
CA ASP A 3730 40.98 50.90 28.88
C ASP A 3730 40.03 51.83 29.64
N LEU A 3731 39.95 53.09 29.23
CA LEU A 3731 39.07 54.03 29.91
C LEU A 3731 37.60 53.66 29.72
N LEU A 3732 37.23 53.22 28.51
CA LEU A 3732 35.85 52.78 28.31
C LEU A 3732 35.52 51.58 29.19
N LYS A 3733 36.43 50.60 29.27
CA LYS A 3733 36.20 49.46 30.14
C LYS A 3733 36.07 49.88 31.60
N LEU A 3734 36.96 50.77 32.06
CA LEU A 3734 36.91 51.21 33.45
C LEU A 3734 35.63 51.97 33.74
N GLN A 3735 35.19 52.83 32.81
CA GLN A 3735 33.95 53.57 33.01
C GLN A 3735 32.76 52.62 33.08
N GLY A 3736 32.73 51.61 32.22
CA GLY A 3736 31.65 50.63 32.29
C GLY A 3736 31.61 49.91 33.62
N GLU A 3737 32.78 49.44 34.08
CA GLU A 3737 32.84 48.76 35.37
C GLU A 3737 32.42 49.68 36.50
N PHE A 3738 32.86 50.94 36.45
CA PHE A 3738 32.52 51.89 37.52
C PHE A 3738 31.02 52.16 37.56
N GLN A 3739 30.40 52.38 36.40
CA GLN A 3739 28.97 52.63 36.38
C GLN A 3739 28.20 51.42 36.86
N LEU A 3740 28.64 50.22 36.48
CA LEU A 3740 28.01 49.01 37.02
C LEU A 3740 28.14 48.97 38.54
N ARG A 3741 29.30 49.35 39.06
CA ARG A 3741 29.50 49.34 40.51
C ARG A 3741 28.58 50.32 41.21
N LEU A 3742 28.44 51.54 40.66
CA LEU A 3742 27.52 52.51 41.25
C LEU A 3742 26.09 51.99 41.23
N ARG A 3743 25.66 51.40 40.12
CA ARG A 3743 24.30 50.86 40.07
C ARG A 3743 24.11 49.77 41.12
N GLN A 3744 25.08 48.87 41.24
CA GLN A 3744 24.97 47.79 42.22
C GLN A 3744 24.93 48.33 43.64
N LEU A 3745 25.76 49.32 43.94
CA LEU A 3745 25.78 49.90 45.28
C LEU A 3745 24.47 50.60 45.60
N GLU A 3746 23.92 51.35 44.64
CA GLU A 3746 22.67 52.05 44.89
C GLU A 3746 21.54 51.06 45.14
N LYS A 3747 21.48 50.00 44.32
CA LYS A 3747 20.47 48.96 44.51
C LYS A 3747 20.63 48.27 45.85
N SER A 3748 21.88 47.96 46.24
CA SER A 3748 22.11 47.30 47.51
C SER A 3748 21.73 48.19 48.68
N LEU A 3749 21.95 49.50 48.55
CA LEU A 3749 21.55 50.41 49.62
C LEU A 3749 20.02 50.44 49.77
N LEU A 3750 19.31 50.52 48.64
CA LEU A 3750 17.85 50.42 48.71
C LEU A 3750 17.41 49.12 49.35
N GLN A 3751 18.02 48.00 48.94
CA GLN A 3751 17.61 46.70 49.47
C GLN A 3751 17.89 46.62 50.97
N ALA A 3752 19.04 47.13 51.41
CA ALA A 3752 19.39 47.09 52.82
C ALA A 3752 18.42 47.93 53.65
N LEU A 3753 18.05 49.11 53.16
CA LEU A 3753 17.06 49.91 53.88
C LEU A 3753 15.68 49.25 53.87
N ASN A 3754 15.38 48.47 52.83
CA ASN A 3754 14.06 47.86 52.72
C ASN A 3754 13.92 46.64 53.64
N GLU A 3755 14.93 45.78 53.66
CA GLU A 3755 14.82 44.50 54.34
C GLU A 3755 15.08 44.57 55.83
N VAL A 3756 15.53 45.72 56.34
CA VAL A 3756 15.83 45.84 57.77
C VAL A 3756 14.55 45.72 58.58
N LYS A 3757 14.63 45.00 59.70
CA LYS A 3757 13.49 44.75 60.56
C LYS A 3757 13.64 45.54 61.85
N GLY A 3758 12.59 46.27 62.23
CA GLY A 3758 12.60 47.06 63.45
C GLY A 3758 13.10 48.49 63.20
N ARG A 3759 14.31 48.78 63.65
CA ARG A 3759 14.91 50.09 63.49
C ARG A 3759 16.35 49.94 63.03
N ILE A 3760 16.86 50.99 62.40
CA ILE A 3760 18.22 50.94 61.84
C ILE A 3760 19.25 50.78 62.94
N LEU A 3761 19.10 51.53 64.03
CA LEU A 3761 20.08 51.53 65.11
C LEU A 3761 19.98 50.30 66.01
N ASP A 3762 18.93 49.49 65.88
CA ASP A 3762 18.80 48.31 66.73
C ASP A 3762 19.94 47.32 66.48
N ASP A 3763 20.30 47.12 65.22
CA ASP A 3763 21.40 46.23 64.85
C ASP A 3763 22.48 47.03 64.14
N ASP A 3764 23.71 46.90 64.61
CA ASP A 3764 24.83 47.66 64.06
C ASP A 3764 25.35 47.11 62.75
N THR A 3765 24.93 45.90 62.37
CA THR A 3765 25.30 45.36 61.06
C THR A 3765 24.78 46.25 59.94
N ILE A 3766 23.55 46.76 60.09
CA ILE A 3766 22.99 47.67 59.09
C ILE A 3766 23.81 48.94 59.02
N ILE A 3767 24.22 49.49 60.16
CA ILE A 3767 25.05 50.69 60.17
C ILE A 3767 26.36 50.45 59.46
N THR A 3768 27.00 49.31 59.75
CA THR A 3768 28.27 48.98 59.12
C THR A 3768 28.11 48.84 57.61
N THR A 3769 27.06 48.15 57.17
CA THR A 3769 26.84 47.96 55.74
C THR A 3769 26.57 49.29 55.05
N LEU A 3770 25.76 50.15 55.66
CA LEU A 3770 25.48 51.45 55.07
C LEU A 3770 26.75 52.29 54.95
N GLU A 3771 27.57 52.30 56.00
CA GLU A 3771 28.82 53.07 55.95
C GLU A 3771 29.75 52.52 54.88
N ASN A 3772 29.85 51.19 54.76
CA ASN A 3772 30.69 50.61 53.73
C ASN A 3772 30.19 50.98 52.33
N LEU A 3773 28.88 50.92 52.12
CA LEU A 3773 28.32 51.28 50.83
C LEU A 3773 28.59 52.74 50.49
N LYS A 3774 28.43 53.63 51.48
CA LYS A 3774 28.69 55.05 51.24
C LYS A 3774 30.16 55.29 50.89
N ARG A 3775 31.08 54.67 51.64
CA ARG A 3775 32.50 54.89 51.37
C ARG A 3775 32.90 54.32 50.01
N GLU A 3776 32.36 53.15 49.64
CA GLU A 3776 32.69 52.58 48.35
C GLU A 3776 32.10 53.41 47.22
N ALA A 3777 30.88 53.93 47.41
CA ALA A 3777 30.29 54.82 46.41
C ALA A 3777 31.13 56.08 46.23
N ALA A 3778 31.61 56.66 47.33
CA ALA A 3778 32.45 57.85 47.23
C ALA A 3778 33.74 57.54 46.48
N GLU A 3779 34.38 56.42 46.79
CA GLU A 3779 35.65 56.10 46.14
C GLU A 3779 35.47 55.80 44.66
N VAL A 3780 34.40 55.07 44.30
CA VAL A 3780 34.18 54.79 42.88
C VAL A 3780 33.79 56.05 42.14
N THR A 3781 33.06 56.97 42.80
CA THR A 3781 32.77 58.26 42.18
C THR A 3781 34.04 59.05 41.92
N ARG A 3782 34.96 59.05 42.89
CA ARG A 3782 36.25 59.72 42.71
C ARG A 3782 36.98 59.14 41.49
N LYS A 3783 37.04 57.81 41.41
CA LYS A 3783 37.61 57.17 40.23
C LYS A 3783 36.86 57.61 38.97
N VAL A 3784 35.56 57.88 39.09
CA VAL A 3784 34.76 58.29 37.93
C VAL A 3784 35.23 59.64 37.41
N GLU A 3785 35.41 60.64 38.28
CA GLU A 3785 35.84 61.91 37.69
C GLU A 3785 37.28 61.83 37.21
N GLU A 3786 38.11 61.01 37.85
CA GLU A 3786 39.48 60.84 37.35
C GLU A 3786 39.49 60.27 35.93
N THR A 3787 38.78 59.15 35.73
CA THR A 3787 38.71 58.57 34.40
C THR A 3787 37.99 59.48 33.43
N ASP A 3788 37.07 60.32 33.93
CA ASP A 3788 36.37 61.26 33.06
C ASP A 3788 37.31 62.34 32.54
N ILE A 3789 38.18 62.87 33.40
CA ILE A 3789 39.10 63.91 32.94
C ILE A 3789 40.13 63.34 31.97
N VAL A 3790 40.62 62.13 32.25
CA VAL A 3790 41.57 61.55 31.30
C VAL A 3790 40.87 61.15 30.00
N MET A 3791 39.60 60.74 30.07
CA MET A 3791 38.82 60.51 28.86
C MET A 3791 38.63 61.80 28.07
N GLN A 3792 38.43 62.92 28.77
CA GLN A 3792 38.28 64.20 28.10
C GLN A 3792 39.54 64.58 27.35
N GLU A 3793 40.72 64.39 27.97
CA GLU A 3793 41.95 64.72 27.26
C GLU A 3793 42.19 63.77 26.09
N VAL A 3794 41.82 62.49 26.24
CA VAL A 3794 41.93 61.55 25.12
C VAL A 3794 41.03 61.98 23.97
N GLU A 3795 39.81 62.41 24.29
CA GLU A 3795 38.88 62.86 23.26
C GLU A 3795 39.41 64.10 22.55
N THR A 3796 39.99 65.03 23.30
CA THR A 3796 40.61 66.19 22.66
C THR A 3796 41.75 65.78 21.74
N VAL A 3797 42.54 64.78 22.14
CA VAL A 3797 43.60 64.29 21.27
C VAL A 3797 43.02 63.69 19.99
N SER A 3798 41.97 62.88 20.12
CA SER A 3798 41.43 62.13 18.99
C SER A 3798 40.50 62.94 18.12
N GLN A 3799 40.09 64.14 18.53
CA GLN A 3799 39.21 64.97 17.72
C GLN A 3799 39.84 65.40 16.40
N GLN A 3800 41.17 65.38 16.31
CA GLN A 3800 41.84 65.80 15.08
C GLN A 3800 41.49 64.92 13.89
N TYR A 3801 41.16 63.66 14.12
CA TYR A 3801 40.91 62.69 13.07
C TYR A 3801 39.45 62.64 12.64
N LEU A 3802 38.60 63.51 13.17
CA LEU A 3802 37.19 63.52 12.80
C LEU A 3802 36.95 63.79 11.31
N PRO A 3803 37.60 64.79 10.68
CA PRO A 3803 37.32 65.02 9.25
C PRO A 3803 37.63 63.81 8.37
N LEU A 3804 38.67 63.05 8.70
CA LEU A 3804 38.97 61.84 7.93
C LEU A 3804 37.84 60.82 8.07
N SER A 3805 37.29 60.67 9.27
CA SER A 3805 36.18 59.74 9.47
C SER A 3805 34.94 60.20 8.70
N THR A 3806 34.67 61.50 8.71
CA THR A 3806 33.53 62.02 7.94
C THR A 3806 33.73 61.78 6.45
N ALA A 3807 34.95 61.99 5.96
CA ALA A 3807 35.24 61.71 4.55
C ALA A 3807 35.08 60.24 4.23
N CYS A 3808 35.51 59.36 5.14
CA CYS A 3808 35.33 57.93 4.92
C CYS A 3808 33.87 57.55 4.85
N SER A 3809 33.05 58.09 5.75
CA SER A 3809 31.62 57.80 5.72
C SER A 3809 30.99 58.29 4.42
N SER A 3810 31.35 59.52 3.99
CA SER A 3810 30.80 60.03 2.74
C SER A 3810 31.24 59.19 1.55
N ILE A 3811 32.50 58.77 1.54
CA ILE A 3811 33.02 57.95 0.44
C ILE A 3811 32.27 56.63 0.37
N TYR A 3812 32.08 55.97 1.51
CA TYR A 3812 31.38 54.69 1.51
C TYR A 3812 29.93 54.86 1.07
N PHE A 3813 29.25 55.88 1.56
CA PHE A 3813 27.85 56.05 1.20
C PHE A 3813 27.68 56.54 -0.23
N THR A 3814 28.75 57.08 -0.84
CA THR A 3814 28.74 57.26 -2.28
C THR A 3814 28.95 55.92 -3.00
N MET A 3815 29.84 55.08 -2.47
CA MET A 3815 30.04 53.74 -3.01
C MET A 3815 28.77 52.92 -2.97
N GLU A 3816 28.06 52.95 -1.82
CA GLU A 3816 26.85 52.17 -1.68
C GLU A 3816 25.72 52.66 -2.57
N SER A 3817 25.81 53.90 -3.06
CA SER A 3817 24.76 54.46 -3.90
C SER A 3817 25.09 54.42 -5.38
N LEU A 3818 26.23 53.82 -5.76
CA LEU A 3818 26.55 53.66 -7.18
C LEU A 3818 25.66 52.62 -7.85
N LYS A 3819 24.98 51.77 -7.06
CA LYS A 3819 24.10 50.76 -7.60
C LYS A 3819 22.86 51.34 -8.28
N GLN A 3820 22.60 52.63 -8.09
CA GLN A 3820 21.41 53.24 -8.68
C GLN A 3820 21.57 53.51 -10.17
N ILE A 3821 22.79 53.50 -10.69
CA ILE A 3821 23.03 53.77 -12.10
C ILE A 3821 23.47 52.55 -12.87
N HIS A 3822 23.85 51.46 -12.20
CA HIS A 3822 24.22 50.23 -12.88
C HIS A 3822 24.11 49.09 -11.89
N PHE A 3823 23.52 47.98 -12.33
CA PHE A 3823 23.33 46.81 -11.47
C PHE A 3823 24.66 46.20 -11.06
N LEU A 3824 25.74 46.46 -11.79
CA LEU A 3824 27.02 45.83 -11.52
C LEU A 3824 27.80 46.52 -10.41
N TYR A 3825 27.39 47.72 -10.00
CA TYR A 3825 28.15 48.48 -8.99
C TYR A 3825 27.63 48.12 -7.59
N GLN A 3826 27.88 46.88 -7.21
CA GLN A 3826 27.53 46.37 -5.90
C GLN A 3826 28.80 46.26 -5.07
N TYR A 3827 28.89 47.07 -4.01
CA TYR A 3827 30.07 47.11 -3.16
C TYR A 3827 29.64 46.87 -1.72
N SER A 3828 30.34 45.97 -1.04
CA SER A 3828 30.08 45.69 0.36
C SER A 3828 30.87 46.63 1.25
N LEU A 3829 30.50 46.66 2.53
CA LEU A 3829 31.26 47.44 3.50
C LEU A 3829 32.65 46.88 3.69
N GLN A 3830 32.81 45.56 3.52
CA GLN A 3830 34.14 44.95 3.64
C GLN A 3830 35.08 45.45 2.56
N PHE A 3831 34.56 45.75 1.37
CA PHE A 3831 35.40 46.31 0.31
C PHE A 3831 35.97 47.67 0.73
N PHE A 3832 35.12 48.53 1.28
CA PHE A 3832 35.60 49.83 1.72
C PHE A 3832 36.51 49.72 2.92
N LEU A 3833 36.26 48.78 3.82
CA LEU A 3833 37.17 48.58 4.95
C LEU A 3833 38.52 48.05 4.48
N ASP A 3834 38.54 47.21 3.44
CA ASP A 3834 39.81 46.80 2.86
C ASP A 3834 40.54 47.98 2.26
N ILE A 3835 39.81 48.87 1.57
CA ILE A 3835 40.41 50.10 1.04
C ILE A 3835 41.03 50.92 2.18
N TYR A 3836 40.28 51.08 3.26
CA TYR A 3836 40.74 51.87 4.39
C TYR A 3836 41.97 51.25 5.04
N HIS A 3837 41.98 49.93 5.21
CA HIS A 3837 43.13 49.25 5.79
C HIS A 3837 44.35 49.36 4.90
N ASN A 3838 44.15 49.27 3.58
CA ASN A 3838 45.27 49.45 2.66
C ASN A 3838 45.83 50.86 2.76
N VAL A 3839 44.96 51.86 2.86
CA VAL A 3839 45.42 53.24 2.97
C VAL A 3839 46.16 53.47 4.29
N LEU A 3840 45.69 52.82 5.36
CA LEU A 3840 46.27 53.06 6.68
C LEU A 3840 47.60 52.32 6.85
N TYR A 3841 47.59 51.00 6.65
CA TYR A 3841 48.73 50.16 6.97
C TYR A 3841 49.65 49.90 5.78
N GLU A 3842 49.10 49.67 4.60
CA GLU A 3842 49.89 49.30 3.42
C GLU A 3842 50.13 50.49 2.49
N ASN A 3843 50.31 51.69 3.05
CA ASN A 3843 50.51 52.88 2.24
C ASN A 3843 51.98 53.06 1.94
N PRO A 3844 52.40 53.02 0.66
CA PRO A 3844 53.82 53.25 0.35
C PRO A 3844 54.28 54.67 0.61
N ASN A 3845 53.36 55.62 0.76
CA ASN A 3845 53.72 57.02 1.00
C ASN A 3845 54.05 57.32 2.45
N LEU A 3846 53.89 56.34 3.35
CA LEU A 3846 54.14 56.52 4.77
C LEU A 3846 55.38 55.76 5.23
N LYS A 3847 56.45 55.78 4.41
CA LYS A 3847 57.65 55.02 4.75
C LYS A 3847 58.40 55.67 5.92
N GLY A 3848 58.85 56.91 5.74
CA GLY A 3848 59.66 57.56 6.74
C GLY A 3848 58.99 58.75 7.40
N VAL A 3849 57.74 59.02 7.05
CA VAL A 3849 57.04 60.16 7.61
C VAL A 3849 56.61 59.85 9.03
N THR A 3850 56.94 60.75 9.96
CA THR A 3850 56.59 60.59 11.37
C THR A 3850 55.69 61.69 11.90
N ASP A 3851 55.65 62.86 11.27
CA ASP A 3851 54.78 63.94 11.72
C ASP A 3851 53.32 63.51 11.62
N HIS A 3852 52.55 63.75 12.68
CA HIS A 3852 51.19 63.25 12.75
C HIS A 3852 50.27 63.95 11.74
N THR A 3853 50.34 65.27 11.65
CA THR A 3853 49.45 66.00 10.77
C THR A 3853 49.77 65.75 9.29
N GLN A 3854 51.06 65.67 8.96
CA GLN A 3854 51.43 65.35 7.58
C GLN A 3854 51.04 63.92 7.22
N ARG A 3855 51.20 63.00 8.17
CA ARG A 3855 50.73 61.64 7.95
C ARG A 3855 49.22 61.61 7.72
N LEU A 3856 48.46 62.41 8.48
CA LEU A 3856 47.02 62.45 8.30
C LEU A 3856 46.65 63.01 6.94
N SER A 3857 47.35 64.06 6.48
CA SER A 3857 47.07 64.60 5.16
C SER A 3857 47.37 63.59 4.07
N ILE A 3858 48.50 62.88 4.19
CA ILE A 3858 48.84 61.83 3.23
C ILE A 3858 47.79 60.74 3.25
N ILE A 3859 47.32 60.36 4.45
CA ILE A 3859 46.31 59.32 4.58
C ILE A 3859 45.02 59.72 3.89
N THR A 3860 44.60 60.98 4.07
CA THR A 3860 43.37 61.44 3.42
C THR A 3860 43.50 61.42 1.90
N LYS A 3861 44.59 61.99 1.38
CA LYS A 3861 44.79 62.02 -0.06
C LYS A 3861 44.85 60.62 -0.64
N ASP A 3862 45.59 59.72 0.01
CA ASP A 3862 45.72 58.37 -0.49
C ASP A 3862 44.43 57.58 -0.30
N LEU A 3863 43.61 57.94 0.69
CA LEU A 3863 42.30 57.32 0.83
C LEU A 3863 41.43 57.65 -0.38
N PHE A 3864 41.38 58.92 -0.76
CA PHE A 3864 40.62 59.29 -1.96
C PHE A 3864 41.16 58.57 -3.18
N GLN A 3865 42.48 58.59 -3.35
CA GLN A 3865 43.09 58.00 -4.54
C GLN A 3865 42.82 56.49 -4.62
N VAL A 3866 43.03 55.77 -3.52
CA VAL A 3866 42.87 54.33 -3.52
C VAL A 3866 41.40 53.95 -3.67
N ALA A 3867 40.50 54.72 -3.05
CA ALA A 3867 39.08 54.46 -3.23
C ALA A 3867 38.69 54.55 -4.70
N PHE A 3868 39.11 55.65 -5.36
CA PHE A 3868 38.80 55.78 -6.77
C PHE A 3868 39.44 54.67 -7.59
N ASN A 3869 40.72 54.38 -7.33
CA ASN A 3869 41.43 53.38 -8.13
C ASN A 3869 40.77 52.01 -8.02
N ARG A 3870 40.36 51.62 -6.82
CA ARG A 3870 39.77 50.30 -6.64
C ARG A 3870 38.34 50.24 -7.18
N VAL A 3871 37.54 51.30 -6.97
CA VAL A 3871 36.16 51.26 -7.42
C VAL A 3871 36.08 51.34 -8.93
N ALA A 3872 36.85 52.25 -9.54
CA ALA A 3872 36.74 52.48 -10.97
C ALA A 3872 37.23 51.30 -11.79
N ARG A 3873 38.00 50.38 -11.20
CA ARG A 3873 38.43 49.20 -11.93
C ARG A 3873 37.27 48.28 -12.28
N GLY A 3874 36.15 48.38 -11.54
CA GLY A 3874 34.98 47.58 -11.82
C GLY A 3874 33.81 48.41 -12.30
N MET A 3875 34.09 49.47 -13.03
CA MET A 3875 33.08 50.37 -13.55
C MET A 3875 33.30 50.59 -15.04
N LEU A 3876 32.21 50.85 -15.76
CA LEU A 3876 32.33 51.23 -17.16
C LEU A 3876 33.04 52.57 -17.27
N HIS A 3877 33.78 52.75 -18.36
CA HIS A 3877 34.61 53.94 -18.50
C HIS A 3877 33.78 55.22 -18.60
N GLN A 3878 32.49 55.13 -18.92
CA GLN A 3878 31.65 56.32 -18.96
C GLN A 3878 31.25 56.82 -17.58
N ASP A 3879 31.34 55.97 -16.55
CA ASP A 3879 30.97 56.35 -15.19
C ASP A 3879 32.15 56.75 -14.32
N HIS A 3880 33.37 56.74 -14.87
CA HIS A 3880 34.53 57.19 -14.11
C HIS A 3880 34.40 58.65 -13.73
N ILE A 3881 33.92 59.49 -14.66
CA ILE A 3881 33.83 60.92 -14.38
C ILE A 3881 32.82 61.20 -13.29
N THR A 3882 31.72 60.43 -13.24
CA THR A 3882 30.71 60.65 -12.22
C THR A 3882 31.26 60.38 -10.82
N PHE A 3883 31.92 59.22 -10.65
CA PHE A 3883 32.48 58.89 -9.35
C PHE A 3883 33.60 59.85 -8.97
N ALA A 3884 34.43 60.23 -9.94
CA ALA A 3884 35.52 61.16 -9.66
C ALA A 3884 34.97 62.52 -9.24
N MET A 3885 33.89 62.98 -9.88
CA MET A 3885 33.31 64.26 -9.53
C MET A 3885 32.65 64.22 -8.16
N LEU A 3886 32.02 63.09 -7.81
CA LEU A 3886 31.45 62.97 -6.48
C LEU A 3886 32.54 62.93 -5.42
N LEU A 3887 33.66 62.26 -5.71
CA LEU A 3887 34.79 62.28 -4.77
C LEU A 3887 35.35 63.69 -4.63
N ALA A 3888 35.40 64.44 -5.74
CA ALA A 3888 35.86 65.82 -5.67
C ALA A 3888 34.94 66.67 -4.81
N ARG A 3889 33.62 66.48 -4.95
CA ARG A 3889 32.67 67.21 -4.11
C ARG A 3889 32.83 66.82 -2.64
N ILE A 3890 33.06 65.54 -2.36
CA ILE A 3890 33.26 65.10 -0.99
C ILE A 3890 34.49 65.76 -0.39
N LYS A 3891 35.59 65.80 -1.15
CA LYS A 3891 36.79 66.47 -0.66
C LYS A 3891 36.56 67.96 -0.50
N LEU A 3892 35.77 68.57 -1.38
CA LEU A 3892 35.48 69.99 -1.29
C LEU A 3892 34.71 70.31 -0.01
N LYS A 3893 33.74 69.47 0.36
CA LYS A 3893 33.01 69.69 1.59
C LYS A 3893 33.91 69.54 2.82
N GLY A 3894 35.03 68.84 2.68
CA GLY A 3894 35.98 68.67 3.76
C GLY A 3894 37.11 69.69 3.81
N THR A 3895 37.05 70.73 3.00
CA THR A 3895 38.08 71.76 2.95
C THR A 3895 37.64 72.96 3.78
N VAL A 3896 38.46 73.33 4.76
CA VAL A 3896 38.09 74.41 5.68
C VAL A 3896 38.09 75.75 4.95
N GLY A 3897 39.02 75.95 4.02
CA GLY A 3897 39.18 77.23 3.37
C GLY A 3897 38.32 77.46 2.14
N GLU A 3898 37.40 76.54 1.83
CA GLU A 3898 36.57 76.67 0.64
C GLU A 3898 35.12 76.89 1.02
N PRO A 3899 34.38 77.68 0.23
CA PRO A 3899 32.93 77.77 0.44
C PRO A 3899 32.25 76.46 0.09
N THR A 3900 30.98 76.37 0.50
CA THR A 3900 30.22 75.14 0.28
C THR A 3900 29.75 75.01 -1.18
N TYR A 3901 29.52 76.13 -1.86
CA TYR A 3901 29.07 76.14 -3.26
C TYR A 3901 27.76 75.35 -3.44
N ASP A 3902 26.81 75.56 -2.53
CA ASP A 3902 25.54 74.85 -2.63
C ASP A 3902 24.75 75.32 -3.85
N ALA A 3903 24.64 76.63 -4.04
CA ALA A 3903 23.79 77.16 -5.11
C ALA A 3903 24.33 76.80 -6.48
N GLU A 3904 25.64 76.95 -6.69
CA GLU A 3904 26.21 76.67 -8.01
C GLU A 3904 26.07 75.19 -8.39
N PHE A 3905 26.34 74.28 -7.44
CA PHE A 3905 26.20 72.86 -7.74
C PHE A 3905 24.73 72.49 -7.92
N GLN A 3906 23.84 73.06 -7.11
CA GLN A 3906 22.42 72.79 -7.28
C GLN A 3906 21.94 73.22 -8.65
N HIS A 3907 22.38 74.40 -9.11
CA HIS A 3907 22.03 74.83 -10.45
C HIS A 3907 22.65 73.93 -11.51
N PHE A 3908 23.92 73.56 -11.35
CA PHE A 3908 24.58 72.68 -12.32
C PHE A 3908 23.81 71.36 -12.46
N LEU A 3909 23.19 70.89 -11.38
CA LEU A 3909 22.48 69.62 -11.45
C LEU A 3909 21.05 69.80 -11.96
N ARG A 3910 20.34 70.85 -11.53
CA ARG A 3910 18.91 70.96 -11.76
C ARG A 3910 18.50 72.31 -12.35
N GLY A 3911 19.29 72.89 -13.24
CA GLY A 3911 18.92 74.16 -13.83
C GLY A 3911 18.11 74.06 -15.10
N ASN A 3912 18.17 72.91 -15.80
CA ASN A 3912 17.34 72.71 -16.97
C ASN A 3912 15.86 72.57 -16.61
N GLU A 3913 15.54 72.41 -15.33
CA GLU A 3913 14.16 72.27 -14.87
C GLU A 3913 13.53 73.61 -14.51
N ILE A 3914 14.28 74.72 -14.59
CA ILE A 3914 13.73 76.03 -14.31
C ILE A 3914 12.77 76.41 -15.43
N VAL A 3915 11.49 76.57 -15.08
CA VAL A 3915 10.47 76.86 -16.08
C VAL A 3915 10.59 78.32 -16.51
N LEU A 3916 10.60 78.55 -17.81
CA LEU A 3916 10.69 79.88 -18.40
C LEU A 3916 9.79 79.96 -19.62
N SER A 3917 9.06 81.05 -19.75
CA SER A 3917 8.17 81.24 -20.88
C SER A 3917 8.96 81.51 -22.15
N ALA A 3918 8.29 81.30 -23.29
CA ALA A 3918 8.96 81.52 -24.58
C ALA A 3918 9.36 82.97 -24.77
N GLY A 3919 8.49 83.90 -24.37
CA GLY A 3919 8.80 85.32 -24.53
C GLY A 3919 9.87 85.83 -23.60
N SER A 3920 10.11 85.13 -22.48
CA SER A 3920 11.15 85.56 -21.55
C SER A 3920 12.55 85.42 -22.16
N THR A 3921 12.74 84.45 -23.03
CA THR A 3921 14.04 84.23 -23.64
C THR A 3921 14.26 85.20 -24.80
N PRO A 3922 15.28 86.05 -24.74
CA PRO A 3922 15.55 86.93 -25.88
C PRO A 3922 16.42 86.25 -26.93
N ARG A 3923 16.78 86.96 -27.99
CA ARG A 3923 17.64 86.45 -29.05
C ARG A 3923 18.98 87.17 -28.95
N ILE A 3924 19.97 86.50 -28.35
CA ILE A 3924 21.31 87.06 -28.25
C ILE A 3924 22.05 86.74 -29.54
N GLN A 3925 22.65 87.77 -30.15
CA GLN A 3925 23.35 87.57 -31.41
C GLN A 3925 24.53 86.62 -31.23
N GLY A 3926 24.64 85.66 -32.14
CA GLY A 3926 25.69 84.66 -32.09
C GLY A 3926 25.36 83.44 -31.28
N LEU A 3927 24.23 83.42 -30.57
CA LEU A 3927 23.81 82.29 -29.77
C LEU A 3927 22.51 81.73 -30.32
N THR A 3928 22.42 80.41 -30.39
CA THR A 3928 21.20 79.77 -30.85
C THR A 3928 20.14 79.80 -29.74
N VAL A 3929 18.98 79.22 -30.02
CA VAL A 3929 17.88 79.26 -29.06
C VAL A 3929 18.23 78.42 -27.82
N GLU A 3930 18.91 77.29 -28.01
CA GLU A 3930 19.28 76.45 -26.88
C GLU A 3930 20.31 77.15 -26.00
N GLN A 3931 21.33 77.75 -26.62
CA GLN A 3931 22.34 78.46 -25.84
C GLN A 3931 21.73 79.68 -25.15
N ALA A 3932 20.82 80.39 -25.82
CA ALA A 3932 20.17 81.53 -25.19
C ALA A 3932 19.32 81.08 -24.00
N GLU A 3933 18.62 79.95 -24.14
CA GLU A 3933 17.84 79.42 -23.03
C GLU A 3933 18.74 79.04 -21.85
N ALA A 3934 19.87 78.40 -22.14
CA ALA A 3934 20.82 78.06 -21.09
C ALA A 3934 21.36 79.31 -20.41
N VAL A 3935 21.64 80.36 -21.20
CA VAL A 3935 22.18 81.60 -20.65
C VAL A 3935 21.16 82.25 -19.73
N VAL A 3936 19.90 82.33 -20.16
CA VAL A 3936 18.90 83.00 -19.35
C VAL A 3936 18.58 82.17 -18.10
N ARG A 3937 18.69 80.85 -18.17
CA ARG A 3937 18.57 80.04 -16.96
C ARG A 3937 19.74 80.29 -16.01
N LEU A 3938 20.96 80.32 -16.54
CA LEU A 3938 22.14 80.50 -15.70
C LEU A 3938 22.23 81.90 -15.12
N SER A 3939 21.57 82.88 -15.73
CA SER A 3939 21.61 84.25 -15.24
C SER A 3939 20.97 84.41 -13.86
N CYS A 3940 20.20 83.42 -13.42
CA CYS A 3940 19.57 83.52 -12.10
C CYS A 3940 20.60 83.55 -10.98
N LEU A 3941 21.79 83.01 -11.22
CA LEU A 3941 22.84 83.06 -10.22
C LEU A 3941 23.33 84.50 -10.04
N PRO A 3942 23.68 84.90 -8.83
CA PRO A 3942 24.15 86.29 -8.61
C PRO A 3942 25.40 86.63 -9.41
N ALA A 3943 26.31 85.68 -9.60
CA ALA A 3943 27.55 85.97 -10.31
C ALA A 3943 27.34 86.13 -11.81
N PHE A 3944 26.23 85.63 -12.35
CA PHE A 3944 25.93 85.69 -13.77
C PHE A 3944 24.72 86.55 -14.05
N LYS A 3945 24.47 87.55 -13.19
CA LYS A 3945 23.29 88.39 -13.36
C LYS A 3945 23.34 89.20 -14.65
N ASP A 3946 24.51 89.69 -15.03
CA ASP A 3946 24.70 90.48 -16.25
C ASP A 3946 25.43 89.69 -17.32
N LEU A 3947 25.15 88.40 -17.43
CA LEU A 3947 25.82 87.56 -18.41
C LEU A 3947 25.52 88.01 -19.84
N ILE A 3948 24.28 88.42 -20.10
CA ILE A 3948 23.90 88.85 -21.44
C ILE A 3948 24.71 90.08 -21.86
N ALA A 3949 24.84 91.05 -20.96
CA ALA A 3949 25.63 92.24 -21.25
C ALA A 3949 27.09 91.88 -21.53
N LYS A 3950 27.65 90.97 -20.73
CA LYS A 3950 29.04 90.59 -20.93
C LYS A 3950 29.25 89.88 -22.26
N VAL A 3951 28.36 88.95 -22.62
CA VAL A 3951 28.55 88.22 -23.86
C VAL A 3951 28.34 89.13 -25.07
N GLN A 3952 27.38 90.05 -24.98
CA GLN A 3952 27.16 90.98 -26.09
C GLN A 3952 28.31 91.97 -26.22
N ALA A 3953 28.90 92.40 -25.10
CA ALA A 3953 30.00 93.35 -25.15
C ALA A 3953 31.25 92.73 -25.77
N ASP A 3954 31.53 91.48 -25.45
CA ASP A 3954 32.72 90.79 -25.95
C ASP A 3954 32.43 90.27 -27.36
N GLU A 3955 33.10 90.86 -28.35
CA GLU A 3955 32.89 90.47 -29.74
C GLU A 3955 33.72 89.26 -30.15
N GLN A 3956 34.89 89.08 -29.55
CA GLN A 3956 35.66 87.87 -29.81
C GLN A 3956 35.12 86.64 -29.09
N PHE A 3957 33.91 86.75 -28.52
CA PHE A 3957 33.30 85.61 -27.85
C PHE A 3957 32.97 84.50 -28.83
N GLY A 3958 32.61 84.83 -30.07
CA GLY A 3958 32.32 83.81 -31.06
C GLY A 3958 33.51 82.93 -31.38
N ILE A 3959 34.71 83.51 -31.37
CA ILE A 3959 35.92 82.72 -31.63
C ILE A 3959 36.09 81.65 -30.56
N TRP A 3960 35.89 82.01 -29.30
CA TRP A 3960 35.94 81.02 -28.23
C TRP A 3960 34.81 80.02 -28.35
N LEU A 3961 33.60 80.49 -28.67
CA LEU A 3961 32.45 79.60 -28.78
C LEU A 3961 32.62 78.58 -29.89
N ASP A 3962 33.39 78.90 -30.93
CA ASP A 3962 33.67 77.96 -32.01
C ASP A 3962 35.08 77.37 -31.91
N SER A 3963 35.70 77.44 -30.73
CA SER A 3963 37.02 76.88 -30.55
C SER A 3963 36.97 75.35 -30.48
N SER A 3964 38.08 74.73 -30.83
CA SER A 3964 38.16 73.27 -30.77
C SER A 3964 38.02 72.76 -29.33
N SER A 3965 38.73 73.40 -28.40
CA SER A 3965 38.69 73.05 -26.98
C SER A 3965 38.47 74.31 -26.18
N PRO A 3966 37.25 74.85 -26.18
CA PRO A 3966 36.99 76.09 -25.42
C PRO A 3966 37.23 75.96 -23.93
N GLU A 3967 37.13 74.75 -23.38
CA GLU A 3967 37.25 74.59 -21.93
C GLU A 3967 38.64 75.00 -21.43
N GLN A 3968 39.67 74.90 -22.27
CA GLN A 3968 40.99 75.34 -21.86
C GLN A 3968 41.11 76.84 -21.73
N THR A 3969 40.22 77.61 -22.37
CA THR A 3969 40.32 79.06 -22.41
C THR A 3969 38.96 79.70 -22.11
N VAL A 3970 38.30 79.25 -21.04
CA VAL A 3970 37.00 79.78 -20.67
C VAL A 3970 37.16 81.24 -20.24
N PRO A 3971 36.43 82.16 -20.85
CA PRO A 3971 36.59 83.58 -20.49
C PRO A 3971 35.88 83.93 -19.19
N TYR A 3972 36.41 84.96 -18.52
CA TYR A 3972 35.91 85.41 -17.23
C TYR A 3972 34.68 86.27 -17.47
N LEU A 3973 33.49 85.70 -17.21
CA LEU A 3973 32.22 86.38 -17.42
C LEU A 3973 31.36 86.41 -16.18
N TRP A 3974 31.95 86.21 -15.00
CA TRP A 3974 31.22 86.24 -13.74
C TRP A 3974 31.78 87.31 -12.83
N SER A 3975 30.89 88.00 -12.12
CA SER A 3975 31.29 89.09 -11.25
C SER A 3975 31.62 88.56 -9.85
N GLU A 3976 32.76 89.01 -9.31
CA GLU A 3976 33.21 88.61 -8.00
C GLU A 3976 33.66 89.84 -7.21
N GLU A 3977 33.22 89.91 -5.95
CA GLU A 3977 33.70 90.95 -5.06
C GLU A 3977 35.06 90.61 -4.45
N THR A 3978 35.49 89.37 -4.54
CA THR A 3978 36.78 88.91 -4.04
C THR A 3978 37.35 87.91 -5.03
N PRO A 3979 38.68 87.83 -5.13
CA PRO A 3979 39.28 86.83 -6.02
C PRO A 3979 39.03 85.41 -5.51
N ALA A 3980 38.23 84.65 -6.25
CA ALA A 3980 37.86 83.31 -5.83
C ALA A 3980 39.06 82.36 -5.94
N THR A 3981 38.98 81.28 -5.17
CA THR A 3981 40.00 80.24 -5.24
C THR A 3981 39.90 79.51 -6.58
N PRO A 3982 40.96 78.82 -6.99
CA PRO A 3982 40.91 78.09 -8.27
C PRO A 3982 39.77 77.09 -8.34
N ILE A 3983 39.36 76.50 -7.22
CA ILE A 3983 38.26 75.54 -7.25
C ILE A 3983 36.96 76.23 -7.64
N GLY A 3984 36.62 77.32 -6.95
CA GLY A 3984 35.40 78.04 -7.28
C GLY A 3984 35.41 78.58 -8.68
N GLN A 3985 36.58 79.05 -9.13
CA GLN A 3985 36.74 79.41 -10.53
C GLN A 3985 36.44 78.24 -11.44
N ALA A 3986 36.84 77.03 -11.03
CA ALA A 3986 36.55 75.85 -11.83
C ALA A 3986 35.05 75.59 -11.92
N ILE A 3987 34.33 75.72 -10.79
CA ILE A 3987 32.87 75.58 -10.87
C ILE A 3987 32.27 76.63 -11.79
N HIS A 3988 32.80 77.86 -11.76
CA HIS A 3988 32.24 78.90 -12.61
C HIS A 3988 32.48 78.61 -14.10
N ARG A 3989 33.70 78.23 -14.47
CA ARG A 3989 33.95 77.85 -15.86
C ARG A 3989 33.14 76.62 -16.25
N LEU A 3990 32.91 75.72 -15.30
CA LEU A 3990 32.13 74.52 -15.60
C LEU A 3990 30.67 74.87 -15.90
N LEU A 3991 30.08 75.77 -15.12
CA LEU A 3991 28.73 76.24 -15.41
C LEU A 3991 28.68 76.96 -16.75
N LEU A 3992 29.69 77.78 -17.04
CA LEU A 3992 29.74 78.47 -18.33
C LEU A 3992 29.84 77.48 -19.48
N ILE A 3993 30.64 76.43 -19.31
CA ILE A 3993 30.78 75.41 -20.35
C ILE A 3993 29.47 74.69 -20.57
N GLN A 3994 28.78 74.33 -19.48
CA GLN A 3994 27.48 73.67 -19.63
C GLN A 3994 26.49 74.57 -20.36
N ALA A 3995 26.48 75.86 -20.03
CA ALA A 3995 25.56 76.78 -20.69
C ALA A 3995 25.90 76.97 -22.17
N PHE A 3996 27.18 77.08 -22.49
CA PHE A 3996 27.63 77.44 -23.83
C PHE A 3996 27.92 76.24 -24.71
N ARG A 3997 28.81 75.35 -24.25
CA ARG A 3997 29.30 74.23 -25.05
C ARG A 3997 29.08 72.94 -24.26
N PRO A 3998 27.85 72.44 -24.24
CA PRO A 3998 27.57 71.20 -23.49
C PRO A 3998 28.38 70.01 -23.97
N ASP A 3999 28.72 69.96 -25.26
CA ASP A 3999 29.53 68.85 -25.77
C ASP A 3999 30.91 68.82 -25.11
N ARG A 4000 31.44 69.97 -24.73
CA ARG A 4000 32.70 70.05 -24.02
C ARG A 4000 32.52 69.98 -22.49
N LEU A 4001 31.36 69.53 -22.03
CA LEU A 4001 31.13 69.46 -20.59
C LEU A 4001 32.05 68.46 -19.93
N LEU A 4002 32.11 67.23 -20.44
CA LEU A 4002 32.88 66.17 -19.80
C LEU A 4002 34.33 66.58 -19.60
N ALA A 4003 34.99 67.06 -20.66
CA ALA A 4003 36.36 67.54 -20.53
C ALA A 4003 36.46 68.57 -19.42
N MET A 4004 35.55 69.55 -19.42
CA MET A 4004 35.52 70.54 -18.34
C MET A 4004 35.42 69.85 -16.99
N ALA A 4005 34.48 68.91 -16.85
CA ALA A 4005 34.37 68.17 -15.60
C ALA A 4005 35.70 67.53 -15.23
N HIS A 4006 36.38 66.92 -16.20
CA HIS A 4006 37.68 66.33 -15.93
C HIS A 4006 38.61 67.35 -15.31
N MET A 4007 38.73 68.53 -15.93
CA MET A 4007 39.61 69.55 -15.39
C MET A 4007 39.17 69.96 -13.98
N PHE A 4008 37.86 70.03 -13.76
CA PHE A 4008 37.36 70.30 -12.42
C PHE A 4008 37.95 69.31 -11.41
N VAL A 4009 37.90 68.02 -11.75
CA VAL A 4009 38.47 67.01 -10.86
C VAL A 4009 39.95 67.27 -10.65
N SER A 4010 40.65 67.66 -11.71
CA SER A 4010 42.08 67.91 -11.60
C SER A 4010 42.36 69.08 -10.65
N THR A 4011 41.44 70.04 -10.56
CA THR A 4011 41.63 71.14 -9.62
C THR A 4011 41.40 70.69 -8.19
N ASN A 4012 40.56 69.66 -8.00
CA ASN A 4012 40.21 69.24 -6.65
C ASN A 4012 41.08 68.09 -6.18
N LEU A 4013 41.43 67.18 -7.07
CA LEU A 4013 42.06 65.92 -6.70
C LEU A 4013 43.40 65.69 -7.38
N GLY A 4014 43.87 66.62 -8.19
CA GLY A 4014 45.13 66.45 -8.87
C GLY A 4014 44.94 66.00 -10.32
N GLU A 4015 45.94 66.31 -11.15
CA GLU A 4015 45.85 65.97 -12.57
C GLU A 4015 46.02 64.47 -12.80
N SER A 4016 46.72 63.77 -11.91
CA SER A 4016 47.00 62.36 -12.06
C SER A 4016 45.92 61.47 -11.44
N PHE A 4017 44.83 62.07 -10.94
CA PHE A 4017 43.82 61.30 -10.21
C PHE A 4017 43.23 60.20 -11.09
N MET A 4018 42.99 60.50 -12.36
CA MET A 4018 42.45 59.55 -13.32
C MET A 4018 43.54 58.79 -14.07
N SER A 4019 44.81 59.10 -13.82
CA SER A 4019 45.89 58.62 -14.68
C SER A 4019 45.96 57.10 -14.70
N ILE A 4020 45.84 56.45 -13.54
CA ILE A 4020 45.93 54.99 -13.51
C ILE A 4020 44.81 54.36 -14.34
N MET A 4021 43.69 55.05 -14.49
CA MET A 4021 42.58 54.53 -15.28
C MET A 4021 42.88 54.51 -16.77
N GLU A 4022 43.96 55.14 -17.22
CA GLU A 4022 44.32 55.15 -18.63
C GLU A 4022 45.34 54.07 -18.99
N GLN A 4023 46.04 53.50 -18.01
CA GLN A 4023 47.03 52.48 -18.25
C GLN A 4023 46.39 51.09 -18.30
N PRO A 4024 47.02 50.12 -18.95
CA PRO A 4024 46.51 48.75 -18.93
C PRO A 4024 46.46 48.22 -17.52
N LEU A 4025 45.43 47.41 -17.23
CA LEU A 4025 45.21 46.91 -15.89
C LEU A 4025 46.31 45.94 -15.49
N ASP A 4026 46.81 46.07 -14.26
CA ASP A 4026 47.88 45.24 -13.73
C ASP A 4026 47.25 44.17 -12.86
N LEU A 4027 47.04 42.98 -13.44
CA LEU A 4027 46.43 41.90 -12.70
C LEU A 4027 47.36 41.31 -11.65
N THR A 4028 48.68 41.31 -11.92
CA THR A 4028 49.63 40.63 -11.06
C THR A 4028 49.53 41.11 -9.61
N HIS A 4029 49.78 42.41 -9.40
CA HIS A 4029 49.80 42.95 -8.06
C HIS A 4029 48.45 42.81 -7.38
N ILE A 4030 47.37 43.06 -8.12
CA ILE A 4030 46.03 43.05 -7.52
C ILE A 4030 45.69 41.65 -7.03
N VAL A 4031 45.91 40.63 -7.86
CA VAL A 4031 45.57 39.28 -7.46
C VAL A 4031 46.58 38.72 -6.46
N GLY A 4032 47.78 39.28 -6.40
CA GLY A 4032 48.76 38.79 -5.45
C GLY A 4032 48.57 39.36 -4.05
N THR A 4033 48.18 40.62 -3.95
CA THR A 4033 48.10 41.31 -2.66
C THR A 4033 46.69 41.74 -2.30
N GLU A 4034 46.01 42.47 -3.19
CA GLU A 4034 44.74 43.09 -2.84
C GLU A 4034 43.57 42.13 -2.80
N VAL A 4035 43.73 40.90 -3.31
CA VAL A 4035 42.63 39.95 -3.40
C VAL A 4035 42.88 38.83 -2.41
N LYS A 4036 41.92 38.61 -1.51
CA LYS A 4036 41.97 37.51 -0.58
C LYS A 4036 41.53 36.22 -1.26
N PRO A 4037 41.98 35.06 -0.77
CA PRO A 4037 41.53 33.79 -1.37
C PRO A 4037 40.02 33.59 -1.28
N ASN A 4038 39.37 34.11 -0.24
CA ASN A 4038 37.92 34.00 -0.13
C ASN A 4038 37.18 34.85 -1.15
N THR A 4039 37.78 35.96 -1.60
CA THR A 4039 37.12 36.89 -2.48
C THR A 4039 37.33 36.46 -3.93
N PRO A 4040 36.29 36.03 -4.64
CA PRO A 4040 36.47 35.67 -6.05
C PRO A 4040 36.77 36.88 -6.90
N VAL A 4041 37.50 36.64 -7.99
CA VAL A 4041 37.86 37.69 -8.94
C VAL A 4041 36.83 37.63 -10.05
N LEU A 4042 35.79 38.46 -9.95
CA LEU A 4042 34.79 38.56 -10.99
C LEU A 4042 35.34 39.40 -12.13
N MET A 4043 35.29 38.87 -13.34
CA MET A 4043 35.82 39.56 -14.51
C MET A 4043 34.68 39.72 -15.51
N CYS A 4044 34.05 40.89 -15.48
CA CYS A 4044 32.87 41.17 -16.26
C CYS A 4044 33.27 41.89 -17.54
N SER A 4045 32.89 41.31 -18.67
CA SER A 4045 33.29 41.85 -19.97
C SER A 4045 32.06 42.15 -20.81
N VAL A 4046 32.11 43.27 -21.53
CA VAL A 4046 31.06 43.63 -22.47
C VAL A 4046 31.14 42.64 -23.63
N PRO A 4047 30.06 42.42 -24.38
CA PRO A 4047 30.12 41.44 -25.48
C PRO A 4047 31.21 41.79 -26.48
N GLY A 4048 31.94 40.77 -26.91
CA GLY A 4048 33.10 40.93 -27.75
C GLY A 4048 34.42 40.94 -27.01
N TYR A 4049 34.39 40.80 -25.69
CA TYR A 4049 35.60 40.80 -24.87
C TYR A 4049 35.57 39.61 -23.92
N ASP A 4050 36.72 38.99 -23.71
CA ASP A 4050 36.84 37.82 -22.87
C ASP A 4050 38.14 37.89 -22.09
N ALA A 4051 38.06 37.72 -20.78
CA ALA A 4051 39.22 37.84 -19.90
C ALA A 4051 39.87 36.49 -19.59
N SER A 4052 39.42 35.41 -20.23
CA SER A 4052 40.03 34.10 -19.98
C SER A 4052 41.50 34.09 -20.39
N GLY A 4053 41.82 34.70 -21.54
CA GLY A 4053 43.20 34.75 -21.97
C GLY A 4053 44.10 35.50 -21.01
N HIS A 4054 43.59 36.58 -20.42
CA HIS A 4054 44.37 37.32 -19.43
C HIS A 4054 44.70 36.46 -18.23
N VAL A 4055 43.72 35.69 -17.74
CA VAL A 4055 43.97 34.84 -16.57
C VAL A 4055 44.93 33.71 -16.92
N GLU A 4056 44.78 33.12 -18.11
CA GLU A 4056 45.70 32.06 -18.52
C GLU A 4056 47.13 32.58 -18.62
N ASP A 4057 47.30 33.76 -19.21
CA ASP A 4057 48.63 34.36 -19.30
C ASP A 4057 49.18 34.68 -17.91
N LEU A 4058 48.33 35.21 -17.03
CA LEU A 4058 48.77 35.52 -15.67
C LEU A 4058 49.22 34.26 -14.93
N ALA A 4059 48.48 33.16 -15.07
CA ALA A 4059 48.88 31.91 -14.45
C ALA A 4059 50.16 31.38 -15.05
N ALA A 4060 50.33 31.55 -16.36
CA ALA A 4060 51.57 31.11 -17.02
C ALA A 4060 52.77 31.88 -16.48
N GLU A 4061 52.62 33.19 -16.28
CA GLU A 4061 53.73 33.99 -15.78
C GLU A 4061 54.15 33.59 -14.38
N GLN A 4062 53.18 33.28 -13.51
CA GLN A 4062 53.49 32.95 -12.12
C GLN A 4062 53.87 31.48 -11.94
N ASN A 4063 53.88 30.68 -13.00
CA ASN A 4063 54.18 29.25 -12.93
C ASN A 4063 53.22 28.54 -11.96
N THR A 4064 51.95 28.92 -12.03
CA THR A 4064 50.90 28.33 -11.19
C THR A 4064 49.93 27.56 -12.08
N GLN A 4065 49.66 26.32 -11.71
CA GLN A 4065 48.71 25.51 -12.45
C GLN A 4065 47.30 26.04 -12.23
N ILE A 4066 46.55 26.19 -13.31
CA ILE A 4066 45.20 26.72 -13.28
C ILE A 4066 44.26 25.72 -13.94
N THR A 4067 43.13 25.47 -13.30
CA THR A 4067 42.09 24.60 -13.86
C THR A 4067 41.00 25.49 -14.45
N SER A 4068 40.89 25.48 -15.77
CA SER A 4068 39.90 26.29 -16.47
C SER A 4068 38.72 25.41 -16.87
N ILE A 4069 37.51 25.84 -16.47
CA ILE A 4069 36.31 25.06 -16.68
C ILE A 4069 35.25 25.97 -17.29
N ALA A 4070 34.60 25.50 -18.35
CA ALA A 4070 33.53 26.23 -19.02
C ALA A 4070 32.20 25.77 -18.44
N ILE A 4071 31.42 26.72 -17.95
CA ILE A 4071 30.18 26.42 -17.25
C ILE A 4071 29.05 26.20 -18.25
N GLY A 4072 28.12 25.30 -17.90
CA GLY A 4072 26.97 25.07 -18.73
C GLY A 4072 26.43 23.65 -18.72
N SER A 4073 27.25 22.69 -18.32
CA SER A 4073 26.84 21.30 -18.26
C SER A 4073 26.94 20.78 -16.82
N ALA A 4074 26.20 19.72 -16.53
CA ALA A 4074 26.25 19.10 -15.21
C ALA A 4074 27.65 18.58 -14.91
N GLU A 4075 28.28 17.96 -15.90
CA GLU A 4075 29.68 17.58 -15.75
C GLU A 4075 30.54 18.80 -15.45
N GLY A 4076 30.19 19.95 -16.03
CA GLY A 4076 30.92 21.17 -15.72
C GLY A 4076 30.77 21.59 -14.27
N PHE A 4077 29.56 21.48 -13.72
CA PHE A 4077 29.35 21.81 -12.32
C PHE A 4077 30.11 20.86 -11.41
N ASN A 4078 30.08 19.56 -11.72
CA ASN A 4078 30.84 18.60 -10.91
C ASN A 4078 32.34 18.88 -10.98
N GLN A 4079 32.84 19.19 -12.17
CA GLN A 4079 34.25 19.51 -12.33
C GLN A 4079 34.63 20.77 -11.55
N ALA A 4080 33.77 21.78 -11.59
CA ALA A 4080 34.04 23.01 -10.84
C ALA A 4080 34.07 22.74 -9.35
N ASP A 4081 33.11 21.96 -8.85
CA ASP A 4081 33.08 21.64 -7.43
C ASP A 4081 34.35 20.90 -7.01
N LYS A 4082 34.74 19.89 -7.79
CA LYS A 4082 35.93 19.12 -7.46
C LYS A 4082 37.19 19.98 -7.53
N ALA A 4083 37.30 20.83 -8.55
CA ALA A 4083 38.48 21.68 -8.70
C ALA A 4083 38.60 22.66 -7.55
N ILE A 4084 37.48 23.26 -7.13
CA ILE A 4084 37.50 24.18 -6.00
C ILE A 4084 37.87 23.43 -4.73
N ASN A 4085 37.31 22.23 -4.54
CA ASN A 4085 37.60 21.45 -3.34
C ASN A 4085 39.08 21.10 -3.24
N THR A 4086 39.71 20.74 -4.36
CA THR A 4086 41.13 20.43 -4.32
C THR A 4086 42.00 21.68 -4.22
N ALA A 4087 41.56 22.80 -4.82
CA ALA A 4087 42.40 23.98 -4.86
C ALA A 4087 42.35 24.80 -3.57
N VAL A 4088 41.26 24.71 -2.81
CA VAL A 4088 41.23 25.41 -1.52
C VAL A 4088 42.28 24.82 -0.58
N LYS A 4089 42.63 23.55 -0.77
CA LYS A 4089 43.68 22.92 0.01
C LYS A 4089 45.05 23.08 -0.64
N SER A 4090 45.17 22.73 -1.92
CA SER A 4090 46.47 22.79 -2.58
C SER A 4090 46.92 24.21 -2.89
N GLY A 4091 46.01 25.17 -2.86
CA GLY A 4091 46.36 26.54 -3.18
C GLY A 4091 46.46 26.87 -4.64
N ARG A 4092 45.93 26.01 -5.51
CA ARG A 4092 46.01 26.23 -6.95
C ARG A 4092 44.88 27.15 -7.42
N TRP A 4093 44.96 27.55 -8.68
CA TRP A 4093 44.01 28.49 -9.24
C TRP A 4093 42.90 27.77 -10.01
N VAL A 4094 41.68 28.27 -9.85
CA VAL A 4094 40.52 27.77 -10.59
C VAL A 4094 39.88 28.93 -11.31
N MET A 4095 39.56 28.74 -12.59
CA MET A 4095 38.85 29.72 -13.38
C MET A 4095 37.60 29.07 -13.97
N LEU A 4096 36.47 29.76 -13.84
CA LEU A 4096 35.19 29.31 -14.38
C LEU A 4096 34.70 30.34 -15.37
N LYS A 4097 34.51 29.93 -16.61
CA LYS A 4097 34.14 30.84 -17.68
C LYS A 4097 32.63 30.80 -17.92
N ASN A 4098 32.08 31.93 -18.34
CA ASN A 4098 30.67 32.06 -18.70
C ASN A 4098 29.76 31.63 -17.55
N VAL A 4099 30.08 32.08 -16.34
CA VAL A 4099 29.27 31.75 -15.18
C VAL A 4099 27.93 32.47 -15.17
N HIS A 4100 27.73 33.47 -16.03
CA HIS A 4100 26.46 34.16 -16.10
C HIS A 4100 25.36 33.29 -16.71
N LEU A 4101 25.69 32.10 -17.19
CA LEU A 4101 24.72 31.17 -17.73
C LEU A 4101 24.11 30.25 -16.68
N ALA A 4102 24.47 30.43 -15.40
CA ALA A 4102 23.91 29.64 -14.31
C ALA A 4102 23.83 30.50 -13.06
N PRO A 4103 22.80 31.36 -12.97
CA PRO A 4103 22.72 32.25 -11.80
C PRO A 4103 22.43 31.53 -10.49
N GLY A 4104 21.58 30.50 -10.49
CA GLY A 4104 21.30 29.79 -9.26
C GLY A 4104 22.51 29.04 -8.74
N TRP A 4105 23.24 28.38 -9.64
CA TRP A 4105 24.49 27.77 -9.25
C TRP A 4105 25.49 28.81 -8.79
N LEU A 4106 25.41 30.04 -9.33
CA LEU A 4106 26.25 31.12 -8.85
C LEU A 4106 25.90 31.49 -7.41
N MET A 4107 24.61 31.54 -7.09
CA MET A 4107 24.20 31.82 -5.71
C MET A 4107 24.73 30.76 -4.75
N GLN A 4108 24.55 29.49 -5.12
CA GLN A 4108 25.04 28.43 -4.23
C GLN A 4108 26.57 28.41 -4.19
N LEU A 4109 27.24 28.82 -5.26
CA LEU A 4109 28.69 28.94 -5.26
C LEU A 4109 29.16 30.03 -4.29
N GLU A 4110 28.47 31.17 -4.29
CA GLU A 4110 28.82 32.22 -3.35
C GLU A 4110 28.60 31.76 -1.91
N LYS A 4111 27.50 31.05 -1.66
CA LYS A 4111 27.25 30.52 -0.33
C LYS A 4111 28.34 29.54 0.10
N LYS A 4112 28.77 28.68 -0.83
CA LYS A 4112 29.86 27.75 -0.54
C LYS A 4112 31.17 28.50 -0.28
N LEU A 4113 31.44 29.53 -1.07
CA LEU A 4113 32.69 30.28 -0.93
C LEU A 4113 32.75 31.04 0.39
N HIS A 4114 31.60 31.46 0.91
CA HIS A 4114 31.60 32.19 2.17
C HIS A 4114 32.17 31.35 3.31
N SER A 4115 31.79 30.08 3.38
CA SER A 4115 32.22 29.20 4.47
C SER A 4115 33.40 28.34 4.03
N LEU A 4116 34.51 29.02 3.74
CA LEU A 4116 35.74 28.33 3.40
C LEU A 4116 36.93 29.07 4.01
N GLN A 4117 37.98 28.32 4.31
CA GLN A 4117 39.26 28.87 4.76
C GLN A 4117 40.34 28.27 3.88
N PRO A 4118 40.48 28.76 2.65
CA PRO A 4118 41.36 28.12 1.68
C PRO A 4118 42.83 28.45 1.93
N HIS A 4119 43.68 27.86 1.10
CA HIS A 4119 45.11 28.12 1.15
C HIS A 4119 45.40 29.56 0.76
N ALA A 4120 46.54 30.08 1.24
CA ALA A 4120 46.86 31.49 1.04
C ALA A 4120 47.04 31.83 -0.44
N CYS A 4121 47.43 30.86 -1.26
CA CYS A 4121 47.67 31.10 -2.68
C CYS A 4121 46.48 30.76 -3.56
N PHE A 4122 45.35 30.35 -2.97
CA PHE A 4122 44.18 30.00 -3.76
C PHE A 4122 43.57 31.24 -4.41
N ARG A 4123 43.20 31.10 -5.68
CA ARG A 4123 42.53 32.15 -6.42
C ARG A 4123 41.45 31.55 -7.30
N LEU A 4124 40.24 32.10 -7.20
CA LEU A 4124 39.12 31.74 -8.05
C LEU A 4124 38.79 32.91 -8.95
N PHE A 4125 38.74 32.67 -10.25
CA PHE A 4125 38.37 33.67 -11.24
C PHE A 4125 37.04 33.27 -11.85
N LEU A 4126 36.14 34.23 -11.99
CA LEU A 4126 34.83 34.01 -12.60
C LEU A 4126 34.72 34.93 -13.80
N THR A 4127 35.02 34.38 -14.98
CA THR A 4127 34.87 35.13 -16.22
C THR A 4127 33.39 35.17 -16.58
N MET A 4128 32.88 36.37 -16.88
CA MET A 4128 31.45 36.51 -17.12
C MET A 4128 31.19 37.71 -17.99
N GLU A 4129 29.98 37.76 -18.53
CA GLU A 4129 29.51 38.90 -19.29
C GLU A 4129 28.61 39.76 -18.42
N ILE A 4130 28.64 41.07 -18.68
CA ILE A 4130 27.82 42.00 -17.91
C ILE A 4130 26.36 41.68 -18.19
N ASN A 4131 25.67 41.11 -17.20
CA ASN A 4131 24.36 40.51 -17.40
C ASN A 4131 23.55 40.71 -16.12
N PRO A 4132 22.36 41.31 -16.22
CA PRO A 4132 21.57 41.55 -15.00
C PRO A 4132 21.13 40.29 -14.28
N LYS A 4133 21.16 39.12 -14.93
CA LYS A 4133 20.79 37.88 -14.25
C LYS A 4133 21.81 37.47 -13.18
N VAL A 4134 23.00 38.08 -13.18
CA VAL A 4134 24.01 37.72 -12.19
C VAL A 4134 23.53 38.14 -10.79
N PRO A 4135 23.61 37.27 -9.80
CA PRO A 4135 23.17 37.65 -8.44
C PRO A 4135 24.03 38.76 -7.88
N VAL A 4136 23.41 39.64 -7.07
CA VAL A 4136 24.14 40.74 -6.48
C VAL A 4136 24.95 40.29 -5.27
N ASN A 4137 24.58 39.17 -4.64
CA ASN A 4137 25.37 38.66 -3.53
C ASN A 4137 26.75 38.21 -4.00
N LEU A 4138 26.83 37.59 -5.17
CA LEU A 4138 28.12 37.25 -5.76
C LEU A 4138 28.91 38.51 -6.12
N LEU A 4139 28.21 39.53 -6.64
CA LEU A 4139 28.89 40.78 -6.99
C LEU A 4139 29.49 41.44 -5.75
N ARG A 4140 28.77 41.41 -4.63
CA ARG A 4140 29.29 42.01 -3.41
C ARG A 4140 30.41 41.15 -2.80
N ALA A 4141 30.28 39.83 -2.90
CA ALA A 4141 31.28 38.95 -2.31
C ALA A 4141 32.63 39.10 -2.97
N GLY A 4142 32.66 39.19 -4.30
CA GLY A 4142 33.90 39.25 -5.04
C GLY A 4142 34.27 40.66 -5.48
N ARG A 4143 35.45 40.77 -6.07
CA ARG A 4143 35.95 42.02 -6.60
C ARG A 4143 35.79 42.03 -8.11
N ILE A 4144 35.19 43.11 -8.63
CA ILE A 4144 34.76 43.18 -10.02
C ILE A 4144 35.79 43.95 -10.82
N PHE A 4145 36.16 43.39 -11.98
CA PHE A 4145 37.01 44.07 -12.95
C PHE A 4145 36.28 44.09 -14.29
N VAL A 4146 36.10 45.28 -14.84
CA VAL A 4146 35.35 45.46 -16.07
C VAL A 4146 36.33 45.52 -17.24
N PHE A 4147 36.12 44.65 -18.23
CA PHE A 4147 36.91 44.63 -19.44
C PHE A 4147 36.05 45.13 -20.59
N GLU A 4148 36.55 46.14 -21.29
CA GLU A 4148 35.79 46.85 -22.32
C GLU A 4148 36.77 47.47 -23.30
N PRO A 4149 36.32 48.08 -24.39
CA PRO A 4149 37.26 48.71 -25.33
C PRO A 4149 38.08 49.77 -24.64
N PRO A 4150 39.37 49.89 -24.99
CA PRO A 4150 40.19 50.92 -24.38
C PRO A 4150 39.64 52.30 -24.68
N PRO A 4151 39.79 53.24 -23.74
CA PRO A 4151 39.13 54.55 -23.91
C PRO A 4151 39.57 55.32 -25.15
N GLY A 4152 40.81 55.15 -25.61
CA GLY A 4152 41.28 55.89 -26.76
C GLY A 4152 42.34 55.18 -27.58
N VAL A 4153 42.89 55.88 -28.57
CA VAL A 4153 43.91 55.30 -29.42
C VAL A 4153 45.17 54.99 -28.61
N LYS A 4154 45.58 55.93 -27.76
CA LYS A 4154 46.79 55.73 -26.96
C LYS A 4154 46.63 54.55 -26.01
N ALA A 4155 45.49 54.45 -25.34
CA ALA A 4155 45.25 53.33 -24.44
C ALA A 4155 45.18 52.02 -25.19
N ASN A 4156 44.58 52.03 -26.39
CA ASN A 4156 44.51 50.84 -27.21
C ASN A 4156 45.91 50.35 -27.60
N MET A 4157 46.76 51.28 -28.03
CA MET A 4157 48.13 50.90 -28.40
C MET A 4157 48.92 50.43 -27.19
N LEU A 4158 48.73 51.07 -26.04
CA LEU A 4158 49.41 50.64 -24.82
C LEU A 4158 49.01 49.23 -24.43
N ARG A 4159 47.71 48.93 -24.48
CA ARG A 4159 47.24 47.58 -24.17
C ARG A 4159 47.77 46.58 -25.18
N THR A 4160 47.81 46.95 -26.46
CA THR A 4160 48.33 46.05 -27.48
C THR A 4160 49.80 45.73 -27.22
N PHE A 4161 50.60 46.75 -26.92
CA PHE A 4161 52.02 46.52 -26.66
C PHE A 4161 52.23 45.75 -25.36
N SER A 4162 51.34 45.92 -24.38
CA SER A 4162 51.44 45.13 -23.16
C SER A 4162 51.11 43.67 -23.42
N SER A 4163 50.14 43.40 -24.30
CA SER A 4163 49.72 42.03 -24.56
C SER A 4163 50.79 41.23 -25.28
N ILE A 4164 51.42 41.82 -26.29
CA ILE A 4164 52.44 41.09 -27.05
C ILE A 4164 53.72 40.98 -26.23
N PRO A 4165 54.30 39.79 -26.09
CA PRO A 4165 55.55 39.67 -25.35
C PRO A 4165 56.68 40.45 -26.00
N VAL A 4166 57.61 40.92 -25.17
CA VAL A 4166 58.73 41.72 -25.66
C VAL A 4166 59.60 40.90 -26.60
N SER A 4167 59.86 39.64 -26.26
CA SER A 4167 60.71 38.80 -27.08
C SER A 4167 60.11 38.57 -28.46
N ARG A 4168 58.79 38.40 -28.53
CA ARG A 4168 58.14 38.12 -29.82
C ARG A 4168 58.29 39.29 -30.78
N ILE A 4169 58.14 40.53 -30.27
CA ILE A 4169 58.34 41.70 -31.11
C ILE A 4169 59.81 41.83 -31.49
N CYS A 4170 60.71 41.57 -30.54
CA CYS A 4170 62.15 41.76 -30.76
C CYS A 4170 62.77 40.44 -31.19
N LYS A 4171 62.61 40.13 -32.47
CA LYS A 4171 63.24 38.98 -33.09
C LYS A 4171 64.47 39.44 -33.88
N SER A 4172 65.10 38.48 -34.57
CA SER A 4172 66.28 38.82 -35.37
C SER A 4172 65.99 39.84 -36.47
N PRO A 4173 64.88 39.80 -37.21
CA PRO A 4173 64.61 40.90 -38.15
C PRO A 4173 64.25 42.17 -37.39
N ASN A 4174 65.00 43.24 -37.62
CA ASN A 4174 64.76 44.48 -36.90
C ASN A 4174 63.52 45.22 -37.40
N GLU A 4175 63.08 44.95 -38.62
CA GLU A 4175 61.87 45.58 -39.16
C GLU A 4175 60.61 45.10 -38.45
N ARG A 4176 60.63 43.89 -37.89
CA ARG A 4176 59.43 43.30 -37.30
C ARG A 4176 58.74 44.26 -36.34
N ALA A 4177 59.51 44.84 -35.41
CA ALA A 4177 58.93 45.75 -34.43
C ALA A 4177 58.10 46.83 -35.11
N ARG A 4178 58.68 47.50 -36.12
CA ARG A 4178 57.93 48.56 -36.79
C ARG A 4178 56.63 48.01 -37.37
N LEU A 4179 56.70 46.86 -38.04
CA LEU A 4179 55.49 46.24 -38.55
C LEU A 4179 54.48 46.07 -37.44
N TYR A 4180 54.90 45.48 -36.31
CA TYR A 4180 54.00 45.33 -35.18
C TYR A 4180 53.38 46.66 -34.80
N PHE A 4181 54.21 47.70 -34.66
CA PHE A 4181 53.69 49.01 -34.32
C PHE A 4181 52.61 49.43 -35.30
N LEU A 4182 52.91 49.34 -36.60
CA LEU A 4182 51.91 49.68 -37.61
C LEU A 4182 50.63 48.91 -37.36
N LEU A 4183 50.75 47.59 -37.19
CA LEU A 4183 49.59 46.77 -36.91
C LEU A 4183 48.81 47.33 -35.72
N ALA A 4184 49.50 47.57 -34.61
CA ALA A 4184 48.84 48.12 -33.44
C ALA A 4184 48.08 49.39 -33.80
N TRP A 4185 48.77 50.33 -34.47
CA TRP A 4185 48.10 51.57 -34.85
C TRP A 4185 46.85 51.27 -35.66
N PHE A 4186 46.98 50.41 -36.68
CA PHE A 4186 45.82 50.08 -37.50
C PHE A 4186 44.68 49.57 -36.62
N HIS A 4187 44.99 48.61 -35.75
CA HIS A 4187 43.97 48.12 -34.82
C HIS A 4187 43.39 49.27 -34.04
N ALA A 4188 44.25 50.07 -33.40
CA ALA A 4188 43.79 51.15 -32.53
C ALA A 4188 42.92 52.13 -33.31
N ILE A 4189 43.10 52.20 -34.62
CA ILE A 4189 42.23 53.06 -35.42
C ILE A 4189 40.84 52.42 -35.53
N ILE A 4190 40.77 51.23 -36.13
CA ILE A 4190 39.48 50.69 -36.54
C ILE A 4190 38.60 50.44 -35.34
N GLN A 4191 39.16 49.90 -34.26
CA GLN A 4191 38.37 49.66 -33.05
C GLN A 4191 37.79 50.96 -32.53
N GLU A 4192 38.57 52.04 -32.51
CA GLU A 4192 38.03 53.31 -32.04
C GLU A 4192 36.91 53.80 -32.93
N ARG A 4193 36.98 53.52 -34.23
CA ARG A 4193 35.92 53.95 -35.13
C ARG A 4193 34.61 53.23 -34.82
N LEU A 4194 34.65 52.16 -34.03
CA LEU A 4194 33.43 51.50 -33.61
C LEU A 4194 32.61 52.36 -32.66
N ARG A 4195 33.23 53.34 -32.00
CA ARG A 4195 32.47 54.19 -31.08
C ARG A 4195 31.50 55.12 -31.81
N TYR A 4196 31.68 55.31 -33.11
CA TYR A 4196 30.79 56.13 -33.92
C TYR A 4196 30.06 55.15 -34.84
N ALA A 4197 28.89 54.72 -34.40
CA ALA A 4197 28.26 53.52 -34.98
C ALA A 4197 27.92 53.66 -36.46
N PRO A 4198 27.27 54.74 -36.94
CA PRO A 4198 26.94 54.79 -38.37
C PRO A 4198 28.08 55.29 -39.24
N LEU A 4199 28.95 56.13 -38.68
CA LEU A 4199 29.98 56.79 -39.47
C LEU A 4199 31.28 56.00 -39.51
N GLY A 4200 31.75 55.53 -38.35
CA GLY A 4200 32.99 54.77 -38.32
C GLY A 4200 32.90 53.50 -39.16
N TRP A 4201 31.80 52.77 -39.02
CA TRP A 4201 31.50 51.61 -39.84
C TRP A 4201 30.00 51.59 -40.09
N SER A 4202 29.54 50.60 -40.85
CA SER A 4202 28.10 50.46 -41.05
C SER A 4202 27.43 49.70 -39.93
N LYS A 4203 28.19 48.98 -39.11
CA LYS A 4203 27.64 48.22 -37.99
C LYS A 4203 28.77 47.92 -37.02
N LYS A 4204 28.39 47.47 -35.82
CA LYS A 4204 29.34 47.18 -34.76
C LYS A 4204 30.00 45.84 -35.03
N TYR A 4205 31.09 45.86 -35.79
CA TYR A 4205 31.87 44.64 -35.99
C TYR A 4205 32.65 44.31 -34.73
N GLU A 4206 32.94 43.02 -34.56
CA GLU A 4206 33.64 42.55 -33.36
C GLU A 4206 35.14 42.43 -33.62
N PHE A 4207 35.74 43.54 -34.01
CA PHE A 4207 37.20 43.61 -34.15
C PHE A 4207 37.83 43.53 -32.77
N GLY A 4208 38.43 42.39 -32.46
CA GLY A 4208 38.93 42.17 -31.11
C GLY A 4208 40.33 41.61 -31.04
N GLU A 4209 40.66 40.98 -29.90
CA GLU A 4209 41.99 40.48 -29.67
C GLU A 4209 42.33 39.31 -30.59
N SER A 4210 41.32 38.52 -30.97
CA SER A 4210 41.56 37.38 -31.86
C SER A 4210 42.08 37.84 -33.21
N ASP A 4211 41.48 38.91 -33.76
CA ASP A 4211 41.95 39.44 -35.04
C ASP A 4211 43.37 39.97 -34.91
N LEU A 4212 43.69 40.65 -33.81
CA LEU A 4212 45.04 41.15 -33.61
C LEU A 4212 46.05 40.01 -33.53
N ARG A 4213 45.70 38.94 -32.79
CA ARG A 4213 46.60 37.80 -32.70
C ARG A 4213 46.78 37.14 -34.06
N SER A 4214 45.71 37.01 -34.85
CA SER A 4214 45.83 36.43 -36.18
C SER A 4214 46.72 37.29 -37.07
N ALA A 4215 46.57 38.61 -36.99
CA ALA A 4215 47.40 39.50 -37.80
C ALA A 4215 48.87 39.43 -37.39
N CYS A 4216 49.14 39.38 -36.09
CA CYS A 4216 50.52 39.22 -35.63
C CYS A 4216 51.11 37.90 -36.09
N ASP A 4217 50.32 36.82 -36.02
CA ASP A 4217 50.80 35.52 -36.50
C ASP A 4217 51.10 35.57 -38.00
N THR A 4218 50.24 36.23 -38.77
CA THR A 4218 50.47 36.37 -40.21
C THR A 4218 51.75 37.15 -40.48
N VAL A 4219 51.95 38.25 -39.75
CA VAL A 4219 53.16 39.05 -39.93
C VAL A 4219 54.40 38.22 -39.60
N ASP A 4220 54.35 37.48 -38.49
CA ASP A 4220 55.48 36.63 -38.11
C ASP A 4220 55.78 35.60 -39.18
N THR A 4221 54.75 34.89 -39.63
CA THR A 4221 54.95 33.83 -40.61
C THR A 4221 55.53 34.37 -41.91
N TRP A 4222 54.97 35.46 -42.42
CA TRP A 4222 55.44 35.99 -43.69
C TRP A 4222 56.82 36.62 -43.56
N LEU A 4223 57.14 37.20 -42.41
CA LEU A 4223 58.47 37.78 -42.25
C LEU A 4223 59.53 36.69 -42.11
N ASP A 4224 59.21 35.61 -41.40
CA ASP A 4224 60.14 34.49 -41.35
C ASP A 4224 60.31 33.84 -42.72
N ASP A 4225 59.22 33.76 -43.49
CA ASP A 4225 59.32 33.20 -44.84
C ASP A 4225 60.19 34.07 -45.73
N THR A 4226 60.00 35.39 -45.66
CA THR A 4226 60.78 36.28 -46.51
C THR A 4226 62.21 36.46 -46.00
N ALA A 4227 62.39 36.52 -44.69
CA ALA A 4227 63.70 36.73 -44.07
C ALA A 4227 64.08 35.46 -43.32
N LYS A 4228 64.98 34.67 -43.91
CA LYS A 4228 65.42 33.41 -43.31
C LYS A 4228 66.52 33.70 -42.27
N GLY A 4229 66.09 34.33 -41.18
CA GLY A 4229 66.98 34.64 -40.08
C GLY A 4229 67.91 35.82 -40.31
N ARG A 4230 67.76 36.55 -41.41
CA ARG A 4230 68.63 37.67 -41.68
C ARG A 4230 68.34 38.82 -40.71
N GLN A 4231 69.41 39.49 -40.28
CA GLN A 4231 69.27 40.54 -39.28
C GLN A 4231 68.44 41.70 -39.81
N ASN A 4232 68.70 42.13 -41.04
CA ASN A 4232 67.99 43.26 -41.63
C ASN A 4232 67.60 42.91 -43.07
N ILE A 4233 66.46 43.44 -43.48
CA ILE A 4233 65.98 43.29 -44.85
C ILE A 4233 65.50 44.65 -45.36
N SER A 4234 65.50 44.80 -46.68
CA SER A 4234 65.01 46.03 -47.27
C SER A 4234 63.51 46.15 -47.07
N PRO A 4235 62.99 47.37 -46.86
CA PRO A 4235 61.54 47.53 -46.71
C PRO A 4235 60.76 47.08 -47.94
N ASP A 4236 61.35 47.16 -49.13
CA ASP A 4236 60.65 46.71 -50.33
C ASP A 4236 60.47 45.19 -50.35
N LYS A 4237 61.44 44.45 -49.80
CA LYS A 4237 61.32 43.00 -49.78
C LYS A 4237 60.24 42.51 -48.82
N ILE A 4238 59.72 43.39 -47.95
CA ILE A 4238 58.65 42.98 -47.05
C ILE A 4238 57.40 42.65 -47.86
N PRO A 4239 56.77 41.49 -47.63
CA PRO A 4239 55.58 41.13 -48.41
C PRO A 4239 54.38 41.99 -48.07
N TRP A 4240 54.36 43.23 -48.55
CA TRP A 4240 53.25 44.14 -48.25
C TRP A 4240 51.95 43.62 -48.84
N SER A 4241 52.00 43.10 -50.07
CA SER A 4241 50.79 42.63 -50.72
C SER A 4241 50.17 41.46 -49.97
N ALA A 4242 51.01 40.52 -49.49
CA ALA A 4242 50.50 39.37 -48.76
C ALA A 4242 49.78 39.80 -47.49
N LEU A 4243 50.42 40.66 -46.70
CA LEU A 4243 49.81 41.13 -45.46
C LEU A 4243 48.52 41.90 -45.73
N LYS A 4244 48.55 42.80 -46.72
CA LYS A 4244 47.36 43.60 -47.02
C LYS A 4244 46.21 42.72 -47.46
N THR A 4245 46.46 41.76 -48.36
CA THR A 4245 45.39 40.92 -48.86
C THR A 4245 44.85 40.01 -47.76
N LEU A 4246 45.73 39.42 -46.94
CA LEU A 4246 45.26 38.52 -45.89
C LEU A 4246 44.48 39.30 -44.83
N MET A 4247 44.89 40.52 -44.52
CA MET A 4247 44.17 41.32 -43.54
C MET A 4247 42.91 41.94 -44.09
N ALA A 4248 42.78 42.08 -45.41
CA ALA A 4248 41.57 42.63 -46.00
C ALA A 4248 40.56 41.57 -46.39
N GLN A 4249 40.98 40.31 -46.52
CA GLN A 4249 40.10 39.24 -46.96
C GLN A 4249 39.82 38.21 -45.89
N SER A 4250 40.78 37.94 -44.99
CA SER A 4250 40.65 36.84 -44.04
C SER A 4250 40.63 37.30 -42.59
N ILE A 4251 41.58 38.13 -42.18
CA ILE A 4251 41.72 38.45 -40.76
C ILE A 4251 40.69 39.49 -40.32
N TYR A 4252 40.75 40.68 -40.92
CA TYR A 4252 39.82 41.74 -40.57
C TYR A 4252 38.66 41.87 -41.55
N GLY A 4253 38.86 41.48 -42.80
CA GLY A 4253 37.79 41.52 -43.78
C GLY A 4253 36.80 40.38 -43.69
N GLY A 4254 37.08 39.37 -42.87
CA GLY A 4254 36.15 38.27 -42.72
C GLY A 4254 34.84 38.70 -42.09
N ARG A 4255 34.91 39.53 -41.04
CA ARG A 4255 33.70 39.98 -40.37
C ARG A 4255 32.91 40.97 -41.23
N VAL A 4256 33.57 41.65 -42.15
CA VAL A 4256 32.93 42.71 -42.92
C VAL A 4256 31.99 42.08 -43.94
N ASP A 4257 30.70 42.43 -43.87
CA ASP A 4257 29.69 41.96 -44.82
C ASP A 4257 29.13 43.07 -45.69
N ASN A 4258 29.77 44.24 -45.70
CA ASN A 4258 29.33 45.37 -46.51
C ASN A 4258 30.45 45.79 -47.44
N GLU A 4259 30.10 46.12 -48.68
CA GLU A 4259 31.12 46.44 -49.67
C GLU A 4259 31.82 47.77 -49.35
N PHE A 4260 31.09 48.72 -48.76
CA PHE A 4260 31.69 50.00 -48.43
C PHE A 4260 32.57 49.90 -47.19
N ASP A 4261 32.19 49.07 -46.22
CA ASP A 4261 33.09 48.80 -45.10
C ASP A 4261 34.36 48.12 -45.58
N GLN A 4262 34.24 47.19 -46.53
CA GLN A 4262 35.42 46.55 -47.10
C GLN A 4262 36.27 47.57 -47.85
N ARG A 4263 35.62 48.51 -48.54
CA ARG A 4263 36.36 49.57 -49.22
C ARG A 4263 37.15 50.42 -48.22
N LEU A 4264 36.51 50.77 -47.10
CA LEU A 4264 37.20 51.57 -46.08
C LEU A 4264 38.37 50.79 -45.48
N LEU A 4265 38.16 49.50 -45.22
CA LEU A 4265 39.24 48.66 -44.70
C LEU A 4265 40.40 48.59 -45.68
N ASN A 4266 40.09 48.44 -46.98
CA ASN A 4266 41.12 48.44 -48.00
C ASN A 4266 41.87 49.76 -48.04
N THR A 4267 41.14 50.87 -47.90
CA THR A 4267 41.77 52.19 -47.88
C THR A 4267 42.76 52.30 -46.73
N PHE A 4268 42.33 51.90 -45.53
CA PHE A 4268 43.23 51.97 -44.38
C PHE A 4268 44.44 51.06 -44.56
N LEU A 4269 44.23 49.84 -45.05
CA LEU A 4269 45.33 48.90 -45.19
C LEU A 4269 46.32 49.36 -46.26
N GLU A 4270 45.84 49.96 -47.34
CA GLU A 4270 46.74 50.45 -48.38
C GLU A 4270 47.43 51.73 -47.94
N ARG A 4271 46.82 52.52 -47.04
CA ARG A 4271 47.52 53.67 -46.48
C ARG A 4271 48.65 53.24 -45.57
N LEU A 4272 48.37 52.32 -44.64
CA LEU A 4272 49.33 52.04 -43.58
C LEU A 4272 50.41 51.07 -44.02
N PHE A 4273 50.03 49.96 -44.65
CA PHE A 4273 50.95 48.86 -44.89
C PHE A 4273 51.56 48.99 -46.28
N THR A 4274 52.50 49.93 -46.40
CA THR A 4274 53.33 50.10 -47.58
C THR A 4274 54.77 50.34 -47.13
N THR A 4275 55.68 50.32 -48.10
CA THR A 4275 57.08 50.59 -47.79
C THR A 4275 57.30 52.03 -47.34
N ARG A 4276 56.44 52.97 -47.78
CA ARG A 4276 56.60 54.36 -47.41
C ARG A 4276 56.45 54.61 -45.92
N SER A 4277 55.92 53.63 -45.18
CA SER A 4277 55.86 53.73 -43.72
C SER A 4277 57.23 53.69 -43.08
N PHE A 4278 58.27 53.27 -43.80
CA PHE A 4278 59.61 53.18 -43.23
C PHE A 4278 60.44 54.44 -43.46
N ASP A 4279 59.86 55.49 -44.04
CA ASP A 4279 60.56 56.75 -44.19
C ASP A 4279 60.29 57.68 -43.01
N SER A 4280 61.05 58.76 -42.93
CA SER A 4280 60.95 59.67 -41.80
C SER A 4280 59.73 60.58 -41.91
N GLU A 4281 59.19 60.78 -43.10
CA GLU A 4281 58.14 61.75 -43.34
C GLU A 4281 56.73 61.15 -43.24
N PHE A 4282 56.62 59.83 -43.06
CA PHE A 4282 55.31 59.18 -43.08
C PHE A 4282 54.38 59.76 -42.02
N LYS A 4283 53.14 60.04 -42.42
CA LYS A 4283 52.12 60.56 -41.53
C LYS A 4283 51.16 59.43 -41.16
N LEU A 4284 51.11 59.08 -39.88
CA LEU A 4284 50.12 58.11 -39.42
C LEU A 4284 48.71 58.65 -39.58
N ALA A 4285 48.51 59.93 -39.24
CA ALA A 4285 47.23 60.60 -39.42
C ALA A 4285 47.48 62.03 -39.85
N CYS A 4286 46.50 62.61 -40.56
CA CYS A 4286 46.61 63.95 -41.08
C CYS A 4286 45.39 64.77 -40.68
N LYS A 4287 45.59 66.09 -40.61
CA LYS A 4287 44.53 67.03 -40.27
C LYS A 4287 43.87 66.68 -38.94
N VAL A 4288 44.69 66.34 -37.94
CA VAL A 4288 44.15 65.95 -36.64
C VAL A 4288 43.42 67.12 -35.98
N ASP A 4289 43.93 68.34 -36.21
CA ASP A 4289 43.25 69.55 -35.73
C ASP A 4289 43.22 70.62 -36.82
N GLY A 4290 43.45 70.23 -38.07
CA GLY A 4290 43.55 71.17 -39.17
C GLY A 4290 44.95 71.69 -39.43
N HIS A 4291 45.84 71.62 -38.44
CA HIS A 4291 47.20 72.09 -38.58
C HIS A 4291 48.23 71.00 -38.34
N LYS A 4292 48.10 70.24 -37.26
CA LYS A 4292 49.07 69.23 -36.89
C LYS A 4292 48.79 67.91 -37.60
N ASP A 4293 49.76 67.00 -37.52
CA ASP A 4293 49.63 65.65 -38.02
C ASP A 4293 50.50 64.73 -37.19
N ILE A 4294 50.19 63.44 -37.23
CA ILE A 4294 50.88 62.46 -36.41
C ILE A 4294 52.04 61.87 -37.21
N GLN A 4295 53.23 61.90 -36.64
CA GLN A 4295 54.45 61.46 -37.33
C GLN A 4295 54.73 59.99 -37.05
N MET A 4296 55.25 59.31 -38.06
CA MET A 4296 55.72 57.95 -37.90
C MET A 4296 56.97 57.95 -37.03
N PRO A 4297 57.01 57.16 -35.96
CA PRO A 4297 58.24 57.06 -35.17
C PRO A 4297 59.38 56.49 -36.00
N ASP A 4298 60.59 57.01 -35.77
CA ASP A 4298 61.76 56.62 -36.54
C ASP A 4298 62.56 55.55 -35.80
N GLY A 4299 61.99 54.97 -34.74
CA GLY A 4299 62.67 53.95 -33.98
C GLY A 4299 62.82 52.64 -34.74
N ILE A 4300 63.72 51.80 -34.22
CA ILE A 4300 63.97 50.50 -34.82
C ILE A 4300 63.85 49.42 -33.75
N ARG A 4301 63.37 49.80 -32.57
CA ARG A 4301 63.20 48.88 -31.46
C ARG A 4301 61.86 49.11 -30.79
N ARG A 4302 61.38 48.06 -30.10
CA ARG A 4302 60.10 48.12 -29.41
C ARG A 4302 60.07 49.21 -28.36
N GLU A 4303 61.18 49.40 -27.65
CA GLU A 4303 61.21 50.37 -26.55
C GLU A 4303 60.89 51.77 -27.03
N GLU A 4304 61.47 52.19 -28.16
CA GLU A 4304 61.23 53.54 -28.66
C GLU A 4304 59.81 53.72 -29.19
N PHE A 4305 59.23 52.68 -29.79
CA PHE A 4305 57.84 52.76 -30.23
C PHE A 4305 56.91 52.90 -29.03
N VAL A 4306 57.15 52.13 -27.96
CA VAL A 4306 56.34 52.24 -26.76
C VAL A 4306 56.52 53.63 -26.14
N GLN A 4307 57.74 54.15 -26.15
CA GLN A 4307 57.98 55.50 -25.64
C GLN A 4307 57.21 56.53 -26.44
N TRP A 4308 57.20 56.40 -27.77
CA TRP A 4308 56.43 57.31 -28.61
C TRP A 4308 54.94 57.22 -28.31
N VAL A 4309 54.43 56.00 -28.10
CA VAL A 4309 53.02 55.84 -27.77
C VAL A 4309 52.70 56.51 -26.44
N GLU A 4310 53.58 56.35 -25.45
CA GLU A 4310 53.35 56.95 -24.14
C GLU A 4310 53.47 58.47 -24.17
N LEU A 4311 54.02 59.04 -25.23
CA LEU A 4311 54.18 60.48 -25.36
C LEU A 4311 53.12 61.12 -26.24
N LEU A 4312 52.08 60.39 -26.61
CA LEU A 4312 51.02 60.97 -27.42
C LEU A 4312 50.28 62.05 -26.64
N PRO A 4313 49.78 63.09 -27.31
CA PRO A 4313 48.96 64.09 -26.62
C PRO A 4313 47.71 63.46 -26.03
N ASP A 4314 47.32 63.95 -24.85
CA ASP A 4314 46.12 63.46 -24.19
C ASP A 4314 44.84 63.81 -24.94
N THR A 4315 44.86 64.89 -25.73
CA THR A 4315 43.69 65.30 -26.50
C THR A 4315 43.61 64.42 -27.75
N GLN A 4316 42.48 63.74 -27.91
CA GLN A 4316 42.22 62.92 -29.09
C GLN A 4316 40.89 63.33 -29.69
N THR A 4317 40.88 63.44 -31.01
CA THR A 4317 39.70 63.82 -31.79
C THR A 4317 39.46 62.76 -32.85
N PRO A 4318 38.22 62.64 -33.34
CA PRO A 4318 37.96 61.66 -34.41
C PRO A 4318 38.76 61.90 -35.68
N SER A 4319 39.39 63.06 -35.84
CA SER A 4319 40.30 63.27 -36.95
C SER A 4319 41.52 62.35 -36.87
N TRP A 4320 41.86 61.87 -35.67
CA TRP A 4320 42.87 60.83 -35.54
C TRP A 4320 42.45 59.58 -36.31
N LEU A 4321 41.16 59.31 -36.39
CA LEU A 4321 40.62 58.15 -37.04
C LEU A 4321 40.26 58.39 -38.50
N GLY A 4322 40.44 59.61 -39.00
CA GLY A 4322 39.99 59.98 -40.32
C GLY A 4322 38.58 60.54 -40.38
N LEU A 4323 37.85 60.49 -39.26
CA LEU A 4323 36.49 61.00 -39.21
C LEU A 4323 36.48 62.50 -39.01
N PRO A 4324 35.39 63.18 -39.36
CA PRO A 4324 35.30 64.61 -39.07
C PRO A 4324 35.26 64.87 -37.58
N ASN A 4325 35.76 66.04 -37.19
CA ASN A 4325 35.85 66.39 -35.77
C ASN A 4325 34.47 66.50 -35.12
N ASN A 4326 33.44 66.81 -35.90
CA ASN A 4326 32.09 66.97 -35.38
C ASN A 4326 31.35 65.64 -35.27
N ALA A 4327 32.06 64.51 -35.34
CA ALA A 4327 31.43 63.21 -35.24
C ALA A 4327 30.99 62.87 -33.83
N GLU A 4328 31.72 63.36 -32.82
CA GLU A 4328 31.45 63.02 -31.43
C GLU A 4328 30.71 64.11 -30.66
N ARG A 4329 30.22 65.14 -31.36
CA ARG A 4329 29.51 66.21 -30.66
C ARG A 4329 28.26 65.69 -29.97
N VAL A 4330 27.42 64.97 -30.72
CA VAL A 4330 26.20 64.41 -30.14
C VAL A 4330 26.53 63.39 -29.06
N LEU A 4331 27.54 62.56 -29.30
CA LEU A 4331 27.91 61.55 -28.32
C LEU A 4331 28.39 62.19 -27.02
N LEU A 4332 29.24 63.22 -27.11
CA LEU A 4332 29.71 63.88 -25.90
C LEU A 4332 28.60 64.63 -25.20
N THR A 4333 27.70 65.26 -25.95
CA THR A 4333 26.56 65.93 -25.33
C THR A 4333 25.69 64.95 -24.57
N THR A 4334 25.39 63.81 -25.19
CA THR A 4334 24.59 62.78 -24.53
C THR A 4334 25.30 62.23 -23.30
N GLN A 4335 26.61 62.03 -23.40
CA GLN A 4335 27.37 61.54 -22.26
C GLN A 4335 27.35 62.53 -21.11
N GLY A 4336 27.47 63.83 -21.40
CA GLY A 4336 27.39 64.83 -20.36
C GLY A 4336 26.02 64.89 -19.70
N VAL A 4337 24.96 64.82 -20.51
CA VAL A 4337 23.61 64.80 -19.95
C VAL A 4337 23.40 63.56 -19.08
N ASP A 4338 23.91 62.41 -19.54
CA ASP A 4338 23.82 61.20 -18.74
C ASP A 4338 24.60 61.31 -17.44
N MET A 4339 25.76 61.95 -17.47
CA MET A 4339 26.53 62.16 -16.24
C MET A 4339 25.77 63.04 -15.27
N ILE A 4340 25.11 64.09 -15.78
CA ILE A 4340 24.28 64.94 -14.94
C ILE A 4340 23.16 64.13 -14.31
N SER A 4341 22.49 63.30 -15.13
CA SER A 4341 21.38 62.50 -14.63
C SER A 4341 21.84 61.50 -13.57
N LYS A 4342 23.00 60.89 -13.78
CA LYS A 4342 23.52 59.94 -12.80
C LYS A 4342 23.91 60.63 -11.50
N MET A 4343 24.54 61.80 -11.59
CA MET A 4343 24.88 62.55 -10.39
C MET A 4343 23.61 62.94 -9.62
N LEU A 4344 22.57 63.35 -10.33
CA LEU A 4344 21.32 63.72 -9.68
C LEU A 4344 20.61 62.51 -9.09
N LYS A 4345 20.75 61.34 -9.74
CA LYS A 4345 19.95 60.18 -9.37
C LYS A 4345 20.34 59.61 -8.02
N MET A 4346 21.64 59.60 -7.71
CA MET A 4346 22.13 59.06 -6.45
C MET A 4346 22.30 60.14 -5.39
N GLN A 4347 21.61 61.26 -5.53
CA GLN A 4347 21.61 62.32 -4.51
C GLN A 4347 20.34 62.26 -3.68
N PRO A 4374 -11.19 57.61 -16.24
CA PRO A 4374 -9.73 57.67 -16.19
C PRO A 4374 -9.16 58.75 -17.10
N ALA A 4375 -8.10 59.43 -16.63
CA ALA A 4375 -7.46 60.46 -17.44
C ALA A 4375 -6.80 59.87 -18.68
N TRP A 4376 -6.25 58.66 -18.55
CA TRP A 4376 -5.60 58.03 -19.70
C TRP A 4376 -6.59 57.79 -20.83
N MET A 4377 -7.86 57.52 -20.49
CA MET A 4377 -8.88 57.33 -21.51
C MET A 4377 -9.10 58.61 -22.31
N ARG A 4378 -9.23 59.74 -21.62
CA ARG A 4378 -9.44 61.01 -22.31
C ARG A 4378 -8.22 61.42 -23.12
N THR A 4379 -7.02 61.21 -22.57
CA THR A 4379 -5.81 61.53 -23.32
C THR A 4379 -5.70 60.68 -24.58
N LEU A 4380 -5.99 59.38 -24.48
CA LEU A 4380 -5.96 58.51 -25.64
C LEU A 4380 -7.03 58.91 -26.65
N HIS A 4381 -8.22 59.31 -26.18
CA HIS A 4381 -9.26 59.76 -27.09
C HIS A 4381 -8.80 60.98 -27.88
N THR A 4382 -8.23 61.96 -27.18
CA THR A 4382 -7.75 63.17 -27.86
C THR A 4382 -6.64 62.84 -28.84
N THR A 4383 -5.69 61.98 -28.43
CA THR A 4383 -4.57 61.64 -29.30
C THR A 4383 -5.06 60.91 -30.55
N ALA A 4384 -5.98 59.96 -30.39
CA ALA A 4384 -6.48 59.21 -31.53
C ALA A 4384 -7.33 60.08 -32.45
N SER A 4385 -8.10 61.01 -31.88
CA SER A 4385 -8.86 61.93 -32.71
C SER A 4385 -7.93 62.83 -33.53
N ASN A 4386 -6.86 63.33 -32.90
CA ASN A 4386 -5.89 64.12 -33.63
C ASN A 4386 -5.21 63.30 -34.73
N TRP A 4387 -4.89 62.04 -34.43
CA TRP A 4387 -4.28 61.17 -35.44
C TRP A 4387 -5.22 60.96 -36.61
N LEU A 4388 -6.51 60.69 -36.33
CA LEU A 4388 -7.48 60.46 -37.40
C LEU A 4388 -7.68 61.71 -38.24
N HIS A 4389 -7.71 62.88 -37.59
CA HIS A 4389 -7.84 64.13 -38.35
C HIS A 4389 -6.62 64.37 -39.22
N LEU A 4390 -5.42 64.07 -38.70
CA LEU A 4390 -4.20 64.29 -39.48
C LEU A 4390 -4.04 63.26 -40.58
N ILE A 4391 -4.40 62.01 -40.32
CA ILE A 4391 -4.20 60.94 -41.31
C ILE A 4391 -5.19 61.11 -42.45
N PRO A 4392 -4.77 60.97 -43.71
CA PRO A 4392 -5.71 61.07 -44.83
C PRO A 4392 -6.76 59.96 -44.82
N GLN A 4393 -7.72 60.02 -45.74
CA GLN A 4393 -8.87 59.13 -45.70
C GLN A 4393 -8.98 58.19 -46.89
N THR A 4394 -8.61 58.63 -48.08
CA THR A 4394 -8.87 57.87 -49.31
C THR A 4394 -7.58 57.56 -50.04
N LEU A 4395 -7.47 56.33 -50.55
CA LEU A 4395 -6.35 55.93 -51.40
C LEU A 4395 -6.86 54.83 -52.32
N SER A 4396 -7.17 55.19 -53.56
CA SER A 4396 -7.75 54.25 -54.51
C SER A 4396 -6.66 53.46 -55.23
N HIS A 4397 -6.94 52.18 -55.49
CA HIS A 4397 -5.99 51.31 -56.15
C HIS A 4397 -5.78 51.72 -57.60
N LEU A 4398 -4.64 51.31 -58.15
CA LEU A 4398 -4.35 51.55 -59.56
C LEU A 4398 -5.21 50.65 -60.44
N LYS A 4399 -5.44 51.11 -61.67
CA LYS A 4399 -6.34 50.45 -62.62
C LYS A 4399 -5.50 49.65 -63.60
N ARG A 4400 -5.53 48.32 -63.46
CA ARG A 4400 -4.76 47.46 -64.35
C ARG A 4400 -5.31 47.50 -65.76
N THR A 4401 -4.40 47.52 -66.74
CA THR A 4401 -4.77 47.57 -68.15
C THR A 4401 -3.78 46.70 -68.92
N VAL A 4402 -4.18 46.32 -70.13
CA VAL A 4402 -3.35 45.42 -70.94
C VAL A 4402 -1.99 46.03 -71.21
N GLU A 4403 -1.95 47.31 -71.57
CA GLU A 4403 -0.68 47.99 -71.81
C GLU A 4403 -0.07 48.58 -70.55
N ASN A 4404 -0.83 48.64 -69.44
CA ASN A 4404 -0.27 49.17 -68.21
C ASN A 4404 0.68 48.18 -67.55
N ILE A 4405 0.41 46.89 -67.71
CA ILE A 4405 1.25 45.87 -67.08
C ILE A 4405 2.66 45.89 -67.65
N LYS A 4406 2.79 46.21 -68.93
CA LYS A 4406 4.10 46.26 -69.56
C LYS A 4406 4.98 47.38 -69.03
N ASP A 4407 4.43 48.31 -68.25
CA ASP A 4407 5.20 49.43 -67.73
C ASP A 4407 5.71 49.09 -66.33
N PRO A 4408 7.03 49.00 -66.11
CA PRO A 4408 7.53 48.69 -64.77
C PRO A 4408 7.18 49.74 -63.72
N LEU A 4409 7.10 51.02 -64.09
CA LEU A 4409 6.66 52.03 -63.14
C LEU A 4409 5.26 51.74 -62.63
N PHE A 4410 4.35 51.37 -63.53
CA PHE A 4410 3.02 50.98 -63.11
C PHE A 4410 3.06 49.72 -62.27
N ARG A 4411 3.90 48.75 -62.66
CA ARG A 4411 3.98 47.50 -61.92
C ARG A 4411 4.47 47.71 -60.48
N PHE A 4412 5.30 48.72 -60.25
CA PHE A 4412 5.80 48.98 -58.91
C PHE A 4412 4.88 49.89 -58.11
N PHE A 4413 4.34 50.94 -58.74
CA PHE A 4413 3.36 51.77 -58.05
C PHE A 4413 2.09 51.00 -57.75
N GLU A 4414 1.82 49.91 -58.47
CA GLU A 4414 0.70 49.05 -58.12
C GLU A 4414 0.89 48.46 -56.72
N ARG A 4415 2.05 47.86 -56.47
CA ARG A 4415 2.36 47.34 -55.15
C ARG A 4415 2.35 48.46 -54.12
N GLU A 4416 2.94 49.60 -54.45
CA GLU A 4416 2.99 50.71 -53.50
C GLU A 4416 1.61 51.15 -53.08
N VAL A 4417 0.73 51.41 -54.06
CA VAL A 4417 -0.61 51.91 -53.76
C VAL A 4417 -1.44 50.85 -53.05
N LYS A 4418 -1.30 49.59 -53.45
CA LYS A 4418 -2.07 48.53 -52.79
C LYS A 4418 -1.69 48.40 -51.32
N MET A 4419 -0.37 48.34 -51.04
CA MET A 4419 0.07 48.24 -49.66
C MET A 4419 -0.30 49.48 -48.87
N GLY A 4420 -0.18 50.66 -49.48
CA GLY A 4420 -0.56 51.88 -48.79
C GLY A 4420 -2.03 51.91 -48.44
N ALA A 4421 -2.90 51.48 -49.37
CA ALA A 4421 -4.33 51.45 -49.10
C ALA A 4421 -4.66 50.44 -48.01
N LYS A 4422 -4.04 49.27 -48.04
CA LYS A 4422 -4.29 48.27 -47.01
C LYS A 4422 -3.89 48.79 -45.63
N LEU A 4423 -2.69 49.38 -45.53
CA LEU A 4423 -2.22 49.92 -44.26
C LEU A 4423 -3.12 51.07 -43.80
N LEU A 4424 -3.51 51.95 -44.72
CA LEU A 4424 -4.37 53.07 -44.39
C LEU A 4424 -5.69 52.59 -43.80
N GLN A 4425 -6.32 51.61 -44.47
CA GLN A 4425 -7.59 51.09 -43.98
C GLN A 4425 -7.44 50.44 -42.62
N ASP A 4426 -6.38 49.63 -42.43
CA ASP A 4426 -6.19 48.96 -41.15
C ASP A 4426 -5.97 49.97 -40.02
N VAL A 4427 -5.11 50.96 -40.26
CA VAL A 4427 -4.81 51.95 -39.23
C VAL A 4427 -6.04 52.79 -38.89
N ARG A 4428 -6.79 53.21 -39.91
CA ARG A 4428 -7.99 54.00 -39.64
C ARG A 4428 -9.03 53.19 -38.89
N GLN A 4429 -9.20 51.91 -39.25
CA GLN A 4429 -10.15 51.07 -38.52
C GLN A 4429 -9.74 50.92 -37.05
N ASP A 4430 -8.45 50.65 -36.82
CA ASP A 4430 -7.98 50.50 -35.45
C ASP A 4430 -8.15 51.78 -34.65
N LEU A 4431 -7.83 52.93 -35.26
CA LEU A 4431 -7.95 54.20 -34.56
C LEU A 4431 -9.41 54.53 -34.26
N ALA A 4432 -10.32 54.25 -35.20
CA ALA A 4432 -11.73 54.46 -34.96
C ALA A 4432 -12.23 53.58 -33.83
N ASP A 4433 -11.78 52.32 -33.80
CA ASP A 4433 -12.15 51.42 -32.71
C ASP A 4433 -11.64 51.94 -31.37
N VAL A 4434 -10.40 52.48 -31.35
CA VAL A 4434 -9.86 53.04 -30.12
C VAL A 4434 -10.68 54.23 -29.66
N VAL A 4435 -11.04 55.12 -30.60
CA VAL A 4435 -11.85 56.28 -30.26
C VAL A 4435 -13.20 55.85 -29.69
N GLN A 4436 -13.83 54.86 -30.31
CA GLN A 4436 -15.13 54.40 -29.82
C GLN A 4436 -15.01 53.72 -28.46
N VAL A 4437 -13.90 53.01 -28.22
CA VAL A 4437 -13.68 52.41 -26.91
C VAL A 4437 -13.51 53.50 -25.84
N CYS A 4438 -12.72 54.53 -26.15
CA CYS A 4438 -12.49 55.61 -25.19
C CYS A 4438 -13.75 56.40 -24.88
N GLU A 4439 -14.79 56.29 -25.70
CA GLU A 4439 -16.08 56.90 -25.41
C GLU A 4439 -17.02 55.97 -24.67
N GLY A 4440 -16.58 54.76 -24.34
CA GLY A 4440 -17.43 53.81 -23.65
C GLY A 4440 -18.62 53.35 -24.47
N LYS A 4441 -18.44 53.20 -25.78
CA LYS A 4441 -19.51 52.80 -26.68
C LYS A 4441 -19.41 51.35 -27.15
N LYS A 4442 -18.21 50.80 -27.24
CA LYS A 4442 -18.01 49.41 -27.60
C LYS A 4442 -17.09 48.74 -26.59
N LYS A 4443 -17.36 47.47 -26.31
CA LYS A 4443 -16.60 46.76 -25.29
C LYS A 4443 -15.18 46.47 -25.77
N GLN A 4444 -14.23 46.58 -24.84
CA GLN A 4444 -12.83 46.34 -25.15
C GLN A 4444 -12.57 44.85 -25.31
N THR A 4445 -11.88 44.48 -26.39
CA THR A 4445 -11.53 43.10 -26.68
C THR A 4445 -10.04 42.90 -26.49
N ASN A 4446 -9.57 41.67 -26.75
CA ASN A 4446 -8.17 41.34 -26.55
C ASN A 4446 -7.28 42.16 -27.48
N TYR A 4447 -7.63 42.20 -28.77
CA TYR A 4447 -6.85 43.01 -29.71
C TYR A 4447 -6.90 44.49 -29.33
N LEU A 4448 -8.08 44.98 -28.98
CA LEU A 4448 -8.20 46.37 -28.54
C LEU A 4448 -7.42 46.61 -27.26
N ARG A 4449 -7.46 45.64 -26.34
CA ARG A 4449 -6.71 45.79 -25.09
C ARG A 4449 -5.22 45.92 -25.35
N THR A 4450 -4.65 45.03 -26.18
CA THR A 4450 -3.24 45.10 -26.49
C THR A 4450 -2.88 46.38 -27.25
N LEU A 4451 -3.72 46.77 -28.21
CA LEU A 4451 -3.46 47.97 -28.99
C LEU A 4451 -3.47 49.21 -28.10
N ILE A 4452 -4.44 49.30 -27.19
CA ILE A 4452 -4.50 50.44 -26.28
C ILE A 4452 -3.32 50.43 -25.32
N ASN A 4453 -2.95 49.24 -24.82
CA ASN A 4453 -1.81 49.15 -23.93
C ASN A 4453 -0.54 49.64 -24.60
N GLU A 4454 -0.35 49.30 -25.87
CA GLU A 4454 0.81 49.81 -26.61
C GLU A 4454 0.69 51.30 -26.90
N LEU A 4455 -0.53 51.78 -27.17
CA LEU A 4455 -0.70 53.18 -27.56
C LEU A 4455 -0.46 54.13 -26.38
N VAL A 4456 -0.96 53.80 -25.20
CA VAL A 4456 -0.80 54.70 -24.06
C VAL A 4456 0.65 54.82 -23.64
N LYS A 4457 1.46 53.78 -23.88
CA LYS A 4457 2.88 53.84 -23.55
C LYS A 4457 3.74 54.22 -24.74
N GLY A 4458 3.14 54.59 -25.87
CA GLY A 4458 3.86 55.10 -27.01
C GLY A 4458 4.79 54.14 -27.71
N ILE A 4459 4.34 52.91 -27.95
CA ILE A 4459 5.06 51.94 -28.77
C ILE A 4459 4.28 51.75 -30.06
N LEU A 4460 5.00 51.72 -31.17
CA LEU A 4460 4.38 51.48 -32.47
C LEU A 4460 3.77 50.08 -32.50
N PRO A 4461 2.49 49.94 -32.78
CA PRO A 4461 1.89 48.59 -32.85
C PRO A 4461 2.55 47.74 -33.92
N ARG A 4462 2.70 46.45 -33.61
CA ARG A 4462 3.34 45.54 -34.57
C ARG A 4462 2.44 45.26 -35.78
N SER A 4463 1.13 45.44 -35.64
CA SER A 4463 0.24 45.26 -36.78
C SER A 4463 0.34 46.40 -37.77
N TRP A 4464 0.83 47.56 -37.34
CA TRP A 4464 0.98 48.71 -38.24
C TRP A 4464 2.36 48.74 -38.89
N SER A 4465 3.39 48.27 -38.20
CA SER A 4465 4.75 48.32 -38.72
C SER A 4465 4.91 47.31 -39.85
N HIS A 4466 4.88 47.80 -41.08
CA HIS A 4466 5.02 46.95 -42.26
C HIS A 4466 6.24 47.30 -43.10
N TYR A 4467 6.57 48.58 -43.23
CA TYR A 4467 7.75 49.00 -43.97
C TYR A 4467 8.91 49.25 -43.01
N THR A 4468 10.12 49.29 -43.58
CA THR A 4468 11.33 49.42 -42.77
C THR A 4468 11.41 50.81 -42.14
N VAL A 4469 11.59 50.85 -40.83
CA VAL A 4469 11.70 52.09 -40.08
C VAL A 4469 12.84 51.96 -39.08
N PRO A 4470 13.37 53.09 -38.62
CA PRO A 4470 14.36 53.03 -37.53
C PRO A 4470 13.78 52.38 -36.29
N ALA A 4471 14.63 51.63 -35.59
CA ALA A 4471 14.16 50.83 -34.45
C ALA A 4471 13.56 51.70 -33.36
N GLY A 4472 14.28 52.74 -32.95
CA GLY A 4472 13.82 53.60 -31.87
C GLY A 4472 12.98 54.77 -32.33
N MET A 4473 11.80 54.50 -32.87
CA MET A 4473 10.89 55.54 -33.34
C MET A 4473 9.56 55.42 -32.62
N THR A 4474 9.06 56.54 -32.11
CA THR A 4474 7.82 56.56 -31.34
C THR A 4474 6.62 56.42 -32.28
N VAL A 4475 5.43 56.52 -31.71
CA VAL A 4475 4.21 56.38 -32.49
C VAL A 4475 3.81 57.71 -33.13
N ILE A 4476 4.15 58.84 -32.50
CA ILE A 4476 3.85 60.14 -33.10
C ILE A 4476 4.63 60.32 -34.39
N GLN A 4477 5.94 60.01 -34.35
CA GLN A 4477 6.76 60.13 -35.54
C GLN A 4477 6.30 59.18 -36.63
N TRP A 4478 5.93 57.95 -36.26
CA TRP A 4478 5.41 57.01 -37.24
C TRP A 4478 4.12 57.52 -37.87
N VAL A 4479 3.23 58.09 -37.06
CA VAL A 4479 1.98 58.61 -37.60
C VAL A 4479 2.25 59.75 -38.58
N SER A 4480 3.16 60.65 -38.24
CA SER A 4480 3.48 61.76 -39.14
C SER A 4480 4.10 61.24 -40.44
N ASP A 4481 5.06 60.31 -40.34
CA ASP A 4481 5.69 59.78 -41.54
C ASP A 4481 4.69 59.02 -42.40
N PHE A 4482 3.79 58.26 -41.76
CA PHE A 4482 2.78 57.51 -42.51
C PHE A 4482 1.81 58.45 -43.20
N SER A 4483 1.43 59.54 -42.54
CA SER A 4483 0.56 60.53 -43.19
C SER A 4483 1.25 61.15 -44.40
N GLU A 4484 2.53 61.48 -44.27
CA GLU A 4484 3.27 62.01 -45.41
C GLU A 4484 3.33 61.00 -46.55
N ARG A 4485 3.58 59.73 -46.22
CA ARG A 4485 3.63 58.69 -47.24
C ARG A 4485 2.28 58.52 -47.93
N ILE A 4486 1.19 58.57 -47.17
CA ILE A 4486 -0.14 58.44 -47.76
C ILE A 4486 -0.46 59.63 -48.66
N LYS A 4487 -0.04 60.84 -48.26
CA LYS A 4487 -0.24 61.99 -49.14
C LYS A 4487 0.54 61.83 -50.44
N GLN A 4488 1.79 61.36 -50.36
CA GLN A 4488 2.58 61.17 -51.57
C GLN A 4488 1.98 60.11 -52.46
N LEU A 4489 1.51 59.00 -51.86
CA LEU A 4489 0.85 57.97 -52.65
C LEU A 4489 -0.46 58.44 -53.25
N GLN A 4490 -1.18 59.32 -52.54
CA GLN A 4490 -2.38 59.92 -53.10
C GLN A 4490 -2.06 60.74 -54.33
N ASN A 4491 -0.99 61.54 -54.26
CA ASN A 4491 -0.56 62.30 -55.43
C ASN A 4491 -0.18 61.36 -56.57
N ILE A 4492 0.53 60.28 -56.26
CA ILE A 4492 0.92 59.31 -57.28
C ILE A 4492 -0.30 58.72 -57.96
N SER A 4493 -1.29 58.30 -57.17
CA SER A 4493 -2.49 57.68 -57.73
C SER A 4493 -3.31 58.68 -58.55
N LEU A 4494 -3.43 59.91 -58.06
CA LEU A 4494 -4.19 60.93 -58.79
C LEU A 4494 -3.52 61.23 -60.13
N ALA A 4495 -2.18 61.34 -60.13
CA ALA A 4495 -1.47 61.59 -61.38
C ALA A 4495 -1.61 60.41 -62.34
N ALA A 4496 -1.51 59.19 -61.83
CA ALA A 4496 -1.56 58.02 -62.71
C ALA A 4496 -2.97 57.80 -63.27
N ALA A 4497 -3.99 58.18 -62.51
CA ALA A 4497 -5.36 57.97 -62.96
C ALA A 4497 -5.68 58.79 -64.20
N SER A 4498 -5.22 60.04 -64.25
CA SER A 4498 -5.50 60.96 -65.35
C SER A 4498 -4.21 61.22 -66.12
N GLY A 4499 -4.16 60.71 -67.36
CA GLY A 4499 -3.05 60.94 -68.27
C GLY A 4499 -2.35 59.67 -68.71
N GLY A 4500 -2.31 58.66 -67.85
CA GLY A 4500 -1.69 57.39 -68.20
C GLY A 4500 -0.31 57.20 -67.63
N ALA A 4501 0.62 56.73 -68.45
CA ALA A 4501 1.98 56.45 -68.02
C ALA A 4501 2.96 57.57 -68.38
N LYS A 4502 2.49 58.67 -68.97
CA LYS A 4502 3.40 59.74 -69.37
C LYS A 4502 3.79 60.60 -68.18
N GLU A 4503 2.80 61.16 -67.48
CA GLU A 4503 3.10 61.87 -66.24
C GLU A 4503 3.59 60.91 -65.16
N LEU A 4504 3.30 59.62 -65.31
CA LEU A 4504 3.83 58.62 -64.39
C LEU A 4504 5.35 58.61 -64.44
N LYS A 4505 5.92 58.73 -65.65
CA LYS A 4505 7.37 58.88 -65.79
C LYS A 4505 7.82 60.23 -65.25
N ASN A 4506 6.99 61.26 -65.39
CA ASN A 4506 7.37 62.64 -65.06
C ASN A 4506 6.77 63.10 -63.74
N ILE A 4507 6.70 62.22 -62.75
CA ILE A 4507 6.22 62.56 -61.41
C ILE A 4507 7.40 62.60 -60.46
N HIS A 4508 7.42 63.60 -59.59
CA HIS A 4508 8.49 63.72 -58.62
C HIS A 4508 8.19 62.84 -57.41
N VAL A 4509 9.19 62.07 -56.98
CA VAL A 4509 9.03 61.08 -55.94
C VAL A 4509 10.10 61.29 -54.88
N CYS A 4510 9.77 60.93 -53.65
CA CYS A 4510 10.72 60.93 -52.54
C CYS A 4510 11.01 59.48 -52.16
N LEU A 4511 12.29 59.10 -52.23
CA LEU A 4511 12.66 57.72 -51.94
C LEU A 4511 12.38 57.35 -50.49
N GLY A 4512 12.53 58.32 -49.58
CA GLY A 4512 12.24 58.05 -48.19
C GLY A 4512 10.79 57.69 -47.93
N GLY A 4513 9.87 58.30 -48.67
CA GLY A 4513 8.46 58.00 -48.49
C GLY A 4513 8.00 56.71 -49.14
N LEU A 4514 8.78 56.17 -50.07
CA LEU A 4514 8.43 54.92 -50.72
C LEU A 4514 8.67 53.74 -49.80
N PHE A 4515 7.81 52.73 -49.92
CA PHE A 4515 7.94 51.56 -49.05
C PHE A 4515 9.14 50.70 -49.42
N VAL A 4516 9.39 50.52 -50.71
CA VAL A 4516 10.56 49.80 -51.20
C VAL A 4516 11.27 50.63 -52.28
N PRO A 4517 12.09 51.62 -51.90
CA PRO A 4517 12.69 52.50 -52.91
C PRO A 4517 13.60 51.79 -53.90
N GLU A 4518 14.30 50.73 -53.47
CA GLU A 4518 15.16 50.01 -54.41
C GLU A 4518 14.35 49.38 -55.54
N ALA A 4519 13.11 48.97 -55.25
CA ALA A 4519 12.24 48.49 -56.32
C ALA A 4519 11.88 49.62 -57.28
N TYR A 4520 11.74 50.84 -56.77
CA TYR A 4520 11.54 51.99 -57.67
C TYR A 4520 12.76 52.20 -58.56
N ILE A 4521 13.96 52.08 -57.98
CA ILE A 4521 15.17 52.28 -58.76
C ILE A 4521 15.26 51.24 -59.89
N THR A 4522 15.01 49.97 -59.55
CA THR A 4522 15.08 48.94 -60.57
C THR A 4522 13.93 49.06 -61.58
N ALA A 4523 12.78 49.61 -61.15
CA ALA A 4523 11.68 49.83 -62.08
C ALA A 4523 12.01 50.92 -63.08
N THR A 4524 12.65 52.00 -62.63
CA THR A 4524 13.09 53.04 -63.57
C THR A 4524 14.15 52.50 -64.51
N ARG A 4525 15.07 51.68 -63.99
CA ARG A 4525 16.07 51.05 -64.84
C ARG A 4525 15.41 50.19 -65.91
N GLN A 4526 14.40 49.39 -65.51
CA GLN A 4526 13.68 48.55 -66.45
C GLN A 4526 12.92 49.39 -67.48
N TYR A 4527 12.36 50.51 -67.05
CA TYR A 4527 11.63 51.39 -67.96
C TYR A 4527 12.56 51.94 -69.02
N VAL A 4528 13.74 52.41 -68.62
CA VAL A 4528 14.70 52.94 -69.59
C VAL A 4528 15.16 51.83 -70.53
N ALA A 4529 15.43 50.65 -69.99
CA ALA A 4529 15.85 49.53 -70.82
C ALA A 4529 14.78 49.15 -71.84
N GLN A 4530 13.52 49.12 -71.42
CA GLN A 4530 12.43 48.75 -72.32
C GLN A 4530 12.21 49.83 -73.37
N ALA A 4531 12.31 51.10 -72.99
CA ALA A 4531 12.16 52.17 -73.97
C ALA A 4531 13.26 52.13 -75.01
N ASN A 4532 14.50 51.86 -74.58
CA ASN A 4532 15.62 51.80 -75.51
C ASN A 4532 15.88 50.39 -76.05
N SER A 4533 15.14 49.39 -75.57
CA SER A 4533 15.35 47.99 -75.96
C SER A 4533 16.78 47.55 -75.67
N TRP A 4534 17.25 47.88 -74.47
CA TRP A 4534 18.57 47.48 -73.98
C TRP A 4534 18.41 46.48 -72.84
N SER A 4535 19.54 46.11 -72.25
CA SER A 4535 19.59 45.23 -71.09
C SER A 4535 19.91 46.04 -69.83
N LEU A 4536 19.47 45.52 -68.69
CA LEU A 4536 19.68 46.24 -67.43
C LEU A 4536 21.16 46.27 -67.06
N GLU A 4537 21.87 45.16 -67.25
CA GLU A 4537 23.25 45.08 -66.80
C GLU A 4537 24.18 46.01 -67.57
N GLU A 4538 23.80 46.43 -68.77
CA GLU A 4538 24.60 47.38 -69.54
C GLU A 4538 24.18 48.83 -69.30
N LEU A 4539 23.23 49.06 -68.40
CA LEU A 4539 22.78 50.41 -68.06
C LEU A 4539 23.42 50.83 -66.74
N CYS A 4540 24.12 51.96 -66.76
CA CYS A 4540 24.69 52.56 -65.57
C CYS A 4540 23.93 53.84 -65.25
N LEU A 4541 24.00 54.24 -63.98
CA LEU A 4541 23.25 55.40 -63.49
C LEU A 4541 24.20 56.54 -63.18
N GLU A 4542 23.86 57.74 -63.67
CA GLU A 4542 24.55 58.95 -63.27
C GLU A 4542 23.54 59.93 -62.69
N VAL A 4543 23.96 60.64 -61.64
CA VAL A 4543 23.09 61.53 -60.89
C VAL A 4543 23.47 62.97 -61.17
N ASN A 4544 22.46 63.82 -61.30
CA ASN A 4544 22.64 65.25 -61.57
C ASN A 4544 21.81 66.03 -60.57
N VAL A 4545 22.47 66.66 -59.60
CA VAL A 4545 21.77 67.43 -58.57
C VAL A 4545 21.48 68.81 -59.13
N THR A 4546 20.20 69.11 -59.33
CA THR A 4546 19.80 70.38 -59.90
C THR A 4546 19.90 71.49 -58.87
N THR A 4547 20.12 72.72 -59.36
CA THR A 4547 20.13 73.89 -58.47
C THR A 4547 18.74 74.27 -58.00
N SER A 4548 17.68 73.75 -58.63
CA SER A 4548 16.32 74.08 -58.25
C SER A 4548 15.41 72.92 -58.60
N GLN A 4549 14.24 72.90 -57.98
CA GLN A 4549 13.25 71.87 -58.20
C GLN A 4549 12.26 72.29 -59.29
N GLY A 4550 11.81 71.30 -60.07
CA GLY A 4550 10.86 71.55 -61.13
C GLY A 4550 11.44 71.62 -62.53
N ALA A 4551 12.74 71.39 -62.69
CA ALA A 4551 13.34 71.41 -64.02
C ALA A 4551 12.84 70.24 -64.85
N THR A 4552 12.79 70.45 -66.16
CA THR A 4552 12.31 69.41 -67.07
C THR A 4552 13.28 68.23 -67.09
N LEU A 4553 12.76 67.07 -67.46
CA LEU A 4553 13.51 65.83 -67.46
C LEU A 4553 13.54 65.23 -68.87
N ASP A 4554 14.60 64.48 -69.16
CA ASP A 4554 14.73 63.81 -70.44
C ASP A 4554 13.86 62.55 -70.44
N ALA A 4555 13.96 61.76 -71.52
CA ALA A 4555 13.21 60.52 -71.61
C ALA A 4555 13.85 59.37 -70.83
N CYS A 4556 15.09 59.53 -70.39
CA CYS A 4556 15.79 58.49 -69.62
C CYS A 4556 16.25 59.00 -68.26
N SER A 4557 15.66 60.08 -67.77
CA SER A 4557 16.03 60.66 -66.48
C SER A 4557 14.79 60.89 -65.63
N PHE A 4558 14.88 60.50 -64.36
CA PHE A 4558 13.81 60.67 -63.41
C PHE A 4558 14.28 61.62 -62.30
N GLY A 4559 13.31 62.22 -61.61
CA GLY A 4559 13.60 63.18 -60.56
C GLY A 4559 13.17 62.65 -59.20
N VAL A 4560 14.09 62.66 -58.25
CA VAL A 4560 13.83 62.23 -56.88
C VAL A 4560 14.25 63.34 -55.92
N THR A 4561 13.48 63.48 -54.84
CA THR A 4561 13.69 64.51 -53.84
C THR A 4561 13.85 63.89 -52.46
N GLY A 4562 14.30 64.70 -51.52
CA GLY A 4562 14.46 64.28 -50.14
C GLY A 4562 15.81 63.68 -49.79
N LEU A 4563 16.69 63.49 -50.76
CA LEU A 4563 17.99 62.92 -50.49
C LEU A 4563 18.85 63.89 -49.67
N LYS A 4564 19.59 63.36 -48.72
CA LYS A 4564 20.46 64.15 -47.84
C LYS A 4564 21.88 63.64 -47.96
N LEU A 4565 22.83 64.55 -48.13
CA LEU A 4565 24.24 64.19 -48.20
C LEU A 4565 24.87 64.40 -46.82
N GLN A 4566 25.58 63.38 -46.33
CA GLN A 4566 26.12 63.40 -44.98
C GLN A 4566 27.62 63.68 -45.05
N GLY A 4567 28.07 64.74 -44.38
CA GLY A 4567 29.47 65.05 -44.30
C GLY A 4567 30.07 65.67 -45.54
N ALA A 4568 29.24 66.12 -46.49
CA ALA A 4568 29.74 66.77 -47.69
C ALA A 4568 28.67 67.68 -48.26
N THR A 4569 29.09 68.59 -49.12
CA THR A 4569 28.19 69.52 -49.78
C THR A 4569 28.33 69.38 -51.30
N CYS A 4570 27.22 69.54 -51.99
CA CYS A 4570 27.17 69.38 -53.44
C CYS A 4570 26.96 70.74 -54.09
N ASN A 4571 27.87 71.12 -54.97
CA ASN A 4571 27.78 72.37 -55.72
C ASN A 4571 28.22 72.10 -57.15
N ASN A 4572 27.35 72.43 -58.11
CA ASN A 4572 27.63 72.22 -59.54
C ASN A 4572 28.00 70.76 -59.82
N ASN A 4573 27.29 69.84 -59.19
CA ASN A 4573 27.52 68.40 -59.32
C ASN A 4573 28.93 68.02 -58.90
N LYS A 4574 29.52 68.75 -57.95
CA LYS A 4574 30.84 68.44 -57.42
C LYS A 4574 30.74 68.43 -55.90
N LEU A 4575 31.40 67.47 -55.26
CA LEU A 4575 31.32 67.31 -53.82
C LEU A 4575 32.54 67.92 -53.14
N SER A 4576 32.28 68.65 -52.06
CA SER A 4576 33.32 69.22 -51.22
C SER A 4576 33.11 68.74 -49.79
N LEU A 4577 34.22 68.37 -49.14
CA LEU A 4577 34.15 67.89 -47.77
C LEU A 4577 33.66 69.00 -46.85
N SER A 4578 32.58 68.74 -46.13
CA SER A 4578 31.95 69.72 -45.28
C SER A 4578 32.00 69.28 -43.82
N ASN A 4579 31.95 70.26 -42.93
CA ASN A 4579 31.92 70.02 -41.49
C ASN A 4579 30.50 70.04 -40.94
N ALA A 4580 29.49 70.12 -41.80
CA ALA A 4580 28.11 70.06 -41.38
C ALA A 4580 27.62 68.61 -41.34
N ILE A 4581 26.57 68.39 -40.55
CA ILE A 4581 26.04 67.04 -40.37
C ILE A 4581 25.38 66.55 -41.66
N SER A 4582 24.49 67.36 -42.23
CA SER A 4582 23.76 66.97 -43.42
C SER A 4582 23.49 68.19 -44.29
N THR A 4583 23.41 67.94 -45.60
CA THR A 4583 23.05 68.94 -46.58
C THR A 4583 21.90 68.42 -47.42
N ALA A 4584 20.83 69.20 -47.52
CA ALA A 4584 19.62 68.76 -48.22
C ALA A 4584 19.82 68.92 -49.72
N LEU A 4585 19.87 67.80 -50.43
CA LEU A 4585 19.88 67.86 -51.89
C LEU A 4585 18.49 68.23 -52.38
N PRO A 4586 18.33 69.33 -53.13
CA PRO A 4586 16.97 69.76 -53.49
C PRO A 4586 16.24 68.78 -54.40
N LEU A 4587 16.85 68.41 -55.52
CA LEU A 4587 16.24 67.45 -56.45
C LEU A 4587 17.35 66.88 -57.31
N THR A 4588 17.40 65.55 -57.42
CA THR A 4588 18.43 64.88 -58.19
C THR A 4588 17.80 64.10 -59.33
N GLN A 4589 18.41 64.21 -60.51
CA GLN A 4589 18.01 63.45 -61.68
C GLN A 4589 18.86 62.19 -61.76
N LEU A 4590 18.19 61.04 -61.73
CA LEU A 4590 18.81 59.74 -61.96
C LEU A 4590 18.65 59.43 -63.44
N ARG A 4591 19.76 59.33 -64.15
CA ARG A 4591 19.74 59.12 -65.60
C ARG A 4591 20.46 57.82 -65.94
N TRP A 4592 19.80 56.98 -66.74
CA TRP A 4592 20.31 55.68 -67.12
C TRP A 4592 20.91 55.77 -68.52
N VAL A 4593 22.19 55.40 -68.66
CA VAL A 4593 22.88 55.44 -69.93
C VAL A 4593 23.65 54.15 -70.15
N LYS A 4594 23.93 53.85 -71.41
CA LYS A 4594 24.65 52.63 -71.75
C LYS A 4594 26.10 52.73 -71.28
N GLN A 4595 26.61 51.63 -70.74
CA GLN A 4595 27.99 51.59 -70.28
C GLN A 4595 28.96 51.74 -71.45
N THR A 4596 30.00 52.55 -71.25
CA THR A 4596 31.04 52.76 -72.24
C THR A 4596 32.27 51.88 -72.01
N ASN A 4597 32.26 51.07 -70.94
CA ASN A 4597 33.37 50.19 -70.59
C ASN A 4597 34.67 50.95 -70.33
N THR A 4598 34.57 52.23 -69.98
CA THR A 4598 35.74 53.04 -69.65
C THR A 4598 35.88 53.16 -68.14
N GLU A 4599 37.12 53.07 -67.66
CA GLU A 4599 37.38 53.19 -66.23
C GLU A 4599 37.09 54.61 -65.76
N LYS A 4600 36.80 54.74 -64.47
CA LYS A 4600 36.52 56.05 -63.89
C LYS A 4600 37.76 56.94 -63.95
N LYS A 4601 37.52 58.24 -63.82
CA LYS A 4601 38.54 59.26 -64.09
C LYS A 4601 39.46 59.52 -62.89
N ALA A 4602 39.57 58.57 -61.96
CA ALA A 4602 40.43 58.66 -60.78
C ALA A 4602 40.04 59.80 -59.84
N SER A 4603 38.95 60.51 -60.15
CA SER A 4603 38.44 61.57 -59.29
C SER A 4603 36.94 61.43 -59.07
N VAL A 4604 36.42 60.21 -59.19
CA VAL A 4604 34.99 59.94 -59.07
C VAL A 4604 34.77 59.05 -57.86
N VAL A 4605 33.87 59.46 -56.97
CA VAL A 4605 33.53 58.72 -55.76
C VAL A 4605 32.15 58.10 -55.94
N THR A 4606 32.03 56.83 -55.57
CA THR A 4606 30.75 56.16 -55.48
C THR A 4606 30.28 56.22 -54.03
N LEU A 4607 29.07 56.71 -53.83
CA LEU A 4607 28.50 56.91 -52.51
C LEU A 4607 27.27 56.04 -52.33
N PRO A 4608 27.18 55.32 -51.21
CA PRO A 4608 25.96 54.55 -50.93
C PRO A 4608 24.78 55.48 -50.66
N VAL A 4609 23.58 55.01 -50.96
CA VAL A 4609 22.37 55.74 -50.64
C VAL A 4609 21.56 54.91 -49.65
N TYR A 4610 21.76 55.17 -48.37
CA TYR A 4610 21.07 54.40 -47.34
C TYR A 4610 19.65 54.92 -47.15
N LEU A 4611 18.80 54.05 -46.61
CA LEU A 4611 17.40 54.40 -46.42
C LEU A 4611 17.24 55.43 -45.30
N ASN A 4612 17.96 55.25 -44.19
CA ASN A 4612 17.83 56.13 -43.04
C ASN A 4612 19.20 56.26 -42.38
N PHE A 4613 19.22 56.99 -41.26
CA PHE A 4613 20.47 57.30 -40.58
C PHE A 4613 21.14 56.06 -40.00
N THR A 4614 20.40 54.98 -39.79
CA THR A 4614 20.99 53.76 -39.25
C THR A 4614 21.97 53.12 -40.23
N ARG A 4615 21.89 53.45 -41.51
CA ARG A 4615 22.76 52.90 -42.55
C ARG A 4615 22.71 51.37 -42.57
N ALA A 4616 21.53 50.80 -42.30
CA ALA A 4616 21.37 49.36 -42.29
C ALA A 4616 20.93 48.81 -43.64
N ASP A 4617 20.28 49.62 -44.46
CA ASP A 4617 19.77 49.19 -45.76
C ASP A 4617 20.42 50.01 -46.85
N LEU A 4618 20.97 49.34 -47.86
CA LEU A 4618 21.59 49.98 -49.01
C LEU A 4618 20.61 49.95 -50.17
N ILE A 4619 20.14 51.12 -50.58
CA ILE A 4619 19.18 51.20 -51.69
C ILE A 4619 19.90 51.06 -53.02
N PHE A 4620 20.89 51.92 -53.25
CA PHE A 4620 21.69 51.88 -54.47
C PHE A 4620 22.95 52.71 -54.26
N THR A 4621 23.68 52.95 -55.33
CA THR A 4621 24.91 53.74 -55.29
C THR A 4621 24.83 54.86 -56.32
N VAL A 4622 25.46 55.99 -55.99
CA VAL A 4622 25.54 57.13 -56.88
C VAL A 4622 27.01 57.42 -57.16
N ASP A 4623 27.26 58.16 -58.24
CA ASP A 4623 28.61 58.54 -58.63
C ASP A 4623 28.69 60.05 -58.73
N PHE A 4624 29.62 60.65 -58.00
CA PHE A 4624 29.92 62.07 -58.10
C PHE A 4624 31.39 62.26 -58.43
N GLU A 4625 31.75 63.50 -58.75
CA GLU A 4625 33.14 63.88 -58.93
C GLU A 4625 33.55 64.84 -57.83
N ILE A 4626 34.72 64.58 -57.23
CA ILE A 4626 35.18 65.38 -56.11
C ILE A 4626 35.53 66.79 -56.58
N ALA A 4627 35.73 67.68 -55.61
CA ALA A 4627 36.13 69.04 -55.91
C ALA A 4627 37.56 69.04 -56.48
N THR A 4628 38.04 70.25 -56.82
CA THR A 4628 39.32 70.37 -57.50
C THR A 4628 40.49 69.99 -56.60
N LYS A 4629 40.30 70.01 -55.28
CA LYS A 4629 41.40 69.77 -54.35
C LYS A 4629 40.99 68.83 -53.22
N GLU A 4630 40.24 67.78 -53.51
CA GLU A 4630 39.83 66.80 -52.51
C GLU A 4630 40.48 65.45 -52.81
N ASP A 4631 40.13 64.44 -52.01
CA ASP A 4631 40.69 63.11 -52.14
C ASP A 4631 39.57 62.10 -51.95
N PRO A 4632 39.38 61.18 -52.90
CA PRO A 4632 38.37 60.12 -52.71
C PRO A 4632 38.62 59.27 -51.47
N ARG A 4633 39.89 59.04 -51.13
CA ARG A 4633 40.22 58.30 -49.92
C ARG A 4633 39.72 59.02 -48.68
N SER A 4634 39.87 60.35 -48.65
CA SER A 4634 39.34 61.12 -47.53
C SER A 4634 37.82 61.09 -47.50
N PHE A 4635 37.18 60.99 -48.67
CA PHE A 4635 35.74 60.82 -48.70
C PHE A 4635 35.33 59.49 -48.09
N TYR A 4636 36.08 58.42 -48.41
CA TYR A 4636 35.77 57.11 -47.85
C TYR A 4636 35.99 57.07 -46.33
N GLU A 4637 37.06 57.71 -45.86
CA GLU A 4637 37.40 57.63 -44.44
C GLU A 4637 36.41 58.42 -43.58
N ARG A 4638 35.76 59.42 -44.14
CA ARG A 4638 34.85 60.27 -43.38
C ARG A 4638 33.41 59.79 -43.42
N GLY A 4639 33.12 58.66 -44.05
CA GLY A 4639 31.78 58.12 -44.05
C GLY A 4639 30.75 58.95 -44.78
N VAL A 4640 31.09 59.49 -45.94
CA VAL A 4640 30.13 60.26 -46.73
C VAL A 4640 29.14 59.31 -47.38
N ALA A 4641 27.85 59.62 -47.23
CA ALA A 4641 26.80 58.77 -47.77
C ALA A 4641 25.53 59.61 -47.95
N VAL A 4642 24.60 59.04 -48.71
CA VAL A 4642 23.32 59.69 -49.00
C VAL A 4642 22.22 58.95 -48.24
N LEU A 4643 21.32 59.69 -47.64
CA LEU A 4643 20.18 59.15 -46.91
C LEU A 4643 18.89 59.52 -47.63
N CYS A 4644 18.00 58.54 -47.77
CA CYS A 4644 16.73 58.78 -48.43
C CYS A 4644 15.77 59.61 -47.58
N THR A 4645 16.00 59.70 -46.28
CA THR A 4645 15.11 60.45 -45.40
C THR A 4645 15.88 61.03 -44.21
N MET B 1457 -18.60 -42.02 -48.27
CA MET B 1457 -19.10 -40.69 -48.55
C MET B 1457 -20.29 -40.34 -47.66
N ALA B 1458 -20.57 -41.21 -46.68
CA ALA B 1458 -21.64 -40.95 -45.75
C ALA B 1458 -21.35 -39.78 -44.82
N LEU B 1459 -20.07 -39.45 -44.61
CA LEU B 1459 -19.72 -38.32 -43.75
C LEU B 1459 -20.29 -37.03 -44.30
N GLU B 1460 -20.22 -36.84 -45.63
CA GLU B 1460 -20.81 -35.65 -46.23
C GLU B 1460 -22.33 -35.66 -46.08
N GLU B 1461 -22.94 -36.85 -46.08
CA GLU B 1461 -24.38 -36.94 -45.82
C GLU B 1461 -24.72 -36.46 -44.42
N PHE B 1462 -23.95 -36.90 -43.42
CA PHE B 1462 -24.15 -36.40 -42.06
C PHE B 1462 -23.94 -34.90 -41.99
N LEU B 1463 -22.92 -34.40 -42.68
CA LEU B 1463 -22.67 -32.96 -42.68
C LEU B 1463 -23.84 -32.18 -43.26
N LYS B 1464 -24.39 -32.65 -44.38
CA LYS B 1464 -25.47 -31.90 -45.02
C LYS B 1464 -26.76 -32.02 -44.22
N GLN B 1465 -26.97 -33.15 -43.54
CA GLN B 1465 -28.16 -33.24 -42.69
C GLN B 1465 -28.02 -32.31 -41.48
N ILE B 1466 -26.81 -32.18 -40.92
CA ILE B 1466 -26.58 -31.23 -39.84
C ILE B 1466 -26.80 -29.81 -40.35
N ARG B 1467 -26.29 -29.50 -41.55
CA ARG B 1467 -26.49 -28.17 -42.14
C ARG B 1467 -27.97 -27.86 -42.30
N GLU B 1468 -28.73 -28.83 -42.81
CA GLU B 1468 -30.16 -28.62 -43.02
C GLU B 1468 -30.87 -28.41 -41.69
N VAL B 1469 -30.56 -29.24 -40.69
CA VAL B 1469 -31.19 -29.08 -39.39
C VAL B 1469 -30.89 -27.71 -38.81
N TRP B 1470 -29.65 -27.26 -38.90
CA TRP B 1470 -29.26 -26.03 -38.22
C TRP B 1470 -29.48 -24.77 -39.04
N ASN B 1471 -29.88 -24.89 -40.31
CA ASN B 1471 -30.38 -23.72 -41.04
C ASN B 1471 -31.90 -23.73 -41.16
N THR B 1472 -32.57 -24.78 -40.69
CA THR B 1472 -34.02 -24.75 -40.54
C THR B 1472 -34.49 -24.83 -39.10
N TYR B 1473 -33.59 -24.90 -38.13
CA TYR B 1473 -33.99 -24.94 -36.72
C TYR B 1473 -34.15 -23.52 -36.20
N GLU B 1474 -35.32 -23.23 -35.66
CA GLU B 1474 -35.64 -21.91 -35.13
C GLU B 1474 -36.06 -22.03 -33.67
N LEU B 1475 -35.76 -21.00 -32.89
CA LEU B 1475 -36.21 -20.96 -31.52
C LEU B 1475 -37.73 -20.85 -31.46
N ASP B 1476 -38.35 -21.68 -30.63
CA ASP B 1476 -39.80 -21.76 -30.57
C ASP B 1476 -40.27 -20.98 -29.34
N LEU B 1477 -41.17 -20.03 -29.56
CA LEU B 1477 -41.40 -18.95 -28.61
C LEU B 1477 -42.83 -18.99 -28.05
N VAL B 1478 -42.97 -18.44 -26.84
CA VAL B 1478 -44.23 -18.34 -26.11
C VAL B 1478 -44.52 -16.87 -25.83
N ASN B 1479 -45.78 -16.49 -25.91
CA ASN B 1479 -46.18 -15.19 -25.38
C ASN B 1479 -46.26 -15.27 -23.87
N TYR B 1480 -45.56 -14.36 -23.18
CA TYR B 1480 -45.48 -14.38 -21.72
C TYR B 1480 -46.26 -13.18 -21.18
N GLN B 1481 -47.56 -13.36 -20.99
CA GLN B 1481 -48.42 -12.35 -20.37
C GLN B 1481 -48.37 -11.03 -21.12
N ASN B 1482 -48.28 -11.12 -22.45
CA ASN B 1482 -48.26 -9.94 -23.33
C ASN B 1482 -47.13 -8.98 -22.97
N LYS B 1483 -46.02 -9.52 -22.45
CA LYS B 1483 -44.85 -8.71 -22.11
C LYS B 1483 -43.65 -9.01 -22.98
N CYS B 1484 -43.49 -10.24 -23.44
CA CYS B 1484 -42.35 -10.64 -24.25
C CYS B 1484 -42.65 -12.01 -24.83
N ARG B 1485 -41.70 -12.52 -25.62
CA ARG B 1485 -41.81 -13.83 -26.24
C ARG B 1485 -40.62 -14.67 -25.77
N LEU B 1486 -40.87 -15.53 -24.79
CA LEU B 1486 -39.85 -16.40 -24.21
C LEU B 1486 -39.70 -17.67 -25.05
N ILE B 1487 -38.89 -18.59 -24.56
CA ILE B 1487 -38.59 -19.81 -25.30
C ILE B 1487 -39.23 -21.01 -24.61
N ARG B 1488 -39.86 -21.88 -25.39
CA ARG B 1488 -40.29 -23.18 -24.88
C ARG B 1488 -39.32 -24.24 -25.40
N GLY B 1489 -39.59 -25.49 -25.02
CA GLY B 1489 -38.91 -26.62 -25.63
C GLY B 1489 -37.40 -26.63 -25.49
N TRP B 1490 -36.89 -26.44 -24.28
CA TRP B 1490 -35.45 -26.49 -24.07
C TRP B 1490 -34.91 -27.90 -24.25
N ASP B 1491 -35.69 -28.90 -23.84
CA ASP B 1491 -35.22 -30.28 -23.90
C ASP B 1491 -34.98 -30.73 -25.33
N ASP B 1492 -35.86 -30.37 -26.26
CA ASP B 1492 -35.68 -30.76 -27.65
C ASP B 1492 -34.40 -30.18 -28.23
N LEU B 1493 -34.17 -28.89 -27.98
CA LEU B 1493 -32.95 -28.24 -28.46
C LEU B 1493 -31.71 -28.88 -27.86
N PHE B 1494 -31.72 -29.14 -26.54
CA PHE B 1494 -30.57 -29.74 -25.90
C PHE B 1494 -30.29 -31.14 -26.44
N ASN B 1495 -31.34 -31.94 -26.64
CA ASN B 1495 -31.16 -33.28 -27.20
C ASN B 1495 -30.61 -33.21 -28.61
N LYS B 1496 -31.11 -32.28 -29.42
CA LYS B 1496 -30.60 -32.13 -30.78
C LYS B 1496 -29.11 -31.78 -30.78
N VAL B 1497 -28.72 -30.82 -29.94
CA VAL B 1497 -27.31 -30.43 -29.87
C VAL B 1497 -26.47 -31.60 -29.38
N LYS B 1498 -26.93 -32.32 -28.37
CA LYS B 1498 -26.17 -33.45 -27.84
C LYS B 1498 -25.98 -34.52 -28.89
N GLU B 1499 -27.05 -34.86 -29.61
CA GLU B 1499 -26.93 -35.90 -30.63
C GLU B 1499 -26.05 -35.47 -31.78
N HIS B 1500 -26.06 -34.18 -32.13
CA HIS B 1500 -25.19 -33.73 -33.22
C HIS B 1500 -23.73 -33.70 -32.80
N ILE B 1501 -23.46 -33.32 -31.54
CA ILE B 1501 -22.09 -33.40 -31.04
C ILE B 1501 -21.61 -34.85 -31.02
N ASN B 1502 -22.48 -35.77 -30.59
CA ASN B 1502 -22.12 -37.19 -30.60
C ASN B 1502 -21.86 -37.69 -32.01
N SER B 1503 -22.69 -37.26 -32.97
CA SER B 1503 -22.48 -37.66 -34.36
C SER B 1503 -21.14 -37.14 -34.88
N VAL B 1504 -20.81 -35.89 -34.59
CA VAL B 1504 -19.52 -35.34 -35.03
C VAL B 1504 -18.37 -36.11 -34.40
N SER B 1505 -18.47 -36.41 -33.10
CA SER B 1505 -17.41 -37.14 -32.42
C SER B 1505 -17.23 -38.53 -32.99
N ALA B 1506 -18.34 -39.24 -33.26
CA ALA B 1506 -18.24 -40.55 -33.90
C ALA B 1506 -17.64 -40.44 -35.30
N MET B 1507 -17.99 -39.38 -36.02
CA MET B 1507 -17.40 -39.14 -37.33
C MET B 1507 -15.89 -38.94 -37.23
N LYS B 1508 -15.43 -38.29 -36.16
CA LYS B 1508 -14.00 -38.07 -35.99
C LYS B 1508 -13.23 -39.38 -35.88
N LEU B 1509 -13.90 -40.46 -35.46
CA LEU B 1509 -13.26 -41.76 -35.38
C LEU B 1509 -13.16 -42.45 -36.74
N SER B 1510 -13.90 -41.96 -37.74
CA SER B 1510 -13.91 -42.60 -39.05
C SER B 1510 -12.57 -42.40 -39.76
N PRO B 1511 -12.12 -43.41 -40.52
CA PRO B 1511 -10.88 -43.23 -41.30
C PRO B 1511 -10.98 -42.13 -42.35
N TYR B 1512 -12.17 -41.88 -42.89
CA TYR B 1512 -12.35 -40.84 -43.91
C TYR B 1512 -12.52 -39.46 -43.31
N TYR B 1513 -12.21 -39.27 -42.02
CA TYR B 1513 -12.48 -38.00 -41.37
C TYR B 1513 -11.52 -36.91 -41.81
N LYS B 1514 -10.33 -37.28 -42.31
CA LYS B 1514 -9.32 -36.29 -42.63
C LYS B 1514 -9.78 -35.37 -43.76
N VAL B 1515 -10.51 -35.92 -44.74
CA VAL B 1515 -11.03 -35.09 -45.82
C VAL B 1515 -12.04 -34.08 -45.29
N PHE B 1516 -12.86 -34.50 -44.33
CA PHE B 1516 -13.87 -33.63 -43.74
C PHE B 1516 -13.49 -33.14 -42.34
N GLU B 1517 -12.20 -32.97 -42.08
CA GLU B 1517 -11.77 -32.59 -40.73
C GLU B 1517 -12.09 -31.12 -40.44
N GLU B 1518 -11.83 -30.23 -41.39
CA GLU B 1518 -11.98 -28.80 -41.15
C GLU B 1518 -13.43 -28.43 -40.84
N ASP B 1519 -14.35 -28.86 -41.71
CA ASP B 1519 -15.75 -28.49 -41.52
C ASP B 1519 -16.39 -29.26 -40.37
N ALA B 1520 -15.94 -30.48 -40.09
CA ALA B 1520 -16.41 -31.18 -38.90
C ALA B 1520 -15.97 -30.45 -37.64
N LEU B 1521 -14.73 -29.95 -37.61
CA LEU B 1521 -14.28 -29.17 -36.47
C LEU B 1521 -15.07 -27.88 -36.33
N SER B 1522 -15.37 -27.22 -37.46
CA SER B 1522 -16.17 -26.01 -37.41
C SER B 1522 -17.57 -26.29 -36.85
N TRP B 1523 -18.17 -27.41 -37.28
CA TRP B 1523 -19.49 -27.78 -36.75
C TRP B 1523 -19.41 -28.11 -35.28
N GLU B 1524 -18.34 -28.78 -34.84
CA GLU B 1524 -18.17 -29.06 -33.42
C GLU B 1524 -18.07 -27.76 -32.62
N ASP B 1525 -17.31 -26.79 -33.13
CA ASP B 1525 -17.18 -25.51 -32.45
C ASP B 1525 -18.53 -24.80 -32.37
N LYS B 1526 -19.28 -24.82 -33.48
CA LYS B 1526 -20.59 -24.17 -33.48
C LYS B 1526 -21.54 -24.84 -32.48
N LEU B 1527 -21.54 -26.17 -32.44
CA LEU B 1527 -22.40 -26.88 -31.50
C LEU B 1527 -22.01 -26.60 -30.05
N ASN B 1528 -20.70 -26.55 -29.77
CA ASN B 1528 -20.25 -26.22 -28.43
C ASN B 1528 -20.69 -24.82 -28.03
N ARG B 1529 -20.60 -23.86 -28.96
CA ARG B 1529 -21.05 -22.50 -28.67
C ARG B 1529 -22.55 -22.45 -28.43
N ILE B 1530 -23.32 -23.21 -29.21
CA ILE B 1530 -24.77 -23.26 -29.00
C ILE B 1530 -25.08 -23.81 -27.60
N MET B 1531 -24.42 -24.90 -27.23
CA MET B 1531 -24.66 -25.50 -25.92
C MET B 1531 -24.27 -24.57 -24.80
N ALA B 1532 -23.11 -23.91 -24.91
CA ALA B 1532 -22.68 -22.98 -23.89
C ALA B 1532 -23.63 -21.80 -23.76
N LEU B 1533 -24.17 -21.31 -24.89
CA LEU B 1533 -25.10 -20.20 -24.84
C LEU B 1533 -26.42 -20.59 -24.17
N PHE B 1534 -26.99 -21.72 -24.58
CA PHE B 1534 -28.31 -22.09 -24.08
C PHE B 1534 -28.28 -22.81 -22.74
N ASP B 1535 -27.10 -23.17 -22.22
CA ASP B 1535 -27.04 -23.57 -20.82
C ASP B 1535 -27.22 -22.38 -19.89
N VAL B 1536 -26.69 -21.22 -20.26
CA VAL B 1536 -26.88 -20.03 -19.46
C VAL B 1536 -28.25 -19.40 -19.73
N TRP B 1537 -28.74 -19.52 -20.96
CA TRP B 1537 -29.99 -18.83 -21.32
C TRP B 1537 -31.17 -19.36 -20.52
N ILE B 1538 -31.24 -20.67 -20.31
CA ILE B 1538 -32.40 -21.24 -19.61
C ILE B 1538 -32.44 -20.74 -18.17
N ASP B 1539 -31.29 -20.69 -17.50
CA ASP B 1539 -31.24 -20.18 -16.13
C ASP B 1539 -31.60 -18.69 -16.11
N VAL B 1540 -31.08 -17.91 -17.06
CA VAL B 1540 -31.40 -16.49 -17.11
C VAL B 1540 -32.90 -16.29 -17.28
N GLN B 1541 -33.52 -17.05 -18.18
CA GLN B 1541 -34.94 -16.89 -18.44
C GLN B 1541 -35.77 -17.29 -17.23
N ARG B 1542 -35.42 -18.40 -16.57
CA ARG B 1542 -36.18 -18.81 -15.39
C ARG B 1542 -36.06 -17.76 -14.28
N ARG B 1543 -34.85 -17.25 -14.06
CA ARG B 1543 -34.64 -16.27 -13.01
C ARG B 1543 -35.43 -15.00 -13.29
N TRP B 1544 -35.39 -14.53 -14.55
CA TRP B 1544 -36.17 -13.35 -14.91
C TRP B 1544 -37.66 -13.59 -14.74
N VAL B 1545 -38.13 -14.79 -15.11
CA VAL B 1545 -39.56 -15.07 -15.00
C VAL B 1545 -40.02 -15.00 -13.55
N TYR B 1546 -39.29 -15.65 -12.64
CA TYR B 1546 -39.76 -15.64 -11.26
C TYR B 1546 -39.29 -14.42 -10.47
N LEU B 1547 -38.51 -13.52 -11.07
CA LEU B 1547 -38.22 -12.25 -10.43
C LEU B 1547 -39.14 -11.12 -10.90
N GLU B 1548 -39.60 -11.17 -12.16
CA GLU B 1548 -40.53 -10.18 -12.66
C GLU B 1548 -41.86 -10.25 -11.91
N GLY B 1549 -42.37 -11.46 -11.66
CA GLY B 1549 -43.59 -11.60 -10.89
C GLY B 1549 -43.48 -11.16 -9.44
N ILE B 1550 -42.27 -10.98 -8.95
CA ILE B 1550 -42.04 -10.47 -7.61
C ILE B 1550 -41.90 -8.95 -7.60
N PHE B 1551 -41.16 -8.40 -8.56
CA PHE B 1551 -40.99 -6.95 -8.61
C PHE B 1551 -42.13 -6.24 -9.31
N THR B 1552 -43.14 -6.95 -9.81
CA THR B 1552 -44.32 -6.35 -10.41
C THR B 1552 -45.59 -6.57 -9.59
N GLY B 1553 -45.81 -7.79 -9.12
CA GLY B 1553 -47.01 -8.09 -8.36
C GLY B 1553 -46.99 -7.65 -6.91
N SER B 1554 -45.86 -7.14 -6.42
CA SER B 1554 -45.72 -6.68 -5.05
C SER B 1554 -45.61 -5.16 -5.03
N ALA B 1555 -46.41 -4.53 -4.18
CA ALA B 1555 -46.42 -3.08 -4.06
C ALA B 1555 -45.52 -2.55 -2.95
N ASP B 1556 -45.26 -3.35 -1.92
CA ASP B 1556 -44.44 -2.89 -0.80
C ASP B 1556 -42.95 -3.09 -1.04
N ILE B 1557 -42.57 -3.95 -2.01
CA ILE B 1557 -41.16 -4.15 -2.27
C ILE B 1557 -40.53 -2.92 -2.91
N LYS B 1558 -41.33 -2.12 -3.62
CA LYS B 1558 -40.83 -0.88 -4.19
C LYS B 1558 -40.38 0.09 -3.11
N HIS B 1559 -41.17 0.22 -2.05
CA HIS B 1559 -40.81 1.14 -0.96
C HIS B 1559 -39.69 0.57 -0.10
N LEU B 1560 -39.73 -0.73 0.20
CA LEU B 1560 -38.77 -1.31 1.13
C LEU B 1560 -37.40 -1.53 0.49
N LEU B 1561 -37.36 -1.91 -0.79
CA LEU B 1561 -36.13 -2.24 -1.48
C LEU B 1561 -36.04 -1.45 -2.78
N PRO B 1562 -35.63 -0.17 -2.70
CA PRO B 1562 -35.57 0.65 -3.91
C PRO B 1562 -34.41 0.30 -4.83
N VAL B 1563 -33.23 0.05 -4.25
CA VAL B 1563 -32.04 -0.23 -5.04
C VAL B 1563 -32.23 -1.50 -5.84
N GLU B 1564 -32.73 -2.56 -5.19
CA GLU B 1564 -32.96 -3.82 -5.88
C GLU B 1564 -33.98 -3.65 -7.00
N THR B 1565 -35.03 -2.87 -6.73
CA THR B 1565 -36.04 -2.62 -7.76
C THR B 1565 -35.44 -1.90 -8.96
N GLN B 1566 -34.60 -0.89 -8.72
CA GLN B 1566 -33.99 -0.16 -9.83
C GLN B 1566 -33.07 -1.06 -10.64
N ARG B 1567 -32.23 -1.85 -9.96
CA ARG B 1567 -31.33 -2.76 -10.65
C ARG B 1567 -32.13 -3.76 -11.49
N PHE B 1568 -33.21 -4.31 -10.92
CA PHE B 1568 -33.99 -5.27 -11.68
C PHE B 1568 -34.72 -4.63 -12.84
N GLN B 1569 -35.15 -3.37 -12.70
CA GLN B 1569 -35.74 -2.69 -13.85
C GLN B 1569 -34.73 -2.54 -14.98
N SER B 1570 -33.49 -2.18 -14.65
CA SER B 1570 -32.45 -2.09 -15.68
C SER B 1570 -32.23 -3.44 -16.35
N ILE B 1571 -32.08 -4.50 -15.54
CA ILE B 1571 -31.83 -5.83 -16.09
C ILE B 1571 -33.01 -6.31 -16.92
N SER B 1572 -34.23 -6.03 -16.48
CA SER B 1572 -35.41 -6.42 -17.24
C SER B 1572 -35.47 -5.69 -18.57
N THR B 1573 -35.12 -4.40 -18.57
CA THR B 1573 -35.07 -3.67 -19.84
C THR B 1573 -34.08 -4.31 -20.80
N GLU B 1574 -32.89 -4.65 -20.30
CA GLU B 1574 -31.90 -5.32 -21.16
C GLU B 1574 -32.42 -6.67 -21.66
N PHE B 1575 -33.07 -7.44 -20.78
CA PHE B 1575 -33.56 -8.76 -21.15
C PHE B 1575 -34.64 -8.66 -22.22
N LEU B 1576 -35.58 -7.72 -22.06
CA LEU B 1576 -36.62 -7.56 -23.07
C LEU B 1576 -36.06 -7.04 -24.39
N ALA B 1577 -35.06 -6.16 -24.35
CA ALA B 1577 -34.41 -5.74 -25.59
C ALA B 1577 -33.78 -6.94 -26.31
N LEU B 1578 -33.04 -7.76 -25.56
CA LEU B 1578 -32.42 -8.93 -26.16
C LEU B 1578 -33.47 -9.90 -26.70
N MET B 1579 -34.56 -10.09 -25.96
CA MET B 1579 -35.55 -11.07 -26.35
C MET B 1579 -36.36 -10.58 -27.56
N LYS B 1580 -36.57 -9.27 -27.67
CA LYS B 1580 -37.13 -8.72 -28.90
C LYS B 1580 -36.20 -8.93 -30.08
N LYS B 1581 -34.90 -8.70 -29.88
CA LYS B 1581 -33.94 -8.97 -30.95
C LYS B 1581 -33.98 -10.44 -31.37
N VAL B 1582 -34.21 -11.34 -30.41
CA VAL B 1582 -34.33 -12.76 -30.73
C VAL B 1582 -35.64 -13.01 -31.48
N SER B 1583 -36.72 -12.35 -31.07
CA SER B 1583 -38.02 -12.59 -31.67
C SER B 1583 -38.07 -12.12 -33.13
N LYS B 1584 -37.35 -11.04 -33.46
CA LYS B 1584 -37.38 -10.59 -34.86
C LYS B 1584 -36.74 -11.60 -35.79
N SER B 1585 -35.88 -12.48 -35.27
CA SER B 1585 -35.24 -13.52 -36.07
C SER B 1585 -35.03 -14.75 -35.20
N PRO B 1586 -36.03 -15.64 -35.12
CA PRO B 1586 -35.95 -16.78 -34.20
C PRO B 1586 -35.02 -17.90 -34.65
N LEU B 1587 -34.32 -17.75 -35.77
CA LEU B 1587 -33.40 -18.79 -36.20
C LEU B 1587 -32.25 -18.92 -35.21
N VAL B 1588 -31.89 -20.17 -34.89
CA VAL B 1588 -30.93 -20.42 -33.82
C VAL B 1588 -29.57 -19.84 -34.17
N MET B 1589 -29.14 -19.99 -35.42
CA MET B 1589 -27.82 -19.50 -35.79
C MET B 1589 -27.75 -17.98 -35.82
N ASP B 1590 -28.84 -17.31 -36.16
CA ASP B 1590 -28.86 -15.85 -36.05
C ASP B 1590 -28.71 -15.41 -34.60
N VAL B 1591 -29.37 -16.12 -33.68
CA VAL B 1591 -29.23 -15.80 -32.26
C VAL B 1591 -27.81 -16.08 -31.79
N LEU B 1592 -27.20 -17.15 -32.31
CA LEU B 1592 -25.82 -17.46 -31.95
C LEU B 1592 -24.85 -16.37 -32.42
N ASN B 1593 -25.10 -15.80 -33.59
CA ASN B 1593 -24.19 -14.85 -34.20
C ASN B 1593 -24.39 -13.42 -33.71
N ILE B 1594 -25.32 -13.21 -32.77
CA ILE B 1594 -25.45 -11.88 -32.16
C ILE B 1594 -24.13 -11.53 -31.48
N GLN B 1595 -23.62 -10.34 -31.76
CA GLN B 1595 -22.31 -9.96 -31.25
C GLN B 1595 -22.36 -9.76 -29.74
N GLY B 1596 -21.47 -10.46 -29.03
CA GLY B 1596 -21.40 -10.34 -27.58
C GLY B 1596 -22.66 -10.76 -26.86
N VAL B 1597 -23.27 -11.86 -27.29
CA VAL B 1597 -24.49 -12.35 -26.63
C VAL B 1597 -24.17 -13.30 -25.50
N GLN B 1598 -23.11 -14.11 -25.63
CA GLN B 1598 -22.72 -15.02 -24.56
C GLN B 1598 -22.28 -14.24 -23.33
N ARG B 1599 -21.43 -13.24 -23.51
CA ARG B 1599 -21.01 -12.40 -22.39
C ARG B 1599 -22.18 -11.64 -21.80
N SER B 1600 -23.10 -11.17 -22.66
CA SER B 1600 -24.28 -10.46 -22.20
C SER B 1600 -25.12 -11.35 -21.29
N LEU B 1601 -25.35 -12.60 -21.70
CA LEU B 1601 -26.15 -13.50 -20.88
C LEU B 1601 -25.42 -13.92 -19.60
N GLU B 1602 -24.10 -14.08 -19.67
CA GLU B 1602 -23.36 -14.38 -18.45
C GLU B 1602 -23.48 -13.24 -17.45
N ARG B 1603 -23.36 -12.00 -17.92
CA ARG B 1603 -23.55 -10.84 -17.05
C ARG B 1603 -24.98 -10.79 -16.52
N LEU B 1604 -25.96 -11.09 -17.37
CA LEU B 1604 -27.35 -11.08 -16.94
C LEU B 1604 -27.57 -12.09 -15.82
N ALA B 1605 -27.04 -13.30 -15.99
CA ALA B 1605 -27.18 -14.33 -14.96
C ALA B 1605 -26.49 -13.92 -13.67
N ASP B 1606 -25.30 -13.34 -13.77
CA ASP B 1606 -24.56 -12.94 -12.58
C ASP B 1606 -25.33 -11.89 -11.79
N LEU B 1607 -25.83 -10.86 -12.48
CA LEU B 1607 -26.56 -9.80 -11.78
C LEU B 1607 -27.91 -10.28 -11.26
N LEU B 1608 -28.58 -11.19 -11.98
CA LEU B 1608 -29.81 -11.76 -11.45
C LEU B 1608 -29.53 -12.58 -10.19
N GLY B 1609 -28.41 -13.31 -10.17
CA GLY B 1609 -28.02 -14.03 -8.98
C GLY B 1609 -27.77 -13.12 -7.80
N LYS B 1610 -27.08 -12.00 -8.03
CA LYS B 1610 -26.93 -11.04 -6.94
C LYS B 1610 -28.24 -10.41 -6.52
N ILE B 1611 -29.19 -10.25 -7.45
CA ILE B 1611 -30.49 -9.70 -7.07
C ILE B 1611 -31.23 -10.65 -6.15
N GLN B 1612 -31.18 -11.96 -6.43
CA GLN B 1612 -31.87 -12.90 -5.57
C GLN B 1612 -31.35 -12.86 -4.14
N LYS B 1613 -30.03 -12.75 -3.97
CA LYS B 1613 -29.43 -12.77 -2.65
C LYS B 1613 -29.78 -11.56 -1.81
N ALA B 1614 -30.38 -10.53 -2.40
CA ALA B 1614 -30.76 -9.33 -1.67
C ALA B 1614 -32.22 -9.33 -1.24
N LEU B 1615 -32.93 -10.46 -1.40
CA LEU B 1615 -34.35 -10.55 -1.07
C LEU B 1615 -34.60 -11.37 0.19
N GLY B 1616 -33.61 -11.40 1.11
CA GLY B 1616 -33.78 -12.21 2.31
C GLY B 1616 -34.90 -11.71 3.21
N GLU B 1617 -34.94 -10.40 3.46
CA GLU B 1617 -35.93 -9.86 4.39
C GLU B 1617 -37.33 -9.89 3.79
N TYR B 1618 -37.44 -9.64 2.49
CA TYR B 1618 -38.73 -9.75 1.81
C TYR B 1618 -39.26 -11.18 1.92
N LEU B 1619 -38.39 -12.16 1.71
CA LEU B 1619 -38.81 -13.56 1.84
C LEU B 1619 -39.16 -13.90 3.29
N GLU B 1620 -38.46 -13.32 4.26
CA GLU B 1620 -38.79 -13.58 5.65
C GLU B 1620 -40.17 -13.03 6.00
N ARG B 1621 -40.50 -11.83 5.51
CA ARG B 1621 -41.85 -11.30 5.76
C ARG B 1621 -42.90 -12.14 5.04
N GLU B 1622 -42.59 -12.61 3.83
CA GLU B 1622 -43.52 -13.48 3.12
C GLU B 1622 -43.75 -14.78 3.91
N ARG B 1623 -42.69 -15.32 4.51
CA ARG B 1623 -42.85 -16.48 5.37
C ARG B 1623 -43.74 -16.17 6.55
N SER B 1624 -43.55 -15.00 7.15
CA SER B 1624 -44.42 -14.59 8.26
C SER B 1624 -45.87 -14.50 7.82
N SER B 1625 -46.13 -14.12 6.56
CA SER B 1625 -47.50 -14.04 6.07
C SER B 1625 -48.16 -15.42 6.04
N PHE B 1626 -47.50 -16.39 5.41
CA PHE B 1626 -48.03 -17.76 5.31
C PHE B 1626 -47.07 -18.69 6.04
N PRO B 1627 -47.44 -19.21 7.22
CA PRO B 1627 -46.46 -19.91 8.07
C PRO B 1627 -45.80 -21.11 7.40
N ARG B 1628 -46.52 -21.85 6.55
CA ARG B 1628 -45.95 -23.04 5.93
C ARG B 1628 -44.82 -22.71 4.97
N PHE B 1629 -44.63 -21.44 4.63
CA PHE B 1629 -43.48 -21.02 3.84
C PHE B 1629 -42.17 -21.14 4.61
N TYR B 1630 -42.23 -21.35 5.92
CA TYR B 1630 -41.01 -21.47 6.71
C TYR B 1630 -40.22 -22.74 6.39
N PHE B 1631 -40.87 -23.73 5.77
CA PHE B 1631 -40.22 -24.99 5.42
C PHE B 1631 -39.78 -25.01 3.96
N VAL B 1632 -39.78 -23.87 3.30
CA VAL B 1632 -39.43 -23.75 1.89
C VAL B 1632 -38.18 -22.89 1.77
N GLY B 1633 -37.24 -23.30 0.93
CA GLY B 1633 -36.00 -22.58 0.77
C GLY B 1633 -36.21 -21.23 0.10
N ASP B 1634 -35.12 -20.45 0.07
CA ASP B 1634 -35.19 -19.10 -0.45
C ASP B 1634 -35.52 -19.09 -1.95
N GLU B 1635 -34.80 -19.90 -2.74
CA GLU B 1635 -35.03 -19.91 -4.17
C GLU B 1635 -36.40 -20.50 -4.51
N ASP B 1636 -36.80 -21.56 -3.80
CA ASP B 1636 -38.11 -22.14 -4.02
C ASP B 1636 -39.22 -21.17 -3.62
N LEU B 1637 -39.01 -20.42 -2.54
CA LEU B 1637 -39.98 -19.41 -2.16
C LEU B 1637 -40.06 -18.29 -3.20
N LEU B 1638 -38.91 -17.89 -3.75
CA LEU B 1638 -38.91 -16.91 -4.82
C LEU B 1638 -39.71 -17.41 -6.02
N GLU B 1639 -39.53 -18.69 -6.37
CA GLU B 1639 -40.28 -19.28 -7.47
C GLU B 1639 -41.78 -19.32 -7.17
N ILE B 1640 -42.14 -19.65 -5.93
CA ILE B 1640 -43.55 -19.70 -5.56
C ILE B 1640 -44.19 -18.32 -5.64
N ILE B 1641 -43.50 -17.30 -5.10
CA ILE B 1641 -44.06 -15.96 -5.09
C ILE B 1641 -44.13 -15.38 -6.50
N GLY B 1642 -43.07 -15.56 -7.29
CA GLY B 1642 -43.03 -14.98 -8.62
C GLY B 1642 -43.92 -15.67 -9.63
N ASN B 1643 -44.14 -16.98 -9.47
CA ASN B 1643 -44.98 -17.75 -10.37
C ASN B 1643 -46.38 -17.99 -9.80
N SER B 1644 -46.90 -17.03 -9.02
CA SER B 1644 -48.24 -17.18 -8.48
C SER B 1644 -49.29 -17.17 -9.58
N LYS B 1645 -49.09 -16.35 -10.61
CA LYS B 1645 -50.02 -16.33 -11.74
C LYS B 1645 -50.01 -17.66 -12.49
N ASN B 1646 -48.82 -18.24 -12.68
CA ASN B 1646 -48.67 -19.52 -13.35
C ASN B 1646 -48.70 -20.62 -12.29
N VAL B 1647 -49.91 -21.01 -11.89
CA VAL B 1647 -50.09 -22.00 -10.84
C VAL B 1647 -49.67 -23.40 -11.26
N ALA B 1648 -49.38 -23.62 -12.54
CA ALA B 1648 -48.95 -24.93 -12.99
C ALA B 1648 -47.55 -25.28 -12.53
N LYS B 1649 -46.74 -24.29 -12.15
CA LYS B 1649 -45.39 -24.52 -11.69
C LYS B 1649 -45.29 -24.70 -10.17
N LEU B 1650 -46.38 -24.49 -9.45
CA LEU B 1650 -46.38 -24.65 -8.00
C LEU B 1650 -46.54 -26.09 -7.55
N GLN B 1651 -46.84 -27.01 -8.47
CA GLN B 1651 -47.19 -28.37 -8.08
C GLN B 1651 -46.02 -29.11 -7.46
N LYS B 1652 -44.79 -28.70 -7.78
CA LYS B 1652 -43.62 -29.41 -7.28
C LYS B 1652 -43.18 -28.94 -5.90
N HIS B 1653 -43.87 -27.97 -5.31
CA HIS B 1653 -43.49 -27.41 -4.02
C HIS B 1653 -44.43 -27.78 -2.89
N PHE B 1654 -45.65 -28.24 -3.21
CA PHE B 1654 -46.63 -28.55 -2.17
C PHE B 1654 -46.16 -29.64 -1.21
N LYS B 1655 -45.36 -30.61 -1.70
CA LYS B 1655 -44.83 -31.64 -0.83
C LYS B 1655 -43.96 -31.07 0.29
N LYS B 1656 -43.40 -29.87 0.09
CA LYS B 1656 -42.59 -29.24 1.13
C LYS B 1656 -43.43 -28.49 2.15
N MET B 1657 -44.71 -28.26 1.87
CA MET B 1657 -45.56 -27.48 2.75
C MET B 1657 -46.65 -28.28 3.44
N PHE B 1658 -46.98 -29.47 2.94
CA PHE B 1658 -48.07 -30.26 3.47
C PHE B 1658 -47.59 -31.69 3.75
N ALA B 1659 -48.34 -32.39 4.60
CA ALA B 1659 -47.97 -33.74 4.98
C ALA B 1659 -48.17 -34.72 3.83
N GLY B 1660 -49.29 -34.61 3.12
CA GLY B 1660 -49.60 -35.56 2.06
C GLY B 1660 -49.99 -34.92 0.75
N VAL B 1661 -50.20 -33.60 0.74
CA VAL B 1661 -50.61 -32.91 -0.48
C VAL B 1661 -49.40 -32.81 -1.41
N SER B 1662 -49.50 -33.48 -2.56
CA SER B 1662 -48.45 -33.42 -3.58
C SER B 1662 -48.81 -32.49 -4.73
N SER B 1663 -50.09 -32.27 -5.00
CA SER B 1663 -50.52 -31.37 -6.05
C SER B 1663 -51.95 -30.93 -5.76
N ILE B 1664 -52.35 -29.86 -6.41
CA ILE B 1664 -53.72 -29.34 -6.29
C ILE B 1664 -54.46 -29.63 -7.58
N ILE B 1665 -55.77 -29.85 -7.45
CA ILE B 1665 -56.64 -30.10 -8.59
C ILE B 1665 -57.23 -28.77 -9.03
N LEU B 1666 -57.12 -28.47 -10.32
CA LEU B 1666 -57.54 -27.19 -10.85
C LEU B 1666 -58.47 -27.40 -12.04
N ASN B 1667 -59.31 -26.41 -12.29
CA ASN B 1667 -60.23 -26.47 -13.41
C ASN B 1667 -59.48 -26.17 -14.71
N GLU B 1668 -60.24 -26.05 -15.80
CA GLU B 1668 -59.64 -25.75 -17.10
C GLU B 1668 -59.02 -24.36 -17.11
N ASP B 1669 -59.68 -23.39 -16.47
CA ASP B 1669 -59.18 -22.02 -16.45
C ASP B 1669 -58.02 -21.82 -15.50
N ASN B 1670 -57.69 -22.81 -14.66
CA ASN B 1670 -56.69 -22.67 -13.60
C ASN B 1670 -57.02 -21.49 -12.68
N SER B 1671 -58.31 -21.31 -12.39
CA SER B 1671 -58.76 -20.20 -11.56
C SER B 1671 -59.42 -20.62 -10.26
N VAL B 1672 -59.86 -21.87 -10.16
CA VAL B 1672 -60.54 -22.37 -8.96
C VAL B 1672 -59.85 -23.66 -8.53
N VAL B 1673 -59.52 -23.76 -7.24
CA VAL B 1673 -58.90 -24.96 -6.68
C VAL B 1673 -60.03 -25.92 -6.35
N LEU B 1674 -60.24 -26.91 -7.22
CA LEU B 1674 -61.31 -27.87 -6.99
C LEU B 1674 -60.99 -28.81 -5.84
N GLY B 1675 -59.71 -29.18 -5.68
CA GLY B 1675 -59.34 -30.10 -4.63
C GLY B 1675 -57.85 -30.29 -4.59
N ILE B 1676 -57.44 -31.33 -3.86
CA ILE B 1676 -56.04 -31.66 -3.65
C ILE B 1676 -55.81 -33.12 -4.01
N SER B 1677 -54.55 -33.47 -4.24
CA SER B 1677 -54.19 -34.84 -4.58
C SER B 1677 -52.89 -35.21 -3.88
N SER B 1678 -52.74 -36.49 -3.56
CA SER B 1678 -51.54 -36.99 -2.89
C SER B 1678 -50.55 -37.49 -3.94
N ARG B 1679 -49.45 -38.10 -3.47
CA ARG B 1679 -48.46 -38.66 -4.38
C ARG B 1679 -48.93 -39.94 -5.04
N GLU B 1680 -49.81 -40.70 -4.39
CA GLU B 1680 -50.32 -41.94 -4.93
C GLU B 1680 -51.48 -41.74 -5.91
N GLY B 1681 -51.87 -40.49 -6.17
CA GLY B 1681 -52.99 -40.20 -7.02
C GLY B 1681 -54.32 -40.07 -6.30
N GLU B 1682 -54.36 -40.32 -5.00
CA GLU B 1682 -55.59 -40.16 -4.24
C GLU B 1682 -56.01 -38.70 -4.21
N GLU B 1683 -57.31 -38.46 -4.36
CA GLU B 1683 -57.84 -37.12 -4.50
C GLU B 1683 -58.86 -36.81 -3.41
N VAL B 1684 -58.83 -35.56 -2.95
CA VAL B 1684 -59.83 -35.02 -2.03
C VAL B 1684 -60.48 -33.83 -2.73
N MET B 1685 -61.79 -33.90 -2.91
CA MET B 1685 -62.54 -32.88 -3.63
C MET B 1685 -63.21 -31.95 -2.62
N PHE B 1686 -62.93 -30.66 -2.73
CA PHE B 1686 -63.44 -29.69 -1.77
C PHE B 1686 -64.96 -29.56 -1.89
N LYS B 1687 -65.63 -29.53 -0.74
CA LYS B 1687 -67.06 -29.23 -0.74
C LYS B 1687 -67.33 -27.80 -1.19
N THR B 1688 -66.48 -26.87 -0.75
CA THR B 1688 -66.55 -25.47 -1.19
C THR B 1688 -65.28 -25.13 -1.96
N PRO B 1689 -65.31 -25.13 -3.28
CA PRO B 1689 -64.08 -24.88 -4.04
C PRO B 1689 -63.48 -23.52 -3.75
N VAL B 1690 -62.16 -23.46 -3.73
CA VAL B 1690 -61.43 -22.21 -3.47
C VAL B 1690 -61.13 -21.55 -4.81
N SER B 1691 -61.49 -20.28 -4.92
CA SER B 1691 -61.34 -19.53 -6.16
C SER B 1691 -60.15 -18.58 -6.04
N ILE B 1692 -59.32 -18.55 -7.10
CA ILE B 1692 -58.12 -17.73 -7.07
C ILE B 1692 -58.41 -16.29 -7.47
N THR B 1693 -59.44 -16.07 -8.30
CA THR B 1693 -59.74 -14.72 -8.76
C THR B 1693 -60.13 -13.79 -7.62
N GLU B 1694 -60.96 -14.29 -6.69
CA GLU B 1694 -61.36 -13.46 -5.55
C GLU B 1694 -60.20 -13.19 -4.61
N HIS B 1695 -59.28 -14.15 -4.47
CA HIS B 1695 -58.12 -14.03 -3.60
C HIS B 1695 -56.87 -14.31 -4.43
N PRO B 1696 -56.35 -13.31 -5.16
CA PRO B 1696 -55.23 -13.57 -6.07
C PRO B 1696 -53.88 -13.64 -5.39
N LYS B 1697 -53.74 -13.13 -4.17
CA LYS B 1697 -52.47 -13.26 -3.47
C LYS B 1697 -52.21 -14.72 -3.13
N ILE B 1698 -50.95 -15.14 -3.31
CA ILE B 1698 -50.60 -16.55 -3.14
C ILE B 1698 -50.88 -17.01 -1.71
N ASN B 1699 -50.51 -16.20 -0.72
CA ASN B 1699 -50.68 -16.60 0.67
C ASN B 1699 -52.15 -16.73 1.04
N GLU B 1700 -52.99 -15.81 0.58
CA GLU B 1700 -54.40 -15.85 0.97
C GLU B 1700 -55.10 -17.07 0.41
N TRP B 1701 -54.92 -17.36 -0.89
CA TRP B 1701 -55.63 -18.50 -1.44
C TRP B 1701 -55.00 -19.82 -1.00
N LEU B 1702 -53.71 -19.82 -0.68
CA LEU B 1702 -53.12 -21.02 -0.07
C LEU B 1702 -53.72 -21.27 1.32
N THR B 1703 -53.91 -20.21 2.11
CA THR B 1703 -54.55 -20.35 3.41
C THR B 1703 -55.99 -20.84 3.26
N LEU B 1704 -56.71 -20.31 2.27
CA LEU B 1704 -58.06 -20.78 1.99
C LEU B 1704 -58.05 -22.25 1.62
N VAL B 1705 -57.08 -22.68 0.82
CA VAL B 1705 -56.98 -24.09 0.45
C VAL B 1705 -56.73 -24.95 1.69
N GLU B 1706 -55.90 -24.48 2.61
CA GLU B 1706 -55.61 -25.26 3.81
C GLU B 1706 -56.84 -25.40 4.70
N LYS B 1707 -57.54 -24.29 4.96
CA LYS B 1707 -58.77 -24.39 5.75
C LYS B 1707 -59.81 -25.24 5.03
N GLU B 1708 -59.88 -25.14 3.70
CA GLU B 1708 -60.88 -25.90 2.97
C GLU B 1708 -60.57 -27.40 2.99
N MET B 1709 -59.30 -27.77 2.88
CA MET B 1709 -58.95 -29.18 2.99
C MET B 1709 -59.27 -29.71 4.38
N ARG B 1710 -59.02 -28.93 5.42
CA ARG B 1710 -59.40 -29.36 6.76
C ARG B 1710 -60.91 -29.58 6.88
N VAL B 1711 -61.69 -28.59 6.43
CA VAL B 1711 -63.15 -28.69 6.58
C VAL B 1711 -63.71 -29.82 5.72
N THR B 1712 -63.18 -29.99 4.51
CA THR B 1712 -63.64 -31.06 3.64
C THR B 1712 -63.32 -32.43 4.23
N LEU B 1713 -62.13 -32.58 4.82
CA LEU B 1713 -61.80 -33.83 5.48
C LEU B 1713 -62.74 -34.10 6.65
N ALA B 1714 -63.09 -33.05 7.41
CA ALA B 1714 -64.02 -33.22 8.52
C ALA B 1714 -65.39 -33.70 8.04
N LYS B 1715 -65.93 -33.05 7.00
CA LYS B 1715 -67.23 -33.46 6.49
C LYS B 1715 -67.19 -34.87 5.89
N LEU B 1716 -66.12 -35.19 5.17
CA LEU B 1716 -65.97 -36.52 4.60
C LEU B 1716 -65.88 -37.58 5.70
N LEU B 1717 -65.20 -37.24 6.80
CA LEU B 1717 -65.16 -38.16 7.93
C LEU B 1717 -66.55 -38.35 8.54
N ALA B 1718 -67.34 -37.28 8.62
CA ALA B 1718 -68.71 -37.42 9.12
C ALA B 1718 -69.52 -38.36 8.23
N GLU B 1719 -69.44 -38.17 6.92
CA GLU B 1719 -70.15 -39.06 6.01
C GLU B 1719 -69.63 -40.50 6.11
N SER B 1720 -68.32 -40.66 6.22
CA SER B 1720 -67.74 -42.00 6.30
C SER B 1720 -68.18 -42.72 7.56
N VAL B 1721 -68.22 -42.02 8.70
CA VAL B 1721 -68.62 -42.67 9.94
C VAL B 1721 -70.11 -42.99 9.92
N THR B 1722 -70.94 -42.09 9.40
CA THR B 1722 -72.36 -42.40 9.32
C THR B 1722 -72.64 -43.50 8.30
N GLU B 1723 -71.72 -43.77 7.37
CA GLU B 1723 -71.88 -44.90 6.49
C GLU B 1723 -71.37 -46.20 7.13
N VAL B 1724 -70.27 -46.13 7.88
CA VAL B 1724 -69.67 -47.34 8.45
C VAL B 1724 -70.41 -47.80 9.70
N GLU B 1725 -71.24 -46.95 10.30
CA GLU B 1725 -72.06 -47.42 11.42
C GLU B 1725 -72.96 -48.58 11.04
N ILE B 1726 -73.26 -48.74 9.75
CA ILE B 1726 -74.04 -49.90 9.30
C ILE B 1726 -73.20 -51.17 9.43
N PHE B 1727 -71.95 -51.11 8.99
CA PHE B 1727 -71.07 -52.28 9.10
C PHE B 1727 -70.85 -52.66 10.57
N GLY B 1728 -70.64 -51.67 11.42
CA GLY B 1728 -70.63 -51.92 12.84
C GLY B 1728 -72.00 -52.31 13.34
N LYS B 1729 -72.02 -52.99 14.48
CA LYS B 1729 -73.24 -53.48 15.13
C LYS B 1729 -73.98 -54.49 14.27
N ALA B 1730 -73.31 -55.12 13.30
CA ALA B 1730 -73.92 -56.07 12.40
C ALA B 1730 -73.22 -57.42 12.50
N THR B 1731 -74.01 -58.49 12.37
CA THR B 1731 -73.48 -59.85 12.46
C THR B 1731 -72.77 -60.29 11.19
N SER B 1732 -73.25 -59.86 10.02
CA SER B 1732 -72.68 -60.26 8.75
C SER B 1732 -72.34 -59.03 7.93
N ILE B 1733 -71.23 -59.10 7.19
CA ILE B 1733 -70.75 -58.00 6.37
C ILE B 1733 -70.73 -58.45 4.92
N ASP B 1734 -71.37 -57.68 4.05
CA ASP B 1734 -71.31 -57.95 2.61
C ASP B 1734 -69.97 -57.48 2.07
N PRO B 1735 -69.16 -58.37 1.48
CA PRO B 1735 -67.84 -57.93 0.98
C PRO B 1735 -67.93 -56.82 -0.06
N ASN B 1736 -68.91 -56.87 -0.96
CA ASN B 1736 -68.97 -55.89 -2.03
C ASN B 1736 -69.28 -54.49 -1.48
N THR B 1737 -70.24 -54.39 -0.56
CA THR B 1737 -70.56 -53.09 0.02
C THR B 1737 -69.39 -52.54 0.84
N TYR B 1738 -68.70 -53.41 1.57
CA TYR B 1738 -67.54 -52.97 2.33
C TYR B 1738 -66.43 -52.46 1.42
N ILE B 1739 -66.18 -53.17 0.31
CA ILE B 1739 -65.16 -52.73 -0.63
C ILE B 1739 -65.58 -51.42 -1.29
N THR B 1740 -66.87 -51.25 -1.57
CA THR B 1740 -67.35 -49.99 -2.12
C THR B 1740 -67.10 -48.83 -1.15
N TRP B 1741 -67.40 -49.05 0.13
CA TRP B 1741 -67.15 -48.02 1.13
C TRP B 1741 -65.66 -47.71 1.24
N ILE B 1742 -64.82 -48.74 1.19
CA ILE B 1742 -63.38 -48.54 1.26
C ILE B 1742 -62.89 -47.72 0.07
N ASP B 1743 -63.39 -48.03 -1.13
CA ASP B 1743 -62.98 -47.30 -2.33
C ASP B 1743 -63.48 -45.87 -2.32
N LYS B 1744 -64.64 -45.62 -1.72
CA LYS B 1744 -65.22 -44.29 -1.78
C LYS B 1744 -64.40 -43.27 -0.99
N TYR B 1745 -63.92 -43.64 0.19
CA TYR B 1745 -63.35 -42.70 1.13
C TYR B 1745 -61.83 -42.83 1.19
N GLN B 1746 -61.21 -41.86 1.88
CA GLN B 1746 -59.76 -41.81 1.98
C GLN B 1746 -59.24 -42.86 2.95
N ALA B 1747 -57.95 -43.20 2.78
CA ALA B 1747 -57.34 -44.23 3.62
C ALA B 1747 -57.34 -43.83 5.09
N GLN B 1748 -56.83 -42.62 5.37
CA GLN B 1748 -56.87 -42.13 6.75
C GLN B 1748 -58.31 -42.05 7.24
N LEU B 1749 -59.24 -41.68 6.35
CA LEU B 1749 -60.64 -41.55 6.75
C LEU B 1749 -61.27 -42.91 7.03
N VAL B 1750 -60.97 -43.93 6.22
CA VAL B 1750 -61.57 -45.23 6.48
C VAL B 1750 -60.99 -45.85 7.75
N VAL B 1751 -59.68 -45.69 7.98
CA VAL B 1751 -59.11 -46.19 9.23
C VAL B 1751 -59.70 -45.46 10.42
N LEU B 1752 -59.84 -44.14 10.32
CA LEU B 1752 -60.42 -43.36 11.41
C LEU B 1752 -61.86 -43.77 11.67
N SER B 1753 -62.64 -44.01 10.61
CA SER B 1753 -64.03 -44.41 10.78
C SER B 1753 -64.12 -45.79 11.44
N ALA B 1754 -63.25 -46.73 11.05
CA ALA B 1754 -63.24 -48.03 11.70
C ALA B 1754 -62.91 -47.89 13.18
N GLN B 1755 -61.93 -47.06 13.52
CA GLN B 1755 -61.59 -46.85 14.93
C GLN B 1755 -62.75 -46.24 15.70
N ILE B 1756 -63.41 -45.25 15.10
CA ILE B 1756 -64.55 -44.61 15.76
C ILE B 1756 -65.66 -45.61 16.01
N ALA B 1757 -65.99 -46.41 14.98
CA ALA B 1757 -67.08 -47.38 15.12
C ALA B 1757 -66.76 -48.40 16.20
N TRP B 1758 -65.52 -48.90 16.22
CA TRP B 1758 -65.14 -49.88 17.24
C TRP B 1758 -65.19 -49.27 18.64
N SER B 1759 -64.74 -48.02 18.78
CA SER B 1759 -64.78 -47.37 20.08
C SER B 1759 -66.20 -47.19 20.58
N GLU B 1760 -67.10 -46.76 19.68
CA GLU B 1760 -68.50 -46.61 20.08
C GLU B 1760 -69.09 -47.95 20.48
N ASN B 1761 -68.83 -49.00 19.70
CA ASN B 1761 -69.36 -50.32 20.01
C ASN B 1761 -68.87 -50.79 21.38
N VAL B 1762 -67.58 -50.60 21.66
CA VAL B 1762 -67.02 -51.08 22.92
C VAL B 1762 -67.59 -50.29 24.09
N GLU B 1763 -67.74 -48.97 23.94
CA GLU B 1763 -68.27 -48.21 25.07
C GLU B 1763 -69.73 -48.56 25.34
N THR B 1764 -70.52 -48.80 24.29
CA THR B 1764 -71.90 -49.23 24.54
C THR B 1764 -71.94 -50.63 25.17
N ALA B 1765 -71.05 -51.53 24.75
CA ALA B 1765 -71.00 -52.84 25.39
C ALA B 1765 -70.66 -52.73 26.86
N LEU B 1766 -69.69 -51.88 27.21
CA LEU B 1766 -69.33 -51.71 28.62
C LEU B 1766 -70.44 -51.02 29.40
N SER B 1767 -71.14 -50.08 28.77
CA SER B 1767 -72.29 -49.46 29.44
C SER B 1767 -73.37 -50.49 29.73
N SER B 1768 -73.61 -51.42 28.80
CA SER B 1768 -74.55 -52.50 29.05
C SER B 1768 -74.07 -53.41 30.17
N MET B 1769 -72.78 -53.73 30.19
CA MET B 1769 -72.24 -54.63 31.20
C MET B 1769 -72.03 -53.96 32.55
N GLY B 1770 -72.20 -52.64 32.64
CA GLY B 1770 -72.00 -51.90 33.88
C GLY B 1770 -72.78 -52.44 35.08
N GLY B 1771 -73.68 -53.39 34.88
CA GLY B 1771 -74.41 -53.97 35.99
C GLY B 1771 -73.62 -54.95 36.83
N GLY B 1772 -72.42 -55.32 36.39
CA GLY B 1772 -71.59 -56.23 37.15
C GLY B 1772 -71.90 -57.70 36.89
N GLY B 1773 -73.09 -58.14 37.28
CA GLY B 1773 -73.54 -59.49 37.07
C GLY B 1773 -74.24 -59.74 35.75
N ASP B 1774 -74.28 -58.74 34.87
CA ASP B 1774 -74.96 -58.88 33.60
C ASP B 1774 -74.17 -59.79 32.66
N ALA B 1775 -74.78 -60.12 31.53
CA ALA B 1775 -74.12 -60.92 30.51
C ALA B 1775 -73.03 -60.11 29.82
N ALA B 1776 -72.40 -60.71 28.82
CA ALA B 1776 -71.27 -60.10 28.12
C ALA B 1776 -71.60 -59.93 26.64
N PRO B 1777 -72.27 -58.83 26.27
CA PRO B 1777 -72.38 -58.49 24.84
C PRO B 1777 -71.07 -58.08 24.21
N LEU B 1778 -70.04 -57.84 25.02
CA LEU B 1778 -68.73 -57.47 24.47
C LEU B 1778 -68.21 -58.52 23.50
N HIS B 1779 -68.46 -59.81 23.80
CA HIS B 1779 -68.09 -60.87 22.87
C HIS B 1779 -68.64 -60.60 21.49
N SER B 1780 -69.89 -60.15 21.39
CA SER B 1780 -70.48 -59.82 20.09
C SER B 1780 -69.60 -58.81 19.35
N VAL B 1781 -69.16 -57.75 20.05
CA VAL B 1781 -68.26 -56.80 19.43
C VAL B 1781 -67.03 -57.51 18.90
N LEU B 1782 -66.41 -58.34 19.74
CA LEU B 1782 -65.30 -59.16 19.27
C LEU B 1782 -65.68 -59.93 18.02
N SER B 1783 -66.81 -60.64 18.08
CA SER B 1783 -67.27 -61.38 16.90
C SER B 1783 -67.35 -60.47 15.69
N ASN B 1784 -67.94 -59.29 15.85
CA ASN B 1784 -68.04 -58.35 14.75
C ASN B 1784 -66.65 -58.11 14.15
N VAL B 1785 -65.69 -57.75 14.99
CA VAL B 1785 -64.34 -57.51 14.50
C VAL B 1785 -63.85 -58.72 13.73
N GLU B 1786 -63.97 -59.92 14.33
CA GLU B 1786 -63.52 -61.12 13.65
C GLU B 1786 -64.12 -61.20 12.25
N VAL B 1787 -65.44 -61.03 12.15
CA VAL B 1787 -66.10 -61.17 10.85
C VAL B 1787 -65.46 -60.20 9.87
N THR B 1788 -65.36 -58.92 10.26
CA THR B 1788 -64.80 -57.93 9.36
C THR B 1788 -63.38 -58.32 8.97
N LEU B 1789 -62.58 -58.74 9.95
CA LEU B 1789 -61.21 -59.13 9.65
C LEU B 1789 -61.19 -60.23 8.61
N ASN B 1790 -62.04 -61.26 8.78
CA ASN B 1790 -62.07 -62.33 7.80
C ASN B 1790 -62.38 -61.78 6.42
N VAL B 1791 -63.38 -60.90 6.32
CA VAL B 1791 -63.68 -60.29 5.04
C VAL B 1791 -62.45 -59.59 4.49
N LEU B 1792 -61.82 -58.76 5.32
CA LEU B 1792 -60.60 -58.08 4.91
C LEU B 1792 -59.55 -59.11 4.52
N ALA B 1793 -59.41 -60.16 5.33
CA ALA B 1793 -58.46 -61.22 4.98
C ALA B 1793 -58.75 -61.76 3.59
N ASP B 1794 -60.01 -62.11 3.32
CA ASP B 1794 -60.34 -62.63 2.00
C ASP B 1794 -59.97 -61.63 0.92
N SER B 1795 -60.20 -60.34 1.20
CA SER B 1795 -59.98 -59.32 0.18
C SER B 1795 -58.51 -59.24 -0.23
N VAL B 1796 -57.60 -59.70 0.63
CA VAL B 1796 -56.19 -59.64 0.25
C VAL B 1796 -55.66 -60.96 -0.28
N LEU B 1797 -56.48 -62.03 -0.26
CA LEU B 1797 -56.04 -63.25 -0.94
C LEU B 1797 -56.23 -63.18 -2.45
N MET B 1798 -56.95 -62.19 -2.94
CA MET B 1798 -57.12 -61.97 -4.37
C MET B 1798 -56.37 -60.71 -4.78
N GLU B 1799 -56.44 -60.38 -6.07
CA GLU B 1799 -55.73 -59.22 -6.60
C GLU B 1799 -56.61 -57.98 -6.45
N GLN B 1800 -56.01 -56.90 -5.96
CA GLN B 1800 -56.69 -55.64 -5.70
C GLN B 1800 -55.90 -54.50 -6.34
N PRO B 1801 -56.56 -53.39 -6.65
CA PRO B 1801 -55.83 -52.21 -7.08
C PRO B 1801 -54.90 -51.73 -6.00
N PRO B 1802 -53.74 -51.15 -6.36
CA PRO B 1802 -52.74 -50.80 -5.35
C PRO B 1802 -53.25 -49.89 -4.23
N LEU B 1803 -54.05 -48.87 -4.57
CA LEU B 1803 -54.56 -47.98 -3.54
C LEU B 1803 -55.53 -48.70 -2.61
N ARG B 1804 -56.45 -49.47 -3.19
CA ARG B 1804 -57.38 -50.23 -2.37
C ARG B 1804 -56.64 -51.32 -1.59
N ARG B 1805 -55.58 -51.87 -2.16
CA ARG B 1805 -54.76 -52.85 -1.43
C ARG B 1805 -54.11 -52.21 -0.21
N ARG B 1806 -53.59 -50.99 -0.36
CA ARG B 1806 -52.99 -50.29 0.77
C ARG B 1806 -54.04 -49.98 1.84
N LYS B 1807 -55.24 -49.57 1.40
CA LYS B 1807 -56.32 -49.34 2.36
C LYS B 1807 -56.68 -50.63 3.09
N LEU B 1808 -56.72 -51.75 2.37
CA LEU B 1808 -57.02 -53.04 2.99
C LEU B 1808 -55.96 -53.42 4.01
N GLU B 1809 -54.69 -53.19 3.69
CA GLU B 1809 -53.63 -53.50 4.65
C GLU B 1809 -53.75 -52.65 5.90
N HIS B 1810 -54.02 -51.36 5.72
CA HIS B 1810 -54.20 -50.47 6.88
C HIS B 1810 -55.36 -50.93 7.75
N LEU B 1811 -56.48 -51.28 7.11
CA LEU B 1811 -57.65 -51.74 7.85
C LEU B 1811 -57.38 -53.06 8.54
N ILE B 1812 -56.62 -53.96 7.90
CA ILE B 1812 -56.29 -55.23 8.54
C ILE B 1812 -55.44 -54.99 9.78
N THR B 1813 -54.45 -54.10 9.68
CA THR B 1813 -53.61 -53.80 10.84
C THR B 1813 -54.44 -53.23 11.98
N GLU B 1814 -55.29 -52.25 11.68
CA GLU B 1814 -56.10 -51.63 12.73
C GLU B 1814 -57.09 -52.62 13.33
N LEU B 1815 -57.69 -53.47 12.49
CA LEU B 1815 -58.66 -54.44 12.99
C LEU B 1815 -57.99 -55.53 13.82
N VAL B 1816 -56.75 -55.91 13.47
CA VAL B 1816 -56.00 -56.85 14.31
C VAL B 1816 -55.73 -56.23 15.67
N HIS B 1817 -55.33 -54.95 15.70
CA HIS B 1817 -55.11 -54.29 16.98
C HIS B 1817 -56.41 -54.24 17.80
N GLN B 1818 -57.53 -53.92 17.15
CA GLN B 1818 -58.80 -53.85 17.86
C GLN B 1818 -59.23 -55.21 18.38
N ARG B 1819 -59.00 -56.25 17.58
CA ARG B 1819 -59.32 -57.61 18.00
C ARG B 1819 -58.49 -58.03 19.20
N ASP B 1820 -57.19 -57.71 19.21
CA ASP B 1820 -56.36 -58.02 20.36
C ASP B 1820 -56.81 -57.25 21.60
N VAL B 1821 -57.17 -55.98 21.44
CA VAL B 1821 -57.64 -55.19 22.57
C VAL B 1821 -58.95 -55.76 23.12
N THR B 1822 -59.83 -56.22 22.23
CA THR B 1822 -61.10 -56.77 22.68
C THR B 1822 -60.89 -58.08 23.43
N ARG B 1823 -59.99 -58.95 22.95
CA ARG B 1823 -59.68 -60.14 23.75
C ARG B 1823 -59.06 -59.77 25.10
N SER B 1824 -58.22 -58.74 25.13
CA SER B 1824 -57.63 -58.31 26.41
C SER B 1824 -58.72 -57.85 27.38
N LEU B 1825 -59.71 -57.11 26.86
CA LEU B 1825 -60.82 -56.67 27.70
C LEU B 1825 -61.64 -57.85 28.19
N ILE B 1826 -61.90 -58.82 27.31
CA ILE B 1826 -62.75 -59.95 27.69
C ILE B 1826 -62.04 -60.84 28.72
N LYS B 1827 -60.76 -61.13 28.50
CA LYS B 1827 -60.04 -62.03 29.39
C LYS B 1827 -59.93 -61.45 30.80
N SER B 1828 -59.69 -60.15 30.90
CA SER B 1828 -59.60 -59.49 32.21
C SER B 1828 -60.96 -59.24 32.84
N LYS B 1829 -62.05 -59.52 32.12
CA LYS B 1829 -63.41 -59.40 32.64
C LYS B 1829 -63.73 -57.96 33.03
N ILE B 1830 -63.54 -57.06 32.08
CA ILE B 1830 -63.85 -55.64 32.28
C ILE B 1830 -65.34 -55.44 32.03
N ASP B 1831 -66.02 -54.84 33.00
CA ASP B 1831 -67.46 -54.60 32.91
C ASP B 1831 -67.85 -53.15 33.15
N ASN B 1832 -66.87 -52.24 33.24
CA ASN B 1832 -67.15 -50.83 33.50
C ASN B 1832 -66.44 -49.97 32.46
N ALA B 1833 -67.13 -48.93 31.98
CA ALA B 1833 -66.54 -48.01 31.03
C ALA B 1833 -65.52 -47.07 31.66
N LYS B 1834 -65.50 -46.96 32.99
CA LYS B 1834 -64.54 -46.15 33.69
C LYS B 1834 -63.31 -46.93 34.14
N SER B 1835 -63.27 -48.23 33.87
CA SER B 1835 -62.12 -49.04 34.26
C SER B 1835 -60.90 -48.62 33.47
N PHE B 1836 -59.73 -48.67 34.13
CA PHE B 1836 -58.52 -48.20 33.47
C PHE B 1836 -58.06 -49.14 32.37
N GLU B 1837 -58.44 -50.42 32.44
CA GLU B 1837 -58.09 -51.34 31.37
C GLU B 1837 -58.69 -50.91 30.05
N TRP B 1838 -59.85 -50.25 30.08
CA TRP B 1838 -60.43 -49.66 28.88
C TRP B 1838 -59.98 -48.22 28.69
N LEU B 1839 -59.81 -47.48 29.77
CA LEU B 1839 -59.40 -46.08 29.66
C LEU B 1839 -58.00 -45.97 29.08
N SER B 1840 -57.08 -46.84 29.49
CA SER B 1840 -55.71 -46.79 28.98
C SER B 1840 -55.64 -47.00 27.48
N GLN B 1841 -56.63 -47.66 26.89
CA GLN B 1841 -56.70 -47.79 25.45
C GLN B 1841 -57.07 -46.46 24.81
N MET B 1842 -56.66 -46.29 23.55
CA MET B 1842 -56.88 -45.05 22.83
C MET B 1842 -58.26 -45.09 22.17
N ARG B 1843 -59.13 -44.14 22.53
CA ARG B 1843 -60.53 -44.19 22.18
C ARG B 1843 -60.94 -42.96 21.39
N PHE B 1844 -61.77 -43.18 20.38
CA PHE B 1844 -62.24 -42.13 19.48
C PHE B 1844 -63.73 -41.89 19.72
N TYR B 1845 -64.11 -40.63 19.89
CA TYR B 1845 -65.50 -40.26 20.12
C TYR B 1845 -65.93 -39.27 19.04
N PHE B 1846 -67.02 -39.59 18.36
CA PHE B 1846 -67.57 -38.73 17.31
C PHE B 1846 -68.89 -38.14 17.79
N ASP B 1847 -69.03 -36.83 17.67
CA ASP B 1847 -70.21 -36.10 18.10
C ASP B 1847 -70.87 -35.51 16.86
N PRO B 1848 -71.84 -36.21 16.26
CA PRO B 1848 -72.50 -35.68 15.06
C PRO B 1848 -73.23 -34.37 15.30
N LYS B 1849 -73.74 -34.16 16.51
CA LYS B 1849 -74.50 -32.96 16.85
C LYS B 1849 -73.61 -31.80 17.30
N GLN B 1850 -72.32 -31.84 16.99
CA GLN B 1850 -71.41 -30.75 17.29
C GLN B 1850 -71.45 -29.73 16.15
N THR B 1851 -71.62 -28.46 16.51
CA THR B 1851 -71.76 -27.41 15.49
C THR B 1851 -70.50 -27.29 14.63
N ASP B 1852 -69.33 -27.33 15.26
CA ASP B 1852 -68.08 -27.18 14.53
C ASP B 1852 -67.61 -28.55 14.04
N VAL B 1853 -67.38 -28.67 12.73
CA VAL B 1853 -66.98 -29.95 12.16
C VAL B 1853 -65.61 -30.38 12.67
N LEU B 1854 -64.71 -29.43 12.89
CA LEU B 1854 -63.36 -29.77 13.33
C LEU B 1854 -63.32 -30.31 14.75
N GLN B 1855 -64.33 -30.02 15.56
CA GLN B 1855 -64.38 -30.46 16.96
C GLN B 1855 -65.32 -31.65 17.17
N GLN B 1856 -65.83 -32.25 16.09
CA GLN B 1856 -66.72 -33.40 16.24
C GLN B 1856 -65.98 -34.61 16.77
N LEU B 1857 -64.73 -34.80 16.34
CA LEU B 1857 -63.94 -35.96 16.73
C LEU B 1857 -63.02 -35.59 17.88
N SER B 1858 -63.03 -36.41 18.93
CA SER B 1858 -62.13 -36.25 20.06
C SER B 1858 -61.45 -37.59 20.34
N ILE B 1859 -60.13 -37.57 20.45
CA ILE B 1859 -59.35 -38.76 20.72
C ILE B 1859 -58.79 -38.66 22.13
N GLN B 1860 -59.04 -39.68 22.95
CA GLN B 1860 -58.62 -39.67 24.34
C GLN B 1860 -57.86 -40.93 24.68
N MET B 1861 -56.75 -40.79 25.39
CA MET B 1861 -56.01 -41.92 25.96
C MET B 1861 -55.89 -41.71 27.47
N ALA B 1862 -56.96 -42.06 28.18
CA ALA B 1862 -57.03 -42.27 29.62
C ALA B 1862 -56.88 -41.00 30.46
N ASN B 1863 -56.31 -39.93 29.91
CA ASN B 1863 -56.31 -38.68 30.64
C ASN B 1863 -56.45 -37.52 29.65
N ALA B 1864 -55.95 -37.73 28.43
CA ALA B 1864 -55.62 -36.66 27.51
C ALA B 1864 -56.69 -36.55 26.44
N LYS B 1865 -57.12 -35.32 26.15
CA LYS B 1865 -58.13 -35.04 25.15
C LYS B 1865 -57.47 -34.29 24.00
N PHE B 1866 -57.46 -34.90 22.82
CA PHE B 1866 -56.93 -34.29 21.61
C PHE B 1866 -58.04 -34.14 20.59
N ASN B 1867 -57.88 -33.18 19.69
CA ASN B 1867 -58.77 -33.01 18.55
C ASN B 1867 -58.00 -33.37 17.29
N TYR B 1868 -58.68 -34.01 16.35
CA TYR B 1868 -58.04 -34.36 15.08
C TYR B 1868 -57.65 -33.10 14.34
N GLY B 1869 -56.39 -33.06 13.88
CA GLY B 1869 -55.93 -31.92 13.12
C GLY B 1869 -56.44 -31.84 11.71
N PHE B 1870 -56.93 -32.97 11.18
CA PHE B 1870 -57.49 -33.05 9.82
C PHE B 1870 -56.48 -32.61 8.77
N GLU B 1871 -55.20 -32.87 9.01
CA GLU B 1871 -54.18 -32.74 7.98
C GLU B 1871 -54.30 -33.91 7.02
N TYR B 1872 -54.28 -33.63 5.71
CA TYR B 1872 -54.35 -34.70 4.72
C TYR B 1872 -53.00 -35.40 4.69
N LEU B 1873 -52.94 -36.60 5.25
CA LEU B 1873 -51.71 -37.37 5.34
C LEU B 1873 -51.48 -38.27 4.14
N GLY B 1874 -52.40 -38.27 3.18
CA GLY B 1874 -52.24 -39.15 2.03
C GLY B 1874 -52.35 -40.60 2.44
N VAL B 1875 -51.51 -41.45 1.84
CA VAL B 1875 -51.47 -42.86 2.19
C VAL B 1875 -50.16 -43.15 2.92
N GLN B 1876 -50.17 -43.07 4.24
CA GLN B 1876 -49.00 -43.35 5.04
C GLN B 1876 -48.85 -44.86 5.26
N ASP B 1877 -47.68 -45.26 5.72
CA ASP B 1877 -47.40 -46.66 6.04
C ASP B 1877 -47.68 -46.89 7.52
N LYS B 1878 -48.81 -47.52 7.81
CA LYS B 1878 -49.21 -47.75 9.19
C LYS B 1878 -48.28 -48.77 9.86
N LEU B 1879 -48.10 -48.60 11.17
CA LEU B 1879 -47.30 -49.51 11.97
C LEU B 1879 -48.18 -50.53 12.68
N VAL B 1880 -47.57 -51.65 13.04
CA VAL B 1880 -48.24 -52.64 13.86
C VAL B 1880 -48.29 -52.14 15.29
N GLN B 1881 -49.48 -52.17 15.90
CA GLN B 1881 -49.68 -51.63 17.24
C GLN B 1881 -49.20 -52.65 18.27
N THR B 1882 -47.88 -52.74 18.42
CA THR B 1882 -47.27 -53.63 19.39
C THR B 1882 -47.47 -53.09 20.80
N PRO B 1883 -47.30 -53.95 21.82
CA PRO B 1883 -47.37 -53.44 23.20
C PRO B 1883 -46.39 -52.31 23.47
N LEU B 1884 -45.19 -52.37 22.89
CA LEU B 1884 -44.26 -51.25 23.02
C LEU B 1884 -44.82 -49.99 22.37
N THR B 1885 -45.48 -50.13 21.22
CA THR B 1885 -46.11 -48.98 20.58
C THR B 1885 -47.24 -48.42 21.44
N ASP B 1886 -48.01 -49.29 22.09
CA ASP B 1886 -49.05 -48.83 23.00
C ASP B 1886 -48.46 -48.06 24.18
N ARG B 1887 -47.37 -48.58 24.75
CA ARG B 1887 -46.73 -47.90 25.87
C ARG B 1887 -46.17 -46.55 25.43
N CYS B 1888 -45.60 -46.49 24.23
CA CYS B 1888 -45.10 -45.23 23.69
C CYS B 1888 -46.24 -44.25 23.49
N TYR B 1889 -47.37 -44.72 22.97
CA TYR B 1889 -48.54 -43.86 22.78
C TYR B 1889 -49.01 -43.31 24.13
N LEU B 1890 -49.09 -44.16 25.14
CA LEU B 1890 -49.55 -43.72 26.45
C LEU B 1890 -48.61 -42.67 27.03
N THR B 1891 -47.30 -42.93 27.02
CA THR B 1891 -46.34 -41.99 27.59
C THR B 1891 -46.34 -40.67 26.82
N MET B 1892 -46.41 -40.72 25.50
CA MET B 1892 -46.34 -39.50 24.71
C MET B 1892 -47.62 -38.68 24.88
N THR B 1893 -48.78 -39.34 24.96
CA THR B 1893 -50.02 -38.59 25.20
C THR B 1893 -50.03 -38.00 26.61
N GLN B 1894 -49.46 -38.71 27.59
CA GLN B 1894 -49.34 -38.13 28.92
C GLN B 1894 -48.44 -36.90 28.91
N ALA B 1895 -47.34 -36.96 28.15
CA ALA B 1895 -46.49 -35.79 28.01
C ALA B 1895 -47.21 -34.64 27.32
N LEU B 1896 -48.00 -34.94 26.29
CA LEU B 1896 -48.74 -33.91 25.57
C LEU B 1896 -49.79 -33.25 26.46
N GLU B 1897 -50.49 -34.04 27.28
CA GLU B 1897 -51.50 -33.48 28.18
C GLU B 1897 -50.86 -32.54 29.18
N ALA B 1898 -49.68 -32.88 29.70
CA ALA B 1898 -48.94 -32.01 30.60
C ALA B 1898 -48.22 -30.89 29.89
N ARG B 1899 -48.45 -30.71 28.58
CA ARG B 1899 -47.81 -29.69 27.76
C ARG B 1899 -46.29 -29.83 27.75
N LEU B 1900 -45.78 -31.03 28.00
CA LEU B 1900 -44.36 -31.31 27.92
C LEU B 1900 -44.04 -31.87 26.53
N GLY B 1901 -42.78 -32.21 26.30
CA GLY B 1901 -42.37 -32.90 25.10
C GLY B 1901 -42.16 -34.38 25.38
N GLY B 1902 -41.96 -35.12 24.29
CA GLY B 1902 -41.73 -36.55 24.36
C GLY B 1902 -40.31 -36.89 23.98
N SER B 1903 -39.70 -37.81 24.71
CA SER B 1903 -38.32 -38.24 24.48
C SER B 1903 -38.23 -39.75 24.50
N PRO B 1904 -38.54 -40.40 23.39
CA PRO B 1904 -38.20 -41.82 23.26
C PRO B 1904 -36.70 -41.99 23.05
N PHE B 1905 -36.10 -42.90 23.82
CA PHE B 1905 -34.68 -43.15 23.73
C PHE B 1905 -34.42 -44.66 23.69
N GLY B 1906 -33.28 -45.02 23.13
CA GLY B 1906 -32.90 -46.40 22.99
C GLY B 1906 -31.95 -46.61 21.83
N PRO B 1907 -31.53 -47.85 21.61
CA PRO B 1907 -30.65 -48.14 20.49
C PRO B 1907 -31.36 -47.94 19.16
N ALA B 1908 -30.56 -47.93 18.09
CA ALA B 1908 -31.09 -47.71 16.76
C ALA B 1908 -31.96 -48.87 16.32
N GLY B 1909 -32.94 -48.58 15.47
CA GLY B 1909 -33.79 -49.60 14.91
C GLY B 1909 -34.89 -50.10 15.82
N THR B 1910 -35.22 -49.36 16.88
CA THR B 1910 -36.27 -49.74 17.80
C THR B 1910 -37.62 -49.08 17.48
N GLY B 1911 -37.69 -48.27 16.43
CA GLY B 1911 -38.94 -47.67 16.04
C GLY B 1911 -39.37 -46.48 16.88
N LYS B 1912 -38.46 -45.54 17.13
CA LYS B 1912 -38.81 -44.35 17.91
C LYS B 1912 -39.36 -43.25 17.02
N THR B 1913 -38.63 -42.91 15.95
CA THR B 1913 -39.10 -41.91 15.00
C THR B 1913 -40.41 -42.35 14.36
N GLU B 1914 -40.51 -43.62 13.98
CA GLU B 1914 -41.72 -44.11 13.35
C GLU B 1914 -42.89 -44.12 14.33
N SER B 1915 -42.63 -44.45 15.60
CA SER B 1915 -43.71 -44.41 16.59
C SER B 1915 -44.21 -42.99 16.80
N VAL B 1916 -43.29 -42.02 16.86
CA VAL B 1916 -43.70 -40.62 17.00
C VAL B 1916 -44.51 -40.18 15.79
N LYS B 1917 -44.04 -40.53 14.59
CA LYS B 1917 -44.77 -40.18 13.37
C LYS B 1917 -46.14 -40.84 13.33
N ALA B 1918 -46.23 -42.10 13.76
CA ALA B 1918 -47.50 -42.80 13.76
C ALA B 1918 -48.48 -42.18 14.74
N LEU B 1919 -48.01 -41.79 15.92
CA LEU B 1919 -48.88 -41.11 16.87
C LEU B 1919 -49.34 -39.76 16.32
N GLY B 1920 -48.43 -39.03 15.67
CA GLY B 1920 -48.82 -37.76 15.05
C GLY B 1920 -49.85 -37.93 13.96
N HIS B 1921 -49.71 -38.98 13.15
CA HIS B 1921 -50.68 -39.25 12.10
C HIS B 1921 -52.00 -39.74 12.67
N GLN B 1922 -51.96 -40.42 13.82
CA GLN B 1922 -53.19 -40.87 14.46
C GLN B 1922 -54.04 -39.70 14.92
N LEU B 1923 -53.41 -38.58 15.28
CA LEU B 1923 -54.10 -37.37 15.66
C LEU B 1923 -54.25 -36.39 14.49
N GLY B 1924 -53.93 -36.83 13.28
CA GLY B 1924 -54.05 -35.97 12.11
C GLY B 1924 -53.14 -34.76 12.17
N ARG B 1925 -51.92 -34.93 12.66
CA ARG B 1925 -50.98 -33.84 12.82
C ARG B 1925 -49.94 -33.87 11.70
N PHE B 1926 -49.44 -32.68 11.36
CA PHE B 1926 -48.36 -32.55 10.40
C PHE B 1926 -47.06 -32.74 11.17
N VAL B 1927 -46.42 -33.89 10.98
CA VAL B 1927 -45.21 -34.25 11.70
C VAL B 1927 -44.02 -33.96 10.80
N LEU B 1928 -43.09 -33.15 11.29
CA LEU B 1928 -41.87 -32.80 10.57
C LEU B 1928 -40.68 -33.45 11.27
N VAL B 1929 -39.92 -34.23 10.50
CA VAL B 1929 -38.77 -34.96 11.03
C VAL B 1929 -37.51 -34.19 10.67
N PHE B 1930 -36.67 -33.92 11.68
CA PHE B 1930 -35.42 -33.20 11.49
C PHE B 1930 -34.27 -34.10 11.93
N ASN B 1931 -33.24 -34.19 11.10
CA ASN B 1931 -32.03 -34.94 11.43
C ASN B 1931 -31.03 -33.94 11.99
N CYS B 1932 -31.08 -33.77 13.32
CA CYS B 1932 -30.28 -32.74 13.97
C CYS B 1932 -28.80 -33.10 13.96
N ASP B 1933 -27.96 -32.07 13.99
CA ASP B 1933 -26.52 -32.23 14.13
C ASP B 1933 -25.98 -30.99 14.83
N GLU B 1934 -24.65 -30.90 14.92
CA GLU B 1934 -24.01 -29.83 15.69
C GLU B 1934 -24.27 -28.45 15.09
N THR B 1935 -24.71 -28.38 13.83
CA THR B 1935 -24.97 -27.10 13.18
C THR B 1935 -26.36 -26.55 13.49
N PHE B 1936 -27.21 -27.29 14.20
CA PHE B 1936 -28.52 -26.82 14.61
C PHE B 1936 -28.35 -25.94 15.85
N ASP B 1937 -27.90 -24.71 15.61
CA ASP B 1937 -27.56 -23.80 16.70
C ASP B 1937 -28.83 -23.16 17.26
N PHE B 1938 -28.64 -22.14 18.10
CA PHE B 1938 -29.76 -21.49 18.77
C PHE B 1938 -30.68 -20.79 17.76
N GLN B 1939 -30.10 -20.09 16.79
CA GLN B 1939 -30.90 -19.33 15.83
C GLN B 1939 -31.69 -20.25 14.92
N ALA B 1940 -31.04 -21.28 14.37
CA ALA B 1940 -31.72 -22.20 13.48
C ALA B 1940 -32.84 -22.94 14.19
N MET B 1941 -32.56 -23.42 15.40
CA MET B 1941 -33.59 -24.12 16.18
C MET B 1941 -34.73 -23.18 16.54
N GLY B 1942 -34.42 -21.92 16.86
CA GLY B 1942 -35.46 -20.96 17.14
C GLY B 1942 -36.35 -20.68 15.95
N ARG B 1943 -35.75 -20.55 14.76
CA ARG B 1943 -36.54 -20.34 13.56
C ARG B 1943 -37.42 -21.56 13.25
N ILE B 1944 -36.87 -22.75 13.44
CA ILE B 1944 -37.67 -23.96 13.25
C ILE B 1944 -38.84 -23.99 14.22
N PHE B 1945 -38.59 -23.61 15.48
CA PHE B 1945 -39.66 -23.53 16.46
C PHE B 1945 -40.71 -22.49 16.07
N VAL B 1946 -40.27 -21.37 15.52
CA VAL B 1946 -41.22 -20.35 15.05
C VAL B 1946 -42.11 -20.92 13.96
N GLY B 1947 -41.51 -21.61 13.00
CA GLY B 1947 -42.31 -22.24 11.96
C GLY B 1947 -43.30 -23.26 12.49
N LEU B 1948 -42.84 -24.11 13.42
CA LEU B 1948 -43.73 -25.11 14.01
C LEU B 1948 -44.88 -24.46 14.78
N CYS B 1949 -44.58 -23.42 15.56
CA CYS B 1949 -45.62 -22.77 16.35
C CYS B 1949 -46.64 -22.09 15.47
N GLN B 1950 -46.20 -21.38 14.43
CA GLN B 1950 -47.15 -20.70 13.55
C GLN B 1950 -47.97 -21.70 12.73
N VAL B 1951 -47.32 -22.74 12.20
CA VAL B 1951 -48.06 -23.74 11.42
C VAL B 1951 -48.94 -24.58 12.33
N GLY B 1952 -48.42 -24.99 13.48
CA GLY B 1952 -49.13 -25.92 14.34
C GLY B 1952 -48.77 -27.35 14.01
N ALA B 1953 -47.49 -27.59 13.74
CA ALA B 1953 -46.99 -28.88 13.31
C ALA B 1953 -46.14 -29.52 14.40
N TRP B 1954 -46.04 -30.84 14.35
CA TRP B 1954 -45.21 -31.60 15.28
C TRP B 1954 -43.78 -31.61 14.80
N GLY B 1955 -42.85 -31.30 15.70
CA GLY B 1955 -41.44 -31.34 15.37
C GLY B 1955 -40.73 -32.50 16.04
N CYS B 1956 -40.37 -33.51 15.26
CA CYS B 1956 -39.64 -34.67 15.77
C CYS B 1956 -38.16 -34.48 15.45
N PHE B 1957 -37.38 -34.15 16.47
CA PHE B 1957 -35.96 -33.86 16.32
C PHE B 1957 -35.17 -35.13 16.60
N ASP B 1958 -34.84 -35.85 15.54
CA ASP B 1958 -34.06 -37.07 15.64
C ASP B 1958 -32.60 -36.74 15.95
N GLU B 1959 -31.95 -37.66 16.66
CA GLU B 1959 -30.55 -37.52 17.02
C GLU B 1959 -30.29 -36.19 17.73
N PHE B 1960 -31.16 -35.87 18.69
CA PHE B 1960 -31.11 -34.56 19.33
C PHE B 1960 -29.82 -34.32 20.10
N ASN B 1961 -29.23 -35.38 20.65
CA ASN B 1961 -27.99 -35.23 21.41
C ASN B 1961 -26.77 -35.00 20.52
N ARG B 1962 -26.95 -34.82 19.22
CA ARG B 1962 -25.86 -34.42 18.34
C ARG B 1962 -25.59 -32.93 18.38
N LEU B 1963 -26.49 -32.14 18.97
CA LEU B 1963 -26.24 -30.72 19.18
C LEU B 1963 -25.16 -30.53 20.22
N GLU B 1964 -24.55 -29.35 20.20
CA GLU B 1964 -23.58 -29.00 21.23
C GLU B 1964 -24.31 -28.76 22.55
N GLU B 1965 -23.60 -29.03 23.66
CA GLU B 1965 -24.21 -28.91 24.98
C GLU B 1965 -24.64 -27.48 25.27
N ARG B 1966 -23.82 -26.50 24.89
CA ARG B 1966 -24.20 -25.11 25.05
C ARG B 1966 -25.43 -24.77 24.22
N MET B 1967 -25.52 -25.34 23.01
CA MET B 1967 -26.69 -25.09 22.18
C MET B 1967 -27.94 -25.76 22.74
N LEU B 1968 -27.78 -26.94 23.33
CA LEU B 1968 -28.92 -27.57 24.00
C LEU B 1968 -29.40 -26.71 25.16
N SER B 1969 -28.45 -26.20 25.96
CA SER B 1969 -28.82 -25.32 27.07
C SER B 1969 -29.54 -24.07 26.57
N ALA B 1970 -29.05 -23.48 25.49
CA ALA B 1970 -29.70 -22.28 24.94
C ALA B 1970 -31.10 -22.59 24.42
N VAL B 1971 -31.26 -23.71 23.71
CA VAL B 1971 -32.56 -24.10 23.16
C VAL B 1971 -33.56 -24.45 24.26
N SER B 1972 -33.06 -24.83 25.45
CA SER B 1972 -33.96 -25.11 26.57
C SER B 1972 -34.86 -23.91 26.87
N GLN B 1973 -34.35 -22.69 26.73
CA GLN B 1973 -35.16 -21.50 27.00
C GLN B 1973 -36.33 -21.39 26.03
N GLN B 1974 -36.07 -21.59 24.74
CA GLN B 1974 -37.14 -21.54 23.74
C GLN B 1974 -38.16 -22.64 23.99
N VAL B 1975 -37.69 -23.84 24.30
CA VAL B 1975 -38.61 -24.94 24.57
C VAL B 1975 -39.49 -24.60 25.78
N GLN B 1976 -38.87 -24.04 26.83
CA GLN B 1976 -39.62 -23.70 28.03
C GLN B 1976 -40.68 -22.63 27.76
N CYS B 1977 -40.32 -21.59 26.99
CA CYS B 1977 -41.29 -20.53 26.75
C CYS B 1977 -42.44 -21.03 25.87
N ILE B 1978 -42.13 -21.89 24.89
CA ILE B 1978 -43.19 -22.48 24.06
C ILE B 1978 -44.12 -23.33 24.92
N GLN B 1979 -43.55 -24.15 25.80
CA GLN B 1979 -44.37 -25.00 26.65
C GLN B 1979 -45.21 -24.16 27.61
N GLU B 1980 -44.67 -23.05 28.12
CA GLU B 1980 -45.46 -22.17 28.98
C GLU B 1980 -46.61 -21.54 28.21
N ALA B 1981 -46.36 -21.13 26.96
CA ALA B 1981 -47.42 -20.58 26.13
C ALA B 1981 -48.52 -21.61 25.91
N LEU B 1982 -48.14 -22.86 25.62
CA LEU B 1982 -49.14 -23.92 25.47
C LEU B 1982 -49.90 -24.15 26.78
N ARG B 1983 -49.19 -24.14 27.90
CA ARG B 1983 -49.81 -24.41 29.20
C ARG B 1983 -50.85 -23.36 29.54
N GLU B 1984 -50.54 -22.09 29.28
CA GLU B 1984 -51.54 -21.05 29.50
C GLU B 1984 -52.54 -20.95 28.36
N HIS B 1985 -52.27 -21.62 27.23
CA HIS B 1985 -53.32 -21.88 26.24
C HIS B 1985 -54.34 -22.89 26.74
N SER B 1986 -53.92 -23.82 27.60
CA SER B 1986 -54.79 -24.89 28.08
C SER B 1986 -55.69 -24.48 29.24
N ASN B 1987 -55.56 -23.26 29.75
CA ASN B 1987 -56.36 -22.85 30.91
C ASN B 1987 -57.83 -22.67 30.52
N PRO B 1988 -58.74 -22.84 31.47
CA PRO B 1988 -60.17 -22.73 31.14
C PRO B 1988 -60.67 -21.30 31.00
N ASN B 1989 -60.11 -20.38 31.78
CA ASN B 1989 -60.61 -19.01 31.79
C ASN B 1989 -60.42 -18.34 30.43
N TYR B 1990 -59.28 -18.57 29.79
CA TYR B 1990 -59.05 -18.02 28.46
C TYR B 1990 -59.84 -18.81 27.42
N ASP B 1991 -60.52 -18.09 26.53
CA ASP B 1991 -61.26 -18.69 25.44
C ASP B 1991 -60.73 -18.16 24.11
N LYS B 1992 -61.10 -18.84 23.02
CA LYS B 1992 -60.60 -18.49 21.70
C LYS B 1992 -61.10 -17.15 21.20
N THR B 1993 -61.97 -16.47 21.94
CA THR B 1993 -62.42 -15.13 21.59
C THR B 1993 -61.52 -14.04 22.14
N SER B 1994 -60.50 -14.39 22.91
CA SER B 1994 -59.59 -13.42 23.51
C SER B 1994 -58.40 -13.18 22.56
N ALA B 1995 -57.37 -12.51 23.07
CA ALA B 1995 -56.18 -12.25 22.27
C ALA B 1995 -55.46 -13.56 21.96
N PRO B 1996 -54.80 -13.64 20.81
CA PRO B 1996 -54.12 -14.88 20.44
C PRO B 1996 -52.94 -15.19 21.36
N ILE B 1997 -52.66 -16.49 21.50
CA ILE B 1997 -51.56 -16.96 22.33
C ILE B 1997 -50.25 -16.78 21.57
N THR B 1998 -49.30 -16.07 22.19
CA THR B 1998 -47.99 -15.83 21.60
C THR B 1998 -46.91 -16.16 22.62
N CYS B 1999 -45.72 -16.45 22.10
CA CYS B 1999 -44.54 -16.68 22.91
C CYS B 1999 -43.38 -15.85 22.37
N GLU B 2000 -42.36 -15.70 23.21
CA GLU B 2000 -41.19 -14.89 22.86
C GLU B 2000 -40.15 -15.81 22.23
N LEU B 2001 -40.07 -15.78 20.90
CA LEU B 2001 -39.10 -16.56 20.14
C LEU B 2001 -38.27 -15.61 19.29
N LEU B 2002 -36.94 -15.74 19.39
CA LEU B 2002 -36.00 -14.92 18.62
C LEU B 2002 -36.31 -13.44 18.75
N ASN B 2003 -36.57 -13.02 19.99
CA ASN B 2003 -36.87 -11.63 20.32
C ASN B 2003 -38.09 -11.10 19.58
N LYS B 2004 -39.06 -11.97 19.31
CA LYS B 2004 -40.29 -11.55 18.66
C LYS B 2004 -41.46 -12.32 19.24
N GLN B 2005 -42.66 -11.81 19.01
CA GLN B 2005 -43.88 -12.46 19.47
C GLN B 2005 -44.41 -13.36 18.36
N VAL B 2006 -44.41 -14.66 18.61
CA VAL B 2006 -44.81 -15.66 17.62
C VAL B 2006 -46.05 -16.36 18.13
N LYS B 2007 -47.10 -16.37 17.33
CA LYS B 2007 -48.34 -17.05 17.72
C LYS B 2007 -48.09 -18.54 17.81
N VAL B 2008 -48.60 -19.16 18.88
CA VAL B 2008 -48.41 -20.58 19.14
C VAL B 2008 -49.74 -21.28 18.95
N SER B 2009 -49.81 -22.14 17.94
CA SER B 2009 -50.99 -22.97 17.74
C SER B 2009 -51.02 -24.10 18.77
N PRO B 2010 -52.19 -24.47 19.28
CA PRO B 2010 -52.28 -25.53 20.29
C PRO B 2010 -51.96 -26.91 19.76
N ASP B 2011 -51.88 -27.09 18.45
CA ASP B 2011 -51.67 -28.41 17.86
C ASP B 2011 -50.20 -28.81 17.79
N MET B 2012 -49.27 -27.89 18.01
CA MET B 2012 -47.86 -28.20 17.81
C MET B 2012 -47.30 -28.95 19.01
N ALA B 2013 -46.18 -29.64 18.78
CA ALA B 2013 -45.50 -30.38 19.83
C ALA B 2013 -44.03 -30.52 19.46
N ILE B 2014 -43.21 -30.81 20.46
CA ILE B 2014 -41.77 -31.01 20.28
C ILE B 2014 -41.43 -32.41 20.79
N PHE B 2015 -40.85 -33.23 19.91
CA PHE B 2015 -40.39 -34.56 20.28
C PHE B 2015 -38.92 -34.68 19.91
N ILE B 2016 -38.16 -35.33 20.78
CA ILE B 2016 -36.73 -35.56 20.56
C ILE B 2016 -36.47 -37.05 20.65
N THR B 2017 -35.72 -37.57 19.67
CA THR B 2017 -35.38 -38.98 19.60
C THR B 2017 -33.88 -39.10 19.85
N MET B 2018 -33.50 -39.95 20.80
CA MET B 2018 -32.12 -40.00 21.27
C MET B 2018 -31.65 -41.43 21.36
N ASN B 2019 -30.34 -41.61 21.19
CA ASN B 2019 -29.69 -42.87 21.53
C ASN B 2019 -28.55 -42.57 22.50
N PRO B 2020 -28.76 -42.69 23.81
CA PRO B 2020 -27.72 -42.30 24.77
C PRO B 2020 -26.57 -43.29 24.89
N GLY B 2021 -26.56 -44.35 24.08
CA GLY B 2021 -25.50 -45.34 24.15
C GLY B 2021 -24.31 -45.00 23.28
N TYR B 2022 -24.45 -44.03 22.39
CA TYR B 2022 -23.34 -43.65 21.51
C TYR B 2022 -22.34 -42.80 22.27
N ALA B 2023 -21.06 -43.17 22.17
CA ALA B 2023 -20.00 -42.39 22.79
C ALA B 2023 -19.76 -41.10 22.02
N GLY B 2024 -19.43 -40.04 22.75
CA GLY B 2024 -19.18 -38.75 22.16
C GLY B 2024 -20.41 -37.90 21.95
N ARG B 2025 -21.60 -38.41 22.27
CA ARG B 2025 -22.81 -37.62 22.15
C ARG B 2025 -22.93 -36.66 23.32
N SER B 2026 -23.58 -35.53 23.07
CA SER B 2026 -23.76 -34.51 24.10
C SER B 2026 -24.71 -35.00 25.19
N ASN B 2027 -24.45 -34.56 26.40
CA ASN B 2027 -25.32 -34.84 27.53
C ASN B 2027 -26.29 -33.67 27.70
N LEU B 2028 -27.58 -33.97 27.70
CA LEU B 2028 -28.59 -32.92 27.79
C LEU B 2028 -28.53 -32.28 29.18
N PRO B 2029 -28.58 -30.96 29.28
CA PRO B 2029 -28.64 -30.31 30.59
C PRO B 2029 -29.93 -30.69 31.31
N ASP B 2030 -29.86 -30.70 32.64
CA ASP B 2030 -30.99 -31.15 33.44
C ASP B 2030 -32.21 -30.25 33.26
N ASN B 2031 -32.00 -28.95 33.15
CA ASN B 2031 -33.12 -28.03 32.93
C ASN B 2031 -33.81 -28.26 31.59
N LEU B 2032 -33.13 -28.87 30.63
CA LEU B 2032 -33.77 -29.27 29.37
C LEU B 2032 -34.33 -30.67 29.44
N LYS B 2033 -33.68 -31.58 30.17
CA LYS B 2033 -34.22 -32.91 30.37
C LYS B 2033 -35.53 -32.90 31.15
N LYS B 2034 -35.74 -31.89 31.99
CA LYS B 2034 -36.96 -31.81 32.78
C LYS B 2034 -38.16 -31.32 31.98
N LEU B 2035 -37.96 -30.86 30.75
CA LEU B 2035 -39.06 -30.41 29.89
C LEU B 2035 -39.58 -31.51 28.99
N PHE B 2036 -39.06 -32.73 29.10
CA PHE B 2036 -39.49 -33.86 28.29
C PHE B 2036 -39.75 -35.05 29.18
N ARG B 2037 -40.76 -35.85 28.80
CA ARG B 2037 -41.04 -37.12 29.45
C ARG B 2037 -40.40 -38.20 28.59
N SER B 2038 -39.53 -39.00 29.19
CA SER B 2038 -38.74 -39.97 28.45
C SER B 2038 -39.35 -41.36 28.54
N LEU B 2039 -39.09 -42.16 27.51
CA LEU B 2039 -39.51 -43.56 27.48
C LEU B 2039 -38.43 -44.39 26.83
N ALA B 2040 -38.11 -45.53 27.44
CA ALA B 2040 -37.12 -46.45 26.91
C ALA B 2040 -37.78 -47.34 25.87
N MET B 2041 -37.37 -47.18 24.61
CA MET B 2041 -37.82 -48.02 23.51
C MET B 2041 -36.63 -48.90 23.12
N THR B 2042 -36.54 -50.07 23.74
CA THR B 2042 -35.35 -50.91 23.66
C THR B 2042 -35.56 -52.19 22.87
N LYS B 2043 -36.66 -52.91 23.10
CA LYS B 2043 -36.88 -54.22 22.50
C LYS B 2043 -38.24 -54.24 21.80
N PRO B 2044 -38.27 -53.90 20.52
CA PRO B 2044 -39.53 -53.99 19.77
C PRO B 2044 -39.98 -55.43 19.62
N ASP B 2045 -41.30 -55.62 19.53
CA ASP B 2045 -41.89 -56.95 19.39
C ASP B 2045 -41.84 -57.33 17.92
N ARG B 2046 -40.70 -57.90 17.51
CA ARG B 2046 -40.53 -58.26 16.10
C ARG B 2046 -41.50 -59.36 15.69
N GLN B 2047 -41.83 -60.26 16.62
CA GLN B 2047 -42.72 -61.37 16.28
C GLN B 2047 -44.10 -60.88 15.86
N LEU B 2048 -44.69 -59.99 16.66
CA LEU B 2048 -46.02 -59.47 16.33
C LEU B 2048 -45.98 -58.65 15.05
N ILE B 2049 -44.94 -57.84 14.86
CA ILE B 2049 -44.83 -57.03 13.65
C ILE B 2049 -44.78 -57.92 12.43
N ALA B 2050 -43.94 -58.96 12.47
CA ALA B 2050 -43.82 -59.87 11.34
C ALA B 2050 -45.13 -60.59 11.08
N GLN B 2051 -45.79 -61.07 12.15
CA GLN B 2051 -47.02 -61.81 11.98
C GLN B 2051 -48.10 -60.95 11.34
N VAL B 2052 -48.28 -59.72 11.85
CA VAL B 2052 -49.32 -58.86 11.32
C VAL B 2052 -49.00 -58.41 9.91
N MET B 2053 -47.74 -58.07 9.64
CA MET B 2053 -47.37 -57.64 8.29
C MET B 2053 -47.56 -58.75 7.27
N LEU B 2054 -47.22 -59.99 7.62
CA LEU B 2054 -47.42 -61.09 6.70
C LEU B 2054 -48.90 -61.42 6.55
N TYR B 2055 -49.68 -61.29 7.62
CA TYR B 2055 -51.11 -61.53 7.55
C TYR B 2055 -51.79 -60.51 6.64
N SER B 2056 -51.41 -59.24 6.75
CA SER B 2056 -52.04 -58.20 5.95
C SER B 2056 -51.60 -58.23 4.49
N GLN B 2057 -50.51 -58.92 4.16
CA GLN B 2057 -50.03 -59.02 2.80
C GLN B 2057 -50.63 -60.20 2.05
N GLY B 2058 -51.46 -61.00 2.69
CA GLY B 2058 -52.14 -62.10 2.04
C GLY B 2058 -51.52 -63.46 2.24
N PHE B 2059 -50.52 -63.59 3.10
CA PHE B 2059 -49.91 -64.89 3.36
C PHE B 2059 -50.84 -65.73 4.24
N ARG B 2060 -51.24 -66.89 3.73
CA ARG B 2060 -52.15 -67.75 4.48
C ARG B 2060 -51.49 -68.33 5.73
N THR B 2061 -50.19 -68.60 5.67
CA THR B 2061 -49.45 -69.21 6.77
C THR B 2061 -48.62 -68.19 7.53
N ALA B 2062 -49.17 -67.00 7.76
CA ALA B 2062 -48.40 -65.90 8.31
C ALA B 2062 -47.85 -66.22 9.70
N GLU B 2063 -48.61 -66.97 10.50
CA GLU B 2063 -48.17 -67.25 11.87
C GLU B 2063 -46.90 -68.10 11.87
N VAL B 2064 -46.90 -69.22 11.15
CA VAL B 2064 -45.73 -70.07 11.12
C VAL B 2064 -44.59 -69.39 10.39
N LEU B 2065 -44.90 -68.58 9.37
CA LEU B 2065 -43.85 -67.85 8.67
C LEU B 2065 -43.15 -66.88 9.62
N ALA B 2066 -43.90 -66.17 10.44
CA ALA B 2066 -43.28 -65.25 11.40
C ALA B 2066 -42.49 -66.01 12.45
N ASN B 2067 -43.07 -67.09 12.98
CA ASN B 2067 -42.37 -67.89 13.99
C ASN B 2067 -41.16 -68.60 13.43
N LYS B 2068 -41.04 -68.68 12.10
CA LYS B 2068 -39.84 -69.21 11.48
C LYS B 2068 -38.84 -68.13 11.09
N ILE B 2069 -39.31 -66.91 10.82
CA ILE B 2069 -38.43 -65.88 10.29
C ILE B 2069 -37.81 -65.03 11.39
N VAL B 2070 -38.49 -64.83 12.52
CA VAL B 2070 -37.89 -64.01 13.58
C VAL B 2070 -36.80 -64.81 14.30
N PRO B 2071 -37.07 -66.05 14.76
CA PRO B 2071 -35.96 -66.85 15.29
C PRO B 2071 -34.85 -67.08 14.30
N PHE B 2072 -35.16 -67.12 13.00
CA PHE B 2072 -34.11 -67.24 12.00
C PHE B 2072 -33.18 -66.03 12.03
N PHE B 2073 -33.74 -64.83 12.18
CA PHE B 2073 -32.89 -63.65 12.29
C PHE B 2073 -32.08 -63.67 13.57
N LYS B 2074 -32.68 -64.15 14.67
CA LYS B 2074 -31.91 -64.27 15.91
C LYS B 2074 -30.74 -65.23 15.75
N LEU B 2075 -30.97 -66.38 15.10
CA LEU B 2075 -29.89 -67.33 14.86
C LEU B 2075 -28.86 -66.79 13.89
N CYS B 2076 -29.29 -65.99 12.91
CA CYS B 2076 -28.32 -65.34 12.02
C CYS B 2076 -27.42 -64.40 12.80
N ASP B 2077 -28.00 -63.65 13.74
CA ASP B 2077 -27.19 -62.77 14.57
C ASP B 2077 -26.22 -63.54 15.46
N GLU B 2078 -26.68 -64.64 16.05
CA GLU B 2078 -25.91 -65.34 17.07
C GLU B 2078 -25.16 -66.56 16.56
N GLN B 2079 -25.14 -66.81 15.25
CA GLN B 2079 -24.49 -68.01 14.73
C GLN B 2079 -23.48 -67.71 13.64
N LEU B 2080 -23.74 -66.68 12.84
CA LEU B 2080 -22.79 -66.28 11.81
C LEU B 2080 -21.62 -65.53 12.43
N SER B 2081 -20.55 -65.40 11.66
CA SER B 2081 -19.37 -64.69 12.13
C SER B 2081 -19.69 -63.22 12.37
N SER B 2082 -18.92 -62.61 13.27
CA SER B 2082 -19.13 -61.22 13.65
C SER B 2082 -18.40 -60.31 12.67
N GLN B 2083 -19.15 -59.56 11.88
CA GLN B 2083 -18.59 -58.63 10.91
C GLN B 2083 -19.16 -57.23 11.15
N SER B 2084 -18.38 -56.22 10.77
CA SER B 2084 -18.79 -54.84 11.03
C SER B 2084 -20.00 -54.43 10.20
N HIS B 2085 -20.18 -55.02 9.02
CA HIS B 2085 -21.27 -54.67 8.13
C HIS B 2085 -22.49 -55.56 8.29
N TYR B 2086 -22.47 -56.49 9.25
CA TYR B 2086 -23.61 -57.36 9.47
C TYR B 2086 -24.66 -56.64 10.31
N ASP B 2087 -25.93 -56.80 9.91
CA ASP B 2087 -27.05 -56.26 10.67
C ASP B 2087 -28.25 -57.15 10.48
N PHE B 2088 -28.87 -57.55 11.59
CA PHE B 2088 -30.06 -58.40 11.57
C PHE B 2088 -31.10 -57.86 12.54
N GLY B 2089 -31.30 -56.55 12.53
CA GLY B 2089 -32.24 -55.89 13.42
C GLY B 2089 -33.63 -55.81 12.82
N LEU B 2090 -34.38 -54.82 13.29
CA LEU B 2090 -35.76 -54.65 12.84
C LEU B 2090 -35.83 -54.09 11.42
N ARG B 2091 -34.87 -53.23 11.05
CA ARG B 2091 -34.87 -52.69 9.68
C ARG B 2091 -34.66 -53.80 8.66
N ALA B 2092 -33.70 -54.70 8.92
CA ALA B 2092 -33.48 -55.82 8.01
C ALA B 2092 -34.70 -56.73 7.93
N LEU B 2093 -35.32 -57.00 9.08
CA LEU B 2093 -36.50 -57.86 9.09
C LEU B 2093 -37.65 -57.23 8.30
N LYS B 2094 -37.88 -55.93 8.48
CA LYS B 2094 -38.97 -55.30 7.75
C LYS B 2094 -38.68 -55.20 6.26
N SER B 2095 -37.41 -54.97 5.90
CA SER B 2095 -37.04 -54.99 4.50
C SER B 2095 -37.29 -56.36 3.88
N VAL B 2096 -36.94 -57.42 4.61
CA VAL B 2096 -37.20 -58.78 4.13
C VAL B 2096 -38.69 -59.02 3.98
N LEU B 2097 -39.49 -58.54 4.93
CA LEU B 2097 -40.94 -58.75 4.84
C LEU B 2097 -41.55 -58.03 3.64
N VAL B 2098 -41.16 -56.78 3.42
CA VAL B 2098 -41.67 -56.03 2.28
C VAL B 2098 -41.22 -56.67 0.96
N SER B 2099 -39.97 -57.10 0.90
CA SER B 2099 -39.48 -57.79 -0.28
C SER B 2099 -40.23 -59.09 -0.51
N ALA B 2100 -40.57 -59.80 0.57
CA ALA B 2100 -41.33 -61.03 0.44
C ALA B 2100 -42.73 -60.76 -0.10
N GLY B 2101 -43.36 -59.68 0.36
CA GLY B 2101 -44.66 -59.31 -0.19
C GLY B 2101 -44.58 -58.99 -1.67
N ASN B 2102 -43.56 -58.22 -2.06
CA ASN B 2102 -43.40 -57.87 -3.48
C ASN B 2102 -43.11 -59.12 -4.32
N VAL B 2103 -42.29 -60.03 -3.80
CA VAL B 2103 -42.00 -61.27 -4.52
C VAL B 2103 -43.25 -62.12 -4.67
N LYS B 2104 -44.08 -62.17 -3.61
CA LYS B 2104 -45.34 -62.91 -3.73
C LYS B 2104 -46.22 -62.30 -4.80
N ARG B 2105 -46.30 -60.97 -4.84
CA ARG B 2105 -47.12 -60.32 -5.87
C ARG B 2105 -46.60 -60.62 -7.28
N GLU B 2106 -45.28 -60.55 -7.47
CA GLU B 2106 -44.75 -60.81 -8.82
C GLU B 2106 -44.92 -62.29 -9.20
N ARG B 2107 -44.81 -63.19 -8.23
CA ARG B 2107 -45.08 -64.60 -8.51
C ARG B 2107 -46.54 -64.83 -8.89
N ILE B 2108 -47.45 -64.14 -8.20
CA ILE B 2108 -48.87 -64.23 -8.57
C ILE B 2108 -49.08 -63.75 -10.00
N GLN B 2109 -48.47 -62.61 -10.34
CA GLN B 2109 -48.62 -62.08 -11.70
C GLN B 2109 -48.05 -63.02 -12.74
N LYS B 2110 -46.86 -63.59 -12.48
CA LYS B 2110 -46.25 -64.50 -13.44
C LYS B 2110 -47.07 -65.77 -13.61
N ILE B 2111 -47.57 -66.32 -12.51
CA ILE B 2111 -48.42 -67.52 -12.59
C ILE B 2111 -49.69 -67.22 -13.36
N LYS B 2112 -50.30 -66.06 -13.10
CA LYS B 2112 -51.51 -65.68 -13.83
C LYS B 2112 -51.23 -65.54 -15.32
N ARG B 2113 -50.10 -64.92 -15.68
CA ARG B 2113 -49.77 -64.76 -17.09
C ARG B 2113 -49.53 -66.11 -17.76
N GLU B 2114 -48.80 -67.01 -17.12
CA GLU B 2114 -48.53 -68.30 -17.74
C GLU B 2114 -49.78 -69.17 -17.79
N LYS B 2115 -50.73 -68.95 -16.87
CA LYS B 2115 -51.98 -69.70 -16.91
C LYS B 2115 -52.95 -69.15 -17.95
N GLU B 2116 -52.94 -67.83 -18.19
CA GLU B 2116 -53.81 -67.28 -19.22
C GLU B 2116 -53.25 -67.51 -20.62
N GLU B 2117 -51.92 -67.52 -20.76
CA GLU B 2117 -51.32 -67.78 -22.06
C GLU B 2117 -51.38 -69.25 -22.46
N ARG B 2118 -51.25 -70.17 -21.51
CA ARG B 2118 -51.37 -71.60 -21.75
C ARG B 2118 -52.80 -71.97 -21.40
N GLY B 2119 -53.61 -72.26 -22.43
CA GLY B 2119 -54.99 -72.59 -22.19
C GLY B 2119 -55.78 -71.41 -21.64
N GLU B 2120 -56.82 -71.73 -20.87
CA GLU B 2120 -57.66 -70.70 -20.25
C GLU B 2120 -58.17 -71.27 -18.93
N ALA B 2121 -57.47 -70.97 -17.84
CA ALA B 2121 -57.88 -71.41 -16.50
C ALA B 2121 -57.17 -70.55 -15.48
N VAL B 2122 -57.93 -69.77 -14.71
CA VAL B 2122 -57.36 -68.93 -13.66
C VAL B 2122 -58.41 -68.74 -12.57
N ASP B 2123 -57.96 -68.82 -11.32
CA ASP B 2123 -58.82 -68.59 -10.16
C ASP B 2123 -57.94 -68.21 -8.97
N GLU B 2124 -58.42 -67.25 -8.18
CA GLU B 2124 -57.61 -66.72 -7.09
C GLU B 2124 -57.32 -67.78 -6.03
N GLY B 2125 -58.31 -68.61 -5.70
CA GLY B 2125 -58.11 -69.61 -4.66
C GLY B 2125 -57.03 -70.61 -5.00
N GLU B 2126 -57.22 -71.36 -6.09
CA GLU B 2126 -56.28 -72.42 -6.45
C GLU B 2126 -54.85 -71.87 -6.55
N ILE B 2127 -54.70 -70.62 -6.96
CA ILE B 2127 -53.39 -69.98 -6.90
C ILE B 2127 -52.96 -69.76 -5.46
N ALA B 2128 -53.92 -69.42 -4.59
CA ALA B 2128 -53.58 -69.10 -3.21
C ALA B 2128 -53.06 -70.32 -2.46
N GLU B 2129 -53.80 -71.43 -2.50
CA GLU B 2129 -53.31 -72.63 -1.81
C GLU B 2129 -52.05 -73.19 -2.46
N ASN B 2130 -52.00 -73.21 -3.79
CA ASN B 2130 -50.81 -73.70 -4.50
C ASN B 2130 -49.83 -72.54 -4.71
N LEU B 2131 -49.30 -72.07 -3.59
CA LEU B 2131 -48.30 -70.99 -3.59
C LEU B 2131 -47.18 -71.31 -2.60
N PRO B 2132 -45.93 -71.36 -3.04
CA PRO B 2132 -44.81 -71.64 -2.13
C PRO B 2132 -44.39 -70.42 -1.32
N GLU B 2133 -45.16 -70.15 -0.26
CA GLU B 2133 -44.89 -68.98 0.57
C GLU B 2133 -43.54 -69.08 1.25
N GLN B 2134 -43.17 -70.28 1.72
CA GLN B 2134 -41.87 -70.46 2.32
C GLN B 2134 -40.76 -70.18 1.31
N GLU B 2135 -40.93 -70.63 0.08
CA GLU B 2135 -39.93 -70.35 -0.95
C GLU B 2135 -39.84 -68.85 -1.25
N ILE B 2136 -40.98 -68.16 -1.21
CA ILE B 2136 -40.98 -66.71 -1.40
C ILE B 2136 -40.19 -66.02 -0.29
N LEU B 2137 -40.42 -66.44 0.95
CA LEU B 2137 -39.69 -65.86 2.07
C LEU B 2137 -38.20 -66.15 1.96
N ILE B 2138 -37.84 -67.37 1.55
CA ILE B 2138 -36.43 -67.72 1.38
C ILE B 2138 -35.81 -66.87 0.27
N GLN B 2139 -36.54 -66.65 -0.82
CA GLN B 2139 -36.03 -65.83 -1.91
C GLN B 2139 -35.76 -64.41 -1.44
N SER B 2140 -36.69 -63.83 -0.68
CA SER B 2140 -36.46 -62.49 -0.15
C SER B 2140 -35.25 -62.46 0.78
N VAL B 2141 -35.15 -63.45 1.67
CA VAL B 2141 -34.02 -63.50 2.62
C VAL B 2141 -32.70 -63.57 1.87
N CYS B 2142 -32.61 -64.43 0.86
CA CYS B 2142 -31.37 -64.58 0.12
C CYS B 2142 -31.09 -63.41 -0.81
N GLU B 2143 -32.12 -62.69 -1.25
CA GLU B 2143 -31.87 -61.50 -2.05
C GLU B 2143 -31.38 -60.35 -1.19
N THR B 2144 -31.75 -60.31 0.08
CA THR B 2144 -31.29 -59.22 0.95
C THR B 2144 -30.08 -59.58 1.80
N MET B 2145 -30.02 -60.79 2.36
CA MET B 2145 -28.96 -61.12 3.31
C MET B 2145 -27.71 -61.72 2.67
N VAL B 2146 -27.86 -62.50 1.60
CA VAL B 2146 -26.68 -63.17 1.01
C VAL B 2146 -25.61 -62.20 0.54
N PRO B 2147 -25.92 -61.10 -0.18
CA PRO B 2147 -24.82 -60.26 -0.68
C PRO B 2147 -23.89 -59.72 0.40
N LYS B 2148 -24.39 -59.48 1.62
CA LYS B 2148 -23.56 -58.93 2.67
C LYS B 2148 -22.64 -59.96 3.32
N LEU B 2149 -22.88 -61.25 3.12
CA LEU B 2149 -22.15 -62.28 3.84
C LEU B 2149 -20.76 -62.48 3.28
N VAL B 2150 -19.83 -62.84 4.17
CA VAL B 2150 -18.49 -63.24 3.78
C VAL B 2150 -18.55 -64.66 3.22
N ALA B 2151 -17.46 -65.11 2.62
CA ALA B 2151 -17.48 -66.38 1.88
C ALA B 2151 -17.84 -67.56 2.77
N GLU B 2152 -17.31 -67.59 3.99
CA GLU B 2152 -17.53 -68.75 4.86
C GLU B 2152 -18.92 -68.79 5.49
N ASP B 2153 -19.62 -67.66 5.58
CA ASP B 2153 -20.92 -67.64 6.23
C ASP B 2153 -22.06 -68.03 5.30
N ILE B 2154 -21.85 -68.07 3.98
CA ILE B 2154 -22.89 -68.48 3.05
C ILE B 2154 -23.28 -69.93 3.29
N PRO B 2155 -22.34 -70.88 3.41
CA PRO B 2155 -22.76 -72.24 3.80
C PRO B 2155 -23.46 -72.28 5.14
N LEU B 2156 -23.02 -71.47 6.10
CA LEU B 2156 -23.71 -71.40 7.38
C LEU B 2156 -25.13 -70.89 7.22
N LEU B 2157 -25.32 -69.84 6.39
CA LEU B 2157 -26.66 -69.32 6.19
C LEU B 2157 -27.57 -70.36 5.55
N PHE B 2158 -27.06 -71.09 4.55
CA PHE B 2158 -27.91 -72.07 3.89
C PHE B 2158 -28.19 -73.27 4.78
N SER B 2159 -27.23 -73.67 5.62
CA SER B 2159 -27.50 -74.72 6.60
C SER B 2159 -28.58 -74.27 7.59
N LEU B 2160 -28.50 -73.02 8.05
CA LEU B 2160 -29.54 -72.50 8.94
C LEU B 2160 -30.89 -72.45 8.24
N LEU B 2161 -30.90 -72.07 6.96
CA LEU B 2161 -32.14 -72.03 6.20
C LEU B 2161 -32.75 -73.42 6.08
N SER B 2162 -31.91 -74.43 5.82
CA SER B 2162 -32.40 -75.79 5.78
C SER B 2162 -32.93 -76.23 7.15
N ASP B 2163 -32.26 -75.81 8.22
CA ASP B 2163 -32.71 -76.19 9.56
C ASP B 2163 -34.05 -75.58 9.91
N VAL B 2164 -34.26 -74.31 9.57
CA VAL B 2164 -35.48 -73.61 9.93
C VAL B 2164 -36.56 -73.77 8.86
N PHE B 2165 -36.18 -73.92 7.60
CA PHE B 2165 -37.11 -74.08 6.48
C PHE B 2165 -36.70 -75.35 5.73
N PRO B 2166 -37.00 -76.53 6.28
CA PRO B 2166 -36.58 -77.77 5.63
C PRO B 2166 -37.28 -77.96 4.28
N GLY B 2167 -36.55 -78.55 3.35
CA GLY B 2167 -37.09 -78.86 2.03
C GLY B 2167 -36.99 -77.77 0.98
N VAL B 2168 -37.45 -76.57 1.31
CA VAL B 2168 -37.46 -75.48 0.33
C VAL B 2168 -36.04 -75.08 -0.01
N GLN B 2169 -35.84 -74.65 -1.26
CA GLN B 2169 -34.53 -74.25 -1.75
C GLN B 2169 -34.66 -73.01 -2.61
N TYR B 2170 -33.58 -72.24 -2.69
CA TYR B 2170 -33.57 -70.96 -3.37
C TYR B 2170 -32.88 -71.13 -4.72
N HIS B 2171 -33.67 -71.17 -5.79
CA HIS B 2171 -33.14 -71.17 -7.15
C HIS B 2171 -32.99 -69.71 -7.58
N ARG B 2172 -31.75 -69.24 -7.64
CA ARG B 2172 -31.50 -67.85 -8.01
C ARG B 2172 -31.81 -67.63 -9.48
N GLY B 2173 -32.55 -66.57 -9.77
CA GLY B 2173 -32.93 -66.28 -11.14
C GLY B 2173 -31.73 -65.95 -12.01
N GLU B 2174 -31.88 -66.25 -13.29
CA GLU B 2174 -30.84 -66.01 -14.29
C GLU B 2174 -31.20 -64.75 -15.05
N MET B 2175 -30.49 -63.65 -14.77
CA MET B 2175 -30.71 -62.38 -15.45
C MET B 2175 -29.96 -62.42 -16.78
N THR B 2176 -30.58 -63.08 -17.76
CA THR B 2176 -29.89 -63.36 -19.02
C THR B 2176 -29.55 -62.07 -19.76
N ALA B 2177 -30.57 -61.30 -20.14
CA ALA B 2177 -30.33 -60.08 -20.91
C ALA B 2177 -29.33 -59.18 -20.21
N LEU B 2178 -29.41 -59.09 -18.89
CA LEU B 2178 -28.40 -58.35 -18.13
C LEU B 2178 -27.03 -58.98 -18.26
N ARG B 2179 -26.97 -60.32 -18.39
CA ARG B 2179 -25.67 -60.97 -18.54
C ARG B 2179 -25.04 -60.67 -19.90
N GLU B 2180 -25.84 -60.67 -20.97
CA GLU B 2180 -25.30 -60.24 -22.26
C GLU B 2180 -24.86 -58.77 -22.24
N GLU B 2181 -25.63 -57.91 -21.59
CA GLU B 2181 -25.20 -56.51 -21.49
C GLU B 2181 -23.91 -56.39 -20.70
N LEU B 2182 -23.78 -57.12 -19.58
CA LEU B 2182 -22.55 -57.11 -18.81
C LEU B 2182 -21.38 -57.64 -19.64
N LYS B 2183 -21.63 -58.70 -20.43
CA LYS B 2183 -20.59 -59.25 -21.29
C LYS B 2183 -20.09 -58.20 -22.27
N LYS B 2184 -21.01 -57.49 -22.93
CA LYS B 2184 -20.61 -56.46 -23.87
C LYS B 2184 -19.84 -55.33 -23.19
N VAL B 2185 -20.32 -54.89 -22.03
CA VAL B 2185 -19.67 -53.77 -21.34
C VAL B 2185 -18.29 -54.16 -20.85
N CYS B 2186 -18.13 -55.37 -20.31
CA CYS B 2186 -16.82 -55.83 -19.89
C CYS B 2186 -15.89 -56.01 -21.08
N GLN B 2187 -16.42 -56.46 -22.22
CA GLN B 2187 -15.60 -56.58 -23.42
C GLN B 2187 -15.08 -55.22 -23.86
N GLU B 2188 -15.93 -54.20 -23.84
CA GLU B 2188 -15.49 -52.88 -24.29
C GLU B 2188 -14.67 -52.14 -23.23
N MET B 2189 -14.62 -52.63 -21.99
CA MET B 2189 -13.85 -52.00 -20.93
C MET B 2189 -12.63 -52.82 -20.54
N TYR B 2190 -12.25 -53.80 -21.36
CA TYR B 2190 -11.06 -54.63 -21.13
C TYR B 2190 -11.15 -55.40 -19.82
N LEU B 2191 -12.36 -55.69 -19.36
CA LEU B 2191 -12.55 -56.47 -18.14
C LEU B 2191 -12.91 -57.91 -18.48
N THR B 2192 -12.79 -58.78 -17.48
CA THR B 2192 -12.98 -60.21 -17.65
C THR B 2192 -14.37 -60.59 -17.14
N TYR B 2193 -15.13 -61.27 -18.00
CA TYR B 2193 -16.46 -61.73 -17.67
C TYR B 2193 -16.47 -63.25 -17.58
N GLY B 2194 -17.22 -63.78 -16.63
CA GLY B 2194 -17.35 -65.22 -16.47
C GLY B 2194 -18.65 -65.58 -15.81
N ASP B 2195 -19.12 -66.79 -16.09
CA ASP B 2195 -20.37 -67.31 -15.53
C ASP B 2195 -20.07 -68.49 -14.63
N GLY B 2196 -20.52 -68.42 -13.39
CA GLY B 2196 -20.33 -69.51 -12.45
C GLY B 2196 -18.91 -69.67 -11.98
N GLU B 2197 -18.27 -70.79 -12.34
CA GLU B 2197 -16.93 -71.11 -11.88
C GLU B 2197 -15.84 -70.64 -12.83
N GLU B 2198 -16.19 -69.95 -13.91
CA GLU B 2198 -15.17 -69.41 -14.79
C GLU B 2198 -14.46 -68.23 -14.12
N VAL B 2199 -13.36 -67.81 -14.74
CA VAL B 2199 -12.61 -66.66 -14.22
C VAL B 2199 -13.47 -65.42 -14.35
N GLY B 2200 -13.83 -64.84 -13.22
CA GLY B 2200 -14.72 -63.70 -13.19
C GLY B 2200 -16.15 -64.00 -12.81
N GLY B 2201 -16.48 -65.26 -12.54
CA GLY B 2201 -17.84 -65.60 -12.17
C GLY B 2201 -18.25 -64.97 -10.86
N MET B 2202 -17.34 -64.93 -9.88
CA MET B 2202 -17.65 -64.33 -8.58
C MET B 2202 -17.90 -62.84 -8.72
N TRP B 2203 -17.10 -62.15 -9.54
CA TRP B 2203 -17.29 -60.71 -9.72
C TRP B 2203 -18.61 -60.42 -10.43
N VAL B 2204 -18.97 -61.21 -11.43
CA VAL B 2204 -20.24 -61.01 -12.12
C VAL B 2204 -21.40 -61.30 -11.17
N GLU B 2205 -21.24 -62.32 -10.33
CA GLU B 2205 -22.25 -62.59 -9.32
C GLU B 2205 -22.41 -61.41 -8.37
N LYS B 2206 -21.30 -60.79 -7.99
CA LYS B 2206 -21.35 -59.61 -7.13
C LYS B 2206 -22.03 -58.44 -7.84
N VAL B 2207 -21.79 -58.27 -9.13
CA VAL B 2207 -22.47 -57.23 -9.90
C VAL B 2207 -23.97 -57.48 -9.91
N LEU B 2208 -24.39 -58.71 -10.12
CA LEU B 2208 -25.82 -59.04 -10.14
C LEU B 2208 -26.46 -58.81 -8.77
N GLN B 2209 -25.75 -59.20 -7.70
CA GLN B 2209 -26.25 -58.93 -6.35
C GLN B 2209 -26.35 -57.44 -6.09
N LEU B 2210 -25.39 -56.67 -6.59
CA LEU B 2210 -25.45 -55.21 -6.45
C LEU B 2210 -26.67 -54.65 -7.15
N TYR B 2211 -26.97 -55.17 -8.35
CA TYR B 2211 -28.17 -54.72 -9.06
C TYR B 2211 -29.44 -55.07 -8.29
N GLN B 2212 -29.51 -56.28 -7.74
CA GLN B 2212 -30.66 -56.66 -6.94
C GLN B 2212 -30.82 -55.75 -5.73
N ILE B 2213 -29.70 -55.37 -5.10
CA ILE B 2213 -29.77 -54.50 -3.94
C ILE B 2213 -30.21 -53.10 -4.34
N THR B 2214 -29.74 -52.62 -5.50
CA THR B 2214 -30.23 -51.34 -6.02
C THR B 2214 -31.73 -51.35 -6.23
N GLN B 2215 -32.28 -52.47 -6.71
CA GLN B 2215 -33.73 -52.55 -6.88
C GLN B 2215 -34.49 -52.43 -5.57
N ILE B 2216 -33.94 -52.94 -4.47
CA ILE B 2216 -34.67 -52.95 -3.20
C ILE B 2216 -34.40 -51.69 -2.38
N ASN B 2217 -33.15 -51.25 -2.29
CA ASN B 2217 -32.76 -50.15 -1.43
C ASN B 2217 -32.41 -48.92 -2.26
N HIS B 2218 -32.67 -47.75 -1.69
CA HIS B 2218 -32.16 -46.49 -2.24
C HIS B 2218 -30.82 -46.12 -1.64
N GLY B 2219 -30.36 -46.85 -0.62
CA GLY B 2219 -29.06 -46.64 -0.03
C GLY B 2219 -28.25 -47.92 0.00
N LEU B 2220 -27.02 -47.86 -0.50
CA LEU B 2220 -26.19 -49.04 -0.65
C LEU B 2220 -24.80 -48.80 -0.11
N MET B 2221 -24.17 -49.87 0.35
CA MET B 2221 -22.77 -49.85 0.75
C MET B 2221 -22.04 -51.02 0.10
N MET B 2222 -21.07 -50.70 -0.74
CA MET B 2222 -20.19 -51.70 -1.35
C MET B 2222 -18.95 -51.80 -0.47
N VAL B 2223 -18.92 -52.83 0.37
CA VAL B 2223 -17.87 -52.99 1.38
C VAL B 2223 -16.92 -54.08 0.93
N GLY B 2224 -15.63 -53.82 1.05
CA GLY B 2224 -14.62 -54.81 0.72
C GLY B 2224 -13.24 -54.22 0.67
N PRO B 2225 -12.22 -55.07 0.84
CA PRO B 2225 -10.83 -54.59 0.84
C PRO B 2225 -10.49 -53.84 -0.43
N SER B 2226 -9.44 -53.02 -0.34
CA SER B 2226 -9.03 -52.22 -1.48
C SER B 2226 -8.69 -53.11 -2.67
N GLY B 2227 -9.15 -52.69 -3.84
CA GLY B 2227 -8.95 -53.49 -5.05
C GLY B 2227 -9.69 -54.80 -5.07
N SER B 2228 -10.96 -54.79 -4.68
CA SER B 2228 -11.81 -55.97 -4.74
C SER B 2228 -12.83 -55.89 -5.87
N GLY B 2229 -12.75 -54.86 -6.71
CA GLY B 2229 -13.62 -54.76 -7.87
C GLY B 2229 -14.90 -53.99 -7.67
N LYS B 2230 -15.03 -53.22 -6.59
CA LYS B 2230 -16.28 -52.54 -6.29
C LYS B 2230 -16.60 -51.46 -7.32
N SER B 2231 -15.62 -50.58 -7.58
CA SER B 2231 -15.87 -49.47 -8.50
C SER B 2231 -16.15 -49.96 -9.91
N MET B 2232 -15.36 -50.93 -10.38
CA MET B 2232 -15.62 -51.51 -11.69
C MET B 2232 -16.98 -52.20 -11.71
N ALA B 2233 -17.35 -52.86 -10.61
CA ALA B 2233 -18.65 -53.51 -10.54
C ALA B 2233 -19.77 -52.51 -10.78
N TRP B 2234 -19.78 -51.41 -10.02
CA TRP B 2234 -20.91 -50.49 -10.18
C TRP B 2234 -20.82 -49.67 -11.47
N ARG B 2235 -19.62 -49.41 -12.00
CA ARG B 2235 -19.53 -48.73 -13.28
C ARG B 2235 -20.06 -49.61 -14.41
N VAL B 2236 -19.66 -50.88 -14.43
CA VAL B 2236 -20.17 -51.80 -15.44
C VAL B 2236 -21.67 -51.99 -15.29
N LEU B 2237 -22.17 -52.04 -14.04
CA LEU B 2237 -23.61 -52.15 -13.85
C LEU B 2237 -24.34 -50.92 -14.38
N LEU B 2238 -23.78 -49.73 -14.15
CA LEU B 2238 -24.41 -48.51 -14.66
C LEU B 2238 -24.48 -48.53 -16.19
N LYS B 2239 -23.36 -48.85 -16.84
CA LYS B 2239 -23.35 -48.86 -18.30
C LYS B 2239 -24.28 -49.94 -18.85
N ALA B 2240 -24.26 -51.13 -18.23
CA ALA B 2240 -25.11 -52.22 -18.70
C ALA B 2240 -26.59 -51.89 -18.53
N LEU B 2241 -26.95 -51.25 -17.42
CA LEU B 2241 -28.34 -50.85 -17.23
C LEU B 2241 -28.75 -49.79 -18.22
N GLU B 2242 -27.86 -48.84 -18.52
CA GLU B 2242 -28.18 -47.83 -19.52
C GLU B 2242 -28.42 -48.47 -20.89
N ARG B 2243 -27.59 -49.46 -21.25
CA ARG B 2243 -27.78 -50.10 -22.55
C ARG B 2243 -29.00 -51.02 -22.56
N LEU B 2244 -29.31 -51.66 -21.43
CA LEU B 2244 -30.45 -52.58 -21.38
C LEU B 2244 -31.78 -51.83 -21.41
N GLU B 2245 -31.91 -50.80 -20.59
CA GLU B 2245 -33.21 -50.15 -20.39
C GLU B 2245 -33.37 -48.87 -21.17
N GLY B 2246 -32.30 -48.34 -21.77
CA GLY B 2246 -32.38 -47.08 -22.47
C GLY B 2246 -32.40 -45.86 -21.58
N VAL B 2247 -32.28 -46.04 -20.27
CA VAL B 2247 -32.27 -44.93 -19.32
C VAL B 2247 -30.82 -44.54 -19.07
N GLU B 2248 -30.47 -43.31 -19.43
CA GLU B 2248 -29.10 -42.85 -19.25
C GLU B 2248 -28.74 -42.78 -17.77
N GLY B 2249 -27.55 -43.25 -17.44
CA GLY B 2249 -27.07 -43.29 -16.07
C GLY B 2249 -25.98 -42.26 -15.85
N VAL B 2250 -26.13 -41.47 -14.79
CA VAL B 2250 -25.17 -40.46 -14.40
C VAL B 2250 -24.72 -40.75 -12.97
N ALA B 2251 -23.41 -40.78 -12.75
CA ALA B 2251 -22.83 -41.03 -11.44
C ALA B 2251 -22.09 -39.79 -10.97
N HIS B 2252 -22.39 -39.36 -9.76
CA HIS B 2252 -21.69 -38.27 -9.08
C HIS B 2252 -20.85 -38.89 -7.98
N ILE B 2253 -19.53 -38.88 -8.15
CA ILE B 2253 -18.63 -39.50 -7.19
C ILE B 2253 -18.08 -38.42 -6.27
N ILE B 2254 -18.33 -38.56 -4.97
CA ILE B 2254 -17.94 -37.59 -3.96
C ILE B 2254 -17.04 -38.28 -2.96
N ASP B 2255 -15.91 -37.65 -2.64
CA ASP B 2255 -15.08 -38.10 -1.53
C ASP B 2255 -15.49 -37.30 -0.30
N PRO B 2256 -16.31 -37.85 0.60
CA PRO B 2256 -16.85 -37.04 1.70
C PRO B 2256 -15.80 -36.62 2.71
N LYS B 2257 -14.67 -37.31 2.79
CA LYS B 2257 -13.64 -36.99 3.78
C LYS B 2257 -12.46 -36.25 3.17
N ALA B 2258 -12.48 -35.98 1.87
CA ALA B 2258 -11.48 -35.12 1.25
C ALA B 2258 -11.84 -33.65 1.37
N ILE B 2259 -13.02 -33.33 1.87
CA ILE B 2259 -13.47 -31.96 2.10
C ILE B 2259 -14.06 -31.89 3.49
N SER B 2260 -14.16 -30.67 4.01
CA SER B 2260 -14.79 -30.47 5.31
C SER B 2260 -16.29 -30.76 5.22
N LYS B 2261 -16.86 -31.19 6.35
CA LYS B 2261 -18.29 -31.47 6.40
C LYS B 2261 -19.11 -30.23 6.07
N ASP B 2262 -18.60 -29.05 6.40
CA ASP B 2262 -19.24 -27.81 6.00
C ASP B 2262 -19.26 -27.68 4.48
N HIS B 2263 -18.17 -28.05 3.82
CA HIS B 2263 -18.13 -28.03 2.36
C HIS B 2263 -18.93 -29.15 1.73
N LEU B 2264 -19.27 -30.19 2.50
CA LEU B 2264 -20.03 -31.32 1.99
C LEU B 2264 -21.52 -31.12 2.10
N TYR B 2265 -21.99 -30.49 3.19
CA TYR B 2265 -23.43 -30.30 3.40
C TYR B 2265 -23.88 -28.86 3.28
N GLY B 2266 -22.99 -27.89 3.42
CA GLY B 2266 -23.36 -26.50 3.33
C GLY B 2266 -23.31 -25.82 4.69
N THR B 2267 -23.33 -24.49 4.65
CA THR B 2267 -23.21 -23.70 5.87
C THR B 2267 -24.30 -22.64 5.95
N LEU B 2268 -24.69 -22.34 7.18
CA LEU B 2268 -25.60 -21.25 7.50
C LEU B 2268 -24.77 -20.13 8.13
N ASP B 2269 -24.69 -19.00 7.45
CA ASP B 2269 -23.87 -17.89 7.90
C ASP B 2269 -24.37 -17.36 9.23
N PRO B 2270 -23.54 -17.33 10.28
CA PRO B 2270 -24.04 -16.86 11.58
C PRO B 2270 -24.54 -15.43 11.59
N ASN B 2271 -23.96 -14.56 10.76
CA ASN B 2271 -24.34 -13.15 10.78
C ASN B 2271 -25.65 -12.90 10.06
N THR B 2272 -25.70 -13.18 8.76
CA THR B 2272 -26.87 -12.88 7.95
C THR B 2272 -27.84 -14.05 7.83
N ARG B 2273 -27.54 -15.19 8.45
CA ARG B 2273 -28.41 -16.37 8.43
C ARG B 2273 -28.74 -16.79 6.99
N GLU B 2274 -27.74 -16.73 6.12
CA GLU B 2274 -27.90 -17.10 4.72
C GLU B 2274 -27.29 -18.48 4.49
N TRP B 2275 -28.01 -19.34 3.79
CA TRP B 2275 -27.59 -20.71 3.56
C TRP B 2275 -26.86 -20.81 2.22
N THR B 2276 -25.68 -21.43 2.24
CA THR B 2276 -24.97 -21.79 1.03
C THR B 2276 -24.80 -23.30 1.00
N ASP B 2277 -25.01 -23.90 -0.18
CA ASP B 2277 -25.04 -25.34 -0.30
C ASP B 2277 -23.64 -25.94 -0.25
N GLY B 2278 -23.58 -27.19 0.16
CA GLY B 2278 -22.36 -27.98 0.10
C GLY B 2278 -22.25 -28.70 -1.22
N LEU B 2279 -21.48 -29.78 -1.24
CA LEU B 2279 -21.32 -30.56 -2.45
C LEU B 2279 -22.49 -31.51 -2.66
N PHE B 2280 -22.76 -32.36 -1.67
CA PHE B 2280 -23.88 -33.29 -1.76
C PHE B 2280 -25.20 -32.55 -1.84
N THR B 2281 -25.35 -31.49 -1.05
CA THR B 2281 -26.59 -30.71 -1.09
C THR B 2281 -26.81 -30.09 -2.46
N HIS B 2282 -25.75 -29.53 -3.05
CA HIS B 2282 -25.86 -28.95 -4.37
C HIS B 2282 -26.21 -30.00 -5.43
N VAL B 2283 -25.57 -31.17 -5.36
CA VAL B 2283 -25.86 -32.22 -6.33
C VAL B 2283 -27.31 -32.68 -6.20
N LEU B 2284 -27.75 -32.93 -4.98
CA LEU B 2284 -29.12 -33.39 -4.76
C LEU B 2284 -30.13 -32.35 -5.19
N ARG B 2285 -29.88 -31.07 -4.89
CA ARG B 2285 -30.80 -30.02 -5.28
C ARG B 2285 -30.86 -29.85 -6.79
N LYS B 2286 -29.72 -29.98 -7.46
CA LYS B 2286 -29.70 -29.91 -8.92
C LYS B 2286 -30.49 -31.07 -9.53
N ILE B 2287 -30.36 -32.26 -8.96
CA ILE B 2287 -31.17 -33.39 -9.43
C ILE B 2287 -32.65 -33.14 -9.20
N ILE B 2288 -33.00 -32.61 -8.02
CA ILE B 2288 -34.39 -32.39 -7.66
C ILE B 2288 -35.04 -31.37 -8.61
N ASP B 2289 -34.32 -30.27 -8.87
CA ASP B 2289 -34.88 -29.22 -9.73
C ASP B 2289 -35.12 -29.74 -11.14
N SER B 2290 -34.21 -30.57 -11.65
CA SER B 2290 -34.35 -31.21 -12.96
C SER B 2290 -34.54 -30.17 -14.07
N VAL B 2291 -33.72 -29.13 -14.02
CA VAL B 2291 -33.76 -28.10 -15.07
C VAL B 2291 -33.38 -28.71 -16.41
N ARG B 2292 -32.43 -29.63 -16.42
CA ARG B 2292 -31.95 -30.29 -17.63
C ARG B 2292 -32.32 -31.76 -17.65
N GLY B 2293 -33.51 -32.09 -17.15
CA GLY B 2293 -34.01 -33.46 -17.18
C GLY B 2293 -33.22 -34.46 -16.35
N GLU B 2294 -32.83 -34.08 -15.14
CA GLU B 2294 -32.11 -35.01 -14.26
C GLU B 2294 -33.02 -36.05 -13.63
N LEU B 2295 -34.34 -35.83 -13.64
CA LEU B 2295 -35.27 -36.81 -13.08
C LEU B 2295 -35.58 -37.94 -14.06
N GLN B 2296 -35.24 -37.80 -15.32
CA GLN B 2296 -35.45 -38.85 -16.31
C GLN B 2296 -34.26 -39.79 -16.43
N LYS B 2297 -33.15 -39.49 -15.75
CA LYS B 2297 -31.97 -40.32 -15.76
C LYS B 2297 -31.87 -41.12 -14.46
N ARG B 2298 -30.97 -42.10 -14.47
CA ARG B 2298 -30.66 -42.89 -13.28
C ARG B 2298 -29.46 -42.25 -12.61
N GLN B 2299 -29.69 -41.64 -11.45
CA GLN B 2299 -28.66 -40.87 -10.75
C GLN B 2299 -28.11 -41.68 -9.60
N TRP B 2300 -26.78 -41.86 -9.58
CA TRP B 2300 -26.10 -42.60 -8.53
C TRP B 2300 -25.09 -41.68 -7.87
N ILE B 2301 -25.33 -41.32 -6.62
CA ILE B 2301 -24.41 -40.50 -5.84
C ILE B 2301 -23.55 -41.45 -5.02
N VAL B 2302 -22.31 -41.63 -5.46
CA VAL B 2302 -21.40 -42.61 -4.88
C VAL B 2302 -20.46 -41.90 -3.92
N PHE B 2303 -20.54 -42.24 -2.64
CA PHE B 2303 -19.64 -41.70 -1.62
C PHE B 2303 -18.43 -42.62 -1.55
N ASP B 2304 -17.39 -42.26 -2.29
CA ASP B 2304 -16.17 -43.07 -2.39
C ASP B 2304 -15.15 -42.54 -1.40
N GLY B 2305 -15.22 -43.03 -0.17
CA GLY B 2305 -14.30 -42.58 0.86
C GLY B 2305 -14.66 -43.19 2.19
N ASP B 2306 -13.95 -42.75 3.22
CA ASP B 2306 -14.14 -43.26 4.56
C ASP B 2306 -15.50 -42.82 5.11
N VAL B 2307 -16.05 -43.64 6.00
CA VAL B 2307 -17.31 -43.37 6.66
C VAL B 2307 -17.07 -43.26 8.16
N ASP B 2308 -17.47 -42.14 8.74
CA ASP B 2308 -17.43 -41.94 10.18
C ASP B 2308 -18.75 -41.31 10.62
N PRO B 2309 -19.14 -41.50 11.89
CA PRO B 2309 -20.45 -41.02 12.33
C PRO B 2309 -20.62 -39.51 12.32
N GLU B 2310 -19.63 -38.74 11.85
CA GLU B 2310 -19.78 -37.28 11.82
C GLU B 2310 -20.52 -36.82 10.57
N TRP B 2311 -20.14 -37.32 9.40
CA TRP B 2311 -20.76 -36.87 8.17
C TRP B 2311 -21.90 -37.77 7.70
N VAL B 2312 -21.82 -39.08 7.98
CA VAL B 2312 -22.81 -40.00 7.45
C VAL B 2312 -24.11 -39.98 8.25
N GLU B 2313 -24.06 -39.60 9.53
CA GLU B 2313 -25.27 -39.52 10.34
C GLU B 2313 -26.15 -38.35 9.96
N ASN B 2314 -25.67 -37.42 9.14
CA ASN B 2314 -26.54 -36.43 8.53
C ASN B 2314 -27.40 -37.02 7.42
N LEU B 2315 -27.02 -38.19 6.92
CA LEU B 2315 -27.79 -38.90 5.91
C LEU B 2315 -28.78 -39.88 6.52
N ASN B 2316 -28.94 -39.87 7.85
CA ASN B 2316 -29.80 -40.85 8.50
C ASN B 2316 -31.23 -40.77 7.98
N SER B 2317 -31.76 -39.56 7.81
CA SER B 2317 -33.09 -39.41 7.23
C SER B 2317 -33.10 -39.79 5.75
N VAL B 2318 -32.01 -39.55 5.04
CA VAL B 2318 -31.95 -39.90 3.63
C VAL B 2318 -32.03 -41.41 3.44
N LEU B 2319 -31.27 -42.16 4.24
CA LEU B 2319 -31.28 -43.61 4.16
C LEU B 2319 -32.49 -44.24 4.82
N ASP B 2320 -33.13 -43.53 5.74
CA ASP B 2320 -34.35 -43.97 6.39
C ASP B 2320 -35.51 -43.84 5.39
N ASP B 2321 -36.65 -44.43 5.74
CA ASP B 2321 -37.83 -44.38 4.88
C ASP B 2321 -38.37 -42.97 4.70
N ASN B 2322 -37.93 -42.02 5.51
CA ASN B 2322 -38.30 -40.62 5.30
C ASN B 2322 -37.81 -40.12 3.94
N LYS B 2323 -36.59 -40.53 3.55
CA LYS B 2323 -35.98 -40.13 2.29
C LYS B 2323 -35.92 -38.61 2.17
N LEU B 2324 -35.43 -37.96 3.23
CA LEU B 2324 -35.33 -36.52 3.29
C LEU B 2324 -33.94 -36.11 3.74
N LEU B 2325 -33.46 -35.02 3.19
CA LEU B 2325 -32.26 -34.35 3.66
C LEU B 2325 -32.74 -33.09 4.36
N THR B 2326 -32.62 -33.07 5.68
CA THR B 2326 -33.08 -31.94 6.48
C THR B 2326 -31.90 -31.04 6.82
N LEU B 2327 -31.94 -29.81 6.35
CA LEU B 2327 -30.88 -28.85 6.56
C LEU B 2327 -31.20 -27.96 7.74
N PRO B 2328 -30.19 -27.38 8.40
CA PRO B 2328 -30.46 -26.55 9.58
C PRO B 2328 -31.28 -25.31 9.29
N ASN B 2329 -31.36 -24.86 8.04
CA ASN B 2329 -32.17 -23.69 7.71
C ASN B 2329 -33.64 -24.02 7.53
N GLY B 2330 -34.09 -25.20 7.98
CA GLY B 2330 -35.47 -25.59 7.87
C GLY B 2330 -35.88 -26.20 6.56
N GLU B 2331 -34.96 -26.32 5.60
CA GLU B 2331 -35.29 -26.87 4.30
C GLU B 2331 -35.22 -28.40 4.32
N ARG B 2332 -36.11 -29.02 3.56
CA ARG B 2332 -36.22 -30.47 3.49
C ARG B 2332 -36.24 -30.89 2.03
N LEU B 2333 -35.21 -31.62 1.61
CA LEU B 2333 -35.06 -32.05 0.23
C LEU B 2333 -35.44 -33.53 0.13
N SER B 2334 -36.49 -33.83 -0.64
CA SER B 2334 -36.93 -35.20 -0.80
C SER B 2334 -36.07 -35.93 -1.83
N LEU B 2335 -35.73 -37.17 -1.53
CA LEU B 2335 -34.94 -37.98 -2.45
C LEU B 2335 -35.81 -38.44 -3.60
N PRO B 2336 -35.46 -38.13 -4.85
CA PRO B 2336 -36.27 -38.60 -5.97
C PRO B 2336 -36.18 -40.11 -6.10
N PRO B 2337 -37.20 -40.76 -6.66
CA PRO B 2337 -37.19 -42.23 -6.76
C PRO B 2337 -36.11 -42.78 -7.69
N ASN B 2338 -35.51 -41.95 -8.54
CA ASN B 2338 -34.48 -42.42 -9.47
C ASN B 2338 -33.07 -42.24 -8.93
N VAL B 2339 -32.91 -41.76 -7.70
CA VAL B 2339 -31.61 -41.48 -7.13
C VAL B 2339 -31.23 -42.57 -6.14
N ARG B 2340 -29.99 -43.05 -6.23
CA ARG B 2340 -29.44 -44.02 -5.30
C ARG B 2340 -28.25 -43.39 -4.59
N ILE B 2341 -28.21 -43.52 -3.27
CA ILE B 2341 -27.06 -43.10 -2.47
C ILE B 2341 -26.22 -44.35 -2.21
N MET B 2342 -25.01 -44.36 -2.76
CA MET B 2342 -24.15 -45.54 -2.70
C MET B 2342 -22.85 -45.18 -2.01
N PHE B 2343 -22.36 -46.08 -1.16
CA PHE B 2343 -21.10 -45.92 -0.46
C PHE B 2343 -20.15 -47.01 -0.91
N GLU B 2344 -18.98 -46.61 -1.40
CA GLU B 2344 -17.92 -47.54 -1.77
C GLU B 2344 -16.81 -47.38 -0.73
N VAL B 2345 -16.73 -48.35 0.18
CA VAL B 2345 -15.83 -48.26 1.33
C VAL B 2345 -15.01 -49.54 1.43
N GLN B 2346 -13.88 -49.44 2.11
CA GLN B 2346 -13.02 -50.59 2.35
C GLN B 2346 -13.22 -51.20 3.73
N ASP B 2347 -13.77 -50.46 4.68
CA ASP B 2347 -14.06 -51.00 6.00
C ASP B 2347 -15.17 -50.16 6.63
N LEU B 2348 -15.82 -50.75 7.62
CA LEU B 2348 -16.87 -50.08 8.39
C LEU B 2348 -16.59 -50.19 9.88
N LYS B 2349 -15.32 -50.03 10.26
CA LYS B 2349 -14.93 -50.17 11.65
C LYS B 2349 -15.24 -48.94 12.48
N TYR B 2350 -15.64 -47.84 11.87
CA TYR B 2350 -16.03 -46.64 12.60
C TYR B 2350 -17.49 -46.26 12.41
N ALA B 2351 -18.17 -46.82 11.41
CA ALA B 2351 -19.59 -46.52 11.23
C ALA B 2351 -20.41 -47.14 12.35
N THR B 2352 -21.37 -46.37 12.86
CA THR B 2352 -22.25 -46.86 13.90
C THR B 2352 -23.32 -47.77 13.31
N LEU B 2353 -24.02 -48.47 14.21
CA LEU B 2353 -25.06 -49.39 13.77
C LEU B 2353 -26.22 -48.66 13.10
N ALA B 2354 -26.45 -47.40 13.46
CA ALA B 2354 -27.54 -46.65 12.85
C ALA B 2354 -27.33 -46.47 11.35
N THR B 2355 -26.09 -46.37 10.91
CA THR B 2355 -25.77 -46.25 9.49
C THR B 2355 -25.76 -47.60 8.79
N VAL B 2356 -25.20 -48.63 9.43
CA VAL B 2356 -25.12 -49.95 8.81
C VAL B 2356 -26.52 -50.55 8.64
N SER B 2357 -27.40 -50.32 9.61
CA SER B 2357 -28.74 -50.89 9.54
C SER B 2357 -29.61 -50.25 8.46
N ARG B 2358 -29.26 -49.04 8.02
CA ARG B 2358 -30.07 -48.31 7.06
C ARG B 2358 -29.72 -48.60 5.61
N CYS B 2359 -28.56 -49.19 5.34
CA CYS B 2359 -28.08 -49.41 3.99
C CYS B 2359 -28.17 -50.88 3.61
N GLY B 2360 -28.19 -51.14 2.31
CA GLY B 2360 -28.06 -52.48 1.80
C GLY B 2360 -26.62 -52.80 1.49
N MET B 2361 -26.08 -53.84 2.13
CA MET B 2361 -24.66 -54.13 1.99
C MET B 2361 -24.40 -55.17 0.90
N VAL B 2362 -23.37 -54.91 0.10
CA VAL B 2362 -22.80 -55.90 -0.80
C VAL B 2362 -21.33 -56.01 -0.45
N TRP B 2363 -20.91 -57.19 -0.01
CA TRP B 2363 -19.55 -57.41 0.50
C TRP B 2363 -18.69 -57.97 -0.61
N PHE B 2364 -17.67 -57.22 -1.01
CA PHE B 2364 -16.73 -57.64 -2.05
C PHE B 2364 -15.48 -58.18 -1.38
N SER B 2365 -15.35 -59.51 -1.34
CA SER B 2365 -14.14 -60.11 -0.82
C SER B 2365 -12.97 -59.85 -1.77
N GLU B 2366 -11.76 -59.90 -1.22
CA GLU B 2366 -10.58 -59.72 -2.07
C GLU B 2366 -10.39 -60.88 -3.03
N ASP B 2367 -10.93 -62.07 -2.70
CA ASP B 2367 -10.91 -63.20 -3.60
C ASP B 2367 -11.87 -63.04 -4.77
N VAL B 2368 -12.79 -62.07 -4.70
CA VAL B 2368 -13.69 -61.80 -5.83
C VAL B 2368 -12.89 -61.39 -7.05
N LEU B 2369 -11.90 -60.50 -6.87
CA LEU B 2369 -11.02 -60.07 -7.93
C LEU B 2369 -9.75 -60.91 -7.87
N SER B 2370 -9.66 -61.92 -8.73
CA SER B 2370 -8.47 -62.75 -8.81
C SER B 2370 -7.38 -62.04 -9.59
N THR B 2371 -6.13 -62.47 -9.37
CA THR B 2371 -5.00 -61.87 -10.06
C THR B 2371 -5.04 -62.16 -11.56
N ASP B 2372 -5.71 -63.24 -11.95
CA ASP B 2372 -5.84 -63.58 -13.36
C ASP B 2372 -6.56 -62.48 -14.13
N MET B 2373 -7.65 -61.95 -13.55
CA MET B 2373 -8.38 -60.89 -14.24
C MET B 2373 -7.56 -59.62 -14.33
N ILE B 2374 -6.75 -59.32 -13.31
CA ILE B 2374 -5.88 -58.15 -13.37
C ILE B 2374 -4.87 -58.30 -14.50
N PHE B 2375 -4.26 -59.49 -14.60
CA PHE B 2375 -3.31 -59.73 -15.70
C PHE B 2375 -4.00 -59.64 -17.06
N ASN B 2376 -5.21 -60.20 -17.16
CA ASN B 2376 -5.94 -60.14 -18.43
C ASN B 2376 -6.28 -58.72 -18.82
N ASN B 2377 -6.70 -57.91 -17.85
CA ASN B 2377 -6.99 -56.50 -18.13
C ASN B 2377 -5.73 -55.77 -18.57
N PHE B 2378 -4.61 -56.02 -17.89
CA PHE B 2378 -3.35 -55.39 -18.29
C PHE B 2378 -2.99 -55.75 -19.72
N LEU B 2379 -3.04 -57.05 -20.05
CA LEU B 2379 -2.65 -57.49 -21.39
C LEU B 2379 -3.60 -56.96 -22.46
N ALA B 2380 -4.91 -56.92 -22.15
CA ALA B 2380 -5.87 -56.41 -23.12
C ALA B 2380 -5.64 -54.92 -23.38
N ARG B 2381 -5.41 -54.14 -22.33
CA ARG B 2381 -5.14 -52.72 -22.52
C ARG B 2381 -3.82 -52.52 -23.27
N LEU B 2382 -2.83 -53.36 -23.01
CA LEU B 2382 -1.57 -53.25 -23.73
C LEU B 2382 -1.74 -53.53 -25.21
N ARG B 2383 -2.51 -54.56 -25.55
CA ARG B 2383 -2.71 -54.93 -26.95
C ARG B 2383 -3.63 -53.95 -27.68
N SER B 2384 -4.54 -53.28 -26.97
CA SER B 2384 -5.53 -52.44 -27.63
C SER B 2384 -5.20 -50.96 -27.59
N ILE B 2385 -4.63 -50.45 -26.50
CA ILE B 2385 -4.39 -49.02 -26.33
C ILE B 2385 -2.93 -48.72 -26.64
N PRO B 2386 -2.63 -47.74 -27.49
CA PRO B 2386 -1.23 -47.39 -27.76
C PRO B 2386 -0.66 -46.52 -26.66
N LEU B 2387 0.55 -46.86 -26.21
CA LEU B 2387 1.21 -46.06 -25.19
C LEU B 2387 1.62 -44.69 -25.71
N ASP B 2388 1.76 -44.55 -27.03
CA ASP B 2388 2.11 -43.26 -27.60
C ASP B 2388 1.03 -42.21 -27.30
N GLU B 2389 -0.19 -42.46 -27.76
CA GLU B 2389 -1.31 -41.59 -27.47
C GLU B 2389 -2.62 -42.37 -27.49
N SER B 2410 0.03 -49.56 -36.51
CA SER B 2410 0.89 -48.61 -35.81
C SER B 2410 2.13 -49.29 -35.26
N PRO B 2411 3.27 -48.61 -35.34
CA PRO B 2411 4.51 -49.20 -34.78
C PRO B 2411 4.43 -49.40 -33.28
N MET B 2412 3.93 -48.41 -32.54
CA MET B 2412 3.76 -48.55 -31.10
C MET B 2412 2.84 -49.71 -30.78
N LEU B 2413 1.70 -49.81 -31.47
CA LEU B 2413 0.77 -50.90 -31.22
C LEU B 2413 1.40 -52.25 -31.54
N GLN B 2414 2.17 -52.32 -32.63
CA GLN B 2414 2.82 -53.58 -32.98
C GLN B 2414 3.82 -53.99 -31.90
N ILE B 2415 4.62 -53.04 -31.40
CA ILE B 2415 5.56 -53.35 -30.34
C ILE B 2415 4.82 -53.82 -29.08
N GLN B 2416 3.72 -53.16 -28.74
CA GLN B 2416 2.96 -53.55 -27.56
C GLN B 2416 2.38 -54.96 -27.71
N ARG B 2417 1.85 -55.28 -28.89
CA ARG B 2417 1.29 -56.61 -29.11
C ARG B 2417 2.38 -57.68 -29.05
N ASP B 2418 3.55 -57.40 -29.65
CA ASP B 2418 4.65 -58.36 -29.58
C ASP B 2418 5.11 -58.58 -28.15
N ALA B 2419 5.24 -57.49 -27.38
CA ALA B 2419 5.67 -57.61 -25.99
C ALA B 2419 4.63 -58.36 -25.16
N ALA B 2420 3.34 -58.12 -25.41
CA ALA B 2420 2.30 -58.84 -24.70
C ALA B 2420 2.32 -60.33 -25.04
N THR B 2421 2.60 -60.66 -26.30
CA THR B 2421 2.75 -62.07 -26.67
C THR B 2421 3.93 -62.69 -25.95
N ILE B 2422 5.03 -61.95 -25.81
CA ILE B 2422 6.20 -62.49 -25.12
C ILE B 2422 5.91 -62.69 -23.63
N MET B 2423 5.23 -61.73 -22.99
CA MET B 2423 4.96 -61.84 -21.56
C MET B 2423 3.76 -62.71 -21.22
N GLN B 2424 3.01 -63.17 -22.23
CA GLN B 2424 1.82 -63.98 -21.96
C GLN B 2424 2.11 -65.22 -21.13
N PRO B 2425 3.16 -66.02 -21.41
CA PRO B 2425 3.38 -67.22 -20.58
C PRO B 2425 3.62 -66.93 -19.11
N TYR B 2426 4.22 -65.79 -18.77
CA TYR B 2426 4.53 -65.51 -17.38
C TYR B 2426 3.33 -64.95 -16.61
N PHE B 2427 2.41 -64.28 -17.31
CA PHE B 2427 1.24 -63.68 -16.67
C PHE B 2427 0.07 -64.65 -16.67
N THR B 2428 0.31 -65.83 -16.10
CA THR B 2428 -0.71 -66.85 -15.94
C THR B 2428 -0.79 -67.26 -14.48
N SER B 2429 -1.90 -67.88 -14.12
CA SER B 2429 -2.08 -68.40 -12.77
C SER B 2429 -0.99 -69.43 -12.48
N ASN B 2430 -0.45 -69.37 -11.26
CA ASN B 2430 0.69 -70.20 -10.86
C ASN B 2430 1.89 -70.00 -11.78
N GLY B 2431 2.06 -68.78 -12.29
CA GLY B 2431 3.17 -68.43 -13.13
C GLY B 2431 4.29 -67.76 -12.36
N LEU B 2432 5.18 -67.09 -13.09
CA LEU B 2432 6.29 -66.40 -12.47
C LEU B 2432 5.80 -65.24 -11.61
N VAL B 2433 4.91 -64.42 -12.17
CA VAL B 2433 4.48 -63.21 -11.47
C VAL B 2433 3.65 -63.56 -10.23
N THR B 2434 2.73 -64.53 -10.37
CA THR B 2434 1.90 -64.91 -9.23
C THR B 2434 2.74 -65.51 -8.10
N LYS B 2435 3.70 -66.37 -8.44
CA LYS B 2435 4.56 -66.96 -7.42
C LYS B 2435 5.44 -65.90 -6.76
N ALA B 2436 5.97 -64.97 -7.55
CA ALA B 2436 6.77 -63.89 -6.99
C ALA B 2436 5.94 -63.02 -6.05
N LEU B 2437 4.71 -62.70 -6.45
CA LEU B 2437 3.83 -61.90 -5.60
C LEU B 2437 3.48 -62.64 -4.32
N GLU B 2438 3.24 -63.94 -4.41
CA GLU B 2438 2.94 -64.72 -3.22
C GLU B 2438 4.13 -64.75 -2.26
N HIS B 2439 5.35 -64.89 -2.80
CA HIS B 2439 6.52 -64.91 -1.94
C HIS B 2439 6.81 -63.54 -1.34
N ALA B 2440 6.58 -62.47 -2.11
CA ALA B 2440 6.87 -61.13 -1.63
C ALA B 2440 5.99 -60.74 -0.44
N PHE B 2441 4.87 -61.42 -0.23
CA PHE B 2441 4.05 -61.16 0.93
C PHE B 2441 4.71 -61.66 2.22
N GLN B 2442 5.62 -62.63 2.12
CA GLN B 2442 6.32 -63.12 3.29
C GLN B 2442 7.51 -62.25 3.67
N LEU B 2443 7.95 -61.36 2.79
CA LEU B 2443 9.06 -60.48 3.08
C LEU B 2443 8.59 -59.33 3.97
N GLU B 2444 9.53 -58.49 4.38
CA GLU B 2444 9.26 -57.35 5.24
C GLU B 2444 9.41 -56.07 4.43
N HIS B 2445 8.34 -55.27 4.40
CA HIS B 2445 8.33 -54.01 3.69
C HIS B 2445 8.09 -52.87 4.67
N ILE B 2446 8.62 -51.69 4.33
CA ILE B 2446 8.44 -50.52 5.17
C ILE B 2446 6.96 -50.15 5.27
N MET B 2447 6.24 -50.28 4.16
CA MET B 2447 4.80 -50.04 4.13
C MET B 2447 4.09 -51.34 3.82
N ASP B 2448 2.85 -51.45 4.31
CA ASP B 2448 2.08 -52.68 4.11
C ASP B 2448 1.91 -52.97 2.63
N LEU B 2449 2.20 -54.21 2.24
CA LEU B 2449 2.20 -54.58 0.83
C LEU B 2449 0.78 -54.90 0.38
N THR B 2450 0.35 -54.28 -0.71
CA THR B 2450 -0.92 -54.58 -1.34
C THR B 2450 -0.66 -55.10 -2.75
N ARG B 2451 -1.55 -55.97 -3.22
CA ARG B 2451 -1.35 -56.62 -4.52
C ARG B 2451 -1.33 -55.59 -5.64
N LEU B 2452 -2.27 -54.65 -5.64
CA LEU B 2452 -2.37 -53.73 -6.77
C LEU B 2452 -1.26 -52.70 -6.80
N ARG B 2453 -0.66 -52.37 -5.66
CA ARG B 2453 0.51 -51.48 -5.70
C ARG B 2453 1.65 -52.12 -6.48
N CYS B 2454 1.97 -53.37 -6.14
CA CYS B 2454 3.00 -54.10 -6.87
C CYS B 2454 2.63 -54.27 -8.33
N LEU B 2455 1.37 -54.64 -8.61
CA LEU B 2455 0.96 -54.87 -9.98
C LEU B 2455 1.02 -53.58 -10.81
N GLY B 2456 0.59 -52.45 -10.23
CA GLY B 2456 0.65 -51.20 -10.95
C GLY B 2456 2.08 -50.76 -11.23
N SER B 2457 2.97 -50.94 -10.24
CA SER B 2457 4.38 -50.65 -10.48
C SER B 2457 4.93 -51.51 -11.61
N LEU B 2458 4.61 -52.80 -11.59
CA LEU B 2458 5.10 -53.71 -12.64
C LEU B 2458 4.57 -53.32 -14.01
N PHE B 2459 3.29 -52.96 -14.08
CA PHE B 2459 2.70 -52.57 -15.36
C PHE B 2459 3.33 -51.28 -15.89
N SER B 2460 3.62 -50.33 -14.98
CA SER B 2460 4.30 -49.12 -15.40
C SER B 2460 5.69 -49.43 -15.95
N MET B 2461 6.42 -50.33 -15.29
CA MET B 2461 7.74 -50.72 -15.81
C MET B 2461 7.64 -51.38 -17.18
N LEU B 2462 6.64 -52.24 -17.38
CA LEU B 2462 6.50 -52.89 -18.67
C LEU B 2462 6.13 -51.89 -19.77
N HIS B 2463 5.28 -50.91 -19.45
CA HIS B 2463 5.01 -49.84 -20.41
C HIS B 2463 6.28 -49.08 -20.75
N GLN B 2464 7.11 -48.80 -19.74
CA GLN B 2464 8.38 -48.12 -20.02
C GLN B 2464 9.29 -48.98 -20.88
N ALA B 2465 9.25 -50.29 -20.70
CA ALA B 2465 10.05 -51.18 -21.55
C ALA B 2465 9.60 -51.10 -23.00
N CYS B 2466 8.28 -51.10 -23.23
CA CYS B 2466 7.78 -50.95 -24.59
C CYS B 2466 8.19 -49.60 -25.18
N ARG B 2467 8.13 -48.54 -24.38
CA ARG B 2467 8.58 -47.24 -24.86
C ARG B 2467 10.07 -47.25 -25.19
N ASN B 2468 10.87 -47.96 -24.39
CA ASN B 2468 12.30 -48.08 -24.67
C ASN B 2468 12.53 -48.77 -26.01
N VAL B 2469 11.79 -49.85 -26.28
CA VAL B 2469 11.90 -50.53 -27.56
C VAL B 2469 11.52 -49.60 -28.70
N ALA B 2470 10.46 -48.81 -28.51
CA ALA B 2470 10.04 -47.88 -29.56
C ALA B 2470 11.12 -46.84 -29.83
N GLN B 2471 11.73 -46.30 -28.78
CA GLN B 2471 12.77 -45.29 -28.99
C GLN B 2471 14.02 -45.90 -29.61
N TYR B 2472 14.34 -47.16 -29.27
CA TYR B 2472 15.45 -47.83 -29.92
C TYR B 2472 15.18 -48.01 -31.41
N ASN B 2473 13.95 -48.38 -31.76
CA ASN B 2473 13.59 -48.47 -33.18
C ASN B 2473 13.68 -47.12 -33.85
N ALA B 2474 13.28 -46.06 -33.16
CA ALA B 2474 13.37 -44.72 -33.72
C ALA B 2474 14.83 -44.34 -33.99
N ASN B 2475 15.73 -44.69 -33.08
CA ASN B 2475 17.15 -44.37 -33.24
C ASN B 2475 17.85 -45.26 -34.26
N HIS B 2476 17.24 -46.37 -34.66
CA HIS B 2476 17.82 -47.30 -35.63
C HIS B 2476 16.83 -47.54 -36.76
N PRO B 2477 16.61 -46.53 -37.61
CA PRO B 2477 15.65 -46.71 -38.72
C PRO B 2477 16.05 -47.82 -39.68
N ASP B 2478 17.35 -48.03 -39.89
CA ASP B 2478 17.78 -49.01 -40.87
C ASP B 2478 17.44 -50.43 -40.42
N PHE B 2479 17.76 -50.77 -39.17
CA PHE B 2479 17.47 -52.09 -38.62
C PHE B 2479 16.55 -51.96 -37.41
N PRO B 2480 15.25 -52.21 -37.56
CA PRO B 2480 14.38 -52.23 -36.38
C PRO B 2480 14.65 -53.46 -35.53
N MET B 2481 14.26 -53.37 -34.27
CA MET B 2481 14.60 -54.40 -33.30
C MET B 2481 13.88 -55.70 -33.63
N GLN B 2482 14.64 -56.78 -33.78
CA GLN B 2482 14.12 -58.03 -34.27
C GLN B 2482 13.42 -58.81 -33.16
N ILE B 2483 12.82 -59.95 -33.53
CA ILE B 2483 11.95 -60.68 -32.62
C ILE B 2483 12.75 -61.34 -31.50
N GLU B 2484 13.89 -61.96 -31.83
CA GLU B 2484 14.66 -62.66 -30.80
C GLU B 2484 15.26 -61.69 -29.80
N GLN B 2485 15.78 -60.55 -30.27
CA GLN B 2485 16.27 -59.53 -29.36
C GLN B 2485 15.13 -58.97 -28.52
N LEU B 2486 13.95 -58.81 -29.12
CA LEU B 2486 12.80 -58.35 -28.36
C LEU B 2486 12.43 -59.33 -27.26
N GLU B 2487 12.43 -60.63 -27.56
CA GLU B 2487 12.09 -61.62 -26.55
C GLU B 2487 13.12 -61.60 -25.41
N ARG B 2488 14.41 -61.55 -25.74
CA ARG B 2488 15.42 -61.49 -24.70
C ARG B 2488 15.24 -60.26 -23.82
N TYR B 2489 15.09 -59.10 -24.45
CA TYR B 2489 14.93 -57.86 -23.68
C TYR B 2489 13.69 -57.91 -22.82
N ILE B 2490 12.59 -58.42 -23.35
CA ILE B 2490 11.33 -58.42 -22.61
C ILE B 2490 11.41 -59.37 -21.41
N GLN B 2491 11.98 -60.56 -21.59
CA GLN B 2491 12.07 -61.49 -20.46
C GLN B 2491 12.98 -60.95 -19.36
N ARG B 2492 14.17 -60.45 -19.75
CA ARG B 2492 15.06 -59.90 -18.74
C ARG B 2492 14.44 -58.70 -18.04
N TYR B 2493 13.80 -57.80 -18.80
CA TYR B 2493 13.17 -56.65 -18.19
C TYR B 2493 12.00 -57.03 -17.31
N LEU B 2494 11.27 -58.10 -17.67
CA LEU B 2494 10.19 -58.56 -16.81
C LEU B 2494 10.72 -59.04 -15.47
N VAL B 2495 11.82 -59.81 -15.49
CA VAL B 2495 12.41 -60.24 -14.22
C VAL B 2495 12.88 -59.04 -13.41
N TYR B 2496 13.55 -58.09 -14.06
CA TYR B 2496 14.05 -56.90 -13.39
C TYR B 2496 12.91 -56.07 -12.79
N ALA B 2497 11.81 -55.91 -13.55
CA ALA B 2497 10.67 -55.14 -13.07
C ALA B 2497 9.97 -55.85 -11.93
N ILE B 2498 9.86 -57.17 -11.98
CA ILE B 2498 9.29 -57.91 -10.86
C ILE B 2498 10.10 -57.68 -9.61
N LEU B 2499 11.44 -57.75 -9.74
CA LEU B 2499 12.31 -57.54 -8.58
C LEU B 2499 12.16 -56.14 -8.02
N TRP B 2500 12.10 -55.13 -8.89
CA TRP B 2500 12.06 -53.75 -8.42
C TRP B 2500 10.67 -53.28 -8.04
N SER B 2501 9.63 -54.03 -8.37
CA SER B 2501 8.26 -53.68 -8.01
C SER B 2501 7.77 -54.43 -6.78
N LEU B 2502 8.21 -55.66 -6.58
CA LEU B 2502 7.76 -56.45 -5.44
C LEU B 2502 8.66 -56.33 -4.23
N SER B 2503 9.86 -55.77 -4.38
CA SER B 2503 10.75 -55.58 -3.24
C SER B 2503 11.47 -54.23 -3.29
N GLY B 2504 10.96 -53.27 -4.05
CA GLY B 2504 11.57 -51.96 -4.08
C GLY B 2504 11.33 -51.14 -2.83
N ASP B 2505 10.39 -51.55 -1.98
CA ASP B 2505 10.10 -50.88 -0.72
C ASP B 2505 10.59 -51.68 0.48
N SER B 2506 11.66 -52.44 0.30
CA SER B 2506 12.21 -53.29 1.36
C SER B 2506 13.71 -53.09 1.45
N ARG B 2507 14.30 -53.67 2.50
CA ARG B 2507 15.73 -53.56 2.73
C ARG B 2507 16.49 -54.35 1.67
N LEU B 2508 17.81 -54.10 1.62
CA LEU B 2508 18.66 -54.84 0.69
C LEU B 2508 18.62 -56.34 0.96
N LYS B 2509 18.46 -56.73 2.23
CA LYS B 2509 18.34 -58.15 2.56
C LYS B 2509 17.11 -58.77 1.90
N MET B 2510 15.97 -58.07 1.96
CA MET B 2510 14.75 -58.60 1.38
C MET B 2510 14.81 -58.60 -0.14
N ARG B 2511 15.45 -57.58 -0.72
CA ARG B 2511 15.67 -57.59 -2.17
C ARG B 2511 16.51 -58.78 -2.58
N ALA B 2512 17.57 -59.07 -1.82
CA ALA B 2512 18.39 -60.24 -2.12
C ALA B 2512 17.60 -61.54 -1.98
N GLU B 2513 16.76 -61.63 -0.95
CA GLU B 2513 15.95 -62.83 -0.76
C GLU B 2513 14.99 -63.04 -1.93
N LEU B 2514 14.32 -61.97 -2.37
CA LEU B 2514 13.41 -62.09 -3.50
C LEU B 2514 14.17 -62.46 -4.77
N GLY B 2515 15.35 -61.87 -4.97
CA GLY B 2515 16.15 -62.23 -6.12
C GLY B 2515 16.56 -63.68 -6.12
N GLU B 2516 16.97 -64.20 -4.97
CA GLU B 2516 17.32 -65.60 -4.86
C GLU B 2516 16.12 -66.50 -5.14
N TYR B 2517 14.95 -66.15 -4.61
CA TYR B 2517 13.77 -66.95 -4.87
C TYR B 2517 13.39 -66.94 -6.35
N ILE B 2518 13.49 -65.77 -6.99
CA ILE B 2518 13.20 -65.68 -8.42
C ILE B 2518 14.17 -66.55 -9.21
N ARG B 2519 15.47 -66.42 -8.91
CA ARG B 2519 16.46 -67.26 -9.59
C ARG B 2519 16.19 -68.73 -9.37
N ARG B 2520 15.67 -69.09 -8.20
CA ARG B 2520 15.33 -70.48 -7.93
C ARG B 2520 14.15 -70.95 -8.77
N ILE B 2521 13.15 -70.09 -8.98
CA ILE B 2521 11.91 -70.54 -9.62
C ILE B 2521 11.91 -70.29 -11.13
N THR B 2522 12.51 -69.19 -11.56
CA THR B 2522 12.29 -68.76 -12.95
C THR B 2522 13.12 -69.60 -13.92
N THR B 2523 12.73 -69.54 -15.18
CA THR B 2523 13.47 -70.15 -16.28
C THR B 2523 14.12 -69.10 -17.19
N VAL B 2524 13.90 -67.82 -16.91
CA VAL B 2524 14.54 -66.75 -17.66
C VAL B 2524 16.04 -66.80 -17.42
N PRO B 2525 16.88 -66.70 -18.45
CA PRO B 2525 18.33 -66.66 -18.22
C PRO B 2525 18.72 -65.47 -17.36
N LEU B 2526 19.66 -65.70 -16.46
CA LEU B 2526 20.04 -64.77 -15.41
C LEU B 2526 21.55 -64.62 -15.36
N PRO B 2527 22.05 -63.55 -14.76
CA PRO B 2527 23.50 -63.35 -14.69
C PRO B 2527 24.20 -64.51 -13.98
N THR B 2528 25.39 -64.85 -14.46
CA THR B 2528 26.15 -66.01 -14.01
C THR B 2528 26.97 -65.71 -12.76
N ALA B 2529 27.09 -64.45 -12.36
CA ALA B 2529 27.95 -64.08 -11.25
C ALA B 2529 27.51 -64.84 -9.98
N PRO B 2530 28.47 -65.35 -9.20
CA PRO B 2530 28.11 -66.25 -8.10
C PRO B 2530 27.39 -65.58 -6.93
N ASN B 2531 27.89 -64.43 -6.48
CA ASN B 2531 27.41 -63.81 -5.27
C ASN B 2531 26.73 -62.47 -5.45
N ILE B 2532 26.79 -61.88 -6.64
CA ILE B 2532 26.12 -60.61 -6.89
C ILE B 2532 24.62 -60.86 -7.05
N PRO B 2533 23.77 -60.29 -6.19
CA PRO B 2533 22.33 -60.45 -6.38
C PRO B 2533 21.84 -59.76 -7.63
N ILE B 2534 20.71 -60.26 -8.15
CA ILE B 2534 20.18 -59.79 -9.42
C ILE B 2534 19.80 -58.31 -9.37
N ILE B 2535 19.51 -57.78 -8.18
CA ILE B 2535 19.08 -56.40 -8.05
C ILE B 2535 20.16 -55.42 -8.49
N ASP B 2536 21.41 -55.87 -8.63
CA ASP B 2536 22.49 -55.02 -9.11
C ASP B 2536 22.64 -55.05 -10.61
N TYR B 2537 21.79 -55.79 -11.32
CA TYR B 2537 21.89 -55.95 -12.77
C TYR B 2537 20.69 -55.31 -13.45
N GLU B 2538 20.96 -54.40 -14.37
CA GLU B 2538 19.94 -53.82 -15.22
C GLU B 2538 19.86 -54.62 -16.51
N VAL B 2539 18.96 -54.23 -17.41
CA VAL B 2539 18.75 -54.91 -18.68
C VAL B 2539 19.02 -53.90 -19.78
N SER B 2540 20.11 -54.11 -20.53
CA SER B 2540 20.44 -53.23 -21.64
C SER B 2540 19.43 -53.39 -22.77
N ILE B 2541 19.26 -52.33 -23.56
CA ILE B 2541 18.31 -52.35 -24.66
C ILE B 2541 18.65 -53.44 -25.67
N SER B 2542 19.93 -53.82 -25.76
CA SER B 2542 20.32 -54.91 -26.64
C SER B 2542 19.83 -56.26 -26.16
N GLY B 2543 19.32 -56.35 -24.93
CA GLY B 2543 18.79 -57.60 -24.42
C GLY B 2543 19.76 -58.43 -23.61
N GLU B 2544 20.65 -57.79 -22.84
CA GLU B 2544 21.63 -58.50 -22.04
C GLU B 2544 21.67 -57.93 -20.63
N TRP B 2545 21.94 -58.80 -19.66
CA TRP B 2545 22.12 -58.35 -18.28
C TRP B 2545 23.39 -57.53 -18.17
N SER B 2546 23.26 -56.27 -17.75
CA SER B 2546 24.38 -55.37 -17.63
C SER B 2546 24.54 -54.92 -16.18
N PRO B 2547 25.72 -55.07 -15.59
CA PRO B 2547 25.89 -54.64 -14.19
C PRO B 2547 25.71 -53.14 -14.03
N TRP B 2548 25.12 -52.76 -12.90
CA TRP B 2548 24.99 -51.34 -12.57
C TRP B 2548 26.33 -50.71 -12.24
N GLN B 2549 27.31 -51.50 -11.79
CA GLN B 2549 28.62 -50.98 -11.45
C GLN B 2549 29.32 -50.35 -12.64
N ALA B 2550 28.89 -50.68 -13.87
CA ALA B 2550 29.47 -50.06 -15.05
C ALA B 2550 29.07 -48.60 -15.20
N LYS B 2551 28.00 -48.16 -14.52
CA LYS B 2551 27.52 -46.79 -14.63
C LYS B 2551 27.78 -45.98 -13.35
N VAL B 2552 28.83 -46.30 -12.61
CA VAL B 2552 29.22 -45.50 -11.45
C VAL B 2552 30.68 -45.10 -11.59
N PRO B 2553 31.01 -44.21 -12.53
CA PRO B 2553 32.41 -43.83 -12.71
C PRO B 2553 32.93 -43.04 -11.52
N GLN B 2554 34.19 -43.28 -11.17
CA GLN B 2554 34.84 -42.56 -10.08
C GLN B 2554 35.19 -41.17 -10.61
N ILE B 2555 34.24 -40.25 -10.48
CA ILE B 2555 34.37 -38.90 -11.00
C ILE B 2555 35.27 -38.07 -10.09
N GLU B 2556 35.73 -36.93 -10.58
CA GLU B 2556 36.48 -35.97 -9.79
C GLU B 2556 35.68 -34.67 -9.79
N VAL B 2557 35.22 -34.26 -8.61
CA VAL B 2557 34.39 -33.07 -8.51
C VAL B 2557 35.24 -31.82 -8.66
N GLU B 2558 34.67 -30.80 -9.31
CA GLU B 2558 35.34 -29.51 -9.41
C GLU B 2558 35.54 -28.93 -8.01
N THR B 2559 36.67 -28.26 -7.83
CA THR B 2559 37.03 -27.79 -6.49
C THR B 2559 36.07 -26.72 -5.97
N HIS B 2560 35.36 -26.03 -6.87
CA HIS B 2560 34.40 -25.03 -6.44
C HIS B 2560 32.99 -25.58 -6.31
N LYS B 2561 32.78 -26.86 -6.58
CA LYS B 2561 31.49 -27.52 -6.39
C LYS B 2561 31.59 -28.66 -5.39
N VAL B 2562 32.42 -28.49 -4.37
CA VAL B 2562 32.63 -29.54 -3.37
C VAL B 2562 31.44 -29.55 -2.42
N ALA B 2563 30.76 -30.69 -2.34
CA ALA B 2563 29.58 -30.87 -1.49
C ALA B 2563 28.50 -29.84 -1.78
N ALA B 2564 28.35 -29.45 -3.03
CA ALA B 2564 27.29 -28.53 -3.41
C ALA B 2564 25.94 -29.26 -3.34
N PRO B 2565 24.84 -28.51 -3.14
CA PRO B 2565 23.53 -29.17 -3.03
C PRO B 2565 23.14 -29.97 -4.27
N ASP B 2566 23.51 -29.50 -5.45
CA ASP B 2566 23.12 -30.17 -6.70
C ASP B 2566 24.16 -31.15 -7.21
N VAL B 2567 25.24 -31.37 -6.46
CA VAL B 2567 26.29 -32.30 -6.85
C VAL B 2567 26.00 -33.65 -6.24
N VAL B 2568 25.85 -34.67 -7.08
CA VAL B 2568 25.56 -36.02 -6.64
C VAL B 2568 26.71 -36.91 -7.06
N VAL B 2569 27.33 -37.57 -6.09
CA VAL B 2569 28.39 -38.53 -6.37
C VAL B 2569 27.73 -39.85 -6.77
N PRO B 2570 28.00 -40.36 -7.97
CA PRO B 2570 27.31 -41.58 -8.42
C PRO B 2570 27.60 -42.75 -7.50
N THR B 2571 26.57 -43.58 -7.28
CA THR B 2571 26.66 -44.72 -6.39
C THR B 2571 25.71 -45.78 -6.92
N LEU B 2572 25.99 -47.04 -6.56
CA LEU B 2572 25.16 -48.16 -7.02
C LEU B 2572 23.69 -47.92 -6.67
N ASP B 2573 23.41 -47.66 -5.39
CA ASP B 2573 22.05 -47.35 -4.99
C ASP B 2573 21.54 -46.10 -5.69
N THR B 2574 22.42 -45.11 -5.83
CA THR B 2574 22.03 -43.87 -6.50
C THR B 2574 21.55 -44.14 -7.92
N VAL B 2575 22.36 -44.86 -8.72
CA VAL B 2575 22.01 -45.05 -10.12
C VAL B 2575 20.79 -45.95 -10.26
N ARG B 2576 20.69 -46.99 -9.41
CA ARG B 2576 19.49 -47.84 -9.44
C ARG B 2576 18.24 -47.03 -9.16
N HIS B 2577 18.29 -46.17 -8.14
CA HIS B 2577 17.12 -45.39 -7.79
C HIS B 2577 16.80 -44.32 -8.84
N GLU B 2578 17.82 -43.74 -9.47
CA GLU B 2578 17.55 -42.79 -10.55
C GLU B 2578 16.86 -43.49 -11.72
N ALA B 2579 17.30 -44.70 -12.06
CA ALA B 2579 16.65 -45.44 -13.14
C ALA B 2579 15.20 -45.76 -12.78
N LEU B 2580 14.97 -46.23 -11.54
CA LEU B 2580 13.61 -46.55 -11.12
C LEU B 2580 12.71 -45.31 -11.14
N LEU B 2581 13.21 -44.18 -10.63
CA LEU B 2581 12.43 -42.96 -10.61
C LEU B 2581 12.18 -42.45 -12.03
N TYR B 2582 13.16 -42.59 -12.93
CA TYR B 2582 12.91 -42.19 -14.31
C TYR B 2582 11.82 -43.04 -14.92
N THR B 2583 11.84 -44.35 -14.66
CA THR B 2583 10.79 -45.22 -15.18
C THR B 2583 9.42 -44.80 -14.67
N TRP B 2584 9.31 -44.50 -13.36
CA TRP B 2584 8.01 -44.16 -12.81
C TRP B 2584 7.54 -42.77 -13.22
N LEU B 2585 8.44 -41.78 -13.19
CA LEU B 2585 8.07 -40.42 -13.52
C LEU B 2585 7.73 -40.28 -15.00
N ALA B 2586 8.48 -40.96 -15.88
CA ALA B 2586 8.23 -40.85 -17.31
C ALA B 2586 6.83 -41.31 -17.68
N GLU B 2587 6.25 -42.22 -16.90
CA GLU B 2587 4.87 -42.65 -17.08
C GLU B 2587 3.88 -41.74 -16.37
N HIS B 2588 4.36 -40.69 -15.70
CA HIS B 2588 3.53 -39.75 -14.94
C HIS B 2588 2.80 -40.44 -13.80
N LYS B 2589 3.33 -41.58 -13.35
CA LYS B 2589 2.74 -42.29 -12.22
C LYS B 2589 3.16 -41.61 -10.92
N PRO B 2590 2.22 -41.34 -10.03
CA PRO B 2590 2.58 -40.82 -8.71
C PRO B 2590 3.42 -41.83 -7.95
N LEU B 2591 4.37 -41.34 -7.16
CA LEU B 2591 5.29 -42.25 -6.51
C LEU B 2591 5.65 -41.74 -5.12
N VAL B 2592 6.20 -42.63 -4.29
CA VAL B 2592 6.57 -42.29 -2.92
C VAL B 2592 8.01 -42.73 -2.67
N LEU B 2593 8.81 -41.82 -2.13
CA LEU B 2593 10.17 -42.08 -1.67
C LEU B 2593 10.12 -42.17 -0.16
N CYS B 2594 10.38 -43.35 0.39
CA CYS B 2594 10.31 -43.56 1.83
C CYS B 2594 11.66 -44.00 2.35
N GLY B 2595 12.06 -43.46 3.49
CA GLY B 2595 13.33 -43.79 4.09
C GLY B 2595 13.66 -42.89 5.26
N PRO B 2596 14.77 -43.17 5.94
CA PRO B 2596 15.17 -42.32 7.07
C PRO B 2596 15.51 -40.92 6.60
N PRO B 2597 15.36 -39.91 7.45
CA PRO B 2597 15.68 -38.55 7.04
C PRO B 2597 17.15 -38.41 6.66
N GLY B 2598 17.40 -37.63 5.61
CA GLY B 2598 18.75 -37.43 5.13
C GLY B 2598 19.33 -38.59 4.35
N SER B 2599 18.52 -39.59 3.98
CA SER B 2599 19.01 -40.73 3.23
C SER B 2599 19.30 -40.39 1.78
N GLY B 2600 18.66 -39.36 1.23
CA GLY B 2600 18.94 -38.94 -0.13
C GLY B 2600 17.77 -39.09 -1.08
N LYS B 2601 16.54 -39.02 -0.53
CA LYS B 2601 15.36 -39.09 -1.37
C LYS B 2601 15.23 -37.85 -2.25
N THR B 2602 15.45 -36.67 -1.67
CA THR B 2602 15.29 -35.43 -2.42
C THR B 2602 16.33 -35.31 -3.53
N MET B 2603 17.59 -35.63 -3.23
CA MET B 2603 18.61 -35.50 -4.27
C MET B 2603 18.36 -36.49 -5.39
N THR B 2604 17.91 -37.72 -5.04
CA THR B 2604 17.63 -38.71 -6.06
C THR B 2604 16.47 -38.26 -6.95
N LEU B 2605 15.41 -37.74 -6.34
CA LEU B 2605 14.29 -37.26 -7.15
C LEU B 2605 14.70 -36.11 -8.06
N PHE B 2606 15.46 -35.14 -7.53
CA PHE B 2606 15.84 -34.00 -8.34
C PHE B 2606 16.83 -34.37 -9.43
N SER B 2607 17.73 -35.30 -9.16
CA SER B 2607 18.68 -35.74 -10.18
C SER B 2607 18.00 -36.56 -11.26
N ALA B 2608 16.98 -37.35 -10.89
CA ALA B 2608 16.19 -38.04 -11.90
C ALA B 2608 15.34 -37.07 -12.70
N LEU B 2609 14.89 -35.98 -12.07
CA LEU B 2609 14.12 -34.97 -12.77
C LEU B 2609 14.98 -34.13 -13.71
N ARG B 2610 16.28 -33.99 -13.40
CA ARG B 2610 17.18 -33.32 -14.34
C ARG B 2610 17.22 -34.03 -15.69
N ALA B 2611 17.04 -35.35 -15.70
CA ALA B 2611 16.99 -36.10 -16.93
C ALA B 2611 15.67 -35.94 -17.67
N LEU B 2612 14.69 -35.28 -17.07
CA LEU B 2612 13.38 -35.04 -17.68
C LEU B 2612 13.15 -33.55 -17.79
N PRO B 2613 13.48 -32.94 -18.94
CA PRO B 2613 13.45 -31.47 -19.02
C PRO B 2613 12.05 -30.89 -19.11
N ASP B 2614 11.04 -31.69 -19.45
CA ASP B 2614 9.69 -31.17 -19.60
C ASP B 2614 8.93 -31.06 -18.29
N MET B 2615 9.54 -31.43 -17.17
CA MET B 2615 8.86 -31.42 -15.88
C MET B 2615 9.46 -30.34 -14.98
N GLU B 2616 8.61 -29.45 -14.50
CA GLU B 2616 8.98 -28.45 -13.51
C GLU B 2616 8.45 -28.88 -12.15
N VAL B 2617 9.31 -28.87 -11.14
CA VAL B 2617 8.98 -29.40 -9.82
C VAL B 2617 8.64 -28.26 -8.88
N VAL B 2618 7.62 -28.48 -8.05
CA VAL B 2618 7.21 -27.52 -7.03
C VAL B 2618 7.19 -28.26 -5.69
N GLY B 2619 7.92 -27.74 -4.72
CA GLY B 2619 8.05 -28.41 -3.44
C GLY B 2619 7.07 -27.96 -2.39
N LEU B 2620 6.30 -28.89 -1.85
CA LEU B 2620 5.40 -28.66 -0.74
C LEU B 2620 5.92 -29.43 0.47
N ASN B 2621 5.83 -28.82 1.65
CA ASN B 2621 6.32 -29.43 2.89
C ASN B 2621 5.12 -29.67 3.79
N PHE B 2622 4.64 -30.91 3.80
CA PHE B 2622 3.51 -31.27 4.62
C PHE B 2622 3.88 -31.21 6.09
N SER B 2623 2.90 -30.85 6.91
CA SER B 2623 3.04 -30.78 8.36
C SER B 2623 1.86 -31.50 8.98
N SER B 2624 1.85 -31.58 10.32
CA SER B 2624 0.73 -32.19 11.00
C SER B 2624 -0.56 -31.40 10.80
N ALA B 2625 -0.47 -30.10 10.53
CA ALA B 2625 -1.63 -29.26 10.31
C ALA B 2625 -1.90 -29.02 8.83
N THR B 2626 -1.40 -29.90 7.96
CA THR B 2626 -1.56 -29.72 6.52
C THR B 2626 -2.94 -30.18 6.08
N THR B 2627 -3.65 -29.32 5.36
CA THR B 2627 -4.95 -29.62 4.79
C THR B 2627 -4.82 -29.52 3.27
N PRO B 2628 -5.84 -29.90 2.48
CA PRO B 2628 -5.77 -29.68 1.04
C PRO B 2628 -5.63 -28.22 0.64
N GLU B 2629 -5.74 -27.28 1.60
CA GLU B 2629 -5.58 -25.87 1.28
C GLU B 2629 -4.18 -25.56 0.76
N LEU B 2630 -3.16 -26.27 1.24
CA LEU B 2630 -1.81 -26.07 0.70
C LEU B 2630 -1.75 -26.45 -0.78
N LEU B 2631 -2.36 -27.57 -1.13
CA LEU B 2631 -2.42 -27.98 -2.53
C LEU B 2631 -3.21 -26.98 -3.36
N LEU B 2632 -4.31 -26.46 -2.80
CA LEU B 2632 -5.12 -25.49 -3.53
C LEU B 2632 -4.37 -24.18 -3.76
N LYS B 2633 -3.60 -23.73 -2.77
CA LYS B 2633 -2.77 -22.53 -2.95
C LYS B 2633 -1.69 -22.77 -4.00
N THR B 2634 -1.06 -23.95 -3.98
CA THR B 2634 -0.07 -24.27 -5.00
C THR B 2634 -0.70 -24.28 -6.39
N PHE B 2635 -1.91 -24.83 -6.51
CA PHE B 2635 -2.61 -24.82 -7.78
C PHE B 2635 -2.95 -23.40 -8.22
N ASP B 2636 -3.39 -22.55 -7.29
CA ASP B 2636 -3.69 -21.16 -7.62
C ASP B 2636 -2.45 -20.43 -8.09
N HIS B 2637 -1.28 -20.76 -7.54
CA HIS B 2637 -0.07 -20.07 -7.94
C HIS B 2637 0.47 -20.57 -9.27
N TYR B 2638 0.71 -21.88 -9.38
CA TYR B 2638 1.42 -22.44 -10.52
C TYR B 2638 0.51 -22.93 -11.64
N CYS B 2639 -0.80 -22.95 -11.44
CA CYS B 2639 -1.73 -23.50 -12.42
C CYS B 2639 -2.85 -22.50 -12.68
N GLU B 2640 -3.73 -22.86 -13.61
CA GLU B 2640 -4.87 -22.03 -13.96
C GLU B 2640 -6.04 -22.93 -14.32
N TYR B 2641 -7.25 -22.47 -13.98
CA TYR B 2641 -8.47 -23.15 -14.37
C TYR B 2641 -9.01 -22.56 -15.66
N ARG B 2642 -9.44 -23.42 -16.57
CA ARG B 2642 -10.02 -22.98 -17.83
C ARG B 2642 -11.29 -23.77 -18.13
N ARG B 2643 -12.28 -23.09 -18.68
CA ARG B 2643 -13.52 -23.74 -19.09
C ARG B 2643 -13.36 -24.35 -20.47
N THR B 2644 -13.78 -25.59 -20.62
CA THR B 2644 -13.78 -26.34 -21.86
C THR B 2644 -15.15 -26.98 -22.03
N PRO B 2645 -15.52 -27.39 -23.24
CA PRO B 2645 -16.83 -28.03 -23.42
C PRO B 2645 -17.03 -29.26 -22.56
N ASN B 2646 -15.95 -29.87 -22.08
CA ASN B 2646 -16.05 -31.04 -21.22
C ASN B 2646 -16.04 -30.70 -19.73
N GLY B 2647 -15.78 -29.46 -19.36
CA GLY B 2647 -15.79 -29.05 -17.97
C GLY B 2647 -14.64 -28.13 -17.66
N VAL B 2648 -14.33 -28.00 -16.37
CA VAL B 2648 -13.23 -27.15 -15.94
C VAL B 2648 -11.97 -27.98 -15.85
N VAL B 2649 -10.89 -27.48 -16.44
CA VAL B 2649 -9.60 -28.17 -16.45
C VAL B 2649 -8.56 -27.28 -15.79
N LEU B 2650 -7.85 -27.82 -14.81
CA LEU B 2650 -6.76 -27.12 -14.14
C LEU B 2650 -5.45 -27.62 -14.72
N ALA B 2651 -4.69 -26.71 -15.31
CA ALA B 2651 -3.45 -27.06 -15.99
C ALA B 2651 -2.37 -26.04 -15.67
N PRO B 2652 -1.10 -26.44 -15.71
CA PRO B 2652 -0.02 -25.49 -15.45
C PRO B 2652 -0.02 -24.35 -16.46
N VAL B 2653 0.39 -23.17 -15.99
CA VAL B 2653 0.45 -22.01 -16.88
C VAL B 2653 1.50 -22.21 -17.97
N GLN B 2654 2.58 -22.90 -17.66
CA GLN B 2654 3.61 -23.18 -18.66
C GLN B 2654 3.13 -24.28 -19.60
N LEU B 2655 2.85 -23.91 -20.84
CA LEU B 2655 2.35 -24.86 -21.82
C LEU B 2655 3.42 -25.91 -22.15
N GLY B 2656 2.98 -27.15 -22.31
CA GLY B 2656 3.86 -28.23 -22.71
C GLY B 2656 4.72 -28.80 -21.60
N LYS B 2657 4.58 -28.33 -20.37
CA LYS B 2657 5.36 -28.81 -19.24
C LYS B 2657 4.47 -29.52 -18.25
N TRP B 2658 5.04 -30.53 -17.59
CA TRP B 2658 4.35 -31.27 -16.54
C TRP B 2658 4.77 -30.72 -15.18
N LEU B 2659 3.80 -30.37 -14.36
CA LEU B 2659 4.06 -29.87 -13.01
C LEU B 2659 4.12 -31.05 -12.06
N VAL B 2660 5.25 -31.19 -11.36
CA VAL B 2660 5.47 -32.29 -10.43
C VAL B 2660 5.39 -31.73 -9.02
N LEU B 2661 4.37 -32.13 -8.28
CA LEU B 2661 4.17 -31.69 -6.90
C LEU B 2661 4.91 -32.64 -5.97
N PHE B 2662 6.00 -32.16 -5.38
CA PHE B 2662 6.81 -32.97 -4.48
C PHE B 2662 6.42 -32.64 -3.04
N CYS B 2663 5.60 -33.49 -2.45
CA CYS B 2663 5.17 -33.32 -1.06
C CYS B 2663 6.11 -34.09 -0.15
N ASP B 2664 6.74 -33.38 0.78
CA ASP B 2664 7.93 -33.90 1.46
C ASP B 2664 7.64 -34.72 2.71
N GLU B 2665 6.47 -34.56 3.33
CA GLU B 2665 6.15 -35.22 4.58
C GLU B 2665 4.74 -35.80 4.55
N ILE B 2666 4.42 -36.56 3.50
CA ILE B 2666 3.05 -36.95 3.21
C ILE B 2666 2.38 -37.73 4.34
N ASN B 2667 3.14 -38.36 5.23
CA ASN B 2667 2.55 -39.15 6.30
C ASN B 2667 2.54 -38.42 7.65
N LEU B 2668 2.90 -37.14 7.68
CA LEU B 2668 2.78 -36.32 8.89
C LEU B 2668 1.37 -35.81 9.17
N PRO B 2669 0.60 -35.32 8.15
CA PRO B 2669 -0.69 -34.68 8.45
C PRO B 2669 -1.56 -35.40 9.46
N ASP B 2670 -2.21 -34.64 10.32
CA ASP B 2670 -2.96 -35.20 11.44
C ASP B 2670 -4.04 -36.15 10.94
N MET B 2671 -4.14 -37.30 11.60
CA MET B 2671 -5.16 -38.28 11.30
C MET B 2671 -6.33 -38.10 12.27
N ASP B 2672 -7.55 -38.18 11.73
CA ASP B 2672 -8.74 -38.02 12.54
C ASP B 2672 -8.82 -39.11 13.60
N LYS B 2673 -9.76 -38.94 14.53
CA LYS B 2673 -10.06 -40.01 15.47
C LYS B 2673 -10.73 -41.19 14.78
N TYR B 2674 -11.14 -41.03 13.52
CA TYR B 2674 -11.69 -42.11 12.71
C TYR B 2674 -10.72 -42.57 11.63
N GLY B 2675 -9.42 -42.37 11.83
CA GLY B 2675 -8.41 -42.91 10.96
C GLY B 2675 -8.38 -42.38 9.54
N THR B 2676 -8.45 -41.07 9.35
CA THR B 2676 -8.40 -40.49 8.02
C THR B 2676 -7.57 -39.21 8.03
N GLN B 2677 -6.70 -39.08 7.04
CA GLN B 2677 -5.99 -37.83 6.77
C GLN B 2677 -6.67 -37.16 5.57
N ARG B 2678 -7.18 -35.95 5.78
CA ARG B 2678 -7.97 -35.29 4.74
C ARG B 2678 -7.15 -35.00 3.50
N VAL B 2679 -5.91 -34.55 3.68
CA VAL B 2679 -5.07 -34.25 2.51
C VAL B 2679 -4.71 -35.52 1.76
N ILE B 2680 -4.55 -36.64 2.45
CA ILE B 2680 -4.28 -37.90 1.77
C ILE B 2680 -5.48 -38.34 0.95
N SER B 2681 -6.69 -38.14 1.50
CA SER B 2681 -7.90 -38.42 0.74
C SER B 2681 -8.01 -37.52 -0.49
N PHE B 2682 -7.65 -36.25 -0.33
CA PHE B 2682 -7.66 -35.33 -1.46
C PHE B 2682 -6.69 -35.77 -2.55
N ILE B 2683 -5.48 -36.18 -2.14
CA ILE B 2683 -4.49 -36.62 -3.12
C ILE B 2683 -4.95 -37.91 -3.81
N ARG B 2684 -5.55 -38.82 -3.05
CA ARG B 2684 -6.07 -40.05 -3.65
C ARG B 2684 -7.19 -39.74 -4.64
N GLN B 2685 -8.06 -38.80 -4.30
CA GLN B 2685 -9.12 -38.39 -5.22
C GLN B 2685 -8.53 -37.81 -6.50
N MET B 2686 -7.51 -36.96 -6.39
CA MET B 2686 -6.88 -36.42 -7.59
C MET B 2686 -6.19 -37.49 -8.42
N VAL B 2687 -5.56 -38.46 -7.77
CA VAL B 2687 -4.80 -39.47 -8.50
C VAL B 2687 -5.72 -40.46 -9.19
N GLU B 2688 -6.75 -40.95 -8.49
CA GLU B 2688 -7.60 -41.99 -9.04
C GLU B 2688 -8.61 -41.42 -10.04
N HIS B 2689 -9.37 -40.40 -9.63
CA HIS B 2689 -10.41 -39.84 -10.47
C HIS B 2689 -9.92 -38.71 -11.37
N GLY B 2690 -8.62 -38.37 -11.30
CA GLY B 2690 -8.07 -37.35 -12.17
C GLY B 2690 -8.61 -35.96 -11.95
N GLY B 2691 -8.91 -35.60 -10.71
CA GLY B 2691 -9.42 -34.28 -10.42
C GLY B 2691 -9.98 -34.20 -9.02
N PHE B 2692 -10.61 -33.06 -8.74
CA PHE B 2692 -11.22 -32.80 -7.45
C PHE B 2692 -12.48 -31.96 -7.66
N TYR B 2693 -13.03 -31.46 -6.56
CA TYR B 2693 -14.21 -30.59 -6.60
C TYR B 2693 -13.83 -29.20 -6.10
N ARG B 2694 -14.03 -28.19 -6.94
CA ARG B 2694 -13.92 -26.81 -6.52
C ARG B 2694 -15.14 -26.48 -5.67
N THR B 2695 -14.91 -26.15 -4.40
CA THR B 2695 -15.98 -25.90 -3.45
C THR B 2695 -16.55 -24.50 -3.56
N SER B 2696 -15.94 -23.62 -4.36
CA SER B 2696 -16.49 -22.30 -4.58
C SER B 2696 -17.85 -22.38 -5.25
N ASP B 2697 -17.98 -23.25 -6.26
CA ASP B 2697 -19.23 -23.47 -6.95
C ASP B 2697 -19.55 -24.95 -7.13
N GLN B 2698 -18.88 -25.81 -6.37
CA GLN B 2698 -19.12 -27.26 -6.38
C GLN B 2698 -18.99 -27.84 -7.79
N THR B 2699 -17.89 -27.49 -8.46
CA THR B 2699 -17.69 -27.87 -9.85
C THR B 2699 -16.55 -28.86 -9.95
N TRP B 2700 -16.74 -29.94 -10.70
CA TRP B 2700 -15.69 -30.93 -10.87
C TRP B 2700 -14.58 -30.36 -11.74
N VAL B 2701 -13.37 -30.29 -11.20
CA VAL B 2701 -12.19 -29.79 -11.89
C VAL B 2701 -11.31 -30.98 -12.22
N LYS B 2702 -10.87 -31.07 -13.47
CA LYS B 2702 -10.05 -32.17 -13.94
C LYS B 2702 -8.60 -31.71 -14.07
N LEU B 2703 -7.69 -32.50 -13.51
CA LEU B 2703 -6.28 -32.17 -13.57
C LEU B 2703 -5.71 -32.48 -14.95
N GLU B 2704 -4.81 -31.61 -15.43
CA GLU B 2704 -4.09 -31.86 -16.66
C GLU B 2704 -2.62 -31.56 -16.43
N ARG B 2705 -1.75 -32.50 -16.84
CA ARG B 2705 -0.30 -32.32 -16.76
C ARG B 2705 0.16 -32.02 -15.34
N ILE B 2706 -0.45 -32.66 -14.35
CA ILE B 2706 -0.08 -32.50 -12.95
C ILE B 2706 0.20 -33.89 -12.39
N GLN B 2707 1.34 -34.02 -11.69
CA GLN B 2707 1.85 -35.30 -11.26
C GLN B 2707 2.28 -35.22 -9.80
N PHE B 2708 2.24 -36.35 -9.11
CA PHE B 2708 2.42 -36.37 -7.66
C PHE B 2708 3.58 -37.26 -7.24
N VAL B 2709 4.55 -36.65 -6.57
CA VAL B 2709 5.65 -37.33 -5.91
C VAL B 2709 5.62 -36.97 -4.44
N GLY B 2710 5.72 -37.98 -3.58
CA GLY B 2710 5.73 -37.76 -2.14
C GLY B 2710 7.01 -38.32 -1.54
N ALA B 2711 7.42 -37.75 -0.42
CA ALA B 2711 8.52 -38.27 0.36
C ALA B 2711 8.07 -38.42 1.81
N CYS B 2712 8.64 -39.41 2.50
CA CYS B 2712 8.22 -39.65 3.87
C CYS B 2712 9.26 -40.50 4.59
N ASN B 2713 9.20 -40.46 5.91
CA ASN B 2713 9.93 -41.38 6.77
C ASN B 2713 9.10 -42.63 7.00
N PRO B 2714 9.74 -43.73 7.42
CA PRO B 2714 8.98 -44.97 7.67
C PRO B 2714 7.85 -44.75 8.65
N PRO B 2715 6.71 -45.40 8.45
CA PRO B 2715 5.53 -45.11 9.29
C PRO B 2715 5.69 -45.49 10.75
N THR B 2716 6.76 -46.19 11.11
CA THR B 2716 7.03 -46.52 12.51
C THR B 2716 7.74 -45.39 13.26
N ASP B 2717 8.14 -44.33 12.55
CA ASP B 2717 8.79 -43.21 13.21
C ASP B 2717 7.76 -42.41 14.02
N PRO B 2718 8.20 -41.73 15.08
CA PRO B 2718 7.25 -40.92 15.86
C PRO B 2718 6.68 -39.78 15.04
N GLY B 2719 5.35 -39.64 15.10
CA GLY B 2719 4.66 -38.61 14.36
C GLY B 2719 4.25 -39.00 12.95
N ARG B 2720 4.64 -40.18 12.49
CA ARG B 2720 4.31 -40.65 11.14
C ARG B 2720 3.19 -41.66 11.22
N LYS B 2721 2.18 -41.48 10.37
CA LYS B 2721 1.02 -42.36 10.32
C LYS B 2721 1.06 -43.23 9.07
N PRO B 2722 0.59 -44.47 9.15
CA PRO B 2722 0.55 -45.31 7.95
C PRO B 2722 -0.47 -44.80 6.94
N LEU B 2723 -0.07 -44.75 5.68
CA LEU B 2723 -0.93 -44.24 4.64
C LEU B 2723 -2.06 -45.21 4.34
N SER B 2724 -3.16 -44.68 3.82
CA SER B 2724 -4.32 -45.50 3.49
C SER B 2724 -3.98 -46.48 2.37
N HIS B 2725 -4.52 -47.69 2.46
CA HIS B 2725 -4.26 -48.71 1.45
C HIS B 2725 -4.82 -48.30 0.10
N ARG B 2726 -6.01 -47.70 0.09
CA ARG B 2726 -6.61 -47.22 -1.15
C ARG B 2726 -5.78 -46.11 -1.78
N PHE B 2727 -5.04 -45.35 -0.97
CA PHE B 2727 -4.06 -44.41 -1.51
C PHE B 2727 -2.82 -45.14 -2.01
N LEU B 2728 -2.37 -46.15 -1.26
CA LEU B 2728 -1.11 -46.82 -1.58
C LEU B 2728 -1.21 -47.63 -2.87
N ARG B 2729 -2.40 -48.11 -3.24
CA ARG B 2729 -2.50 -48.91 -4.45
C ARG B 2729 -2.15 -48.13 -5.71
N HIS B 2730 -2.26 -46.79 -5.67
CA HIS B 2730 -1.91 -45.98 -6.82
C HIS B 2730 -0.46 -45.50 -6.82
N VAL B 2731 0.22 -45.55 -5.68
CA VAL B 2731 1.57 -45.00 -5.59
C VAL B 2731 2.57 -46.09 -5.27
N PRO B 2732 3.46 -46.46 -6.19
CA PRO B 2732 4.58 -47.33 -5.85
C PRO B 2732 5.51 -46.63 -4.87
N VAL B 2733 6.03 -47.42 -3.94
CA VAL B 2733 6.89 -46.91 -2.86
C VAL B 2733 8.28 -47.50 -3.06
N VAL B 2734 9.29 -46.64 -3.02
CA VAL B 2734 10.69 -47.06 -3.12
C VAL B 2734 11.40 -46.66 -1.84
N TYR B 2735 12.13 -47.60 -1.26
CA TYR B 2735 12.79 -47.42 0.03
C TYR B 2735 14.22 -46.94 -0.22
N VAL B 2736 14.50 -45.71 0.17
CA VAL B 2736 15.84 -45.13 0.07
C VAL B 2736 16.45 -45.18 1.46
N ASP B 2737 17.42 -46.07 1.66
CA ASP B 2737 18.04 -46.27 2.96
C ASP B 2737 19.33 -45.48 3.08
N TYR B 2738 19.87 -45.46 4.29
CA TYR B 2738 21.10 -44.72 4.55
C TYR B 2738 22.25 -45.36 3.76
N PRO B 2739 23.12 -44.57 3.16
CA PRO B 2739 24.32 -45.13 2.53
C PRO B 2739 25.18 -45.85 3.56
N GLY B 2740 25.76 -46.97 3.14
CA GLY B 2740 26.57 -47.76 4.04
C GLY B 2740 27.93 -47.15 4.25
N PRO B 2741 28.72 -47.79 5.12
CA PRO B 2741 30.09 -47.30 5.35
C PRO B 2741 30.93 -47.23 4.08
N ALA B 2742 30.78 -48.22 3.20
CA ALA B 2742 31.51 -48.18 1.92
C ALA B 2742 31.00 -47.04 1.04
N SER B 2743 29.67 -46.89 0.94
CA SER B 2743 29.12 -45.81 0.13
C SER B 2743 29.50 -44.44 0.68
N LEU B 2744 29.38 -44.27 2.00
CA LEU B 2744 29.77 -43.00 2.62
C LEU B 2744 31.25 -42.73 2.39
N THR B 2745 32.08 -43.76 2.54
CA THR B 2745 33.51 -43.61 2.29
C THR B 2745 33.76 -43.16 0.87
N GLN B 2746 33.09 -43.77 -0.11
CA GLN B 2746 33.27 -43.37 -1.51
C GLN B 2746 32.87 -41.92 -1.72
N ILE B 2747 31.66 -41.55 -1.31
CA ILE B 2747 31.14 -40.21 -1.57
C ILE B 2747 32.04 -39.16 -0.93
N TYR B 2748 32.34 -39.33 0.35
CA TYR B 2748 33.04 -38.26 1.05
C TYR B 2748 34.54 -38.32 0.91
N GLY B 2749 35.11 -39.46 0.50
CA GLY B 2749 36.47 -39.46 0.02
C GLY B 2749 36.61 -38.70 -1.29
N THR B 2750 35.65 -38.88 -2.20
CA THR B 2750 35.63 -38.08 -3.41
C THR B 2750 35.54 -36.59 -3.07
N PHE B 2751 34.64 -36.23 -2.16
CA PHE B 2751 34.49 -34.83 -1.79
C PHE B 2751 35.75 -34.28 -1.12
N ASN B 2752 36.38 -35.07 -0.25
CA ASN B 2752 37.56 -34.59 0.44
C ASN B 2752 38.75 -34.45 -0.51
N ARG B 2753 38.89 -35.39 -1.43
CA ARG B 2753 39.91 -35.27 -2.48
C ARG B 2753 39.68 -34.01 -3.30
N ALA B 2754 38.41 -33.73 -3.62
CA ALA B 2754 38.10 -32.53 -4.38
C ALA B 2754 38.47 -31.26 -3.61
N MET B 2755 38.18 -31.21 -2.31
CA MET B 2755 38.45 -29.94 -1.63
C MET B 2755 39.92 -29.76 -1.29
N LEU B 2756 40.63 -30.85 -0.98
CA LEU B 2756 42.02 -30.73 -0.53
C LEU B 2756 42.97 -30.34 -1.64
N ARG B 2757 42.51 -30.30 -2.88
CA ARG B 2757 43.33 -29.80 -3.98
C ARG B 2757 43.64 -28.31 -3.85
N LEU B 2758 42.91 -27.59 -2.99
CA LEU B 2758 43.25 -26.20 -2.71
C LEU B 2758 44.63 -26.08 -2.08
N ILE B 2759 44.94 -26.97 -1.12
CA ILE B 2759 46.23 -26.98 -0.47
C ILE B 2759 46.94 -28.28 -0.85
N PRO B 2760 47.88 -28.24 -1.80
CA PRO B 2760 48.51 -29.49 -2.26
C PRO B 2760 49.22 -30.26 -1.17
N SER B 2761 49.80 -29.57 -0.19
CA SER B 2761 50.56 -30.25 0.85
C SER B 2761 49.70 -31.23 1.63
N LEU B 2762 48.39 -31.01 1.69
CA LEU B 2762 47.47 -31.86 2.41
C LEU B 2762 46.84 -32.94 1.55
N ARG B 2763 47.21 -33.02 0.26
CA ARG B 2763 46.56 -33.97 -0.63
C ARG B 2763 46.72 -35.41 -0.18
N THR B 2764 47.78 -35.70 0.59
CA THR B 2764 48.00 -37.06 1.04
C THR B 2764 47.16 -37.45 2.25
N TYR B 2765 46.40 -36.53 2.82
CA TYR B 2765 45.58 -36.81 3.99
C TYR B 2765 44.11 -36.98 3.66
N ALA B 2766 43.75 -37.09 2.38
CA ALA B 2766 42.34 -37.20 2.01
C ALA B 2766 41.75 -38.52 2.47
N GLU B 2767 42.45 -39.63 2.24
CA GLU B 2767 41.91 -40.93 2.62
C GLU B 2767 41.74 -41.08 4.12
N PRO B 2768 42.73 -40.76 4.98
CA PRO B 2768 42.48 -40.91 6.42
C PRO B 2768 41.41 -39.96 6.95
N LEU B 2769 41.49 -38.67 6.58
CA LEU B 2769 40.50 -37.69 7.03
C LEU B 2769 39.09 -38.22 6.83
N THR B 2770 38.74 -38.57 5.59
CA THR B 2770 37.42 -39.10 5.30
C THR B 2770 37.09 -40.25 6.24
N ALA B 2771 37.99 -41.22 6.35
CA ALA B 2771 37.74 -42.35 7.24
C ALA B 2771 37.39 -41.86 8.63
N ALA B 2772 38.22 -40.99 9.19
CA ALA B 2772 37.94 -40.45 10.52
C ALA B 2772 36.54 -39.88 10.57
N MET B 2773 36.23 -38.98 9.62
CA MET B 2773 34.89 -38.43 9.53
C MET B 2773 33.85 -39.55 9.64
N VAL B 2774 33.90 -40.50 8.71
CA VAL B 2774 32.89 -41.55 8.68
C VAL B 2774 32.82 -42.23 10.03
N GLU B 2775 33.98 -42.62 10.57
CA GLU B 2775 33.97 -43.35 11.83
C GLU B 2775 33.24 -42.55 12.90
N PHE B 2776 33.65 -41.28 13.08
CA PHE B 2776 33.02 -40.50 14.13
C PHE B 2776 31.52 -40.42 13.90
N TYR B 2777 31.12 -40.12 12.66
CA TYR B 2777 29.70 -40.00 12.37
C TYR B 2777 28.98 -41.28 12.76
N THR B 2778 29.52 -42.43 12.35
CA THR B 2778 28.88 -43.70 12.69
C THR B 2778 28.69 -43.80 14.19
N MET B 2779 29.75 -43.55 14.96
CA MET B 2779 29.64 -43.66 16.41
C MET B 2779 28.56 -42.72 16.93
N SER B 2780 28.54 -41.48 16.44
CA SER B 2780 27.50 -40.55 16.88
C SER B 2780 26.13 -41.11 16.55
N GLN B 2781 25.95 -41.60 15.33
CA GLN B 2781 24.64 -42.11 14.93
C GLN B 2781 24.30 -43.35 15.73
N GLU B 2782 25.30 -44.06 16.25
CA GLU B 2782 25.03 -45.23 17.06
C GLU B 2782 24.85 -44.86 18.53
N ARG B 2783 25.34 -43.69 18.95
CA ARG B 2783 25.32 -43.35 20.37
C ARG B 2783 24.07 -42.55 20.73
N PHE B 2784 23.83 -41.45 20.04
CA PHE B 2784 22.69 -40.58 20.31
C PHE B 2784 21.56 -40.94 19.35
N THR B 2785 20.56 -41.65 19.86
CA THR B 2785 19.41 -42.07 19.07
C THR B 2785 18.19 -41.23 19.42
N GLN B 2786 17.15 -41.35 18.59
CA GLN B 2786 15.92 -40.61 18.80
C GLN B 2786 15.15 -41.07 20.02
N ASP B 2787 15.52 -42.20 20.61
CA ASP B 2787 14.84 -42.67 21.83
C ASP B 2787 15.14 -41.75 23.01
N THR B 2788 16.31 -41.12 23.04
CA THR B 2788 16.65 -40.21 24.11
C THR B 2788 16.00 -38.84 23.90
N GLN B 2789 16.32 -38.19 22.78
CA GLN B 2789 15.77 -36.89 22.46
C GLN B 2789 15.27 -36.88 21.02
N PRO B 2790 14.18 -36.16 20.73
CA PRO B 2790 13.62 -36.18 19.38
C PRO B 2790 14.56 -35.65 18.31
N HIS B 2791 15.42 -34.70 18.64
CA HIS B 2791 16.27 -34.04 17.65
C HIS B 2791 17.60 -34.75 17.45
N TYR B 2792 17.80 -35.92 18.06
CA TYR B 2792 19.04 -36.67 17.92
C TYR B 2792 18.97 -37.52 16.65
N ILE B 2793 19.02 -36.84 15.51
CA ILE B 2793 18.97 -37.47 14.20
C ILE B 2793 20.24 -37.10 13.45
N TYR B 2794 21.05 -38.11 13.14
CA TYR B 2794 22.30 -37.92 12.42
C TYR B 2794 22.22 -38.63 11.07
N SER B 2795 22.56 -37.91 10.01
CA SER B 2795 22.38 -38.40 8.65
C SER B 2795 23.55 -37.94 7.78
N PRO B 2796 23.67 -38.42 6.54
CA PRO B 2796 24.70 -37.88 5.63
C PRO B 2796 24.61 -36.37 5.42
N ARG B 2797 23.52 -35.72 5.82
CA ARG B 2797 23.48 -34.27 5.80
C ARG B 2797 24.54 -33.69 6.72
N GLU B 2798 24.79 -34.34 7.85
CA GLU B 2798 25.87 -33.91 8.74
C GLU B 2798 27.22 -34.02 8.06
N MET B 2799 27.46 -35.11 7.33
CA MET B 2799 28.71 -35.25 6.57
C MET B 2799 28.84 -34.17 5.51
N THR B 2800 27.73 -33.87 4.81
CA THR B 2800 27.78 -32.84 3.78
C THR B 2800 28.11 -31.48 4.36
N ARG B 2801 27.47 -31.13 5.48
CA ARG B 2801 27.76 -29.84 6.12
C ARG B 2801 29.17 -29.84 6.71
N TRP B 2802 29.66 -31.00 7.15
CA TRP B 2802 31.06 -31.12 7.60
C TRP B 2802 32.03 -30.78 6.48
N VAL B 2803 31.82 -31.39 5.31
CA VAL B 2803 32.69 -31.12 4.17
C VAL B 2803 32.59 -29.67 3.75
N ARG B 2804 31.37 -29.11 3.75
CA ARG B 2804 31.20 -27.71 3.41
C ARG B 2804 31.94 -26.80 4.38
N GLY B 2805 31.85 -27.08 5.68
CA GLY B 2805 32.55 -26.26 6.66
C GLY B 2805 34.06 -26.32 6.50
N ILE B 2806 34.59 -27.53 6.33
CA ILE B 2806 36.04 -27.66 6.15
C ILE B 2806 36.48 -26.96 4.88
N PHE B 2807 35.73 -27.11 3.79
CA PHE B 2807 36.07 -26.47 2.52
C PHE B 2807 36.05 -24.95 2.65
N GLU B 2808 35.01 -24.41 3.29
CA GLU B 2808 34.93 -22.96 3.45
C GLU B 2808 36.00 -22.43 4.39
N ALA B 2809 36.49 -23.26 5.32
CA ALA B 2809 37.62 -22.85 6.14
C ALA B 2809 38.92 -22.86 5.35
N LEU B 2810 39.09 -23.86 4.48
CA LEU B 2810 40.33 -23.99 3.72
C LEU B 2810 40.36 -23.12 2.46
N ARG B 2811 39.23 -22.57 2.04
CA ARG B 2811 39.18 -21.86 0.75
C ARG B 2811 40.13 -20.68 0.69
N PRO B 2812 40.16 -19.74 1.66
CA PRO B 2812 41.06 -18.60 1.51
C PRO B 2812 42.50 -18.86 1.93
N LEU B 2813 42.75 -19.94 2.67
CA LEU B 2813 44.11 -20.23 3.11
C LEU B 2813 45.00 -20.62 1.94
N GLU B 2814 46.22 -20.11 1.94
CA GLU B 2814 47.21 -20.48 0.92
C GLU B 2814 48.02 -21.70 1.33
N THR B 2815 48.40 -21.79 2.60
CA THR B 2815 49.09 -22.95 3.14
C THR B 2815 48.58 -23.23 4.55
N LEU B 2816 48.68 -24.48 4.96
CA LEU B 2816 48.21 -24.89 6.28
C LEU B 2816 48.81 -26.24 6.65
N PRO B 2817 49.31 -26.39 7.87
CA PRO B 2817 49.85 -27.70 8.30
C PRO B 2817 48.73 -28.70 8.51
N VAL B 2818 49.15 -29.94 8.78
CA VAL B 2818 48.18 -30.99 9.08
C VAL B 2818 47.48 -30.71 10.41
N GLU B 2819 48.18 -30.07 11.35
CA GLU B 2819 47.56 -29.75 12.63
C GLU B 2819 46.41 -28.76 12.44
N GLY B 2820 46.56 -27.79 11.56
CA GLY B 2820 45.46 -26.88 11.27
C GLY B 2820 44.26 -27.59 10.68
N LEU B 2821 44.51 -28.53 9.77
CA LEU B 2821 43.43 -29.31 9.19
C LEU B 2821 42.71 -30.13 10.26
N ILE B 2822 43.47 -30.74 11.17
CA ILE B 2822 42.85 -31.50 12.25
C ILE B 2822 42.04 -30.60 13.16
N ARG B 2823 42.55 -29.39 13.42
CA ARG B 2823 41.80 -28.45 14.26
C ARG B 2823 40.50 -28.04 13.59
N ILE B 2824 40.53 -27.79 12.28
CA ILE B 2824 39.29 -27.46 11.56
C ILE B 2824 38.32 -28.63 11.60
N TRP B 2825 38.84 -29.84 11.41
CA TRP B 2825 38.01 -31.05 11.47
C TRP B 2825 37.33 -31.17 12.82
N ALA B 2826 38.09 -30.98 13.90
CA ALA B 2826 37.53 -31.10 15.24
C ALA B 2826 36.53 -29.97 15.53
N HIS B 2827 36.81 -28.76 15.04
CA HIS B 2827 35.88 -27.66 15.25
C HIS B 2827 34.56 -27.92 14.55
N GLU B 2828 34.60 -28.40 13.30
CA GLU B 2828 33.37 -28.71 12.60
C GLU B 2828 32.62 -29.86 13.27
N ALA B 2829 33.35 -30.87 13.75
CA ALA B 2829 32.71 -31.96 14.47
C ALA B 2829 32.02 -31.45 15.73
N LEU B 2830 32.66 -30.54 16.46
CA LEU B 2830 32.04 -29.94 17.64
C LEU B 2830 30.79 -29.16 17.27
N ARG B 2831 30.86 -28.38 16.19
CA ARG B 2831 29.71 -27.55 15.82
C ARG B 2831 28.56 -28.39 15.28
N LEU B 2832 28.85 -29.59 14.77
CA LEU B 2832 27.80 -30.41 14.15
C LEU B 2832 27.21 -31.45 15.08
N PHE B 2833 27.99 -32.03 15.98
CA PHE B 2833 27.53 -33.15 16.77
C PHE B 2833 27.34 -32.83 18.25
N GLN B 2834 27.76 -31.64 18.70
CA GLN B 2834 27.69 -31.28 20.11
C GLN B 2834 26.81 -30.08 20.40
N ASP B 2835 26.50 -29.25 19.39
CA ASP B 2835 25.68 -28.07 19.65
C ASP B 2835 24.26 -28.43 20.05
N ARG B 2836 23.74 -29.55 19.56
CA ARG B 2836 22.38 -29.97 19.84
C ARG B 2836 22.25 -30.81 21.10
N LEU B 2837 23.37 -31.20 21.71
CA LEU B 2837 23.34 -32.12 22.84
C LEU B 2837 22.76 -31.44 24.08
N VAL B 2838 22.04 -32.21 24.89
CA VAL B 2838 21.29 -31.67 26.02
C VAL B 2838 22.10 -31.75 27.31
N GLU B 2839 22.43 -32.96 27.73
CA GLU B 2839 23.14 -33.14 28.99
C GLU B 2839 24.65 -33.05 28.78
N ASP B 2840 25.37 -32.87 29.90
CA ASP B 2840 26.81 -32.68 29.83
C ASP B 2840 27.56 -33.97 29.53
N GLU B 2841 26.96 -35.12 29.83
CA GLU B 2841 27.62 -36.39 29.52
C GLU B 2841 27.79 -36.57 28.02
N GLU B 2842 26.80 -36.18 27.23
CA GLU B 2842 26.94 -36.23 25.78
C GLU B 2842 28.05 -35.31 25.29
N ARG B 2843 28.15 -34.11 25.87
CA ARG B 2843 29.24 -33.21 25.50
C ARG B 2843 30.59 -33.82 25.80
N ARG B 2844 30.75 -34.41 26.99
CA ARG B 2844 32.02 -35.02 27.36
C ARG B 2844 32.35 -36.19 26.44
N TRP B 2845 31.35 -37.03 26.14
CA TRP B 2845 31.57 -38.17 25.25
C TRP B 2845 31.99 -37.69 23.87
N THR B 2846 31.34 -36.65 23.35
CA THR B 2846 31.70 -36.11 22.04
C THR B 2846 33.13 -35.60 22.04
N ASP B 2847 33.51 -34.86 23.08
CA ASP B 2847 34.88 -34.33 23.16
C ASP B 2847 35.90 -35.47 23.16
N GLU B 2848 35.73 -36.43 24.07
CA GLU B 2848 36.70 -37.50 24.18
C GLU B 2848 36.77 -38.34 22.90
N ASN B 2849 35.61 -38.62 22.30
CA ASN B 2849 35.62 -39.46 21.10
C ASN B 2849 36.18 -38.73 19.90
N ILE B 2850 35.97 -37.42 19.80
CA ILE B 2850 36.66 -36.63 18.77
C ILE B 2850 38.16 -36.76 18.96
N ASP B 2851 38.63 -36.62 20.20
CA ASP B 2851 40.06 -36.75 20.46
C ASP B 2851 40.58 -38.12 20.03
N THR B 2852 39.88 -39.18 20.43
CA THR B 2852 40.35 -40.53 20.11
C THR B 2852 40.33 -40.80 18.61
N VAL B 2853 39.27 -40.37 17.90
CA VAL B 2853 39.21 -40.61 16.46
C VAL B 2853 40.33 -39.86 15.74
N ALA B 2854 40.53 -38.59 16.10
CA ALA B 2854 41.59 -37.81 15.46
C ALA B 2854 42.96 -38.41 15.75
N LEU B 2855 43.19 -38.87 16.98
CA LEU B 2855 44.47 -39.48 17.31
C LEU B 2855 44.67 -40.79 16.56
N LYS B 2856 43.61 -41.61 16.45
CA LYS B 2856 43.74 -42.92 15.84
C LYS B 2856 43.97 -42.82 14.33
N HIS B 2857 43.18 -41.99 13.65
CA HIS B 2857 43.32 -41.87 12.20
C HIS B 2857 44.40 -40.91 11.77
N PHE B 2858 44.92 -40.08 12.68
CA PHE B 2858 45.98 -39.12 12.38
C PHE B 2858 47.06 -39.19 13.45
N PRO B 2859 47.91 -40.21 13.40
CA PRO B 2859 49.05 -40.27 14.32
C PRO B 2859 50.15 -39.33 13.82
N ASN B 2860 51.23 -39.26 14.61
CA ASN B 2860 52.41 -38.45 14.28
C ASN B 2860 52.05 -36.99 14.07
N ILE B 2861 51.16 -36.47 14.93
CA ILE B 2861 50.80 -35.06 14.92
C ILE B 2861 50.94 -34.51 16.33
N ASP B 2862 51.05 -33.19 16.43
CA ASP B 2862 51.13 -32.53 17.72
C ASP B 2862 49.73 -32.44 18.30
N ARG B 2863 49.51 -33.15 19.42
CA ARG B 2863 48.19 -33.18 20.04
C ARG B 2863 47.75 -31.78 20.50
N GLU B 2864 48.66 -31.05 21.16
CA GLU B 2864 48.28 -29.77 21.73
C GLU B 2864 48.06 -28.72 20.65
N LYS B 2865 48.89 -28.72 19.61
CA LYS B 2865 48.78 -27.70 18.57
C LYS B 2865 47.48 -27.82 17.80
N ALA B 2866 46.98 -29.04 17.62
CA ALA B 2866 45.78 -29.27 16.84
C ALA B 2866 44.54 -29.53 17.68
N MET B 2867 44.68 -29.66 19.01
CA MET B 2867 43.54 -30.06 19.82
C MET B 2867 43.49 -29.30 21.15
N SER B 2868 43.99 -28.07 21.19
CA SER B 2868 43.79 -27.24 22.39
C SER B 2868 42.29 -27.07 22.62
N ARG B 2869 41.86 -27.31 23.86
CA ARG B 2869 40.44 -27.58 24.11
C ARG B 2869 39.52 -26.44 23.69
N PRO B 2870 39.81 -25.16 24.02
CA PRO B 2870 38.93 -24.10 23.51
C PRO B 2870 39.09 -23.90 22.01
N ILE B 2871 38.52 -24.79 21.22
CA ILE B 2871 38.62 -24.72 19.76
C ILE B 2871 37.65 -23.63 19.30
N LEU B 2872 38.17 -22.45 19.01
CA LEU B 2872 37.35 -21.32 18.59
C LEU B 2872 37.87 -20.81 17.25
N TYR B 2873 36.95 -20.46 16.36
CA TYR B 2873 37.27 -19.87 15.08
C TYR B 2873 36.41 -18.63 14.88
N SER B 2874 36.99 -17.64 14.19
CA SER B 2874 36.27 -16.40 13.93
C SER B 2874 36.92 -15.66 12.78
N ASN B 2875 36.11 -14.92 12.04
CA ASN B 2875 36.59 -14.02 10.99
C ASN B 2875 36.34 -12.56 11.36
N TRP B 2876 36.26 -12.28 12.67
CA TRP B 2876 35.98 -10.95 13.16
C TRP B 2876 37.23 -10.08 13.28
N LEU B 2877 38.34 -10.66 13.72
CA LEU B 2877 39.60 -9.94 13.84
C LEU B 2877 40.44 -9.99 12.57
N SER B 2878 40.00 -10.70 11.54
CA SER B 2878 40.73 -10.79 10.29
C SER B 2878 39.72 -10.87 9.15
N LYS B 2879 40.20 -11.17 7.95
CA LYS B 2879 39.34 -11.40 6.80
C LYS B 2879 39.15 -12.89 6.51
N ASP B 2880 39.67 -13.76 7.35
CA ASP B 2880 39.62 -15.21 7.13
C ASP B 2880 39.08 -15.92 8.36
N TYR B 2881 38.49 -17.09 8.12
CA TYR B 2881 37.95 -17.93 9.19
C TYR B 2881 39.09 -18.74 9.80
N ILE B 2882 39.79 -18.11 10.73
CA ILE B 2882 41.00 -18.69 11.32
C ILE B 2882 40.77 -18.84 12.82
N PRO B 2883 41.51 -19.72 13.48
CA PRO B 2883 41.33 -19.89 14.93
C PRO B 2883 41.61 -18.60 15.69
N VAL B 2884 40.87 -18.40 16.77
CA VAL B 2884 40.92 -17.16 17.54
C VAL B 2884 41.22 -17.49 19.00
N ASP B 2885 42.01 -16.64 19.64
CA ASP B 2885 42.28 -16.76 21.06
C ASP B 2885 41.06 -16.33 21.87
N GLN B 2886 40.87 -16.96 23.03
CA GLN B 2886 39.70 -16.65 23.84
C GLN B 2886 39.76 -15.25 24.42
N GLU B 2887 40.94 -14.81 24.88
CA GLU B 2887 41.03 -13.51 25.54
C GLU B 2887 40.94 -12.37 24.53
N GLU B 2888 41.59 -12.51 23.37
CA GLU B 2888 41.47 -11.49 22.33
C GLU B 2888 40.03 -11.41 21.83
N LEU B 2889 39.37 -12.56 21.68
CA LEU B 2889 37.96 -12.58 21.31
C LEU B 2889 37.12 -11.88 22.38
N ARG B 2890 37.43 -12.12 23.65
CA ARG B 2890 36.69 -11.45 24.72
C ARG B 2890 36.85 -9.94 24.65
N ASP B 2891 38.08 -9.47 24.42
CA ASP B 2891 38.31 -8.03 24.31
C ASP B 2891 37.55 -7.44 23.12
N TYR B 2892 37.60 -8.12 21.97
CA TYR B 2892 36.89 -7.62 20.80
C TYR B 2892 35.38 -7.57 21.04
N VAL B 2893 34.83 -8.62 21.65
CA VAL B 2893 33.40 -8.66 21.93
C VAL B 2893 33.03 -7.58 22.94
N LYS B 2894 33.91 -7.30 23.90
CA LYS B 2894 33.64 -6.24 24.86
C LYS B 2894 33.59 -4.88 24.19
N ALA B 2895 34.53 -4.62 23.27
CA ALA B 2895 34.51 -3.36 22.53
C ALA B 2895 33.25 -3.24 21.67
N ARG B 2896 32.91 -4.33 20.96
CA ARG B 2896 31.70 -4.30 20.15
C ARG B 2896 30.45 -4.15 21.01
N LEU B 2897 30.48 -4.66 22.24
CA LEU B 2897 29.32 -4.52 23.12
C LEU B 2897 29.20 -3.10 23.65
N LYS B 2898 30.32 -2.45 23.96
CA LYS B 2898 30.23 -1.06 24.38
C LYS B 2898 29.77 -0.17 23.24
N VAL B 2899 30.07 -0.55 22.00
CA VAL B 2899 29.46 0.15 20.86
C VAL B 2899 27.97 -0.18 20.76
N PHE B 2900 27.62 -1.45 20.97
CA PHE B 2900 26.24 -1.92 20.82
C PHE B 2900 25.31 -1.22 21.80
N TYR B 2901 25.78 -1.00 23.03
CA TYR B 2901 24.94 -0.39 24.05
C TYR B 2901 24.48 1.00 23.61
N GLU B 2902 25.36 1.78 22.98
CA GLU B 2902 25.00 3.10 22.52
C GLU B 2902 24.35 3.11 21.13
N GLU B 2903 24.55 2.06 20.34
CA GLU B 2903 23.99 2.05 18.98
C GLU B 2903 22.57 1.51 18.95
N GLU B 2904 22.36 0.28 19.40
CA GLU B 2904 21.09 -0.41 19.20
C GLU B 2904 20.33 -0.68 20.49
N LEU B 2905 20.94 -1.36 21.46
CA LEU B 2905 20.23 -1.80 22.65
C LEU B 2905 21.09 -1.53 23.87
N ASP B 2906 20.60 -0.65 24.75
CA ASP B 2906 21.35 -0.26 25.96
C ASP B 2906 20.96 -1.20 27.11
N VAL B 2907 21.39 -2.44 26.98
CA VAL B 2907 21.22 -3.46 28.01
C VAL B 2907 22.60 -4.02 28.33
N PRO B 2908 23.17 -3.66 29.48
CA PRO B 2908 24.50 -4.17 29.84
C PRO B 2908 24.51 -5.68 29.99
N LEU B 2909 25.60 -6.30 29.55
CA LEU B 2909 25.74 -7.75 29.55
C LEU B 2909 27.02 -8.14 30.29
N VAL B 2910 26.98 -9.32 30.90
CA VAL B 2910 28.13 -9.89 31.58
C VAL B 2910 28.69 -11.00 30.70
N LEU B 2911 29.95 -10.88 30.32
CA LEU B 2911 30.59 -11.83 29.41
C LEU B 2911 31.14 -13.02 30.17
N PHE B 2912 30.91 -14.21 29.62
CA PHE B 2912 31.58 -15.42 30.05
C PHE B 2912 31.83 -16.28 28.82
N ASN B 2913 32.57 -17.38 29.02
CA ASN B 2913 33.05 -18.17 27.89
C ASN B 2913 31.89 -18.70 27.05
N GLU B 2914 30.80 -19.11 27.70
CA GLU B 2914 29.65 -19.61 26.97
C GLU B 2914 29.05 -18.54 26.06
N VAL B 2915 29.09 -17.27 26.48
CA VAL B 2915 28.58 -16.19 25.62
C VAL B 2915 29.43 -16.09 24.36
N LEU B 2916 30.75 -16.17 24.49
CA LEU B 2916 31.62 -16.12 23.32
C LEU B 2916 31.35 -17.29 22.39
N ASP B 2917 31.23 -18.49 22.96
CA ASP B 2917 30.94 -19.65 22.12
C ASP B 2917 29.60 -19.50 21.41
N HIS B 2918 28.58 -19.02 22.12
CA HIS B 2918 27.25 -18.88 21.53
C HIS B 2918 27.21 -17.82 20.44
N VAL B 2919 27.89 -16.69 20.66
CA VAL B 2919 27.90 -15.67 19.61
C VAL B 2919 28.66 -16.16 18.39
N LEU B 2920 29.72 -16.96 18.59
CA LEU B 2920 30.40 -17.56 17.45
C LEU B 2920 29.48 -18.52 16.69
N ARG B 2921 28.73 -19.34 17.43
CA ARG B 2921 27.79 -20.26 16.78
C ARG B 2921 26.72 -19.52 15.99
N ILE B 2922 26.20 -18.43 16.56
CA ILE B 2922 25.18 -17.64 15.87
C ILE B 2922 25.76 -16.96 14.63
N ASP B 2923 26.99 -16.47 14.74
CA ASP B 2923 27.65 -15.84 13.59
C ASP B 2923 27.87 -16.84 12.47
N ARG B 2924 28.19 -18.09 12.82
CA ARG B 2924 28.37 -19.12 11.80
C ARG B 2924 27.12 -19.30 10.95
N ILE B 2925 25.95 -19.10 11.54
CA ILE B 2925 24.69 -19.33 10.83
C ILE B 2925 24.20 -18.07 10.12
N PHE B 2926 24.41 -16.90 10.73
CA PHE B 2926 24.01 -15.66 10.05
C PHE B 2926 24.82 -15.37 8.80
N ARG B 2927 25.82 -16.19 8.47
CA ARG B 2927 26.64 -16.01 7.28
C ARG B 2927 26.36 -17.06 6.22
N GLN B 2928 25.33 -17.87 6.40
CA GLN B 2928 25.02 -18.93 5.45
C GLN B 2928 23.72 -18.62 4.69
N PRO B 2929 23.60 -19.10 3.45
CA PRO B 2929 22.34 -18.91 2.72
C PRO B 2929 21.24 -19.79 3.30
N GLN B 2930 20.07 -19.19 3.50
CA GLN B 2930 18.94 -19.87 4.14
C GLN B 2930 19.35 -20.46 5.49
N GLY B 2931 20.13 -19.69 6.23
CA GLY B 2931 20.61 -20.13 7.53
C GLY B 2931 19.69 -19.72 8.66
N HIS B 2932 18.93 -20.67 9.19
CA HIS B 2932 17.98 -20.42 10.26
C HIS B 2932 18.47 -21.08 11.54
N LEU B 2933 18.14 -20.45 12.67
CA LEU B 2933 18.56 -20.90 13.98
C LEU B 2933 17.36 -21.37 14.79
N LEU B 2934 17.62 -22.33 15.69
CA LEU B 2934 16.63 -22.78 16.68
C LEU B 2934 17.36 -22.83 18.01
N LEU B 2935 17.26 -21.75 18.78
CA LEU B 2935 17.93 -21.65 20.08
C LEU B 2935 16.99 -22.16 21.16
N ILE B 2936 17.38 -23.24 21.84
CA ILE B 2936 16.55 -23.85 22.86
C ILE B 2936 17.25 -23.65 24.21
N GLY B 2937 16.58 -22.95 25.12
CA GLY B 2937 17.17 -22.69 26.41
C GLY B 2937 16.15 -22.01 27.31
N VAL B 2938 16.54 -21.88 28.58
CA VAL B 2938 15.65 -21.28 29.57
C VAL B 2938 15.46 -19.80 29.25
N SER B 2939 14.28 -19.28 29.60
CA SER B 2939 14.01 -17.87 29.40
C SER B 2939 14.93 -17.03 30.29
N GLY B 2940 15.32 -15.86 29.78
CA GLY B 2940 16.25 -15.02 30.50
C GLY B 2940 17.70 -15.42 30.36
N ALA B 2941 18.02 -16.36 29.48
CA ALA B 2941 19.39 -16.80 29.27
C ALA B 2941 20.13 -15.98 28.23
N GLY B 2942 19.48 -14.99 27.63
CA GLY B 2942 20.13 -14.12 26.68
C GLY B 2942 20.08 -14.55 25.23
N LYS B 2943 19.19 -15.48 24.87
CA LYS B 2943 19.14 -15.96 23.50
C LYS B 2943 18.77 -14.83 22.54
N THR B 2944 17.70 -14.10 22.85
CA THR B 2944 17.28 -13.00 21.99
C THR B 2944 18.31 -11.88 21.97
N THR B 2945 18.87 -11.55 23.13
CA THR B 2945 19.85 -10.46 23.20
C THR B 2945 21.10 -10.80 22.40
N LEU B 2946 21.61 -12.03 22.56
CA LEU B 2946 22.78 -12.45 21.78
C LEU B 2946 22.46 -12.50 20.29
N SER B 2947 21.25 -12.95 19.94
CA SER B 2947 20.87 -12.98 18.53
C SER B 2947 20.86 -11.57 17.94
N ARG B 2948 20.30 -10.61 18.67
CA ARG B 2948 20.28 -9.22 18.20
C ARG B 2948 21.70 -8.66 18.10
N PHE B 2949 22.56 -8.98 19.07
CA PHE B 2949 23.93 -8.50 19.04
C PHE B 2949 24.67 -9.03 17.82
N VAL B 2950 24.55 -10.33 17.55
CA VAL B 2950 25.24 -10.92 16.41
C VAL B 2950 24.65 -10.41 15.10
N ALA B 2951 23.33 -10.21 15.05
CA ALA B 2951 22.70 -9.66 13.85
C ALA B 2951 23.21 -8.25 13.58
N TRP B 2952 23.34 -7.43 14.63
CA TRP B 2952 23.88 -6.09 14.47
C TRP B 2952 25.33 -6.14 13.99
N MET B 2953 26.11 -7.08 14.52
CA MET B 2953 27.51 -7.19 14.11
C MET B 2953 27.64 -7.68 12.67
N ASN B 2954 26.68 -8.45 12.18
CA ASN B 2954 26.67 -8.90 10.79
C ASN B 2954 25.91 -7.97 9.87
N GLY B 2955 25.36 -6.86 10.39
CA GLY B 2955 24.60 -5.95 9.57
C GLY B 2955 23.16 -6.36 9.32
N LEU B 2956 22.70 -7.45 9.94
CA LEU B 2956 21.33 -7.89 9.78
C LEU B 2956 20.39 -6.92 10.49
N SER B 2957 19.21 -6.71 9.91
CA SER B 2957 18.17 -5.92 10.55
C SER B 2957 17.26 -6.85 11.34
N VAL B 2958 17.11 -6.57 12.63
CA VAL B 2958 16.34 -7.44 13.51
C VAL B 2958 14.86 -7.11 13.36
N TYR B 2959 14.05 -8.14 13.07
CA TYR B 2959 12.61 -7.98 12.98
C TYR B 2959 11.93 -8.92 13.96
N GLN B 2960 11.06 -8.36 14.80
CA GLN B 2960 10.25 -9.13 15.73
C GLN B 2960 8.79 -8.71 15.56
N ILE B 2961 7.89 -9.69 15.55
CA ILE B 2961 6.47 -9.38 15.47
C ILE B 2961 6.01 -8.84 16.82
N LYS B 2962 5.27 -7.73 16.78
CA LYS B 2962 4.79 -7.07 17.99
C LYS B 2962 3.43 -7.65 18.32
N VAL B 2963 3.42 -8.68 19.14
CA VAL B 2963 2.19 -9.39 19.49
C VAL B 2963 1.47 -8.67 20.62
N HIS B 2964 0.15 -8.80 20.63
CA HIS B 2964 -0.66 -8.27 21.72
C HIS B 2964 -1.85 -9.22 21.91
N ARG B 2965 -2.82 -8.79 22.71
CA ARG B 2965 -3.95 -9.67 23.02
C ARG B 2965 -4.84 -9.91 21.82
N LYS B 2966 -4.96 -8.93 20.92
CA LYS B 2966 -5.85 -9.02 19.77
C LYS B 2966 -5.10 -9.42 18.49
N TYR B 2967 -3.89 -9.93 18.62
CA TYR B 2967 -3.15 -10.41 17.45
C TYR B 2967 -3.84 -11.64 16.86
N THR B 2968 -4.02 -11.63 15.54
CA THR B 2968 -4.71 -12.70 14.84
C THR B 2968 -3.82 -13.21 13.71
N GLY B 2969 -4.36 -14.16 12.94
CA GLY B 2969 -3.62 -14.70 11.81
C GLY B 2969 -3.38 -13.69 10.70
N GLU B 2970 -4.35 -12.79 10.49
CA GLU B 2970 -4.18 -11.77 9.46
C GLU B 2970 -3.04 -10.82 9.78
N ASP B 2971 -2.88 -10.47 11.05
CA ASP B 2971 -1.76 -9.62 11.46
C ASP B 2971 -0.43 -10.31 11.20
N PHE B 2972 -0.35 -11.62 11.50
CA PHE B 2972 0.86 -12.37 11.22
C PHE B 2972 1.14 -12.45 9.73
N ASP B 2973 0.09 -12.64 8.92
CA ASP B 2973 0.28 -12.65 7.47
C ASP B 2973 0.79 -11.31 6.98
N GLU B 2974 0.27 -10.20 7.53
CA GLU B 2974 0.75 -8.88 7.16
C GLU B 2974 2.21 -8.69 7.56
N ASP B 2975 2.60 -9.14 8.75
CA ASP B 2975 3.98 -9.04 9.17
C ASP B 2975 4.90 -9.89 8.28
N LEU B 2976 4.44 -11.08 7.91
CA LEU B 2976 5.22 -11.93 7.01
C LEU B 2976 5.39 -11.27 5.65
N ARG B 2977 4.33 -10.65 5.12
CA ARG B 2977 4.45 -9.94 3.86
C ARG B 2977 5.41 -8.77 3.98
N THR B 2978 5.37 -8.04 5.09
CA THR B 2978 6.29 -6.93 5.30
C THR B 2978 7.74 -7.40 5.31
N VAL B 2979 8.03 -8.44 6.08
CA VAL B 2979 9.41 -8.90 6.19
C VAL B 2979 9.89 -9.52 4.87
N LEU B 2980 9.00 -10.22 4.16
CA LEU B 2980 9.39 -10.82 2.89
C LEU B 2980 9.61 -9.75 1.82
N ARG B 2981 8.80 -8.69 1.83
CA ARG B 2981 9.01 -7.59 0.90
C ARG B 2981 10.32 -6.88 1.19
N ARG B 2982 10.63 -6.66 2.47
CA ARG B 2982 11.89 -6.02 2.81
C ARG B 2982 13.09 -6.89 2.43
N SER B 2983 12.99 -8.19 2.65
CA SER B 2983 14.12 -9.09 2.46
C SER B 2983 14.27 -9.61 1.03
N GLY B 2984 13.24 -9.50 0.20
CA GLY B 2984 13.30 -10.07 -1.13
C GLY B 2984 13.20 -9.04 -2.24
N CYS B 2985 12.46 -7.95 -1.99
CA CYS B 2985 12.32 -6.89 -2.97
C CYS B 2985 13.32 -5.76 -2.79
N LYS B 2986 13.73 -5.49 -1.55
CA LYS B 2986 14.66 -4.40 -1.27
C LYS B 2986 16.06 -4.89 -0.92
N ASN B 2987 16.32 -6.19 -1.09
CA ASN B 2987 17.66 -6.76 -0.89
C ASN B 2987 18.21 -6.43 0.49
N GLU B 2988 17.35 -6.52 1.51
CA GLU B 2988 17.71 -6.19 2.88
C GLU B 2988 17.89 -7.47 3.68
N LYS B 2989 19.06 -7.66 4.26
CA LYS B 2989 19.31 -8.83 5.09
C LYS B 2989 18.62 -8.67 6.43
N ILE B 2990 17.76 -9.63 6.77
CA ILE B 2990 16.89 -9.52 7.94
C ILE B 2990 17.03 -10.77 8.80
N ALA B 2991 17.23 -10.55 10.10
CA ALA B 2991 17.17 -11.60 11.12
C ALA B 2991 15.79 -11.51 11.75
N PHE B 2992 14.91 -12.43 11.38
CA PHE B 2992 13.54 -12.52 11.88
C PHE B 2992 13.58 -13.35 13.15
N ILE B 2993 13.54 -12.67 14.30
CA ILE B 2993 13.66 -13.32 15.60
C ILE B 2993 12.27 -13.55 16.17
N MET B 2994 11.98 -14.77 16.56
CA MET B 2994 10.65 -15.14 17.05
C MET B 2994 10.79 -16.11 18.21
N ASP B 2995 9.88 -15.98 19.19
CA ASP B 2995 9.81 -16.89 20.32
C ASP B 2995 8.60 -17.81 20.17
N GLU B 2996 8.62 -18.90 20.93
CA GLU B 2996 7.47 -19.80 20.95
C GLU B 2996 6.25 -19.12 21.56
N SER B 2997 6.47 -18.08 22.36
CA SER B 2997 5.36 -17.31 22.91
C SER B 2997 4.60 -16.53 21.83
N ASN B 2998 5.26 -16.21 20.72
CA ASN B 2998 4.62 -15.46 19.64
C ASN B 2998 3.70 -16.32 18.79
N VAL B 2999 3.73 -17.64 18.95
CA VAL B 2999 2.90 -18.55 18.18
C VAL B 2999 1.57 -18.70 18.91
N LEU B 3000 0.55 -17.99 18.44
CA LEU B 3000 -0.77 -18.05 19.03
C LEU B 3000 -1.70 -19.02 18.30
N ASP B 3001 -1.23 -19.67 17.24
CA ASP B 3001 -2.07 -20.55 16.45
C ASP B 3001 -1.20 -21.50 15.66
N SER B 3002 -1.78 -22.64 15.27
CA SER B 3002 -1.07 -23.59 14.43
C SER B 3002 -0.86 -23.06 13.02
N GLY B 3003 -1.70 -22.13 12.56
CA GLY B 3003 -1.48 -21.52 11.27
C GLY B 3003 -0.17 -20.75 11.20
N PHE B 3004 0.24 -20.15 12.33
CA PHE B 3004 1.52 -19.47 12.38
C PHE B 3004 2.64 -20.45 12.10
N LEU B 3005 2.59 -21.62 12.73
CA LEU B 3005 3.62 -22.63 12.54
C LEU B 3005 3.59 -23.21 11.13
N GLU B 3006 2.40 -23.35 10.55
CA GLU B 3006 2.32 -23.83 9.17
C GLU B 3006 2.96 -22.84 8.20
N ARG B 3007 2.64 -21.55 8.35
CA ARG B 3007 3.25 -20.53 7.51
C ARG B 3007 4.76 -20.50 7.69
N MET B 3008 5.22 -20.57 8.95
CA MET B 3008 6.65 -20.54 9.20
C MET B 3008 7.35 -21.78 8.66
N ASN B 3009 6.71 -22.95 8.75
CA ASN B 3009 7.28 -24.17 8.19
C ASN B 3009 7.47 -24.03 6.68
N THR B 3010 6.43 -23.54 5.99
CA THR B 3010 6.56 -23.35 4.55
C THR B 3010 7.66 -22.34 4.22
N LEU B 3011 7.71 -21.23 4.97
CA LEU B 3011 8.72 -20.20 4.70
C LEU B 3011 10.14 -20.72 4.94
N LEU B 3012 10.35 -21.46 6.03
CA LEU B 3012 11.68 -22.00 6.30
C LEU B 3012 12.10 -23.02 5.25
N ALA B 3013 11.19 -23.92 4.88
CA ALA B 3013 11.59 -25.00 3.99
C ALA B 3013 11.77 -24.52 2.55
N ASN B 3014 10.86 -23.67 2.05
CA ASN B 3014 10.88 -23.27 0.65
C ASN B 3014 11.44 -21.88 0.41
N GLY B 3015 11.36 -20.98 1.38
CA GLY B 3015 11.73 -19.60 1.14
C GLY B 3015 10.60 -18.70 0.68
N GLU B 3016 9.40 -19.26 0.47
CA GLU B 3016 8.25 -18.44 0.13
C GLU B 3016 6.98 -19.20 0.51
N VAL B 3017 5.91 -18.45 0.75
CA VAL B 3017 4.60 -19.02 1.08
C VAL B 3017 3.73 -18.89 -0.17
N PRO B 3018 3.23 -19.99 -0.74
CA PRO B 3018 2.52 -19.90 -2.02
C PRO B 3018 1.27 -19.03 -1.97
N GLY B 3019 0.55 -19.02 -0.86
CA GLY B 3019 -0.68 -18.27 -0.74
C GLY B 3019 -0.60 -16.97 0.02
N LEU B 3020 0.61 -16.51 0.38
CA LEU B 3020 0.73 -15.30 1.19
C LEU B 3020 0.37 -14.06 0.39
N PHE B 3021 0.89 -13.94 -0.83
CA PHE B 3021 0.64 -12.79 -1.69
C PHE B 3021 -0.42 -13.17 -2.72
N GLU B 3022 -1.51 -12.41 -2.74
CA GLU B 3022 -2.58 -12.64 -3.71
C GLU B 3022 -3.40 -11.37 -3.83
N GLY B 3023 -4.12 -11.27 -4.95
CA GLY B 3023 -4.93 -10.08 -5.19
C GLY B 3023 -4.07 -8.87 -5.46
N ASP B 3024 -4.40 -7.76 -4.80
CA ASP B 3024 -3.61 -6.54 -4.95
C ASP B 3024 -2.21 -6.71 -4.34
N GLU B 3025 -2.09 -7.54 -3.30
CA GLU B 3025 -0.79 -7.79 -2.70
C GLU B 3025 0.17 -8.41 -3.71
N TYR B 3026 -0.31 -9.36 -4.51
CA TYR B 3026 0.57 -9.99 -5.50
C TYR B 3026 0.97 -9.01 -6.59
N ALA B 3027 0.06 -8.15 -7.03
CA ALA B 3027 0.41 -7.17 -8.04
C ALA B 3027 1.43 -6.18 -7.53
N THR B 3028 1.25 -5.70 -6.30
CA THR B 3028 2.22 -4.79 -5.69
C THR B 3028 3.57 -5.49 -5.51
N LEU B 3029 3.55 -6.76 -5.11
CA LEU B 3029 4.78 -7.52 -4.97
C LEU B 3029 5.49 -7.66 -6.31
N MET B 3030 4.74 -7.91 -7.38
CA MET B 3030 5.34 -8.01 -8.71
C MET B 3030 5.95 -6.70 -9.14
N THR B 3031 5.27 -5.58 -8.87
CA THR B 3031 5.83 -4.27 -9.19
C THR B 3031 7.15 -4.03 -8.45
N GLN B 3032 7.15 -4.29 -7.14
CA GLN B 3032 8.36 -4.08 -6.35
C GLN B 3032 9.48 -5.02 -6.78
N CYS B 3033 9.13 -6.27 -7.10
CA CYS B 3033 10.14 -7.23 -7.57
C CYS B 3033 10.74 -6.77 -8.89
N LYS B 3034 9.91 -6.25 -9.79
CA LYS B 3034 10.44 -5.68 -11.03
C LYS B 3034 11.43 -4.56 -10.73
N GLU B 3035 10.97 -3.52 -10.02
CA GLU B 3035 11.84 -2.40 -9.69
C GLU B 3035 13.15 -2.85 -9.04
N GLY B 3036 13.07 -3.84 -8.15
CA GLY B 3036 14.29 -4.37 -7.55
C GLY B 3036 15.18 -5.10 -8.55
N ALA B 3037 14.57 -5.78 -9.52
CA ALA B 3037 15.36 -6.47 -10.53
C ALA B 3037 16.12 -5.50 -11.41
N GLN B 3038 15.44 -4.48 -11.94
CA GLN B 3038 16.18 -3.46 -12.69
C GLN B 3038 17.09 -2.64 -11.79
N LYS B 3039 16.86 -2.67 -10.47
CA LYS B 3039 17.80 -2.02 -9.56
C LYS B 3039 19.07 -2.85 -9.39
N GLU B 3040 18.96 -4.17 -9.54
CA GLU B 3040 20.10 -5.07 -9.41
C GLU B 3040 20.73 -5.43 -10.76
N GLY B 3041 20.25 -4.85 -11.85
CA GLY B 3041 20.82 -5.14 -13.16
C GLY B 3041 20.21 -6.31 -13.88
N LEU B 3042 19.00 -6.73 -13.51
CA LEU B 3042 18.29 -7.80 -14.19
C LEU B 3042 17.03 -7.25 -14.85
N MET B 3043 16.85 -7.56 -16.13
CA MET B 3043 15.70 -7.12 -16.90
C MET B 3043 14.67 -8.25 -16.90
N LEU B 3044 13.73 -8.19 -15.97
CA LEU B 3044 12.68 -9.20 -15.84
C LEU B 3044 11.33 -8.52 -15.76
N ASP B 3045 10.37 -9.03 -16.51
CA ASP B 3045 8.98 -8.58 -16.41
C ASP B 3045 7.96 -9.71 -16.35
N SER B 3046 8.35 -10.94 -16.65
CA SER B 3046 7.45 -12.07 -16.47
C SER B 3046 7.23 -12.35 -14.99
N HIS B 3047 5.98 -12.64 -14.63
CA HIS B 3047 5.65 -12.85 -13.22
C HIS B 3047 6.33 -14.10 -12.65
N GLU B 3048 6.50 -15.14 -13.47
CA GLU B 3048 7.12 -16.37 -12.99
C GLU B 3048 8.59 -16.14 -12.64
N GLU B 3049 9.34 -15.52 -13.55
CA GLU B 3049 10.75 -15.24 -13.28
C GLU B 3049 10.91 -14.23 -12.15
N LEU B 3050 10.01 -13.24 -12.08
CA LEU B 3050 10.04 -12.29 -10.98
C LEU B 3050 9.83 -12.99 -9.65
N TYR B 3051 8.87 -13.91 -9.59
CA TYR B 3051 8.62 -14.64 -8.34
C TYR B 3051 9.78 -15.55 -7.99
N LYS B 3052 10.40 -16.18 -8.98
CA LYS B 3052 11.57 -17.02 -8.70
C LYS B 3052 12.73 -16.20 -8.17
N TRP B 3053 12.97 -15.02 -8.76
CA TRP B 3053 14.02 -14.14 -8.26
C TRP B 3053 13.70 -13.66 -6.85
N PHE B 3054 12.43 -13.36 -6.57
CA PHE B 3054 12.03 -12.96 -5.23
C PHE B 3054 12.28 -14.08 -4.23
N THR B 3055 11.95 -15.32 -4.60
CA THR B 3055 12.20 -16.46 -3.73
C THR B 3055 13.68 -16.63 -3.46
N SER B 3056 14.52 -16.50 -4.50
CA SER B 3056 15.95 -16.61 -4.32
C SER B 3056 16.49 -15.51 -3.41
N GLN B 3057 16.00 -14.29 -3.58
CA GLN B 3057 16.42 -13.19 -2.71
C GLN B 3057 16.04 -13.44 -1.27
N VAL B 3058 14.82 -13.93 -1.03
CA VAL B 3058 14.39 -14.24 0.32
C VAL B 3058 15.25 -15.35 0.91
N ILE B 3059 15.57 -16.36 0.11
CA ILE B 3059 16.41 -17.46 0.58
C ILE B 3059 17.78 -16.94 0.99
N ARG B 3060 18.35 -16.04 0.19
CA ARG B 3060 19.68 -15.52 0.51
C ARG B 3060 19.65 -14.62 1.74
N ASN B 3061 18.63 -13.77 1.87
CA ASN B 3061 18.68 -12.66 2.81
C ASN B 3061 18.03 -12.94 4.15
N LEU B 3062 16.97 -13.74 4.20
CA LEU B 3062 16.21 -13.94 5.43
C LEU B 3062 16.82 -15.04 6.27
N HIS B 3063 17.10 -14.72 7.55
CA HIS B 3063 17.54 -15.71 8.52
C HIS B 3063 16.58 -15.68 9.70
N VAL B 3064 15.94 -16.81 9.98
CA VAL B 3064 14.93 -16.91 11.02
C VAL B 3064 15.56 -17.52 12.26
N VAL B 3065 15.44 -16.83 13.39
CA VAL B 3065 15.89 -17.32 14.68
C VAL B 3065 14.65 -17.69 15.48
N PHE B 3066 14.60 -18.92 15.97
CA PHE B 3066 13.48 -19.41 16.76
C PHE B 3066 13.98 -19.73 18.16
N THR B 3067 13.38 -19.11 19.17
CA THR B 3067 13.76 -19.31 20.56
C THR B 3067 12.62 -19.98 21.30
N MET B 3068 12.95 -20.98 22.11
CA MET B 3068 11.94 -21.71 22.88
C MET B 3068 12.58 -22.29 24.12
N ASN B 3069 11.72 -22.62 25.10
CA ASN B 3069 12.16 -23.22 26.34
C ASN B 3069 12.43 -24.72 26.16
N PRO B 3070 13.34 -25.29 26.97
CA PRO B 3070 13.70 -26.71 26.80
C PRO B 3070 12.69 -27.66 27.44
N SER B 3071 11.51 -27.73 26.84
CA SER B 3071 10.50 -28.70 27.27
C SER B 3071 10.65 -29.98 26.46
N SER B 3072 10.20 -31.09 27.06
CA SER B 3072 10.30 -32.40 26.42
C SER B 3072 9.08 -32.69 25.55
N GLU B 3073 7.89 -32.64 26.14
CA GLU B 3073 6.67 -32.86 25.37
C GLU B 3073 6.49 -31.78 24.31
N GLY B 3074 6.82 -30.53 24.64
CA GLY B 3074 6.74 -29.48 23.64
C GLY B 3074 7.67 -29.69 22.47
N LEU B 3075 8.91 -30.13 22.75
CA LEU B 3075 9.85 -30.43 21.68
C LEU B 3075 9.36 -31.59 20.82
N LYS B 3076 8.84 -32.63 21.47
CA LYS B 3076 8.31 -33.78 20.72
C LYS B 3076 7.14 -33.36 19.83
N ASP B 3077 6.27 -32.48 20.35
CA ASP B 3077 5.15 -32.00 19.54
C ASP B 3077 5.63 -31.16 18.37
N ARG B 3078 6.59 -30.26 18.61
CA ARG B 3078 7.11 -29.42 17.53
C ARG B 3078 7.89 -30.23 16.50
N ALA B 3079 8.41 -31.39 16.88
CA ALA B 3079 9.09 -32.25 15.92
C ALA B 3079 8.18 -32.70 14.79
N ALA B 3080 6.87 -32.70 15.00
CA ALA B 3080 5.90 -33.06 13.99
C ALA B 3080 5.06 -31.89 13.51
N THR B 3081 4.73 -30.94 14.40
CA THR B 3081 3.93 -29.79 13.99
C THR B 3081 4.67 -28.91 12.99
N SER B 3082 5.97 -28.70 13.19
CA SER B 3082 6.80 -27.94 12.25
C SER B 3082 8.06 -28.74 11.97
N PRO B 3083 7.97 -29.72 11.07
CA PRO B 3083 9.15 -30.57 10.80
C PRO B 3083 10.36 -29.80 10.29
N ALA B 3084 10.17 -28.77 9.47
CA ALA B 3084 11.30 -28.00 8.96
C ALA B 3084 12.10 -27.35 10.07
N LEU B 3085 11.46 -27.07 11.21
CA LEU B 3085 12.18 -26.51 12.36
C LEU B 3085 13.30 -27.43 12.83
N PHE B 3086 13.23 -28.71 12.49
CA PHE B 3086 14.29 -29.65 12.83
C PHE B 3086 15.04 -30.16 11.61
N ASN B 3087 14.79 -29.60 10.43
CA ASN B 3087 15.54 -29.97 9.23
C ASN B 3087 16.20 -28.80 8.54
N ARG B 3088 15.56 -27.62 8.53
CA ARG B 3088 16.15 -26.43 7.93
C ARG B 3088 16.73 -25.48 8.95
N CYS B 3089 16.53 -25.74 10.24
CA CYS B 3089 17.02 -24.89 11.32
C CYS B 3089 18.13 -25.61 12.07
N VAL B 3090 19.27 -24.94 12.21
CA VAL B 3090 20.36 -25.45 13.03
C VAL B 3090 19.97 -25.31 14.49
N LEU B 3091 19.93 -26.43 15.20
CA LEU B 3091 19.48 -26.44 16.59
C LEU B 3091 20.68 -26.21 17.50
N ASN B 3092 20.59 -25.18 18.34
CA ASN B 3092 21.63 -24.85 19.30
C ASN B 3092 21.01 -24.84 20.69
N TRP B 3093 21.55 -25.68 21.58
CA TRP B 3093 20.99 -25.87 22.91
C TRP B 3093 21.75 -24.98 23.89
N PHE B 3094 21.20 -23.78 24.14
CA PHE B 3094 21.75 -22.93 25.19
C PHE B 3094 21.59 -23.59 26.55
N GLY B 3095 20.40 -24.11 26.83
CA GLY B 3095 20.11 -24.66 28.14
C GLY B 3095 20.07 -23.58 29.21
N ASP B 3096 20.25 -24.01 30.44
CA ASP B 3096 20.41 -23.10 31.56
C ASP B 3096 21.88 -22.76 31.74
N TRP B 3097 22.14 -21.67 32.46
CA TRP B 3097 23.53 -21.33 32.78
C TRP B 3097 24.11 -22.40 33.69
N SER B 3098 25.23 -22.96 33.28
CA SER B 3098 25.89 -23.98 34.09
C SER B 3098 26.46 -23.37 35.37
N THR B 3099 26.95 -24.24 36.24
CA THR B 3099 27.60 -23.76 37.46
C THR B 3099 28.80 -22.88 37.13
N GLU B 3100 29.56 -23.25 36.11
CA GLU B 3100 30.68 -22.42 35.67
C GLU B 3100 30.21 -21.06 35.18
N ALA B 3101 29.12 -21.03 34.42
CA ALA B 3101 28.60 -19.76 33.92
C ALA B 3101 28.13 -18.86 35.06
N LEU B 3102 27.39 -19.44 36.02
CA LEU B 3102 26.96 -18.67 37.18
C LEU B 3102 28.16 -18.14 37.96
N TYR B 3103 29.17 -18.98 38.14
CA TYR B 3103 30.37 -18.56 38.87
C TYR B 3103 31.08 -17.41 38.16
N GLN B 3104 31.23 -17.51 36.84
CA GLN B 3104 31.89 -16.43 36.10
C GLN B 3104 31.08 -15.15 36.16
N VAL B 3105 29.76 -15.24 36.02
CA VAL B 3105 28.92 -14.04 36.09
C VAL B 3105 29.05 -13.38 37.46
N GLY B 3106 28.98 -14.19 38.52
CA GLY B 3106 29.13 -13.63 39.86
C GLY B 3106 30.51 -13.04 40.10
N LYS B 3107 31.56 -13.73 39.65
CA LYS B 3107 32.92 -13.24 39.84
C LYS B 3107 33.14 -11.93 39.11
N GLU B 3108 32.60 -11.80 37.90
CA GLU B 3108 32.78 -10.56 37.15
C GLU B 3108 31.94 -9.43 37.75
N PHE B 3109 30.71 -9.73 38.17
CA PHE B 3109 29.84 -8.68 38.69
C PHE B 3109 30.31 -8.18 40.05
N THR B 3110 30.79 -9.08 40.92
CA THR B 3110 31.21 -8.74 42.26
C THR B 3110 32.65 -8.27 42.33
N SER B 3111 33.23 -7.87 41.19
CA SER B 3111 34.61 -7.38 41.18
C SER B 3111 34.72 -5.99 41.76
N LYS B 3112 33.66 -5.18 41.67
CA LYS B 3112 33.71 -3.82 42.21
C LYS B 3112 33.65 -3.80 43.73
N MET B 3113 32.95 -4.75 44.34
CA MET B 3113 32.88 -4.80 45.79
C MET B 3113 34.21 -5.25 46.37
N ASP B 3114 34.44 -4.88 47.64
CA ASP B 3114 35.70 -5.21 48.31
C ASP B 3114 35.87 -6.71 48.42
N LEU B 3115 35.03 -7.36 49.23
CA LEU B 3115 35.07 -8.81 49.45
C LEU B 3115 36.47 -9.33 49.74
N GLU B 3116 37.36 -8.49 50.26
CA GLU B 3116 38.74 -8.85 50.53
C GLU B 3116 38.92 -8.96 52.05
N LYS B 3117 39.04 -10.19 52.53
CA LYS B 3117 39.29 -10.45 53.94
C LYS B 3117 40.62 -11.19 54.05
N PRO B 3118 41.72 -10.48 54.35
CA PRO B 3118 43.04 -11.14 54.34
C PRO B 3118 43.17 -12.29 55.33
N ASN B 3119 42.50 -12.21 56.49
CA ASN B 3119 42.58 -13.26 57.49
C ASN B 3119 41.47 -14.30 57.36
N TYR B 3120 40.97 -14.53 56.15
CA TYR B 3120 39.96 -15.56 55.93
C TYR B 3120 40.55 -16.93 56.23
N ILE B 3121 39.81 -17.75 56.97
CA ILE B 3121 40.24 -19.09 57.36
C ILE B 3121 39.45 -20.08 56.55
N VAL B 3122 40.14 -20.81 55.68
CA VAL B 3122 39.48 -21.82 54.83
C VAL B 3122 38.97 -22.96 55.70
N PRO B 3123 37.70 -23.35 55.60
CA PRO B 3123 37.21 -24.46 56.41
C PRO B 3123 37.79 -25.79 55.95
N ASP B 3124 37.80 -26.75 56.89
CA ASP B 3124 38.33 -28.07 56.60
C ASP B 3124 37.54 -28.76 55.50
N TYR B 3125 36.21 -28.66 55.55
CA TYR B 3125 35.33 -29.23 54.54
C TYR B 3125 34.66 -28.07 53.83
N MET B 3126 35.31 -27.57 52.78
CA MET B 3126 34.78 -26.45 52.02
C MET B 3126 33.57 -26.92 51.20
N PRO B 3127 32.40 -26.30 51.35
CA PRO B 3127 31.21 -26.72 50.58
C PRO B 3127 31.29 -26.22 49.14
N VAL B 3128 32.04 -26.94 48.32
CA VAL B 3128 32.31 -26.52 46.96
C VAL B 3128 31.16 -26.95 46.05
N VAL B 3129 30.66 -26.02 45.25
CA VAL B 3129 29.68 -26.33 44.23
C VAL B 3129 30.22 -26.09 42.82
N TYR B 3130 31.22 -25.22 42.67
CA TYR B 3130 31.92 -25.06 41.39
C TYR B 3130 33.11 -26.01 41.41
N ASP B 3131 33.02 -27.09 40.64
CA ASP B 3131 34.02 -28.15 40.72
C ASP B 3131 35.41 -27.68 40.31
N LYS B 3132 35.52 -26.55 39.61
CA LYS B 3132 36.80 -26.00 39.20
C LYS B 3132 37.22 -24.82 40.08
N LEU B 3133 36.60 -24.65 41.23
CA LEU B 3133 36.99 -23.59 42.14
C LEU B 3133 38.38 -23.88 42.71
N PRO B 3134 39.22 -22.87 42.87
CA PRO B 3134 40.56 -23.10 43.46
C PRO B 3134 40.45 -23.71 44.85
N GLN B 3135 41.34 -24.64 45.14
CA GLN B 3135 41.27 -25.37 46.40
C GLN B 3135 41.64 -24.54 47.62
N PRO B 3136 42.64 -23.65 47.58
CA PRO B 3136 42.76 -22.64 48.65
C PRO B 3136 42.00 -21.38 48.27
N PRO B 3137 40.69 -21.34 48.45
CA PRO B 3137 39.90 -20.23 47.91
C PRO B 3137 40.12 -18.93 48.67
N SER B 3138 39.97 -17.83 47.96
CA SER B 3138 39.97 -16.51 48.58
C SER B 3138 38.59 -16.24 49.19
N HIS B 3139 38.47 -15.10 49.86
CA HIS B 3139 37.16 -14.70 50.37
C HIS B 3139 36.19 -14.43 49.22
N ARG B 3140 36.67 -13.76 48.17
CA ARG B 3140 35.83 -13.48 47.01
C ARG B 3140 35.35 -14.78 46.35
N GLU B 3141 36.25 -15.76 46.23
CA GLU B 3141 35.88 -17.04 45.62
C GLU B 3141 34.81 -17.75 46.46
N ALA B 3142 34.95 -17.71 47.79
CA ALA B 3142 33.94 -18.30 48.65
C ALA B 3142 32.61 -17.58 48.52
N ILE B 3143 32.64 -16.25 48.38
CA ILE B 3143 31.40 -15.48 48.22
C ILE B 3143 30.69 -15.90 46.94
N VAL B 3144 31.43 -15.98 45.84
CA VAL B 3144 30.82 -16.36 44.56
C VAL B 3144 30.32 -17.79 44.61
N ASN B 3145 31.05 -18.69 45.27
CA ASN B 3145 30.59 -20.05 45.44
C ASN B 3145 29.28 -20.09 46.22
N SER B 3146 29.16 -19.26 47.25
CA SER B 3146 27.92 -19.19 48.01
C SER B 3146 26.77 -18.67 47.15
N CYS B 3147 27.04 -17.70 46.28
CA CYS B 3147 25.99 -17.20 45.39
C CYS B 3147 25.50 -18.30 44.45
N VAL B 3148 26.44 -19.05 43.87
CA VAL B 3148 26.06 -20.17 43.00
C VAL B 3148 25.26 -21.19 43.79
N PHE B 3149 25.66 -21.47 45.03
CA PHE B 3149 24.91 -22.40 45.86
C PHE B 3149 23.51 -21.90 46.12
N VAL B 3150 23.34 -20.58 46.29
CA VAL B 3150 22.00 -20.03 46.51
C VAL B 3150 21.12 -20.28 45.28
N HIS B 3151 21.66 -20.03 44.10
CA HIS B 3151 20.88 -20.30 42.89
C HIS B 3151 20.49 -21.79 42.81
N GLN B 3152 21.45 -22.66 43.09
CA GLN B 3152 21.18 -24.10 42.99
C GLN B 3152 20.20 -24.57 44.05
N THR B 3153 20.21 -23.97 45.24
CA THR B 3153 19.27 -24.41 46.27
C THR B 3153 17.87 -23.88 46.00
N LEU B 3154 17.74 -22.75 45.31
CA LEU B 3154 16.42 -22.40 44.78
C LEU B 3154 15.95 -23.41 43.76
N HIS B 3155 16.85 -23.89 42.90
CA HIS B 3155 16.47 -24.96 41.97
C HIS B 3155 15.97 -26.18 42.74
N GLN B 3156 16.69 -26.58 43.79
CA GLN B 3156 16.29 -27.74 44.58
C GLN B 3156 14.96 -27.52 45.30
N ALA B 3157 14.74 -26.30 45.79
CA ALA B 3157 13.47 -25.99 46.45
C ALA B 3157 12.30 -26.09 45.48
N ASN B 3158 12.47 -25.58 44.26
CA ASN B 3158 11.43 -25.73 43.26
C ASN B 3158 11.19 -27.20 42.93
N ALA B 3159 12.27 -28.00 42.86
CA ALA B 3159 12.11 -29.42 42.61
C ALA B 3159 11.31 -30.09 43.71
N ARG B 3160 11.63 -29.77 44.98
CA ARG B 3160 10.89 -30.35 46.09
C ARG B 3160 9.43 -29.94 46.08
N LEU B 3161 9.15 -28.66 45.78
CA LEU B 3161 7.77 -28.21 45.72
C LEU B 3161 7.00 -28.93 44.60
N ALA B 3162 7.65 -29.11 43.45
CA ALA B 3162 7.00 -29.83 42.36
C ALA B 3162 6.73 -31.27 42.73
N LYS B 3163 7.68 -31.92 43.42
CA LYS B 3163 7.50 -33.32 43.77
C LYS B 3163 6.33 -33.53 44.73
N ARG B 3164 6.19 -32.66 45.74
CA ARG B 3164 5.12 -32.78 46.71
C ARG B 3164 3.75 -32.49 46.10
N GLY B 3165 3.70 -31.76 44.99
CA GLY B 3165 2.46 -31.43 44.33
C GLY B 3165 2.09 -29.97 44.35
N GLY B 3166 2.98 -29.10 44.81
CA GLY B 3166 2.71 -27.67 44.84
C GLY B 3166 2.95 -27.02 43.50
N ARG B 3167 2.82 -25.69 43.50
CA ARG B 3167 3.00 -24.88 42.31
C ARG B 3167 4.35 -24.18 42.35
N THR B 3168 5.07 -24.23 41.23
CA THR B 3168 6.42 -23.69 41.14
C THR B 3168 6.52 -22.70 39.99
N MET B 3169 7.35 -21.69 40.18
CA MET B 3169 7.70 -20.75 39.13
C MET B 3169 9.17 -20.94 38.77
N ALA B 3170 9.46 -20.83 37.48
CA ALA B 3170 10.80 -21.15 36.97
C ALA B 3170 11.84 -20.20 37.55
N ILE B 3171 13.00 -20.76 37.88
CA ILE B 3171 14.15 -19.99 38.34
C ILE B 3171 15.08 -19.81 37.16
N THR B 3172 15.25 -18.57 36.73
CA THR B 3172 15.98 -18.22 35.52
C THR B 3172 17.29 -17.54 35.87
N PRO B 3173 18.19 -17.39 34.89
CA PRO B 3173 19.40 -16.59 35.14
C PRO B 3173 19.12 -15.15 35.50
N ARG B 3174 17.96 -14.61 35.12
CA ARG B 3174 17.59 -13.27 35.55
C ARG B 3174 17.41 -13.19 37.06
N HIS B 3175 16.99 -14.30 37.68
CA HIS B 3175 16.96 -14.34 39.15
C HIS B 3175 18.36 -14.17 39.72
N TYR B 3176 19.35 -14.84 39.13
CA TYR B 3176 20.73 -14.71 39.57
C TYR B 3176 21.25 -13.29 39.36
N LEU B 3177 20.89 -12.69 38.22
CA LEU B 3177 21.30 -11.31 37.96
C LEU B 3177 20.70 -10.35 38.98
N ASP B 3178 19.42 -10.53 39.30
CA ASP B 3178 18.80 -9.74 40.35
C ASP B 3178 19.49 -9.95 41.69
N PHE B 3179 19.85 -11.20 41.99
CA PHE B 3179 20.51 -11.51 43.25
C PHE B 3179 21.84 -10.77 43.36
N ILE B 3180 22.67 -10.83 42.31
CA ILE B 3180 23.98 -10.18 42.40
C ILE B 3180 23.83 -8.66 42.38
N ASN B 3181 22.86 -8.13 41.64
CA ASN B 3181 22.61 -6.69 41.68
C ASN B 3181 22.21 -6.23 43.07
N HIS B 3182 21.30 -6.97 43.71
CA HIS B 3182 20.90 -6.65 45.07
C HIS B 3182 22.08 -6.77 46.02
N TYR B 3183 22.94 -7.77 45.81
CA TYR B 3183 24.11 -7.93 46.66
C TYR B 3183 25.02 -6.72 46.57
N ALA B 3184 25.30 -6.27 45.34
CA ALA B 3184 26.17 -5.11 45.15
C ALA B 3184 25.56 -3.87 45.78
N ASN B 3185 24.27 -3.62 45.51
CA ASN B 3185 23.64 -2.41 46.03
C ASN B 3185 23.59 -2.42 47.55
N LEU B 3186 23.19 -3.55 48.14
CA LEU B 3186 23.10 -3.64 49.59
C LEU B 3186 24.46 -3.51 50.25
N PHE B 3187 25.48 -4.15 49.67
CA PHE B 3187 26.83 -4.03 50.21
C PHE B 3187 27.29 -2.58 50.21
N HIS B 3188 27.13 -1.90 49.09
CA HIS B 3188 27.56 -0.51 49.01
C HIS B 3188 26.79 0.36 50.00
N GLU B 3189 25.47 0.19 50.08
CA GLU B 3189 24.66 1.02 50.96
C GLU B 3189 25.01 0.79 52.43
N LYS B 3190 25.12 -0.48 52.84
CA LYS B 3190 25.43 -0.80 54.22
C LYS B 3190 26.82 -0.28 54.61
N ARG B 3191 27.81 -0.49 53.74
CA ARG B 3191 29.15 0.00 54.04
C ARG B 3191 29.17 1.52 54.15
N SER B 3192 28.51 2.21 53.23
CA SER B 3192 28.51 3.67 53.24
C SER B 3192 27.85 4.21 54.51
N GLU B 3193 26.69 3.64 54.90
CA GLU B 3193 26.01 4.16 56.07
C GLU B 3193 26.77 3.83 57.34
N LEU B 3194 27.41 2.65 57.40
CA LEU B 3194 28.22 2.33 58.57
C LEU B 3194 29.39 3.28 58.70
N GLU B 3195 30.07 3.59 57.58
CA GLU B 3195 31.19 4.53 57.65
C GLU B 3195 30.72 5.92 58.08
N GLU B 3196 29.59 6.38 57.54
CA GLU B 3196 29.08 7.69 57.92
C GLU B 3196 28.71 7.74 59.40
N GLN B 3197 28.06 6.69 59.90
CA GLN B 3197 27.69 6.64 61.31
C GLN B 3197 28.93 6.63 62.20
N GLN B 3198 29.95 5.87 61.82
CA GLN B 3198 31.19 5.85 62.60
C GLN B 3198 31.86 7.20 62.61
N MET B 3199 31.88 7.90 61.47
CA MET B 3199 32.47 9.24 61.42
C MET B 3199 31.71 10.18 62.35
N HIS B 3200 30.38 10.12 62.32
CA HIS B 3200 29.57 10.98 63.19
C HIS B 3200 29.85 10.68 64.66
N LEU B 3201 29.92 9.39 65.02
CA LEU B 3201 30.18 9.02 66.40
C LEU B 3201 31.56 9.49 66.86
N ASN B 3202 32.57 9.35 66.00
CA ASN B 3202 33.90 9.80 66.35
C ASN B 3202 33.93 11.31 66.56
N VAL B 3203 33.25 12.06 65.68
CA VAL B 3203 33.20 13.51 65.84
C VAL B 3203 32.51 13.88 67.15
N GLY B 3204 31.41 13.19 67.49
CA GLY B 3204 30.72 13.48 68.74
C GLY B 3204 31.56 13.21 69.96
N LEU B 3205 32.25 12.06 69.98
CA LEU B 3205 33.11 11.73 71.11
C LEU B 3205 34.26 12.72 71.24
N ARG B 3206 34.85 13.12 70.11
CA ARG B 3206 35.90 14.13 70.13
C ARG B 3206 35.38 15.44 70.70
N LYS B 3207 34.17 15.85 70.30
CA LYS B 3207 33.59 17.08 70.82
C LYS B 3207 33.37 17.00 72.32
N ILE B 3208 32.88 15.86 72.81
CA ILE B 3208 32.65 15.71 74.25
C ILE B 3208 33.97 15.78 75.01
N LYS B 3209 35.01 15.11 74.51
CA LYS B 3209 36.31 15.16 75.19
C LYS B 3209 36.88 16.58 75.17
N GLU B 3210 36.75 17.28 74.04
CA GLU B 3210 37.18 18.67 73.99
C GLU B 3210 36.41 19.51 75.00
N THR B 3211 35.12 19.27 75.14
CA THR B 3211 34.31 20.04 76.08
C THR B 3211 34.75 19.81 77.52
N VAL B 3212 35.02 18.56 77.89
CA VAL B 3212 35.42 18.29 79.27
C VAL B 3212 36.80 18.88 79.56
N ASP B 3213 37.70 18.83 78.57
CA ASP B 3213 38.99 19.49 78.74
C ASP B 3213 38.84 21.00 78.88
N GLN B 3214 37.93 21.60 78.11
CA GLN B 3214 37.65 23.03 78.24
C GLN B 3214 37.09 23.35 79.61
N VAL B 3215 36.22 22.48 80.15
CA VAL B 3215 35.70 22.69 81.50
C VAL B 3215 36.82 22.66 82.52
N GLU B 3216 37.77 21.74 82.37
CA GLU B 3216 38.89 21.68 83.32
C GLU B 3216 39.73 22.95 83.25
N GLU B 3217 40.11 23.36 82.03
CA GLU B 3217 40.91 24.58 81.91
C GLU B 3217 40.13 25.81 82.37
N LEU B 3218 38.80 25.77 82.27
CA LEU B 3218 38.00 26.89 82.74
C LEU B 3218 37.90 26.90 84.26
N ARG B 3219 37.90 25.73 84.90
CA ARG B 3219 38.11 25.67 86.35
C ARG B 3219 39.41 26.36 86.73
N ARG B 3220 40.48 26.03 86.02
CA ARG B 3220 41.79 26.61 86.34
C ARG B 3220 41.78 28.13 86.13
N ASP B 3221 41.18 28.59 85.04
CA ASP B 3221 41.05 30.03 84.80
C ASP B 3221 40.20 30.70 85.87
N LEU B 3222 39.16 30.02 86.34
CA LEU B 3222 38.33 30.57 87.42
C LEU B 3222 39.16 30.75 88.69
N ARG B 3223 40.01 29.78 89.01
CA ARG B 3223 40.85 29.91 90.20
C ARG B 3223 41.84 31.06 90.05
N ILE B 3224 42.44 31.21 88.86
CA ILE B 3224 43.34 32.35 88.64
C ILE B 3224 42.59 33.66 88.79
N LYS B 3225 41.38 33.74 88.23
CA LYS B 3225 40.58 34.95 88.36
C LYS B 3225 40.26 35.26 89.81
N SER B 3226 39.96 34.21 90.59
CA SER B 3226 39.65 34.41 92.01
C SER B 3226 40.85 34.97 92.76
N GLN B 3227 42.04 34.41 92.52
CA GLN B 3227 43.22 34.90 93.24
C GLN B 3227 43.56 36.34 92.82
N GLU B 3228 43.45 36.64 91.53
CA GLU B 3228 43.71 38.01 91.08
C GLU B 3228 42.70 38.97 91.69
N LEU B 3229 41.44 38.56 91.75
CA LEU B 3229 40.40 39.40 92.35
C LEU B 3229 40.67 39.66 93.81
N GLU B 3230 41.06 38.62 94.56
CA GLU B 3230 41.27 38.82 95.99
C GLU B 3230 42.49 39.71 96.25
N VAL B 3231 43.56 39.56 95.47
CA VAL B 3231 44.71 40.43 95.68
C VAL B 3231 44.38 41.86 95.29
N LYS B 3232 43.60 42.06 94.22
CA LYS B 3232 43.20 43.41 93.84
C LYS B 3232 42.33 44.05 94.92
N ASN B 3233 41.38 43.29 95.47
CA ASN B 3233 40.51 43.81 96.51
C ASN B 3233 41.31 44.15 97.76
N ALA B 3234 42.26 43.29 98.14
CA ALA B 3234 43.08 43.56 99.30
C ALA B 3234 43.92 44.82 99.11
N ALA B 3235 44.53 44.98 97.93
CA ALA B 3235 45.32 46.18 97.66
C ALA B 3235 44.45 47.42 97.72
N ALA B 3236 43.26 47.37 97.12
CA ALA B 3236 42.34 48.51 97.16
C ALA B 3236 41.97 48.87 98.59
N ASN B 3237 41.64 47.87 99.40
CA ASN B 3237 41.24 48.13 100.78
C ASN B 3237 42.38 48.74 101.58
N ASP B 3238 43.57 48.14 101.49
CA ASP B 3238 44.70 48.65 102.26
C ASP B 3238 45.08 50.06 101.84
N LYS B 3239 44.99 50.37 100.55
CA LYS B 3239 45.32 51.72 100.13
C LYS B 3239 44.22 52.73 100.46
N LEU B 3240 42.96 52.31 100.49
CA LEU B 3240 41.91 53.23 100.89
C LEU B 3240 41.84 53.41 102.40
N LYS B 3241 42.51 52.55 103.18
CA LYS B 3241 42.68 52.83 104.60
C LYS B 3241 43.47 54.12 104.81
N LYS B 3242 44.51 54.32 104.02
CA LYS B 3242 45.32 55.54 104.10
C LYS B 3242 44.52 56.75 103.62
N GLU B 3449 39.53 58.83 94.37
CA GLU B 3449 38.85 59.08 93.10
C GLU B 3449 39.38 58.14 92.02
N GLU B 3450 40.61 57.67 92.18
CA GLU B 3450 41.21 56.71 91.26
C GLU B 3450 41.09 55.28 91.75
N TYR B 3451 41.05 55.07 93.07
CA TYR B 3451 40.84 53.74 93.61
C TYR B 3451 39.38 53.32 93.53
N ALA B 3452 38.46 54.29 93.41
CA ALA B 3452 37.08 53.95 93.09
C ALA B 3452 36.99 53.29 91.72
N VAL B 3453 37.79 53.77 90.75
CA VAL B 3453 37.77 53.19 89.42
C VAL B 3453 38.22 51.74 89.45
N LEU B 3454 39.29 51.46 90.19
CA LEU B 3454 39.79 50.09 90.23
C LEU B 3454 38.94 49.17 91.11
N ILE B 3455 38.28 49.69 92.14
CA ILE B 3455 37.33 48.82 92.85
C ILE B 3455 36.11 48.57 91.97
N SER B 3456 35.74 49.52 91.12
CA SER B 3456 34.66 49.28 90.17
C SER B 3456 35.04 48.20 89.17
N GLU B 3457 36.26 48.25 88.65
CA GLU B 3457 36.68 47.19 87.73
C GLU B 3457 36.88 45.86 88.47
N ALA B 3458 37.18 45.92 89.77
CA ALA B 3458 37.22 44.70 90.57
C ALA B 3458 35.83 44.08 90.69
N GLN B 3459 34.80 44.90 90.87
CA GLN B 3459 33.45 44.35 90.88
C GLN B 3459 33.03 43.89 89.49
N ALA B 3460 33.55 44.53 88.44
CA ALA B 3460 33.29 44.06 87.08
C ALA B 3460 33.88 42.67 86.87
N ILE B 3461 35.12 42.46 87.31
CA ILE B 3461 35.71 41.14 87.19
C ILE B 3461 35.07 40.16 88.16
N LYS B 3462 34.45 40.66 89.25
CA LYS B 3462 33.64 39.81 90.10
C LYS B 3462 32.41 39.29 89.35
N ALA B 3463 31.75 40.17 88.60
CA ALA B 3463 30.63 39.75 87.77
C ALA B 3463 31.09 38.77 86.70
N ASP B 3464 32.25 39.02 86.10
CA ASP B 3464 32.81 38.08 85.13
C ASP B 3464 33.09 36.73 85.76
N LEU B 3465 33.62 36.72 86.99
CA LEU B 3465 33.89 35.47 87.69
C LEU B 3465 32.60 34.72 88.00
N ALA B 3466 31.55 35.44 88.41
CA ALA B 3466 30.26 34.81 88.65
C ALA B 3466 29.70 34.20 87.37
N ALA B 3467 29.83 34.92 86.25
CA ALA B 3467 29.39 34.37 84.98
C ALA B 3467 30.17 33.13 84.60
N VAL B 3468 31.49 33.14 84.84
CA VAL B 3468 32.32 31.98 84.55
C VAL B 3468 31.91 30.80 85.42
N GLU B 3469 31.62 31.04 86.70
CA GLU B 3469 31.19 29.96 87.59
C GLU B 3469 29.85 29.38 87.16
N ALA B 3470 28.91 30.25 86.77
CA ALA B 3470 27.62 29.75 86.28
C ALA B 3470 27.79 28.93 85.02
N LYS B 3471 28.64 29.40 84.10
CA LYS B 3471 28.92 28.65 82.89
C LYS B 3471 29.56 27.30 83.21
N VAL B 3472 30.46 27.28 84.19
CA VAL B 3472 31.09 26.03 84.62
C VAL B 3472 30.04 25.06 85.14
N ASN B 3473 29.14 25.55 86.00
CA ASN B 3473 28.13 24.68 86.57
C ASN B 3473 27.19 24.12 85.51
N ARG B 3474 26.74 24.98 84.58
CA ARG B 3474 25.83 24.52 83.54
C ARG B 3474 26.53 23.53 82.61
N SER B 3475 27.81 23.78 82.28
CA SER B 3475 28.54 22.87 81.41
C SER B 3475 28.75 21.52 82.07
N THR B 3476 29.12 21.51 83.36
CA THR B 3476 29.33 20.23 84.03
C THR B 3476 28.03 19.48 84.24
N ALA B 3477 26.92 20.19 84.44
CA ALA B 3477 25.61 19.53 84.47
C ALA B 3477 25.30 18.90 83.12
N LEU B 3478 25.60 19.61 82.03
CA LEU B 3478 25.38 19.05 80.70
C LEU B 3478 26.23 17.80 80.49
N LEU B 3479 27.50 17.84 80.87
CA LEU B 3479 28.37 16.68 80.70
C LEU B 3479 27.90 15.50 81.53
N LYS B 3480 27.50 15.73 82.78
CA LYS B 3480 27.00 14.63 83.59
C LYS B 3480 25.65 14.14 83.10
N SER B 3481 24.93 14.95 82.31
CA SER B 3481 23.72 14.47 81.66
C SER B 3481 23.98 13.80 80.33
N LEU B 3482 25.17 13.98 79.75
CA LEU B 3482 25.54 13.38 78.47
C LEU B 3482 26.41 12.14 78.63
N SER B 3483 26.58 11.64 79.84
CA SER B 3483 27.45 10.48 80.06
C SER B 3483 26.91 9.24 79.37
N ALA B 3484 25.59 9.03 79.44
CA ALA B 3484 25.02 7.82 78.85
C ALA B 3484 25.22 7.79 77.34
N GLU B 3485 25.02 8.92 76.67
CA GLU B 3485 25.23 8.98 75.23
C GLU B 3485 26.69 8.79 74.87
N ARG B 3486 27.62 9.34 75.67
CA ARG B 3486 29.03 9.10 75.43
C ARG B 3486 29.37 7.63 75.55
N GLU B 3487 28.83 6.95 76.58
CA GLU B 3487 29.08 5.53 76.75
C GLU B 3487 28.51 4.73 75.59
N ARG B 3488 27.27 5.03 75.19
CA ARG B 3488 26.65 4.30 74.09
C ARG B 3488 27.41 4.50 72.79
N TRP B 3489 27.84 5.74 72.52
CA TRP B 3489 28.60 6.02 71.31
C TRP B 3489 29.94 5.30 71.33
N GLU B 3490 30.58 5.25 72.50
CA GLU B 3490 31.86 4.54 72.60
C GLU B 3490 31.68 3.05 72.33
N LYS B 3491 30.64 2.44 72.90
CA LYS B 3491 30.40 1.02 72.63
C LYS B 3491 30.10 0.77 71.17
N THR B 3492 29.29 1.62 70.54
CA THR B 3492 28.96 1.44 69.13
C THR B 3492 30.19 1.63 68.25
N SER B 3493 31.03 2.62 68.56
CA SER B 3493 32.25 2.82 67.78
C SER B 3493 33.23 1.68 67.99
N GLU B 3494 33.22 1.05 69.17
CA GLU B 3494 34.07 -0.10 69.39
C GLU B 3494 33.58 -1.31 68.61
N THR B 3495 32.27 -1.51 68.55
CA THR B 3495 31.71 -2.65 67.83
C THR B 3495 31.60 -2.41 66.33
N PHE B 3496 31.91 -1.19 65.86
CA PHE B 3496 31.92 -0.92 64.43
C PHE B 3496 32.82 -1.90 63.67
N LYS B 3497 33.98 -2.25 64.25
CA LYS B 3497 34.89 -3.17 63.58
C LYS B 3497 34.26 -4.54 63.43
N ASN B 3498 33.55 -5.00 64.45
CA ASN B 3498 32.83 -6.27 64.34
C ASN B 3498 31.72 -6.19 63.29
N GLN B 3499 30.99 -5.08 63.27
CA GLN B 3499 29.90 -4.94 62.30
C GLN B 3499 30.43 -4.93 60.88
N MET B 3500 31.61 -4.34 60.66
CA MET B 3500 32.17 -4.26 59.32
C MET B 3500 32.56 -5.65 58.79
N SER B 3501 32.89 -6.58 59.68
CA SER B 3501 33.33 -7.91 59.25
C SER B 3501 32.18 -8.75 58.73
N THR B 3502 31.04 -8.72 59.43
CA THR B 3502 29.90 -9.56 59.10
C THR B 3502 28.96 -8.89 58.09
N ILE B 3503 29.45 -7.93 57.32
CA ILE B 3503 28.58 -7.21 56.40
C ILE B 3503 28.40 -7.98 55.09
N ALA B 3504 29.42 -8.71 54.65
CA ALA B 3504 29.33 -9.42 53.37
C ALA B 3504 28.30 -10.53 53.43
N GLY B 3505 28.35 -11.37 54.48
CA GLY B 3505 27.39 -12.44 54.60
C GLY B 3505 25.98 -11.94 54.81
N ASP B 3506 25.83 -10.88 55.61
CA ASP B 3506 24.50 -10.31 55.84
C ASP B 3506 23.91 -9.76 54.55
N CYS B 3507 24.71 -9.03 53.78
CA CYS B 3507 24.21 -8.50 52.51
C CYS B 3507 23.91 -9.62 51.53
N LEU B 3508 24.73 -10.68 51.53
CA LEU B 3508 24.45 -11.82 50.66
C LEU B 3508 23.11 -12.45 51.01
N LEU B 3509 22.86 -12.69 52.30
CA LEU B 3509 21.60 -13.29 52.72
C LEU B 3509 20.42 -12.40 52.38
N SER B 3510 20.55 -11.09 52.63
CA SER B 3510 19.45 -10.17 52.35
C SER B 3510 19.16 -10.11 50.86
N ALA B 3511 20.21 -10.05 50.03
CA ALA B 3511 20.01 -10.01 48.59
C ALA B 3511 19.36 -11.29 48.08
N ALA B 3512 19.80 -12.44 48.60
CA ALA B 3512 19.19 -13.70 48.20
C ALA B 3512 17.71 -13.73 48.58
N PHE B 3513 17.39 -13.26 49.79
CA PHE B 3513 15.99 -13.24 50.22
C PHE B 3513 15.15 -12.33 49.34
N ILE B 3514 15.67 -11.15 48.99
CA ILE B 3514 14.90 -10.22 48.16
C ILE B 3514 14.70 -10.79 46.77
N ALA B 3515 15.75 -11.41 46.19
CA ALA B 3515 15.68 -11.82 44.80
C ALA B 3515 14.97 -13.15 44.61
N TYR B 3516 14.93 -14.01 45.63
CA TYR B 3516 14.45 -15.38 45.45
C TYR B 3516 13.21 -15.72 46.25
N ALA B 3517 13.15 -15.34 47.52
CA ALA B 3517 12.12 -15.83 48.43
C ALA B 3517 10.78 -15.11 48.29
N GLY B 3518 10.58 -14.35 47.22
CA GLY B 3518 9.35 -13.58 47.10
C GLY B 3518 8.11 -14.42 46.93
N TYR B 3519 8.17 -15.44 46.06
CA TYR B 3519 6.97 -16.21 45.73
C TYR B 3519 6.58 -17.20 46.83
N PHE B 3520 7.55 -17.66 47.62
CA PHE B 3520 7.29 -18.74 48.56
C PHE B 3520 6.59 -18.20 49.81
N ASP B 3521 6.01 -19.12 50.57
CA ASP B 3521 5.30 -18.78 51.79
C ASP B 3521 6.28 -18.73 52.96
N GLN B 3522 5.75 -18.57 54.18
CA GLN B 3522 6.60 -18.36 55.35
C GLN B 3522 7.53 -19.55 55.58
N GLN B 3523 6.98 -20.76 55.52
CA GLN B 3523 7.78 -21.95 55.83
C GLN B 3523 8.91 -22.12 54.84
N MET B 3524 8.64 -21.95 53.54
CA MET B 3524 9.70 -22.17 52.55
C MET B 3524 10.70 -21.04 52.55
N ARG B 3525 10.25 -19.81 52.82
CA ARG B 3525 11.19 -18.70 52.99
C ARG B 3525 12.14 -18.98 54.14
N GLN B 3526 11.61 -19.45 55.27
CA GLN B 3526 12.47 -19.76 56.42
C GLN B 3526 13.41 -20.90 56.09
N ASN B 3527 12.93 -21.93 55.39
CA ASN B 3527 13.79 -23.04 55.02
C ASN B 3527 14.93 -22.59 54.11
N LEU B 3528 14.63 -21.74 53.12
CA LEU B 3528 15.66 -21.22 52.24
C LEU B 3528 16.69 -20.40 53.00
N PHE B 3529 16.22 -19.52 53.90
CA PHE B 3529 17.14 -18.70 54.67
C PHE B 3529 18.02 -19.56 55.57
N THR B 3530 17.43 -20.59 56.19
CA THR B 3530 18.21 -21.50 57.02
C THR B 3530 19.26 -22.25 56.21
N THR B 3531 18.90 -22.69 55.01
CA THR B 3531 19.87 -23.37 54.15
C THR B 3531 21.03 -22.45 53.78
N TRP B 3532 20.72 -21.21 53.41
CA TRP B 3532 21.76 -20.26 53.06
C TRP B 3532 22.66 -19.97 54.25
N SER B 3533 22.07 -19.78 55.44
CA SER B 3533 22.85 -19.50 56.63
C SER B 3533 23.74 -20.68 56.99
N HIS B 3534 23.21 -21.90 56.87
CA HIS B 3534 24.03 -23.08 57.14
C HIS B 3534 25.20 -23.17 56.18
N HIS B 3535 24.96 -22.90 54.89
CA HIS B 3535 26.07 -22.94 53.94
C HIS B 3535 27.11 -21.88 54.25
N LEU B 3536 26.68 -20.67 54.63
CA LEU B 3536 27.65 -19.63 54.95
C LEU B 3536 28.43 -19.97 56.22
N GLN B 3537 27.78 -20.61 57.19
CA GLN B 3537 28.50 -21.09 58.37
C GLN B 3537 29.52 -22.14 57.99
N GLN B 3538 29.16 -23.04 57.08
CA GLN B 3538 30.10 -24.07 56.64
C GLN B 3538 31.28 -23.48 55.90
N ALA B 3539 31.09 -22.36 55.21
CA ALA B 3539 32.13 -21.73 54.42
C ALA B 3539 32.93 -20.70 55.20
N ASN B 3540 32.70 -20.59 56.51
CA ASN B 3540 33.43 -19.66 57.37
C ASN B 3540 33.24 -18.21 56.90
N ILE B 3541 31.99 -17.86 56.61
CA ILE B 3541 31.62 -16.50 56.19
C ILE B 3541 30.77 -15.90 57.30
N GLN B 3542 31.24 -14.77 57.84
CA GLN B 3542 30.62 -14.20 59.03
C GLN B 3542 29.35 -13.44 58.68
N PHE B 3543 28.33 -13.63 59.50
CA PHE B 3543 27.06 -12.91 59.36
C PHE B 3543 26.37 -12.88 60.72
N ARG B 3544 25.61 -11.81 60.96
CA ARG B 3544 24.91 -11.65 62.22
C ARG B 3544 23.65 -12.50 62.24
N THR B 3545 23.56 -13.42 63.20
CA THR B 3545 22.38 -14.26 63.35
C THR B 3545 21.33 -13.61 64.26
N ASP B 3546 21.66 -12.52 64.93
CA ASP B 3546 20.77 -11.91 65.92
C ASP B 3546 19.71 -11.01 65.28
N ILE B 3547 20.08 -10.20 64.30
CA ILE B 3547 19.17 -9.19 63.75
C ILE B 3547 18.18 -9.87 62.80
N ALA B 3548 16.92 -9.45 62.88
CA ALA B 3548 15.91 -9.92 61.95
C ALA B 3548 16.15 -9.32 60.57
N ARG B 3549 15.76 -10.08 59.53
CA ARG B 3549 16.00 -9.63 58.16
C ARG B 3549 15.16 -8.39 57.83
N THR B 3550 13.93 -8.33 58.36
CA THR B 3550 13.08 -7.16 58.12
C THR B 3550 13.69 -5.91 58.75
N GLU B 3551 14.21 -6.03 59.97
CA GLU B 3551 14.84 -4.89 60.63
C GLU B 3551 16.14 -4.51 59.94
N TYR B 3552 16.83 -5.48 59.34
CA TYR B 3552 18.07 -5.18 58.64
C TYR B 3552 17.84 -4.52 57.29
N LEU B 3553 16.74 -4.85 56.62
CA LEU B 3553 16.46 -4.33 55.29
C LEU B 3553 15.56 -3.11 55.28
N SER B 3554 15.15 -2.61 56.45
CA SER B 3554 14.31 -1.43 56.51
C SER B 3554 14.56 -0.70 57.81
N ASN B 3555 14.21 0.59 57.83
CA ASN B 3555 14.31 1.41 59.03
C ASN B 3555 12.92 1.61 59.62
N ALA B 3556 12.90 2.09 60.87
CA ALA B 3556 11.65 2.22 61.59
C ALA B 3556 10.72 3.26 60.95
N ASP B 3557 11.29 4.29 60.32
CA ASP B 3557 10.47 5.29 59.67
C ASP B 3557 9.70 4.70 58.49
N GLU B 3558 10.37 3.89 57.67
CA GLU B 3558 9.70 3.23 56.56
C GLU B 3558 8.61 2.29 57.04
N ARG B 3559 8.88 1.52 58.09
CA ARG B 3559 7.86 0.62 58.63
C ARG B 3559 6.66 1.39 59.17
N LEU B 3560 6.92 2.50 59.86
CA LEU B 3560 5.82 3.32 60.37
C LEU B 3560 4.99 3.89 59.23
N ARG B 3561 5.64 4.38 58.17
CA ARG B 3561 4.90 4.89 57.02
C ARG B 3561 4.10 3.77 56.35
N TRP B 3562 4.68 2.57 56.27
CA TRP B 3562 3.97 1.44 55.68
C TRP B 3562 2.72 1.10 56.49
N GLN B 3563 2.83 1.08 57.81
CA GLN B 3563 1.63 0.89 58.64
C GLN B 3563 0.64 2.03 58.44
N ALA B 3564 1.13 3.25 58.19
CA ALA B 3564 0.24 4.34 57.84
C ALA B 3564 -0.40 4.11 56.47
N SER B 3565 0.25 3.32 55.60
CA SER B 3565 -0.28 2.98 54.29
C SER B 3565 -1.09 1.70 54.28
N SER B 3566 -1.68 1.33 55.42
CA SER B 3566 -2.55 0.16 55.56
C SER B 3566 -1.82 -1.14 55.22
N LEU B 3567 -0.53 -1.20 55.48
CA LEU B 3567 0.18 -2.48 55.37
C LEU B 3567 -0.11 -3.32 56.62
N PRO B 3568 -0.54 -4.57 56.46
CA PRO B 3568 -0.84 -5.40 57.63
C PRO B 3568 0.37 -5.59 58.52
N ALA B 3569 0.13 -5.66 59.82
CA ALA B 3569 1.19 -5.85 60.81
C ALA B 3569 1.60 -7.31 60.82
N ASP B 3570 2.53 -7.66 59.93
CA ASP B 3570 3.00 -9.02 59.82
C ASP B 3570 4.43 -8.99 59.28
N ASP B 3571 5.22 -10.00 59.67
CA ASP B 3571 6.60 -10.07 59.20
C ASP B 3571 6.65 -10.37 57.70
N LEU B 3572 5.79 -11.28 57.23
CA LEU B 3572 5.75 -11.58 55.81
C LEU B 3572 5.33 -10.37 55.00
N CYS B 3573 4.36 -9.60 55.49
CA CYS B 3573 3.95 -8.38 54.81
C CYS B 3573 5.07 -7.36 54.80
N THR B 3574 5.84 -7.28 55.89
CA THR B 3574 6.98 -6.36 55.93
C THR B 3574 8.05 -6.77 54.91
N GLU B 3575 8.33 -8.07 54.80
CA GLU B 3575 9.27 -8.53 53.79
C GLU B 3575 8.75 -8.25 52.39
N ASN B 3576 7.44 -8.40 52.17
CA ASN B 3576 6.86 -8.09 50.88
C ASN B 3576 7.00 -6.61 50.55
N ALA B 3577 6.81 -5.74 51.55
CA ALA B 3577 7.01 -4.31 51.34
C ALA B 3577 8.46 -4.01 51.02
N ILE B 3578 9.40 -4.66 51.72
CA ILE B 3578 10.82 -4.49 51.43
C ILE B 3578 11.11 -4.87 49.98
N MET B 3579 10.54 -5.98 49.52
CA MET B 3579 10.73 -6.41 48.14
C MET B 3579 10.11 -5.42 47.16
N LEU B 3580 8.93 -4.91 47.48
CA LEU B 3580 8.27 -3.92 46.63
C LEU B 3580 9.06 -2.61 46.59
N LYS B 3581 9.90 -2.36 47.57
CA LYS B 3581 10.74 -1.16 47.57
C LYS B 3581 12.07 -1.37 46.85
N ARG B 3582 12.72 -2.51 47.07
CA ARG B 3582 14.09 -2.75 46.61
C ARG B 3582 14.15 -3.63 45.37
N PHE B 3583 13.10 -3.66 44.56
CA PHE B 3583 13.08 -4.55 43.40
C PHE B 3583 14.00 -4.05 42.30
N ASN B 3584 14.56 -5.00 41.55
CA ASN B 3584 15.20 -4.71 40.26
C ASN B 3584 14.22 -4.90 39.10
N ARG B 3585 13.63 -6.08 38.99
CA ARG B 3585 12.57 -6.33 38.03
C ARG B 3585 11.24 -5.90 38.62
N TYR B 3586 10.33 -5.50 37.74
CA TYR B 3586 9.06 -4.95 38.19
C TYR B 3586 8.26 -6.03 38.93
N PRO B 3587 7.64 -5.69 40.06
CA PRO B 3587 6.99 -6.72 40.88
C PRO B 3587 5.72 -7.25 40.26
N LEU B 3588 5.42 -8.51 40.56
CA LEU B 3588 4.12 -9.12 40.27
C LEU B 3588 3.50 -9.47 41.62
N ILE B 3589 2.55 -8.65 42.07
CA ILE B 3589 1.94 -8.83 43.38
C ILE B 3589 0.83 -9.86 43.27
N ILE B 3590 0.82 -10.82 44.19
CA ILE B 3590 -0.22 -11.83 44.28
C ILE B 3590 -0.89 -11.66 45.63
N ASP B 3591 -2.08 -11.07 45.65
CA ASP B 3591 -2.86 -10.92 46.87
C ASP B 3591 -4.30 -11.37 46.62
N PRO B 3592 -4.81 -12.32 47.42
CA PRO B 3592 -6.23 -12.65 47.31
C PRO B 3592 -7.13 -11.66 48.04
N SER B 3593 -6.68 -11.12 49.17
CA SER B 3593 -7.50 -10.21 49.95
C SER B 3593 -7.60 -8.82 49.32
N GLY B 3594 -6.63 -8.46 48.49
CA GLY B 3594 -6.62 -7.13 47.90
C GLY B 3594 -6.02 -6.05 48.77
N GLN B 3595 -5.33 -6.41 49.85
CA GLN B 3595 -4.74 -5.39 50.73
C GLN B 3595 -3.51 -4.76 50.09
N ALA B 3596 -2.73 -5.53 49.35
CA ALA B 3596 -1.48 -5.01 48.79
C ALA B 3596 -1.74 -3.99 47.68
N THR B 3597 -2.81 -4.15 46.92
CA THR B 3597 -3.16 -3.13 45.93
C THR B 3597 -3.49 -1.81 46.61
N GLU B 3598 -4.24 -1.86 47.71
CA GLU B 3598 -4.51 -0.65 48.48
C GLU B 3598 -3.24 -0.06 49.06
N PHE B 3599 -2.33 -0.92 49.52
CA PHE B 3599 -1.05 -0.45 50.05
C PHE B 3599 -0.24 0.26 48.98
N ILE B 3600 -0.22 -0.29 47.76
CA ILE B 3600 0.50 0.35 46.66
C ILE B 3600 -0.16 1.67 46.28
N MET B 3601 -1.50 1.70 46.24
CA MET B 3601 -2.21 2.93 45.91
C MET B 3601 -1.94 4.03 46.93
N ASN B 3602 -1.94 3.68 48.22
CA ASN B 3602 -1.68 4.68 49.25
C ASN B 3602 -0.21 5.11 49.24
N GLU B 3603 0.71 4.18 48.98
CA GLU B 3603 2.13 4.50 49.02
C GLU B 3603 2.51 5.47 47.91
N TYR B 3604 1.98 5.27 46.72
CA TYR B 3604 2.30 6.11 45.57
C TYR B 3604 1.19 7.10 45.25
N LYS B 3605 0.36 7.43 46.24
CA LYS B 3605 -0.73 8.38 46.02
C LYS B 3605 -0.19 9.76 45.70
N ASP B 3606 0.85 10.21 46.42
CA ASP B 3606 1.40 11.54 46.19
C ASP B 3606 2.08 11.64 44.83
N ARG B 3607 2.55 10.53 44.29
CA ARG B 3607 3.19 10.51 42.98
C ARG B 3607 2.22 10.25 41.84
N LYS B 3608 0.92 10.36 42.10
CA LYS B 3608 -0.13 10.25 41.08
C LYS B 3608 -0.08 8.89 40.39
N ILE B 3609 -0.32 7.84 41.18
CA ILE B 3609 -0.41 6.49 40.64
C ILE B 3609 -1.81 6.27 40.10
N THR B 3610 -1.90 5.57 38.97
CA THR B 3610 -3.17 5.25 38.34
C THR B 3610 -3.34 3.74 38.27
N ARG B 3611 -4.57 3.28 38.44
CA ARG B 3611 -4.89 1.86 38.41
C ARG B 3611 -5.61 1.53 37.11
N THR B 3612 -5.10 0.55 36.37
CA THR B 3612 -5.71 0.06 35.15
C THR B 3612 -5.66 -1.46 35.14
N SER B 3613 -6.09 -2.06 34.04
CA SER B 3613 -6.14 -3.50 33.91
C SER B 3613 -5.74 -3.90 32.50
N PHE B 3614 -5.27 -5.15 32.36
CA PHE B 3614 -4.92 -5.65 31.04
C PHE B 3614 -6.16 -5.79 30.15
N LEU B 3615 -7.33 -6.04 30.75
CA LEU B 3615 -8.56 -6.17 29.99
C LEU B 3615 -9.15 -4.82 29.58
N ASP B 3616 -8.68 -3.72 30.17
CA ASP B 3616 -9.20 -2.41 29.84
C ASP B 3616 -8.84 -2.04 28.42
N ASP B 3617 -9.80 -1.46 27.68
CA ASP B 3617 -9.52 -0.97 26.34
C ASP B 3617 -8.62 0.26 26.38
N ALA B 3618 -8.53 0.94 27.52
CA ALA B 3618 -7.65 2.08 27.69
C ALA B 3618 -6.33 1.71 28.35
N PHE B 3619 -5.98 0.42 28.38
CA PHE B 3619 -4.72 0.00 28.98
C PHE B 3619 -3.53 0.56 28.22
N ARG B 3620 -3.57 0.51 26.89
CA ARG B 3620 -2.45 1.01 26.09
C ARG B 3620 -2.26 2.51 26.27
N LYS B 3621 -3.37 3.26 26.27
CA LYS B 3621 -3.28 4.71 26.45
C LYS B 3621 -2.71 5.06 27.82
N ASN B 3622 -3.21 4.41 28.87
CA ASN B 3622 -2.71 4.67 30.22
C ASN B 3622 -1.24 4.28 30.35
N LEU B 3623 -0.86 3.14 29.77
CA LEU B 3623 0.52 2.69 29.85
C LEU B 3623 1.46 3.66 29.13
N GLU B 3624 1.06 4.11 27.94
CA GLU B 3624 1.88 5.07 27.20
C GLU B 3624 1.99 6.40 27.95
N SER B 3625 0.89 6.85 28.54
CA SER B 3625 0.92 8.09 29.32
C SER B 3625 1.85 7.95 30.52
N ALA B 3626 1.78 6.81 31.22
CA ALA B 3626 2.67 6.59 32.36
C ALA B 3626 4.13 6.53 31.92
N LEU B 3627 4.41 5.87 30.79
CA LEU B 3627 5.78 5.80 30.29
C LEU B 3627 6.30 7.18 29.94
N ARG B 3628 5.47 8.00 29.28
CA ARG B 3628 5.93 9.29 28.81
C ARG B 3628 6.10 10.29 29.97
N PHE B 3629 5.13 10.33 30.88
CA PHE B 3629 5.15 11.29 31.97
C PHE B 3629 5.82 10.76 33.23
N GLY B 3630 6.29 9.52 33.22
CA GLY B 3630 6.97 8.96 34.38
C GLY B 3630 6.08 8.81 35.59
N ASN B 3631 4.88 8.35 35.40
CA ASN B 3631 3.99 8.17 36.54
C ASN B 3631 3.93 6.70 36.93
N PRO B 3632 3.79 6.41 38.23
CA PRO B 3632 3.58 5.02 38.64
C PRO B 3632 2.27 4.46 38.10
N LEU B 3633 2.30 3.17 37.79
CA LEU B 3633 1.15 2.49 37.20
C LEU B 3633 0.94 1.15 37.90
N LEU B 3634 -0.32 0.81 38.14
CA LEU B 3634 -0.68 -0.48 38.72
C LEU B 3634 -1.65 -1.16 37.76
N VAL B 3635 -1.26 -2.33 37.26
CA VAL B 3635 -2.04 -3.05 36.26
C VAL B 3635 -2.51 -4.36 36.88
N GLN B 3636 -3.82 -4.55 36.92
CA GLN B 3636 -4.42 -5.74 37.49
C GLN B 3636 -4.69 -6.78 36.42
N ASP B 3637 -5.20 -7.93 36.83
CA ASP B 3637 -5.57 -9.02 35.92
C ASP B 3637 -4.37 -9.45 35.07
N VAL B 3638 -3.23 -9.70 35.73
CA VAL B 3638 -2.02 -10.09 35.02
C VAL B 3638 -2.13 -11.49 34.42
N GLU B 3639 -3.14 -12.27 34.84
CA GLU B 3639 -3.41 -13.54 34.17
C GLU B 3639 -3.76 -13.35 32.70
N SER B 3640 -4.19 -12.15 32.33
CA SER B 3640 -4.44 -11.77 30.94
C SER B 3640 -3.31 -10.89 30.40
N TYR B 3641 -2.07 -11.22 30.77
CA TYR B 3641 -0.92 -10.38 30.47
C TYR B 3641 -0.82 -10.05 28.99
N ASP B 3642 -0.62 -8.77 28.70
CA ASP B 3642 -0.48 -8.30 27.33
C ASP B 3642 1.01 -8.27 26.97
N PRO B 3643 1.45 -9.02 25.95
CA PRO B 3643 2.87 -9.05 25.62
C PRO B 3643 3.45 -7.71 25.18
N VAL B 3644 2.62 -6.68 24.99
CA VAL B 3644 3.12 -5.36 24.62
C VAL B 3644 4.03 -4.79 25.69
N LEU B 3645 3.97 -5.32 26.91
CA LEU B 3645 4.83 -4.88 28.01
C LEU B 3645 6.19 -5.56 28.01
N ASN B 3646 6.44 -6.49 27.08
CA ASN B 3646 7.71 -7.21 27.09
C ASN B 3646 8.92 -6.30 26.97
N PRO B 3647 9.00 -5.35 26.02
CA PRO B 3647 10.13 -4.41 26.03
C PRO B 3647 10.20 -3.57 27.28
N VAL B 3648 9.07 -3.22 27.88
CA VAL B 3648 9.07 -2.42 29.10
C VAL B 3648 9.62 -3.23 30.27
N LEU B 3649 9.20 -4.48 30.39
CA LEU B 3649 9.65 -5.31 31.51
C LEU B 3649 11.13 -5.65 31.38
N ASN B 3650 11.63 -5.84 30.16
CA ASN B 3650 13.03 -6.14 29.95
C ASN B 3650 13.91 -4.90 29.98
N ARG B 3651 13.32 -3.71 30.05
CA ARG B 3651 14.06 -2.44 30.05
C ARG B 3651 14.94 -2.32 28.81
N GLU B 3652 14.34 -2.58 27.65
CA GLU B 3652 15.04 -2.47 26.37
C GLU B 3652 14.95 -1.03 25.89
N VAL B 3653 15.82 -0.19 26.45
CA VAL B 3653 15.87 1.23 26.16
C VAL B 3653 16.95 1.49 25.12
N ARG B 3654 16.71 2.45 24.24
CA ARG B 3654 17.64 2.86 23.20
C ARG B 3654 18.02 4.31 23.44
N ARG B 3655 19.29 4.55 23.77
CA ARG B 3655 19.77 5.89 24.10
C ARG B 3655 20.47 6.47 22.87
N THR B 3656 19.71 7.23 22.07
CA THR B 3656 20.20 7.82 20.84
C THR B 3656 19.86 9.30 20.79
N GLY B 3657 20.85 10.12 20.49
CA GLY B 3657 20.63 11.55 20.29
C GLY B 3657 20.07 12.26 21.51
N GLY B 3658 20.48 11.83 22.70
CA GLY B 3658 19.94 12.39 23.92
C GLY B 3658 18.57 11.91 24.29
N ARG B 3659 18.01 10.94 23.56
CA ARG B 3659 16.68 10.42 23.83
C ARG B 3659 16.78 8.98 24.32
N VAL B 3660 16.06 8.70 25.41
CA VAL B 3660 15.90 7.34 25.92
C VAL B 3660 14.56 6.85 25.39
N LEU B 3661 14.60 6.00 24.37
CA LEU B 3661 13.41 5.54 23.66
C LEU B 3661 13.04 4.13 24.10
N ILE B 3662 11.77 3.93 24.38
CA ILE B 3662 11.20 2.60 24.62
C ILE B 3662 10.18 2.35 23.51
N THR B 3663 10.28 1.20 22.86
CA THR B 3663 9.37 0.87 21.77
C THR B 3663 8.16 0.12 22.34
N LEU B 3664 6.99 0.73 22.22
CA LEU B 3664 5.75 0.16 22.74
C LEU B 3664 4.89 -0.21 21.53
N GLY B 3665 5.08 -1.43 21.03
CA GLY B 3665 4.43 -1.85 19.81
C GLY B 3665 5.18 -1.37 18.59
N ASP B 3666 4.62 -0.37 17.90
CA ASP B 3666 5.24 0.19 16.71
C ASP B 3666 5.72 1.63 16.88
N GLN B 3667 5.53 2.23 18.05
CA GLN B 3667 5.90 3.62 18.28
C GLN B 3667 6.93 3.73 19.38
N ASP B 3668 7.86 4.66 19.22
CA ASP B 3668 8.89 4.92 20.22
C ASP B 3668 8.44 6.07 21.12
N ILE B 3669 8.59 5.88 22.43
CA ILE B 3669 8.17 6.85 23.43
C ILE B 3669 9.39 7.25 24.25
N ASP B 3670 9.53 8.54 24.53
CA ASP B 3670 10.59 9.02 25.41
C ASP B 3670 10.33 8.49 26.82
N LEU B 3671 11.11 7.49 27.23
CA LEU B 3671 10.91 6.90 28.55
C LEU B 3671 11.36 7.86 29.64
N SER B 3672 10.54 8.01 30.67
CA SER B 3672 10.93 8.86 31.78
C SER B 3672 11.54 8.02 32.91
N PRO B 3673 12.60 8.51 33.53
CA PRO B 3673 13.28 7.71 34.56
C PRO B 3673 12.43 7.41 35.78
N SER B 3674 11.36 8.17 36.02
CA SER B 3674 10.53 7.98 37.21
C SER B 3674 9.40 6.98 36.98
N PHE B 3675 9.31 6.38 35.80
CA PHE B 3675 8.25 5.41 35.54
C PHE B 3675 8.48 4.13 36.35
N VAL B 3676 7.39 3.60 36.90
CA VAL B 3676 7.40 2.33 37.61
C VAL B 3676 6.04 1.67 37.39
N ILE B 3677 6.05 0.34 37.30
CA ILE B 3677 4.84 -0.42 37.05
C ILE B 3677 4.77 -1.60 38.02
N PHE B 3678 3.57 -1.89 38.52
CA PHE B 3678 3.31 -3.03 39.38
C PHE B 3678 2.20 -3.86 38.77
N LEU B 3679 2.49 -5.12 38.49
CA LEU B 3679 1.49 -6.06 38.02
C LEU B 3679 0.89 -6.81 39.22
N SER B 3680 -0.43 -6.97 39.22
CA SER B 3680 -1.10 -7.57 40.36
C SER B 3680 -2.11 -8.60 39.88
N THR B 3681 -2.44 -9.52 40.78
CA THR B 3681 -3.47 -10.52 40.54
C THR B 3681 -4.13 -10.88 41.86
N ARG B 3682 -5.38 -11.36 41.77
CA ARG B 3682 -6.11 -11.80 42.95
C ARG B 3682 -6.24 -13.32 43.02
N ASP B 3683 -5.65 -14.05 42.08
CA ASP B 3683 -5.75 -15.50 42.05
C ASP B 3683 -4.40 -16.11 42.36
N PRO B 3684 -4.22 -16.72 43.55
CA PRO B 3684 -2.93 -17.35 43.86
C PRO B 3684 -2.66 -18.63 43.09
N THR B 3685 -3.66 -19.17 42.39
CA THR B 3685 -3.53 -20.46 41.71
C THR B 3685 -3.16 -20.32 40.24
N VAL B 3686 -2.89 -19.11 39.75
CA VAL B 3686 -2.57 -18.93 38.35
C VAL B 3686 -1.20 -19.52 38.03
N GLU B 3687 -1.04 -19.99 36.80
CA GLU B 3687 0.22 -20.50 36.30
C GLU B 3687 0.83 -19.45 35.37
N PHE B 3688 2.06 -19.03 35.67
CA PHE B 3688 2.56 -18.10 34.68
C PHE B 3688 3.54 -18.79 33.74
N PRO B 3689 3.62 -18.35 32.48
CA PRO B 3689 4.62 -18.89 31.58
C PRO B 3689 6.01 -18.52 32.06
N PRO B 3690 7.01 -19.35 31.76
CA PRO B 3690 8.36 -19.09 32.30
C PRO B 3690 8.93 -17.74 31.91
N ASP B 3691 8.63 -17.24 30.72
CA ASP B 3691 9.14 -15.93 30.32
C ASP B 3691 8.62 -14.83 31.23
N LEU B 3692 7.32 -14.86 31.54
CA LEU B 3692 6.76 -13.84 32.42
C LEU B 3692 7.34 -13.96 33.82
N CYS B 3693 7.55 -15.19 34.31
CA CYS B 3693 8.22 -15.37 35.59
C CYS B 3693 9.64 -14.81 35.55
N SER B 3694 10.28 -14.84 34.39
CA SER B 3694 11.63 -14.29 34.27
C SER B 3694 11.62 -12.77 34.26
N ARG B 3695 10.63 -12.15 33.63
CA ARG B 3695 10.62 -10.70 33.46
C ARG B 3695 10.19 -9.94 34.71
N VAL B 3696 9.62 -10.60 35.72
CA VAL B 3696 9.12 -9.93 36.90
C VAL B 3696 9.63 -10.64 38.15
N THR B 3697 9.55 -9.93 39.27
CA THR B 3697 9.81 -10.51 40.58
C THR B 3697 8.48 -10.74 41.30
N PHE B 3698 8.36 -11.89 41.94
CA PHE B 3698 7.10 -12.28 42.57
C PHE B 3698 7.05 -11.81 44.01
N VAL B 3699 5.92 -11.24 44.40
CA VAL B 3699 5.66 -10.79 45.76
C VAL B 3699 4.35 -11.43 46.18
N ASN B 3700 4.43 -12.55 46.89
CA ASN B 3700 3.25 -13.33 47.26
C ASN B 3700 2.75 -12.88 48.63
N PHE B 3701 1.51 -12.40 48.67
CA PHE B 3701 0.90 -11.93 49.91
C PHE B 3701 0.00 -13.04 50.46
N THR B 3702 0.64 -14.03 51.06
CA THR B 3702 -0.07 -15.15 51.67
C THR B 3702 -0.53 -14.80 53.08
N VAL B 3703 -1.50 -15.56 53.56
CA VAL B 3703 -2.02 -15.38 54.91
C VAL B 3703 -1.24 -16.32 55.83
N THR B 3704 -0.64 -15.76 56.88
CA THR B 3704 0.13 -16.53 57.84
C THR B 3704 -0.69 -16.77 59.10
N ARG B 3705 -0.29 -17.81 59.86
CA ARG B 3705 -1.01 -18.14 61.08
C ARG B 3705 -0.92 -17.03 62.11
N SER B 3706 0.26 -16.45 62.27
CA SER B 3706 0.42 -15.37 63.25
C SER B 3706 -0.43 -14.16 62.90
N SER B 3707 -0.45 -13.78 61.62
CA SER B 3707 -1.25 -12.63 61.20
C SER B 3707 -2.74 -12.88 61.42
N LEU B 3708 -3.21 -14.08 61.09
CA LEU B 3708 -4.62 -14.40 61.31
C LEU B 3708 -4.97 -14.42 62.80
N GLN B 3709 -4.08 -14.97 63.63
CA GLN B 3709 -4.33 -14.97 65.07
C GLN B 3709 -4.42 -13.55 65.60
N SER B 3710 -3.51 -12.68 65.17
CA SER B 3710 -3.55 -11.29 65.61
C SER B 3710 -4.83 -10.60 65.14
N GLN B 3711 -5.23 -10.84 63.88
CA GLN B 3711 -6.43 -10.22 63.35
C GLN B 3711 -7.67 -10.67 64.13
N CYS B 3712 -7.79 -11.97 64.38
CA CYS B 3712 -8.94 -12.48 65.12
C CYS B 3712 -8.94 -11.99 66.55
N LEU B 3713 -7.75 -11.90 67.17
CA LEU B 3713 -7.67 -11.38 68.54
C LEU B 3713 -8.13 -9.93 68.59
N ASN B 3714 -7.68 -9.11 67.64
CA ASN B 3714 -8.12 -7.72 67.60
C ASN B 3714 -9.62 -7.62 67.37
N GLU B 3715 -10.15 -8.46 66.47
CA GLU B 3715 -11.58 -8.39 66.17
C GLU B 3715 -12.42 -8.78 67.37
N VAL B 3716 -12.05 -9.87 68.07
CA VAL B 3716 -12.81 -10.29 69.23
C VAL B 3716 -12.66 -9.28 70.37
N LEU B 3717 -11.48 -8.68 70.51
CA LEU B 3717 -11.30 -7.66 71.54
C LEU B 3717 -12.17 -6.45 71.26
N LYS B 3718 -12.25 -6.02 70.00
CA LYS B 3718 -13.12 -4.90 69.66
C LYS B 3718 -14.58 -5.25 69.88
N ALA B 3719 -14.98 -6.47 69.55
CA ALA B 3719 -16.39 -6.85 69.68
C ALA B 3719 -16.80 -6.98 71.14
N GLU B 3720 -15.99 -7.64 71.96
CA GLU B 3720 -16.37 -7.97 73.32
C GLU B 3720 -15.88 -6.97 74.36
N ARG B 3721 -14.73 -6.34 74.14
CA ARG B 3721 -14.14 -5.39 75.08
C ARG B 3721 -13.79 -4.12 74.32
N PRO B 3722 -14.80 -3.37 73.86
CA PRO B 3722 -14.51 -2.20 73.01
C PRO B 3722 -13.62 -1.17 73.67
N ASP B 3723 -13.79 -0.94 74.98
CA ASP B 3723 -12.93 0.01 75.67
C ASP B 3723 -11.48 -0.46 75.69
N VAL B 3724 -11.25 -1.75 75.93
CA VAL B 3724 -9.89 -2.29 75.96
C VAL B 3724 -9.25 -2.18 74.57
N ASP B 3725 -10.02 -2.47 73.52
CA ASP B 3725 -9.47 -2.38 72.17
C ASP B 3725 -9.15 -0.94 71.79
N GLU B 3726 -10.03 0.01 72.15
CA GLU B 3726 -9.75 1.41 71.88
C GLU B 3726 -8.51 1.87 72.62
N LYS B 3727 -8.38 1.47 73.89
CA LYS B 3727 -7.17 1.79 74.65
C LYS B 3727 -5.94 1.19 74.00
N ARG B 3728 -6.05 -0.06 73.52
CA ARG B 3728 -4.91 -0.71 72.86
C ARG B 3728 -4.48 0.05 71.61
N SER B 3729 -5.44 0.46 70.79
CA SER B 3729 -5.11 1.21 69.57
C SER B 3729 -4.47 2.55 69.92
N ASP B 3730 -5.04 3.26 70.90
CA ASP B 3730 -4.48 4.55 71.29
C ASP B 3730 -3.06 4.39 71.83
N LEU B 3731 -2.82 3.36 72.64
CA LEU B 3731 -1.49 3.13 73.19
C LEU B 3731 -0.51 2.77 72.09
N LEU B 3732 -0.92 1.97 71.11
CA LEU B 3732 -0.03 1.64 70.01
C LEU B 3732 0.35 2.90 69.22
N LYS B 3733 -0.63 3.76 68.94
CA LYS B 3733 -0.32 5.01 68.24
C LYS B 3733 0.62 5.88 69.06
N LEU B 3734 0.38 5.98 70.37
CA LEU B 3734 1.22 6.80 71.23
C LEU B 3734 2.65 6.26 71.28
N GLN B 3735 2.81 4.95 71.37
CA GLN B 3735 4.14 4.36 71.39
C GLN B 3735 4.87 4.59 70.07
N GLY B 3736 4.15 4.47 68.95
CA GLY B 3736 4.77 4.76 67.67
C GLY B 3736 5.26 6.19 67.57
N GLU B 3737 4.42 7.14 67.98
CA GLU B 3737 4.82 8.55 67.96
C GLU B 3737 5.99 8.79 68.90
N PHE B 3738 5.97 8.17 70.08
CA PHE B 3738 7.06 8.37 71.04
C PHE B 3738 8.38 7.82 70.50
N GLN B 3739 8.36 6.63 69.90
CA GLN B 3739 9.59 6.07 69.36
C GLN B 3739 10.12 6.92 68.20
N LEU B 3740 9.22 7.43 67.36
CA LEU B 3740 9.64 8.36 66.33
C LEU B 3740 10.30 9.59 66.94
N ARG B 3741 9.72 10.09 68.04
CA ARG B 3741 10.30 11.26 68.70
C ARG B 3741 11.68 10.98 69.26
N LEU B 3742 11.87 9.82 69.89
CA LEU B 3742 13.20 9.47 70.39
C LEU B 3742 14.21 9.37 69.25
N ARG B 3743 13.81 8.74 68.13
CA ARG B 3743 14.73 8.65 67.00
C ARG B 3743 15.10 10.03 66.48
N GLN B 3744 14.10 10.92 66.35
CA GLN B 3744 14.37 12.27 65.87
C GLN B 3744 15.27 13.03 66.82
N LEU B 3745 15.03 12.89 68.13
CA LEU B 3745 15.86 13.59 69.12
C LEU B 3745 17.30 13.11 69.09
N GLU B 3746 17.50 11.79 69.01
CA GLU B 3746 18.86 11.27 68.96
C GLU B 3746 19.58 11.75 67.70
N LYS B 3747 18.89 11.70 66.55
CA LYS B 3747 19.50 12.16 65.32
C LYS B 3747 19.83 13.64 65.38
N SER B 3748 18.91 14.45 65.92
CA SER B 3748 19.13 15.89 66.01
C SER B 3748 20.29 16.20 66.95
N LEU B 3749 20.39 15.47 68.06
CA LEU B 3749 21.48 15.71 68.99
C LEU B 3749 22.82 15.38 68.37
N LEU B 3750 22.90 14.23 67.67
CA LEU B 3750 24.16 13.87 67.02
C LEU B 3750 24.50 14.88 65.92
N GLN B 3751 23.51 15.31 65.15
CA GLN B 3751 23.74 16.29 64.10
C GLN B 3751 24.23 17.62 64.67
N ALA B 3752 23.62 18.08 65.77
CA ALA B 3752 24.03 19.33 66.39
C ALA B 3752 25.44 19.22 66.94
N LEU B 3753 25.78 18.08 67.56
CA LEU B 3753 27.14 17.90 68.06
C LEU B 3753 28.15 17.80 66.92
N ASN B 3754 27.69 17.39 65.73
CA ASN B 3754 28.59 17.29 64.59
C ASN B 3754 28.82 18.64 63.91
N GLU B 3755 27.75 19.40 63.68
CA GLU B 3755 27.82 20.63 62.90
C GLU B 3755 28.36 21.83 63.67
N VAL B 3756 28.53 21.71 64.98
CA VAL B 3756 29.03 22.82 65.77
C VAL B 3756 30.47 23.12 65.39
N LYS B 3757 30.79 24.41 65.24
CA LYS B 3757 32.11 24.87 64.85
C LYS B 3757 32.79 25.55 66.03
N GLY B 3758 34.02 25.17 66.30
CA GLY B 3758 34.76 25.71 67.43
C GLY B 3758 34.64 24.80 68.65
N ARG B 3759 34.00 25.30 69.70
CA ARG B 3759 33.78 24.54 70.92
C ARG B 3759 32.34 24.69 71.37
N ILE B 3760 31.87 23.70 72.14
CA ILE B 3760 30.49 23.69 72.59
C ILE B 3760 30.20 24.90 73.49
N LEU B 3761 31.12 25.20 74.40
CA LEU B 3761 30.91 26.27 75.37
C LEU B 3761 31.12 27.66 74.78
N ASP B 3762 31.68 27.77 73.57
CA ASP B 3762 31.90 29.09 72.98
C ASP B 3762 30.57 29.81 72.73
N ASP B 3763 29.57 29.08 72.23
CA ASP B 3763 28.25 29.64 71.96
C ASP B 3763 27.22 28.93 72.82
N ASP B 3764 26.43 29.71 73.55
CA ASP B 3764 25.43 29.16 74.46
C ASP B 3764 24.21 28.60 73.74
N THR B 3765 24.06 28.88 72.44
CA THR B 3765 22.96 28.30 71.69
C THR B 3765 23.06 26.78 71.64
N ILE B 3766 24.28 26.27 71.46
CA ILE B 3766 24.48 24.82 71.46
C ILE B 3766 24.16 24.22 72.82
N ILE B 3767 24.57 24.90 73.89
CA ILE B 3767 24.25 24.43 75.24
C ILE B 3767 22.75 24.36 75.44
N THR B 3768 22.05 25.43 75.03
CA THR B 3768 20.60 25.47 75.20
C THR B 3768 19.92 24.37 74.39
N THR B 3769 20.35 24.17 73.14
CA THR B 3769 19.74 23.13 72.30
C THR B 3769 19.98 21.75 72.90
N LEU B 3770 21.20 21.48 73.38
CA LEU B 3770 21.49 20.19 74.00
C LEU B 3770 20.64 19.98 75.24
N GLU B 3771 20.49 21.01 76.08
CA GLU B 3771 19.68 20.87 77.28
C GLU B 3771 18.22 20.61 76.94
N ASN B 3772 17.69 21.32 75.95
CA ASN B 3772 16.31 21.09 75.54
C ASN B 3772 16.13 19.68 75.01
N LEU B 3773 17.08 19.20 74.20
CA LEU B 3773 16.98 17.84 73.69
C LEU B 3773 17.04 16.80 74.81
N LYS B 3774 17.92 17.01 75.80
CA LYS B 3774 17.97 16.08 76.92
C LYS B 3774 16.65 16.07 77.70
N ARG B 3775 16.09 17.24 77.99
CA ARG B 3775 14.85 17.28 78.74
C ARG B 3775 13.70 16.65 77.96
N GLU B 3776 13.63 16.90 76.66
CA GLU B 3776 12.58 16.30 75.85
C GLU B 3776 12.73 14.80 75.78
N ALA B 3777 13.97 14.31 75.63
CA ALA B 3777 14.20 12.87 75.63
C ALA B 3777 13.78 12.25 76.95
N ALA B 3778 14.10 12.91 78.07
CA ALA B 3778 13.73 12.37 79.37
C ALA B 3778 12.21 12.30 79.53
N GLU B 3779 11.50 13.36 79.13
CA GLU B 3779 10.05 13.34 79.32
C GLU B 3779 9.37 12.34 78.40
N VAL B 3780 9.82 12.25 77.15
CA VAL B 3780 9.24 11.24 76.26
C VAL B 3780 9.57 9.83 76.74
N THR B 3781 10.75 9.62 77.33
CA THR B 3781 11.05 8.30 77.89
C THR B 3781 10.13 7.98 79.07
N ARG B 3782 9.89 8.96 79.93
CA ARG B 3782 8.94 8.77 81.03
C ARG B 3782 7.57 8.36 80.49
N LYS B 3783 7.07 9.12 79.52
CA LYS B 3783 5.83 8.74 78.85
C LYS B 3783 5.93 7.32 78.30
N VAL B 3784 7.13 6.92 77.85
CA VAL B 3784 7.30 5.58 77.31
C VAL B 3784 7.03 4.52 78.36
N GLU B 3785 7.59 4.67 79.57
CA GLU B 3785 7.32 3.60 80.54
C GLU B 3785 5.88 3.65 81.03
N GLU B 3786 5.27 4.84 81.11
CA GLU B 3786 3.84 4.87 81.45
C GLU B 3786 3.02 4.08 80.42
N THR B 3787 3.25 4.36 79.14
CA THR B 3787 2.55 3.60 78.10
C THR B 3787 2.90 2.12 78.16
N ASP B 3788 4.12 1.79 78.56
CA ASP B 3788 4.53 0.39 78.64
C ASP B 3788 3.76 -0.35 79.73
N ILE B 3789 3.60 0.27 80.90
CA ILE B 3789 2.90 -0.40 81.99
C ILE B 3789 1.41 -0.53 81.67
N VAL B 3790 0.81 0.52 81.09
CA VAL B 3790 -0.60 0.38 80.73
C VAL B 3790 -0.78 -0.62 79.57
N MET B 3791 0.21 -0.70 78.68
CA MET B 3791 0.20 -1.71 77.63
C MET B 3791 0.27 -3.11 78.21
N GLN B 3792 1.10 -3.31 79.23
CA GLN B 3792 1.18 -4.61 79.89
C GLN B 3792 -0.15 -4.97 80.54
N GLU B 3793 -0.81 -3.98 81.14
CA GLU B 3793 -2.14 -4.23 81.71
C GLU B 3793 -3.13 -4.63 80.62
N VAL B 3794 -3.11 -3.92 79.49
CA VAL B 3794 -4.00 -4.27 78.38
C VAL B 3794 -3.73 -5.67 77.88
N GLU B 3795 -2.44 -6.03 77.76
CA GLU B 3795 -2.08 -7.35 77.27
C GLU B 3795 -2.52 -8.46 78.22
N THR B 3796 -2.36 -8.23 79.53
CA THR B 3796 -2.77 -9.26 80.48
C THR B 3796 -4.29 -9.36 80.55
N VAL B 3797 -5.01 -8.28 80.23
CA VAL B 3797 -6.46 -8.41 80.07
C VAL B 3797 -6.80 -9.18 78.80
N SER B 3798 -6.10 -8.93 77.71
CA SER B 3798 -6.45 -9.46 76.40
C SER B 3798 -5.95 -10.87 76.16
N GLN B 3799 -5.07 -11.40 77.01
CA GLN B 3799 -4.56 -12.75 76.81
C GLN B 3799 -5.62 -13.82 77.05
N GLN B 3800 -6.78 -13.45 77.59
CA GLN B 3800 -7.87 -14.42 77.77
C GLN B 3800 -8.43 -14.91 76.43
N TYR B 3801 -8.36 -14.10 75.39
CA TYR B 3801 -8.94 -14.43 74.09
C TYR B 3801 -7.96 -15.14 73.16
N LEU B 3802 -6.77 -15.47 73.64
CA LEU B 3802 -5.80 -16.18 72.80
C LEU B 3802 -6.30 -17.54 72.32
N PRO B 3803 -6.89 -18.39 73.17
CA PRO B 3803 -7.36 -19.69 72.65
C PRO B 3803 -8.38 -19.56 71.53
N LEU B 3804 -9.25 -18.57 71.60
CA LEU B 3804 -10.22 -18.38 70.52
C LEU B 3804 -9.53 -18.00 69.22
N SER B 3805 -8.51 -17.15 69.30
CA SER B 3805 -7.76 -16.77 68.09
C SER B 3805 -7.02 -17.97 67.51
N THR B 3806 -6.42 -18.80 68.37
CA THR B 3806 -5.76 -20.00 67.88
C THR B 3806 -6.75 -20.94 67.22
N ALA B 3807 -7.93 -21.10 67.81
CA ALA B 3807 -8.96 -21.94 67.21
C ALA B 3807 -9.41 -21.37 65.86
N CYS B 3808 -9.55 -20.05 65.77
CA CYS B 3808 -9.94 -19.44 64.50
C CYS B 3808 -8.88 -19.68 63.43
N SER B 3809 -7.60 -19.52 63.78
CA SER B 3809 -6.54 -19.77 62.80
C SER B 3809 -6.54 -21.23 62.36
N SER B 3810 -6.69 -22.16 63.31
CA SER B 3810 -6.73 -23.58 62.95
C SER B 3810 -7.94 -23.89 62.07
N ILE B 3811 -9.09 -23.30 62.38
CA ILE B 3811 -10.29 -23.54 61.58
C ILE B 3811 -10.09 -23.03 60.16
N TYR B 3812 -9.55 -21.83 60.01
CA TYR B 3812 -9.36 -21.29 58.67
C TYR B 3812 -8.34 -22.10 57.88
N PHE B 3813 -7.26 -22.54 58.53
CA PHE B 3813 -6.26 -23.31 57.80
C PHE B 3813 -6.71 -24.73 57.54
N THR B 3814 -7.70 -25.23 58.27
CA THR B 3814 -8.37 -26.47 57.87
C THR B 3814 -9.28 -26.22 56.68
N MET B 3815 -9.98 -25.09 56.66
CA MET B 3815 -10.80 -24.71 55.52
C MET B 3815 -9.97 -24.59 54.25
N GLU B 3816 -8.81 -23.95 54.34
CA GLU B 3816 -7.97 -23.72 53.17
C GLU B 3816 -7.36 -25.01 52.63
N SER B 3817 -7.27 -26.04 53.45
CA SER B 3817 -6.75 -27.33 53.01
C SER B 3817 -7.82 -28.24 52.45
N LEU B 3818 -9.10 -27.85 52.54
CA LEU B 3818 -10.17 -28.69 52.01
C LEU B 3818 -10.10 -28.83 50.50
N LYS B 3819 -9.35 -27.95 49.82
CA LYS B 3819 -9.20 -28.05 48.38
C LYS B 3819 -8.39 -29.26 47.95
N GLN B 3820 -7.68 -29.91 48.88
CA GLN B 3820 -6.87 -31.06 48.51
C GLN B 3820 -7.69 -32.31 48.26
N ILE B 3821 -8.91 -32.38 48.78
CA ILE B 3821 -9.77 -33.55 48.59
C ILE B 3821 -10.88 -33.31 47.59
N HIS B 3822 -11.10 -32.08 47.15
CA HIS B 3822 -12.08 -31.84 46.09
C HIS B 3822 -11.84 -30.45 45.53
N PHE B 3823 -11.88 -30.35 44.20
CA PHE B 3823 -11.61 -29.09 43.52
C PHE B 3823 -12.65 -28.02 43.85
N LEU B 3824 -13.83 -28.43 44.31
CA LEU B 3824 -14.92 -27.49 44.57
C LEU B 3824 -14.80 -26.79 45.92
N TYR B 3825 -13.96 -27.30 46.82
CA TYR B 3825 -13.87 -26.73 48.17
C TYR B 3825 -12.83 -25.60 48.18
N GLN B 3826 -13.20 -24.52 47.49
CA GLN B 3826 -12.38 -23.32 47.43
C GLN B 3826 -13.02 -22.25 48.31
N TYR B 3827 -12.34 -21.88 49.39
CA TYR B 3827 -12.84 -20.92 50.35
C TYR B 3827 -11.83 -19.80 50.51
N SER B 3828 -12.29 -18.56 50.42
CA SER B 3828 -11.42 -17.40 50.61
C SER B 3828 -11.38 -17.01 52.09
N LEU B 3829 -10.44 -16.12 52.41
CA LEU B 3829 -10.35 -15.62 53.77
C LEU B 3829 -11.56 -14.77 54.14
N GLN B 3830 -12.17 -14.11 53.15
CA GLN B 3830 -13.35 -13.31 53.43
C GLN B 3830 -14.53 -14.18 53.86
N PHE B 3831 -14.61 -15.41 53.36
CA PHE B 3831 -15.65 -16.33 53.81
C PHE B 3831 -15.51 -16.60 55.30
N PHE B 3832 -14.29 -16.91 55.75
CA PHE B 3832 -14.09 -17.17 57.17
C PHE B 3832 -14.26 -15.90 58.00
N LEU B 3833 -13.89 -14.74 57.47
CA LEU B 3833 -14.11 -13.50 58.21
C LEU B 3833 -15.59 -13.19 58.35
N ASP B 3834 -16.38 -13.49 57.32
CA ASP B 3834 -17.84 -13.36 57.44
C ASP B 3834 -18.38 -14.33 58.48
N ILE B 3835 -17.87 -15.55 58.51
CA ILE B 3835 -18.28 -16.50 59.54
C ILE B 3835 -17.97 -15.94 60.93
N TYR B 3836 -16.76 -15.40 61.10
CA TYR B 3836 -16.35 -14.86 62.39
C TYR B 3836 -17.22 -13.66 62.80
N HIS B 3837 -17.52 -12.78 61.84
CA HIS B 3837 -18.35 -11.63 62.13
C HIS B 3837 -19.76 -12.06 62.51
N ASN B 3838 -20.30 -13.07 61.82
CA ASN B 3838 -21.62 -13.58 62.17
C ASN B 3838 -21.62 -14.18 63.58
N VAL B 3839 -20.56 -14.90 63.94
CA VAL B 3839 -20.48 -15.49 65.26
C VAL B 3839 -20.36 -14.40 66.33
N LEU B 3840 -19.61 -13.34 66.04
CA LEU B 3840 -19.34 -12.32 67.05
C LEU B 3840 -20.54 -11.39 67.25
N TYR B 3841 -21.11 -10.89 66.15
CA TYR B 3841 -22.11 -9.83 66.22
C TYR B 3841 -23.54 -10.34 66.05
N GLU B 3842 -23.77 -11.31 65.17
CA GLU B 3842 -25.11 -11.80 64.86
C GLU B 3842 -25.39 -13.15 65.52
N ASN B 3843 -24.92 -13.35 66.75
CA ASN B 3843 -25.11 -14.62 67.45
C ASN B 3843 -26.42 -14.58 68.23
N PRO B 3844 -27.41 -15.40 67.90
CA PRO B 3844 -28.65 -15.42 68.70
C PRO B 3844 -28.43 -15.88 70.13
N ASN B 3845 -27.34 -16.59 70.40
CA ASN B 3845 -27.08 -17.08 71.75
C ASN B 3845 -26.56 -16.01 72.69
N LEU B 3846 -26.29 -14.80 72.18
CA LEU B 3846 -25.74 -13.71 72.99
C LEU B 3846 -26.75 -12.59 73.20
N LYS B 3847 -28.02 -12.93 73.41
CA LYS B 3847 -29.06 -11.93 73.63
C LYS B 3847 -28.83 -11.13 74.90
N GLY B 3848 -28.89 -11.80 76.05
CA GLY B 3848 -28.77 -11.11 77.32
C GLY B 3848 -27.61 -11.59 78.18
N VAL B 3849 -26.82 -12.51 77.63
CA VAL B 3849 -25.68 -13.04 78.37
C VAL B 3849 -24.61 -11.96 78.46
N THR B 3850 -24.11 -11.72 79.66
CA THR B 3850 -23.20 -10.61 79.93
C THR B 3850 -21.83 -11.04 80.46
N ASP B 3851 -21.76 -12.12 81.25
CA ASP B 3851 -20.49 -12.54 81.82
C ASP B 3851 -19.48 -12.84 80.71
N HIS B 3852 -18.27 -12.30 80.85
CA HIS B 3852 -17.31 -12.32 79.77
C HIS B 3852 -16.83 -13.73 79.45
N THR B 3853 -16.54 -14.53 80.48
CA THR B 3853 -16.01 -15.87 80.24
C THR B 3853 -17.05 -16.77 79.59
N GLN B 3854 -18.30 -16.70 80.05
CA GLN B 3854 -19.35 -17.51 79.41
C GLN B 3854 -19.68 -16.97 78.02
N ARG B 3855 -19.57 -15.66 77.81
CA ARG B 3855 -19.70 -15.12 76.46
C ARG B 3855 -18.64 -15.69 75.54
N LEU B 3856 -17.40 -15.77 76.03
CA LEU B 3856 -16.31 -16.33 75.22
C LEU B 3856 -16.55 -17.81 74.91
N SER B 3857 -17.03 -18.56 75.90
CA SER B 3857 -17.32 -19.98 75.67
C SER B 3857 -18.42 -20.15 74.63
N ILE B 3858 -19.49 -19.34 74.74
CA ILE B 3858 -20.56 -19.40 73.76
C ILE B 3858 -20.05 -18.99 72.37
N ILE B 3859 -19.18 -17.99 72.32
CA ILE B 3859 -18.63 -17.53 71.05
C ILE B 3859 -17.81 -18.63 70.40
N THR B 3860 -17.00 -19.34 71.18
CA THR B 3860 -16.20 -20.43 70.63
C THR B 3860 -17.08 -21.55 70.10
N LYS B 3861 -18.08 -21.96 70.90
CA LYS B 3861 -18.96 -23.04 70.46
C LYS B 3861 -19.71 -22.66 69.19
N ASP B 3862 -20.25 -21.44 69.16
CA ASP B 3862 -20.98 -20.99 67.97
C ASP B 3862 -20.05 -20.77 66.79
N LEU B 3863 -18.78 -20.44 67.04
CA LEU B 3863 -17.83 -20.34 65.95
C LEU B 3863 -17.64 -21.69 65.28
N PHE B 3864 -17.42 -22.74 66.07
CA PHE B 3864 -17.30 -24.07 65.49
C PHE B 3864 -18.57 -24.47 64.75
N GLN B 3865 -19.73 -24.24 65.38
CA GLN B 3865 -21.00 -24.65 64.78
C GLN B 3865 -21.27 -23.92 63.47
N VAL B 3866 -21.07 -22.60 63.45
CA VAL B 3866 -21.34 -21.81 62.25
C VAL B 3866 -20.35 -22.13 61.16
N ALA B 3867 -19.07 -22.35 61.52
CA ALA B 3867 -18.09 -22.74 60.51
C ALA B 3867 -18.50 -24.03 59.83
N PHE B 3868 -18.86 -25.05 60.61
CA PHE B 3868 -19.30 -26.30 60.01
C PHE B 3868 -20.57 -26.11 59.18
N ASN B 3869 -21.53 -25.35 59.70
CA ASN B 3869 -22.80 -25.18 59.00
C ASN B 3869 -22.61 -24.50 57.66
N ARG B 3870 -21.76 -23.47 57.61
CA ARG B 3870 -21.56 -22.74 56.37
C ARG B 3870 -20.68 -23.51 55.39
N VAL B 3871 -19.72 -24.29 55.89
CA VAL B 3871 -18.83 -25.01 54.99
C VAL B 3871 -19.52 -26.23 54.41
N ALA B 3872 -20.12 -27.06 55.27
CA ALA B 3872 -20.71 -28.31 54.82
C ALA B 3872 -21.88 -28.11 53.87
N ARG B 3873 -22.46 -26.92 53.83
CA ARG B 3873 -23.52 -26.65 52.87
C ARG B 3873 -23.00 -26.62 51.43
N GLY B 3874 -21.69 -26.45 51.26
CA GLY B 3874 -21.10 -26.45 49.94
C GLY B 3874 -20.15 -27.62 49.73
N MET B 3875 -20.39 -28.72 50.44
CA MET B 3875 -19.58 -29.92 50.33
C MET B 3875 -20.48 -31.12 50.07
N LEU B 3876 -19.90 -32.14 49.44
CA LEU B 3876 -20.60 -33.40 49.28
C LEU B 3876 -20.84 -34.04 50.65
N HIS B 3877 -21.98 -34.73 50.77
CA HIS B 3877 -22.37 -35.27 52.07
C HIS B 3877 -21.39 -36.32 52.57
N GLN B 3878 -20.58 -36.91 51.69
CA GLN B 3878 -19.57 -37.87 52.12
C GLN B 3878 -18.39 -37.22 52.82
N ASP B 3879 -18.14 -35.94 52.56
CA ASP B 3879 -17.02 -35.21 53.16
C ASP B 3879 -17.41 -34.44 54.42
N HIS B 3880 -18.68 -34.48 54.82
CA HIS B 3880 -19.08 -33.81 56.05
C HIS B 3880 -18.39 -34.41 57.26
N ILE B 3881 -18.27 -35.74 57.29
CA ILE B 3881 -17.67 -36.41 58.44
C ILE B 3881 -16.20 -36.04 58.58
N THR B 3882 -15.49 -35.85 57.46
CA THR B 3882 -14.08 -35.49 57.53
C THR B 3882 -13.91 -34.11 58.16
N PHE B 3883 -14.70 -33.13 57.72
CA PHE B 3883 -14.60 -31.79 58.28
C PHE B 3883 -15.02 -31.78 59.74
N ALA B 3884 -16.06 -32.54 60.09
CA ALA B 3884 -16.48 -32.62 61.49
C ALA B 3884 -15.40 -33.25 62.34
N MET B 3885 -14.72 -34.28 61.82
CA MET B 3885 -13.63 -34.91 62.55
C MET B 3885 -12.49 -33.94 62.78
N LEU B 3886 -12.14 -33.15 61.76
CA LEU B 3886 -11.06 -32.19 61.93
C LEU B 3886 -11.44 -31.08 62.89
N LEU B 3887 -12.70 -30.62 62.86
CA LEU B 3887 -13.13 -29.63 63.82
C LEU B 3887 -13.10 -30.19 65.24
N ALA B 3888 -13.50 -31.46 65.40
CA ALA B 3888 -13.43 -32.09 66.70
C ALA B 3888 -11.99 -32.19 67.19
N ARG B 3889 -11.06 -32.53 66.29
CA ARG B 3889 -9.65 -32.59 66.67
C ARG B 3889 -9.13 -31.22 67.07
N ILE B 3890 -9.55 -30.17 66.36
CA ILE B 3890 -9.14 -28.82 66.72
C ILE B 3890 -9.64 -28.46 68.10
N LYS B 3891 -10.91 -28.74 68.38
CA LYS B 3891 -11.46 -28.43 69.69
C LYS B 3891 -10.78 -29.25 70.79
N LEU B 3892 -10.45 -30.50 70.50
CA LEU B 3892 -9.74 -31.34 71.46
C LEU B 3892 -8.36 -30.77 71.76
N LYS B 3893 -7.64 -30.33 70.73
CA LYS B 3893 -6.35 -29.69 70.95
C LYS B 3893 -6.49 -28.36 71.65
N GLY B 3894 -7.68 -27.75 71.62
CA GLY B 3894 -7.95 -26.53 72.34
C GLY B 3894 -8.44 -26.71 73.76
N THR B 3895 -8.43 -27.93 74.29
CA THR B 3895 -8.92 -28.21 75.63
C THR B 3895 -7.76 -28.43 76.59
N VAL B 3896 -7.79 -27.71 77.71
CA VAL B 3896 -6.69 -27.78 78.67
C VAL B 3896 -6.68 -29.13 79.39
N GLY B 3897 -7.85 -29.66 79.72
CA GLY B 3897 -7.92 -30.85 80.54
C GLY B 3897 -7.89 -32.16 79.77
N GLU B 3898 -7.47 -32.10 78.51
CA GLU B 3898 -7.44 -33.29 77.67
C GLU B 3898 -6.03 -33.60 77.21
N PRO B 3899 -5.64 -34.86 77.19
CA PRO B 3899 -4.35 -35.23 76.59
C PRO B 3899 -4.35 -34.96 75.09
N THR B 3900 -3.14 -34.92 74.52
CA THR B 3900 -3.00 -34.61 73.10
C THR B 3900 -3.39 -35.78 72.20
N TYR B 3901 -3.21 -37.01 72.67
CA TYR B 3901 -3.51 -38.22 71.88
C TYR B 3901 -2.74 -38.22 70.56
N ASP B 3902 -1.47 -37.82 70.59
CA ASP B 3902 -0.67 -37.82 69.38
C ASP B 3902 -0.46 -39.24 68.85
N ALA B 3903 -0.09 -40.17 69.74
CA ALA B 3903 0.15 -41.54 69.31
C ALA B 3903 -1.14 -42.22 68.87
N GLU B 3904 -2.24 -41.98 69.59
CA GLU B 3904 -3.51 -42.60 69.24
C GLU B 3904 -3.97 -42.18 67.85
N PHE B 3905 -3.97 -40.87 67.58
CA PHE B 3905 -4.37 -40.38 66.27
C PHE B 3905 -3.38 -40.77 65.19
N GLN B 3906 -2.09 -40.81 65.54
CA GLN B 3906 -1.08 -41.23 64.56
C GLN B 3906 -1.31 -42.66 64.12
N HIS B 3907 -1.64 -43.55 65.06
CA HIS B 3907 -1.94 -44.93 64.69
C HIS B 3907 -3.30 -45.02 63.99
N PHE B 3908 -4.26 -44.18 64.36
CA PHE B 3908 -5.56 -44.19 63.71
C PHE B 3908 -5.44 -43.81 62.25
N LEU B 3909 -4.56 -42.86 61.93
CA LEU B 3909 -4.45 -42.38 60.56
C LEU B 3909 -3.44 -43.18 59.75
N ARG B 3910 -2.28 -43.51 60.34
CA ARG B 3910 -1.19 -44.17 59.63
C ARG B 3910 -0.78 -45.45 60.32
N GLY B 3911 -1.74 -46.28 60.70
CA GLY B 3911 -1.42 -47.52 61.37
C GLY B 3911 -1.41 -48.73 60.47
N ASN B 3912 -1.77 -48.54 59.20
CA ASN B 3912 -1.94 -49.67 58.29
C ASN B 3912 -0.70 -50.01 57.49
N GLU B 3913 0.36 -49.19 57.55
CA GLU B 3913 1.57 -49.45 56.78
C GLU B 3913 2.67 -50.10 57.61
N ILE B 3914 2.38 -50.53 58.83
CA ILE B 3914 3.39 -51.17 59.66
C ILE B 3914 3.83 -52.47 59.00
N VAL B 3915 5.14 -52.59 58.76
CA VAL B 3915 5.68 -53.74 58.06
C VAL B 3915 5.58 -54.98 58.96
N LEU B 3916 5.01 -56.05 58.41
CA LEU B 3916 4.77 -57.28 59.16
C LEU B 3916 5.23 -58.47 58.34
N SER B 3917 5.93 -59.39 59.00
CA SER B 3917 6.32 -60.63 58.37
C SER B 3917 5.13 -61.59 58.28
N ALA B 3918 5.24 -62.55 57.35
CA ALA B 3918 4.16 -63.52 57.18
C ALA B 3918 3.96 -64.36 58.42
N GLY B 3919 5.06 -64.82 59.03
CA GLY B 3919 4.95 -65.61 60.25
C GLY B 3919 4.73 -64.80 61.51
N SER B 3920 4.89 -63.48 61.44
CA SER B 3920 4.69 -62.65 62.62
C SER B 3920 3.25 -62.65 63.08
N THR B 3921 2.30 -62.65 62.15
CA THR B 3921 0.88 -62.64 62.50
C THR B 3921 0.44 -64.05 62.88
N PRO B 3922 -0.04 -64.28 64.09
CA PRO B 3922 -0.54 -65.60 64.47
C PRO B 3922 -1.97 -65.82 64.00
N ARG B 3923 -2.41 -67.07 64.08
CA ARG B 3923 -3.77 -67.45 63.72
C ARG B 3923 -4.60 -67.46 64.99
N ILE B 3924 -5.52 -66.50 65.11
CA ILE B 3924 -6.40 -66.36 66.26
C ILE B 3924 -7.80 -66.82 65.86
N GLN B 3925 -8.43 -67.62 66.71
CA GLN B 3925 -9.77 -68.09 66.41
C GLN B 3925 -10.79 -66.97 66.59
N GLY B 3926 -11.78 -66.95 65.70
CA GLY B 3926 -12.82 -65.95 65.72
C GLY B 3926 -12.53 -64.72 64.88
N LEU B 3927 -11.30 -64.56 64.39
CA LEU B 3927 -10.93 -63.41 63.58
C LEU B 3927 -10.28 -63.90 62.28
N THR B 3928 -10.50 -63.14 61.21
CA THR B 3928 -9.93 -63.49 59.92
C THR B 3928 -8.48 -63.02 59.84
N VAL B 3929 -7.85 -63.24 58.69
CA VAL B 3929 -6.45 -62.86 58.53
C VAL B 3929 -6.29 -61.35 58.60
N GLU B 3930 -7.16 -60.61 57.91
CA GLU B 3930 -7.08 -59.15 57.95
C GLU B 3930 -7.33 -58.62 59.35
N GLN B 3931 -8.30 -59.20 60.06
CA GLN B 3931 -8.52 -58.81 61.45
C GLN B 3931 -7.32 -59.16 62.33
N ALA B 3932 -6.68 -60.30 62.06
CA ALA B 3932 -5.50 -60.66 62.83
C ALA B 3932 -4.37 -59.65 62.63
N GLU B 3933 -4.12 -59.24 61.39
CA GLU B 3933 -3.11 -58.21 61.16
C GLU B 3933 -3.50 -56.89 61.78
N ALA B 3934 -4.79 -56.54 61.72
CA ALA B 3934 -5.24 -55.31 62.38
C ALA B 3934 -4.98 -55.36 63.88
N VAL B 3935 -5.24 -56.51 64.51
CA VAL B 3935 -5.00 -56.66 65.95
C VAL B 3935 -3.52 -56.53 66.26
N VAL B 3936 -2.66 -57.18 65.47
CA VAL B 3936 -1.24 -57.14 65.80
C VAL B 3936 -0.66 -55.76 65.55
N ARG B 3937 -1.20 -55.00 64.58
CA ARG B 3937 -0.76 -53.61 64.42
C ARG B 3937 -1.27 -52.73 65.56
N LEU B 3938 -2.52 -52.94 65.99
CA LEU B 3938 -3.05 -52.17 67.11
C LEU B 3938 -2.34 -52.50 68.41
N SER B 3939 -1.74 -53.70 68.52
CA SER B 3939 -1.05 -54.09 69.74
C SER B 3939 0.19 -53.26 70.03
N CYS B 3940 0.75 -52.58 69.01
CA CYS B 3940 1.92 -51.76 69.23
C CYS B 3940 1.65 -50.59 70.17
N LEU B 3941 0.39 -50.16 70.28
CA LEU B 3941 0.07 -49.13 71.26
C LEU B 3941 0.20 -49.69 72.67
N PRO B 3942 0.64 -48.88 73.64
CA PRO B 3942 0.79 -49.39 75.01
C PRO B 3942 -0.52 -49.86 75.63
N ALA B 3943 -1.64 -49.22 75.30
CA ALA B 3943 -2.91 -49.59 75.92
C ALA B 3943 -3.48 -50.89 75.37
N PHE B 3944 -2.96 -51.38 74.24
CA PHE B 3944 -3.43 -52.63 73.64
C PHE B 3944 -2.31 -53.66 73.57
N LYS B 3945 -1.40 -53.64 74.54
CA LYS B 3945 -0.27 -54.57 74.51
C LYS B 3945 -0.74 -56.02 74.66
N ASP B 3946 -1.77 -56.25 75.48
CA ASP B 3946 -2.33 -57.57 75.69
C ASP B 3946 -3.70 -57.73 75.03
N LEU B 3947 -3.88 -57.12 73.85
CA LEU B 3947 -5.16 -57.19 73.16
C LEU B 3947 -5.50 -58.62 72.77
N ILE B 3948 -4.51 -59.39 72.31
CA ILE B 3948 -4.76 -60.77 71.92
C ILE B 3948 -5.23 -61.60 73.11
N ALA B 3949 -4.59 -61.42 74.27
CA ALA B 3949 -4.99 -62.14 75.45
C ALA B 3949 -6.42 -61.78 75.87
N LYS B 3950 -6.75 -60.49 75.82
CA LYS B 3950 -8.10 -60.05 76.20
C LYS B 3950 -9.16 -60.62 75.25
N VAL B 3951 -8.89 -60.57 73.94
CA VAL B 3951 -9.90 -61.06 73.00
C VAL B 3951 -10.04 -62.58 73.09
N GLN B 3952 -8.93 -63.31 73.29
CA GLN B 3952 -9.04 -64.74 73.44
C GLN B 3952 -9.75 -65.13 74.75
N ALA B 3953 -9.52 -64.38 75.82
CA ALA B 3953 -10.17 -64.68 77.09
C ALA B 3953 -11.68 -64.50 77.00
N ASP B 3954 -12.14 -63.45 76.33
CA ASP B 3954 -13.56 -63.14 76.24
C ASP B 3954 -14.16 -63.91 75.06
N GLU B 3955 -14.91 -64.97 75.37
CA GLU B 3955 -15.58 -65.74 74.32
C GLU B 3955 -16.76 -64.98 73.73
N GLN B 3956 -17.61 -64.40 74.57
CA GLN B 3956 -18.77 -63.64 74.12
C GLN B 3956 -18.39 -62.40 73.32
N PHE B 3957 -17.10 -62.16 73.13
CA PHE B 3957 -16.64 -61.21 72.12
C PHE B 3957 -17.19 -61.56 70.75
N GLY B 3958 -17.28 -62.84 70.43
CA GLY B 3958 -17.73 -63.23 69.10
C GLY B 3958 -19.09 -62.67 68.75
N ILE B 3959 -20.03 -62.72 69.70
CA ILE B 3959 -21.36 -62.17 69.47
C ILE B 3959 -21.26 -60.67 69.15
N TRP B 3960 -20.37 -59.96 69.83
CA TRP B 3960 -20.17 -58.54 69.52
C TRP B 3960 -19.58 -58.36 68.14
N LEU B 3961 -18.71 -59.29 67.71
CA LEU B 3961 -18.07 -59.15 66.41
C LEU B 3961 -19.09 -59.23 65.28
N ASP B 3962 -20.10 -60.11 65.42
CA ASP B 3962 -21.15 -60.24 64.42
C ASP B 3962 -22.39 -59.43 64.77
N SER B 3963 -22.25 -58.41 65.62
CA SER B 3963 -23.37 -57.58 65.99
C SER B 3963 -23.77 -56.66 64.83
N SER B 3964 -25.02 -56.22 64.86
CA SER B 3964 -25.51 -55.32 63.82
C SER B 3964 -24.81 -53.96 63.90
N SER B 3965 -24.75 -53.38 65.10
CA SER B 3965 -24.10 -52.08 65.33
C SER B 3965 -23.17 -52.22 66.52
N PRO B 3966 -22.00 -52.84 66.33
CA PRO B 3966 -21.05 -52.98 67.44
C PRO B 3966 -20.56 -51.65 67.98
N GLU B 3967 -20.62 -50.59 67.17
CA GLU B 3967 -20.09 -49.29 67.59
C GLU B 3967 -20.79 -48.77 68.84
N GLN B 3968 -22.02 -49.20 69.10
CA GLN B 3968 -22.74 -48.73 70.27
C GLN B 3968 -22.39 -49.51 71.53
N THR B 3969 -21.76 -50.67 71.40
CA THR B 3969 -21.48 -51.55 72.53
C THR B 3969 -20.05 -52.07 72.45
N VAL B 3970 -19.10 -51.19 72.19
CA VAL B 3970 -17.69 -51.59 72.08
C VAL B 3970 -17.20 -52.01 73.46
N PRO B 3971 -16.69 -53.23 73.62
CA PRO B 3971 -16.23 -53.68 74.94
C PRO B 3971 -14.87 -53.08 75.30
N TYR B 3972 -14.56 -53.17 76.59
CA TYR B 3972 -13.37 -52.54 77.17
C TYR B 3972 -12.21 -53.52 77.06
N LEU B 3973 -11.28 -53.25 76.13
CA LEU B 3973 -10.09 -54.09 75.96
C LEU B 3973 -8.80 -53.28 76.00
N TRP B 3974 -8.83 -52.08 76.56
CA TRP B 3974 -7.63 -51.26 76.70
C TRP B 3974 -7.35 -51.02 78.17
N SER B 3975 -6.10 -51.23 78.58
CA SER B 3975 -5.70 -51.11 79.96
C SER B 3975 -5.39 -49.65 80.30
N GLU B 3976 -5.95 -49.17 81.40
CA GLU B 3976 -5.75 -47.81 81.87
C GLU B 3976 -5.24 -47.83 83.30
N GLU B 3977 -4.16 -47.10 83.56
CA GLU B 3977 -3.72 -46.90 84.93
C GLU B 3977 -4.62 -45.90 85.67
N THR B 3978 -5.27 -45.02 84.94
CA THR B 3978 -6.24 -44.07 85.47
C THR B 3978 -7.48 -44.08 84.60
N PRO B 3979 -8.66 -43.84 85.17
CA PRO B 3979 -9.88 -43.80 84.35
C PRO B 3979 -9.82 -42.68 83.33
N ALA B 3980 -10.04 -43.02 82.07
CA ALA B 3980 -9.91 -42.07 80.98
C ALA B 3980 -11.16 -41.20 80.87
N THR B 3981 -10.97 -40.00 80.30
CA THR B 3981 -12.07 -39.11 80.01
C THR B 3981 -12.95 -39.71 78.91
N PRO B 3982 -14.23 -39.34 78.86
CA PRO B 3982 -15.10 -39.86 77.80
C PRO B 3982 -14.57 -39.62 76.39
N ILE B 3983 -13.89 -38.51 76.15
CA ILE B 3983 -13.29 -38.30 74.83
C ILE B 3983 -12.20 -39.33 74.58
N GLY B 3984 -11.33 -39.58 75.57
CA GLY B 3984 -10.28 -40.55 75.38
C GLY B 3984 -10.80 -41.95 75.14
N GLN B 3985 -11.85 -42.34 75.88
CA GLN B 3985 -12.49 -43.61 75.61
C GLN B 3985 -13.15 -43.60 74.24
N ALA B 3986 -13.56 -42.43 73.74
CA ALA B 3986 -14.09 -42.36 72.39
C ALA B 3986 -13.02 -42.66 71.35
N ILE B 3987 -11.81 -42.09 71.51
CA ILE B 3987 -10.71 -42.45 70.62
C ILE B 3987 -10.39 -43.94 70.72
N HIS B 3988 -10.38 -44.48 71.95
CA HIS B 3988 -10.06 -45.90 72.10
C HIS B 3988 -11.08 -46.78 71.40
N ARG B 3989 -12.38 -46.46 71.57
CA ARG B 3989 -13.43 -47.20 70.86
C ARG B 3989 -13.31 -47.00 69.35
N LEU B 3990 -12.85 -45.83 68.91
CA LEU B 3990 -12.68 -45.57 67.50
C LEU B 3990 -11.62 -46.48 66.89
N LEU B 3991 -10.46 -46.59 67.55
CA LEU B 3991 -9.43 -47.50 67.06
C LEU B 3991 -9.87 -48.96 67.15
N LEU B 3992 -10.61 -49.31 68.20
CA LEU B 3992 -11.12 -50.68 68.29
C LEU B 3992 -12.07 -50.99 67.14
N ILE B 3993 -12.96 -50.05 66.81
CA ILE B 3993 -13.88 -50.25 65.70
C ILE B 3993 -13.11 -50.36 64.38
N GLN B 3994 -12.12 -49.49 64.19
CA GLN B 3994 -11.34 -49.54 62.95
C GLN B 3994 -10.63 -50.88 62.81
N ALA B 3995 -10.07 -51.40 63.89
CA ALA B 3995 -9.35 -52.66 63.82
C ALA B 3995 -10.29 -53.85 63.66
N PHE B 3996 -11.46 -53.80 64.29
CA PHE B 3996 -12.35 -54.95 64.38
C PHE B 3996 -13.45 -54.92 63.32
N ARG B 3997 -14.22 -53.84 63.26
CA ARG B 3997 -15.36 -53.71 62.37
C ARG B 3997 -15.21 -52.42 61.57
N PRO B 3998 -14.35 -52.41 60.54
CA PRO B 3998 -14.13 -51.17 59.79
C PRO B 3998 -15.37 -50.65 59.09
N ASP B 3999 -16.34 -51.53 58.77
CA ASP B 3999 -17.53 -51.07 58.07
C ASP B 3999 -18.39 -50.14 58.93
N ARG B 4000 -18.25 -50.22 60.25
CA ARG B 4000 -18.94 -49.32 61.16
C ARG B 4000 -18.13 -48.07 61.46
N LEU B 4001 -16.95 -47.93 60.85
CA LEU B 4001 -16.01 -46.87 61.20
C LEU B 4001 -16.69 -45.50 61.16
N LEU B 4002 -17.36 -45.18 60.06
CA LEU B 4002 -18.03 -43.89 59.94
C LEU B 4002 -18.97 -43.65 61.11
N ALA B 4003 -19.82 -44.64 61.43
CA ALA B 4003 -20.72 -44.49 62.56
C ALA B 4003 -19.94 -44.14 63.81
N MET B 4004 -18.88 -44.89 64.10
CA MET B 4004 -18.06 -44.58 65.26
C MET B 4004 -17.56 -43.15 65.19
N ALA B 4005 -17.03 -42.74 64.02
CA ALA B 4005 -16.56 -41.37 63.86
C ALA B 4005 -17.64 -40.38 64.24
N HIS B 4006 -18.88 -40.62 63.79
CA HIS B 4006 -19.96 -39.69 64.12
C HIS B 4006 -20.10 -39.53 65.62
N MET B 4007 -20.16 -40.64 66.36
CA MET B 4007 -20.31 -40.52 67.80
C MET B 4007 -19.10 -39.84 68.41
N PHE B 4008 -17.90 -40.06 67.86
CA PHE B 4008 -16.75 -39.33 68.34
C PHE B 4008 -17.01 -37.83 68.28
N VAL B 4009 -17.52 -37.35 67.14
CA VAL B 4009 -17.85 -35.94 67.01
C VAL B 4009 -18.85 -35.53 68.08
N SER B 4010 -19.84 -36.39 68.34
CA SER B 4010 -20.84 -36.07 69.35
C SER B 4010 -20.21 -35.92 70.73
N THR B 4011 -19.16 -36.71 71.02
CA THR B 4011 -18.48 -36.56 72.30
C THR B 4011 -17.64 -35.29 72.35
N ASN B 4012 -17.24 -34.79 71.18
CA ASN B 4012 -16.37 -33.62 71.14
C ASN B 4012 -17.16 -32.35 70.91
N LEU B 4013 -18.15 -32.40 70.01
CA LEU B 4013 -18.83 -31.20 69.55
C LEU B 4013 -20.33 -31.21 69.80
N GLY B 4014 -20.86 -32.24 70.42
CA GLY B 4014 -22.29 -32.32 70.68
C GLY B 4014 -22.99 -33.24 69.70
N GLU B 4015 -24.08 -33.85 70.18
CA GLU B 4015 -24.80 -34.82 69.35
C GLU B 4015 -25.55 -34.13 68.21
N SER B 4016 -25.88 -32.85 68.37
CA SER B 4016 -26.63 -32.11 67.37
C SER B 4016 -25.73 -31.28 66.46
N PHE B 4017 -24.41 -31.55 66.47
CA PHE B 4017 -23.49 -30.76 65.67
C PHE B 4017 -23.77 -30.93 64.19
N MET B 4018 -24.01 -32.16 63.74
CA MET B 4018 -24.20 -32.46 62.33
C MET B 4018 -25.68 -32.65 61.97
N SER B 4019 -26.59 -32.32 62.88
CA SER B 4019 -28.02 -32.57 62.64
C SER B 4019 -28.56 -31.71 61.51
N ILE B 4020 -28.13 -30.46 61.44
CA ILE B 4020 -28.71 -29.51 60.47
C ILE B 4020 -28.44 -29.96 59.04
N MET B 4021 -27.34 -30.69 58.81
CA MET B 4021 -27.05 -31.22 57.49
C MET B 4021 -28.05 -32.26 57.02
N GLU B 4022 -28.89 -32.79 57.91
CA GLU B 4022 -29.93 -33.73 57.49
C GLU B 4022 -31.25 -33.03 57.16
N GLN B 4023 -31.49 -31.85 57.71
CA GLN B 4023 -32.71 -31.12 57.40
C GLN B 4023 -32.63 -30.53 55.99
N PRO B 4024 -33.78 -30.28 55.36
CA PRO B 4024 -33.76 -29.62 54.05
C PRO B 4024 -33.14 -28.24 54.14
N LEU B 4025 -32.41 -27.87 53.08
CA LEU B 4025 -31.68 -26.61 53.09
C LEU B 4025 -32.66 -25.44 53.07
N ASP B 4026 -32.44 -24.49 53.98
CA ASP B 4026 -33.29 -23.29 54.08
C ASP B 4026 -32.60 -22.19 53.30
N LEU B 4027 -32.94 -22.09 52.01
CA LEU B 4027 -32.29 -21.13 51.13
C LEU B 4027 -32.74 -19.71 51.42
N THR B 4028 -33.96 -19.55 51.93
CA THR B 4028 -34.54 -18.23 52.16
C THR B 4028 -33.66 -17.39 53.08
N HIS B 4029 -33.46 -17.85 54.30
CA HIS B 4029 -32.71 -17.08 55.29
C HIS B 4029 -31.27 -16.85 54.85
N ILE B 4030 -30.66 -17.88 54.24
CA ILE B 4030 -29.27 -17.78 53.82
C ILE B 4030 -29.10 -16.69 52.76
N VAL B 4031 -29.98 -16.69 51.76
CA VAL B 4031 -29.88 -15.67 50.71
C VAL B 4031 -30.23 -14.30 51.28
N GLY B 4032 -31.22 -14.22 52.16
CA GLY B 4032 -31.65 -12.93 52.67
C GLY B 4032 -30.61 -12.25 53.55
N THR B 4033 -29.93 -13.02 54.40
CA THR B 4033 -29.01 -12.44 55.37
C THR B 4033 -27.56 -12.79 55.11
N GLU B 4034 -27.23 -14.07 54.98
CA GLU B 4034 -25.83 -14.51 54.97
C GLU B 4034 -25.12 -14.25 53.66
N VAL B 4035 -25.82 -13.81 52.62
CA VAL B 4035 -25.23 -13.64 51.29
C VAL B 4035 -25.25 -12.15 50.95
N LYS B 4036 -24.08 -11.60 50.65
CA LYS B 4036 -23.97 -10.23 50.19
C LYS B 4036 -24.33 -10.13 48.71
N PRO B 4037 -24.76 -8.96 48.24
CA PRO B 4037 -25.05 -8.81 46.81
C PRO B 4037 -23.83 -9.02 45.92
N ASN B 4038 -22.63 -8.80 46.44
CA ASN B 4038 -21.43 -8.99 45.64
C ASN B 4038 -21.15 -10.46 45.35
N THR B 4039 -21.29 -11.32 46.35
CA THR B 4039 -20.93 -12.73 46.19
C THR B 4039 -22.02 -13.46 45.43
N PRO B 4040 -21.73 -14.05 44.27
CA PRO B 4040 -22.74 -14.84 43.57
C PRO B 4040 -23.07 -16.11 44.32
N VAL B 4041 -24.30 -16.57 44.15
CA VAL B 4041 -24.78 -17.80 44.79
C VAL B 4041 -24.54 -18.92 43.79
N LEU B 4042 -23.43 -19.64 43.95
CA LEU B 4042 -23.13 -20.77 43.09
C LEU B 4042 -23.91 -21.97 43.60
N MET B 4043 -24.68 -22.60 42.71
CA MET B 4043 -25.42 -23.81 43.06
C MET B 4043 -24.88 -24.94 42.19
N CYS B 4044 -24.05 -25.78 42.80
CA CYS B 4044 -23.41 -26.88 42.12
C CYS B 4044 -24.16 -28.16 42.39
N SER B 4045 -24.60 -28.83 41.33
CA SER B 4045 -25.44 -30.01 41.45
C SER B 4045 -24.78 -31.18 40.75
N VAL B 4046 -24.87 -32.36 41.36
CA VAL B 4046 -24.38 -33.59 40.75
C VAL B 4046 -25.27 -33.88 39.55
N PRO B 4047 -24.78 -34.61 38.54
CA PRO B 4047 -25.62 -34.89 37.37
C PRO B 4047 -26.90 -35.60 37.78
N GLY B 4048 -28.01 -35.17 37.19
CA GLY B 4048 -29.33 -35.63 37.56
C GLY B 4048 -30.08 -34.72 38.50
N TYR B 4049 -29.42 -33.70 39.05
CA TYR B 4049 -30.05 -32.75 39.95
C TYR B 4049 -29.87 -31.34 39.42
N ASP B 4050 -30.89 -30.51 39.62
CA ASP B 4050 -30.89 -29.15 39.10
C ASP B 4050 -31.50 -28.22 40.16
N ALA B 4051 -30.87 -27.08 40.38
CA ALA B 4051 -31.29 -26.14 41.41
C ALA B 4051 -32.01 -24.93 40.85
N SER B 4052 -32.31 -24.90 39.55
CA SER B 4052 -33.03 -23.77 38.98
C SER B 4052 -34.44 -23.68 39.56
N GLY B 4053 -35.10 -24.83 39.74
CA GLY B 4053 -36.44 -24.83 40.31
C GLY B 4053 -36.47 -24.25 41.72
N HIS B 4054 -35.46 -24.56 42.51
CA HIS B 4054 -35.38 -24.00 43.86
C HIS B 4054 -35.28 -22.48 43.81
N VAL B 4055 -34.47 -21.94 42.92
CA VAL B 4055 -34.31 -20.50 42.80
C VAL B 4055 -35.63 -19.86 42.35
N GLU B 4056 -36.29 -20.47 41.37
CA GLU B 4056 -37.56 -19.92 40.89
C GLU B 4056 -38.61 -19.94 41.99
N ASP B 4057 -38.70 -21.03 42.76
CA ASP B 4057 -39.65 -21.09 43.86
C ASP B 4057 -39.33 -20.07 44.93
N LEU B 4058 -38.04 -19.85 45.23
CA LEU B 4058 -37.65 -18.84 46.19
C LEU B 4058 -38.05 -17.45 45.72
N ALA B 4059 -37.81 -17.15 44.44
CA ALA B 4059 -38.20 -15.84 43.91
C ALA B 4059 -39.71 -15.66 43.95
N ALA B 4060 -40.46 -16.74 43.68
CA ALA B 4060 -41.92 -16.66 43.79
C ALA B 4060 -42.36 -16.41 45.23
N GLU B 4061 -41.71 -17.06 46.19
CA GLU B 4061 -42.10 -16.89 47.59
C GLU B 4061 -41.85 -15.46 48.07
N GLN B 4062 -40.72 -14.88 47.69
CA GLN B 4062 -40.39 -13.52 48.12
C GLN B 4062 -41.03 -12.44 47.26
N ASN B 4063 -41.78 -12.83 46.22
CA ASN B 4063 -42.42 -11.88 45.31
C ASN B 4063 -41.39 -10.95 44.67
N THR B 4064 -40.27 -11.52 44.24
CA THR B 4064 -39.20 -10.77 43.59
C THR B 4064 -39.08 -11.19 42.14
N GLN B 4065 -38.95 -10.21 41.25
CA GLN B 4065 -38.79 -10.50 39.83
C GLN B 4065 -37.40 -11.05 39.58
N ILE B 4066 -37.33 -12.16 38.84
CA ILE B 4066 -36.07 -12.82 38.53
C ILE B 4066 -35.96 -13.02 37.03
N THR B 4067 -34.77 -12.75 36.49
CA THR B 4067 -34.48 -12.96 35.08
C THR B 4067 -33.63 -14.22 34.95
N SER B 4068 -34.19 -15.26 34.36
CA SER B 4068 -33.49 -16.53 34.17
C SER B 4068 -32.97 -16.62 32.75
N ILE B 4069 -31.68 -16.91 32.61
CA ILE B 4069 -31.01 -16.95 31.31
C ILE B 4069 -30.20 -18.23 31.22
N ALA B 4070 -30.36 -18.95 30.12
CA ALA B 4070 -29.62 -20.19 29.87
C ALA B 4070 -28.37 -19.85 29.07
N ILE B 4071 -27.21 -20.24 29.61
CA ILE B 4071 -25.93 -19.89 29.03
C ILE B 4071 -25.59 -20.86 27.90
N GLY B 4072 -24.91 -20.34 26.87
CA GLY B 4072 -24.48 -21.19 25.77
C GLY B 4072 -24.46 -20.53 24.41
N SER B 4073 -25.10 -19.38 24.27
CA SER B 4073 -25.13 -18.65 23.02
C SER B 4073 -24.64 -17.22 23.24
N ALA B 4074 -24.18 -16.60 22.16
CA ALA B 4074 -23.73 -15.21 22.24
C ALA B 4074 -24.87 -14.28 22.66
N GLU B 4075 -26.07 -14.52 22.12
CA GLU B 4075 -27.24 -13.80 22.59
C GLU B 4075 -27.45 -14.04 24.09
N GLY B 4076 -27.15 -15.24 24.57
CA GLY B 4076 -27.23 -15.50 26.00
C GLY B 4076 -26.27 -14.65 26.81
N PHE B 4077 -25.03 -14.51 26.32
CA PHE B 4077 -24.06 -13.67 27.02
C PHE B 4077 -24.50 -12.21 27.03
N ASN B 4078 -25.00 -11.71 25.89
CA ASN B 4078 -25.47 -10.33 25.85
C ASN B 4078 -26.65 -10.13 26.80
N GLN B 4079 -27.59 -11.08 26.81
CA GLN B 4079 -28.74 -10.99 27.70
C GLN B 4079 -28.29 -11.01 29.17
N ALA B 4080 -27.32 -11.86 29.50
CA ALA B 4080 -26.82 -11.92 30.86
C ALA B 4080 -26.18 -10.60 31.27
N ASP B 4081 -25.36 -10.02 30.38
CA ASP B 4081 -24.73 -8.74 30.69
C ASP B 4081 -25.78 -7.65 30.92
N LYS B 4082 -26.78 -7.58 30.03
CA LYS B 4082 -27.83 -6.58 30.18
C LYS B 4082 -28.62 -6.79 31.45
N ALA B 4083 -28.98 -8.03 31.76
CA ALA B 4083 -29.77 -8.31 32.96
C ALA B 4083 -29.00 -7.94 34.21
N ILE B 4084 -27.71 -8.28 34.26
CA ILE B 4084 -26.89 -7.90 35.42
C ILE B 4084 -26.79 -6.39 35.53
N ASN B 4085 -26.60 -5.70 34.40
CA ASN B 4085 -26.46 -4.24 34.43
C ASN B 4085 -27.74 -3.58 34.96
N THR B 4086 -28.90 -4.07 34.55
CA THR B 4086 -30.13 -3.49 35.06
C THR B 4086 -30.43 -3.90 36.50
N ALA B 4087 -30.06 -5.13 36.90
CA ALA B 4087 -30.39 -5.61 38.22
C ALA B 4087 -29.50 -5.04 39.31
N VAL B 4088 -28.24 -4.73 39.00
CA VAL B 4088 -27.37 -4.14 40.01
C VAL B 4088 -27.89 -2.77 40.45
N LYS B 4089 -28.69 -2.12 39.61
CA LYS B 4089 -29.33 -0.86 39.96
C LYS B 4089 -30.73 -1.07 40.52
N SER B 4090 -31.55 -1.88 39.85
CA SER B 4090 -32.93 -2.09 40.28
C SER B 4090 -33.07 -3.07 41.44
N GLY B 4091 -32.03 -3.86 41.73
CA GLY B 4091 -32.09 -4.79 42.83
C GLY B 4091 -32.82 -6.08 42.55
N ARG B 4092 -33.08 -6.40 41.29
CA ARG B 4092 -33.77 -7.64 40.96
C ARG B 4092 -32.79 -8.81 40.93
N TRP B 4093 -33.36 -10.02 40.89
CA TRP B 4093 -32.57 -11.24 40.89
C TRP B 4093 -32.27 -11.68 39.46
N VAL B 4094 -31.05 -12.18 39.25
CA VAL B 4094 -30.64 -12.74 37.98
C VAL B 4094 -30.12 -14.14 38.22
N MET B 4095 -30.60 -15.10 37.42
CA MET B 4095 -30.12 -16.47 37.48
C MET B 4095 -29.56 -16.85 36.12
N LEU B 4096 -28.37 -17.45 36.11
CA LEU B 4096 -27.71 -17.92 34.90
C LEU B 4096 -27.52 -19.43 35.05
N LYS B 4097 -28.15 -20.18 34.16
CA LYS B 4097 -28.13 -21.63 34.24
C LYS B 4097 -27.03 -22.21 33.35
N ASN B 4098 -26.46 -23.33 33.80
CA ASN B 4098 -25.46 -24.08 33.05
C ASN B 4098 -24.26 -23.19 32.69
N VAL B 4099 -23.76 -22.45 33.70
CA VAL B 4099 -22.60 -21.59 33.49
C VAL B 4099 -21.31 -22.38 33.36
N HIS B 4100 -21.32 -23.67 33.70
CA HIS B 4100 -20.13 -24.49 33.55
C HIS B 4100 -19.76 -24.75 32.09
N LEU B 4101 -20.62 -24.38 31.16
CA LEU B 4101 -20.36 -24.55 29.74
C LEU B 4101 -19.57 -23.39 29.13
N ALA B 4102 -19.20 -22.39 29.93
CA ALA B 4102 -18.41 -21.25 29.45
C ALA B 4102 -17.46 -20.79 30.55
N PRO B 4103 -16.38 -21.55 30.81
CA PRO B 4103 -15.46 -21.15 31.88
C PRO B 4103 -14.76 -19.83 31.66
N GLY B 4104 -14.39 -19.51 30.41
CA GLY B 4104 -13.74 -18.22 30.15
C GLY B 4104 -14.66 -17.05 30.41
N TRP B 4105 -15.91 -17.14 29.94
CA TRP B 4105 -16.89 -16.12 30.27
C TRP B 4105 -17.16 -16.10 31.77
N LEU B 4106 -16.99 -17.24 32.45
CA LEU B 4106 -17.12 -17.26 33.91
C LEU B 4106 -16.03 -16.44 34.57
N MET B 4107 -14.78 -16.56 34.09
CA MET B 4107 -13.69 -15.75 34.61
C MET B 4107 -13.96 -14.27 34.37
N GLN B 4108 -14.41 -13.93 33.16
CA GLN B 4108 -14.76 -12.54 32.86
C GLN B 4108 -15.86 -12.04 33.76
N LEU B 4109 -16.88 -12.87 34.01
CA LEU B 4109 -17.99 -12.49 34.87
C LEU B 4109 -17.53 -12.27 36.30
N GLU B 4110 -16.64 -13.12 36.81
CA GLU B 4110 -16.11 -12.91 38.16
C GLU B 4110 -15.34 -11.60 38.25
N LYS B 4111 -14.51 -11.32 37.25
CA LYS B 4111 -13.76 -10.06 37.25
C LYS B 4111 -14.70 -8.86 37.19
N LYS B 4112 -15.78 -8.96 36.42
CA LYS B 4112 -16.77 -7.89 36.36
C LYS B 4112 -17.49 -7.74 37.70
N LEU B 4113 -17.79 -8.86 38.36
CA LEU B 4113 -18.54 -8.81 39.61
C LEU B 4113 -17.69 -8.21 40.73
N HIS B 4114 -16.38 -8.44 40.70
CA HIS B 4114 -15.53 -7.92 41.78
C HIS B 4114 -15.62 -6.41 41.88
N SER B 4115 -15.51 -5.71 40.76
CA SER B 4115 -15.56 -4.25 40.73
C SER B 4115 -17.01 -3.82 40.46
N LEU B 4116 -17.83 -3.96 41.49
CA LEU B 4116 -19.26 -3.69 41.36
C LEU B 4116 -19.86 -3.47 42.74
N GLN B 4117 -20.75 -2.49 42.83
CA GLN B 4117 -21.47 -2.18 44.08
C GLN B 4117 -22.96 -2.13 43.75
N PRO B 4118 -23.62 -3.28 43.77
CA PRO B 4118 -25.03 -3.34 43.34
C PRO B 4118 -25.98 -2.89 44.45
N HIS B 4119 -27.27 -3.02 44.16
CA HIS B 4119 -28.31 -2.70 45.12
C HIS B 4119 -28.29 -3.70 46.27
N ALA B 4120 -28.84 -3.28 47.41
CA ALA B 4120 -28.81 -4.11 48.60
C ALA B 4120 -29.62 -5.39 48.41
N CYS B 4121 -30.62 -5.37 47.55
CA CYS B 4121 -31.48 -6.52 47.31
C CYS B 4121 -31.06 -7.30 46.06
N PHE B 4122 -29.97 -6.92 45.41
CA PHE B 4122 -29.52 -7.63 44.23
C PHE B 4122 -29.00 -9.02 44.60
N ARG B 4123 -29.35 -10.01 43.77
CA ARG B 4123 -28.86 -11.37 43.92
C ARG B 4123 -28.57 -11.95 42.56
N LEU B 4124 -27.43 -12.63 42.46
CA LEU B 4124 -27.05 -13.38 41.27
C LEU B 4124 -26.92 -14.85 41.65
N PHE B 4125 -27.49 -15.72 40.84
CA PHE B 4125 -27.42 -17.16 41.04
C PHE B 4125 -26.77 -17.79 39.82
N LEU B 4126 -25.86 -18.72 40.05
CA LEU B 4126 -25.16 -19.43 38.98
C LEU B 4126 -25.44 -20.91 39.16
N THR B 4127 -26.40 -21.43 38.39
CA THR B 4127 -26.71 -22.85 38.42
C THR B 4127 -25.70 -23.60 37.56
N MET B 4128 -25.11 -24.65 38.11
CA MET B 4128 -24.05 -25.33 37.41
C MET B 4128 -23.91 -26.75 37.94
N GLU B 4129 -23.21 -27.58 37.18
CA GLU B 4129 -22.85 -28.91 37.63
C GLU B 4129 -21.44 -28.92 38.19
N ILE B 4130 -21.16 -29.93 39.01
CA ILE B 4130 -19.84 -30.04 39.64
C ILE B 4130 -18.86 -30.47 38.55
N ASN B 4131 -18.10 -29.50 38.03
CA ASN B 4131 -17.30 -29.69 36.84
C ASN B 4131 -15.93 -29.06 37.09
N PRO B 4132 -14.84 -29.80 36.90
CA PRO B 4132 -13.51 -29.22 37.16
C PRO B 4132 -13.13 -28.07 36.24
N LYS B 4133 -13.82 -27.89 35.12
CA LYS B 4133 -13.49 -26.76 34.23
C LYS B 4133 -13.88 -25.42 34.84
N VAL B 4134 -14.67 -25.41 35.90
CA VAL B 4134 -15.08 -24.14 36.53
C VAL B 4134 -13.87 -23.46 37.13
N PRO B 4135 -13.66 -22.16 36.89
CA PRO B 4135 -12.51 -21.46 37.50
C PRO B 4135 -12.64 -21.42 39.01
N VAL B 4136 -11.48 -21.50 39.68
CA VAL B 4136 -11.48 -21.46 41.14
C VAL B 4136 -11.66 -20.05 41.68
N ASN B 4137 -11.36 -19.03 40.89
CA ASN B 4137 -11.61 -17.66 41.34
C ASN B 4137 -13.10 -17.39 41.49
N LEU B 4138 -13.92 -17.92 40.58
CA LEU B 4138 -15.36 -17.82 40.75
C LEU B 4138 -15.84 -18.59 41.97
N LEU B 4139 -15.25 -19.77 42.22
CA LEU B 4139 -15.63 -20.55 43.39
C LEU B 4139 -15.31 -19.80 44.67
N ARG B 4140 -14.15 -19.14 44.72
CA ARG B 4140 -13.78 -18.38 45.90
C ARG B 4140 -14.61 -17.11 46.05
N ALA B 4141 -14.96 -16.47 44.93
CA ALA B 4141 -15.70 -15.21 44.99
C ALA B 4141 -17.09 -15.41 45.57
N GLY B 4142 -17.79 -16.47 45.16
CA GLY B 4142 -19.15 -16.71 45.57
C GLY B 4142 -19.27 -17.80 46.63
N ARG B 4143 -20.49 -17.99 47.09
CA ARG B 4143 -20.80 -19.00 48.09
C ARG B 4143 -21.42 -20.22 47.41
N ILE B 4144 -20.90 -21.40 47.74
CA ILE B 4144 -21.22 -22.64 47.04
C ILE B 4144 -22.27 -23.40 47.84
N PHE B 4145 -23.30 -23.89 47.14
CA PHE B 4145 -24.30 -24.77 47.72
C PHE B 4145 -24.38 -26.02 46.86
N VAL B 4146 -24.17 -27.18 47.47
CA VAL B 4146 -24.14 -28.45 46.75
C VAL B 4146 -25.50 -29.11 46.85
N PHE B 4147 -26.05 -29.47 45.70
CA PHE B 4147 -27.33 -30.18 45.61
C PHE B 4147 -27.06 -31.60 45.11
N GLU B 4148 -27.56 -32.58 45.84
CA GLU B 4148 -27.21 -33.97 45.60
C GLU B 4148 -28.30 -34.86 46.16
N PRO B 4149 -28.24 -36.19 45.95
CA PRO B 4149 -29.27 -37.05 46.53
C PRO B 4149 -29.30 -36.92 48.04
N PRO B 4150 -30.49 -37.01 48.63
CA PRO B 4150 -30.58 -36.85 50.08
C PRO B 4150 -29.83 -37.96 50.80
N PRO B 4151 -29.31 -37.69 51.99
CA PRO B 4151 -28.50 -38.70 52.69
C PRO B 4151 -29.25 -39.99 53.02
N GLY B 4152 -30.56 -39.93 53.24
CA GLY B 4152 -31.28 -41.12 53.62
C GLY B 4152 -32.76 -41.00 53.34
N VAL B 4153 -33.50 -42.03 53.77
CA VAL B 4153 -34.94 -42.07 53.54
C VAL B 4153 -35.63 -40.92 54.26
N LYS B 4154 -35.26 -40.69 55.53
CA LYS B 4154 -35.91 -39.66 56.32
C LYS B 4154 -35.69 -38.28 55.72
N ALA B 4155 -34.45 -37.96 55.36
CA ALA B 4155 -34.15 -36.66 54.78
C ALA B 4155 -34.82 -36.49 53.42
N ASN B 4156 -34.86 -37.54 52.62
CA ASN B 4156 -35.51 -37.47 51.31
C ASN B 4156 -37.00 -37.21 51.47
N MET B 4157 -37.65 -37.91 52.40
CA MET B 4157 -39.07 -37.67 52.64
C MET B 4157 -39.30 -36.27 53.19
N LEU B 4158 -38.41 -35.79 54.05
CA LEU B 4158 -38.55 -34.44 54.59
C LEU B 4158 -38.47 -33.39 53.49
N ARG B 4159 -37.50 -33.51 52.60
CA ARG B 4159 -37.37 -32.54 51.53
C ARG B 4159 -38.52 -32.68 50.52
N THR B 4160 -39.01 -33.90 50.31
CA THR B 4160 -40.18 -34.08 49.46
C THR B 4160 -41.40 -33.38 50.03
N PHE B 4161 -41.63 -33.53 51.34
CA PHE B 4161 -42.75 -32.85 51.98
C PHE B 4161 -42.56 -31.34 51.99
N SER B 4162 -41.32 -30.88 52.11
CA SER B 4162 -41.06 -29.44 52.05
C SER B 4162 -41.29 -28.88 50.65
N SER B 4163 -41.00 -29.66 49.61
CA SER B 4163 -41.15 -29.17 48.24
C SER B 4163 -42.62 -28.96 47.89
N ILE B 4164 -43.47 -29.91 48.23
CA ILE B 4164 -44.90 -29.79 47.90
C ILE B 4164 -45.54 -28.73 48.80
N PRO B 4165 -46.29 -27.79 48.25
CA PRO B 4165 -46.96 -26.80 49.10
C PRO B 4165 -47.98 -27.45 50.02
N VAL B 4166 -48.20 -26.81 51.18
CA VAL B 4166 -49.12 -27.34 52.17
C VAL B 4166 -50.54 -27.42 51.60
N SER B 4167 -50.93 -26.43 50.81
CA SER B 4167 -52.27 -26.42 50.24
C SER B 4167 -52.48 -27.59 49.28
N ARG B 4168 -51.45 -27.95 48.52
CA ARG B 4168 -51.58 -29.04 47.56
C ARG B 4168 -51.85 -30.36 48.28
N ILE B 4169 -51.12 -30.63 49.36
CA ILE B 4169 -51.36 -31.85 50.12
C ILE B 4169 -52.69 -31.78 50.85
N CYS B 4170 -52.98 -30.63 51.46
CA CYS B 4170 -54.20 -30.45 52.24
C CYS B 4170 -55.31 -29.96 51.30
N LYS B 4171 -55.94 -30.91 50.62
CA LYS B 4171 -57.06 -30.65 49.73
C LYS B 4171 -58.29 -31.38 50.27
N SER B 4172 -59.45 -31.09 49.68
CA SER B 4172 -60.71 -31.57 50.24
C SER B 4172 -60.76 -33.08 50.48
N PRO B 4173 -60.27 -33.96 49.59
CA PRO B 4173 -60.26 -35.39 49.95
C PRO B 4173 -59.20 -35.65 51.00
N ASN B 4174 -59.64 -36.10 52.18
CA ASN B 4174 -58.71 -36.38 53.27
C ASN B 4174 -57.77 -37.53 52.95
N GLU B 4175 -58.14 -38.40 52.01
CA GLU B 4175 -57.25 -39.48 51.60
C GLU B 4175 -56.01 -38.95 50.86
N ARG B 4176 -56.12 -37.80 50.20
CA ARG B 4176 -55.03 -37.29 49.37
C ARG B 4176 -53.71 -37.26 50.12
N ALA B 4177 -53.72 -36.69 51.33
CA ALA B 4177 -52.49 -36.61 52.12
C ALA B 4177 -51.83 -37.97 52.23
N ARG B 4178 -52.58 -38.99 52.64
CA ARG B 4178 -51.99 -40.32 52.74
C ARG B 4178 -51.40 -40.76 51.43
N LEU B 4179 -52.14 -40.58 50.33
CA LEU B 4179 -51.60 -40.88 49.01
C LEU B 4179 -50.25 -40.18 48.81
N TYR B 4180 -50.22 -38.87 49.06
CA TYR B 4180 -48.96 -38.14 48.93
C TYR B 4180 -47.89 -38.78 49.78
N PHE B 4181 -48.21 -39.09 51.04
CA PHE B 4181 -47.24 -39.74 51.90
C PHE B 4181 -46.70 -40.99 51.23
N LEU B 4182 -47.60 -41.88 50.80
CA LEU B 4182 -47.16 -43.09 50.12
C LEU B 4182 -46.24 -42.74 48.97
N LEU B 4183 -46.66 -41.81 48.12
CA LEU B 4183 -45.82 -41.40 47.00
C LEU B 4183 -44.45 -40.96 47.51
N ALA B 4184 -44.43 -40.07 48.49
CA ALA B 4184 -43.15 -39.64 49.06
C ALA B 4184 -42.33 -40.85 49.49
N TRP B 4185 -42.94 -41.72 50.30
CA TRP B 4185 -42.23 -42.93 50.72
C TRP B 4185 -41.71 -43.68 49.51
N PHE B 4186 -42.59 -43.96 48.54
CA PHE B 4186 -42.17 -44.68 47.36
C PHE B 4186 -40.97 -43.99 46.73
N HIS B 4187 -41.07 -42.67 46.49
CA HIS B 4187 -39.98 -41.94 45.89
C HIS B 4187 -38.71 -42.18 46.68
N ALA B 4188 -38.76 -41.93 47.99
CA ALA B 4188 -37.57 -42.08 48.82
C ALA B 4188 -36.95 -43.44 48.59
N ILE B 4189 -37.75 -44.50 48.66
CA ILE B 4189 -37.21 -45.85 48.59
C ILE B 4189 -36.41 -46.00 47.32
N ILE B 4190 -37.00 -45.67 46.17
CA ILE B 4190 -36.31 -45.96 44.93
C ILE B 4190 -35.04 -45.13 44.84
N GLN B 4191 -35.10 -43.86 45.28
CA GLN B 4191 -33.90 -43.05 45.19
C GLN B 4191 -32.79 -43.61 46.06
N GLU B 4192 -33.15 -44.11 47.25
CA GLU B 4192 -32.13 -44.68 48.12
C GLU B 4192 -31.55 -45.93 47.49
N ARG B 4193 -32.36 -46.71 46.77
CA ARG B 4193 -31.83 -47.89 46.13
C ARG B 4193 -30.84 -47.56 45.03
N LEU B 4194 -30.76 -46.30 44.61
CA LEU B 4194 -29.75 -45.90 43.65
C LEU B 4194 -28.36 -45.88 44.24
N ARG B 4195 -28.24 -45.86 45.58
CA ARG B 4195 -26.91 -45.87 46.19
C ARG B 4195 -26.24 -47.23 46.12
N TYR B 4196 -26.99 -48.27 45.76
CA TYR B 4196 -26.46 -49.62 45.62
C TYR B 4196 -26.62 -50.01 44.15
N ALA B 4197 -25.58 -49.73 43.36
CA ALA B 4197 -25.71 -49.76 41.91
C ALA B 4197 -26.10 -51.12 41.34
N PRO B 4198 -25.47 -52.24 41.71
CA PRO B 4198 -25.86 -53.51 41.11
C PRO B 4198 -27.11 -54.13 41.74
N LEU B 4199 -27.32 -53.89 43.03
CA LEU B 4199 -28.42 -54.56 43.74
C LEU B 4199 -29.69 -53.73 43.77
N GLY B 4200 -29.59 -52.44 44.08
CA GLY B 4200 -30.78 -51.60 44.13
C GLY B 4200 -31.49 -51.54 42.79
N TRP B 4201 -30.74 -51.36 41.71
CA TRP B 4201 -31.26 -51.42 40.36
C TRP B 4201 -30.21 -52.09 39.49
N SER B 4202 -30.43 -52.10 38.18
CA SER B 4202 -29.41 -52.58 37.25
C SER B 4202 -28.51 -51.47 36.75
N LYS B 4203 -28.95 -50.22 36.85
CA LYS B 4203 -28.15 -49.08 36.43
C LYS B 4203 -28.67 -47.85 37.16
N LYS B 4204 -27.88 -46.77 37.10
CA LYS B 4204 -28.19 -45.53 37.80
C LYS B 4204 -29.25 -44.76 37.02
N TYR B 4205 -30.50 -45.14 37.24
CA TYR B 4205 -31.62 -44.39 36.66
C TYR B 4205 -31.71 -43.01 37.29
N GLU B 4206 -32.21 -42.06 36.51
CA GLU B 4206 -32.32 -40.67 36.97
C GLU B 4206 -33.71 -40.39 37.52
N PHE B 4207 -34.11 -41.16 38.53
CA PHE B 4207 -35.36 -40.89 39.24
C PHE B 4207 -35.20 -39.61 40.04
N GLY B 4208 -35.79 -38.52 39.55
CA GLY B 4208 -35.58 -37.23 40.15
C GLY B 4208 -36.84 -36.47 40.50
N GLU B 4209 -36.71 -35.16 40.67
CA GLU B 4209 -37.85 -34.33 41.07
C GLU B 4209 -38.91 -34.26 39.98
N SER B 4210 -38.50 -34.38 38.71
CA SER B 4210 -39.47 -34.34 37.62
C SER B 4210 -40.45 -35.51 37.72
N ASP B 4211 -39.94 -36.70 38.01
CA ASP B 4211 -40.81 -37.87 38.16
C ASP B 4211 -41.76 -37.69 39.33
N LEU B 4212 -41.26 -37.15 40.45
CA LEU B 4212 -42.12 -36.92 41.61
C LEU B 4212 -43.21 -35.90 41.29
N ARG B 4213 -42.86 -34.83 40.58
CA ARG B 4213 -43.86 -33.83 40.19
C ARG B 4213 -44.91 -34.43 39.26
N SER B 4214 -44.48 -35.25 38.30
CA SER B 4214 -45.43 -35.91 37.41
C SER B 4214 -46.35 -36.85 38.18
N ALA B 4215 -45.78 -37.58 39.15
CA ALA B 4215 -46.59 -38.49 39.96
C ALA B 4215 -47.61 -37.73 40.80
N CYS B 4216 -47.21 -36.60 41.38
CA CYS B 4216 -48.15 -35.78 42.15
C CYS B 4216 -49.24 -35.25 41.25
N ASP B 4217 -48.89 -34.81 40.03
CA ASP B 4217 -49.91 -34.33 39.10
C ASP B 4217 -50.89 -35.42 38.72
N THR B 4218 -50.38 -36.63 38.49
CA THR B 4218 -51.24 -37.76 38.16
C THR B 4218 -52.19 -38.08 39.33
N VAL B 4219 -51.64 -38.09 40.56
CA VAL B 4219 -52.47 -38.36 41.73
C VAL B 4219 -53.56 -37.31 41.86
N ASP B 4220 -53.20 -36.04 41.69
CA ASP B 4220 -54.20 -34.97 41.78
C ASP B 4220 -55.29 -35.14 40.72
N THR B 4221 -54.88 -35.39 39.47
CA THR B 4221 -55.84 -35.51 38.38
C THR B 4221 -56.82 -36.66 38.65
N TRP B 4222 -56.30 -37.84 38.99
CA TRP B 4222 -57.18 -38.98 39.18
C TRP B 4222 -57.98 -38.90 40.47
N LEU B 4223 -57.48 -38.21 41.49
CA LEU B 4223 -58.27 -38.06 42.71
C LEU B 4223 -59.40 -37.07 42.53
N ASP B 4224 -59.17 -35.98 41.81
CA ASP B 4224 -60.27 -35.08 41.48
C ASP B 4224 -61.25 -35.74 40.51
N ASP B 4225 -60.76 -36.60 39.62
CA ASP B 4225 -61.66 -37.30 38.70
C ASP B 4225 -62.55 -38.28 39.45
N THR B 4226 -61.96 -39.09 40.34
CA THR B 4226 -62.74 -40.09 41.07
C THR B 4226 -63.58 -39.46 42.18
N ALA B 4227 -63.04 -38.47 42.88
CA ALA B 4227 -63.75 -37.76 43.95
C ALA B 4227 -64.00 -36.34 43.48
N LYS B 4228 -65.21 -36.08 43.01
CA LYS B 4228 -65.58 -34.77 42.46
C LYS B 4228 -65.92 -33.80 43.59
N GLY B 4229 -64.89 -33.42 44.34
CA GLY B 4229 -65.04 -32.46 45.42
C GLY B 4229 -65.56 -33.03 46.72
N ARG B 4230 -65.80 -34.33 46.80
CA ARG B 4230 -66.33 -34.92 48.02
C ARG B 4230 -65.28 -34.87 49.13
N GLN B 4231 -65.76 -34.68 50.36
CA GLN B 4231 -64.86 -34.56 51.50
C GLN B 4231 -64.11 -35.86 51.76
N ASN B 4232 -64.79 -36.99 51.63
CA ASN B 4232 -64.17 -38.29 51.86
C ASN B 4232 -64.44 -39.21 50.68
N ILE B 4233 -63.72 -40.33 50.68
CA ILE B 4233 -63.85 -41.33 49.63
C ILE B 4233 -63.38 -42.67 50.19
N SER B 4234 -64.02 -43.74 49.74
CA SER B 4234 -63.63 -45.07 50.21
C SER B 4234 -62.24 -45.41 49.68
N PRO B 4235 -61.40 -46.03 50.51
CA PRO B 4235 -60.08 -46.47 50.01
C PRO B 4235 -60.17 -47.45 48.85
N ASP B 4236 -61.24 -48.26 48.80
CA ASP B 4236 -61.43 -49.16 47.66
C ASP B 4236 -61.73 -48.36 46.39
N LYS B 4237 -62.42 -47.23 46.53
CA LYS B 4237 -62.81 -46.43 45.38
C LYS B 4237 -61.65 -45.64 44.79
N ILE B 4238 -60.52 -45.56 45.49
CA ILE B 4238 -59.34 -44.89 44.94
C ILE B 4238 -58.91 -45.60 43.66
N PRO B 4239 -58.63 -44.87 42.57
CA PRO B 4239 -58.17 -45.55 41.35
C PRO B 4239 -56.74 -46.06 41.49
N TRP B 4240 -56.57 -47.14 42.26
CA TRP B 4240 -55.23 -47.70 42.46
C TRP B 4240 -54.64 -48.19 41.14
N SER B 4241 -55.46 -48.84 40.31
CA SER B 4241 -54.96 -49.40 39.06
C SER B 4241 -54.42 -48.30 38.14
N ALA B 4242 -55.15 -47.18 38.04
CA ALA B 4242 -54.72 -46.08 37.18
C ALA B 4242 -53.36 -45.53 37.62
N LEU B 4243 -53.23 -45.23 38.91
CA LEU B 4243 -51.98 -44.69 39.43
C LEU B 4243 -50.84 -45.69 39.25
N LYS B 4244 -51.08 -46.96 39.59
CA LYS B 4244 -50.03 -47.97 39.46
C LYS B 4244 -49.56 -48.12 38.02
N THR B 4245 -50.51 -48.19 37.08
CA THR B 4245 -50.15 -48.36 35.69
C THR B 4245 -49.42 -47.14 35.14
N LEU B 4246 -49.89 -45.94 35.47
CA LEU B 4246 -49.25 -44.73 34.95
C LEU B 4246 -47.86 -44.55 35.54
N MET B 4247 -47.67 -44.93 36.80
CA MET B 4247 -46.36 -44.82 37.42
C MET B 4247 -45.40 -45.92 36.99
N ALA B 4248 -45.91 -47.09 36.62
CA ALA B 4248 -45.06 -48.18 36.16
C ALA B 4248 -44.78 -48.15 34.66
N GLN B 4249 -45.56 -47.39 33.89
CA GLN B 4249 -45.39 -47.36 32.44
C GLN B 4249 -44.97 -46.00 31.90
N SER B 4250 -45.34 -44.91 32.55
CA SER B 4250 -45.11 -43.58 32.00
C SER B 4250 -44.22 -42.72 32.88
N ILE B 4251 -44.49 -42.64 34.18
CA ILE B 4251 -43.78 -41.69 35.03
C ILE B 4251 -42.44 -42.24 35.47
N TYR B 4252 -42.45 -43.34 36.21
CA TYR B 4252 -41.21 -43.96 36.68
C TYR B 4252 -40.74 -45.11 35.82
N GLY B 4253 -41.67 -45.80 35.13
CA GLY B 4253 -41.29 -46.87 34.25
C GLY B 4253 -40.80 -46.43 32.89
N GLY B 4254 -40.87 -45.13 32.59
CA GLY B 4254 -40.34 -44.64 31.33
C GLY B 4254 -38.84 -44.77 31.23
N ARG B 4255 -38.14 -44.50 32.33
CA ARG B 4255 -36.68 -44.52 32.30
C ARG B 4255 -36.13 -45.94 32.28
N VAL B 4256 -36.82 -46.89 32.91
CA VAL B 4256 -36.29 -48.25 33.04
C VAL B 4256 -36.30 -48.93 31.68
N ASP B 4257 -35.20 -49.61 31.35
CA ASP B 4257 -35.07 -50.35 30.11
C ASP B 4257 -34.75 -51.82 30.34
N ASN B 4258 -34.82 -52.29 31.58
CA ASN B 4258 -34.59 -53.69 31.93
C ASN B 4258 -35.88 -54.28 32.49
N GLU B 4259 -36.25 -55.46 32.01
CA GLU B 4259 -37.52 -56.04 32.41
C GLU B 4259 -37.53 -56.48 33.87
N PHE B 4260 -36.35 -56.77 34.43
CA PHE B 4260 -36.27 -57.07 35.85
C PHE B 4260 -36.36 -55.81 36.70
N ASP B 4261 -35.81 -54.69 36.23
CA ASP B 4261 -36.03 -53.42 36.91
C ASP B 4261 -37.50 -53.04 36.88
N GLN B 4262 -38.16 -53.26 35.74
CA GLN B 4262 -39.60 -53.03 35.66
C GLN B 4262 -40.36 -53.96 36.59
N ARG B 4263 -39.90 -55.20 36.71
CA ARG B 4263 -40.52 -56.14 37.65
C ARG B 4263 -40.40 -55.64 39.08
N LEU B 4264 -39.23 -55.14 39.46
CA LEU B 4264 -39.03 -54.61 40.80
C LEU B 4264 -39.90 -53.38 41.04
N LEU B 4265 -39.99 -52.50 40.05
CA LEU B 4265 -40.85 -51.32 40.17
C LEU B 4265 -42.30 -51.73 40.33
N ASN B 4266 -42.75 -52.72 39.56
CA ASN B 4266 -44.11 -53.23 39.70
C ASN B 4266 -44.33 -53.82 41.08
N THR B 4267 -43.34 -54.56 41.60
CA THR B 4267 -43.45 -55.14 42.93
C THR B 4267 -43.65 -54.04 43.97
N PHE B 4268 -42.83 -52.98 43.91
CA PHE B 4268 -42.99 -51.89 44.86
C PHE B 4268 -44.34 -51.21 44.72
N LEU B 4269 -44.79 -50.98 43.48
CA LEU B 4269 -46.04 -50.26 43.27
C LEU B 4269 -47.25 -51.05 43.75
N GLU B 4270 -47.24 -52.37 43.52
CA GLU B 4270 -48.34 -53.19 44.03
C GLU B 4270 -48.24 -53.40 45.53
N ARG B 4271 -47.04 -53.34 46.09
CA ARG B 4271 -46.90 -53.44 47.54
C ARG B 4271 -47.40 -52.18 48.25
N LEU B 4272 -47.20 -51.01 47.66
CA LEU B 4272 -47.49 -49.75 48.33
C LEU B 4272 -48.86 -49.18 47.96
N PHE B 4273 -49.18 -49.11 46.66
CA PHE B 4273 -50.36 -48.40 46.19
C PHE B 4273 -51.54 -49.37 46.08
N THR B 4274 -52.08 -49.75 47.23
CA THR B 4274 -53.29 -50.56 47.31
C THR B 4274 -54.18 -50.02 48.41
N THR B 4275 -55.36 -50.64 48.56
CA THR B 4275 -56.28 -50.22 49.61
C THR B 4275 -55.79 -50.61 51.00
N ARG B 4276 -55.01 -51.69 51.11
CA ARG B 4276 -54.45 -52.08 52.40
C ARG B 4276 -53.55 -51.02 53.01
N SER B 4277 -53.17 -50.00 52.23
CA SER B 4277 -52.41 -48.88 52.77
C SER B 4277 -53.21 -48.05 53.76
N PHE B 4278 -54.53 -48.21 53.81
CA PHE B 4278 -55.36 -47.50 54.76
C PHE B 4278 -55.70 -48.33 55.99
N ASP B 4279 -55.09 -49.50 56.15
CA ASP B 4279 -55.28 -50.30 57.34
C ASP B 4279 -54.25 -49.90 58.41
N SER B 4280 -54.57 -50.25 59.65
CA SER B 4280 -53.70 -49.87 60.77
C SER B 4280 -52.45 -50.73 60.85
N GLU B 4281 -52.52 -51.99 60.41
CA GLU B 4281 -51.42 -52.93 60.56
C GLU B 4281 -50.55 -52.99 59.31
N PHE B 4282 -50.67 -52.03 58.40
CA PHE B 4282 -49.84 -52.01 57.21
C PHE B 4282 -48.37 -51.81 57.58
N LYS B 4283 -47.50 -52.57 56.93
CA LYS B 4283 -46.06 -52.48 57.14
C LYS B 4283 -45.42 -51.86 55.89
N LEU B 4284 -44.86 -50.67 56.04
CA LEU B 4284 -44.11 -50.07 54.94
C LEU B 4284 -42.86 -50.90 54.64
N ALA B 4285 -42.17 -51.36 55.67
CA ALA B 4285 -41.00 -52.22 55.53
C ALA B 4285 -41.04 -53.30 56.59
N CYS B 4286 -40.44 -54.45 56.26
CA CYS B 4286 -40.37 -55.58 57.15
C CYS B 4286 -38.95 -56.11 57.18
N LYS B 4287 -38.63 -56.84 58.26
CA LYS B 4287 -37.31 -57.45 58.44
C LYS B 4287 -36.22 -56.36 58.41
N VAL B 4288 -36.52 -55.22 59.04
CA VAL B 4288 -35.57 -54.11 59.01
C VAL B 4288 -34.33 -54.45 59.84
N ASP B 4289 -34.50 -55.16 60.95
CA ASP B 4289 -33.38 -55.59 61.77
C ASP B 4289 -33.54 -57.06 62.19
N GLY B 4290 -34.44 -57.79 61.54
CA GLY B 4290 -34.76 -59.14 61.92
C GLY B 4290 -35.94 -59.28 62.86
N HIS B 4291 -36.25 -58.23 63.63
CA HIS B 4291 -37.33 -58.27 64.60
C HIS B 4291 -38.37 -57.19 64.35
N LYS B 4292 -37.94 -55.94 64.13
CA LYS B 4292 -38.84 -54.81 64.01
C LYS B 4292 -39.31 -54.66 62.56
N ASP B 4293 -40.37 -53.88 62.37
CA ASP B 4293 -40.86 -53.53 61.06
C ASP B 4293 -41.44 -52.12 61.10
N ILE B 4294 -41.32 -51.40 59.99
CA ILE B 4294 -41.80 -50.03 59.90
C ILE B 4294 -43.31 -50.04 59.69
N GLN B 4295 -44.03 -49.28 60.50
CA GLN B 4295 -45.48 -49.28 60.51
C GLN B 4295 -46.04 -48.08 59.76
N MET B 4296 -47.14 -48.31 59.05
CA MET B 4296 -47.84 -47.24 58.36
C MET B 4296 -48.43 -46.25 59.37
N PRO B 4297 -48.23 -44.95 59.19
CA PRO B 4297 -48.88 -43.98 60.08
C PRO B 4297 -50.40 -44.05 59.93
N ASP B 4298 -51.09 -43.79 61.04
CA ASP B 4298 -52.55 -43.83 61.06
C ASP B 4298 -53.17 -42.44 61.02
N GLY B 4299 -52.38 -41.41 60.75
CA GLY B 4299 -52.92 -40.07 60.64
C GLY B 4299 -53.73 -39.87 59.38
N ILE B 4300 -54.56 -38.84 59.40
CA ILE B 4300 -55.41 -38.51 58.26
C ILE B 4300 -55.16 -37.06 57.85
N ARG B 4301 -54.00 -36.53 58.22
CA ARG B 4301 -53.66 -35.15 57.92
C ARG B 4301 -52.16 -35.04 57.71
N ARG B 4302 -51.75 -34.01 56.97
CA ARG B 4302 -50.34 -33.86 56.59
C ARG B 4302 -49.42 -33.76 57.81
N GLU B 4303 -49.86 -33.07 58.86
CA GLU B 4303 -49.00 -32.84 60.01
C GLU B 4303 -48.61 -34.15 60.69
N GLU B 4304 -49.57 -35.09 60.81
CA GLU B 4304 -49.26 -36.38 61.41
C GLU B 4304 -48.20 -37.12 60.61
N PHE B 4305 -48.31 -37.10 59.28
CA PHE B 4305 -47.33 -37.77 58.44
C PHE B 4305 -45.96 -37.12 58.57
N VAL B 4306 -45.91 -35.79 58.58
CA VAL B 4306 -44.63 -35.09 58.74
C VAL B 4306 -44.00 -35.43 60.09
N GLN B 4307 -44.81 -35.44 61.15
CA GLN B 4307 -44.29 -35.80 62.47
C GLN B 4307 -43.76 -37.24 62.46
N TRP B 4308 -44.49 -38.15 61.83
CA TRP B 4308 -44.03 -39.54 61.75
C TRP B 4308 -42.69 -39.62 61.02
N VAL B 4309 -42.52 -38.80 59.98
CA VAL B 4309 -41.23 -38.74 59.29
C VAL B 4309 -40.14 -38.24 60.22
N GLU B 4310 -40.45 -37.20 61.02
CA GLU B 4310 -39.43 -36.61 61.88
C GLU B 4310 -39.06 -37.49 63.08
N LEU B 4311 -39.92 -38.42 63.48
CA LEU B 4311 -39.60 -39.34 64.56
C LEU B 4311 -39.07 -40.68 64.05
N LEU B 4312 -38.65 -40.76 62.79
CA LEU B 4312 -38.03 -41.97 62.29
C LEU B 4312 -36.70 -42.21 62.97
N PRO B 4313 -36.32 -43.46 63.22
CA PRO B 4313 -35.02 -43.73 63.84
C PRO B 4313 -33.89 -43.27 62.94
N ASP B 4314 -32.78 -42.88 63.57
CA ASP B 4314 -31.59 -42.44 62.86
C ASP B 4314 -30.76 -43.61 62.34
N THR B 4315 -31.11 -44.84 62.70
CA THR B 4315 -30.40 -46.04 62.27
C THR B 4315 -31.13 -46.61 61.06
N GLN B 4316 -30.74 -46.15 59.87
CA GLN B 4316 -31.31 -46.65 58.63
C GLN B 4316 -30.39 -47.70 58.02
N THR B 4317 -30.97 -48.79 57.57
CA THR B 4317 -30.26 -49.91 56.96
C THR B 4317 -30.87 -50.19 55.59
N PRO B 4318 -30.13 -50.83 54.69
CA PRO B 4318 -30.72 -51.17 53.38
C PRO B 4318 -31.91 -52.11 53.49
N SER B 4319 -32.11 -52.76 54.64
CA SER B 4319 -33.32 -53.53 54.88
C SER B 4319 -34.57 -52.65 54.90
N TRP B 4320 -34.41 -51.36 55.17
CA TRP B 4320 -35.53 -50.43 54.99
C TRP B 4320 -35.99 -50.41 53.54
N LEU B 4321 -35.09 -50.71 52.62
CA LEU B 4321 -35.34 -50.65 51.19
C LEU B 4321 -35.76 -51.99 50.60
N GLY B 4322 -35.80 -53.04 51.42
CA GLY B 4322 -35.97 -54.39 50.92
C GLY B 4322 -34.69 -55.09 50.58
N LEU B 4323 -33.55 -54.42 50.67
CA LEU B 4323 -32.26 -54.99 50.35
C LEU B 4323 -31.68 -55.73 51.56
N PRO B 4324 -30.75 -56.65 51.33
CA PRO B 4324 -30.07 -57.29 52.46
C PRO B 4324 -29.20 -56.30 53.23
N ASN B 4325 -29.04 -56.58 54.52
CA ASN B 4325 -28.23 -55.71 55.38
C ASN B 4325 -26.77 -55.65 54.95
N ASN B 4326 -26.25 -56.72 54.35
CA ASN B 4326 -24.86 -56.76 53.92
C ASN B 4326 -24.62 -56.01 52.61
N ALA B 4327 -25.60 -55.23 52.14
CA ALA B 4327 -25.41 -54.49 50.89
C ALA B 4327 -24.52 -53.28 51.08
N GLU B 4328 -24.52 -52.67 52.27
CA GLU B 4328 -23.76 -51.47 52.54
C GLU B 4328 -22.41 -51.74 53.21
N ARG B 4329 -22.06 -53.01 53.41
CA ARG B 4329 -20.81 -53.33 54.10
C ARG B 4329 -19.61 -52.82 53.32
N VAL B 4330 -19.52 -53.19 52.05
CA VAL B 4330 -18.38 -52.78 51.23
C VAL B 4330 -18.39 -51.27 51.02
N LEU B 4331 -19.58 -50.70 50.79
CA LEU B 4331 -19.67 -49.26 50.57
C LEU B 4331 -19.21 -48.49 51.80
N LEU B 4332 -19.67 -48.89 52.98
CA LEU B 4332 -19.28 -48.19 54.21
C LEU B 4332 -17.80 -48.38 54.50
N THR B 4333 -17.27 -49.58 54.24
CA THR B 4333 -15.84 -49.80 54.43
C THR B 4333 -15.02 -48.89 53.52
N THR B 4334 -15.42 -48.80 52.24
CA THR B 4334 -14.71 -47.94 51.31
C THR B 4334 -14.81 -46.48 51.71
N GLN B 4335 -15.98 -46.05 52.18
CA GLN B 4335 -16.13 -44.66 52.64
C GLN B 4335 -15.24 -44.39 53.84
N GLY B 4336 -15.14 -45.33 54.78
CA GLY B 4336 -14.26 -45.13 55.92
C GLY B 4336 -12.80 -45.05 55.52
N VAL B 4337 -12.36 -45.94 54.62
CA VAL B 4337 -10.98 -45.90 54.15
C VAL B 4337 -10.70 -44.58 53.44
N ASP B 4338 -11.64 -44.12 52.62
CA ASP B 4338 -11.48 -42.85 51.93
C ASP B 4338 -11.46 -41.67 52.89
N MET B 4339 -12.25 -41.73 53.96
CA MET B 4339 -12.22 -40.67 54.97
C MET B 4339 -10.86 -40.64 55.67
N ILE B 4340 -10.29 -41.81 55.98
CA ILE B 4340 -8.94 -41.85 56.53
C ILE B 4340 -7.95 -41.25 55.55
N SER B 4341 -8.07 -41.59 54.27
CA SER B 4341 -7.15 -41.07 53.26
C SER B 4341 -7.26 -39.55 53.15
N LYS B 4342 -8.47 -39.01 53.19
CA LYS B 4342 -8.66 -37.56 53.13
C LYS B 4342 -8.10 -36.88 54.37
N MET B 4343 -8.29 -37.49 55.55
CA MET B 4343 -7.71 -36.93 56.77
C MET B 4343 -6.20 -36.91 56.69
N LEU B 4344 -5.60 -37.95 56.12
CA LEU B 4344 -4.16 -37.94 55.86
C LEU B 4344 -3.77 -36.84 54.89
N LYS B 4345 -4.55 -36.66 53.82
CA LYS B 4345 -4.10 -35.86 52.69
C LYS B 4345 -4.03 -34.37 53.04
N MET B 4346 -4.90 -33.89 53.92
CA MET B 4346 -4.88 -32.49 54.32
C MET B 4346 -4.04 -32.23 55.56
N GLN B 4347 -3.35 -33.24 56.08
CA GLN B 4347 -2.50 -33.06 57.25
C GLN B 4347 -1.10 -32.65 56.82
N PRO B 4374 17.32 -48.55 32.43
CA PRO B 4374 16.10 -48.13 33.12
C PRO B 4374 15.45 -49.27 33.90
N ALA B 4375 15.01 -48.99 35.13
CA ALA B 4375 14.35 -50.01 35.92
C ALA B 4375 13.02 -50.43 35.30
N TRP B 4376 12.32 -49.50 34.66
CA TRP B 4376 11.05 -49.85 34.03
C TRP B 4376 11.24 -50.84 32.90
N MET B 4377 12.38 -50.76 32.19
CA MET B 4377 12.65 -51.70 31.11
C MET B 4377 12.80 -53.12 31.65
N ARG B 4378 13.57 -53.28 32.73
CA ARG B 4378 13.77 -54.61 33.30
C ARG B 4378 12.49 -55.14 33.93
N THR B 4379 11.72 -54.26 34.59
CA THR B 4379 10.44 -54.68 35.16
C THR B 4379 9.49 -55.16 34.07
N LEU B 4380 9.40 -54.41 32.97
CA LEU B 4380 8.56 -54.83 31.86
C LEU B 4380 9.06 -56.12 31.24
N HIS B 4381 10.39 -56.29 31.16
CA HIS B 4381 10.95 -57.52 30.60
C HIS B 4381 10.53 -58.73 31.43
N THR B 4382 10.70 -58.65 32.75
CA THR B 4382 10.35 -59.79 33.59
C THR B 4382 8.84 -60.02 33.60
N THR B 4383 8.05 -58.94 33.59
CA THR B 4383 6.60 -59.10 33.56
C THR B 4383 6.14 -59.78 32.26
N ALA B 4384 6.69 -59.34 31.14
CA ALA B 4384 6.31 -59.93 29.85
C ALA B 4384 6.78 -61.37 29.73
N SER B 4385 7.96 -61.68 30.26
CA SER B 4385 8.43 -63.06 30.25
C SER B 4385 7.53 -63.95 31.10
N ASN B 4386 7.14 -63.48 32.28
CA ASN B 4386 6.22 -64.25 33.12
C ASN B 4386 4.89 -64.44 32.42
N TRP B 4387 4.37 -63.39 31.78
CA TRP B 4387 3.12 -63.51 31.05
C TRP B 4387 3.24 -64.55 29.94
N LEU B 4388 4.27 -64.44 29.10
CA LEU B 4388 4.44 -65.35 27.98
C LEU B 4388 4.57 -66.79 28.45
N HIS B 4389 5.26 -67.00 29.58
CA HIS B 4389 5.33 -68.34 30.14
C HIS B 4389 3.96 -68.80 30.64
N LEU B 4390 3.15 -67.86 31.11
CA LEU B 4390 1.86 -68.22 31.71
C LEU B 4390 0.80 -68.54 30.65
N ILE B 4391 0.80 -67.83 29.53
CA ILE B 4391 -0.22 -68.06 28.49
C ILE B 4391 0.07 -69.37 27.79
N PRO B 4392 -0.96 -70.17 27.45
CA PRO B 4392 -0.73 -71.32 26.56
C PRO B 4392 -0.35 -70.88 25.17
N GLN B 4393 0.41 -71.74 24.49
CA GLN B 4393 1.01 -71.39 23.20
C GLN B 4393 0.15 -71.75 22.00
N THR B 4394 -0.54 -72.89 22.04
CA THR B 4394 -1.16 -73.46 20.85
C THR B 4394 -2.67 -73.46 20.96
N LEU B 4395 -3.34 -73.15 19.83
CA LEU B 4395 -4.79 -73.26 19.72
C LEU B 4395 -5.10 -73.51 18.24
N SER B 4396 -5.50 -74.73 17.92
CA SER B 4396 -5.75 -75.13 16.53
C SER B 4396 -7.22 -74.93 16.17
N HIS B 4397 -7.44 -74.47 14.95
CA HIS B 4397 -8.79 -74.20 14.47
C HIS B 4397 -9.59 -75.50 14.31
N LEU B 4398 -10.91 -75.36 14.38
CA LEU B 4398 -11.79 -76.49 14.14
C LEU B 4398 -11.86 -76.80 12.64
N LYS B 4399 -12.09 -78.08 12.34
CA LYS B 4399 -12.11 -78.56 10.96
C LYS B 4399 -13.56 -78.64 10.49
N ARG B 4400 -13.88 -77.90 9.44
CA ARG B 4400 -15.22 -77.94 8.87
C ARG B 4400 -15.45 -79.25 8.11
N THR B 4401 -16.63 -79.82 8.29
CA THR B 4401 -17.01 -81.06 7.63
C THR B 4401 -18.44 -80.92 7.14
N VAL B 4402 -18.82 -81.76 6.17
CA VAL B 4402 -20.14 -81.67 5.56
C VAL B 4402 -21.24 -81.78 6.60
N GLU B 4403 -21.10 -82.73 7.53
CA GLU B 4403 -22.09 -82.89 8.59
C GLU B 4403 -21.79 -82.06 9.83
N ASN B 4404 -20.62 -81.42 9.90
CA ASN B 4404 -20.30 -80.59 11.05
C ASN B 4404 -21.02 -79.24 10.99
N ILE B 4405 -21.21 -78.69 9.80
CA ILE B 4405 -21.88 -77.40 9.66
C ILE B 4405 -23.32 -77.50 10.14
N LYS B 4406 -23.91 -78.69 10.09
CA LYS B 4406 -25.29 -78.87 10.53
C LYS B 4406 -25.43 -78.87 12.04
N ASP B 4407 -24.33 -78.88 12.79
CA ASP B 4407 -24.38 -78.92 14.24
C ASP B 4407 -24.24 -77.51 14.80
N PRO B 4408 -25.26 -76.95 15.45
CA PRO B 4408 -25.11 -75.60 16.02
C PRO B 4408 -24.02 -75.49 17.07
N LEU B 4409 -23.81 -76.53 17.87
CA LEU B 4409 -22.71 -76.49 18.84
C LEU B 4409 -21.37 -76.34 18.15
N PHE B 4410 -21.16 -77.06 17.04
CA PHE B 4410 -19.97 -76.83 16.24
C PHE B 4410 -19.99 -75.44 15.61
N ARG B 4411 -21.16 -74.98 15.18
CA ARG B 4411 -21.27 -73.67 14.54
C ARG B 4411 -20.91 -72.53 15.49
N PHE B 4412 -20.99 -72.75 16.80
CA PHE B 4412 -20.58 -71.76 17.78
C PHE B 4412 -19.16 -72.00 18.31
N PHE B 4413 -18.79 -73.27 18.48
CA PHE B 4413 -17.43 -73.58 18.92
C PHE B 4413 -16.40 -73.17 17.87
N GLU B 4414 -16.77 -73.19 16.59
CA GLU B 4414 -15.85 -72.74 15.55
C GLU B 4414 -15.55 -71.25 15.71
N ARG B 4415 -16.59 -70.44 15.96
CA ARG B 4415 -16.36 -69.02 16.22
C ARG B 4415 -15.50 -68.83 17.46
N GLU B 4416 -15.81 -69.57 18.53
CA GLU B 4416 -15.04 -69.41 19.76
C GLU B 4416 -13.57 -69.74 19.55
N VAL B 4417 -13.29 -70.85 18.88
CA VAL B 4417 -11.90 -71.26 18.67
C VAL B 4417 -11.20 -70.30 17.71
N LYS B 4418 -11.88 -69.83 16.68
CA LYS B 4418 -11.26 -68.89 15.75
C LYS B 4418 -10.86 -67.60 16.44
N MET B 4419 -11.81 -67.00 17.18
CA MET B 4419 -11.51 -65.74 17.86
C MET B 4419 -10.45 -65.96 18.94
N GLY B 4420 -10.52 -67.08 19.66
CA GLY B 4420 -9.51 -67.38 20.65
C GLY B 4420 -8.12 -67.50 20.06
N ALA B 4421 -8.00 -68.22 18.94
CA ALA B 4421 -6.70 -68.39 18.30
C ALA B 4421 -6.16 -67.06 17.79
N LYS B 4422 -7.02 -66.24 17.17
CA LYS B 4422 -6.57 -64.95 16.65
C LYS B 4422 -6.08 -64.06 17.78
N LEU B 4423 -6.88 -63.94 18.84
CA LEU B 4423 -6.48 -63.11 19.97
C LEU B 4423 -5.22 -63.67 20.64
N LEU B 4424 -5.12 -64.99 20.75
CA LEU B 4424 -3.95 -65.61 21.36
C LEU B 4424 -2.68 -65.27 20.59
N GLN B 4425 -2.71 -65.45 19.27
CA GLN B 4425 -1.50 -65.18 18.49
C GLN B 4425 -1.16 -63.70 18.50
N ASP B 4426 -2.19 -62.83 18.50
CA ASP B 4426 -1.92 -61.40 18.59
C ASP B 4426 -1.23 -61.05 19.90
N VAL B 4427 -1.72 -61.60 21.02
CA VAL B 4427 -1.13 -61.30 22.31
C VAL B 4427 0.30 -61.87 22.41
N ARG B 4428 0.50 -63.09 21.91
CA ARG B 4428 1.85 -63.67 21.92
C ARG B 4428 2.82 -62.83 21.11
N GLN B 4429 2.41 -62.38 19.91
CA GLN B 4429 3.29 -61.55 19.10
C GLN B 4429 3.60 -60.23 19.80
N ASP B 4430 2.58 -59.59 20.38
CA ASP B 4430 2.81 -58.33 21.08
C ASP B 4430 3.77 -58.50 22.25
N LEU B 4431 3.58 -59.57 23.04
CA LEU B 4431 4.43 -59.77 24.20
C LEU B 4431 5.85 -60.13 23.80
N ALA B 4432 6.00 -60.92 22.73
CA ALA B 4432 7.35 -61.23 22.24
C ALA B 4432 8.06 -59.97 21.75
N ASP B 4433 7.33 -59.11 21.02
CA ASP B 4433 7.93 -57.85 20.58
C ASP B 4433 8.34 -56.99 21.77
N VAL B 4434 7.50 -56.95 22.81
CA VAL B 4434 7.85 -56.21 24.02
C VAL B 4434 9.11 -56.78 24.65
N VAL B 4435 9.21 -58.11 24.71
CA VAL B 4435 10.39 -58.75 25.29
C VAL B 4435 11.64 -58.36 24.52
N GLN B 4436 11.60 -58.46 23.19
CA GLN B 4436 12.77 -58.08 22.40
C GLN B 4436 13.09 -56.60 22.51
N VAL B 4437 12.07 -55.75 22.69
CA VAL B 4437 12.34 -54.32 22.89
C VAL B 4437 13.07 -54.11 24.21
N CYS B 4438 12.63 -54.79 25.28
CA CYS B 4438 13.25 -54.61 26.59
C CYS B 4438 14.68 -55.13 26.64
N GLU B 4439 15.09 -55.97 25.69
CA GLU B 4439 16.48 -56.41 25.60
C GLU B 4439 17.32 -55.55 24.66
N GLY B 4440 16.72 -54.51 24.08
CA GLY B 4440 17.45 -53.68 23.14
C GLY B 4440 17.88 -54.40 21.88
N LYS B 4441 17.00 -55.25 21.34
CA LYS B 4441 17.31 -56.00 20.13
C LYS B 4441 16.54 -55.53 18.90
N LYS B 4442 15.35 -54.98 19.08
CA LYS B 4442 14.59 -54.41 17.98
C LYS B 4442 14.20 -52.97 18.34
N LYS B 4443 14.25 -52.09 17.35
CA LYS B 4443 13.95 -50.69 17.58
C LYS B 4443 12.47 -50.50 17.92
N GLN B 4444 12.21 -49.63 18.88
CA GLN B 4444 10.84 -49.38 19.31
C GLN B 4444 10.08 -48.59 18.25
N THR B 4445 8.88 -49.06 17.92
CA THR B 4445 8.03 -48.43 16.93
C THR B 4445 6.87 -47.72 17.62
N ASN B 4446 6.05 -47.04 16.81
CA ASN B 4446 4.92 -46.30 17.36
C ASN B 4446 3.94 -47.22 18.09
N TYR B 4447 3.58 -48.33 17.45
CA TYR B 4447 2.67 -49.27 18.08
C TYR B 4447 3.30 -49.89 19.32
N LEU B 4448 4.58 -50.26 19.23
CA LEU B 4448 5.30 -50.74 20.40
C LEU B 4448 5.40 -49.67 21.47
N ARG B 4449 5.61 -48.41 21.06
CA ARG B 4449 5.69 -47.33 22.03
C ARG B 4449 4.40 -47.20 22.82
N THR B 4450 3.26 -47.15 22.13
CA THR B 4450 1.99 -46.99 22.84
C THR B 4450 1.65 -48.24 23.65
N LEU B 4451 1.97 -49.44 23.13
CA LEU B 4451 1.71 -50.65 23.88
C LEU B 4451 2.52 -50.70 25.17
N ILE B 4452 3.79 -50.33 25.10
CA ILE B 4452 4.63 -50.30 26.29
C ILE B 4452 4.16 -49.21 27.25
N ASN B 4453 3.70 -48.09 26.71
CA ASN B 4453 3.17 -47.03 27.56
C ASN B 4453 1.97 -47.52 28.36
N GLU B 4454 1.05 -48.23 27.70
CA GLU B 4454 -0.09 -48.79 28.43
C GLU B 4454 0.34 -49.86 29.42
N LEU B 4455 1.29 -50.72 29.01
CA LEU B 4455 1.67 -51.85 29.85
C LEU B 4455 2.38 -51.40 31.12
N VAL B 4456 3.20 -50.34 31.03
CA VAL B 4456 3.98 -49.90 32.18
C VAL B 4456 3.06 -49.43 33.30
N LYS B 4457 2.03 -48.66 32.97
CA LYS B 4457 1.10 -48.13 33.95
C LYS B 4457 -0.11 -49.03 34.16
N GLY B 4458 -0.09 -50.24 33.62
CA GLY B 4458 -1.10 -51.24 33.92
C GLY B 4458 -2.53 -50.98 33.44
N ILE B 4459 -2.68 -50.54 32.20
CA ILE B 4459 -4.00 -50.45 31.57
C ILE B 4459 -4.04 -51.44 30.42
N LEU B 4460 -5.14 -52.19 30.34
CA LEU B 4460 -5.30 -53.19 29.28
C LEU B 4460 -5.27 -52.54 27.91
N PRO B 4461 -4.40 -53.00 27.01
CA PRO B 4461 -4.39 -52.43 25.65
C PRO B 4461 -5.73 -52.65 24.95
N ARG B 4462 -6.12 -51.66 24.16
CA ARG B 4462 -7.36 -51.77 23.39
C ARG B 4462 -7.25 -52.79 22.27
N SER B 4463 -6.04 -53.08 21.79
CA SER B 4463 -5.87 -54.12 20.78
C SER B 4463 -6.23 -55.49 21.34
N TRP B 4464 -5.84 -55.77 22.59
CA TRP B 4464 -6.13 -57.05 23.20
C TRP B 4464 -7.59 -57.19 23.63
N SER B 4465 -8.21 -56.09 24.05
CA SER B 4465 -9.58 -56.12 24.55
C SER B 4465 -10.54 -56.37 23.39
N HIS B 4466 -10.95 -57.63 23.22
CA HIS B 4466 -11.92 -58.00 22.20
C HIS B 4466 -13.21 -58.56 22.76
N TYR B 4467 -13.17 -59.20 23.93
CA TYR B 4467 -14.38 -59.68 24.59
C TYR B 4467 -14.73 -58.79 25.77
N THR B 4468 -16.03 -58.70 26.05
CA THR B 4468 -16.52 -57.75 27.05
C THR B 4468 -16.05 -58.14 28.45
N VAL B 4469 -15.60 -57.13 29.20
CA VAL B 4469 -15.06 -57.31 30.54
C VAL B 4469 -15.54 -56.16 31.42
N PRO B 4470 -15.47 -56.33 32.74
CA PRO B 4470 -15.74 -55.19 33.63
C PRO B 4470 -14.79 -54.03 33.36
N ALA B 4471 -15.31 -52.81 33.49
CA ALA B 4471 -14.57 -51.62 33.09
C ALA B 4471 -13.31 -51.43 33.94
N GLY B 4472 -13.46 -51.45 35.25
CA GLY B 4472 -12.33 -51.25 36.14
C GLY B 4472 -11.59 -52.53 36.43
N MET B 4473 -10.86 -53.04 35.44
CA MET B 4473 -10.25 -54.37 35.50
C MET B 4473 -8.87 -54.30 34.86
N THR B 4474 -7.85 -54.64 35.63
CA THR B 4474 -6.46 -54.36 35.28
C THR B 4474 -5.93 -55.38 34.27
N VAL B 4475 -4.67 -55.15 33.86
CA VAL B 4475 -4.03 -55.99 32.85
C VAL B 4475 -3.65 -57.35 33.43
N ILE B 4476 -3.24 -57.41 34.69
CA ILE B 4476 -2.88 -58.69 35.30
C ILE B 4476 -4.08 -59.62 35.33
N GLN B 4477 -5.23 -59.08 35.74
CA GLN B 4477 -6.46 -59.86 35.78
C GLN B 4477 -6.88 -60.30 34.37
N TRP B 4478 -6.65 -59.44 33.37
CA TRP B 4478 -6.96 -59.85 32.01
C TRP B 4478 -6.06 -60.99 31.55
N VAL B 4479 -4.77 -60.92 31.88
CA VAL B 4479 -3.86 -62.00 31.53
C VAL B 4479 -4.33 -63.30 32.15
N SER B 4480 -4.69 -63.26 33.44
CA SER B 4480 -5.16 -64.47 34.12
C SER B 4480 -6.44 -65.01 33.47
N ASP B 4481 -7.45 -64.16 33.33
CA ASP B 4481 -8.72 -64.62 32.79
C ASP B 4481 -8.56 -65.13 31.37
N PHE B 4482 -7.72 -64.47 30.57
CA PHE B 4482 -7.47 -64.91 29.21
C PHE B 4482 -6.74 -66.24 29.17
N SER B 4483 -5.83 -66.47 30.13
CA SER B 4483 -5.14 -67.75 30.20
C SER B 4483 -6.12 -68.90 30.47
N GLU B 4484 -6.99 -68.72 31.46
CA GLU B 4484 -8.01 -69.74 31.69
C GLU B 4484 -8.98 -69.89 30.52
N ARG B 4485 -9.33 -68.79 29.84
CA ARG B 4485 -10.20 -68.91 28.67
C ARG B 4485 -9.52 -69.72 27.57
N ILE B 4486 -8.24 -69.48 27.34
CA ILE B 4486 -7.51 -70.24 26.32
C ILE B 4486 -7.36 -71.70 26.74
N LYS B 4487 -7.18 -71.96 28.03
CA LYS B 4487 -7.12 -73.36 28.47
C LYS B 4487 -8.44 -74.07 28.20
N GLN B 4488 -9.56 -73.42 28.50
CA GLN B 4488 -10.86 -74.02 28.22
C GLN B 4488 -11.05 -74.22 26.72
N LEU B 4489 -10.66 -73.23 25.91
CA LEU B 4489 -10.83 -73.34 24.47
C LEU B 4489 -9.96 -74.46 23.90
N GLN B 4490 -8.75 -74.64 24.43
CA GLN B 4490 -7.88 -75.71 23.93
C GLN B 4490 -8.40 -77.07 24.35
N ASN B 4491 -8.99 -77.17 25.55
CA ASN B 4491 -9.64 -78.42 25.93
C ASN B 4491 -10.81 -78.72 25.00
N ILE B 4492 -11.59 -77.70 24.67
CA ILE B 4492 -12.72 -77.89 23.74
C ILE B 4492 -12.22 -78.35 22.38
N SER B 4493 -11.15 -77.72 21.87
CA SER B 4493 -10.62 -78.09 20.57
C SER B 4493 -10.06 -79.50 20.58
N LEU B 4494 -9.36 -79.89 21.66
CA LEU B 4494 -8.84 -81.24 21.76
C LEU B 4494 -9.98 -82.26 21.79
N ALA B 4495 -11.05 -81.96 22.53
CA ALA B 4495 -12.19 -82.87 22.55
C ALA B 4495 -12.84 -82.97 21.17
N ALA B 4496 -13.01 -81.84 20.48
CA ALA B 4496 -13.67 -81.84 19.19
C ALA B 4496 -12.85 -82.59 18.14
N ALA B 4497 -11.53 -82.41 18.16
CA ALA B 4497 -10.69 -83.03 17.15
C ALA B 4497 -10.72 -84.55 17.24
N SER B 4498 -10.74 -85.09 18.45
CA SER B 4498 -10.70 -86.54 18.67
C SER B 4498 -12.10 -87.03 19.02
N GLY B 4499 -12.79 -87.57 18.03
CA GLY B 4499 -14.07 -88.21 18.26
C GLY B 4499 -15.23 -87.63 17.47
N GLY B 4500 -15.27 -86.30 17.36
CA GLY B 4500 -16.35 -85.66 16.63
C GLY B 4500 -17.22 -84.76 17.48
N ALA B 4501 -18.52 -84.77 17.22
CA ALA B 4501 -19.46 -83.90 17.94
C ALA B 4501 -20.13 -84.58 19.13
N LYS B 4502 -19.82 -85.86 19.40
CA LYS B 4502 -20.45 -86.55 20.52
C LYS B 4502 -19.88 -86.06 21.85
N GLU B 4503 -18.57 -86.23 22.04
CA GLU B 4503 -17.92 -85.69 23.23
C GLU B 4503 -17.94 -84.16 23.24
N LEU B 4504 -18.10 -83.54 22.08
CA LEU B 4504 -18.29 -82.09 22.04
C LEU B 4504 -19.58 -81.69 22.75
N LYS B 4505 -20.64 -82.50 22.60
CA LYS B 4505 -21.86 -82.27 23.36
C LYS B 4505 -21.66 -82.59 24.83
N ASN B 4506 -20.79 -83.55 25.15
CA ASN B 4506 -20.59 -84.01 26.51
C ASN B 4506 -19.39 -83.34 27.19
N ILE B 4507 -19.05 -82.13 26.78
CA ILE B 4507 -17.95 -81.38 27.39
C ILE B 4507 -18.55 -80.36 28.35
N HIS B 4508 -17.86 -80.11 29.46
CA HIS B 4508 -18.40 -79.25 30.50
C HIS B 4508 -17.83 -77.85 30.35
N VAL B 4509 -18.70 -76.86 30.27
CA VAL B 4509 -18.33 -75.52 29.82
C VAL B 4509 -18.49 -74.53 30.97
N CYS B 4510 -17.62 -73.51 30.97
CA CYS B 4510 -17.69 -72.39 31.90
C CYS B 4510 -18.22 -71.19 31.14
N LEU B 4511 -19.42 -70.73 31.50
CA LEU B 4511 -20.03 -69.61 30.78
C LEU B 4511 -19.22 -68.34 30.94
N GLY B 4512 -18.57 -68.16 32.09
CA GLY B 4512 -17.74 -66.98 32.29
C GLY B 4512 -16.57 -66.92 31.33
N GLY B 4513 -15.99 -68.08 31.00
CA GLY B 4513 -14.87 -68.12 30.08
C GLY B 4513 -15.22 -68.02 28.62
N LEU B 4514 -16.49 -68.19 28.26
CA LEU B 4514 -16.91 -68.08 26.88
C LEU B 4514 -16.96 -66.63 26.44
N PHE B 4515 -16.54 -66.38 25.20
CA PHE B 4515 -16.54 -65.03 24.67
C PHE B 4515 -17.96 -64.50 24.50
N VAL B 4516 -18.88 -65.35 24.04
CA VAL B 4516 -20.29 -64.98 23.95
C VAL B 4516 -21.13 -66.12 24.51
N PRO B 4517 -21.40 -66.15 25.82
CA PRO B 4517 -22.18 -67.25 26.40
C PRO B 4517 -23.61 -67.34 25.88
N GLU B 4518 -24.23 -66.21 25.54
CA GLU B 4518 -25.61 -66.23 25.03
C GLU B 4518 -25.69 -67.01 23.73
N ALA B 4519 -24.67 -66.87 22.87
CA ALA B 4519 -24.63 -67.67 21.66
C ALA B 4519 -24.53 -69.16 21.99
N TYR B 4520 -23.83 -69.51 23.07
CA TYR B 4520 -23.77 -70.90 23.49
C TYR B 4520 -25.15 -71.40 23.93
N ILE B 4521 -25.88 -70.58 24.69
CA ILE B 4521 -27.22 -70.97 25.11
C ILE B 4521 -28.11 -71.20 23.89
N THR B 4522 -28.05 -70.28 22.94
CA THR B 4522 -28.82 -70.43 21.71
C THR B 4522 -28.40 -71.68 20.94
N ALA B 4523 -27.10 -71.98 20.92
CA ALA B 4523 -26.62 -73.17 20.21
C ALA B 4523 -27.13 -74.45 20.86
N THR B 4524 -27.13 -74.50 22.19
CA THR B 4524 -27.67 -75.68 22.86
C THR B 4524 -29.16 -75.84 22.60
N ARG B 4525 -29.90 -74.73 22.63
CA ARG B 4525 -31.33 -74.79 22.30
C ARG B 4525 -31.54 -75.28 20.87
N GLN B 4526 -30.73 -74.79 19.93
CA GLN B 4526 -30.82 -75.24 18.55
C GLN B 4526 -30.47 -76.71 18.42
N TYR B 4527 -29.47 -77.19 19.17
CA TYR B 4527 -29.10 -78.59 19.12
C TYR B 4527 -30.25 -79.47 19.59
N VAL B 4528 -30.88 -79.09 20.69
CA VAL B 4528 -32.01 -79.86 21.20
C VAL B 4528 -33.16 -79.84 20.19
N ALA B 4529 -33.45 -78.68 19.61
CA ALA B 4529 -34.53 -78.58 18.63
C ALA B 4529 -34.24 -79.45 17.41
N GLN B 4530 -32.99 -79.43 16.92
CA GLN B 4530 -32.64 -80.24 15.75
C GLN B 4530 -32.71 -81.73 16.07
N ALA B 4531 -32.25 -82.12 17.26
CA ALA B 4531 -32.30 -83.54 17.63
C ALA B 4531 -33.74 -84.02 17.74
N ASN B 4532 -34.62 -83.20 18.30
CA ASN B 4532 -36.02 -83.57 18.47
C ASN B 4532 -36.90 -83.09 17.32
N SER B 4533 -36.34 -82.40 16.32
CA SER B 4533 -37.10 -81.84 15.21
C SER B 4533 -38.24 -80.94 15.71
N TRP B 4534 -37.89 -80.02 16.59
CA TRP B 4534 -38.83 -79.07 17.19
C TRP B 4534 -38.45 -77.64 16.81
N SER B 4535 -39.15 -76.68 17.42
CA SER B 4535 -38.89 -75.26 17.21
C SER B 4535 -38.35 -74.65 18.49
N LEU B 4536 -37.62 -73.54 18.34
CA LEU B 4536 -36.99 -72.90 19.49
C LEU B 4536 -38.04 -72.31 20.43
N GLU B 4537 -39.06 -71.65 19.89
CA GLU B 4537 -40.00 -70.91 20.73
C GLU B 4537 -40.89 -71.81 21.56
N GLU B 4538 -40.97 -73.10 21.24
CA GLU B 4538 -41.71 -74.05 22.05
C GLU B 4538 -40.82 -74.79 23.04
N LEU B 4539 -39.54 -74.41 23.14
CA LEU B 4539 -38.60 -75.05 24.05
C LEU B 4539 -38.41 -74.17 25.28
N CYS B 4540 -38.62 -74.75 26.45
CA CYS B 4540 -38.43 -74.08 27.72
C CYS B 4540 -37.23 -74.68 28.44
N LEU B 4541 -36.62 -73.90 29.31
CA LEU B 4541 -35.38 -74.27 29.98
C LEU B 4541 -35.64 -74.57 31.45
N GLU B 4542 -35.12 -75.71 31.91
CA GLU B 4542 -35.16 -76.08 33.32
C GLU B 4542 -33.74 -76.28 33.81
N VAL B 4543 -33.41 -75.67 34.94
CA VAL B 4543 -32.07 -75.73 35.51
C VAL B 4543 -32.08 -76.66 36.71
N ASN B 4544 -31.06 -77.52 36.79
CA ASN B 4544 -30.93 -78.45 37.90
C ASN B 4544 -29.50 -78.39 38.42
N VAL B 4545 -29.33 -78.00 39.68
CA VAL B 4545 -28.01 -77.84 40.27
C VAL B 4545 -27.61 -79.17 40.89
N THR B 4546 -26.64 -79.85 40.27
CA THR B 4546 -26.18 -81.14 40.78
C THR B 4546 -25.28 -80.93 42.00
N THR B 4547 -25.29 -81.93 42.89
CA THR B 4547 -24.45 -81.86 44.08
C THR B 4547 -22.97 -81.95 43.75
N SER B 4548 -22.60 -82.80 42.79
CA SER B 4548 -21.20 -83.03 42.46
C SER B 4548 -20.99 -82.86 40.96
N GLN B 4549 -19.74 -82.58 40.60
CA GLN B 4549 -19.37 -82.45 39.20
C GLN B 4549 -19.07 -83.82 38.60
N GLY B 4550 -19.23 -83.91 37.28
CA GLY B 4550 -18.94 -85.14 36.56
C GLY B 4550 -20.11 -86.08 36.39
N ALA B 4551 -21.32 -85.69 36.79
CA ALA B 4551 -22.48 -86.53 36.60
C ALA B 4551 -22.83 -86.66 35.12
N THR B 4552 -23.39 -87.81 34.76
CA THR B 4552 -23.76 -88.05 33.37
C THR B 4552 -24.90 -87.13 32.94
N LEU B 4553 -24.94 -86.82 31.65
CA LEU B 4553 -25.91 -85.89 31.09
C LEU B 4553 -26.78 -86.61 30.06
N ASP B 4554 -28.03 -86.15 29.95
CA ASP B 4554 -28.97 -86.73 29.01
C ASP B 4554 -28.68 -86.21 27.61
N ALA B 4555 -29.56 -86.53 26.65
CA ALA B 4555 -29.41 -86.05 25.30
C ALA B 4555 -29.90 -84.62 25.12
N CYS B 4556 -30.63 -84.07 26.08
CA CYS B 4556 -31.13 -82.71 26.02
C CYS B 4556 -30.68 -81.86 27.21
N SER B 4557 -29.63 -82.28 27.91
CA SER B 4557 -29.12 -81.56 29.07
C SER B 4557 -27.65 -81.25 28.86
N PHE B 4558 -27.26 -80.00 29.14
CA PHE B 4558 -25.89 -79.55 29.03
C PHE B 4558 -25.42 -79.00 30.37
N GLY B 4559 -24.27 -79.46 30.84
CA GLY B 4559 -23.73 -79.06 32.12
C GLY B 4559 -22.82 -77.85 31.97
N VAL B 4560 -23.08 -76.84 32.80
CA VAL B 4560 -22.25 -75.63 32.85
C VAL B 4560 -21.75 -75.45 34.27
N THR B 4561 -20.55 -74.87 34.37
CA THR B 4561 -19.87 -74.68 35.64
C THR B 4561 -19.47 -73.21 35.78
N GLY B 4562 -19.22 -72.79 37.02
CA GLY B 4562 -18.78 -71.45 37.30
C GLY B 4562 -19.86 -70.45 37.64
N LEU B 4563 -21.13 -70.85 37.54
CA LEU B 4563 -22.21 -69.94 37.90
C LEU B 4563 -22.20 -69.66 39.40
N LYS B 4564 -22.47 -68.41 39.75
CA LYS B 4564 -22.51 -67.98 41.15
C LYS B 4564 -23.87 -67.36 41.43
N LEU B 4565 -24.48 -67.77 42.53
CA LEU B 4565 -25.78 -67.25 42.95
C LEU B 4565 -25.58 -66.10 43.91
N GLN B 4566 -26.14 -64.95 43.59
CA GLN B 4566 -26.00 -63.74 44.39
C GLN B 4566 -27.29 -63.49 45.16
N GLY B 4567 -27.20 -63.56 46.49
CA GLY B 4567 -28.32 -63.24 47.34
C GLY B 4567 -29.11 -64.42 47.87
N ALA B 4568 -28.66 -65.65 47.61
CA ALA B 4568 -29.40 -66.82 48.06
C ALA B 4568 -28.48 -68.04 48.03
N THR B 4569 -28.98 -69.14 48.58
CA THR B 4569 -28.30 -70.43 48.55
C THR B 4569 -29.25 -71.47 47.98
N CYS B 4570 -28.72 -72.32 47.11
CA CYS B 4570 -29.50 -73.35 46.44
C CYS B 4570 -29.22 -74.70 47.09
N ASN B 4571 -30.26 -75.31 47.66
CA ASN B 4571 -30.19 -76.65 48.23
C ASN B 4571 -31.32 -77.47 47.62
N ASN B 4572 -30.97 -78.61 47.03
CA ASN B 4572 -31.94 -79.52 46.42
C ASN B 4572 -32.83 -78.79 45.41
N ASN B 4573 -32.21 -77.96 44.58
CA ASN B 4573 -32.89 -77.18 43.54
C ASN B 4573 -33.95 -76.24 44.12
N LYS B 4574 -33.75 -75.79 45.36
CA LYS B 4574 -34.64 -74.83 46.00
C LYS B 4574 -33.80 -73.72 46.61
N LEU B 4575 -34.23 -72.48 46.40
CA LEU B 4575 -33.45 -71.34 46.89
C LEU B 4575 -33.97 -70.86 48.24
N SER B 4576 -33.03 -70.55 49.13
CA SER B 4576 -33.33 -69.92 50.40
C SER B 4576 -32.55 -68.62 50.50
N LEU B 4577 -33.22 -67.57 50.99
CA LEU B 4577 -32.59 -66.26 51.10
C LEU B 4577 -31.41 -66.33 52.06
N SER B 4578 -30.24 -65.90 51.60
CA SER B 4578 -29.01 -65.99 52.37
C SER B 4578 -28.42 -64.60 52.59
N ASN B 4579 -27.56 -64.51 53.59
CA ASN B 4579 -26.85 -63.27 53.92
C ASN B 4579 -25.44 -63.23 53.35
N ALA B 4580 -25.07 -64.23 52.55
CA ALA B 4580 -23.76 -64.26 51.92
C ALA B 4580 -23.78 -63.49 50.60
N ILE B 4581 -22.59 -63.05 50.17
CA ILE B 4581 -22.49 -62.31 48.92
C ILE B 4581 -22.72 -63.24 47.73
N SER B 4582 -21.95 -64.33 47.67
CA SER B 4582 -22.03 -65.25 46.54
C SER B 4582 -22.04 -66.68 47.06
N THR B 4583 -22.72 -67.55 46.32
CA THR B 4583 -22.71 -68.98 46.58
C THR B 4583 -22.28 -69.68 45.30
N ALA B 4584 -21.24 -70.49 45.38
CA ALA B 4584 -20.71 -71.17 44.20
C ALA B 4584 -21.58 -72.38 43.89
N LEU B 4585 -22.36 -72.28 42.82
CA LEU B 4585 -23.09 -73.42 42.32
C LEU B 4585 -22.09 -74.43 41.78
N PRO B 4586 -22.11 -75.69 42.23
CA PRO B 4586 -21.08 -76.64 41.81
C PRO B 4586 -21.13 -76.88 40.32
N LEU B 4587 -22.32 -77.22 39.80
CA LEU B 4587 -22.49 -77.51 38.38
C LEU B 4587 -23.98 -77.60 38.10
N THR B 4588 -24.46 -76.83 37.12
CA THR B 4588 -25.87 -76.81 36.79
C THR B 4588 -26.10 -77.37 35.39
N GLN B 4589 -27.04 -78.30 35.28
CA GLN B 4589 -27.45 -78.85 33.99
C GLN B 4589 -28.66 -78.06 33.50
N LEU B 4590 -28.57 -77.60 32.25
CA LEU B 4590 -29.64 -76.89 31.58
C LEU B 4590 -30.33 -77.89 30.66
N ARG B 4591 -31.64 -78.05 30.83
CA ARG B 4591 -32.41 -79.06 30.12
C ARG B 4591 -33.53 -78.39 29.33
N TRP B 4592 -33.58 -78.67 28.03
CA TRP B 4592 -34.58 -78.09 27.15
C TRP B 4592 -35.73 -79.07 26.99
N VAL B 4593 -36.95 -78.61 27.27
CA VAL B 4593 -38.14 -79.45 27.20
C VAL B 4593 -39.19 -78.74 26.35
N LYS B 4594 -40.17 -79.52 25.89
CA LYS B 4594 -41.28 -78.92 25.16
C LYS B 4594 -42.18 -78.17 26.13
N GLN B 4595 -42.54 -76.94 25.77
CA GLN B 4595 -43.35 -76.11 26.65
C GLN B 4595 -44.74 -76.70 26.81
N THR B 4596 -45.20 -76.81 28.06
CA THR B 4596 -46.50 -77.38 28.36
C THR B 4596 -47.62 -76.35 28.35
N ASN B 4597 -47.29 -75.07 28.18
CA ASN B 4597 -48.28 -73.99 28.15
C ASN B 4597 -49.09 -73.92 29.45
N THR B 4598 -48.46 -74.24 30.57
CA THR B 4598 -49.08 -74.16 31.87
C THR B 4598 -48.41 -73.08 32.71
N GLU B 4599 -49.21 -72.36 33.48
CA GLU B 4599 -48.66 -71.33 34.36
C GLU B 4599 -47.77 -71.96 35.43
N LYS B 4600 -46.78 -71.20 35.87
CA LYS B 4600 -45.86 -71.70 36.88
C LYS B 4600 -46.58 -71.92 38.20
N LYS B 4601 -45.93 -72.68 39.08
CA LYS B 4601 -46.53 -73.19 40.31
C LYS B 4601 -46.73 -72.10 41.37
N ALA B 4602 -46.55 -70.82 41.01
CA ALA B 4602 -46.71 -69.65 41.86
C ALA B 4602 -45.66 -69.57 42.96
N SER B 4603 -44.77 -70.56 43.08
CA SER B 4603 -43.63 -70.50 43.97
C SER B 4603 -42.32 -70.53 43.18
N VAL B 4604 -42.36 -70.13 41.92
CA VAL B 4604 -41.23 -70.19 41.01
C VAL B 4604 -40.75 -68.78 40.72
N VAL B 4605 -39.45 -68.55 40.94
CA VAL B 4605 -38.82 -67.26 40.64
C VAL B 4605 -37.94 -67.41 39.42
N THR B 4606 -38.02 -66.44 38.52
CA THR B 4606 -37.12 -66.34 37.39
C THR B 4606 -35.99 -65.38 37.73
N LEU B 4607 -34.76 -65.86 37.65
CA LEU B 4607 -33.58 -65.10 37.99
C LEU B 4607 -32.76 -64.81 36.76
N PRO B 4608 -32.35 -63.57 36.55
CA PRO B 4608 -31.44 -63.26 35.44
C PRO B 4608 -30.06 -63.86 35.69
N VAL B 4609 -29.36 -64.15 34.59
CA VAL B 4609 -27.99 -64.64 34.64
C VAL B 4609 -27.13 -63.58 33.97
N TYR B 4610 -26.51 -62.73 34.78
CA TYR B 4610 -25.64 -61.69 34.27
C TYR B 4610 -24.24 -62.24 34.03
N LEU B 4611 -23.51 -61.58 33.13
CA LEU B 4611 -22.16 -62.04 32.82
C LEU B 4611 -21.22 -61.81 33.99
N ASN B 4612 -21.25 -60.62 34.58
CA ASN B 4612 -20.34 -60.25 35.65
C ASN B 4612 -21.09 -59.44 36.69
N PHE B 4613 -20.36 -58.98 37.72
CA PHE B 4613 -20.96 -58.29 38.83
C PHE B 4613 -21.58 -56.95 38.44
N THR B 4614 -21.20 -56.39 37.30
CA THR B 4614 -21.75 -55.11 36.88
C THR B 4614 -23.22 -55.22 36.51
N ARG B 4615 -23.72 -56.42 36.22
CA ARG B 4615 -25.12 -56.65 35.85
C ARG B 4615 -25.51 -55.82 34.63
N ALA B 4616 -24.57 -55.60 33.72
CA ALA B 4616 -24.84 -54.82 32.52
C ALA B 4616 -25.24 -55.69 31.34
N ASP B 4617 -24.79 -56.94 31.30
CA ASP B 4617 -25.08 -57.86 30.22
C ASP B 4617 -25.95 -58.98 30.75
N LEU B 4618 -27.10 -59.19 30.12
CA LEU B 4618 -28.02 -60.27 30.47
C LEU B 4618 -27.84 -61.42 29.50
N ILE B 4619 -27.51 -62.60 30.02
CA ILE B 4619 -27.30 -63.76 29.17
C ILE B 4619 -28.61 -64.50 28.93
N PHE B 4620 -29.25 -64.94 30.00
CA PHE B 4620 -30.54 -65.63 29.90
C PHE B 4620 -31.21 -65.57 31.27
N THR B 4621 -32.28 -66.34 31.42
CA THR B 4621 -33.04 -66.42 32.66
C THR B 4621 -33.21 -67.87 33.08
N VAL B 4622 -33.12 -68.12 34.38
CA VAL B 4622 -33.34 -69.44 34.95
C VAL B 4622 -34.60 -69.39 35.80
N ASP B 4623 -35.16 -70.56 36.08
CA ASP B 4623 -36.34 -70.69 36.92
C ASP B 4623 -36.04 -71.64 38.06
N PHE B 4624 -36.17 -71.16 39.29
CA PHE B 4624 -36.05 -71.99 40.47
C PHE B 4624 -37.33 -71.95 41.29
N GLU B 4625 -37.42 -72.85 42.26
CA GLU B 4625 -38.53 -72.87 43.21
C GLU B 4625 -38.03 -72.38 44.56
N ILE B 4626 -38.78 -71.44 45.16
CA ILE B 4626 -38.41 -70.87 46.45
C ILE B 4626 -38.53 -71.95 47.52
N ALA B 4627 -37.95 -71.69 48.69
CA ALA B 4627 -38.04 -72.62 49.79
C ALA B 4627 -39.47 -72.66 50.33
N THR B 4628 -39.68 -73.48 51.37
CA THR B 4628 -41.02 -73.73 51.87
C THR B 4628 -41.63 -72.48 52.52
N LYS B 4629 -40.80 -71.53 52.96
CA LYS B 4629 -41.31 -70.39 53.74
C LYS B 4629 -40.75 -69.06 53.22
N GLU B 4630 -40.41 -68.99 51.94
CA GLU B 4630 -39.88 -67.77 51.36
C GLU B 4630 -40.96 -67.06 50.55
N ASP B 4631 -40.61 -65.87 50.05
CA ASP B 4631 -41.51 -65.04 49.27
C ASP B 4631 -40.81 -64.61 47.98
N PRO B 4632 -41.41 -64.85 46.81
CA PRO B 4632 -40.77 -64.42 45.56
C PRO B 4632 -40.53 -62.92 45.49
N ARG B 4633 -41.43 -62.12 46.06
CA ARG B 4633 -41.26 -60.67 46.03
C ARG B 4633 -40.05 -60.24 46.86
N SER B 4634 -39.76 -60.98 47.93
CA SER B 4634 -38.53 -60.73 48.67
C SER B 4634 -37.30 -61.06 47.83
N PHE B 4635 -37.39 -62.09 47.00
CA PHE B 4635 -36.31 -62.39 46.07
C PHE B 4635 -36.12 -61.25 45.08
N TYR B 4636 -37.23 -60.69 44.57
CA TYR B 4636 -37.12 -59.59 43.62
C TYR B 4636 -36.54 -58.34 44.28
N GLU B 4637 -36.94 -58.04 45.51
CA GLU B 4637 -36.48 -56.81 46.15
C GLU B 4637 -35.02 -56.90 46.58
N ARG B 4638 -34.53 -58.09 46.88
CA ARG B 4638 -33.16 -58.26 47.37
C ARG B 4638 -32.15 -58.41 46.25
N GLY B 4639 -32.58 -58.39 45.00
CA GLY B 4639 -31.66 -58.48 43.87
C GLY B 4639 -30.94 -59.79 43.73
N VAL B 4640 -31.64 -60.91 43.97
CA VAL B 4640 -31.04 -62.23 43.76
C VAL B 4640 -30.82 -62.44 42.28
N ALA B 4641 -29.62 -62.90 41.91
CA ALA B 4641 -29.28 -63.08 40.51
C ALA B 4641 -28.24 -64.17 40.36
N VAL B 4642 -27.78 -64.36 39.13
CA VAL B 4642 -26.74 -65.33 38.81
C VAL B 4642 -25.68 -64.65 37.97
N LEU B 4643 -24.42 -64.89 38.31
CA LEU B 4643 -23.28 -64.35 37.59
C LEU B 4643 -22.50 -65.48 36.93
N CYS B 4644 -22.09 -65.26 35.69
CA CYS B 4644 -21.33 -66.27 34.96
C CYS B 4644 -19.88 -66.35 35.42
N THR B 4645 -19.35 -65.30 36.05
CA THR B 4645 -17.97 -65.30 36.52
C THR B 4645 -17.80 -64.41 37.74
PB ADP C . 23.53 27.92 -46.93
O1B ADP C . 22.04 27.68 -46.87
O2B ADP C . 23.93 29.36 -46.69
O3B ADP C . 24.34 26.91 -46.18
PA ADP C . 23.57 26.34 -49.27
O1A ADP C . 24.71 25.39 -49.07
O2A ADP C . 22.17 25.93 -48.92
O3A ADP C . 23.93 27.69 -48.47
O5' ADP C . 23.55 26.84 -50.80
C5' ADP C . 22.31 26.92 -51.49
C4' ADP C . 22.47 26.42 -52.92
O4' ADP C . 23.32 27.30 -53.67
C3' ADP C . 23.10 25.05 -52.93
O3' ADP C . 22.19 24.10 -53.50
C2' ADP C . 24.31 25.17 -53.83
O2' ADP C . 24.31 24.11 -54.80
C1' ADP C . 24.19 26.52 -54.50
N9 ADP C . 25.53 27.15 -54.57
C8 ADP C . 26.09 27.94 -53.64
N7 ADP C . 27.32 28.36 -54.02
C5 ADP C . 27.56 27.83 -55.23
C6 ADP C . 28.68 27.86 -56.20
N6 ADP C . 29.80 28.57 -55.95
N1 ADP C . 28.53 27.16 -57.35
C2 ADP C . 27.42 26.46 -57.61
N3 ADP C . 26.37 26.38 -56.78
C4 ADP C . 26.38 27.03 -55.58
PG ATP D . -7.22 21.98 -44.88
O1G ATP D . -5.94 22.73 -44.98
O2G ATP D . -7.05 20.50 -44.54
O3G ATP D . -8.23 22.60 -43.93
PB ATP D . -7.70 21.55 -47.80
O1B ATP D . -7.27 22.71 -48.61
O2B ATP D . -6.75 20.36 -47.77
O3B ATP D . -7.97 21.97 -46.30
PA ATP D . -9.77 19.60 -48.60
O1A ATP D . -9.30 18.54 -47.70
O2A ATP D . -9.50 19.34 -50.08
O3A ATP D . -9.13 21.01 -48.25
O5' ATP D . -11.31 19.85 -48.40
C5' ATP D . -12.08 20.62 -49.35
C4' ATP D . -13.51 20.14 -49.31
O4' ATP D . -14.07 20.17 -50.63
C3' ATP D . -13.70 18.70 -48.84
O3' ATP D . -15.00 18.50 -48.31
C2' ATP D . -13.48 17.91 -50.13
O2' ATP D . -14.19 16.67 -50.11
C1' ATP D . -14.09 18.85 -51.18
N9 ATP D . -13.37 18.88 -52.44
C8 ATP D . -12.02 19.08 -52.63
N7 ATP D . -11.64 19.06 -53.87
C5 ATP D . -12.81 18.81 -54.57
C6 ATP D . -13.08 18.67 -55.95
N6 ATP D . -12.16 18.76 -56.90
N1 ATP D . -14.37 18.45 -56.31
C2 ATP D . -15.30 18.37 -55.36
N3 ATP D . -15.16 18.48 -54.04
C4 ATP D . -13.88 18.71 -53.71
PB ADP E . -22.09 27.20 -19.08
O1B ADP E . -22.38 25.92 -19.83
O2B ADP E . -21.04 27.08 -18.01
O3B ADP E . -21.95 28.41 -19.98
PA ADP E . -24.15 26.38 -17.35
O1A ADP E . -25.13 25.60 -18.19
O2A ADP E . -23.12 25.63 -16.54
O3A ADP E . -23.45 27.49 -18.27
O5' ADP E . -25.00 27.30 -16.34
C5' ADP E . -26.20 27.92 -16.79
C4' ADP E . -27.11 28.20 -15.61
O4' ADP E . -28.22 29.00 -16.04
C3' ADP E . -27.66 26.91 -15.05
O3' ADP E . -27.33 26.79 -13.66
C2' ADP E . -29.16 26.99 -15.21
O2' ADP E . -29.80 26.70 -13.96
C1' ADP E . -29.46 28.42 -15.63
N9 ADP E . -30.40 28.44 -16.77
C8 ADP E . -30.20 29.12 -17.92
N7 ADP E . -31.24 28.93 -18.77
C5 ADP E . -32.13 28.13 -18.16
C6 ADP E . -33.44 27.54 -18.51
N6 ADP E . -34.02 27.79 -19.71
N1 ADP E . -34.04 26.75 -17.59
C2 ADP E . -33.47 26.49 -16.40
N3 ADP E . -32.28 26.99 -16.02
C4 ADP E . -31.57 27.81 -16.84
PB ADP F . -3.53 33.16 6.55
O1B ADP F . -4.90 33.79 6.62
O2B ADP F . -3.54 31.67 6.31
O3B ADP F . -2.52 33.91 5.72
PA ADP F . -3.21 32.21 9.20
O1A ADP F . -4.70 32.04 9.39
O2A ADP F . -2.35 31.02 8.93
O3A ADP F . -2.96 33.31 8.05
O5' ADP F . -2.63 32.99 10.48
C5' ADP F . -2.39 32.33 11.71
C4' ADP F . -1.92 33.36 12.72
O4' ADP F . -2.67 34.57 12.55
C3' ADP F . -2.13 32.89 14.14
O3' ADP F . -0.87 32.72 14.79
C2' ADP F . -2.93 33.97 14.83
O2' ADP F . -2.21 34.47 15.96
C1' ADP F . -3.12 35.08 13.81
N9 ADP F . -4.55 35.43 13.69
C8 ADP F . -5.30 35.27 12.59
N7 ADP F . -6.58 35.69 12.81
C5 ADP F . -6.65 36.14 14.06
C6 ADP F . -7.69 36.72 14.93
N6 ADP F . -8.95 36.92 14.47
N1 ADP F . -7.36 37.05 16.19
C2 ADP F . -6.11 36.87 16.66
N3 ADP F . -5.10 36.34 15.93
C4 ADP F . -5.31 35.97 14.65
MG MG G . 23.54 25.59 -44.79
MG MG H . -6.23 19.15 -45.81
PB ADP I . -35.20 -45.30 15.28
O1B ADP I . -34.02 -45.23 14.35
O2B ADP I . -34.99 -46.19 16.48
O3B ADP I . -35.78 -43.95 15.61
PA ADP I . -36.35 -46.38 12.90
O1A ADP I . -37.09 -45.29 12.17
O2A ADP I . -34.95 -46.77 12.48
O3A ADP I . -36.39 -46.04 14.48
O5' ADP I . -37.24 -47.72 12.83
C5' ADP I . -36.67 -48.88 12.25
C4' ADP I . -37.70 -49.61 11.39
O4' ADP I . -38.56 -50.43 12.20
C3' ADP I . -38.58 -48.62 10.65
O3' ADP I . -38.37 -48.74 9.24
C2' ADP I . -40.01 -49.02 10.98
O2' ADP I . -40.76 -49.16 9.78
C1' ADP I . -39.90 -50.35 11.71
N9 ADP I . -40.86 -50.38 12.83
C8 ADP I . -40.62 -49.96 14.08
N7 ADP I . -41.71 -50.14 14.87
C5 ADP I . -42.67 -50.68 14.12
C6 ADP I . -44.07 -51.12 14.31
N6 ADP I . -44.67 -51.00 15.53
N1 ADP I . -44.73 -51.64 13.25
C2 ADP I . -44.14 -51.75 12.05
N3 ADP I . -42.87 -51.38 11.80
C4 ADP I . -42.10 -50.85 12.77
PG ATP J . -10.76 -49.17 -4.07
O1G ATP J . -11.55 -49.39 -2.83
O2G ATP J . -11.28 -48.03 -4.94
O3G ATP J . -9.27 -48.96 -3.82
PB ATP J . -11.89 -51.33 -5.78
O1B ATP J . -12.32 -52.49 -4.98
O2B ATP J . -13.01 -50.39 -6.23
O3B ATP J . -10.83 -50.45 -5.02
PA ATP J . -11.13 -51.39 -8.65
O1A ATP J . -11.35 -49.95 -8.88
O2A ATP J . -12.16 -52.31 -9.30
O3A ATP J . -11.10 -51.75 -7.09
O5' ATP J . -9.68 -51.81 -9.14
C5' ATP J . -9.37 -53.19 -9.41
C4' ATP J . -8.33 -53.23 -10.51
O4' ATP J . -8.53 -54.41 -11.31
C3' ATP J . -8.41 -52.08 -11.50
O3' ATP J . -7.16 -51.87 -12.15
C2' ATP J . -9.49 -52.57 -12.48
O2' ATP J . -9.30 -52.01 -13.78
C1' ATP J . -9.22 -54.09 -12.51
N9 ATP J . -10.43 -54.89 -12.56
C8 ATP J . -11.54 -54.78 -11.76
N7 ATP J . -12.49 -55.64 -12.04
C5 ATP J . -11.97 -56.37 -13.09
C6 ATP J . -12.48 -57.45 -13.84
N6 ATP J . -13.68 -57.99 -13.64
N1 ATP J . -11.70 -57.95 -14.83
C2 ATP J . -10.49 -57.41 -15.03
N3 ATP J . -9.92 -56.40 -14.39
C4 ATP J . -10.71 -55.93 -13.43
PB ADP K . 15.96 -36.47 2.30
O1B ADP K . 15.54 -36.48 0.85
O2B ADP K . 15.54 -35.24 3.07
O3B ADP K . 15.71 -37.78 3.02
PA ADP K . 18.32 -35.26 1.37
O1A ADP K . 18.51 -35.77 -0.03
O2A ADP K . 17.68 -33.90 1.58
O3A ADP K . 17.56 -36.38 2.24
O5' ADP K . 19.76 -35.22 2.08
C5' ADP K . 20.77 -36.17 1.69
C4' ADP K . 22.14 -35.54 1.89
O4' ADP K . 23.15 -36.55 1.79
C3' ADP K . 22.40 -34.53 0.79
O3' ADP K . 22.74 -33.26 1.38
C2' ADP K . 23.59 -35.06 0.02
O2' ADP K . 24.56 -34.03 -0.16
C1' ADP K . 24.16 -36.19 0.86
N9 ADP K . 24.47 -37.37 0.01
C8 ADP K . 24.15 -38.63 0.33
N7 ADP K . 24.55 -39.50 -0.64
C5 ADP K . 25.16 -38.78 -1.59
C6 ADP K . 25.83 -39.06 -2.89
N6 ADP K . 25.92 -40.32 -3.36
N1 ADP K . 26.34 -38.02 -3.57
C2 ADP K . 26.26 -36.76 -3.11
N3 ADP K . 25.67 -36.43 -1.95
C4 ADP K . 25.11 -37.37 -1.15
PB ADP L . 15.52 -14.87 26.31
O1B ADP L . 16.82 -15.62 26.13
O2B ADP L . 15.02 -14.20 25.06
O3B ADP L . 14.46 -15.63 27.07
PA ADP L . 16.35 -12.21 26.75
O1A ADP L . 17.61 -12.36 25.93
O2A ADP L . 15.14 -11.52 26.16
O3A ADP L . 15.90 -13.67 27.29
O5' ADP L . 16.72 -11.48 28.13
C5' ADP L . 16.88 -10.07 28.20
C4' ADP L . 17.29 -9.72 29.62
O4' ADP L . 18.14 -10.74 30.14
C3' ADP L . 18.05 -8.40 29.67
O3' ADP L . 17.31 -7.44 30.43
C2' ADP L . 19.36 -8.71 30.37
O2' ADP L . 19.49 -7.89 31.54
C1' ADP L . 19.30 -10.17 30.77
N9 ADP L . 20.50 -10.88 30.30
C8 ADP L . 20.51 -11.87 29.37
N7 ADP L . 21.77 -12.32 29.14
C5 ADP L . 22.59 -11.62 29.94
C6 ADP L . 24.05 -11.59 30.19
N6 ADP L . 24.89 -12.43 29.54
N1 ADP L . 24.51 -10.70 31.11
C2 ADP L . 23.68 -9.87 31.76
N3 ADP L . 22.35 -9.84 31.57
C4 ADP L . 21.75 -10.68 30.70
MG MG M . -34.71 -42.51 14.38
MG MG N . -12.85 -47.92 -6.16
#